data_7WRX
#
_entry.id   7WRX
#
_cell.length_a   106.011
_cell.length_b   202.869
_cell.length_c   411.852
_cell.angle_alpha   90.000
_cell.angle_beta   90.000
_cell.angle_gamma   90.000
#
_symmetry.space_group_name_H-M   'P 21 21 21'
#
loop_
_entity.id
_entity.type
_entity.pdbx_description
1 polymer HerA
2 non-polymer 'MAGNESIUM ION'
3 non-polymer "ADENOSINE-5'-DIPHOSPHATE"
#
_entity_poly.entity_id   1
_entity_poly.type   'polypeptide(L)'
_entity_poly.pdbx_seq_one_letter_code
;MTGNDVQGAEKADAIGMVLGTEDVTPTVFWFAVSHGASVGLDDLVVVETRKPDGTPVRFYGLVDNVRKRHEGVTFESDVE
DVVAGLLPASVSYAARVLVTRVDPENFIPPQPGDHVRHAAGRELAMALSADKMEEAAFPGGLLADGQPLPLNFRFINGES
GGHINISGISGVATKTSYALFLLHSIFRSGVMDRTAQGSGGRQSGTAGGRALIFNVKGEDLLFLDKPNARMVEKEDKVVR
AKGLSADRYALLGLPAEPFRDVQLLAPPRAGAAGTAIVPQTDQRSEGVTPFVFTIREFCARRMLPYVFSDASASLNLGFV
IGNIEEKLFRLAAAQTGKGTGLIVHDWQFEDSETPPENLDFSELGGVNLQTFEQLISYLEYKLLEEREGEGDPKWVLKQS
PGTLRAFTRRLRGVQKYLSPLIRGDLTPEQAEGYRPDPLRRGIQLTVVDIHALSAHAQMFVVGVLLREVFEYKERVGRQD
TVFVVLDELNKYAPREGDSPIKDVLLDIAERGRSLGIILIGAQQTASEVERRIVSNAAIRVVGRLDLAEAERPEYRFLPQ
SFRGRAGILQPGTMLVSQPDVPNPVLVNYPFPAWATRRDEVDDLGGKAAAEVGAGLLR
;
_entity_poly.pdbx_strand_id   H,A,B,C,D,E,F,G,I,J,K,L
#
loop_
_chem_comp.id
_chem_comp.type
_chem_comp.name
_chem_comp.formula
ADP non-polymer ADENOSINE-5'-DIPHOSPHATE 'C10 H15 N5 O10 P2'
MG non-polymer 'MAGNESIUM ION' 'Mg 2'
#
# COMPACT_ATOMS: atom_id res chain seq x y z
N ASP A 13 -62.06 -7.85 -75.48
CA ASP A 13 -60.77 -7.27 -75.10
C ASP A 13 -60.82 -6.76 -73.66
N ALA A 14 -61.97 -6.21 -73.26
CA ALA A 14 -62.14 -5.80 -71.87
C ALA A 14 -62.28 -7.03 -70.98
N ILE A 15 -62.14 -6.79 -69.67
CA ILE A 15 -62.15 -7.87 -68.70
C ILE A 15 -63.34 -7.79 -67.75
N GLY A 16 -63.91 -6.61 -67.53
CA GLY A 16 -65.03 -6.49 -66.63
C GLY A 16 -65.56 -5.07 -66.62
N MET A 17 -66.44 -4.82 -65.66
CA MET A 17 -67.05 -3.51 -65.49
C MET A 17 -67.03 -3.13 -64.02
N VAL A 18 -66.77 -1.84 -63.76
CA VAL A 18 -66.77 -1.35 -62.39
C VAL A 18 -68.14 -1.58 -61.76
N LEU A 19 -68.13 -2.21 -60.60
CA LEU A 19 -69.35 -2.54 -59.88
C LEU A 19 -69.89 -1.32 -59.14
N GLY A 20 -71.20 -1.29 -58.95
CA GLY A 20 -71.82 -0.18 -58.24
C GLY A 20 -72.46 -0.61 -56.94
N THR A 21 -72.55 -1.93 -56.73
CA THR A 21 -73.07 -2.44 -55.48
C THR A 21 -72.10 -2.18 -54.33
N GLU A 22 -70.82 -2.04 -54.64
CA GLU A 22 -69.80 -1.69 -53.68
C GLU A 22 -69.35 -0.24 -53.90
N ASP A 23 -68.83 0.36 -52.84
CA ASP A 23 -68.30 1.71 -52.97
C ASP A 23 -67.18 1.75 -54.02
N VAL A 24 -67.17 2.81 -54.82
CA VAL A 24 -66.11 3.05 -55.78
C VAL A 24 -65.36 4.29 -55.34
N THR A 25 -64.22 4.08 -54.68
CA THR A 25 -63.33 5.12 -54.20
C THR A 25 -62.10 5.21 -55.10
N PRO A 26 -61.47 6.38 -55.19
CA PRO A 26 -60.28 6.50 -56.06
C PRO A 26 -59.16 5.54 -55.69
N THR A 27 -59.06 5.14 -54.42
CA THR A 27 -57.98 4.29 -53.94
C THR A 27 -58.27 2.81 -54.15
N VAL A 28 -59.49 2.37 -53.89
CA VAL A 28 -59.87 0.97 -54.03
C VAL A 28 -61.28 0.91 -54.61
N PHE A 29 -61.53 -0.12 -55.41
CA PHE A 29 -62.87 -0.34 -55.97
C PHE A 29 -62.99 -1.77 -56.45
N TRP A 30 -64.24 -2.19 -56.63
CA TRP A 30 -64.62 -3.51 -57.11
C TRP A 30 -65.07 -3.44 -58.57
N PHE A 31 -64.93 -4.56 -59.28
CA PHE A 31 -65.46 -4.66 -60.63
C PHE A 31 -65.88 -6.10 -60.89
N ALA A 32 -66.89 -6.27 -61.73
CA ALA A 32 -67.50 -7.57 -62.01
C ALA A 32 -66.84 -8.19 -63.23
N VAL A 33 -66.43 -9.45 -63.12
CA VAL A 33 -65.64 -10.09 -64.17
C VAL A 33 -66.54 -10.47 -65.33
N SER A 34 -66.12 -10.12 -66.54
CA SER A 34 -66.88 -10.46 -67.72
C SER A 34 -66.84 -11.97 -67.97
N HIS A 35 -67.86 -12.47 -68.66
CA HIS A 35 -67.91 -13.89 -69.01
C HIS A 35 -66.84 -14.20 -70.04
N GLY A 36 -66.23 -15.37 -69.90
CA GLY A 36 -65.18 -15.78 -70.79
C GLY A 36 -63.80 -15.26 -70.45
N ALA A 37 -63.65 -14.51 -69.36
CA ALA A 37 -62.36 -14.03 -68.92
C ALA A 37 -62.11 -14.48 -67.48
N SER A 38 -60.85 -14.76 -67.17
CA SER A 38 -60.48 -15.12 -65.80
C SER A 38 -59.58 -14.04 -65.21
N VAL A 39 -59.72 -13.84 -63.91
CA VAL A 39 -58.94 -12.85 -63.20
C VAL A 39 -58.25 -13.56 -62.04
N GLY A 40 -56.92 -13.60 -62.08
CA GLY A 40 -56.14 -14.14 -61.00
C GLY A 40 -55.99 -13.14 -59.87
N LEU A 41 -55.49 -13.63 -58.74
CA LEU A 41 -55.49 -12.80 -57.54
C LEU A 41 -54.56 -11.58 -57.70
N ASP A 42 -53.46 -11.72 -58.43
CA ASP A 42 -52.45 -10.67 -58.48
C ASP A 42 -52.47 -9.86 -59.77
N ASP A 43 -53.54 -9.95 -60.56
CA ASP A 43 -53.56 -9.34 -61.88
C ASP A 43 -53.44 -7.82 -61.82
N LEU A 44 -52.75 -7.26 -62.80
CA LEU A 44 -52.62 -5.82 -62.97
C LEU A 44 -53.60 -5.36 -64.02
N VAL A 45 -54.47 -4.42 -63.65
CA VAL A 45 -55.54 -3.97 -64.53
C VAL A 45 -55.49 -2.46 -64.69
N VAL A 46 -56.22 -1.98 -65.68
CA VAL A 46 -56.39 -0.55 -65.90
C VAL A 46 -57.85 -0.30 -66.24
N VAL A 47 -58.40 0.78 -65.68
CA VAL A 47 -59.75 1.23 -66.00
C VAL A 47 -59.66 2.72 -66.31
N GLU A 48 -60.36 3.13 -67.37
CA GLU A 48 -60.38 4.52 -67.81
C GLU A 48 -61.78 5.09 -67.61
N THR A 49 -61.86 6.21 -66.90
CA THR A 49 -63.13 6.88 -66.66
C THR A 49 -63.10 8.25 -67.31
N ARG A 50 -64.29 8.77 -67.60
CA ARG A 50 -64.47 10.05 -68.25
C ARG A 50 -64.96 11.06 -67.23
N LYS A 51 -64.33 12.23 -67.20
CA LYS A 51 -64.79 13.31 -66.34
C LYS A 51 -66.05 13.92 -66.92
N PRO A 52 -66.80 14.70 -66.11
CA PRO A 52 -67.87 15.52 -66.70
C PRO A 52 -67.42 16.33 -67.90
N ASP A 53 -66.31 17.08 -67.80
CA ASP A 53 -65.88 17.89 -68.93
C ASP A 53 -65.34 17.05 -70.09
N GLY A 54 -65.31 15.72 -69.95
CA GLY A 54 -64.90 14.84 -71.02
C GLY A 54 -63.43 14.44 -71.01
N THR A 55 -62.63 14.99 -70.09
CA THR A 55 -61.23 14.60 -70.02
C THR A 55 -61.08 13.22 -69.36
N PRO A 56 -60.18 12.38 -69.84
CA PRO A 56 -60.05 11.05 -69.27
C PRO A 56 -59.18 11.04 -68.01
N VAL A 57 -59.47 10.08 -67.14
CA VAL A 57 -58.63 9.81 -65.98
C VAL A 57 -58.46 8.30 -65.91
N ARG A 58 -57.22 7.84 -65.99
CA ARG A 58 -56.90 6.42 -66.00
C ARG A 58 -56.52 5.97 -64.60
N PHE A 59 -57.01 4.79 -64.21
CA PHE A 59 -56.70 4.20 -62.91
C PHE A 59 -55.98 2.89 -63.13
N TYR A 60 -54.74 2.80 -62.66
CA TYR A 60 -53.96 1.57 -62.72
C TYR A 60 -53.94 0.94 -61.35
N GLY A 61 -54.17 -0.36 -61.29
CA GLY A 61 -54.35 -1.00 -60.00
C GLY A 61 -54.02 -2.47 -60.04
N LEU A 62 -54.06 -3.07 -58.86
CA LEU A 62 -53.70 -4.46 -58.66
C LEU A 62 -54.79 -5.14 -57.85
N VAL A 63 -55.17 -6.34 -58.28
CA VAL A 63 -56.22 -7.10 -57.60
C VAL A 63 -55.67 -7.63 -56.29
N ASP A 64 -56.45 -7.52 -55.21
CA ASP A 64 -56.04 -8.11 -53.94
C ASP A 64 -57.04 -9.12 -53.38
N ASN A 65 -58.28 -9.10 -53.86
CA ASN A 65 -59.32 -9.99 -53.40
C ASN A 65 -60.16 -10.39 -54.60
N VAL A 66 -60.63 -11.63 -54.60
CA VAL A 66 -61.41 -12.16 -55.71
C VAL A 66 -62.38 -13.19 -55.16
N ARG A 67 -63.59 -13.21 -55.71
CA ARG A 67 -64.66 -14.00 -55.10
C ARG A 67 -65.70 -14.35 -56.16
N LYS A 68 -66.57 -15.27 -55.79
CA LYS A 68 -67.73 -15.64 -56.59
C LYS A 68 -68.92 -15.87 -55.66
N ARG A 69 -70.03 -15.23 -55.97
CA ARG A 69 -71.29 -15.43 -55.25
C ARG A 69 -72.33 -15.96 -56.22
N HIS A 70 -73.36 -16.62 -55.68
CA HIS A 70 -74.49 -17.10 -56.48
C HIS A 70 -75.64 -16.12 -56.32
N GLU A 71 -76.01 -15.45 -57.41
CA GLU A 71 -77.01 -14.40 -57.33
C GLU A 71 -78.40 -15.00 -57.47
N GLY A 72 -79.21 -14.85 -56.42
CA GLY A 72 -80.62 -15.21 -56.51
C GLY A 72 -80.94 -16.66 -56.26
N VAL A 73 -80.08 -17.37 -55.52
CA VAL A 73 -80.33 -18.78 -55.29
C VAL A 73 -81.27 -18.99 -54.10
N THR A 74 -81.40 -18.02 -53.20
CA THR A 74 -82.26 -18.14 -52.02
C THR A 74 -81.75 -19.32 -51.23
N PHE A 75 -82.51 -20.39 -51.02
CA PHE A 75 -82.09 -21.47 -50.13
C PHE A 75 -80.92 -22.24 -50.71
N GLU A 76 -80.02 -22.72 -49.85
CA GLU A 76 -78.76 -23.27 -50.35
C GLU A 76 -78.98 -24.63 -51.01
N SER A 77 -79.90 -25.44 -50.47
CA SER A 77 -80.20 -26.77 -51.05
C SER A 77 -80.82 -26.68 -52.44
N ASP A 78 -81.12 -25.48 -52.96
CA ASP A 78 -81.60 -25.31 -54.32
C ASP A 78 -80.57 -25.63 -55.38
N VAL A 79 -79.30 -25.80 -55.01
CA VAL A 79 -78.21 -25.94 -55.97
C VAL A 79 -78.48 -27.09 -56.94
N GLU A 80 -78.93 -28.23 -56.41
CA GLU A 80 -79.20 -29.41 -57.25
C GLU A 80 -80.17 -29.08 -58.37
N ASP A 81 -81.29 -28.42 -58.03
CA ASP A 81 -82.20 -27.88 -59.04
C ASP A 81 -81.55 -26.77 -59.84
N VAL A 82 -80.86 -25.85 -59.16
CA VAL A 82 -80.34 -24.64 -59.81
C VAL A 82 -79.42 -24.99 -60.97
N VAL A 83 -78.50 -25.93 -60.74
CA VAL A 83 -77.54 -26.28 -61.78
C VAL A 83 -78.12 -27.23 -62.82
N ALA A 84 -79.23 -27.90 -62.50
CA ALA A 84 -79.97 -28.69 -63.49
C ALA A 84 -80.62 -27.83 -64.56
N GLY A 85 -80.73 -26.53 -64.34
CA GLY A 85 -81.45 -25.63 -65.23
C GLY A 85 -82.83 -25.25 -64.77
N LEU A 86 -83.33 -25.87 -63.71
CA LEU A 86 -84.72 -25.66 -63.30
C LEU A 86 -84.90 -24.27 -62.69
N LEU A 87 -84.03 -23.88 -61.76
CA LEU A 87 -84.12 -22.55 -61.16
C LEU A 87 -83.13 -21.60 -61.81
N PRO A 88 -83.51 -20.35 -62.05
CA PRO A 88 -82.59 -19.40 -62.70
C PRO A 88 -81.61 -18.81 -61.69
N ALA A 89 -80.34 -18.85 -62.05
CA ALA A 89 -79.27 -18.36 -61.18
C ALA A 89 -78.16 -17.77 -62.02
N SER A 90 -77.67 -16.61 -61.57
CA SER A 90 -76.54 -15.92 -62.15
C SER A 90 -75.34 -16.05 -61.23
N VAL A 91 -74.18 -16.26 -61.82
CA VAL A 91 -72.92 -16.35 -61.09
C VAL A 91 -72.24 -14.98 -61.14
N SER A 92 -71.76 -14.53 -59.99
CA SER A 92 -71.23 -13.18 -59.85
C SER A 92 -69.75 -13.29 -59.50
N TYR A 93 -68.91 -13.05 -60.50
CA TYR A 93 -67.46 -13.16 -60.35
C TYR A 93 -66.90 -11.75 -60.21
N ALA A 94 -66.37 -11.43 -59.03
CA ALA A 94 -65.98 -10.07 -58.69
C ALA A 94 -64.53 -10.03 -58.21
N ALA A 95 -63.90 -8.88 -58.44
CA ALA A 95 -62.52 -8.62 -58.08
C ALA A 95 -62.42 -7.25 -57.42
N ARG A 96 -61.57 -7.15 -56.40
CA ARG A 96 -61.25 -5.87 -55.79
C ARG A 96 -59.92 -5.39 -56.36
N VAL A 97 -59.82 -4.10 -56.66
CA VAL A 97 -58.61 -3.52 -57.22
C VAL A 97 -58.05 -2.52 -56.24
N LEU A 98 -56.78 -2.71 -55.86
CA LEU A 98 -56.05 -1.73 -55.07
C LEU A 98 -55.30 -0.82 -56.03
N VAL A 99 -55.75 0.43 -56.15
CA VAL A 99 -55.16 1.34 -57.12
C VAL A 99 -53.73 1.67 -56.73
N THR A 100 -52.80 1.45 -57.66
CA THR A 100 -51.42 1.86 -57.47
C THR A 100 -51.12 3.22 -58.09
N ARG A 101 -51.81 3.57 -59.17
CA ARG A 101 -51.52 4.81 -59.88
C ARG A 101 -52.78 5.41 -60.47
N VAL A 102 -52.86 6.73 -60.43
CA VAL A 102 -53.86 7.49 -61.16
C VAL A 102 -53.10 8.45 -62.06
N ASP A 103 -53.13 8.19 -63.38
CA ASP A 103 -52.23 8.93 -64.27
C ASP A 103 -52.47 10.43 -64.24
N PRO A 104 -53.70 10.97 -64.33
CA PRO A 104 -53.84 12.43 -64.19
C PRO A 104 -53.97 12.76 -62.71
N GLU A 105 -53.87 11.77 -61.81
CA GLU A 105 -53.92 12.02 -60.35
C GLU A 105 -54.98 13.08 -60.00
N ASN A 106 -56.22 12.70 -60.33
CA ASN A 106 -57.42 13.32 -59.77
C ASN A 106 -57.86 12.16 -58.89
N PHE A 107 -58.02 12.43 -57.61
CA PHE A 107 -58.55 11.41 -56.69
C PHE A 107 -60.07 11.50 -56.71
N ILE A 108 -60.62 11.15 -57.87
CA ILE A 108 -62.06 11.12 -58.13
C ILE A 108 -62.48 9.67 -58.30
N PRO A 109 -63.74 9.32 -58.09
CA PRO A 109 -64.16 7.92 -58.25
C PRO A 109 -64.45 7.59 -59.70
N PRO A 110 -64.06 6.39 -60.14
CA PRO A 110 -64.56 5.89 -61.43
C PRO A 110 -66.06 5.71 -61.40
N GLN A 111 -66.67 5.77 -62.58
CA GLN A 111 -68.10 5.52 -62.67
C GLN A 111 -68.36 4.02 -62.78
N PRO A 112 -69.35 3.51 -62.04
CA PRO A 112 -69.76 2.11 -62.22
C PRO A 112 -70.10 1.85 -63.68
N GLY A 113 -69.67 0.70 -64.18
CA GLY A 113 -69.83 0.38 -65.58
C GLY A 113 -68.66 0.77 -66.46
N ASP A 114 -67.66 1.49 -65.94
CA ASP A 114 -66.47 1.73 -66.74
C ASP A 114 -65.77 0.40 -67.03
N HIS A 115 -65.11 0.33 -68.18
CA HIS A 115 -64.52 -0.92 -68.63
C HIS A 115 -63.19 -1.16 -67.94
N VAL A 116 -63.05 -2.35 -67.36
CA VAL A 116 -61.80 -2.80 -66.78
C VAL A 116 -61.12 -3.71 -67.79
N ARG A 117 -59.82 -3.54 -67.97
CA ARG A 117 -59.06 -4.37 -68.91
C ARG A 117 -57.66 -4.60 -68.35
N HIS A 118 -57.09 -5.76 -68.70
CA HIS A 118 -55.73 -6.09 -68.28
C HIS A 118 -54.73 -5.06 -68.80
N ALA A 119 -53.84 -4.61 -67.93
CA ALA A 119 -52.76 -3.71 -68.31
C ALA A 119 -51.70 -4.52 -69.06
N ALA A 120 -51.56 -4.31 -70.37
CA ALA A 120 -50.80 -5.25 -71.17
C ALA A 120 -49.61 -4.64 -71.88
N GLY A 121 -49.70 -3.40 -72.34
CA GLY A 121 -48.59 -2.85 -73.09
C GLY A 121 -47.97 -1.66 -72.40
N ARG A 122 -48.12 -0.48 -73.01
CA ARG A 122 -47.73 0.75 -72.33
C ARG A 122 -48.51 0.93 -71.04
N GLU A 123 -49.74 0.44 -71.00
CA GLU A 123 -50.55 0.52 -69.78
C GLU A 123 -49.88 -0.22 -68.63
N LEU A 124 -49.22 -1.34 -68.94
CA LEU A 124 -48.50 -2.08 -67.91
C LEU A 124 -47.30 -1.28 -67.41
N ALA A 125 -46.58 -0.64 -68.33
CA ALA A 125 -45.46 0.21 -67.94
C ALA A 125 -45.92 1.31 -67.01
N MET A 126 -47.07 1.94 -67.30
CA MET A 126 -47.63 2.92 -66.39
C MET A 126 -48.08 2.27 -65.08
N ALA A 127 -48.50 1.01 -65.13
CA ALA A 127 -49.00 0.37 -63.92
C ALA A 127 -47.87 0.03 -62.96
N LEU A 128 -46.70 -0.29 -63.49
CA LEU A 128 -45.53 -0.60 -62.68
C LEU A 128 -44.52 0.54 -62.69
N SER A 129 -44.95 1.77 -63.01
CA SER A 129 -44.11 2.96 -62.92
C SER A 129 -42.82 2.83 -63.74
N ALA A 130 -42.87 2.03 -64.81
CA ALA A 130 -41.68 1.82 -65.63
C ALA A 130 -41.20 3.09 -66.30
N ASP A 131 -42.06 4.11 -66.39
CA ASP A 131 -41.61 5.39 -66.93
C ASP A 131 -40.64 6.06 -65.97
N LYS A 132 -40.87 5.92 -64.66
CA LYS A 132 -39.92 6.45 -63.69
C LYS A 132 -38.60 5.69 -63.72
N MET A 133 -38.63 4.41 -64.09
CA MET A 133 -37.40 3.60 -64.14
C MET A 133 -36.57 3.93 -65.37
N GLU A 134 -37.21 4.20 -66.50
CA GLU A 134 -36.51 4.61 -67.73
C GLU A 134 -35.58 3.45 -68.13
N GLU A 135 -34.37 3.75 -68.61
CA GLU A 135 -33.45 2.71 -69.06
C GLU A 135 -33.02 1.78 -67.93
N ALA A 136 -33.11 2.22 -66.67
CA ALA A 136 -32.67 1.46 -65.51
C ALA A 136 -33.54 0.25 -65.22
N ALA A 137 -34.65 0.09 -65.93
CA ALA A 137 -35.50 -1.08 -65.74
C ALA A 137 -34.81 -2.31 -66.30
N PHE A 138 -34.88 -3.41 -65.55
CA PHE A 138 -34.28 -4.68 -65.92
C PHE A 138 -35.15 -5.79 -65.37
N PRO A 139 -35.01 -7.01 -65.91
CA PRO A 139 -35.91 -8.11 -65.49
C PRO A 139 -35.76 -8.44 -64.02
N GLY A 140 -36.87 -8.36 -63.29
CA GLY A 140 -36.89 -8.71 -61.88
C GLY A 140 -37.61 -10.01 -61.61
N GLY A 141 -38.12 -10.63 -62.67
CA GLY A 141 -38.92 -11.84 -62.55
C GLY A 141 -40.07 -11.82 -63.54
N LEU A 142 -40.92 -12.85 -63.52
CA LEU A 142 -42.07 -12.93 -64.41
C LEU A 142 -43.36 -12.66 -63.65
N LEU A 143 -44.28 -11.96 -64.30
CA LEU A 143 -45.57 -11.67 -63.70
C LEU A 143 -46.55 -12.80 -64.01
N ALA A 144 -47.84 -12.50 -63.83
CA ALA A 144 -48.88 -13.50 -64.01
C ALA A 144 -48.83 -14.09 -65.42
N ASP A 145 -48.91 -13.22 -66.42
CA ASP A 145 -49.08 -13.60 -67.82
C ASP A 145 -47.80 -13.49 -68.62
N GLY A 146 -46.67 -13.86 -68.03
CA GLY A 146 -45.39 -13.87 -68.78
C GLY A 146 -44.81 -12.51 -69.08
N GLN A 147 -45.29 -11.46 -68.42
CA GLN A 147 -44.68 -10.14 -68.69
C GLN A 147 -43.64 -9.88 -67.59
N PRO A 148 -42.36 -9.66 -67.94
CA PRO A 148 -41.30 -9.48 -66.94
C PRO A 148 -41.59 -8.28 -66.04
N LEU A 149 -41.28 -8.41 -64.75
CA LEU A 149 -41.53 -7.29 -63.81
C LEU A 149 -40.27 -6.43 -63.86
N PRO A 150 -40.35 -5.11 -64.09
CA PRO A 150 -39.16 -4.29 -64.20
C PRO A 150 -38.63 -3.74 -62.86
N LEU A 151 -37.40 -4.11 -62.51
CA LEU A 151 -36.75 -3.58 -61.32
C LEU A 151 -35.98 -2.32 -61.68
N ASN A 152 -36.00 -1.33 -60.79
CA ASN A 152 -35.23 -0.10 -61.00
C ASN A 152 -33.82 -0.30 -60.45
N PHE A 153 -32.84 -0.40 -61.34
CA PHE A 153 -31.47 -0.60 -60.90
C PHE A 153 -30.97 0.61 -60.11
N ARG A 154 -31.47 1.81 -60.40
CA ARG A 154 -31.08 2.99 -59.66
C ARG A 154 -31.46 2.92 -58.20
N PHE A 155 -32.32 1.98 -57.81
CA PHE A 155 -32.58 1.71 -56.42
C PHE A 155 -31.81 0.52 -55.89
N ILE A 156 -30.90 -0.04 -56.70
CA ILE A 156 -30.07 -1.16 -56.30
C ILE A 156 -28.59 -0.80 -56.28
N ASN A 157 -28.14 0.05 -57.22
CA ASN A 157 -26.72 0.36 -57.37
C ASN A 157 -26.26 1.59 -56.58
N GLY A 158 -27.15 2.21 -55.81
CA GLY A 158 -26.78 3.32 -54.96
C GLY A 158 -27.14 4.68 -55.50
N GLU A 159 -27.48 4.74 -56.78
CA GLU A 159 -27.79 6.06 -57.42
C GLU A 159 -28.96 6.72 -56.71
N SER A 160 -30.10 6.02 -56.61
CA SER A 160 -31.30 6.60 -55.95
C SER A 160 -31.70 5.73 -54.77
N GLY A 161 -31.37 4.44 -54.81
CA GLY A 161 -31.77 3.56 -53.69
C GLY A 161 -30.62 2.66 -53.32
N GLY A 162 -30.67 2.08 -52.11
CA GLY A 162 -29.58 1.28 -51.54
C GLY A 162 -29.49 -0.16 -52.01
N HIS A 163 -29.43 -1.09 -51.07
CA HIS A 163 -29.21 -2.52 -51.35
C HIS A 163 -30.55 -3.25 -51.39
N ILE A 164 -30.53 -4.58 -51.22
CA ILE A 164 -31.74 -5.43 -51.30
C ILE A 164 -31.86 -6.25 -50.01
N ASN A 165 -33.08 -6.56 -49.56
CA ASN A 165 -33.33 -7.42 -48.36
C ASN A 165 -34.31 -8.53 -48.75
N ILE A 166 -33.90 -9.79 -48.61
CA ILE A 166 -34.77 -10.95 -48.98
C ILE A 166 -35.11 -11.70 -47.70
N SER A 167 -36.36 -12.14 -47.57
CA SER A 167 -36.82 -12.77 -46.34
C SER A 167 -37.64 -14.01 -46.67
N GLY A 168 -37.61 -14.99 -45.77
CA GLY A 168 -38.49 -16.13 -45.92
C GLY A 168 -38.00 -17.35 -45.17
N ILE A 169 -38.92 -18.29 -45.03
CA ILE A 169 -38.64 -19.57 -44.37
C ILE A 169 -37.53 -20.27 -45.13
N SER A 170 -36.45 -20.61 -44.43
CA SER A 170 -35.33 -21.27 -45.09
C SER A 170 -35.75 -22.64 -45.61
N GLY A 171 -35.26 -22.97 -46.79
CA GLY A 171 -35.57 -24.24 -47.40
C GLY A 171 -36.79 -24.17 -48.30
N VAL A 172 -37.76 -23.35 -47.92
CA VAL A 172 -39.02 -23.24 -48.64
C VAL A 172 -39.02 -21.96 -49.50
N ALA A 173 -38.96 -20.81 -48.85
CA ALA A 173 -38.73 -19.56 -49.57
C ALA A 173 -37.36 -19.60 -50.22
N THR A 174 -37.30 -19.24 -51.50
CA THR A 174 -36.11 -19.49 -52.31
C THR A 174 -35.17 -18.29 -52.40
N LYS A 175 -34.72 -17.78 -51.25
CA LYS A 175 -34.09 -16.46 -51.21
C LYS A 175 -32.68 -16.49 -51.81
N THR A 176 -31.84 -17.44 -51.37
CA THR A 176 -30.48 -17.50 -51.92
C THR A 176 -30.50 -17.68 -53.44
N SER A 177 -31.28 -18.66 -53.92
CA SER A 177 -31.33 -18.91 -55.37
C SER A 177 -31.94 -17.74 -56.11
N TYR A 178 -32.84 -17.00 -55.47
CA TYR A 178 -33.38 -15.80 -56.10
C TYR A 178 -32.33 -14.71 -56.19
N ALA A 179 -31.52 -14.56 -55.13
CA ALA A 179 -30.44 -13.58 -55.15
C ALA A 179 -29.47 -13.85 -56.29
N LEU A 180 -29.16 -15.12 -56.53
CA LEU A 180 -28.32 -15.50 -57.66
C LEU A 180 -29.02 -15.20 -58.98
N PHE A 181 -30.35 -15.33 -59.01
CA PHE A 181 -31.10 -14.94 -60.20
C PHE A 181 -31.02 -13.44 -60.44
N LEU A 182 -31.10 -12.64 -59.38
CA LEU A 182 -30.94 -11.20 -59.50
C LEU A 182 -29.55 -10.83 -60.00
N LEU A 183 -28.53 -11.55 -59.54
CA LEU A 183 -27.18 -11.35 -60.04
C LEU A 183 -27.10 -11.64 -61.54
N HIS A 184 -27.61 -12.81 -61.94
CA HIS A 184 -27.69 -13.14 -63.35
C HIS A 184 -28.45 -12.07 -64.12
N SER A 185 -29.60 -11.64 -63.61
CA SER A 185 -30.36 -10.59 -64.29
C SER A 185 -29.53 -9.32 -64.44
N ILE A 186 -28.84 -8.90 -63.39
CA ILE A 186 -28.11 -7.64 -63.43
C ILE A 186 -26.92 -7.72 -64.40
N PHE A 187 -26.16 -8.81 -64.31
CA PHE A 187 -25.02 -8.98 -65.21
C PHE A 187 -25.46 -9.27 -66.65
N ARG A 188 -26.57 -9.96 -66.88
CA ARG A 188 -26.93 -10.40 -68.22
C ARG A 188 -27.96 -9.53 -68.93
N SER A 189 -28.43 -8.44 -68.33
CA SER A 189 -29.41 -7.58 -68.96
C SER A 189 -28.80 -6.32 -69.59
N GLY A 190 -27.56 -5.99 -69.28
CA GLY A 190 -27.00 -4.76 -69.81
C GLY A 190 -27.52 -3.56 -69.05
N VAL A 191 -28.19 -3.83 -67.92
CA VAL A 191 -28.70 -2.73 -67.12
C VAL A 191 -27.55 -1.94 -66.51
N MET A 192 -26.43 -2.60 -66.22
CA MET A 192 -25.27 -1.87 -65.74
C MET A 192 -24.73 -0.96 -66.83
N ASP A 193 -24.80 -1.40 -68.08
CA ASP A 193 -24.46 -0.55 -69.22
C ASP A 193 -25.36 0.66 -69.31
N ARG A 194 -26.67 0.42 -69.45
CA ARG A 194 -27.62 1.49 -69.72
C ARG A 194 -27.55 2.56 -68.64
N THR A 195 -27.46 2.14 -67.38
CA THR A 195 -27.40 3.07 -66.27
C THR A 195 -25.98 3.57 -65.99
N ALA A 196 -24.98 3.05 -66.70
CA ALA A 196 -23.65 3.65 -66.72
C ALA A 196 -23.56 4.79 -67.71
N GLN A 197 -24.55 4.93 -68.59
CA GLN A 197 -24.69 6.14 -69.39
C GLN A 197 -25.04 7.36 -68.54
N GLY A 198 -25.56 7.15 -67.33
CA GLY A 198 -25.92 8.22 -66.42
C GLY A 198 -24.86 9.30 -66.30
N SER A 199 -23.63 8.89 -66.05
CA SER A 199 -22.48 9.79 -66.06
C SER A 199 -21.24 9.04 -66.51
N GLY A 200 -20.18 9.79 -66.81
CA GLY A 200 -18.93 9.16 -67.25
C GLY A 200 -18.15 8.56 -66.09
N GLY A 201 -18.24 9.18 -64.90
CA GLY A 201 -17.48 8.63 -63.76
C GLY A 201 -18.28 8.43 -62.48
N ARG A 202 -19.53 8.88 -62.40
CA ARG A 202 -20.27 8.73 -61.11
C ARG A 202 -20.38 7.25 -60.76
N GLN A 203 -20.76 6.43 -61.74
CA GLN A 203 -20.81 4.95 -61.67
C GLN A 203 -20.56 4.51 -63.10
N SER A 204 -19.72 3.50 -63.35
CA SER A 204 -19.46 3.20 -64.78
C SER A 204 -19.03 1.77 -65.05
N GLY A 205 -19.62 1.18 -66.07
CA GLY A 205 -19.26 -0.13 -66.61
C GLY A 205 -20.26 -1.20 -66.25
N THR A 206 -20.52 -2.10 -67.22
CA THR A 206 -21.04 -3.42 -66.92
C THR A 206 -19.95 -4.46 -66.77
N ALA A 207 -18.79 -4.24 -67.40
CA ALA A 207 -17.62 -5.07 -67.19
C ALA A 207 -17.01 -4.86 -65.82
N GLY A 208 -17.10 -3.64 -65.29
CA GLY A 208 -16.57 -3.38 -63.97
C GLY A 208 -17.20 -4.18 -62.84
N GLY A 209 -18.40 -4.72 -63.05
CA GLY A 209 -19.16 -5.27 -61.93
C GLY A 209 -18.53 -6.55 -61.38
N ARG A 210 -18.66 -6.72 -60.05
CA ARG A 210 -18.12 -7.88 -59.35
C ARG A 210 -19.10 -8.33 -58.28
N ALA A 211 -18.97 -9.59 -57.89
CA ALA A 211 -19.82 -10.16 -56.85
C ALA A 211 -19.00 -11.05 -55.95
N LEU A 212 -19.27 -10.95 -54.65
CA LEU A 212 -18.61 -11.76 -53.63
C LEU A 212 -19.69 -12.50 -52.86
N ILE A 213 -19.51 -13.81 -52.70
CA ILE A 213 -20.51 -14.65 -52.07
C ILE A 213 -19.79 -15.77 -51.32
N PHE A 214 -20.40 -16.21 -50.22
CA PHE A 214 -19.81 -17.19 -49.32
C PHE A 214 -20.65 -18.46 -49.32
N ASN A 215 -19.98 -19.60 -49.20
CA ASN A 215 -20.65 -20.90 -49.26
C ASN A 215 -20.74 -21.46 -47.85
N VAL A 216 -21.70 -20.92 -47.09
CA VAL A 216 -21.93 -21.31 -45.67
C VAL A 216 -22.44 -22.75 -45.61
N LYS A 217 -23.67 -23.02 -46.06
CA LYS A 217 -24.17 -24.41 -46.07
C LYS A 217 -23.23 -25.18 -47.01
N GLY A 218 -22.80 -26.37 -46.61
CA GLY A 218 -21.73 -27.07 -47.35
C GLY A 218 -21.98 -27.41 -48.80
N GLU A 219 -21.00 -27.05 -49.64
CA GLU A 219 -20.87 -27.41 -51.08
C GLU A 219 -22.16 -27.11 -51.86
N ASP A 220 -22.81 -25.98 -51.63
CA ASP A 220 -24.06 -25.69 -52.37
C ASP A 220 -23.81 -24.54 -53.37
N LEU A 221 -22.81 -23.73 -53.10
CA LEU A 221 -22.51 -22.61 -53.96
C LEU A 221 -21.32 -22.84 -54.85
N LEU A 222 -20.89 -24.07 -54.96
CA LEU A 222 -19.91 -24.43 -55.95
C LEU A 222 -20.73 -24.89 -57.17
N PHE A 223 -20.08 -25.37 -58.21
CA PHE A 223 -20.77 -25.70 -59.45
C PHE A 223 -21.65 -24.58 -59.99
N LEU A 224 -21.39 -23.33 -59.58
CA LEU A 224 -21.83 -22.21 -60.41
C LEU A 224 -21.07 -22.11 -61.72
N ASP A 225 -20.04 -22.94 -61.87
CA ASP A 225 -19.12 -22.93 -63.00
C ASP A 225 -19.38 -24.13 -63.91
N LYS A 226 -20.61 -24.65 -63.88
CA LYS A 226 -21.05 -25.82 -64.64
C LYS A 226 -22.54 -25.65 -64.83
N PRO A 227 -23.10 -26.04 -65.97
CA PRO A 227 -24.53 -25.84 -66.21
C PRO A 227 -25.41 -26.88 -65.53
N ASN A 228 -26.61 -26.44 -65.18
CA ASN A 228 -27.61 -27.27 -64.50
C ASN A 228 -28.27 -28.18 -65.53
N ALA A 229 -27.88 -29.46 -65.50
CA ALA A 229 -28.49 -30.42 -66.42
C ALA A 229 -30.01 -30.45 -66.26
N ARG A 230 -30.49 -30.24 -65.03
CA ARG A 230 -31.88 -30.49 -64.71
C ARG A 230 -32.80 -29.32 -65.08
N MET A 231 -32.24 -28.17 -65.44
CA MET A 231 -33.06 -26.96 -65.58
C MET A 231 -34.15 -27.13 -66.63
N VAL A 232 -33.81 -27.62 -67.82
CA VAL A 232 -34.81 -27.67 -68.88
C VAL A 232 -35.92 -28.66 -68.51
N GLU A 233 -35.58 -29.77 -67.86
CA GLU A 233 -36.61 -30.75 -67.53
C GLU A 233 -37.60 -30.21 -66.50
N LYS A 234 -37.12 -29.47 -65.50
CA LYS A 234 -38.05 -28.85 -64.55
C LYS A 234 -38.75 -27.66 -65.17
N GLU A 235 -38.04 -26.87 -65.98
CA GLU A 235 -38.64 -25.66 -66.55
C GLU A 235 -39.59 -25.99 -67.70
N ASP A 236 -39.35 -27.10 -68.41
CA ASP A 236 -40.31 -27.54 -69.43
C ASP A 236 -41.69 -27.74 -68.81
N LYS A 237 -41.74 -28.37 -67.62
CA LYS A 237 -43.02 -28.62 -66.98
C LYS A 237 -43.77 -27.33 -66.68
N VAL A 238 -43.05 -26.29 -66.26
CA VAL A 238 -43.71 -25.03 -65.95
C VAL A 238 -44.22 -24.35 -67.22
N VAL A 239 -43.41 -24.37 -68.28
CA VAL A 239 -43.85 -23.79 -69.55
C VAL A 239 -45.01 -24.60 -70.13
N ARG A 240 -44.96 -25.92 -69.99
CA ARG A 240 -46.10 -26.73 -70.41
C ARG A 240 -47.35 -26.35 -69.64
N ALA A 241 -47.24 -26.23 -68.31
CA ALA A 241 -48.44 -26.08 -67.48
C ALA A 241 -49.07 -24.70 -67.63
N LYS A 242 -48.27 -23.65 -67.57
CA LYS A 242 -48.78 -22.29 -67.61
C LYS A 242 -48.96 -21.76 -69.03
N GLY A 243 -48.76 -22.61 -70.03
CA GLY A 243 -49.05 -22.22 -71.41
C GLY A 243 -48.22 -21.06 -71.90
N LEU A 244 -46.99 -20.93 -71.42
CA LEU A 244 -46.17 -19.81 -71.81
C LEU A 244 -45.72 -19.97 -73.26
N SER A 245 -45.31 -18.85 -73.86
CA SER A 245 -44.76 -18.87 -75.21
C SER A 245 -43.45 -19.64 -75.26
N ALA A 246 -42.53 -19.38 -74.34
CA ALA A 246 -41.20 -19.98 -74.39
C ALA A 246 -40.69 -20.24 -72.97
N ASP A 247 -39.42 -20.66 -72.90
CA ASP A 247 -38.77 -20.79 -71.59
C ASP A 247 -38.60 -19.42 -70.97
N ARG A 248 -38.70 -19.37 -69.64
CA ARG A 248 -38.86 -18.10 -68.95
C ARG A 248 -37.71 -17.13 -69.25
N TYR A 249 -36.48 -17.64 -69.31
CA TYR A 249 -35.31 -16.78 -69.55
C TYR A 249 -35.49 -15.97 -70.82
N ALA A 250 -35.93 -16.61 -71.91
CA ALA A 250 -36.16 -15.88 -73.15
C ALA A 250 -37.29 -14.86 -73.00
N LEU A 251 -38.27 -15.14 -72.15
CA LEU A 251 -39.28 -14.14 -71.85
C LEU A 251 -38.66 -12.93 -71.16
N LEU A 252 -37.55 -13.13 -70.46
CA LEU A 252 -36.90 -12.06 -69.71
C LEU A 252 -35.87 -11.29 -70.54
N GLY A 253 -35.51 -11.77 -71.72
CA GLY A 253 -34.35 -11.20 -72.37
C GLY A 253 -33.09 -11.56 -71.61
N LEU A 254 -33.11 -12.71 -70.92
CA LEU A 254 -32.00 -13.27 -70.17
C LEU A 254 -31.63 -14.62 -70.76
N PRO A 255 -30.35 -14.99 -70.73
CA PRO A 255 -29.93 -16.29 -71.25
C PRO A 255 -29.97 -17.36 -70.16
N ALA A 256 -30.37 -18.56 -70.58
CA ALA A 256 -30.48 -19.71 -69.67
C ALA A 256 -29.14 -20.43 -69.58
N GLU A 257 -28.16 -19.75 -69.00
CA GLU A 257 -26.78 -20.19 -68.98
C GLU A 257 -26.18 -19.93 -67.61
N PRO A 258 -25.13 -20.68 -67.24
CA PRO A 258 -24.56 -20.53 -65.89
C PRO A 258 -23.65 -19.32 -65.80
N PHE A 259 -23.16 -19.08 -64.57
CA PHE A 259 -22.29 -17.95 -64.32
C PHE A 259 -20.93 -18.13 -65.00
N ARG A 260 -20.38 -17.04 -65.50
CA ARG A 260 -19.08 -17.01 -66.12
C ARG A 260 -18.11 -16.22 -65.25
N ASP A 261 -16.82 -16.41 -65.52
CA ASP A 261 -15.74 -15.73 -64.79
C ASP A 261 -15.90 -15.91 -63.28
N VAL A 262 -15.75 -17.16 -62.85
CA VAL A 262 -16.00 -17.54 -61.46
C VAL A 262 -14.70 -18.03 -60.83
N GLN A 263 -14.40 -17.51 -59.64
CA GLN A 263 -13.22 -17.86 -58.87
C GLN A 263 -13.65 -18.58 -57.60
N LEU A 264 -13.16 -19.81 -57.42
CA LEU A 264 -13.58 -20.66 -56.32
C LEU A 264 -12.42 -20.80 -55.33
N LEU A 265 -12.66 -20.44 -54.08
CA LEU A 265 -11.64 -20.39 -53.04
C LEU A 265 -12.08 -21.20 -51.82
N ALA A 266 -11.15 -21.99 -51.28
CA ALA A 266 -11.42 -22.90 -50.18
C ALA A 266 -10.25 -22.94 -49.21
N PRO A 267 -10.50 -23.27 -47.94
CA PRO A 267 -9.41 -23.38 -46.95
C PRO A 267 -8.48 -24.54 -47.27
N PRO A 268 -7.27 -24.55 -46.71
CA PRO A 268 -6.23 -25.54 -47.13
C PRO A 268 -6.17 -26.82 -46.29
N ARG A 269 -7.11 -27.73 -46.55
CA ARG A 269 -7.10 -29.14 -46.18
C ARG A 269 -6.99 -29.40 -44.68
N ALA A 270 -7.04 -28.36 -43.85
CA ALA A 270 -6.83 -28.51 -42.41
C ALA A 270 -5.56 -29.31 -42.14
N GLY A 271 -4.51 -28.99 -42.90
CA GLY A 271 -3.28 -29.74 -42.83
C GLY A 271 -2.58 -29.55 -41.50
N ALA A 272 -2.38 -30.64 -40.75
CA ALA A 272 -1.69 -30.63 -39.48
C ALA A 272 -0.19 -30.82 -39.73
N ALA A 273 0.58 -29.74 -39.55
CA ALA A 273 2.05 -29.75 -39.70
C ALA A 273 2.49 -30.20 -41.09
N GLY A 274 1.62 -30.02 -42.09
CA GLY A 274 1.94 -30.38 -43.45
C GLY A 274 2.17 -29.18 -44.35
N THR A 275 3.36 -29.09 -44.95
CA THR A 275 3.65 -27.97 -45.85
C THR A 275 2.82 -28.02 -47.14
N ALA A 276 2.37 -29.21 -47.52
CA ALA A 276 1.54 -29.35 -48.72
C ALA A 276 0.21 -28.61 -48.55
N ILE A 277 -0.19 -27.89 -49.60
CA ILE A 277 -1.38 -27.04 -49.55
C ILE A 277 -2.38 -27.52 -50.59
N VAL A 278 -3.56 -27.91 -50.12
CA VAL A 278 -4.65 -28.32 -51.01
C VAL A 278 -5.99 -27.90 -50.39
N PRO A 279 -6.93 -27.52 -51.24
CA PRO A 279 -8.25 -27.12 -50.72
C PRO A 279 -9.01 -28.28 -50.07
N GLN A 280 -9.91 -27.92 -49.16
CA GLN A 280 -10.65 -28.89 -48.37
C GLN A 280 -11.75 -29.61 -49.13
N THR A 281 -12.07 -29.17 -50.35
CA THR A 281 -13.27 -29.65 -51.02
C THR A 281 -13.12 -31.13 -51.38
N ASP A 282 -14.10 -31.94 -50.96
CA ASP A 282 -14.15 -33.33 -51.40
C ASP A 282 -14.83 -33.46 -52.76
N GLN A 283 -16.03 -32.90 -52.92
CA GLN A 283 -16.81 -33.19 -54.12
C GLN A 283 -16.32 -32.43 -55.35
N ARG A 284 -15.57 -31.33 -55.18
CA ARG A 284 -15.04 -30.58 -56.30
C ARG A 284 -13.60 -30.19 -56.02
N SER A 285 -12.67 -30.74 -56.80
CA SER A 285 -11.26 -30.41 -56.66
C SER A 285 -10.69 -29.63 -57.84
N GLU A 286 -11.32 -29.70 -59.01
CA GLU A 286 -10.83 -28.99 -60.20
C GLU A 286 -11.31 -27.55 -60.16
N GLY A 287 -10.42 -26.63 -60.49
CA GLY A 287 -10.74 -25.22 -60.54
C GLY A 287 -10.91 -24.56 -59.20
N VAL A 288 -10.62 -25.26 -58.10
CA VAL A 288 -10.69 -24.69 -56.76
C VAL A 288 -9.29 -24.31 -56.32
N THR A 289 -9.14 -23.06 -55.88
CA THR A 289 -7.87 -22.50 -55.49
C THR A 289 -7.84 -22.29 -53.99
N PRO A 290 -6.79 -22.74 -53.29
CA PRO A 290 -6.72 -22.49 -51.85
C PRO A 290 -6.42 -21.05 -51.53
N PHE A 291 -7.01 -20.55 -50.45
CA PHE A 291 -6.79 -19.20 -49.96
C PHE A 291 -6.28 -19.24 -48.53
N VAL A 292 -5.25 -18.44 -48.24
CA VAL A 292 -4.65 -18.40 -46.90
C VAL A 292 -4.28 -16.97 -46.54
N PHE A 293 -4.32 -16.68 -45.25
CA PHE A 293 -3.74 -15.47 -44.67
C PHE A 293 -2.39 -15.81 -44.04
N THR A 294 -1.54 -14.80 -43.91
CA THR A 294 -0.25 -14.98 -43.27
C THR A 294 -0.21 -14.26 -41.94
N ILE A 295 0.60 -14.79 -41.01
CA ILE A 295 0.73 -14.19 -39.69
C ILE A 295 1.16 -12.73 -39.80
N ARG A 296 2.01 -12.42 -40.78
CA ARG A 296 2.49 -11.05 -40.90
C ARG A 296 1.39 -10.13 -41.43
N GLU A 297 0.61 -10.60 -42.42
CA GLU A 297 -0.59 -9.88 -42.81
C GLU A 297 -1.51 -9.69 -41.61
N PHE A 298 -1.71 -10.76 -40.82
CA PHE A 298 -2.66 -10.74 -39.72
C PHE A 298 -2.36 -9.61 -38.76
N CYS A 299 -1.09 -9.29 -38.58
CA CYS A 299 -0.67 -8.24 -37.65
C CYS A 299 -0.59 -6.89 -38.35
N ALA A 300 -0.11 -6.88 -39.60
CA ALA A 300 -0.02 -5.65 -40.37
C ALA A 300 -1.41 -5.08 -40.70
N ARG A 301 -2.34 -5.94 -41.12
CA ARG A 301 -3.66 -5.50 -41.54
C ARG A 301 -4.68 -5.49 -40.41
N ARG A 302 -4.25 -5.69 -39.16
CA ARG A 302 -5.11 -5.57 -37.98
C ARG A 302 -6.31 -6.51 -38.04
N MET A 303 -6.06 -7.77 -38.37
CA MET A 303 -7.14 -8.75 -38.45
C MET A 303 -7.64 -9.19 -37.07
N LEU A 304 -6.97 -8.79 -35.99
CA LEU A 304 -7.25 -9.38 -34.68
C LEU A 304 -8.70 -9.22 -34.22
N PRO A 305 -9.35 -8.05 -34.34
CA PRO A 305 -10.72 -7.95 -33.81
C PRO A 305 -11.71 -8.89 -34.47
N TYR A 306 -11.49 -9.23 -35.74
CA TYR A 306 -12.42 -10.10 -36.46
C TYR A 306 -12.37 -11.55 -35.98
N VAL A 307 -11.43 -11.90 -35.11
CA VAL A 307 -11.56 -13.16 -34.40
C VAL A 307 -12.66 -13.06 -33.35
N PHE A 308 -13.00 -11.86 -32.91
CA PHE A 308 -13.87 -11.67 -31.77
C PHE A 308 -15.23 -11.18 -32.23
N SER A 309 -16.17 -12.12 -32.34
CA SER A 309 -17.58 -11.85 -32.61
C SER A 309 -18.35 -12.99 -31.95
N ASP A 310 -18.80 -12.75 -30.72
CA ASP A 310 -19.36 -13.85 -29.94
C ASP A 310 -20.85 -14.04 -30.17
N ALA A 311 -21.57 -12.98 -30.57
CA ALA A 311 -23.03 -13.02 -30.69
C ALA A 311 -23.68 -13.48 -29.39
N SER A 312 -23.16 -12.97 -28.27
CA SER A 312 -23.65 -13.27 -26.92
C SER A 312 -23.20 -12.15 -25.99
N ALA A 313 -23.38 -12.37 -24.69
CA ALA A 313 -23.19 -11.30 -23.71
C ALA A 313 -21.73 -10.87 -23.60
N SER A 314 -20.83 -11.83 -23.35
CA SER A 314 -19.36 -11.65 -23.38
C SER A 314 -18.96 -10.54 -22.41
N LEU A 315 -18.09 -9.62 -22.81
CA LEU A 315 -17.66 -8.49 -21.99
C LEU A 315 -17.25 -7.38 -22.96
N ASN A 316 -16.72 -6.29 -22.41
CA ASN A 316 -16.10 -5.22 -23.20
C ASN A 316 -14.59 -5.47 -23.20
N LEU A 317 -14.14 -6.30 -24.14
CA LEU A 317 -12.73 -6.56 -24.43
C LEU A 317 -12.15 -5.58 -25.44
N GLY A 318 -12.92 -4.57 -25.85
CA GLY A 318 -12.48 -3.68 -26.91
C GLY A 318 -11.16 -3.00 -26.60
N PHE A 319 -10.91 -2.73 -25.32
CA PHE A 319 -9.62 -2.18 -24.92
C PHE A 319 -8.52 -3.19 -25.17
N VAL A 320 -8.65 -4.39 -24.60
CA VAL A 320 -7.65 -5.44 -24.77
C VAL A 320 -7.36 -5.66 -26.24
N ILE A 321 -8.41 -5.89 -27.03
CA ILE A 321 -8.22 -6.20 -28.43
C ILE A 321 -7.59 -5.03 -29.16
N GLY A 322 -8.06 -3.81 -28.86
CA GLY A 322 -7.50 -2.64 -29.51
C GLY A 322 -6.04 -2.44 -29.19
N ASN A 323 -5.64 -2.73 -27.96
CA ASN A 323 -4.24 -2.55 -27.55
C ASN A 323 -3.33 -3.56 -28.22
N ILE A 324 -3.67 -4.85 -28.14
CA ILE A 324 -2.85 -5.89 -28.76
C ILE A 324 -2.85 -5.76 -30.28
N GLU A 325 -3.97 -5.32 -30.88
CA GLU A 325 -3.98 -5.03 -32.30
C GLU A 325 -2.90 -4.03 -32.65
N GLU A 326 -2.82 -2.93 -31.90
CA GLU A 326 -1.82 -1.90 -32.17
C GLU A 326 -0.42 -2.40 -31.88
N LYS A 327 -0.25 -3.21 -30.84
CA LYS A 327 1.07 -3.75 -30.53
C LYS A 327 1.55 -4.67 -31.65
N LEU A 328 0.68 -5.57 -32.11
CA LEU A 328 1.04 -6.41 -33.25
C LEU A 328 1.29 -5.58 -34.51
N PHE A 329 0.49 -4.51 -34.72
CA PHE A 329 0.65 -3.70 -35.93
C PHE A 329 2.03 -3.06 -35.98
N ARG A 330 2.46 -2.45 -34.87
CA ARG A 330 3.79 -1.85 -34.84
C ARG A 330 4.87 -2.91 -34.91
N LEU A 331 4.62 -4.08 -34.30
CA LEU A 331 5.54 -5.20 -34.44
C LEU A 331 5.72 -5.59 -35.90
N ALA A 332 4.61 -5.71 -36.65
CA ALA A 332 4.70 -6.14 -38.04
C ALA A 332 5.36 -5.09 -38.91
N ALA A 333 5.08 -3.80 -38.63
CA ALA A 333 5.78 -2.73 -39.33
C ALA A 333 7.27 -2.75 -39.03
N ALA A 334 7.65 -3.26 -37.85
CA ALA A 334 9.05 -3.36 -37.48
C ALA A 334 9.74 -4.53 -38.18
N GLN A 335 8.99 -5.49 -38.69
CA GLN A 335 9.58 -6.63 -39.39
C GLN A 335 10.32 -6.16 -40.63
N THR A 336 11.60 -6.52 -40.72
CA THR A 336 12.37 -6.25 -41.94
C THR A 336 12.45 -7.45 -42.86
N GLY A 337 12.29 -8.66 -42.33
CA GLY A 337 12.41 -9.85 -43.14
C GLY A 337 11.29 -10.03 -44.14
N LYS A 338 11.61 -10.75 -45.20
CA LYS A 338 10.67 -11.08 -46.27
C LYS A 338 9.69 -12.18 -45.89
N GLY A 339 9.92 -12.87 -44.77
CA GLY A 339 9.09 -14.01 -44.44
C GLY A 339 7.66 -13.64 -44.11
N THR A 340 6.80 -14.65 -44.12
CA THR A 340 5.39 -14.47 -43.82
C THR A 340 5.08 -14.56 -42.32
N GLY A 341 6.03 -15.03 -41.53
CA GLY A 341 5.84 -15.06 -40.09
C GLY A 341 6.24 -13.75 -39.44
N LEU A 342 5.96 -13.69 -38.14
CA LEU A 342 6.30 -12.54 -37.31
C LEU A 342 7.47 -12.90 -36.40
N ILE A 343 8.57 -12.19 -36.56
CA ILE A 343 9.77 -12.41 -35.77
C ILE A 343 9.70 -11.52 -34.54
N VAL A 344 9.64 -12.13 -33.36
CA VAL A 344 9.66 -11.40 -32.10
C VAL A 344 10.94 -11.78 -31.37
N HIS A 345 11.61 -10.79 -30.79
CA HIS A 345 12.88 -11.03 -30.12
C HIS A 345 12.76 -11.06 -28.60
N ASP A 346 11.62 -10.68 -28.04
CA ASP A 346 11.46 -10.54 -26.60
C ASP A 346 10.77 -11.73 -25.96
N TRP A 347 10.79 -12.90 -26.60
CA TRP A 347 10.16 -14.10 -26.06
C TRP A 347 11.22 -15.01 -25.44
N GLN A 348 11.32 -14.98 -24.12
CA GLN A 348 12.12 -15.92 -23.35
C GLN A 348 11.17 -16.78 -22.53
N PHE A 349 11.39 -18.09 -22.53
CA PHE A 349 10.49 -19.03 -21.86
C PHE A 349 11.29 -20.11 -21.14
N GLU A 350 11.76 -19.77 -19.93
CA GLU A 350 12.38 -20.77 -19.07
C GLU A 350 11.41 -21.90 -18.75
N ASP A 351 10.19 -21.56 -18.35
CA ASP A 351 9.18 -22.57 -18.00
C ASP A 351 7.81 -21.99 -18.34
N SER A 352 7.62 -21.60 -19.61
CA SER A 352 6.30 -21.22 -20.11
C SER A 352 5.64 -22.40 -20.81
N GLU A 353 6.17 -23.61 -20.58
CA GLU A 353 5.54 -24.88 -20.95
C GLU A 353 5.48 -25.11 -22.45
N THR A 354 6.13 -24.24 -23.26
CA THR A 354 6.18 -24.60 -24.68
C THR A 354 7.46 -25.35 -25.00
N PRO A 355 7.45 -26.24 -25.99
CA PRO A 355 8.64 -27.04 -26.28
C PRO A 355 9.56 -26.34 -27.26
N PRO A 356 10.87 -26.64 -27.22
CA PRO A 356 11.81 -25.89 -28.06
C PRO A 356 12.13 -26.50 -29.41
N GLU A 357 11.51 -27.64 -29.77
CA GLU A 357 11.90 -28.34 -30.99
C GLU A 357 11.75 -27.46 -32.22
N ASN A 358 10.54 -26.93 -32.43
CA ASN A 358 10.07 -26.57 -33.76
C ASN A 358 10.16 -25.08 -34.09
N LEU A 359 10.35 -24.23 -33.08
CA LEU A 359 10.45 -22.81 -33.35
C LEU A 359 11.60 -22.53 -34.30
N ASP A 360 11.30 -21.96 -35.46
CA ASP A 360 12.37 -21.47 -36.31
C ASP A 360 13.03 -20.28 -35.62
N PHE A 361 14.35 -20.36 -35.45
CA PHE A 361 15.12 -19.35 -34.75
C PHE A 361 15.85 -18.47 -35.76
N SER A 362 15.70 -17.16 -35.59
CA SER A 362 16.21 -16.18 -36.54
C SER A 362 17.74 -16.14 -36.51
N GLU A 363 18.31 -15.54 -37.57
CA GLU A 363 19.75 -15.29 -37.58
C GLU A 363 20.15 -14.37 -36.44
N LEU A 364 19.29 -13.39 -36.11
CA LEU A 364 19.56 -12.42 -35.06
C LEU A 364 19.07 -12.90 -33.70
N GLY A 365 18.87 -14.21 -33.53
CA GLY A 365 18.47 -14.75 -32.24
C GLY A 365 17.01 -14.60 -31.92
N GLY A 366 16.21 -14.04 -32.83
CA GLY A 366 14.79 -13.91 -32.59
C GLY A 366 14.02 -15.18 -32.90
N VAL A 367 12.83 -15.27 -32.32
CA VAL A 367 11.92 -16.38 -32.61
C VAL A 367 10.96 -15.93 -33.70
N ASN A 368 10.82 -16.76 -34.74
CA ASN A 368 9.94 -16.47 -35.86
C ASN A 368 8.65 -17.27 -35.69
N LEU A 369 7.54 -16.56 -35.48
CA LEU A 369 6.25 -17.21 -35.26
C LEU A 369 5.69 -17.71 -36.59
N GLN A 370 5.41 -19.01 -36.69
CA GLN A 370 4.97 -19.58 -37.95
C GLN A 370 3.57 -20.17 -37.92
N THR A 371 2.98 -20.40 -36.76
CA THR A 371 1.63 -20.92 -36.68
C THR A 371 0.80 -20.06 -35.74
N PHE A 372 -0.52 -20.14 -35.93
CA PHE A 372 -1.46 -19.40 -35.09
C PHE A 372 -1.33 -19.79 -33.61
N GLU A 373 -0.97 -21.05 -33.32
CA GLU A 373 -0.75 -21.46 -31.94
C GLU A 373 0.39 -20.65 -31.32
N GLN A 374 1.51 -20.53 -32.04
CA GLN A 374 2.64 -19.76 -31.53
C GLN A 374 2.26 -18.29 -31.31
N LEU A 375 1.51 -17.71 -32.23
CA LEU A 375 1.08 -16.33 -32.07
C LEU A 375 0.24 -16.15 -30.82
N ILE A 376 -0.54 -17.17 -30.46
CA ILE A 376 -1.37 -17.06 -29.27
C ILE A 376 -0.53 -17.32 -28.02
N SER A 377 0.42 -18.26 -28.11
CA SER A 377 1.33 -18.47 -26.99
C SER A 377 2.14 -17.20 -26.69
N TYR A 378 2.73 -16.58 -27.72
CA TYR A 378 3.44 -15.33 -27.50
C TYR A 378 2.55 -14.28 -26.87
N LEU A 379 1.27 -14.26 -27.26
CA LEU A 379 0.32 -13.36 -26.60
C LEU A 379 0.10 -13.76 -25.15
N GLU A 380 0.25 -15.05 -24.85
CA GLU A 380 0.06 -15.51 -23.47
C GLU A 380 1.25 -15.12 -22.59
N TYR A 381 2.47 -15.26 -23.13
CA TYR A 381 3.66 -14.86 -22.37
C TYR A 381 3.63 -13.37 -22.09
N LYS A 382 3.39 -12.55 -23.11
CA LYS A 382 3.41 -11.11 -22.90
C LYS A 382 2.30 -10.66 -21.96
N LEU A 383 1.19 -11.39 -21.91
CA LEU A 383 0.04 -10.95 -21.13
C LEU A 383 -0.05 -11.61 -19.76
N LEU A 384 0.46 -12.83 -19.60
CA LEU A 384 0.24 -13.57 -18.37
C LEU A 384 1.48 -14.25 -17.80
N GLU A 385 2.69 -14.00 -18.33
CA GLU A 385 3.90 -14.61 -17.77
C GLU A 385 5.15 -13.73 -17.81
N GLU A 386 5.14 -12.57 -18.49
CA GLU A 386 6.37 -11.89 -18.86
C GLU A 386 7.25 -11.60 -17.64
N ARG A 387 6.56 -11.34 -16.54
CA ARG A 387 7.25 -11.02 -15.28
C ARG A 387 6.67 -11.88 -14.15
N GLU A 388 6.94 -13.18 -14.18
CA GLU A 388 6.49 -14.13 -13.13
C GLU A 388 4.95 -14.14 -13.02
N GLY A 389 4.27 -14.06 -14.16
CA GLY A 389 2.81 -14.18 -14.21
C GLY A 389 2.06 -12.87 -14.11
N GLU A 390 2.71 -11.76 -13.79
CA GLU A 390 1.89 -10.54 -13.71
C GLU A 390 1.81 -9.95 -15.11
N GLY A 391 2.66 -10.43 -16.01
CA GLY A 391 2.60 -10.04 -17.40
C GLY A 391 3.42 -8.81 -17.73
N ASP A 392 3.61 -8.62 -19.03
CA ASP A 392 4.33 -7.45 -19.54
C ASP A 392 3.45 -6.21 -19.37
N PRO A 393 3.85 -5.25 -18.54
CA PRO A 393 3.03 -4.04 -18.35
C PRO A 393 2.73 -3.28 -19.62
N LYS A 394 3.59 -3.33 -20.63
CA LYS A 394 3.34 -2.57 -21.85
C LYS A 394 2.33 -3.28 -22.76
N TRP A 395 2.15 -4.59 -22.57
CA TRP A 395 1.15 -5.33 -23.33
C TRP A 395 -0.20 -5.37 -22.62
N VAL A 396 -0.23 -5.58 -21.31
CA VAL A 396 -1.49 -5.50 -20.56
C VAL A 396 -1.53 -4.12 -19.92
N LEU A 397 -2.24 -3.20 -20.57
CA LEU A 397 -2.26 -1.84 -20.05
C LEU A 397 -3.17 -1.85 -18.82
N LYS A 398 -2.68 -2.43 -17.71
CA LYS A 398 -3.43 -2.54 -16.44
C LYS A 398 -4.80 -3.27 -16.57
N GLN A 399 -4.90 -4.11 -17.60
CA GLN A 399 -6.18 -4.75 -17.89
C GLN A 399 -6.29 -5.88 -16.85
N SER A 400 -7.54 -6.21 -16.51
CA SER A 400 -7.78 -7.24 -15.51
C SER A 400 -7.19 -8.57 -15.97
N PRO A 401 -6.64 -9.35 -15.04
CA PRO A 401 -6.16 -10.70 -15.41
C PRO A 401 -7.27 -11.59 -15.93
N GLY A 402 -8.47 -11.49 -15.33
CA GLY A 402 -9.59 -12.25 -15.84
C GLY A 402 -9.93 -11.88 -17.27
N THR A 403 -9.99 -10.57 -17.54
CA THR A 403 -10.25 -10.10 -18.90
C THR A 403 -9.22 -10.66 -19.87
N LEU A 404 -7.97 -10.77 -19.44
CA LEU A 404 -6.94 -11.28 -20.33
C LEU A 404 -7.19 -12.74 -20.65
N ARG A 405 -7.57 -13.53 -19.64
CA ARG A 405 -7.69 -14.96 -19.85
C ARG A 405 -8.89 -15.28 -20.72
N ALA A 406 -10.01 -14.56 -20.54
CA ALA A 406 -11.13 -14.63 -21.46
C ALA A 406 -10.67 -14.44 -22.91
N PHE A 407 -10.07 -13.28 -23.20
CA PHE A 407 -9.47 -12.99 -24.51
C PHE A 407 -8.60 -14.14 -24.99
N THR A 408 -7.65 -14.57 -24.16
CA THR A 408 -6.77 -15.66 -24.55
C THR A 408 -7.53 -16.94 -24.78
N ARG A 409 -8.50 -17.23 -23.92
CA ARG A 409 -9.22 -18.51 -24.02
C ARG A 409 -10.09 -18.57 -25.27
N ARG A 410 -10.66 -17.44 -25.70
CA ARG A 410 -11.43 -17.41 -26.94
C ARG A 410 -10.53 -17.56 -28.16
N LEU A 411 -9.34 -16.96 -28.12
CA LEU A 411 -8.35 -17.20 -29.16
C LEU A 411 -7.97 -18.67 -29.20
N ARG A 412 -7.77 -19.29 -28.03
CA ARG A 412 -7.49 -20.73 -28.00
C ARG A 412 -8.65 -21.52 -28.58
N GLY A 413 -9.88 -21.11 -28.30
CA GLY A 413 -11.03 -21.88 -28.72
C GLY A 413 -11.12 -22.01 -30.23
N VAL A 414 -10.69 -20.98 -30.94
CA VAL A 414 -10.84 -20.90 -32.39
C VAL A 414 -9.55 -21.22 -33.14
N GLN A 415 -8.41 -21.26 -32.45
CA GLN A 415 -7.16 -21.49 -33.16
C GLN A 415 -7.09 -22.91 -33.73
N LYS A 416 -7.67 -23.90 -33.03
CA LYS A 416 -7.75 -25.24 -33.63
C LYS A 416 -8.55 -25.20 -34.94
N TYR A 417 -9.52 -24.29 -35.03
CA TYR A 417 -10.36 -24.22 -36.22
C TYR A 417 -9.77 -23.26 -37.26
N LEU A 418 -9.16 -22.16 -36.82
CA LEU A 418 -8.61 -21.14 -37.71
C LEU A 418 -7.15 -21.37 -38.10
N SER A 419 -6.44 -22.28 -37.41
CA SER A 419 -5.00 -22.42 -37.64
C SER A 419 -4.64 -22.72 -39.08
N PRO A 420 -5.29 -23.65 -39.79
CA PRO A 420 -4.91 -23.88 -41.18
C PRO A 420 -5.04 -22.66 -42.06
N LEU A 421 -5.94 -21.73 -41.73
CA LEU A 421 -6.18 -20.56 -42.57
C LEU A 421 -5.06 -19.53 -42.44
N ILE A 422 -4.57 -19.31 -41.23
CA ILE A 422 -3.56 -18.29 -40.96
C ILE A 422 -2.23 -19.00 -40.79
N ARG A 423 -1.36 -18.89 -41.78
CA ARG A 423 -0.12 -19.65 -41.83
C ARG A 423 1.07 -18.71 -41.91
N GLY A 424 2.02 -18.90 -41.02
CA GLY A 424 3.25 -18.14 -41.07
C GLY A 424 4.40 -18.97 -41.62
N ASP A 425 4.17 -20.28 -41.80
CA ASP A 425 5.20 -21.17 -42.32
C ASP A 425 5.31 -21.12 -43.83
N LEU A 426 4.35 -20.50 -44.50
CA LEU A 426 4.40 -20.43 -45.95
C LEU A 426 5.50 -19.47 -46.40
N THR A 427 5.96 -19.68 -47.62
CA THR A 427 6.95 -18.83 -48.26
C THR A 427 6.25 -17.66 -48.94
N PRO A 428 7.00 -16.62 -49.32
CA PRO A 428 6.33 -15.40 -49.84
C PRO A 428 5.57 -15.61 -51.14
N GLU A 429 6.06 -16.46 -52.04
CA GLU A 429 5.35 -16.65 -53.30
C GLU A 429 4.05 -17.42 -53.10
N GLN A 430 4.09 -18.49 -52.31
CA GLN A 430 2.86 -19.21 -51.97
C GLN A 430 1.83 -18.27 -51.35
N ALA A 431 2.29 -17.31 -50.55
CA ALA A 431 1.39 -16.41 -49.85
C ALA A 431 0.75 -15.41 -50.81
N GLU A 432 1.53 -14.88 -51.74
CA GLU A 432 0.98 -13.97 -52.74
C GLU A 432 0.05 -14.69 -53.69
N GLY A 433 0.31 -15.97 -53.98
CA GLY A 433 -0.53 -16.70 -54.91
C GLY A 433 -1.86 -17.11 -54.29
N TYR A 434 -1.82 -17.52 -53.01
CA TYR A 434 -3.00 -18.02 -52.31
C TYR A 434 -3.77 -16.90 -51.60
N ARG A 435 -3.33 -15.67 -51.69
CA ARG A 435 -3.98 -14.59 -50.95
C ARG A 435 -5.38 -14.36 -51.49
N PRO A 436 -6.39 -14.25 -50.62
CA PRO A 436 -7.77 -14.10 -51.09
C PRO A 436 -8.02 -12.70 -51.61
N ASP A 437 -8.28 -12.58 -52.91
CA ASP A 437 -8.67 -11.31 -53.53
C ASP A 437 -10.04 -11.45 -54.16
N PRO A 438 -11.11 -10.99 -53.49
CA PRO A 438 -12.43 -11.00 -54.11
C PRO A 438 -12.56 -10.05 -55.29
N LEU A 439 -11.54 -9.22 -55.54
CA LEU A 439 -11.58 -8.21 -56.59
C LEU A 439 -10.56 -8.49 -57.68
N ARG A 440 -10.15 -9.74 -57.86
CA ARG A 440 -9.09 -10.06 -58.81
C ARG A 440 -9.53 -9.68 -60.21
N ARG A 441 -8.57 -9.13 -60.97
CA ARG A 441 -8.85 -8.69 -62.32
C ARG A 441 -9.32 -9.87 -63.17
N GLY A 442 -10.40 -9.66 -63.92
CA GLY A 442 -10.89 -10.66 -64.83
C GLY A 442 -11.84 -11.65 -64.21
N ILE A 443 -12.20 -11.48 -62.95
CA ILE A 443 -13.11 -12.35 -62.24
C ILE A 443 -14.38 -11.57 -61.97
N GLN A 444 -15.54 -12.20 -62.19
CA GLN A 444 -16.80 -11.51 -61.98
C GLN A 444 -17.52 -11.94 -60.70
N LEU A 445 -17.43 -13.22 -60.34
CA LEU A 445 -18.11 -13.77 -59.18
C LEU A 445 -17.13 -14.63 -58.40
N THR A 446 -16.94 -14.31 -57.12
CA THR A 446 -15.97 -14.99 -56.27
C THR A 446 -16.74 -15.72 -55.17
N VAL A 447 -16.53 -17.02 -55.06
CA VAL A 447 -17.20 -17.87 -54.07
C VAL A 447 -16.16 -18.29 -53.04
N VAL A 448 -16.41 -17.97 -51.77
CA VAL A 448 -15.52 -18.34 -50.67
C VAL A 448 -16.16 -19.49 -49.92
N ASP A 449 -15.50 -20.65 -49.95
CA ASP A 449 -16.03 -21.87 -49.34
C ASP A 449 -15.65 -21.88 -47.85
N ILE A 450 -16.58 -21.47 -47.00
CA ILE A 450 -16.35 -21.49 -45.56
C ILE A 450 -17.19 -22.58 -44.89
N HIS A 451 -17.70 -23.53 -45.68
CA HIS A 451 -18.63 -24.52 -45.15
C HIS A 451 -17.95 -25.43 -44.13
N ALA A 452 -16.70 -25.80 -44.37
CA ALA A 452 -15.98 -26.67 -43.45
C ALA A 452 -15.40 -25.92 -42.26
N LEU A 453 -15.41 -24.60 -42.28
CA LEU A 453 -14.95 -23.83 -41.14
C LEU A 453 -15.97 -23.86 -40.02
N SER A 454 -15.50 -23.49 -38.82
CA SER A 454 -16.35 -23.45 -37.64
C SER A 454 -17.22 -22.20 -37.66
N ALA A 455 -18.21 -22.18 -36.75
CA ALA A 455 -19.07 -21.02 -36.63
C ALA A 455 -18.28 -19.76 -36.31
N HIS A 456 -17.08 -19.90 -35.76
CA HIS A 456 -16.21 -18.76 -35.49
C HIS A 456 -15.31 -18.46 -36.67
N ALA A 457 -14.65 -19.49 -37.22
CA ALA A 457 -13.79 -19.30 -38.37
C ALA A 457 -14.58 -18.69 -39.53
N GLN A 458 -15.81 -19.16 -39.76
CA GLN A 458 -16.66 -18.55 -40.76
C GLN A 458 -16.79 -17.03 -40.71
N MET A 459 -17.22 -16.50 -39.57
CA MET A 459 -17.36 -15.05 -39.45
C MET A 459 -16.02 -14.28 -39.35
N PHE A 460 -14.95 -15.04 -39.12
CA PHE A 460 -13.62 -14.44 -39.13
C PHE A 460 -13.38 -14.12 -40.59
N VAL A 461 -13.34 -15.16 -41.44
CA VAL A 461 -13.06 -14.98 -42.86
C VAL A 461 -14.03 -13.98 -43.49
N VAL A 462 -15.32 -14.09 -43.18
CA VAL A 462 -16.30 -13.12 -43.68
C VAL A 462 -15.93 -11.72 -43.21
N GLY A 463 -15.48 -11.60 -41.97
CA GLY A 463 -15.19 -10.27 -41.41
C GLY A 463 -14.09 -9.56 -42.15
N VAL A 464 -12.91 -10.19 -42.27
CA VAL A 464 -11.77 -9.50 -42.88
C VAL A 464 -11.97 -9.33 -44.38
N LEU A 465 -12.68 -10.26 -45.03
CA LEU A 465 -12.86 -10.15 -46.48
C LEU A 465 -13.79 -9.00 -46.83
N LEU A 466 -14.92 -8.88 -46.12
CA LEU A 466 -15.80 -7.73 -46.29
C LEU A 466 -15.06 -6.44 -45.94
N ARG A 467 -14.32 -6.43 -44.83
CA ARG A 467 -13.58 -5.23 -44.47
C ARG A 467 -12.54 -4.90 -45.54
N GLU A 468 -11.89 -5.91 -46.10
CA GLU A 468 -10.84 -5.67 -47.09
C GLU A 468 -11.40 -4.98 -48.33
N VAL A 469 -12.55 -5.47 -48.81
CA VAL A 469 -13.21 -4.83 -49.94
C VAL A 469 -13.64 -3.41 -49.59
N PHE A 470 -14.25 -3.23 -48.42
CA PHE A 470 -14.72 -1.91 -48.02
C PHE A 470 -13.56 -0.93 -47.89
N GLU A 471 -12.49 -1.34 -47.19
CA GLU A 471 -11.30 -0.52 -47.11
C GLU A 471 -10.82 -0.15 -48.52
N TYR A 472 -10.90 -1.11 -49.44
CA TYR A 472 -10.48 -0.87 -50.83
C TYR A 472 -11.34 0.19 -51.49
N LYS A 473 -12.64 0.20 -51.20
CA LYS A 473 -13.51 1.17 -51.84
C LYS A 473 -13.34 2.56 -51.24
N GLU A 474 -13.20 2.64 -49.92
CA GLU A 474 -12.83 3.91 -49.30
C GLU A 474 -11.60 4.50 -49.97
N ARG A 475 -10.58 3.67 -50.17
CA ARG A 475 -9.29 4.16 -50.65
C ARG A 475 -9.34 4.56 -52.11
N VAL A 476 -10.06 3.80 -52.94
CA VAL A 476 -9.94 3.91 -54.38
C VAL A 476 -11.10 4.69 -54.98
N GLY A 477 -12.30 4.44 -54.51
CA GLY A 477 -13.45 5.17 -55.00
C GLY A 477 -14.51 4.27 -55.60
N ARG A 478 -15.43 4.90 -56.32
CA ARG A 478 -16.74 4.30 -56.56
C ARG A 478 -17.11 4.32 -58.04
N GLN A 479 -16.33 3.66 -58.89
CA GLN A 479 -16.74 3.48 -60.28
C GLN A 479 -16.74 2.01 -60.68
N ASP A 480 -16.82 1.12 -59.68
CA ASP A 480 -16.98 -0.31 -59.87
C ASP A 480 -17.94 -0.80 -58.80
N THR A 481 -19.06 -1.39 -59.20
CA THR A 481 -20.02 -1.90 -58.24
C THR A 481 -19.63 -3.31 -57.84
N VAL A 482 -19.63 -3.58 -56.54
CA VAL A 482 -19.30 -4.89 -55.99
C VAL A 482 -20.52 -5.38 -55.24
N PHE A 483 -20.93 -6.60 -55.51
CA PHE A 483 -22.13 -7.18 -54.92
C PHE A 483 -21.75 -8.22 -53.89
N VAL A 484 -22.27 -8.07 -52.67
CA VAL A 484 -22.04 -9.01 -51.59
C VAL A 484 -23.35 -9.72 -51.31
N VAL A 485 -23.39 -11.02 -51.56
CA VAL A 485 -24.60 -11.82 -51.38
C VAL A 485 -24.39 -12.65 -50.12
N LEU A 486 -25.22 -12.42 -49.11
CA LEU A 486 -24.98 -12.89 -47.76
C LEU A 486 -26.26 -13.50 -47.19
N ASP A 487 -26.27 -14.81 -47.03
CA ASP A 487 -27.39 -15.50 -46.39
C ASP A 487 -27.22 -15.42 -44.87
N GLU A 488 -28.30 -15.72 -44.12
CA GLU A 488 -28.29 -15.69 -42.64
C GLU A 488 -27.77 -14.35 -42.12
N LEU A 489 -28.44 -13.25 -42.44
CA LEU A 489 -27.99 -11.91 -41.96
C LEU A 489 -28.08 -11.81 -40.44
N ASN A 490 -29.03 -12.49 -39.81
CA ASN A 490 -29.19 -12.33 -38.34
C ASN A 490 -27.89 -12.70 -37.63
N LYS A 491 -27.24 -13.80 -38.00
CA LYS A 491 -26.00 -14.13 -37.26
C LYS A 491 -24.96 -13.04 -37.52
N TYR A 492 -24.82 -12.60 -38.78
CA TYR A 492 -23.82 -11.56 -39.11
C TYR A 492 -24.20 -10.21 -38.48
N ALA A 493 -25.48 -9.84 -38.51
CA ALA A 493 -25.92 -8.52 -37.97
C ALA A 493 -27.10 -8.71 -37.01
N PRO A 494 -26.90 -9.21 -35.78
CA PRO A 494 -27.97 -9.43 -34.82
C PRO A 494 -28.63 -8.12 -34.38
N ARG A 495 -29.91 -8.20 -34.02
CA ARG A 495 -30.70 -6.99 -33.66
C ARG A 495 -30.10 -6.28 -32.45
N GLU A 496 -29.71 -6.99 -31.40
CA GLU A 496 -29.21 -6.26 -30.21
C GLU A 496 -27.72 -6.51 -29.98
N GLY A 497 -27.18 -7.63 -30.43
CA GLY A 497 -25.74 -7.86 -30.25
C GLY A 497 -24.90 -6.83 -30.98
N ASP A 498 -23.76 -6.42 -30.42
CA ASP A 498 -22.87 -5.45 -31.11
C ASP A 498 -21.54 -6.13 -31.41
N SER A 499 -21.06 -6.08 -32.67
CA SER A 499 -19.82 -6.80 -33.03
C SER A 499 -19.07 -6.15 -34.20
N PRO A 500 -17.76 -6.41 -34.39
CA PRO A 500 -16.99 -5.84 -35.49
C PRO A 500 -17.50 -6.29 -36.87
N ILE A 501 -17.86 -7.55 -37.05
CA ILE A 501 -18.38 -7.98 -38.37
C ILE A 501 -19.69 -7.23 -38.63
N LYS A 502 -20.54 -7.13 -37.61
CA LYS A 502 -21.78 -6.36 -37.76
C LYS A 502 -21.38 -4.93 -38.14
N ASP A 503 -20.36 -4.39 -37.46
CA ASP A 503 -19.91 -3.01 -37.73
C ASP A 503 -19.57 -2.87 -39.22
N VAL A 504 -18.85 -3.82 -39.82
CA VAL A 504 -18.53 -3.66 -41.27
C VAL A 504 -19.82 -3.69 -42.08
N LEU A 505 -20.78 -4.55 -41.72
CA LEU A 505 -22.05 -4.59 -42.47
C LEU A 505 -22.77 -3.26 -42.28
N LEU A 506 -22.73 -2.71 -41.07
CA LEU A 506 -23.34 -1.39 -40.83
C LEU A 506 -22.66 -0.40 -41.76
N ASP A 507 -21.37 -0.62 -42.04
CA ASP A 507 -20.68 0.33 -42.92
C ASP A 507 -21.15 0.17 -44.36
N ILE A 508 -21.37 -1.07 -44.80
CA ILE A 508 -21.81 -1.30 -46.17
C ILE A 508 -23.23 -0.82 -46.38
N ALA A 509 -24.11 -1.03 -45.39
CA ALA A 509 -25.50 -0.58 -45.52
C ALA A 509 -25.59 0.94 -45.53
N GLU A 510 -24.95 1.60 -44.55
CA GLU A 510 -25.10 3.03 -44.37
C GLU A 510 -24.26 3.84 -45.35
N ARG A 511 -23.07 3.35 -45.71
CA ARG A 511 -22.14 4.10 -46.55
C ARG A 511 -21.88 3.46 -47.90
N GLY A 512 -22.30 2.21 -48.11
CA GLY A 512 -21.95 1.50 -49.34
C GLY A 512 -22.64 2.02 -50.58
N ARG A 513 -23.76 2.75 -50.42
CA ARG A 513 -24.43 3.32 -51.58
C ARG A 513 -23.48 4.23 -52.36
N SER A 514 -22.91 5.22 -51.68
CA SER A 514 -21.97 6.14 -52.32
C SER A 514 -20.55 5.60 -52.40
N LEU A 515 -20.32 4.38 -51.91
CA LEU A 515 -19.02 3.75 -52.02
C LEU A 515 -18.98 2.68 -53.11
N GLY A 516 -20.15 2.17 -53.51
CA GLY A 516 -20.21 1.19 -54.58
C GLY A 516 -20.28 -0.25 -54.13
N ILE A 517 -20.61 -0.51 -52.87
CA ILE A 517 -20.78 -1.87 -52.35
C ILE A 517 -22.26 -2.07 -52.08
N ILE A 518 -22.85 -3.06 -52.75
CA ILE A 518 -24.27 -3.33 -52.66
C ILE A 518 -24.45 -4.66 -51.95
N LEU A 519 -25.33 -4.68 -50.95
CA LEU A 519 -25.64 -5.89 -50.19
C LEU A 519 -26.94 -6.47 -50.70
N ILE A 520 -26.90 -7.72 -51.14
CA ILE A 520 -28.09 -8.52 -51.38
C ILE A 520 -28.13 -9.54 -50.26
N GLY A 521 -28.88 -9.23 -49.19
CA GLY A 521 -28.86 -10.00 -47.97
C GLY A 521 -30.16 -10.76 -47.77
N ALA A 522 -30.07 -11.86 -47.02
CA ALA A 522 -31.22 -12.71 -46.80
C ALA A 522 -31.19 -13.26 -45.38
N GLN A 523 -32.38 -13.35 -44.79
CA GLN A 523 -32.56 -13.93 -43.46
C GLN A 523 -33.97 -14.46 -43.38
N GLN A 524 -34.16 -15.42 -42.46
CA GLN A 524 -35.48 -16.04 -42.34
C GLN A 524 -36.51 -15.03 -41.85
N THR A 525 -36.14 -14.18 -40.89
CA THR A 525 -37.03 -13.14 -40.38
C THR A 525 -36.23 -11.86 -40.19
N ALA A 526 -36.70 -10.78 -40.79
CA ALA A 526 -35.99 -9.51 -40.66
C ALA A 526 -36.07 -8.95 -39.24
N SER A 527 -36.97 -9.46 -38.42
CA SER A 527 -37.10 -8.97 -37.05
C SER A 527 -35.95 -9.41 -36.17
N GLU A 528 -35.20 -10.45 -36.57
CA GLU A 528 -34.01 -10.89 -35.84
C GLU A 528 -32.73 -10.24 -36.33
N VAL A 529 -32.82 -9.26 -37.23
CA VAL A 529 -31.65 -8.61 -37.83
C VAL A 529 -31.62 -7.15 -37.38
N GLU A 530 -30.42 -6.58 -37.35
CA GLU A 530 -30.24 -5.19 -36.95
C GLU A 530 -31.14 -4.29 -37.76
N ARG A 531 -31.84 -3.38 -37.06
CA ARG A 531 -32.79 -2.48 -37.72
C ARG A 531 -32.12 -1.66 -38.81
N ARG A 532 -30.85 -1.28 -38.61
CA ARG A 532 -30.21 -0.36 -39.54
C ARG A 532 -29.78 -1.05 -40.84
N ILE A 533 -29.61 -2.37 -40.80
CA ILE A 533 -29.35 -3.10 -42.04
C ILE A 533 -30.63 -3.27 -42.83
N VAL A 534 -31.69 -3.76 -42.17
CA VAL A 534 -32.96 -3.96 -42.87
C VAL A 534 -33.51 -2.62 -43.36
N SER A 535 -33.30 -1.55 -42.59
CA SER A 535 -33.89 -0.27 -42.94
C SER A 535 -33.28 0.32 -44.21
N ASN A 536 -32.01 0.04 -44.47
CA ASN A 536 -31.29 0.66 -45.58
C ASN A 536 -31.42 -0.09 -46.89
N ALA A 537 -32.35 -1.04 -46.98
CA ALA A 537 -32.58 -1.76 -48.22
C ALA A 537 -33.73 -1.08 -48.97
N ALA A 538 -33.47 -0.70 -50.22
CA ALA A 538 -34.51 -0.14 -51.07
C ALA A 538 -35.45 -1.22 -51.61
N ILE A 539 -34.92 -2.39 -51.93
CA ILE A 539 -35.71 -3.48 -52.47
C ILE A 539 -35.94 -4.49 -51.36
N ARG A 540 -37.20 -4.79 -51.09
CA ARG A 540 -37.56 -5.83 -50.12
C ARG A 540 -38.28 -6.95 -50.86
N VAL A 541 -37.77 -8.16 -50.73
CA VAL A 541 -38.36 -9.33 -51.35
C VAL A 541 -38.79 -10.28 -50.24
N VAL A 542 -39.94 -10.92 -50.44
CA VAL A 542 -40.52 -11.81 -49.43
C VAL A 542 -40.86 -13.13 -50.11
N GLY A 543 -40.27 -14.22 -49.61
CA GLY A 543 -40.68 -15.56 -49.97
C GLY A 543 -41.74 -16.05 -49.02
N ARG A 544 -41.92 -17.38 -48.99
CA ARG A 544 -42.93 -17.90 -48.07
C ARG A 544 -42.54 -17.55 -46.64
N LEU A 545 -43.31 -16.67 -46.01
CA LEU A 545 -43.03 -16.15 -44.69
C LEU A 545 -43.78 -16.95 -43.62
N ASP A 546 -43.24 -16.92 -42.41
CA ASP A 546 -43.88 -17.59 -41.28
C ASP A 546 -45.17 -16.86 -40.90
N LEU A 547 -46.21 -17.64 -40.61
CA LEU A 547 -47.52 -17.07 -40.31
C LEU A 547 -47.46 -16.13 -39.11
N ALA A 548 -46.54 -16.39 -38.18
CA ALA A 548 -46.40 -15.54 -37.00
C ALA A 548 -45.67 -14.24 -37.33
N GLU A 549 -44.69 -14.29 -38.23
CA GLU A 549 -43.90 -13.11 -38.56
C GLU A 549 -44.61 -12.14 -39.50
N ALA A 550 -45.60 -12.62 -40.27
CA ALA A 550 -46.23 -11.75 -41.26
C ALA A 550 -46.82 -10.50 -40.63
N GLU A 551 -47.42 -10.64 -39.45
CA GLU A 551 -48.02 -9.50 -38.78
C GLU A 551 -47.03 -8.68 -37.97
N ARG A 552 -45.78 -9.12 -37.87
CA ARG A 552 -44.77 -8.38 -37.13
C ARG A 552 -44.61 -6.97 -37.68
N PRO A 553 -44.01 -6.07 -36.88
CA PRO A 553 -43.79 -4.71 -37.38
C PRO A 553 -42.84 -4.64 -38.58
N GLU A 554 -41.96 -5.62 -38.76
CA GLU A 554 -41.00 -5.56 -39.84
C GLU A 554 -41.62 -5.87 -41.19
N TYR A 555 -42.86 -6.34 -41.23
CA TYR A 555 -43.51 -6.70 -42.49
C TYR A 555 -44.82 -5.97 -42.66
N ARG A 556 -44.90 -4.72 -42.21
CA ARG A 556 -46.08 -3.93 -42.48
C ARG A 556 -46.14 -3.47 -43.92
N PHE A 557 -45.00 -3.38 -44.61
CA PHE A 557 -45.04 -3.03 -46.02
C PHE A 557 -45.87 -4.04 -46.81
N LEU A 558 -46.19 -5.19 -46.23
CA LEU A 558 -47.19 -6.09 -46.81
C LEU A 558 -48.58 -5.67 -46.34
N PRO A 559 -49.48 -5.27 -47.24
CA PRO A 559 -50.88 -5.08 -46.85
C PRO A 559 -51.49 -6.39 -46.35
N GLN A 560 -52.52 -6.25 -45.49
CA GLN A 560 -53.13 -7.43 -44.87
C GLN A 560 -53.58 -8.44 -45.91
N SER A 561 -53.93 -7.97 -47.12
CA SER A 561 -54.27 -8.89 -48.20
C SER A 561 -53.14 -9.87 -48.48
N PHE A 562 -51.90 -9.48 -48.21
CA PHE A 562 -50.75 -10.24 -48.69
C PHE A 562 -50.21 -11.25 -47.68
N ARG A 563 -50.46 -11.05 -46.38
CA ARG A 563 -49.91 -11.96 -45.38
C ARG A 563 -50.50 -13.36 -45.52
N GLY A 564 -51.83 -13.46 -45.61
CA GLY A 564 -52.44 -14.76 -45.83
C GLY A 564 -51.95 -15.44 -47.10
N ARG A 565 -51.84 -14.66 -48.19
CA ARG A 565 -51.20 -15.19 -49.38
C ARG A 565 -49.74 -15.53 -49.11
N ALA A 566 -49.05 -14.72 -48.31
CA ALA A 566 -47.63 -14.95 -48.05
C ALA A 566 -47.37 -16.17 -47.18
N GLY A 567 -48.41 -16.76 -46.59
CA GLY A 567 -48.19 -17.94 -45.77
C GLY A 567 -48.13 -19.22 -46.59
N ILE A 568 -48.69 -19.22 -47.80
CA ILE A 568 -48.71 -20.40 -48.64
C ILE A 568 -47.91 -20.19 -49.92
N LEU A 569 -47.01 -19.21 -49.93
CA LEU A 569 -46.24 -18.90 -51.13
C LEU A 569 -45.43 -20.11 -51.60
N GLN A 570 -45.52 -20.41 -52.89
CA GLN A 570 -44.86 -21.59 -53.41
C GLN A 570 -43.38 -21.31 -53.64
N PRO A 571 -42.52 -22.32 -53.52
CA PRO A 571 -41.12 -22.15 -53.92
C PRO A 571 -41.02 -21.67 -55.36
N GLY A 572 -40.13 -20.71 -55.58
CA GLY A 572 -40.01 -20.04 -56.87
C GLY A 572 -40.87 -18.81 -56.99
N THR A 573 -41.61 -18.44 -55.95
CA THR A 573 -42.55 -17.33 -55.97
C THR A 573 -42.17 -16.35 -54.87
N MET A 574 -41.94 -15.09 -55.25
CA MET A 574 -41.53 -14.05 -54.31
C MET A 574 -42.34 -12.80 -54.55
N LEU A 575 -42.56 -12.04 -53.47
CA LEU A 575 -43.19 -10.72 -53.52
C LEU A 575 -42.10 -9.67 -53.44
N VAL A 576 -41.90 -8.92 -54.52
CA VAL A 576 -40.91 -7.85 -54.48
C VAL A 576 -41.62 -6.52 -54.29
N SER A 577 -40.98 -5.65 -53.50
CA SER A 577 -41.45 -4.29 -53.25
C SER A 577 -40.29 -3.36 -53.51
N GLN A 578 -40.51 -2.39 -54.39
CA GLN A 578 -39.49 -1.43 -54.79
C GLN A 578 -40.08 -0.02 -54.70
N PRO A 579 -39.26 0.99 -54.44
CA PRO A 579 -39.82 2.31 -54.10
C PRO A 579 -40.71 2.90 -55.18
N ASP A 580 -40.44 2.63 -56.46
CA ASP A 580 -41.22 3.25 -57.53
C ASP A 580 -42.67 2.78 -57.51
N VAL A 581 -42.90 1.52 -57.19
CA VAL A 581 -44.23 0.92 -57.20
C VAL A 581 -44.72 0.78 -55.76
N PRO A 582 -45.88 1.34 -55.41
CA PRO A 582 -46.30 1.39 -54.01
C PRO A 582 -46.90 0.11 -53.47
N ASN A 583 -46.93 -0.96 -54.25
CA ASN A 583 -47.47 -2.22 -53.78
C ASN A 583 -46.50 -3.36 -54.01
N PRO A 584 -46.49 -4.35 -53.13
CA PRO A 584 -45.82 -5.60 -53.47
C PRO A 584 -46.50 -6.24 -54.66
N VAL A 585 -45.69 -6.66 -55.64
CA VAL A 585 -46.18 -7.43 -56.77
C VAL A 585 -45.56 -8.83 -56.66
N LEU A 586 -46.37 -9.84 -56.98
CA LEU A 586 -45.91 -11.22 -56.92
C LEU A 586 -45.20 -11.58 -58.20
N VAL A 587 -44.12 -12.35 -58.08
CA VAL A 587 -43.36 -12.78 -59.25
C VAL A 587 -42.91 -14.22 -59.07
N ASN A 588 -42.72 -14.90 -60.20
CA ASN A 588 -42.03 -16.17 -60.30
C ASN A 588 -40.81 -15.97 -61.18
N TYR A 589 -39.75 -16.72 -60.88
CA TYR A 589 -38.49 -16.58 -61.61
C TYR A 589 -37.95 -17.96 -61.90
N PRO A 590 -37.21 -18.13 -63.00
CA PRO A 590 -36.86 -19.47 -63.49
C PRO A 590 -36.02 -20.27 -62.49
N PHE A 591 -35.86 -21.55 -62.82
CA PHE A 591 -34.92 -22.38 -62.08
C PHE A 591 -33.49 -21.93 -62.38
N PRO A 592 -32.55 -22.23 -61.49
CA PRO A 592 -31.16 -21.84 -61.75
C PRO A 592 -30.59 -22.54 -62.98
N ALA A 593 -30.07 -21.75 -63.91
CA ALA A 593 -29.29 -22.33 -65.00
C ALA A 593 -27.97 -22.87 -64.48
N TRP A 594 -27.48 -22.32 -63.38
CA TRP A 594 -26.26 -22.77 -62.73
C TRP A 594 -26.57 -23.96 -61.84
N ALA A 595 -25.67 -24.94 -61.85
CA ALA A 595 -25.86 -26.08 -60.96
C ALA A 595 -25.74 -25.63 -59.50
N THR A 596 -26.66 -26.12 -58.67
CA THR A 596 -26.60 -25.87 -57.23
C THR A 596 -26.26 -27.06 -56.35
N ARG A 597 -25.83 -28.18 -56.93
CA ARG A 597 -25.42 -29.35 -56.23
C ARG A 597 -24.62 -30.19 -57.20
N ARG A 598 -23.91 -31.20 -56.69
CA ARG A 598 -23.02 -31.96 -57.56
C ARG A 598 -23.62 -32.76 -58.71
N ASP A 599 -24.75 -33.42 -58.49
CA ASP A 599 -25.32 -34.28 -59.52
C ASP A 599 -25.96 -33.47 -60.64
N GLU A 600 -26.22 -32.18 -60.43
CA GLU A 600 -26.70 -31.37 -61.54
C GLU A 600 -25.59 -31.12 -62.57
N VAL A 601 -24.36 -31.50 -62.26
CA VAL A 601 -23.25 -31.44 -63.23
C VAL A 601 -23.07 -32.85 -63.75
N ASP A 602 -23.88 -33.21 -64.73
CA ASP A 602 -23.76 -34.52 -65.37
C ASP A 602 -23.37 -34.27 -66.82
N ASP A 603 -22.09 -34.46 -67.14
CA ASP A 603 -21.64 -34.20 -68.50
C ASP A 603 -22.24 -35.17 -69.52
N LEU A 604 -22.58 -36.39 -69.09
CA LEU A 604 -22.65 -37.54 -69.99
C LEU A 604 -23.97 -38.31 -69.94
N GLY A 605 -24.99 -37.77 -69.27
CA GLY A 605 -26.31 -38.36 -69.13
C GLY A 605 -26.58 -39.38 -68.01
N GLY A 606 -27.87 -39.58 -67.71
CA GLY A 606 -28.28 -40.18 -66.47
C GLY A 606 -29.29 -41.30 -66.58
N ASP B 13 98.95 10.45 8.06
CA ASP B 13 97.83 10.08 7.20
C ASP B 13 96.70 9.46 8.01
N ALA B 14 97.04 8.87 9.16
CA ALA B 14 96.05 8.32 10.06
C ALA B 14 95.43 9.42 10.90
N ILE B 15 94.24 9.13 11.41
CA ILE B 15 93.40 10.15 12.05
C ILE B 15 93.21 9.89 13.54
N GLY B 16 93.37 8.66 14.01
CA GLY B 16 93.22 8.37 15.42
C GLY B 16 93.60 6.93 15.72
N MET B 17 93.40 6.55 16.97
CA MET B 17 93.70 5.19 17.43
C MET B 17 92.52 4.64 18.23
N VAL B 18 92.23 3.36 18.00
CA VAL B 18 91.13 2.70 18.69
C VAL B 18 91.37 2.71 20.19
N LEU B 19 90.44 3.31 20.93
CA LEU B 19 90.57 3.47 22.37
C LEU B 19 90.32 2.15 23.10
N GLY B 20 90.98 2.00 24.24
CA GLY B 20 90.77 0.85 25.09
C GLY B 20 90.08 1.22 26.39
N THR B 21 89.93 2.53 26.62
CA THR B 21 89.25 3.01 27.83
C THR B 21 87.74 2.81 27.73
N GLU B 22 87.21 2.68 26.52
CA GLU B 22 85.82 2.36 26.24
C GLU B 22 85.75 0.96 25.63
N ASP B 23 84.58 0.33 25.76
CA ASP B 23 84.38 -0.97 25.13
C ASP B 23 84.61 -0.88 23.62
N VAL B 24 85.23 -1.92 23.07
CA VAL B 24 85.46 -2.04 21.63
C VAL B 24 84.58 -3.20 21.14
N THR B 25 83.46 -2.87 20.52
CA THR B 25 82.54 -3.85 19.98
C THR B 25 82.59 -3.81 18.45
N PRO B 26 82.16 -4.89 17.79
CA PRO B 26 82.16 -4.86 16.32
C PRO B 26 81.09 -3.95 15.73
N THR B 27 80.04 -3.66 16.49
CA THR B 27 79.01 -2.76 15.97
C THR B 27 79.35 -1.30 16.24
N VAL B 28 79.97 -1.02 17.38
CA VAL B 28 80.31 0.34 17.78
C VAL B 28 81.62 0.32 18.56
N PHE B 29 82.39 1.41 18.44
CA PHE B 29 83.63 1.55 19.19
C PHE B 29 84.10 3.01 19.13
N TRP B 30 84.96 3.36 20.10
CA TRP B 30 85.54 4.68 20.28
C TRP B 30 87.00 4.70 19.82
N PHE B 31 87.44 5.86 19.33
CA PHE B 31 88.86 6.06 19.02
C PHE B 31 89.25 7.48 19.39
N ALA B 32 90.51 7.66 19.79
CA ALA B 32 91.04 8.97 20.20
C ALA B 32 91.60 9.69 18.98
N VAL B 33 91.14 10.92 18.75
CA VAL B 33 91.53 11.68 17.57
C VAL B 33 92.97 12.14 17.73
N SER B 34 93.79 11.86 16.72
CA SER B 34 95.18 12.28 16.77
C SER B 34 95.27 13.80 16.85
N HIS B 35 96.37 14.27 17.44
CA HIS B 35 96.66 15.69 17.48
C HIS B 35 96.88 16.23 16.07
N GLY B 36 96.28 17.39 15.79
CA GLY B 36 96.35 17.97 14.47
C GLY B 36 95.35 17.44 13.47
N ALA B 37 94.46 16.55 13.90
CA ALA B 37 93.36 16.07 13.08
C ALA B 37 92.05 16.55 13.68
N SER B 38 91.09 16.88 12.81
CA SER B 38 89.75 17.23 13.24
C SER B 38 88.79 16.14 12.77
N VAL B 39 87.86 15.78 13.65
CA VAL B 39 86.86 14.76 13.37
C VAL B 39 85.48 15.40 13.52
N GLY B 40 84.78 15.57 12.40
CA GLY B 40 83.42 16.05 12.42
C GLY B 40 82.45 14.97 12.84
N LEU B 41 81.20 15.39 13.05
CA LEU B 41 80.22 14.46 13.62
C LEU B 41 79.77 13.43 12.60
N ASP B 42 79.68 13.78 11.34
CA ASP B 42 79.16 12.85 10.35
C ASP B 42 80.25 12.16 9.54
N ASP B 43 81.51 12.31 9.93
CA ASP B 43 82.64 11.82 9.14
C ASP B 43 82.59 10.31 8.94
N LEU B 44 82.99 9.87 7.75
CA LEU B 44 83.09 8.46 7.42
C LEU B 44 84.53 8.01 7.60
N VAL B 45 84.73 6.91 8.33
CA VAL B 45 86.07 6.45 8.67
C VAL B 45 86.20 4.97 8.35
N VAL B 46 87.45 4.52 8.25
CA VAL B 46 87.80 3.12 8.07
C VAL B 46 88.95 2.79 9.02
N VAL B 47 88.86 1.63 9.66
CA VAL B 47 89.94 1.10 10.48
C VAL B 47 90.14 -0.35 10.08
N GLU B 48 91.40 -0.78 10.07
CA GLU B 48 91.75 -2.14 9.68
C GLU B 48 92.47 -2.82 10.84
N THR B 49 91.99 -3.98 11.23
CA THR B 49 92.60 -4.76 12.29
C THR B 49 93.11 -6.08 11.73
N ARG B 50 94.00 -6.70 12.50
CA ARG B 50 94.64 -7.95 12.13
C ARG B 50 94.11 -9.06 13.02
N LYS B 51 93.64 -10.14 12.41
CA LYS B 51 93.19 -11.29 13.16
C LYS B 51 94.39 -12.01 13.76
N PRO B 52 94.15 -12.88 14.75
CA PRO B 52 95.26 -13.72 15.24
C PRO B 52 95.99 -14.47 14.14
N ASP B 53 95.27 -15.09 13.20
CA ASP B 53 95.93 -15.86 12.17
C ASP B 53 96.61 -14.98 11.12
N GLY B 54 96.44 -13.66 11.19
CA GLY B 54 97.06 -12.76 10.25
C GLY B 54 96.14 -12.21 9.18
N THR B 55 94.91 -12.71 9.07
CA THR B 55 94.00 -12.15 8.09
C THR B 55 93.56 -10.75 8.52
N PRO B 56 93.39 -9.83 7.59
CA PRO B 56 92.85 -8.51 7.95
C PRO B 56 91.34 -8.49 7.92
N VAL B 57 90.77 -7.64 8.78
CA VAL B 57 89.34 -7.38 8.81
C VAL B 57 89.15 -5.88 8.85
N ARG B 58 88.46 -5.33 7.87
CA ARG B 58 88.25 -3.89 7.77
C ARG B 58 86.89 -3.51 8.33
N PHE B 59 86.87 -2.41 9.07
CA PHE B 59 85.64 -1.89 9.64
C PHE B 59 85.40 -0.50 9.07
N TYR B 60 84.33 -0.35 8.29
CA TYR B 60 83.92 0.94 7.81
C TYR B 60 82.79 1.45 8.70
N GLY B 61 82.85 2.74 9.02
CA GLY B 61 81.86 3.27 9.93
C GLY B 61 81.63 4.75 9.72
N LEU B 62 80.77 5.29 10.56
CA LEU B 62 80.36 6.67 10.55
C LEU B 62 80.43 7.19 11.98
N VAL B 63 80.95 8.39 12.17
CA VAL B 63 80.95 8.99 13.50
C VAL B 63 79.53 9.38 13.86
N ASP B 64 79.09 9.04 15.07
CA ASP B 64 77.80 9.50 15.55
C ASP B 64 77.88 10.29 16.84
N ASN B 65 79.00 10.21 17.56
CA ASN B 65 79.27 10.98 18.75
C ASN B 65 80.72 11.42 18.70
N VAL B 66 80.99 12.60 19.23
CA VAL B 66 82.35 13.13 19.32
C VAL B 66 82.38 14.10 20.49
N ARG B 67 83.48 14.09 21.24
CA ARG B 67 83.54 14.88 22.46
C ARG B 67 84.97 15.36 22.71
N LYS B 68 85.08 16.28 23.67
CA LYS B 68 86.38 16.65 24.25
C LYS B 68 86.23 16.70 25.77
N ARG B 69 87.23 16.17 26.47
CA ARG B 69 87.28 16.20 27.92
C ARG B 69 88.61 16.78 28.37
N HIS B 70 88.67 17.25 29.60
CA HIS B 70 89.92 17.65 30.24
C HIS B 70 90.46 16.45 31.01
N GLU B 71 91.67 16.01 30.69
CA GLU B 71 92.27 14.87 31.35
C GLU B 71 92.96 15.32 32.63
N GLY B 72 92.46 14.87 33.77
CA GLY B 72 93.21 15.04 34.99
C GLY B 72 93.02 16.37 35.67
N VAL B 73 91.89 17.04 35.42
CA VAL B 73 91.47 18.14 36.27
C VAL B 73 90.50 17.56 37.29
N THR B 74 90.82 17.72 38.56
CA THR B 74 90.00 17.10 39.59
C THR B 74 88.72 17.90 39.81
N PHE B 75 88.86 19.20 40.08
CA PHE B 75 87.72 20.02 40.42
C PHE B 75 87.13 20.69 39.18
N GLU B 76 85.87 21.10 39.32
CA GLU B 76 85.15 21.69 38.20
C GLU B 76 85.69 23.07 37.85
N SER B 77 86.04 23.87 38.87
CA SER B 77 86.59 25.20 38.63
C SER B 77 88.07 25.19 38.27
N ASP B 78 88.70 24.01 38.19
CA ASP B 78 90.12 23.91 37.84
C ASP B 78 90.42 24.47 36.45
N VAL B 79 89.40 24.73 35.64
CA VAL B 79 89.61 25.31 34.31
C VAL B 79 90.38 26.62 34.43
N GLU B 80 90.03 27.44 35.42
CA GLU B 80 90.74 28.70 35.62
C GLU B 80 92.23 28.44 35.82
N ASP B 81 92.56 27.37 36.54
CA ASP B 81 93.97 27.03 36.79
C ASP B 81 94.61 26.51 35.50
N VAL B 82 93.91 25.63 34.78
CA VAL B 82 94.49 24.98 33.57
C VAL B 82 94.88 26.03 32.54
N VAL B 83 94.02 27.01 32.29
CA VAL B 83 94.37 28.09 31.31
C VAL B 83 95.50 28.95 31.87
N ALA B 84 95.53 29.17 33.19
CA ALA B 84 96.61 29.99 33.75
C ALA B 84 97.90 29.20 33.59
N GLY B 85 97.89 27.93 33.99
CA GLY B 85 99.08 27.10 33.81
C GLY B 85 99.62 26.51 35.10
N LEU B 86 99.04 26.83 36.26
CA LEU B 86 99.58 26.23 37.51
C LEU B 86 99.34 24.72 37.48
N LEU B 87 98.16 24.32 37.00
CA LEU B 87 97.75 22.90 36.92
C LEU B 87 97.81 22.49 35.47
N PRO B 88 98.53 21.43 35.10
CA PRO B 88 98.65 21.09 33.71
C PRO B 88 97.61 20.00 33.42
N ALA B 89 96.94 20.14 32.28
CA ALA B 89 95.98 19.15 31.84
C ALA B 89 96.02 19.03 30.33
N SER B 90 95.78 17.82 29.84
CA SER B 90 95.74 17.55 28.41
C SER B 90 94.31 17.38 27.96
N VAL B 91 94.06 17.68 26.69
CA VAL B 91 92.73 17.60 26.12
C VAL B 91 92.56 16.24 25.44
N SER B 92 91.44 15.57 25.71
CA SER B 92 91.16 14.26 25.15
C SER B 92 90.03 14.39 24.13
N TYR B 93 90.37 14.18 22.86
CA TYR B 93 89.45 14.32 21.74
C TYR B 93 89.09 12.91 21.29
N ALA B 94 87.83 12.53 21.47
CA ALA B 94 87.39 11.16 21.24
C ALA B 94 86.15 11.13 20.35
N ALA B 95 86.00 10.05 19.58
CA ALA B 95 84.92 9.90 18.62
C ALA B 95 84.37 8.48 18.66
N ARG B 96 83.05 8.36 18.59
CA ARG B 96 82.38 7.07 18.57
C ARG B 96 82.05 6.69 17.13
N VAL B 97 82.27 5.42 16.78
CA VAL B 97 82.14 4.96 15.40
C VAL B 97 80.98 3.98 15.31
N LEU B 98 79.99 4.31 14.49
CA LEU B 98 78.88 3.42 14.20
C LEU B 98 79.21 2.61 12.95
N VAL B 99 79.47 1.31 13.14
CA VAL B 99 79.99 0.49 12.05
C VAL B 99 78.89 0.23 11.04
N THR B 100 79.18 0.49 9.76
CA THR B 100 78.23 0.22 8.70
C THR B 100 78.62 -0.98 7.84
N ARG B 101 79.90 -1.38 7.82
CA ARG B 101 80.28 -2.55 6.97
C ARG B 101 81.63 -3.14 7.37
N VAL B 102 81.71 -4.47 7.41
CA VAL B 102 82.97 -5.23 7.66
C VAL B 102 83.27 -6.00 6.37
N ASP B 103 84.36 -5.66 5.66
CA ASP B 103 84.63 -6.23 4.31
C ASP B 103 84.75 -7.75 4.39
N PRO B 104 85.52 -8.32 5.33
CA PRO B 104 85.56 -9.75 5.56
C PRO B 104 84.50 -9.77 6.66
N GLU B 105 83.38 -10.45 6.46
CA GLU B 105 82.28 -10.33 7.44
C GLU B 105 82.49 -11.22 8.66
N ASN B 106 83.41 -10.82 9.54
CA ASN B 106 83.65 -11.50 10.82
C ASN B 106 83.34 -10.47 11.90
N PHE B 107 82.42 -10.74 12.82
CA PHE B 107 82.11 -9.69 13.83
C PHE B 107 83.09 -9.81 15.00
N ILE B 108 84.37 -9.53 14.73
CA ILE B 108 85.45 -9.60 15.75
C ILE B 108 85.81 -8.16 16.14
N PRO B 109 86.02 -7.85 17.43
CA PRO B 109 86.33 -6.49 17.85
C PRO B 109 87.73 -6.10 17.36
N PRO B 110 87.96 -4.85 16.94
CA PRO B 110 89.27 -4.42 16.50
C PRO B 110 90.12 -4.26 17.76
N GLN B 111 91.42 -4.54 17.66
CA GLN B 111 92.31 -4.41 18.84
C GLN B 111 92.52 -2.92 19.15
N PRO B 112 92.63 -2.52 20.44
CA PRO B 112 92.89 -1.14 20.80
C PRO B 112 94.23 -0.67 20.22
N GLY B 113 94.31 0.59 19.81
CA GLY B 113 95.51 1.08 19.17
C GLY B 113 95.58 0.89 17.67
N ASP B 114 94.63 0.18 17.08
CA ASP B 114 94.56 0.12 15.62
C ASP B 114 94.34 1.51 15.04
N HIS B 115 94.72 1.68 13.78
CA HIS B 115 94.74 3.00 13.17
C HIS B 115 93.41 3.29 12.50
N VAL B 116 92.82 4.43 12.86
CA VAL B 116 91.59 4.92 12.24
C VAL B 116 91.99 5.98 11.23
N ARG B 117 91.40 5.92 10.03
CA ARG B 117 91.72 6.87 8.98
C ARG B 117 90.46 7.24 8.21
N HIS B 118 90.49 8.42 7.61
CA HIS B 118 89.35 8.92 6.84
C HIS B 118 89.12 8.04 5.62
N ALA B 119 87.87 7.66 5.39
CA ALA B 119 87.50 6.93 4.19
C ALA B 119 87.50 7.90 3.02
N ALA B 120 88.41 7.71 2.08
CA ALA B 120 88.58 8.71 1.04
C ALA B 120 88.47 8.18 -0.37
N GLY B 121 89.01 6.99 -0.65
CA GLY B 121 89.04 6.54 -2.03
C GLY B 121 88.11 5.39 -2.32
N ARG B 122 88.69 4.24 -2.65
CA ARG B 122 87.90 3.01 -2.66
C ARG B 122 87.29 2.75 -1.30
N GLU B 123 87.96 3.19 -0.23
CA GLU B 123 87.45 2.98 1.12
C GLU B 123 86.12 3.68 1.32
N LEU B 124 85.97 4.89 0.76
CA LEU B 124 84.70 5.60 0.85
C LEU B 124 83.60 4.83 0.12
N ALA B 125 83.91 4.28 -1.05
CA ALA B 125 82.93 3.51 -1.82
C ALA B 125 82.46 2.29 -1.05
N MET B 126 83.38 1.61 -0.37
CA MET B 126 83.01 0.46 0.45
C MET B 126 82.09 0.87 1.59
N ALA B 127 82.37 2.01 2.21
CA ALA B 127 81.57 2.46 3.34
C ALA B 127 80.12 2.73 2.92
N LEU B 128 79.93 3.47 1.84
CA LEU B 128 78.61 3.75 1.31
C LEU B 128 78.12 2.67 0.36
N SER B 129 78.68 1.47 0.43
CA SER B 129 78.25 0.32 -0.37
C SER B 129 78.06 0.69 -1.84
N ALA B 130 78.94 1.57 -2.34
CA ALA B 130 78.87 1.99 -3.73
C ALA B 130 79.12 0.83 -4.69
N ASP B 131 79.82 -0.21 -4.24
CA ASP B 131 79.98 -1.39 -5.08
C ASP B 131 78.65 -2.06 -5.37
N LYS B 132 77.72 -2.00 -4.42
CA LYS B 132 76.38 -2.54 -4.67
C LYS B 132 75.64 -1.71 -5.71
N MET B 133 75.89 -0.40 -5.74
CA MET B 133 75.18 0.48 -6.65
C MET B 133 75.68 0.33 -8.08
N GLU B 134 76.96 0.05 -8.26
CA GLU B 134 77.55 -0.22 -9.58
C GLU B 134 77.29 0.99 -10.47
N GLU B 135 76.81 0.79 -11.71
CA GLU B 135 76.55 1.87 -12.63
C GLU B 135 75.30 2.67 -12.27
N ALA B 136 74.54 2.23 -11.27
CA ALA B 136 73.31 2.92 -10.92
C ALA B 136 73.54 4.07 -9.95
N ALA B 137 74.77 4.20 -9.46
CA ALA B 137 75.11 5.26 -8.47
C ALA B 137 75.15 6.63 -9.15
N PHE B 138 74.42 7.60 -8.59
CA PHE B 138 74.42 8.99 -9.13
C PHE B 138 74.54 9.95 -7.96
N PRO B 139 74.99 11.21 -8.17
CA PRO B 139 75.19 12.12 -7.06
C PRO B 139 73.90 12.46 -6.32
N GLY B 140 73.90 12.33 -5.00
CA GLY B 140 72.72 12.68 -4.19
C GLY B 140 72.99 13.92 -3.37
N GLY B 141 74.19 14.48 -3.51
CA GLY B 141 74.61 15.68 -2.76
C GLY B 141 76.11 15.65 -2.49
N LEU B 142 76.62 16.65 -1.79
CA LEU B 142 78.08 16.71 -1.48
C LEU B 142 78.28 16.48 0.02
N LEU B 143 79.23 15.62 0.38
CA LEU B 143 79.52 15.33 1.81
C LEU B 143 81.03 15.25 2.00
N ALA B 144 81.50 15.36 3.25
CA ALA B 144 82.95 15.22 3.54
C ALA B 144 83.80 16.18 2.69
N ASP B 145 83.36 17.43 2.57
CA ASP B 145 84.15 18.44 1.84
C ASP B 145 84.54 17.99 0.43
N GLY B 146 83.55 17.75 -0.44
CA GLY B 146 83.84 17.47 -1.86
C GLY B 146 83.67 16.04 -2.34
N GLN B 147 83.32 15.08 -1.50
CA GLN B 147 83.14 13.73 -2.10
C GLN B 147 81.64 13.49 -2.29
N PRO B 148 81.14 13.33 -3.53
CA PRO B 148 79.71 13.18 -3.75
C PRO B 148 79.02 11.97 -3.12
N LEU B 149 77.76 12.12 -2.73
CA LEU B 149 77.00 10.96 -2.17
C LEU B 149 76.38 10.05 -3.20
N PRO B 150 76.89 8.82 -3.42
CA PRO B 150 76.35 7.97 -4.45
C PRO B 150 74.92 7.62 -4.01
N LEU B 151 73.95 7.81 -4.92
CA LEU B 151 72.53 7.45 -4.66
C LEU B 151 72.20 6.33 -5.64
N ASN B 152 71.53 5.29 -5.16
CA ASN B 152 71.23 4.13 -6.01
C ASN B 152 69.94 4.40 -6.78
N PHE B 153 70.07 4.70 -8.08
CA PHE B 153 68.89 4.99 -8.89
C PHE B 153 67.98 3.79 -9.01
N ARG B 154 68.51 2.58 -8.79
CA ARG B 154 67.67 1.39 -8.84
C ARG B 154 66.61 1.37 -7.74
N PHE B 155 66.76 2.30 -6.81
CA PHE B 155 65.77 2.44 -5.72
C PHE B 155 64.96 3.69 -5.97
N ILE B 156 65.13 4.33 -7.14
CA ILE B 156 64.32 5.54 -7.46
C ILE B 156 63.49 5.29 -8.73
N ASN B 157 63.86 4.33 -9.58
CA ASN B 157 63.10 4.12 -10.83
C ASN B 157 62.19 2.91 -10.71
N GLY B 158 62.06 2.32 -9.53
CA GLY B 158 61.14 1.19 -9.40
C GLY B 158 61.79 -0.16 -9.64
N GLU B 159 63.05 -0.22 -10.04
CA GLU B 159 63.57 -1.58 -10.32
C GLU B 159 63.61 -2.39 -9.04
N SER B 160 64.31 -1.93 -8.03
CA SER B 160 64.34 -2.68 -6.75
C SER B 160 63.92 -1.75 -5.62
N GLY B 161 63.80 -0.46 -5.93
CA GLY B 161 63.40 0.55 -4.95
C GLY B 161 62.33 1.42 -5.54
N GLY B 162 61.66 2.20 -4.70
CA GLY B 162 60.56 3.02 -5.21
C GLY B 162 60.93 4.45 -5.53
N HIS B 163 60.24 5.30 -4.82
CA HIS B 163 60.03 6.78 -4.81
C HIS B 163 60.87 7.43 -3.72
N ILE B 164 60.69 8.73 -3.50
CA ILE B 164 61.50 9.49 -2.50
C ILE B 164 60.58 10.30 -1.59
N ASN B 165 60.82 10.36 -0.29
CA ASN B 165 59.96 11.20 0.59
C ASN B 165 60.87 12.17 1.35
N ILE B 166 60.64 13.47 1.20
CA ILE B 166 61.46 14.53 1.77
C ILE B 166 60.71 15.21 2.90
N SER B 167 61.38 15.40 4.03
CA SER B 167 60.74 15.93 5.23
C SER B 167 61.56 17.08 5.79
N GLY B 168 60.92 17.93 6.56
CA GLY B 168 61.61 19.03 7.21
C GLY B 168 60.72 20.26 7.31
N ILE B 169 61.20 21.24 8.07
CA ILE B 169 60.41 22.44 8.36
C ILE B 169 60.33 23.29 7.10
N SER B 170 59.10 23.52 6.62
CA SER B 170 58.92 24.31 5.40
C SER B 170 59.34 25.76 5.64
N GLY B 171 60.07 26.32 4.67
CA GLY B 171 60.69 27.61 4.84
C GLY B 171 62.16 27.48 5.20
N VAL B 172 62.46 26.56 6.12
CA VAL B 172 63.82 26.33 6.60
C VAL B 172 64.44 25.17 5.86
N ALA B 173 63.92 23.96 6.09
CA ALA B 173 64.38 22.79 5.35
C ALA B 173 64.08 22.97 3.88
N THR B 174 65.08 22.71 3.05
CA THR B 174 65.03 23.12 1.65
C THR B 174 64.47 22.03 0.75
N LYS B 175 63.28 21.52 1.08
CA LYS B 175 62.82 20.26 0.50
C LYS B 175 62.46 20.39 -0.97
N THR B 176 61.69 21.41 -1.34
CA THR B 176 61.34 21.59 -2.75
C THR B 176 62.60 21.80 -3.60
N SER B 177 63.49 22.69 -3.17
CA SER B 177 64.69 22.97 -3.95
C SER B 177 65.63 21.77 -3.96
N TYR B 178 65.59 20.95 -2.92
CA TYR B 178 66.36 19.71 -2.97
C TYR B 178 65.79 18.74 -4.00
N ALA B 179 64.45 18.64 -4.06
CA ALA B 179 63.82 17.76 -5.02
C ALA B 179 64.17 18.17 -6.45
N LEU B 180 64.20 19.48 -6.71
CA LEU B 180 64.59 19.95 -8.04
C LEU B 180 66.05 19.65 -8.32
N PHE B 181 66.89 19.72 -7.28
CA PHE B 181 68.27 19.28 -7.42
C PHE B 181 68.35 17.81 -7.80
N LEU B 182 67.47 16.97 -7.23
CA LEU B 182 67.48 15.56 -7.56
C LEU B 182 67.05 15.32 -9.00
N LEU B 183 66.02 16.03 -9.46
CA LEU B 183 65.65 15.98 -10.86
C LEU B 183 66.82 16.37 -11.73
N HIS B 184 67.44 17.51 -11.42
CA HIS B 184 68.60 17.96 -12.19
C HIS B 184 69.66 16.89 -12.26
N SER B 185 69.93 16.23 -11.14
CA SER B 185 70.95 15.18 -11.14
C SER B 185 70.50 13.99 -11.98
N ILE B 186 69.26 13.55 -11.82
CA ILE B 186 68.80 12.36 -12.54
C ILE B 186 68.83 12.60 -14.05
N PHE B 187 68.48 13.80 -14.49
CA PHE B 187 68.48 14.09 -15.91
C PHE B 187 69.89 14.32 -16.44
N ARG B 188 70.74 14.98 -15.66
CA ARG B 188 72.05 15.41 -16.16
C ARG B 188 73.19 14.50 -15.75
N SER B 189 72.96 13.46 -14.95
CA SER B 189 74.03 12.54 -14.62
C SER B 189 74.06 11.31 -15.51
N GLY B 190 73.20 11.25 -16.52
CA GLY B 190 73.14 10.10 -17.39
C GLY B 190 72.94 8.79 -16.67
N VAL B 191 72.45 8.84 -15.44
CA VAL B 191 72.19 7.60 -14.71
C VAL B 191 71.01 6.87 -15.32
N MET B 192 70.06 7.61 -15.92
CA MET B 192 68.97 6.95 -16.62
C MET B 192 69.50 6.17 -17.82
N ASP B 193 70.56 6.68 -18.45
CA ASP B 193 71.32 5.94 -19.44
C ASP B 193 71.88 4.65 -18.89
N ARG B 194 72.76 4.74 -17.90
CA ARG B 194 73.39 3.54 -17.30
C ARG B 194 72.34 2.53 -16.85
N THR B 195 71.30 3.00 -16.15
CA THR B 195 70.21 2.16 -15.58
C THR B 195 69.33 1.48 -16.63
N ALA B 196 69.01 2.14 -17.74
CA ALA B 196 68.07 1.57 -18.75
C ALA B 196 68.76 0.53 -19.63
N GLN B 197 68.40 -0.75 -19.48
CA GLN B 197 69.03 -1.81 -20.31
C GLN B 197 67.99 -2.52 -21.17
N GLY B 198 68.37 -3.67 -21.75
CA GLY B 198 67.53 -4.26 -22.80
C GLY B 198 68.09 -3.76 -24.13
N SER B 199 67.31 -3.78 -25.22
CA SER B 199 67.89 -3.23 -26.46
C SER B 199 66.80 -2.73 -27.40
N GLY B 200 67.15 -1.80 -28.27
CA GLY B 200 66.20 -1.37 -29.31
C GLY B 200 64.85 -0.95 -28.79
N GLY B 201 64.79 0.02 -27.87
CA GLY B 201 63.51 0.58 -27.39
C GLY B 201 62.90 -0.22 -26.26
N ARG B 202 63.58 -1.27 -25.83
CA ARG B 202 63.07 -2.07 -24.70
C ARG B 202 63.47 -1.34 -23.44
N GLN B 203 62.49 -0.86 -22.66
CA GLN B 203 62.63 -0.22 -21.32
C GLN B 203 63.83 0.73 -21.37
N SER B 204 63.71 1.73 -22.23
CA SER B 204 64.89 2.42 -22.72
C SER B 204 64.65 3.92 -22.71
N GLY B 205 65.66 4.66 -22.26
CA GLY B 205 65.70 6.09 -22.57
C GLY B 205 66.00 6.93 -21.34
N THR B 206 67.08 7.71 -21.43
CA THR B 206 67.32 8.87 -20.58
C THR B 206 66.80 10.15 -21.20
N ALA B 207 66.75 10.21 -22.54
CA ALA B 207 66.02 11.27 -23.22
C ALA B 207 64.53 11.07 -23.08
N GLY B 208 64.10 9.86 -22.79
CA GLY B 208 62.69 9.58 -22.60
C GLY B 208 62.26 9.67 -21.16
N GLY B 209 62.83 10.63 -20.43
CA GLY B 209 62.43 10.91 -19.06
C GLY B 209 61.58 12.16 -19.01
N ARG B 210 60.60 12.16 -18.11
CA ARG B 210 59.62 13.24 -18.01
C ARG B 210 59.37 13.56 -16.54
N ALA B 211 58.90 14.77 -16.30
CA ALA B 211 58.66 15.27 -14.95
C ALA B 211 57.46 16.18 -14.97
N LEU B 212 56.60 16.04 -13.97
CA LEU B 212 55.43 16.89 -13.79
C LEU B 212 55.51 17.52 -12.41
N ILE B 213 55.35 18.83 -12.35
CA ILE B 213 55.47 19.58 -11.11
C ILE B 213 54.42 20.70 -11.12
N PHE B 214 53.85 20.99 -9.94
CA PHE B 214 52.79 21.97 -9.79
C PHE B 214 53.30 23.18 -9.02
N ASN B 215 52.98 24.37 -9.51
CA ASN B 215 53.43 25.62 -8.90
C ASN B 215 52.36 26.06 -7.90
N VAL B 216 52.51 25.61 -6.65
CA VAL B 216 51.49 25.88 -5.64
C VAL B 216 51.67 27.28 -5.06
N LYS B 217 52.82 27.52 -4.43
CA LYS B 217 53.18 28.83 -3.92
C LYS B 217 53.58 29.76 -5.06
N GLY B 218 52.81 30.83 -5.22
CA GLY B 218 52.82 31.68 -6.40
C GLY B 218 54.13 32.06 -7.03
N GLU B 219 54.27 31.76 -8.32
CA GLU B 219 55.33 32.29 -9.18
C GLU B 219 56.72 32.16 -8.57
N ASP B 220 56.94 31.01 -7.92
CA ASP B 220 58.27 30.54 -7.53
C ASP B 220 58.85 29.53 -8.50
N LEU B 221 58.02 28.63 -9.05
CA LEU B 221 58.46 27.52 -9.89
C LEU B 221 58.42 27.83 -11.37
N LEU B 222 58.07 29.05 -11.72
CA LEU B 222 58.38 29.57 -13.04
C LEU B 222 59.83 29.98 -13.04
N PHE B 223 60.34 30.46 -14.18
CA PHE B 223 61.75 30.82 -14.36
C PHE B 223 62.69 29.65 -14.04
N LEU B 224 62.22 28.40 -14.14
CA LEU B 224 63.13 27.26 -14.22
C LEU B 224 63.72 27.12 -15.61
N ASP B 225 63.13 27.78 -16.59
CA ASP B 225 63.60 27.84 -17.96
C ASP B 225 64.91 28.60 -18.09
N LYS B 226 65.14 29.57 -17.22
CA LYS B 226 66.23 30.54 -17.28
C LYS B 226 67.31 30.19 -16.27
N PRO B 227 68.50 30.82 -16.36
CA PRO B 227 69.55 30.56 -15.36
C PRO B 227 69.52 31.53 -14.18
N ASN B 228 70.02 31.08 -13.03
CA ASN B 228 70.01 31.88 -11.80
C ASN B 228 71.24 32.79 -11.78
N ALA B 229 71.01 34.10 -11.90
CA ALA B 229 72.11 35.05 -11.86
C ALA B 229 72.81 35.01 -10.50
N ARG B 230 72.03 34.94 -9.43
CA ARG B 230 72.59 35.08 -8.09
C ARG B 230 73.44 33.88 -7.68
N MET B 231 73.35 32.76 -8.38
CA MET B 231 73.91 31.51 -7.88
C MET B 231 75.39 31.64 -7.52
N VAL B 232 76.21 32.08 -8.48
CA VAL B 232 77.65 32.13 -8.26
C VAL B 232 77.97 33.01 -7.06
N GLU B 233 77.31 34.16 -6.95
CA GLU B 233 77.57 35.04 -5.82
C GLU B 233 77.34 34.34 -4.49
N LYS B 234 76.24 33.56 -4.38
CA LYS B 234 75.99 32.82 -3.16
C LYS B 234 76.91 31.60 -3.06
N GLU B 235 77.11 30.88 -4.17
CA GLU B 235 77.91 29.67 -4.14
C GLU B 235 79.40 29.96 -3.95
N ASP B 236 79.88 31.10 -4.45
CA ASP B 236 81.28 31.48 -4.23
C ASP B 236 81.60 31.55 -2.74
N LYS B 237 80.74 32.23 -1.96
CA LYS B 237 80.90 32.32 -0.51
C LYS B 237 81.11 30.96 0.12
N VAL B 238 80.26 29.98 -0.23
CA VAL B 238 80.39 28.65 0.37
C VAL B 238 81.71 28.01 -0.05
N VAL B 239 82.05 28.10 -1.33
CA VAL B 239 83.33 27.56 -1.78
C VAL B 239 84.49 28.29 -1.11
N ARG B 240 84.35 29.61 -0.91
CA ARG B 240 85.35 30.35 -0.15
C ARG B 240 85.43 29.83 1.29
N ALA B 241 84.27 29.66 1.93
CA ALA B 241 84.24 29.32 3.35
C ALA B 241 84.79 27.92 3.61
N LYS B 242 84.30 26.92 2.88
CA LYS B 242 84.65 25.53 3.14
C LYS B 242 85.91 25.07 2.41
N GLY B 243 86.62 25.98 1.76
CA GLY B 243 87.91 25.64 1.17
C GLY B 243 87.89 24.50 0.17
N LEU B 244 86.81 24.35 -0.57
CA LEU B 244 86.69 23.25 -1.53
C LEU B 244 87.46 23.59 -2.80
N SER B 245 87.74 22.56 -3.59
CA SER B 245 88.46 22.75 -4.85
C SER B 245 87.78 23.66 -5.85
N ALA B 246 86.50 23.40 -6.14
CA ALA B 246 85.78 24.16 -7.16
C ALA B 246 84.33 24.34 -6.71
N ASP B 247 83.52 24.95 -7.59
CA ASP B 247 82.10 25.07 -7.32
C ASP B 247 81.49 23.67 -7.21
N ARG B 248 80.45 23.56 -6.39
CA ARG B 248 79.95 22.24 -6.02
C ARG B 248 79.53 21.42 -7.23
N TYR B 249 78.89 22.07 -8.22
CA TYR B 249 78.44 21.35 -9.40
C TYR B 249 79.56 20.58 -10.07
N ALA B 250 80.72 21.23 -10.27
CA ALA B 250 81.85 20.54 -10.86
C ALA B 250 82.32 19.37 -10.00
N LEU B 251 82.23 19.51 -8.68
CA LEU B 251 82.56 18.40 -7.79
C LEU B 251 81.62 17.23 -7.98
N LEU B 252 80.35 17.50 -8.33
CA LEU B 252 79.36 16.45 -8.53
C LEU B 252 79.41 15.81 -9.90
N GLY B 253 80.13 16.41 -10.84
CA GLY B 253 80.01 15.99 -12.22
C GLY B 253 78.69 16.36 -12.84
N LEU B 254 78.03 17.40 -12.32
CA LEU B 254 76.78 17.92 -12.82
C LEU B 254 77.00 19.30 -13.44
N PRO B 255 76.28 19.60 -14.52
CA PRO B 255 76.37 20.93 -15.14
C PRO B 255 75.45 21.92 -14.46
N ALA B 256 75.93 23.16 -14.30
CA ALA B 256 75.13 24.21 -13.68
C ALA B 256 74.37 24.96 -14.76
N GLU B 257 73.28 24.35 -15.20
CA GLU B 257 72.41 24.99 -16.20
C GLU B 257 70.96 24.70 -15.83
N PRO B 258 69.96 25.45 -16.32
CA PRO B 258 68.57 25.26 -15.95
C PRO B 258 67.89 24.11 -16.66
N PHE B 259 66.65 23.81 -16.29
CA PHE B 259 65.92 22.71 -16.97
C PHE B 259 65.90 23.04 -18.46
N ARG B 260 66.31 22.10 -19.30
CA ARG B 260 66.47 22.33 -20.76
C ARG B 260 65.17 22.36 -21.59
N ASP B 261 64.26 21.40 -21.41
CA ASP B 261 63.03 21.29 -22.25
C ASP B 261 61.81 21.45 -21.35
N VAL B 262 61.30 22.67 -21.26
CA VAL B 262 60.33 23.03 -20.23
C VAL B 262 59.06 23.57 -20.87
N GLN B 263 57.92 23.19 -20.29
CA GLN B 263 56.60 23.66 -20.68
C GLN B 263 55.94 24.31 -19.47
N LEU B 264 55.44 25.53 -19.64
CA LEU B 264 54.81 26.30 -18.56
C LEU B 264 53.34 26.49 -18.88
N LEU B 265 52.47 25.94 -18.03
CA LEU B 265 51.02 26.01 -18.22
C LEU B 265 50.38 26.82 -17.10
N ALA B 266 49.42 27.67 -17.45
CA ALA B 266 48.72 28.55 -16.53
C ALA B 266 47.24 28.63 -16.90
N PRO B 267 46.36 28.89 -15.94
CA PRO B 267 44.93 28.96 -16.23
C PRO B 267 44.59 30.15 -17.11
N PRO B 268 43.39 30.18 -17.69
CA PRO B 268 43.08 31.21 -18.71
C PRO B 268 42.41 32.48 -18.16
N ARG B 269 43.20 33.29 -17.46
CA ARG B 269 42.89 34.67 -17.07
C ARG B 269 41.60 34.82 -16.26
N ALA B 270 41.00 33.71 -15.82
CA ALA B 270 39.70 33.73 -15.13
C ALA B 270 38.71 34.64 -15.88
N GLY B 271 38.67 34.47 -17.20
CA GLY B 271 37.90 35.38 -18.04
C GLY B 271 36.41 35.19 -17.84
N ALA B 272 35.70 36.29 -17.55
CA ALA B 272 34.26 36.28 -17.37
C ALA B 272 33.60 36.62 -18.70
N ALA B 273 33.00 35.61 -19.32
CA ALA B 273 32.26 35.75 -20.60
C ALA B 273 33.14 36.29 -21.72
N GLY B 274 34.45 36.04 -21.65
CA GLY B 274 35.35 36.47 -22.70
C GLY B 274 35.92 35.32 -23.51
N THR B 275 35.68 35.34 -24.83
CA THR B 275 36.25 34.31 -25.70
C THR B 275 37.76 34.38 -25.79
N ALA B 276 38.36 35.53 -25.46
CA ALA B 276 39.81 35.69 -25.50
C ALA B 276 40.46 34.85 -24.40
N ILE B 277 41.56 34.19 -24.74
CA ILE B 277 42.24 33.26 -23.85
C ILE B 277 43.68 33.72 -23.66
N VAL B 278 44.04 34.03 -22.42
CA VAL B 278 45.42 34.34 -22.06
C VAL B 278 45.70 33.76 -20.66
N PRO B 279 46.97 33.39 -20.45
CA PRO B 279 47.34 32.89 -19.11
C PRO B 279 47.26 33.96 -18.03
N GLN B 280 47.04 33.51 -16.79
CA GLN B 280 46.82 34.38 -15.64
C GLN B 280 48.10 35.06 -15.15
N THR B 281 49.26 34.65 -15.63
CA THR B 281 50.52 35.03 -14.99
C THR B 281 50.78 36.53 -15.12
N ASP B 282 51.10 37.18 -14.00
CA ASP B 282 51.42 38.61 -14.03
C ASP B 282 52.91 38.87 -14.25
N GLN B 283 53.79 38.12 -13.56
CA GLN B 283 55.23 38.40 -13.63
C GLN B 283 55.92 37.77 -14.83
N ARG B 284 55.38 36.70 -15.41
CA ARG B 284 55.96 36.09 -16.60
C ARG B 284 54.89 35.89 -17.65
N SER B 285 55.06 36.55 -18.80
CA SER B 285 54.10 36.46 -19.89
C SER B 285 54.62 35.75 -21.13
N GLU B 286 55.93 35.73 -21.33
CA GLU B 286 56.53 35.09 -22.50
C GLU B 286 56.75 33.60 -22.23
N GLY B 287 56.37 32.77 -23.19
CA GLY B 287 56.57 31.34 -23.08
C GLY B 287 55.59 30.61 -22.19
N VAL B 288 54.54 31.27 -21.72
CA VAL B 288 53.52 30.64 -20.90
C VAL B 288 52.35 30.27 -21.79
N THR B 289 51.98 28.98 -21.78
CA THR B 289 50.85 28.48 -22.56
C THR B 289 49.66 28.25 -21.66
N PRO B 290 48.49 28.79 -21.98
CA PRO B 290 47.31 28.52 -21.15
C PRO B 290 46.78 27.12 -21.36
N PHE B 291 46.17 26.56 -20.32
CA PHE B 291 45.57 25.24 -20.36
C PHE B 291 44.11 25.35 -19.95
N VAL B 292 43.26 24.59 -20.65
CA VAL B 292 41.82 24.55 -20.37
C VAL B 292 41.32 23.13 -20.57
N PHE B 293 40.23 22.81 -19.89
CA PHE B 293 39.49 21.58 -20.13
C PHE B 293 38.18 21.92 -20.84
N THR B 294 37.64 20.94 -21.55
CA THR B 294 36.39 21.11 -22.28
C THR B 294 35.27 20.29 -21.66
N ILE B 295 34.03 20.74 -21.88
CA ILE B 295 32.87 20.09 -21.29
C ILE B 295 32.72 18.67 -21.81
N ARG B 296 33.05 18.46 -23.09
CA ARG B 296 32.95 17.12 -23.64
C ARG B 296 34.03 16.20 -23.08
N GLU B 297 35.26 16.69 -22.99
CA GLU B 297 36.31 15.96 -22.28
C GLU B 297 35.91 15.69 -20.84
N PHE B 298 35.37 16.72 -20.17
CA PHE B 298 34.92 16.57 -18.79
C PHE B 298 33.99 15.37 -18.64
N CYS B 299 33.16 15.11 -19.65
CA CYS B 299 32.20 14.01 -19.56
C CYS B 299 32.79 12.72 -20.11
N ALA B 300 33.56 12.81 -21.20
CA ALA B 300 34.10 11.61 -21.83
C ALA B 300 35.18 10.96 -20.97
N ARG B 301 36.00 11.77 -20.30
CA ARG B 301 37.09 11.26 -19.47
C ARG B 301 36.73 11.13 -18.00
N ARG B 302 35.45 11.27 -17.65
CA ARG B 302 34.97 11.03 -16.28
C ARG B 302 35.69 11.92 -15.27
N MET B 303 35.80 13.22 -15.58
CA MET B 303 36.43 14.15 -14.66
C MET B 303 35.53 14.52 -13.48
N LEU B 304 34.33 13.96 -13.39
CA LEU B 304 33.40 14.39 -12.34
C LEU B 304 33.92 14.15 -10.93
N PRO B 305 34.38 12.95 -10.55
CA PRO B 305 34.76 12.74 -9.13
C PRO B 305 35.84 13.68 -8.66
N TYR B 306 36.78 14.05 -9.52
CA TYR B 306 37.87 14.92 -9.11
C TYR B 306 37.40 16.32 -8.76
N VAL B 307 36.11 16.61 -8.86
CA VAL B 307 35.55 17.83 -8.27
C VAL B 307 35.35 17.66 -6.77
N PHE B 308 35.19 16.43 -6.31
CA PHE B 308 34.91 16.13 -4.91
C PHE B 308 36.18 15.58 -4.27
N SER B 309 36.80 16.39 -3.41
CA SER B 309 37.92 15.93 -2.60
C SER B 309 38.02 16.79 -1.34
N ASP B 310 37.04 16.66 -0.45
CA ASP B 310 36.86 17.67 0.59
C ASP B 310 37.95 17.62 1.64
N ALA B 311 38.55 16.45 1.88
CA ALA B 311 39.49 16.23 2.98
C ALA B 311 38.85 16.59 4.33
N SER B 312 37.63 16.10 4.53
CA SER B 312 36.86 16.31 5.76
C SER B 312 35.88 15.15 5.91
N ALA B 313 35.00 15.26 6.92
CA ALA B 313 34.11 14.15 7.26
C ALA B 313 33.11 13.88 6.15
N SER B 314 32.43 14.92 5.67
CA SER B 314 31.57 14.92 4.46
C SER B 314 30.53 13.80 4.55
N LEU B 315 30.30 13.05 3.48
CA LEU B 315 29.30 11.99 3.38
C LEU B 315 29.77 11.04 2.29
N ASN B 316 29.06 9.93 2.13
CA ASN B 316 29.35 8.97 1.08
C ASN B 316 28.44 9.27 -0.11
N LEU B 317 28.91 10.17 -0.98
CA LEU B 317 28.27 10.45 -2.26
C LEU B 317 28.81 9.59 -3.39
N GLY B 318 29.49 8.48 -3.06
CA GLY B 318 30.13 7.67 -4.08
C GLY B 318 29.15 7.08 -5.07
N PHE B 319 27.95 6.73 -4.61
CA PHE B 319 26.91 6.23 -5.51
C PHE B 319 26.48 7.32 -6.48
N VAL B 320 26.09 8.48 -5.96
CA VAL B 320 25.62 9.59 -6.79
C VAL B 320 26.68 9.98 -7.83
N ILE B 321 27.91 10.21 -7.37
CA ILE B 321 28.96 10.67 -8.26
C ILE B 321 29.24 9.62 -9.33
N GLY B 322 29.37 8.36 -8.92
CA GLY B 322 29.61 7.30 -9.89
C GLY B 322 28.51 7.17 -10.92
N ASN B 323 27.26 7.35 -10.51
CA ASN B 323 26.14 7.20 -11.43
C ASN B 323 26.12 8.33 -12.45
N ILE B 324 26.10 9.59 -11.99
CA ILE B 324 26.11 10.73 -12.91
C ILE B 324 27.39 10.74 -13.74
N GLU B 325 28.50 10.28 -13.18
CA GLU B 325 29.70 10.09 -13.99
C GLU B 325 29.42 9.21 -15.19
N GLU B 326 28.73 8.08 -14.96
CA GLU B 326 28.41 7.16 -16.03
C GLU B 326 27.38 7.75 -16.99
N LYS B 327 26.43 8.52 -16.45
CA LYS B 327 25.43 9.16 -17.31
C LYS B 327 26.09 10.17 -18.25
N LEU B 328 26.95 11.03 -17.72
CA LEU B 328 27.67 11.98 -18.56
C LEU B 328 28.61 11.29 -19.53
N PHE B 329 29.19 10.14 -19.14
CA PHE B 329 30.10 9.43 -20.03
C PHE B 329 29.36 8.87 -21.24
N ARG B 330 28.21 8.23 -21.01
CA ARG B 330 27.41 7.73 -22.13
C ARG B 330 26.85 8.88 -22.96
N LEU B 331 26.40 9.94 -22.29
CA LEU B 331 25.91 11.11 -23.02
C LEU B 331 26.99 11.71 -23.90
N ALA B 332 28.24 11.72 -23.42
CA ALA B 332 29.33 12.27 -24.20
C ALA B 332 29.73 11.33 -25.34
N ALA B 333 29.75 10.03 -25.06
CA ALA B 333 29.99 9.07 -26.13
C ALA B 333 28.88 9.07 -27.16
N ALA B 334 27.67 9.50 -26.76
CA ALA B 334 26.57 9.66 -27.70
C ALA B 334 26.70 10.91 -28.55
N GLN B 335 27.54 11.86 -28.14
CA GLN B 335 27.70 13.12 -28.86
C GLN B 335 28.34 12.88 -30.23
N THR B 336 27.62 13.27 -31.28
CA THR B 336 28.14 13.16 -32.64
C THR B 336 28.83 14.43 -33.11
N GLY B 337 28.45 15.58 -32.55
CA GLY B 337 29.01 16.84 -33.00
C GLY B 337 30.48 16.98 -32.68
N LYS B 338 31.14 17.80 -33.50
CA LYS B 338 32.55 18.11 -33.35
C LYS B 338 32.84 19.08 -32.21
N GLY B 339 31.81 19.67 -31.61
CA GLY B 339 32.02 20.74 -30.65
C GLY B 339 32.59 20.25 -29.33
N THR B 340 33.09 21.21 -28.56
CA THR B 340 33.62 20.94 -27.24
C THR B 340 32.54 20.92 -26.16
N GLY B 341 31.34 21.38 -26.49
CA GLY B 341 30.24 21.31 -25.56
C GLY B 341 29.56 19.97 -25.57
N LEU B 342 28.64 19.81 -24.62
CA LEU B 342 27.80 18.63 -24.51
C LEU B 342 26.37 19.01 -24.87
N ILE B 343 25.79 18.32 -25.85
CA ILE B 343 24.47 18.61 -26.37
C ILE B 343 23.47 17.66 -25.74
N VAL B 344 22.50 18.19 -25.02
CA VAL B 344 21.47 17.38 -24.39
C VAL B 344 20.12 17.79 -24.98
N HIS B 345 19.24 16.80 -25.18
CA HIS B 345 17.95 17.03 -25.81
C HIS B 345 16.77 16.90 -24.87
N ASP B 346 16.97 16.32 -23.69
CA ASP B 346 15.89 16.08 -22.73
C ASP B 346 15.73 17.23 -21.74
N TRP B 347 16.27 18.40 -22.04
CA TRP B 347 16.17 19.52 -21.12
C TRP B 347 15.00 20.41 -21.50
N GLN B 348 13.93 20.33 -20.73
CA GLN B 348 12.85 21.29 -20.83
C GLN B 348 12.86 22.11 -19.55
N PHE B 349 12.96 23.44 -19.70
CA PHE B 349 13.06 24.35 -18.57
C PHE B 349 11.80 25.22 -18.56
N GLU B 350 11.03 25.18 -17.48
CA GLU B 350 9.85 26.05 -17.41
C GLU B 350 9.95 27.02 -16.22
N ASP B 351 9.51 26.56 -15.05
CA ASP B 351 9.73 27.28 -13.79
C ASP B 351 11.02 26.82 -13.10
N SER B 352 11.99 26.36 -13.89
CA SER B 352 13.31 25.97 -13.38
C SER B 352 14.28 27.14 -13.33
N GLU B 353 13.79 28.36 -13.56
CA GLU B 353 14.61 29.57 -13.59
C GLU B 353 15.83 29.38 -14.47
N THR B 354 15.69 28.60 -15.55
CA THR B 354 16.83 28.27 -16.38
C THR B 354 16.88 29.24 -17.53
N PRO B 355 17.85 30.12 -17.57
CA PRO B 355 17.87 31.20 -18.52
C PRO B 355 17.89 30.66 -19.94
N PRO B 356 16.91 31.02 -20.75
CA PRO B 356 16.95 30.68 -22.17
C PRO B 356 17.45 31.85 -23.01
N GLU B 357 18.34 32.68 -22.46
CA GLU B 357 18.75 33.94 -23.07
C GLU B 357 19.34 33.72 -24.46
N ASN B 358 20.39 32.92 -24.54
CA ASN B 358 21.11 32.64 -25.78
C ASN B 358 21.95 31.42 -25.43
N LEU B 359 21.52 30.26 -25.91
CA LEU B 359 22.08 28.99 -25.47
C LEU B 359 22.70 28.21 -26.63
N ASP B 360 22.91 28.87 -27.77
CA ASP B 360 23.48 28.22 -28.96
C ASP B 360 22.75 26.91 -29.21
N PHE B 361 21.47 26.97 -29.55
CA PHE B 361 20.67 25.76 -29.67
C PHE B 361 21.22 24.84 -30.75
N SER B 362 21.06 23.53 -30.56
CA SER B 362 21.40 22.58 -31.60
C SER B 362 20.47 22.76 -32.80
N GLU B 363 20.92 22.27 -33.97
CA GLU B 363 20.10 22.37 -35.16
C GLU B 363 18.78 21.63 -34.99
N LEU B 364 18.81 20.48 -34.33
CA LEU B 364 17.66 19.60 -34.22
C LEU B 364 16.82 19.89 -32.98
N GLY B 365 17.13 20.95 -32.26
CA GLY B 365 16.33 21.34 -31.13
C GLY B 365 16.95 21.08 -29.78
N GLY B 366 18.19 20.59 -29.76
CA GLY B 366 18.86 20.34 -28.51
C GLY B 366 19.56 21.57 -27.97
N VAL B 367 19.83 21.54 -26.66
CA VAL B 367 20.60 22.59 -26.02
C VAL B 367 22.06 22.15 -26.00
N ASN B 368 22.97 23.06 -26.35
CA ASN B 368 24.41 22.80 -26.34
C ASN B 368 25.03 23.46 -25.12
N LEU B 369 25.45 22.64 -24.15
CA LEU B 369 26.01 23.16 -22.92
C LEU B 369 27.40 23.71 -23.20
N GLN B 370 27.63 24.99 -22.90
CA GLN B 370 28.91 25.63 -23.17
C GLN B 370 29.65 26.11 -21.94
N THR B 371 29.02 26.13 -20.77
CA THR B 371 29.69 26.54 -19.55
C THR B 371 29.42 25.55 -18.44
N PHE B 372 30.35 25.50 -17.49
CA PHE B 372 30.23 24.59 -16.35
C PHE B 372 28.95 24.85 -15.57
N GLU B 373 28.54 26.12 -15.46
CA GLU B 373 27.33 26.45 -14.70
C GLU B 373 26.10 25.82 -15.34
N GLN B 374 26.06 25.77 -16.67
CA GLN B 374 24.94 25.15 -17.38
C GLN B 374 24.91 23.64 -17.14
N LEU B 375 26.06 22.99 -17.24
CA LEU B 375 26.16 21.55 -16.99
C LEU B 375 25.65 21.21 -15.60
N ILE B 376 26.02 22.01 -14.61
CA ILE B 376 25.48 21.82 -13.26
C ILE B 376 23.99 22.11 -13.25
N SER B 377 23.57 23.15 -13.98
CA SER B 377 22.14 23.47 -14.05
C SER B 377 21.36 22.30 -14.64
N TYR B 378 21.88 21.69 -15.70
CA TYR B 378 21.23 20.53 -16.29
C TYR B 378 21.18 19.38 -15.29
N LEU B 379 22.25 19.19 -14.51
CA LEU B 379 22.25 18.17 -13.46
C LEU B 379 21.20 18.46 -12.40
N GLU B 380 21.06 19.74 -12.01
CA GLU B 380 20.01 20.13 -11.08
C GLU B 380 18.64 19.74 -11.60
N TYR B 381 18.42 19.98 -12.90
CA TYR B 381 17.12 19.68 -13.49
C TYR B 381 16.85 18.18 -13.54
N LYS B 382 17.85 17.39 -13.94
CA LYS B 382 17.66 15.95 -14.04
C LYS B 382 17.47 15.30 -12.66
N LEU B 383 18.08 15.86 -11.63
CA LEU B 383 18.04 15.24 -10.31
C LEU B 383 16.95 15.82 -9.40
N LEU B 384 16.63 17.10 -9.55
CA LEU B 384 15.79 17.79 -8.57
C LEU B 384 14.56 18.50 -9.13
N GLU B 385 14.39 18.59 -10.45
CA GLU B 385 13.23 19.26 -11.03
C GLU B 385 12.54 18.49 -12.15
N GLU B 386 13.06 17.32 -12.54
CA GLU B 386 12.65 16.70 -13.80
C GLU B 386 11.16 16.41 -13.85
N ARG B 387 10.62 15.71 -12.86
CA ARG B 387 9.20 15.35 -12.83
C ARG B 387 8.62 15.89 -11.53
N GLU B 388 8.35 17.20 -11.52
CA GLU B 388 7.85 17.92 -10.34
C GLU B 388 8.70 17.67 -9.09
N GLY B 389 10.02 17.46 -9.26
CA GLY B 389 10.94 17.32 -8.15
C GLY B 389 11.51 15.95 -7.86
N GLU B 390 10.82 14.88 -8.26
CA GLU B 390 11.35 13.53 -8.00
C GLU B 390 12.38 13.12 -9.03
N GLY B 391 12.35 13.69 -10.23
CA GLY B 391 13.43 13.57 -11.18
C GLY B 391 13.41 12.31 -12.00
N ASP B 392 14.31 12.27 -13.00
CA ASP B 392 14.44 11.14 -13.90
C ASP B 392 15.07 9.95 -13.19
N PRO B 393 14.35 8.85 -12.98
CA PRO B 393 14.92 7.72 -12.24
C PRO B 393 16.13 7.07 -12.90
N LYS B 394 16.38 7.30 -14.19
CA LYS B 394 17.66 6.89 -14.75
C LYS B 394 18.81 7.63 -14.06
N TRP B 395 18.58 8.85 -13.60
CA TRP B 395 19.62 9.68 -13.02
C TRP B 395 19.62 9.66 -11.50
N VAL B 396 18.43 9.71 -10.90
CA VAL B 396 18.29 9.59 -9.45
C VAL B 396 17.83 8.16 -9.20
N LEU B 397 18.81 7.25 -9.11
CA LEU B 397 18.54 5.83 -8.95
C LEU B 397 18.27 5.53 -7.48
N LYS B 398 17.07 5.89 -7.05
CA LYS B 398 16.56 5.72 -5.68
C LYS B 398 17.26 6.66 -4.68
N GLN B 399 18.27 7.37 -5.18
CA GLN B 399 19.08 8.21 -4.31
C GLN B 399 18.29 9.24 -3.51
N SER B 400 18.62 9.32 -2.22
CA SER B 400 17.93 10.23 -1.32
C SER B 400 18.20 11.68 -1.72
N PRO B 401 17.17 12.52 -1.76
CA PRO B 401 17.36 13.91 -2.21
C PRO B 401 18.29 14.71 -1.34
N GLY B 402 18.34 14.41 -0.05
CA GLY B 402 19.40 14.97 0.79
C GLY B 402 20.77 14.73 0.19
N THR B 403 21.01 13.47 -0.23
CA THR B 403 22.27 13.17 -0.92
C THR B 403 22.33 13.86 -2.28
N LEU B 404 21.18 14.02 -2.92
CA LEU B 404 21.16 14.62 -4.25
C LEU B 404 21.50 16.10 -4.22
N ARG B 405 20.87 16.85 -3.31
CA ARG B 405 21.18 18.27 -3.26
C ARG B 405 22.54 18.53 -2.63
N ALA B 406 22.98 17.66 -1.70
CA ALA B 406 24.37 17.71 -1.25
C ALA B 406 25.33 17.66 -2.43
N PHE B 407 25.15 16.65 -3.29
CA PHE B 407 25.87 16.57 -4.56
C PHE B 407 25.74 17.87 -5.35
N THR B 408 24.51 18.38 -5.47
CA THR B 408 24.30 19.60 -6.21
C THR B 408 24.97 20.78 -5.53
N ARG B 409 24.77 20.94 -4.22
CA ARG B 409 25.20 22.17 -3.57
C ARG B 409 26.72 22.28 -3.53
N ARG B 410 27.45 21.15 -3.42
CA ARG B 410 28.91 21.23 -3.50
C ARG B 410 29.38 21.47 -4.93
N LEU B 411 28.59 21.04 -5.92
CA LEU B 411 28.87 21.44 -7.29
C LEU B 411 28.64 22.92 -7.49
N ARG B 412 27.61 23.47 -6.84
CA ARG B 412 27.34 24.89 -6.95
C ARG B 412 28.42 25.73 -6.28
N GLY B 413 28.85 25.34 -5.07
CA GLY B 413 29.87 26.12 -4.38
C GLY B 413 31.16 26.20 -5.17
N VAL B 414 31.52 25.12 -5.87
CA VAL B 414 32.81 25.04 -6.55
C VAL B 414 32.77 25.60 -7.97
N GLN B 415 31.59 26.02 -8.45
CA GLN B 415 31.46 26.32 -9.88
C GLN B 415 32.19 27.60 -10.26
N LYS B 416 32.13 28.62 -9.40
CA LYS B 416 32.77 29.90 -9.72
C LYS B 416 34.27 29.73 -9.92
N TYR B 417 34.89 28.84 -9.15
CA TYR B 417 36.33 28.67 -9.21
C TYR B 417 36.75 27.76 -10.37
N LEU B 418 35.94 26.76 -10.69
CA LEU B 418 36.25 25.82 -11.76
C LEU B 418 35.72 26.25 -13.12
N SER B 419 34.89 27.29 -13.18
CA SER B 419 34.26 27.64 -14.44
C SER B 419 35.25 28.04 -15.52
N PRO B 420 36.20 28.95 -15.32
CA PRO B 420 37.09 29.33 -16.42
C PRO B 420 37.97 28.18 -16.91
N LEU B 421 38.18 27.14 -16.09
CA LEU B 421 39.00 26.01 -16.51
C LEU B 421 38.24 25.09 -17.46
N ILE B 422 36.97 24.83 -17.18
CA ILE B 422 36.15 23.93 -17.98
C ILE B 422 35.27 24.78 -18.89
N ARG B 423 35.63 24.88 -20.17
CA ARG B 423 34.96 25.72 -21.14
C ARG B 423 34.40 24.88 -22.28
N GLY B 424 33.10 24.99 -22.51
CA GLY B 424 32.46 24.34 -23.64
C GLY B 424 32.23 25.29 -24.80
N ASP B 425 32.45 26.59 -24.56
CA ASP B 425 32.30 27.58 -25.61
C ASP B 425 33.48 27.60 -26.58
N LEU B 426 34.58 26.93 -26.25
CA LEU B 426 35.75 26.95 -27.11
C LEU B 426 35.54 26.07 -28.34
N THR B 427 36.27 26.40 -29.39
CA THR B 427 36.25 25.67 -30.64
C THR B 427 37.19 24.49 -30.58
N PRO B 428 37.06 23.53 -31.51
CA PRO B 428 37.88 22.30 -31.41
C PRO B 428 39.38 22.53 -31.55
N GLU B 429 39.83 23.48 -32.38
CA GLU B 429 41.26 23.69 -32.52
C GLU B 429 41.86 24.35 -31.28
N GLN B 430 41.17 25.36 -30.75
CA GLN B 430 41.63 25.97 -29.50
C GLN B 430 41.74 24.94 -28.39
N ALA B 431 40.81 23.98 -28.36
CA ALA B 431 40.80 22.97 -27.31
C ALA B 431 41.96 22.00 -27.44
N GLU B 432 42.23 21.50 -28.65
CA GLU B 432 43.35 20.58 -28.85
C GLU B 432 44.68 21.28 -28.59
N GLY B 433 44.76 22.58 -28.91
CA GLY B 433 46.00 23.31 -28.67
C GLY B 433 46.23 23.59 -27.21
N TYR B 434 45.16 23.90 -26.47
CA TYR B 434 45.25 24.29 -25.07
C TYR B 434 45.10 23.12 -24.10
N ARG B 435 44.89 21.91 -24.61
CA ARG B 435 44.74 20.75 -23.75
C ARG B 435 46.03 20.49 -22.99
N PRO B 436 45.98 20.35 -21.65
CA PRO B 436 47.20 20.14 -20.87
C PRO B 436 47.73 18.73 -21.07
N ASP B 437 48.88 18.61 -21.71
CA ASP B 437 49.54 17.31 -21.90
C ASP B 437 50.86 17.31 -21.15
N PRO B 438 50.94 16.64 -20.00
CA PRO B 438 52.24 16.46 -19.34
C PRO B 438 53.19 15.59 -20.13
N LEU B 439 52.69 14.84 -21.11
CA LEU B 439 53.50 13.90 -21.88
C LEU B 439 53.74 14.37 -23.31
N ARG B 440 53.60 15.66 -23.57
CA ARG B 440 53.80 16.18 -24.93
C ARG B 440 55.20 15.86 -25.42
N ARG B 441 55.30 15.57 -26.72
CA ARG B 441 56.57 15.13 -27.30
C ARG B 441 57.59 16.26 -27.30
N GLY B 442 58.84 15.91 -27.01
CA GLY B 442 59.89 16.90 -26.96
C GLY B 442 59.91 17.77 -25.73
N ILE B 443 59.08 17.48 -24.73
CA ILE B 443 59.06 18.23 -23.48
C ILE B 443 59.63 17.33 -22.39
N GLN B 444 60.53 17.88 -21.57
CA GLN B 444 61.10 17.09 -20.48
C GLN B 444 60.48 17.42 -19.13
N LEU B 445 60.22 18.69 -18.85
CA LEU B 445 59.65 19.12 -17.59
C LEU B 445 58.38 19.90 -17.87
N THR B 446 57.31 19.59 -17.14
CA THR B 446 56.06 20.33 -17.25
C THR B 446 55.77 20.98 -15.91
N VAL B 447 55.55 22.30 -15.93
CA VAL B 447 55.17 23.07 -14.76
C VAL B 447 53.74 23.57 -14.96
N VAL B 448 52.85 23.17 -14.06
CA VAL B 448 51.45 23.58 -14.08
C VAL B 448 51.25 24.63 -13.00
N ASP B 449 50.91 25.84 -13.41
CA ASP B 449 50.74 26.95 -12.46
C ASP B 449 49.31 26.94 -11.93
N ILE B 450 49.12 26.35 -10.77
CA ILE B 450 47.80 26.33 -10.14
C ILE B 450 47.72 27.33 -9.00
N HIS B 451 48.66 28.28 -8.94
CA HIS B 451 48.78 29.12 -7.75
C HIS B 451 47.60 30.09 -7.62
N ALA B 452 47.09 30.56 -8.74
CA ALA B 452 45.93 31.46 -8.69
C ALA B 452 44.63 30.70 -8.49
N LEU B 453 44.62 29.38 -8.62
CA LEU B 453 43.39 28.63 -8.47
C LEU B 453 43.04 28.48 -6.99
N SER B 454 41.76 28.20 -6.73
CA SER B 454 41.29 27.93 -5.39
C SER B 454 41.75 26.55 -4.94
N ALA B 455 41.70 26.32 -3.62
CA ALA B 455 42.00 25.00 -3.08
C ALA B 455 41.21 23.92 -3.80
N HIS B 456 40.00 24.24 -4.29
CA HIS B 456 39.21 23.26 -5.01
C HIS B 456 39.65 23.13 -6.46
N ALA B 457 39.94 24.26 -7.11
CA ALA B 457 40.43 24.20 -8.48
C ALA B 457 41.83 23.61 -8.54
N GLN B 458 42.68 23.95 -7.56
CA GLN B 458 43.98 23.32 -7.44
C GLN B 458 43.85 21.80 -7.36
N MET B 459 43.13 21.33 -6.34
CA MET B 459 42.98 19.89 -6.13
C MET B 459 42.36 19.21 -7.33
N PHE B 460 41.44 19.88 -8.03
CA PHE B 460 40.85 19.31 -9.24
C PHE B 460 41.91 19.04 -10.30
N VAL B 461 42.55 20.10 -10.78
CA VAL B 461 43.56 19.99 -11.84
C VAL B 461 44.63 18.96 -11.47
N VAL B 462 45.13 19.01 -10.24
CA VAL B 462 46.10 18.02 -9.78
C VAL B 462 45.53 16.62 -9.91
N GLY B 463 44.25 16.45 -9.56
CA GLY B 463 43.65 15.13 -9.60
C GLY B 463 43.62 14.55 -11.00
N VAL B 464 43.03 15.29 -11.94
CA VAL B 464 42.84 14.74 -13.28
C VAL B 464 44.19 14.60 -14.00
N LEU B 465 45.12 15.53 -13.75
CA LEU B 465 46.42 15.46 -14.42
C LEU B 465 47.23 14.27 -13.92
N LEU B 466 47.23 14.04 -12.61
CA LEU B 466 47.88 12.84 -12.08
C LEU B 466 47.21 11.59 -12.61
N ARG B 467 45.87 11.57 -12.66
CA ARG B 467 45.18 10.39 -13.17
C ARG B 467 45.44 10.19 -14.65
N GLU B 468 45.45 11.28 -15.43
CA GLU B 468 45.72 11.15 -16.85
C GLU B 468 47.05 10.48 -17.11
N VAL B 469 48.09 10.87 -16.36
CA VAL B 469 49.40 10.25 -16.51
C VAL B 469 49.35 8.79 -16.09
N PHE B 470 48.69 8.51 -14.97
CA PHE B 470 48.60 7.13 -14.50
C PHE B 470 47.83 6.26 -15.48
N GLU B 471 46.70 6.76 -16.00
CA GLU B 471 45.97 6.00 -17.02
C GLU B 471 46.86 5.73 -18.23
N TYR B 472 47.69 6.71 -18.60
CA TYR B 472 48.53 6.56 -19.77
C TYR B 472 49.58 5.48 -19.55
N LYS B 473 50.14 5.40 -18.36
CA LYS B 473 51.15 4.38 -18.08
C LYS B 473 50.52 2.98 -18.04
N GLU B 474 49.31 2.86 -17.48
CA GLU B 474 48.62 1.58 -17.51
C GLU B 474 48.39 1.12 -18.94
N ARG B 475 47.90 2.02 -19.80
CA ARG B 475 47.55 1.63 -21.16
C ARG B 475 48.77 1.32 -22.01
N VAL B 476 49.83 2.10 -21.88
CA VAL B 476 50.91 2.04 -22.85
C VAL B 476 52.08 1.21 -22.32
N GLY B 477 52.45 1.42 -21.07
CA GLY B 477 53.44 0.56 -20.46
C GLY B 477 54.62 1.33 -19.90
N ARG B 478 55.66 0.57 -19.56
CA ARG B 478 56.68 1.04 -18.65
C ARG B 478 58.08 1.05 -19.27
N GLN B 479 58.33 1.94 -20.22
CA GLN B 479 59.67 2.18 -20.73
C GLN B 479 60.00 3.67 -20.72
N ASP B 480 59.14 4.47 -20.11
CA ASP B 480 59.37 5.89 -19.91
C ASP B 480 59.11 6.17 -18.44
N THR B 481 60.11 6.66 -17.73
CA THR B 481 59.91 7.05 -16.34
C THR B 481 59.42 8.49 -16.29
N VAL B 482 58.34 8.71 -15.56
CA VAL B 482 57.79 10.03 -15.33
C VAL B 482 57.92 10.35 -13.85
N PHE B 483 58.42 11.54 -13.54
CA PHE B 483 58.61 11.96 -12.16
C PHE B 483 57.53 12.95 -11.77
N VAL B 484 56.93 12.75 -10.61
CA VAL B 484 55.89 13.63 -10.08
C VAL B 484 56.44 14.26 -8.80
N VAL B 485 56.60 15.58 -8.82
CA VAL B 485 57.19 16.33 -7.71
C VAL B 485 56.07 17.10 -7.04
N LEU B 486 55.83 16.82 -5.76
CA LEU B 486 54.63 17.28 -5.08
C LEU B 486 54.95 17.66 -3.64
N ASP B 487 54.82 18.95 -3.31
CA ASP B 487 54.98 19.42 -1.94
C ASP B 487 53.62 19.44 -1.25
N GLU B 488 53.65 19.68 0.06
CA GLU B 488 52.45 19.69 0.88
C GLU B 488 51.70 18.36 0.77
N LEU B 489 52.44 17.28 0.92
CA LEU B 489 51.83 15.96 0.79
C LEU B 489 50.71 15.73 1.79
N ASN B 490 50.61 16.56 2.84
CA ASN B 490 49.61 16.28 3.87
C ASN B 490 48.22 16.70 3.40
N LYS B 491 48.11 17.76 2.61
CA LYS B 491 46.79 18.15 2.14
C LYS B 491 46.32 17.24 0.99
N TYR B 492 47.25 16.77 0.16
CA TYR B 492 46.86 15.93 -0.97
C TYR B 492 46.57 14.49 -0.53
N ALA B 493 47.34 13.96 0.44
CA ALA B 493 47.15 12.61 0.93
C ALA B 493 47.16 12.61 2.46
N PRO B 494 46.10 13.13 3.09
CA PRO B 494 46.07 13.18 4.56
C PRO B 494 46.11 11.78 5.15
N ARG B 495 46.43 11.73 6.45
CA ARG B 495 46.57 10.44 7.10
C ARG B 495 45.22 9.74 7.24
N GLU B 496 44.17 10.49 7.56
CA GLU B 496 42.91 9.88 7.95
C GLU B 496 41.77 10.09 6.96
N GLY B 497 41.81 11.14 6.14
CA GLY B 497 40.76 11.38 5.17
C GLY B 497 40.73 10.33 4.06
N ASP B 498 39.82 10.55 3.11
CA ASP B 498 39.74 9.69 1.93
C ASP B 498 39.15 10.49 0.78
N SER B 499 39.94 10.67 -0.27
CA SER B 499 39.57 11.50 -1.41
C SER B 499 40.10 10.86 -2.69
N PRO B 500 39.63 11.29 -3.87
CA PRO B 500 40.10 10.65 -5.11
C PRO B 500 41.53 11.03 -5.48
N ILE B 501 41.93 12.26 -5.15
CA ILE B 501 43.30 12.67 -5.41
C ILE B 501 44.27 11.90 -4.53
N LYS B 502 43.84 11.52 -3.33
CA LYS B 502 44.64 10.61 -2.51
C LYS B 502 44.66 9.21 -3.11
N ASP B 503 43.61 8.83 -3.83
CA ASP B 503 43.55 7.50 -4.43
C ASP B 503 44.54 7.38 -5.59
N VAL B 504 44.75 8.46 -6.36
CA VAL B 504 45.71 8.38 -7.44
C VAL B 504 47.13 8.39 -6.89
N LEU B 505 47.36 9.13 -5.81
CA LEU B 505 48.66 9.10 -5.14
C LEU B 505 48.91 7.74 -4.51
N LEU B 506 47.88 7.10 -3.97
CA LEU B 506 47.99 5.73 -3.52
C LEU B 506 48.38 4.81 -4.67
N ASP B 507 47.74 4.99 -5.83
CA ASP B 507 48.04 4.14 -6.98
C ASP B 507 49.47 4.33 -7.46
N ILE B 508 49.94 5.58 -7.46
CA ILE B 508 51.33 5.87 -7.85
C ILE B 508 52.29 5.21 -6.88
N ALA B 509 52.01 5.26 -5.57
CA ALA B 509 52.94 4.73 -4.59
C ALA B 509 52.98 3.20 -4.63
N GLU B 510 51.81 2.56 -4.62
CA GLU B 510 51.75 1.11 -4.50
C GLU B 510 51.96 0.40 -5.82
N ARG B 511 51.65 1.06 -6.94
CA ARG B 511 51.83 0.45 -8.25
C ARG B 511 52.89 1.11 -9.10
N GLY B 512 53.24 2.37 -8.83
CA GLY B 512 53.98 3.16 -9.79
C GLY B 512 55.39 2.68 -10.05
N ARG B 513 55.92 1.79 -9.21
CA ARG B 513 57.25 1.25 -9.47
C ARG B 513 57.27 0.50 -10.80
N SER B 514 56.39 -0.48 -10.94
CA SER B 514 56.34 -1.29 -12.14
C SER B 514 55.60 -0.62 -13.28
N LEU B 515 55.09 0.60 -13.08
CA LEU B 515 54.45 1.33 -14.15
C LEU B 515 55.32 2.43 -14.73
N GLY B 516 56.37 2.84 -14.01
CA GLY B 516 57.27 3.89 -14.48
C GLY B 516 56.97 5.27 -13.96
N ILE B 517 56.05 5.42 -13.00
CA ILE B 517 55.77 6.71 -12.39
C ILE B 517 56.43 6.73 -11.02
N ILE B 518 57.27 7.73 -10.78
CA ILE B 518 58.00 7.87 -9.52
C ILE B 518 57.53 9.15 -8.85
N LEU B 519 57.29 9.06 -7.55
CA LEU B 519 56.87 10.19 -6.75
C LEU B 519 58.06 10.72 -5.95
N ILE B 520 58.35 12.01 -6.11
CA ILE B 520 59.27 12.75 -5.28
C ILE B 520 58.42 13.66 -4.41
N GLY B 521 58.06 13.19 -3.21
CA GLY B 521 57.07 13.86 -2.38
C GLY B 521 57.69 14.57 -1.20
N ALA B 522 57.09 15.69 -0.83
CA ALA B 522 57.59 16.51 0.28
C ALA B 522 56.45 16.90 1.20
N GLN B 523 56.73 16.90 2.49
CA GLN B 523 55.82 17.40 3.51
C GLN B 523 56.64 17.80 4.72
N GLN B 524 56.07 18.66 5.56
CA GLN B 524 56.77 19.09 6.77
C GLN B 524 56.96 17.92 7.73
N THR B 525 55.90 17.14 7.99
CA THR B 525 56.02 15.96 8.84
C THR B 525 55.31 14.79 8.17
N ALA B 526 56.03 13.67 8.07
CA ALA B 526 55.44 12.47 7.47
C ALA B 526 54.36 11.87 8.34
N SER B 527 54.28 12.24 9.62
CA SER B 527 53.25 11.70 10.47
C SER B 527 51.86 12.16 10.07
N GLU B 528 51.75 13.23 9.28
CA GLU B 528 50.46 13.73 8.84
C GLU B 528 50.10 13.30 7.43
N VAL B 529 50.84 12.35 6.86
CA VAL B 529 50.58 11.85 5.51
C VAL B 529 50.16 10.39 5.61
N GLU B 530 49.34 9.95 4.65
CA GLU B 530 48.86 8.58 4.63
C GLU B 530 50.01 7.60 4.77
N ARG B 531 49.82 6.62 5.66
CA ARG B 531 50.88 5.65 5.93
C ARG B 531 51.32 4.93 4.67
N ARG B 532 50.43 4.75 3.71
CA ARG B 532 50.76 3.93 2.56
C ARG B 532 51.58 4.67 1.52
N ILE B 533 51.48 6.00 1.48
CA ILE B 533 52.34 6.78 0.61
C ILE B 533 53.75 6.87 1.18
N VAL B 534 53.85 7.22 2.46
CA VAL B 534 55.15 7.37 3.11
C VAL B 534 55.89 6.03 3.15
N SER B 535 55.16 4.94 3.35
CA SER B 535 55.80 3.65 3.54
C SER B 535 56.48 3.15 2.28
N ASN B 536 56.01 3.55 1.11
CA ASN B 536 56.54 3.02 -0.14
C ASN B 536 57.67 3.87 -0.71
N ALA B 537 58.29 4.71 0.11
CA ALA B 537 59.42 5.53 -0.32
C ALA B 537 60.71 4.84 0.06
N ALA B 538 61.57 4.59 -0.94
CA ALA B 538 62.84 3.94 -0.67
C ALA B 538 63.90 4.91 -0.21
N ILE B 539 63.82 6.15 -0.68
CA ILE B 539 64.78 7.20 -0.35
C ILE B 539 64.08 8.20 0.56
N ARG B 540 64.59 8.33 1.79
CA ARG B 540 64.02 9.25 2.77
C ARG B 540 65.04 10.33 3.10
N VAL B 541 64.67 11.59 2.86
CA VAL B 541 65.55 12.74 3.08
C VAL B 541 64.92 13.62 4.16
N VAL B 542 65.76 14.12 5.06
CA VAL B 542 65.31 14.92 6.20
C VAL B 542 66.13 16.20 6.23
N GLY B 543 65.46 17.34 6.17
CA GLY B 543 66.05 18.63 6.50
C GLY B 543 65.86 18.93 7.97
N ARG B 544 65.98 20.21 8.31
CA ARG B 544 65.83 20.60 9.72
C ARG B 544 64.48 20.16 10.24
N LEU B 545 64.48 19.16 11.12
CA LEU B 545 63.26 18.60 11.66
C LEU B 545 62.86 19.29 12.94
N ASP B 546 61.55 19.50 13.10
CA ASP B 546 61.02 19.99 14.37
C ASP B 546 61.44 19.07 15.51
N LEU B 547 61.64 19.67 16.68
CA LEU B 547 62.08 18.91 17.84
C LEU B 547 61.07 17.82 18.18
N ALA B 548 59.78 18.15 18.13
CA ALA B 548 58.73 17.22 18.47
C ALA B 548 58.69 16.02 17.53
N GLU B 549 58.76 16.28 16.23
CA GLU B 549 58.48 15.27 15.23
C GLU B 549 59.62 14.27 15.08
N ALA B 550 60.83 14.61 15.51
CA ALA B 550 61.95 13.69 15.30
C ALA B 550 61.78 12.41 16.10
N GLU B 551 61.09 12.48 17.24
CA GLU B 551 60.87 11.27 18.04
C GLU B 551 59.60 10.54 17.66
N ARG B 552 58.86 11.06 16.66
CA ARG B 552 57.67 10.38 16.17
C ARG B 552 58.04 9.04 15.54
N PRO B 553 57.09 8.09 15.54
CA PRO B 553 57.38 6.78 14.93
C PRO B 553 57.74 6.84 13.47
N GLU B 554 57.34 7.89 12.76
CA GLU B 554 57.63 8.00 11.33
C GLU B 554 59.09 8.32 11.06
N TYR B 555 59.85 8.70 12.08
CA TYR B 555 61.25 9.08 11.92
C TYR B 555 62.16 8.22 12.79
N ARG B 556 61.83 6.93 12.90
CA ARG B 556 62.68 6.02 13.65
C ARG B 556 63.93 5.64 12.87
N PHE B 557 63.93 5.82 11.55
CA PHE B 557 65.14 5.58 10.77
C PHE B 557 66.26 6.54 11.13
N LEU B 558 65.95 7.69 11.73
CA LEU B 558 66.96 8.53 12.34
C LEU B 558 67.32 7.99 13.71
N PRO B 559 68.53 7.48 13.93
CA PRO B 559 68.94 7.11 15.29
C PRO B 559 68.83 8.29 16.23
N GLN B 560 68.71 7.99 17.53
CA GLN B 560 68.68 9.08 18.52
C GLN B 560 69.94 9.92 18.46
N SER B 561 71.04 9.38 17.94
CA SER B 561 72.23 10.17 17.65
C SER B 561 71.92 11.40 16.82
N PHE B 562 70.99 11.28 15.87
CA PHE B 562 70.83 12.33 14.87
C PHE B 562 69.84 13.40 15.27
N ARG B 563 68.96 13.11 16.22
CA ARG B 563 67.81 13.97 16.46
C ARG B 563 68.24 15.36 16.89
N GLY B 564 69.18 15.43 17.84
CA GLY B 564 69.65 16.72 18.29
C GLY B 564 70.33 17.51 17.20
N ARG B 565 71.16 16.83 16.41
CA ARG B 565 71.82 17.47 15.28
C ARG B 565 70.81 17.96 14.25
N ALA B 566 69.82 17.13 13.90
CA ALA B 566 68.84 17.48 12.86
C ALA B 566 67.96 18.65 13.26
N GLY B 567 67.89 18.98 14.55
CA GLY B 567 67.09 20.11 14.98
C GLY B 567 67.66 21.45 14.56
N ILE B 568 68.96 21.52 14.31
CA ILE B 568 69.64 22.78 14.02
C ILE B 568 70.37 22.76 12.68
N LEU B 569 70.09 21.77 11.83
CA LEU B 569 70.68 21.72 10.50
C LEU B 569 70.43 23.04 9.78
N GLN B 570 71.41 23.49 9.02
CA GLN B 570 71.24 24.73 8.29
C GLN B 570 70.58 24.49 6.94
N PRO B 571 69.85 25.47 6.41
CA PRO B 571 69.31 25.33 5.05
C PRO B 571 70.39 24.94 4.06
N GLY B 572 70.05 24.00 3.18
CA GLY B 572 71.01 23.44 2.25
C GLY B 572 71.68 22.17 2.72
N THR B 573 71.39 21.74 3.95
CA THR B 573 71.96 20.54 4.53
C THR B 573 70.85 19.53 4.78
N MET B 574 71.05 18.30 4.30
CA MET B 574 70.05 17.25 4.41
C MET B 574 70.69 15.96 4.87
N LEU B 575 69.89 15.13 5.52
CA LEU B 575 70.27 13.76 5.86
C LEU B 575 69.47 12.85 4.94
N VAL B 576 70.17 12.13 4.04
CA VAL B 576 69.50 11.19 3.15
C VAL B 576 69.72 9.78 3.69
N SER B 577 68.66 8.98 3.60
CA SER B 577 68.69 7.58 4.02
C SER B 577 68.19 6.74 2.86
N GLN B 578 68.98 5.75 2.47
CA GLN B 578 68.67 4.87 1.36
C GLN B 578 68.93 3.43 1.78
N PRO B 579 68.31 2.46 1.09
CA PRO B 579 68.41 1.07 1.55
C PRO B 579 69.83 0.53 1.57
N ASP B 580 70.66 0.90 0.61
CA ASP B 580 72.00 0.31 0.51
C ASP B 580 72.85 0.61 1.73
N VAL B 581 72.82 1.83 2.22
CA VAL B 581 73.67 2.28 3.33
C VAL B 581 72.84 2.29 4.61
N PRO B 582 73.25 1.61 5.66
CA PRO B 582 72.39 1.39 6.82
C PRO B 582 72.22 2.59 7.74
N ASN B 583 72.70 3.77 7.38
CA ASN B 583 72.51 4.93 8.24
C ASN B 583 72.22 6.15 7.39
N PRO B 584 71.60 7.17 7.96
CA PRO B 584 71.52 8.45 7.26
C PRO B 584 72.91 9.07 7.14
N VAL B 585 73.15 9.70 5.99
CA VAL B 585 74.40 10.43 5.78
C VAL B 585 74.06 11.88 5.49
N LEU B 586 74.86 12.79 6.05
CA LEU B 586 74.64 14.21 5.88
C LEU B 586 75.32 14.68 4.60
N VAL B 587 74.58 15.42 3.78
CA VAL B 587 75.12 15.99 2.56
C VAL B 587 74.62 17.43 2.43
N ASN B 588 75.35 18.23 1.67
CA ASN B 588 74.87 19.53 1.22
C ASN B 588 74.92 19.56 -0.30
N TYR B 589 74.01 20.32 -0.89
CA TYR B 589 73.91 20.37 -2.34
C TYR B 589 73.96 21.82 -2.79
N PRO B 590 74.29 22.08 -4.07
CA PRO B 590 74.49 23.47 -4.52
C PRO B 590 73.24 24.34 -4.46
N PHE B 591 73.42 25.60 -4.81
CA PHE B 591 72.29 26.48 -5.00
C PHE B 591 71.61 26.15 -6.33
N PRO B 592 70.32 26.44 -6.47
CA PRO B 592 69.64 26.19 -7.74
C PRO B 592 70.24 27.05 -8.84
N ALA B 593 70.88 26.39 -9.81
CA ALA B 593 71.32 27.07 -11.03
C ALA B 593 70.15 27.60 -11.84
N TRP B 594 68.94 27.09 -11.61
CA TRP B 594 67.73 27.63 -12.22
C TRP B 594 67.15 28.69 -11.32
N ALA B 595 66.61 29.75 -11.92
CA ALA B 595 66.03 30.83 -11.12
C ALA B 595 64.81 30.35 -10.38
N THR B 596 64.70 30.76 -9.11
CA THR B 596 63.57 30.39 -8.26
C THR B 596 62.70 31.60 -7.93
N ARG B 597 62.97 32.75 -8.53
CA ARG B 597 62.21 33.95 -8.25
C ARG B 597 62.32 34.86 -9.48
N ARG B 598 61.48 35.89 -9.51
CA ARG B 598 61.47 36.81 -10.65
C ARG B 598 62.80 37.53 -10.79
N ASP B 599 63.30 38.13 -9.72
CA ASP B 599 64.51 38.94 -9.84
C ASP B 599 65.77 38.12 -10.06
N GLU B 600 65.70 36.79 -9.96
CA GLU B 600 66.90 35.98 -10.12
C GLU B 600 67.29 35.83 -11.57
N VAL B 601 66.33 35.99 -12.49
CA VAL B 601 66.60 36.10 -13.91
C VAL B 601 66.52 37.56 -14.29
N ASP B 602 67.61 38.09 -14.85
CA ASP B 602 67.70 39.49 -15.25
C ASP B 602 68.02 39.57 -16.74
N ASP B 603 67.16 40.26 -17.48
CA ASP B 603 67.16 40.34 -18.94
C ASP B 603 68.56 40.52 -19.56
N ASP C 13 85.31 41.21 28.80
CA ASP C 13 84.38 41.06 27.68
C ASP C 13 83.89 39.62 27.56
N ALA C 14 84.75 38.66 27.90
CA ALA C 14 84.33 37.27 27.93
C ALA C 14 83.52 36.97 29.20
N ILE C 15 82.76 35.89 29.14
CA ILE C 15 81.78 35.57 30.18
C ILE C 15 82.12 34.26 30.91
N GLY C 16 82.82 33.34 30.27
CA GLY C 16 83.21 32.11 30.93
C GLY C 16 84.16 31.32 30.06
N MET C 17 84.45 30.09 30.50
CA MET C 17 85.30 29.19 29.75
C MET C 17 84.64 27.82 29.62
N VAL C 18 84.79 27.21 28.45
CA VAL C 18 84.27 25.87 28.24
C VAL C 18 84.80 24.93 29.32
N LEU C 19 83.89 24.24 29.99
CA LEU C 19 84.27 23.30 31.03
C LEU C 19 84.79 22.00 30.44
N GLY C 20 85.66 21.33 31.19
CA GLY C 20 86.22 20.09 30.72
C GLY C 20 85.83 18.90 31.59
N THR C 21 85.19 19.19 32.74
CA THR C 21 84.77 18.13 33.65
C THR C 21 83.48 17.46 33.18
N GLU C 22 82.72 18.13 32.32
CA GLU C 22 81.59 17.57 31.60
C GLU C 22 81.96 17.40 30.14
N ASP C 23 81.27 16.49 29.46
CA ASP C 23 81.53 16.25 28.05
C ASP C 23 81.27 17.51 27.23
N VAL C 24 82.06 17.70 26.18
CA VAL C 24 81.90 18.81 25.25
C VAL C 24 81.53 18.22 23.89
N THR C 25 80.25 18.32 23.52
CA THR C 25 79.70 17.83 22.26
C THR C 25 79.33 19.01 21.36
N PRO C 26 79.23 18.80 20.05
CA PRO C 26 78.87 19.92 19.16
C PRO C 26 77.47 20.44 19.38
N THR C 27 76.58 19.63 19.95
CA THR C 27 75.19 20.03 20.17
C THR C 27 75.00 20.65 21.55
N VAL C 28 75.66 20.12 22.57
CA VAL C 28 75.52 20.62 23.94
C VAL C 28 76.88 20.58 24.63
N PHE C 29 77.08 21.54 25.53
CA PHE C 29 78.31 21.61 26.31
C PHE C 29 78.09 22.57 27.48
N TRP C 30 78.94 22.43 28.49
CA TRP C 30 78.94 23.26 29.69
C TRP C 30 80.09 24.27 29.65
N PHE C 31 79.94 25.34 30.42
CA PHE C 31 81.05 26.27 30.62
C PHE C 31 80.99 26.81 32.03
N ALA C 32 82.15 27.19 32.57
CA ALA C 32 82.25 27.73 33.93
C ALA C 32 82.19 29.24 33.87
N VAL C 33 81.30 29.83 34.66
CA VAL C 33 81.12 31.28 34.64
C VAL C 33 82.30 31.94 35.31
N SER C 34 82.93 32.88 34.60
CA SER C 34 84.03 33.65 35.18
C SER C 34 83.54 34.45 36.38
N HIS C 35 84.47 34.80 37.26
CA HIS C 35 84.12 35.66 38.39
C HIS C 35 83.72 37.04 37.87
N GLY C 36 82.70 37.61 38.52
CA GLY C 36 82.23 38.94 38.18
C GLY C 36 81.21 39.00 37.05
N ALA C 37 80.82 37.88 36.49
CA ALA C 37 79.79 37.84 35.47
C ALA C 37 78.62 37.00 35.94
N SER C 38 77.41 37.45 35.64
CA SER C 38 76.20 36.68 35.90
C SER C 38 75.68 36.09 34.60
N VAL C 39 75.16 34.87 34.69
CA VAL C 39 74.63 34.14 33.56
C VAL C 39 73.20 33.74 33.91
N GLY C 40 72.22 34.36 33.25
CA GLY C 40 70.84 33.98 33.41
C GLY C 40 70.50 32.70 32.67
N LEU C 41 69.31 32.17 32.96
CA LEU C 41 68.97 30.86 32.42
C LEU C 41 68.72 30.91 30.93
N ASP C 42 68.16 32.01 30.43
CA ASP C 42 67.76 32.09 29.03
C ASP C 42 68.75 32.86 28.15
N ASP C 43 69.98 33.07 28.62
CA ASP C 43 70.92 33.92 27.92
C ASP C 43 71.37 33.29 26.61
N LEU C 44 71.70 34.15 25.65
CA LEU C 44 72.25 33.72 24.38
C LEU C 44 73.75 33.97 24.38
N VAL C 45 74.51 32.95 23.99
CA VAL C 45 75.96 32.94 24.15
C VAL C 45 76.61 32.57 22.84
N VAL C 46 77.91 32.86 22.74
CA VAL C 46 78.73 32.45 21.62
C VAL C 46 80.10 32.05 22.15
N VAL C 47 80.64 30.96 21.60
CA VAL C 47 81.98 30.51 21.89
C VAL C 47 82.65 30.19 20.55
N GLU C 48 83.90 30.60 20.42
CA GLU C 48 84.68 30.41 19.20
C GLU C 48 85.85 29.48 19.50
N THR C 49 85.96 28.42 18.71
CA THR C 49 87.06 27.48 18.82
C THR C 49 87.82 27.45 17.50
N ARG C 50 89.07 26.98 17.60
CA ARG C 50 90.00 26.96 16.47
C ARG C 50 90.30 25.52 16.11
N LYS C 51 90.14 25.20 14.83
CA LYS C 51 90.43 23.86 14.35
C LYS C 51 91.93 23.61 14.38
N PRO C 52 92.36 22.36 14.24
CA PRO C 52 93.80 22.12 14.10
C PRO C 52 94.44 22.90 12.96
N ASP C 53 93.77 23.01 11.81
CA ASP C 53 94.40 23.74 10.70
C ASP C 53 94.32 25.25 10.88
N GLY C 54 93.71 25.74 11.95
CA GLY C 54 93.71 27.15 12.26
C GLY C 54 92.42 27.88 11.96
N THR C 55 91.48 27.27 11.23
CA THR C 55 90.25 27.97 10.88
C THR C 55 89.35 28.08 12.11
N PRO C 56 88.57 29.15 12.24
CA PRO C 56 87.66 29.26 13.36
C PRO C 56 86.35 28.55 13.08
N VAL C 57 85.72 28.09 14.16
CA VAL C 57 84.35 27.60 14.14
C VAL C 57 83.64 28.22 15.33
N ARG C 58 82.58 28.98 15.06
CA ARG C 58 81.81 29.63 16.11
C ARG C 58 80.60 28.78 16.47
N PHE C 59 80.28 28.75 17.76
CA PHE C 59 79.12 28.02 18.24
C PHE C 59 78.17 29.01 18.91
N TYR C 60 76.98 29.13 18.36
CA TYR C 60 75.95 29.98 18.94
C TYR C 60 74.99 29.09 19.71
N GLY C 61 74.58 29.55 20.88
CA GLY C 61 73.79 28.70 21.74
C GLY C 61 72.92 29.45 22.72
N LEU C 62 72.23 28.67 23.53
CA LEU C 62 71.30 29.16 24.51
C LEU C 62 71.49 28.42 25.80
N VAL C 63 71.53 29.15 26.92
CA VAL C 63 71.67 28.50 28.21
C VAL C 63 70.32 27.83 28.49
N ASP C 64 70.35 26.55 28.87
CA ASP C 64 69.13 25.88 29.31
C ASP C 64 69.25 25.32 30.72
N ASN C 65 70.45 25.27 31.29
CA ASN C 65 70.68 24.84 32.65
C ASN C 65 71.76 25.74 33.26
N VAL C 66 71.65 25.97 34.55
CA VAL C 66 72.60 26.80 35.27
C VAL C 66 72.57 26.37 36.74
N ARG C 67 73.74 26.33 37.36
CA ARG C 67 73.84 25.78 38.71
C ARG C 67 75.04 26.38 39.43
N LYS C 68 75.04 26.23 40.75
CA LYS C 68 76.16 26.59 41.60
C LYS C 68 76.43 25.45 42.56
N ARG C 69 77.72 25.12 42.74
CA ARG C 69 78.17 24.05 43.60
C ARG C 69 79.31 24.54 44.48
N HIS C 70 79.39 24.00 45.70
CA HIS C 70 80.53 24.20 46.57
C HIS C 70 81.52 23.07 46.34
N GLU C 71 82.76 23.36 45.97
CA GLU C 71 83.67 22.22 45.73
C GLU C 71 84.42 21.88 47.01
N GLY C 72 85.01 20.69 47.06
CA GLY C 72 85.84 20.26 48.19
C GLY C 72 85.19 20.35 49.56
N VAL C 73 83.95 19.91 49.72
CA VAL C 73 83.31 19.94 51.07
C VAL C 73 83.01 18.50 51.48
N THR C 74 83.76 17.95 52.44
CA THR C 74 83.53 16.53 52.80
C THR C 74 82.22 16.35 53.57
N PHE C 75 81.94 17.21 54.54
CA PHE C 75 80.68 17.09 55.31
C PHE C 75 79.74 18.22 54.89
N GLU C 76 78.45 18.09 55.16
CA GLU C 76 77.56 19.14 54.68
C GLU C 76 77.38 20.25 55.70
N SER C 77 77.58 19.93 56.98
CA SER C 77 77.30 20.88 58.04
C SER C 77 78.38 21.95 58.18
N ASP C 78 79.41 21.92 57.33
CA ASP C 78 80.51 22.88 57.41
C ASP C 78 80.22 24.14 56.62
N VAL C 79 78.94 24.47 56.42
CA VAL C 79 78.58 25.59 55.54
C VAL C 79 79.01 26.91 56.18
N GLU C 80 78.62 27.15 57.44
CA GLU C 80 78.96 28.40 58.13
C GLU C 80 80.47 28.60 58.17
N ASP C 81 81.21 27.56 58.58
CA ASP C 81 82.67 27.61 58.56
C ASP C 81 83.19 28.07 57.20
N VAL C 82 82.56 27.63 56.12
CA VAL C 82 83.06 27.93 54.78
C VAL C 82 82.94 29.42 54.48
N VAL C 83 81.78 30.01 54.77
CA VAL C 83 81.61 31.44 54.55
C VAL C 83 82.42 32.24 55.58
N ALA C 84 82.66 31.68 56.76
CA ALA C 84 83.43 32.40 57.77
C ALA C 84 84.92 32.42 57.48
N GLY C 85 85.39 31.57 56.56
CA GLY C 85 86.80 31.45 56.26
C GLY C 85 87.51 30.31 56.97
N LEU C 86 86.80 29.59 57.85
CA LEU C 86 87.44 28.51 58.58
C LEU C 86 87.81 27.36 57.65
N LEU C 87 87.02 27.15 56.59
CA LEU C 87 87.34 26.12 55.62
C LEU C 87 87.52 26.70 54.23
N PRO C 88 88.39 26.11 53.40
CA PRO C 88 88.59 26.64 52.05
C PRO C 88 87.61 25.99 51.08
N ALA C 89 86.85 26.82 50.37
CA ALA C 89 85.88 26.29 49.42
C ALA C 89 85.76 27.24 48.24
N SER C 90 85.73 26.66 47.04
CA SER C 90 85.52 27.38 45.81
C SER C 90 84.06 27.22 45.36
N VAL C 91 83.48 28.31 44.86
CA VAL C 91 82.15 28.30 44.27
C VAL C 91 82.29 28.04 42.78
N SER C 92 81.61 27.00 42.31
CA SER C 92 81.66 26.60 40.90
C SER C 92 80.33 26.99 40.26
N TYR C 93 80.35 28.09 39.54
CA TYR C 93 79.17 28.61 38.85
C TYR C 93 79.23 28.09 37.41
N ALA C 94 78.31 27.19 37.07
CA ALA C 94 78.34 26.49 35.80
C ALA C 94 77.05 26.72 35.02
N ALA C 95 77.17 26.67 33.69
CA ALA C 95 76.03 26.81 32.80
C ALA C 95 76.13 25.78 31.69
N ARG C 96 74.99 25.27 31.24
CA ARG C 96 74.94 24.36 30.10
C ARG C 96 74.42 25.10 28.88
N VAL C 97 75.07 24.90 27.74
CA VAL C 97 74.75 25.64 26.53
C VAL C 97 74.10 24.69 25.54
N LEU C 98 72.93 25.07 25.04
CA LEU C 98 72.25 24.32 24.00
C LEU C 98 72.53 25.02 22.66
N VAL C 99 73.25 24.33 21.78
CA VAL C 99 73.70 24.96 20.55
C VAL C 99 72.51 25.15 19.61
N THR C 100 72.35 26.36 19.10
CA THR C 100 71.35 26.64 18.09
C THR C 100 71.94 26.77 16.69
N ARG C 101 73.18 27.21 16.57
CA ARG C 101 73.78 27.42 15.27
C ARG C 101 75.28 27.19 15.35
N VAL C 102 75.85 26.66 14.27
CA VAL C 102 77.32 26.46 14.09
C VAL C 102 77.65 27.27 12.83
N ASP C 103 78.51 28.28 12.95
CA ASP C 103 78.76 29.23 11.83
C ASP C 103 79.30 28.55 10.58
N PRO C 104 80.34 27.70 10.67
CA PRO C 104 80.87 26.98 9.51
C PRO C 104 80.19 25.61 9.35
N GLU C 105 79.23 25.32 10.23
CA GLU C 105 78.48 24.04 10.20
C GLU C 105 79.43 22.85 10.10
N ASN C 106 80.44 22.79 10.94
CA ASN C 106 81.29 21.57 11.03
C ASN C 106 80.99 21.03 12.42
N PHE C 107 80.44 19.82 12.51
CA PHE C 107 80.02 19.32 13.84
C PHE C 107 81.20 18.73 14.61
N ILE C 108 82.01 19.62 15.19
CA ILE C 108 83.17 19.24 15.98
C ILE C 108 82.99 19.84 17.37
N PRO C 109 83.64 19.30 18.40
CA PRO C 109 83.45 19.86 19.75
C PRO C 109 84.35 21.06 19.98
N PRO C 110 83.87 22.05 20.72
CA PRO C 110 84.77 23.11 21.18
C PRO C 110 85.82 22.56 22.13
N GLN C 111 86.96 23.24 22.19
CA GLN C 111 88.00 22.81 23.12
C GLN C 111 87.74 23.38 24.52
N PRO C 112 87.85 22.55 25.55
CA PRO C 112 87.75 23.06 26.92
C PRO C 112 88.71 24.22 27.14
N GLY C 113 88.23 25.25 27.85
CA GLY C 113 88.98 26.47 28.01
C GLY C 113 88.77 27.50 26.92
N ASP C 114 87.98 27.19 25.90
CA ASP C 114 87.61 28.22 24.94
C ASP C 114 86.79 29.30 25.63
N HIS C 115 86.80 30.49 25.05
CA HIS C 115 86.18 31.64 25.69
C HIS C 115 84.74 31.78 25.26
N VAL C 116 83.86 31.87 26.25
CA VAL C 116 82.43 32.06 26.04
C VAL C 116 82.11 33.52 26.29
N ARG C 117 81.25 34.10 25.46
CA ARG C 117 80.89 35.50 25.60
C ARG C 117 79.44 35.68 25.16
N HIS C 118 78.79 36.67 25.77
CA HIS C 118 77.41 36.98 25.42
C HIS C 118 77.31 37.41 23.97
N ALA C 119 76.34 36.84 23.24
CA ALA C 119 76.06 37.32 21.90
C ALA C 119 75.40 38.68 22.00
N ALA C 120 76.04 39.70 21.44
CA ALA C 120 75.59 41.06 21.70
C ALA C 120 75.38 41.89 20.45
N GLY C 121 76.18 41.68 19.39
CA GLY C 121 76.02 42.52 18.21
C GLY C 121 75.58 41.73 17.00
N ARG C 122 76.45 41.69 15.98
CA ARG C 122 76.24 40.78 14.87
C ARG C 122 76.11 39.33 15.36
N GLU C 123 76.80 39.01 16.46
CA GLU C 123 76.75 37.66 17.00
C GLU C 123 75.34 37.28 17.44
N LEU C 124 74.62 38.23 18.04
CA LEU C 124 73.25 37.97 18.44
C LEU C 124 72.37 37.70 17.23
N ALA C 125 72.51 38.51 16.19
CA ALA C 125 71.75 38.28 14.97
C ALA C 125 72.05 36.91 14.38
N MET C 126 73.31 36.49 14.45
CA MET C 126 73.65 35.16 13.94
C MET C 126 73.12 34.06 14.85
N ALA C 127 72.91 34.37 16.13
CA ALA C 127 72.35 33.36 17.04
C ALA C 127 70.87 33.19 16.79
N LEU C 128 70.18 34.28 16.47
CA LEU C 128 68.74 34.26 16.20
C LEU C 128 68.44 34.21 14.71
N SER C 129 69.39 33.76 13.89
CA SER C 129 69.20 33.59 12.46
C SER C 129 68.55 34.82 11.81
N ALA C 130 68.85 36.01 12.34
CA ALA C 130 68.30 37.23 11.76
C ALA C 130 68.75 37.46 10.33
N ASP C 131 69.88 36.86 9.92
CA ASP C 131 70.26 36.94 8.52
C ASP C 131 69.26 36.23 7.63
N LYS C 132 68.71 35.11 8.09
CA LYS C 132 67.68 34.43 7.32
C LYS C 132 66.42 35.28 7.19
N MET C 133 66.15 36.15 8.17
CA MET C 133 64.93 36.93 8.15
C MET C 133 65.04 38.11 7.19
N GLU C 134 66.21 38.72 7.10
CA GLU C 134 66.47 39.86 6.20
C GLU C 134 65.52 41.00 6.59
N GLU C 135 64.91 41.68 5.62
CA GLU C 135 64.08 42.83 5.93
C GLU C 135 62.78 42.45 6.64
N ALA C 136 62.45 41.16 6.68
CA ALA C 136 61.20 40.71 7.29
C ALA C 136 61.29 40.62 8.80
N ALA C 137 62.43 40.93 9.39
CA ALA C 137 62.53 40.95 10.84
C ALA C 137 61.78 42.16 11.39
N PHE C 138 61.08 41.95 12.50
CA PHE C 138 60.39 43.03 13.20
C PHE C 138 60.36 42.67 14.67
N PRO C 139 60.13 43.64 15.56
CA PRO C 139 60.26 43.38 16.99
C PRO C 139 59.17 42.45 17.49
N GLY C 140 59.57 41.38 18.17
CA GLY C 140 58.62 40.46 18.74
C GLY C 140 58.68 40.50 20.26
N GLY C 141 59.45 41.45 20.78
CA GLY C 141 59.63 41.60 22.23
C GLY C 141 61.03 42.05 22.57
N LEU C 142 61.39 42.03 23.86
CA LEU C 142 62.73 42.47 24.30
C LEU C 142 63.47 41.31 24.96
N LEU C 143 64.74 41.12 24.60
CA LEU C 143 65.61 40.06 25.17
C LEU C 143 66.21 40.54 26.49
N ALA C 144 67.02 39.71 27.13
CA ALA C 144 67.57 40.06 28.46
C ALA C 144 68.36 41.37 28.40
N ASP C 145 69.15 41.60 27.36
CA ASP C 145 70.00 42.82 27.26
C ASP C 145 69.23 44.02 26.70
N GLY C 146 67.94 43.88 26.39
CA GLY C 146 67.16 44.99 25.85
C GLY C 146 67.23 45.04 24.34
N GLN C 147 67.92 44.08 23.72
CA GLN C 147 67.99 44.02 22.24
C GLN C 147 66.69 43.36 21.77
N PRO C 148 65.95 43.94 20.80
CA PRO C 148 64.69 43.36 20.36
C PRO C 148 64.88 41.98 19.71
N LEU C 149 63.89 41.10 19.89
CA LEU C 149 63.89 39.77 19.30
C LEU C 149 63.35 39.86 17.88
N PRO C 150 64.08 39.38 16.87
CA PRO C 150 63.56 39.44 15.50
C PRO C 150 62.53 38.35 15.23
N LEU C 151 61.35 38.75 14.79
CA LEU C 151 60.32 37.81 14.35
C LEU C 151 60.23 37.88 12.83
N ASN C 152 60.28 36.72 12.19
CA ASN C 152 60.27 36.66 10.73
C ASN C 152 58.83 36.85 10.26
N PHE C 153 58.50 38.05 9.79
CA PHE C 153 57.14 38.31 9.34
C PHE C 153 56.75 37.38 8.20
N ARG C 154 57.73 36.88 7.44
CA ARG C 154 57.42 35.97 6.34
C ARG C 154 56.80 34.67 6.82
N PHE C 155 56.92 34.33 8.10
CA PHE C 155 56.27 33.17 8.66
C PHE C 155 54.95 33.51 9.33
N ILE C 156 54.51 34.76 9.23
CA ILE C 156 53.22 35.18 9.74
C ILE C 156 52.26 35.52 8.61
N ASN C 157 52.75 36.14 7.53
CA ASN C 157 51.89 36.72 6.50
C ASN C 157 51.53 35.75 5.38
N GLY C 158 52.03 34.51 5.47
CA GLY C 158 51.73 33.48 4.46
C GLY C 158 52.84 33.29 3.44
N GLU C 159 53.84 34.16 3.41
CA GLU C 159 54.90 34.00 2.38
C GLU C 159 55.65 32.68 2.57
N SER C 160 56.12 32.38 3.77
CA SER C 160 56.86 31.13 3.99
C SER C 160 55.99 30.14 4.76
N GLY C 161 55.48 30.60 5.91
CA GLY C 161 54.67 29.84 6.88
C GLY C 161 53.33 30.50 7.18
N GLY C 162 52.61 29.98 8.19
CA GLY C 162 51.20 30.34 8.46
C GLY C 162 50.89 31.40 9.51
N HIS C 163 50.24 31.01 10.61
CA HIS C 163 49.71 31.96 11.60
C HIS C 163 50.41 31.90 12.95
N ILE C 164 49.69 32.25 14.02
CA ILE C 164 50.26 32.38 15.39
C ILE C 164 49.38 31.63 16.38
N ASN C 165 49.96 30.93 17.36
CA ASN C 165 49.18 30.22 18.40
C ASN C 165 49.72 30.65 19.76
N ILE C 166 48.88 31.26 20.60
CA ILE C 166 49.35 31.74 21.93
C ILE C 166 48.74 30.82 22.99
N SER C 167 49.57 30.24 23.86
CA SER C 167 49.02 29.36 24.92
C SER C 167 49.49 29.86 26.27
N GLY C 168 48.71 29.58 27.31
CA GLY C 168 49.08 29.97 28.66
C GLY C 168 47.87 30.07 29.55
N ILE C 169 48.16 30.09 30.86
CA ILE C 169 47.12 30.13 31.89
C ILE C 169 46.30 31.40 31.73
N SER C 170 45.01 31.24 31.42
CA SER C 170 44.13 32.40 31.31
C SER C 170 44.13 33.19 32.62
N GLY C 171 44.25 34.50 32.49
CA GLY C 171 44.32 35.37 33.65
C GLY C 171 45.75 35.72 34.02
N VAL C 172 46.66 34.75 33.96
CA VAL C 172 48.03 34.94 34.38
C VAL C 172 48.93 35.19 33.17
N ALA C 173 49.15 34.16 32.36
CA ALA C 173 49.84 34.35 31.09
C ALA C 173 49.06 35.35 30.25
N THR C 174 49.79 36.22 29.57
CA THR C 174 49.18 37.44 29.05
C THR C 174 48.94 37.33 27.54
N LYS C 175 48.17 36.30 27.16
CA LYS C 175 48.09 35.95 25.74
C LYS C 175 47.32 37.00 24.94
N THR C 176 46.16 37.43 25.42
CA THR C 176 45.38 38.39 24.65
C THR C 176 46.14 39.70 24.49
N SER C 177 46.74 40.19 25.58
CA SER C 177 47.47 41.46 25.51
C SER C 177 48.76 41.32 24.71
N TYR C 178 49.33 40.11 24.67
CA TYR C 178 50.51 39.89 23.82
C TYR C 178 50.13 39.92 22.34
N ALA C 179 48.97 39.36 22.00
CA ALA C 179 48.53 39.37 20.61
C ALA C 179 48.33 40.79 20.11
N LEU C 180 47.72 41.64 20.94
CA LEU C 180 47.56 43.04 20.60
C LEU C 180 48.92 43.72 20.47
N PHE C 181 49.89 43.34 21.30
CA PHE C 181 51.24 43.87 21.15
C PHE C 181 51.82 43.49 19.80
N LEU C 182 51.58 42.26 19.34
CA LEU C 182 52.08 41.85 18.04
C LEU C 182 51.44 42.63 16.92
N LEU C 183 50.11 42.82 16.97
CA LEU C 183 49.43 43.70 16.04
C LEU C 183 50.10 45.06 15.97
N HIS C 184 50.34 45.66 17.14
CA HIS C 184 50.98 46.97 17.20
C HIS C 184 52.35 46.93 16.56
N SER C 185 53.10 45.85 16.77
CA SER C 185 54.42 45.75 16.17
C SER C 185 54.33 45.59 14.66
N ILE C 186 53.39 44.79 14.17
CA ILE C 186 53.24 44.61 12.73
C ILE C 186 52.84 45.91 12.06
N PHE C 187 51.94 46.66 12.71
CA PHE C 187 51.43 47.88 12.07
C PHE C 187 52.44 49.02 12.15
N ARG C 188 53.12 49.18 13.28
CA ARG C 188 53.94 50.35 13.53
C ARG C 188 55.43 50.14 13.28
N SER C 189 55.83 48.99 12.74
CA SER C 189 57.22 48.78 12.40
C SER C 189 57.48 48.86 10.91
N GLY C 190 56.44 49.01 10.10
CA GLY C 190 56.61 49.06 8.66
C GLY C 190 57.19 47.78 8.10
N VAL C 191 57.11 46.70 8.87
CA VAL C 191 57.56 45.41 8.36
C VAL C 191 56.64 44.96 7.24
N MET C 192 55.38 45.37 7.28
CA MET C 192 54.50 45.16 6.14
C MET C 192 55.02 45.90 4.92
N ASP C 193 55.59 47.10 5.13
CA ASP C 193 56.29 47.81 4.05
C ASP C 193 57.45 47.00 3.52
N ARG C 194 58.44 46.73 4.38
CA ARG C 194 59.69 46.13 3.94
C ARG C 194 59.45 44.86 3.11
N THR C 195 58.57 43.99 3.59
CA THR C 195 58.33 42.72 2.92
C THR C 195 57.24 42.80 1.86
N ALA C 196 56.65 43.97 1.64
CA ALA C 196 55.78 44.20 0.49
C ALA C 196 56.57 44.56 -0.77
N GLN C 197 57.84 44.91 -0.64
CA GLN C 197 58.73 45.03 -1.78
C GLN C 197 59.38 43.71 -2.17
N GLY C 198 58.99 42.60 -1.52
CA GLY C 198 59.57 41.30 -1.78
C GLY C 198 59.46 40.78 -3.21
N SER C 199 58.25 40.70 -3.75
CA SER C 199 58.03 40.17 -5.09
C SER C 199 56.93 40.93 -5.81
N GLY C 200 56.87 42.24 -5.58
CA GLY C 200 56.21 43.17 -6.48
C GLY C 200 54.72 43.06 -6.60
N GLY C 201 54.03 42.75 -5.51
CA GLY C 201 52.58 42.76 -5.52
C GLY C 201 51.91 41.46 -5.13
N ARG C 202 52.71 40.42 -4.88
CA ARG C 202 52.18 39.13 -4.44
C ARG C 202 51.40 39.29 -3.13
N GLN C 203 52.01 39.98 -2.15
CA GLN C 203 51.30 40.60 -1.04
C GLN C 203 51.84 42.02 -0.94
N SER C 204 50.94 43.00 -0.77
CA SER C 204 51.35 44.39 -0.89
C SER C 204 50.59 45.29 0.08
N GLY C 205 51.29 46.30 0.61
CA GLY C 205 50.65 47.37 1.34
C GLY C 205 50.82 47.30 2.84
N THR C 206 51.33 48.39 3.44
CA THR C 206 51.28 48.57 4.89
C THR C 206 50.19 49.55 5.32
N ALA C 207 49.82 50.50 4.44
CA ALA C 207 48.59 51.26 4.62
C ALA C 207 47.37 50.37 4.47
N GLY C 208 47.43 49.40 3.56
CA GLY C 208 46.42 48.37 3.46
C GLY C 208 46.81 47.13 4.25
N GLY C 209 46.27 47.03 5.46
CA GLY C 209 46.42 45.88 6.35
C GLY C 209 45.39 46.02 7.45
N ARG C 210 44.66 44.95 7.75
CA ARG C 210 43.47 45.07 8.59
C ARG C 210 43.53 44.05 9.71
N ALA C 211 42.69 44.27 10.71
CA ALA C 211 42.59 43.39 11.87
C ALA C 211 41.13 43.29 12.30
N LEU C 212 40.72 42.09 12.68
CA LEU C 212 39.39 41.86 13.22
C LEU C 212 39.52 41.12 14.54
N ILE C 213 38.87 41.65 15.58
CA ILE C 213 39.03 41.12 16.93
C ILE C 213 37.70 41.23 17.67
N PHE C 214 37.37 40.19 18.43
CA PHE C 214 36.07 40.07 19.09
C PHE C 214 36.22 40.30 20.59
N ASN C 215 35.35 41.16 21.13
CA ASN C 215 35.36 41.47 22.57
C ASN C 215 34.44 40.51 23.29
N VAL C 216 34.99 39.33 23.61
CA VAL C 216 34.18 38.30 24.26
C VAL C 216 34.07 38.56 25.75
N LYS C 217 35.22 38.75 26.42
CA LYS C 217 35.28 39.08 27.88
C LYS C 217 34.76 40.51 28.00
N GLY C 218 33.75 40.75 28.82
CA GLY C 218 33.07 42.05 28.74
C GLY C 218 33.93 43.28 28.91
N GLU C 219 33.79 44.19 27.94
CA GLU C 219 34.31 45.58 27.85
C GLU C 219 35.80 45.69 28.18
N ASP C 220 36.63 44.72 27.80
CA ASP C 220 38.07 44.85 28.12
C ASP C 220 38.78 45.22 26.83
N LEU C 221 38.17 44.93 25.69
CA LEU C 221 38.87 45.16 24.42
C LEU C 221 38.33 46.40 23.74
N LEU C 222 37.55 47.19 24.46
CA LEU C 222 37.12 48.50 23.90
C LEU C 222 38.13 49.54 24.36
N PHE C 223 37.92 50.82 24.07
CA PHE C 223 38.91 51.88 24.42
C PHE C 223 40.33 51.53 23.95
N LEU C 224 40.47 51.02 22.73
CA LEU C 224 41.79 50.73 22.14
C LEU C 224 42.09 52.01 21.40
N ASP C 225 41.03 52.80 21.27
CA ASP C 225 41.20 54.11 20.64
C ASP C 225 41.96 55.09 21.53
N LYS C 226 42.06 54.83 22.83
CA LYS C 226 42.50 55.78 23.82
C LYS C 226 43.83 55.35 24.42
N PRO C 227 44.64 56.29 24.88
CA PRO C 227 45.91 55.91 25.53
C PRO C 227 45.72 55.43 26.95
N ASN C 228 46.65 54.58 27.38
CA ASN C 228 46.65 54.00 28.72
C ASN C 228 47.38 54.95 29.66
N ALA C 229 46.60 55.71 30.45
CA ALA C 229 47.21 56.62 31.42
C ALA C 229 48.17 55.88 32.33
N ARG C 230 47.83 54.65 32.71
CA ARG C 230 48.61 53.91 33.70
C ARG C 230 49.91 53.36 33.14
N MET C 231 50.15 53.44 31.82
CA MET C 231 51.27 52.74 31.21
C MET C 231 52.60 53.17 31.79
N VAL C 232 52.88 54.48 31.78
CA VAL C 232 54.19 54.97 32.19
C VAL C 232 54.45 54.65 33.66
N GLU C 233 53.43 54.71 34.50
CA GLU C 233 53.62 54.37 35.91
C GLU C 233 54.04 52.90 36.07
N LYS C 234 53.36 51.99 35.36
CA LYS C 234 53.72 50.57 35.48
C LYS C 234 55.03 50.26 34.78
N GLU C 235 55.31 50.95 33.66
CA GLU C 235 56.51 50.66 32.88
C GLU C 235 57.75 51.33 33.47
N ASP C 236 57.58 52.47 34.16
CA ASP C 236 58.70 53.09 34.87
C ASP C 236 59.32 52.13 35.87
N LYS C 237 58.48 51.49 36.69
CA LYS C 237 58.97 50.52 37.68
C LYS C 237 59.84 49.46 37.01
N VAL C 238 59.41 48.96 35.85
CA VAL C 238 60.16 47.92 35.17
C VAL C 238 61.50 48.45 34.68
N VAL C 239 61.50 49.64 34.07
CA VAL C 239 62.73 50.24 33.60
C VAL C 239 63.65 50.57 34.78
N ARG C 240 63.08 51.06 35.88
CA ARG C 240 63.88 51.31 37.06
C ARG C 240 64.54 50.03 37.56
N ALA C 241 63.75 48.97 37.76
CA ALA C 241 64.26 47.75 38.38
C ALA C 241 65.28 47.05 37.48
N LYS C 242 64.94 46.85 36.20
CA LYS C 242 65.82 46.17 35.26
C LYS C 242 66.92 47.05 34.70
N GLY C 243 66.99 48.31 35.13
CA GLY C 243 68.06 49.19 34.71
C GLY C 243 68.17 49.37 33.21
N LEU C 244 67.04 49.35 32.51
CA LEU C 244 67.10 49.49 31.06
C LEU C 244 67.40 50.94 30.70
N SER C 245 67.86 51.13 29.46
CA SER C 245 68.21 52.46 28.96
C SER C 245 67.01 53.40 28.82
N ALA C 246 65.92 52.94 28.23
CA ALA C 246 64.75 53.77 28.02
C ALA C 246 63.50 52.91 28.18
N ASP C 247 62.33 53.53 28.00
CA ASP C 247 61.07 52.78 28.05
C ASP C 247 61.05 51.76 26.91
N ARG C 248 60.41 50.62 27.19
CA ARG C 248 60.60 49.46 26.32
C ARG C 248 60.32 49.79 24.87
N TYR C 249 59.22 50.50 24.60
CA TYR C 249 58.79 50.78 23.22
C TYR C 249 59.93 51.38 22.38
N ALA C 250 60.66 52.35 22.95
CA ALA C 250 61.75 52.96 22.22
C ALA C 250 62.87 51.97 21.95
N LEU C 251 63.11 51.04 22.87
CA LEU C 251 64.11 49.98 22.64
C LEU C 251 63.70 49.07 21.49
N LEU C 252 62.40 48.89 21.25
CA LEU C 252 61.95 48.10 20.11
C LEU C 252 61.94 48.89 18.82
N GLY C 253 62.00 50.22 18.87
CA GLY C 253 61.75 51.01 17.69
C GLY C 253 60.28 51.11 17.38
N LEU C 254 59.44 51.06 18.40
CA LEU C 254 58.00 51.14 18.32
C LEU C 254 57.50 52.36 19.08
N PRO C 255 56.39 52.95 18.66
CA PRO C 255 55.79 54.07 19.38
C PRO C 255 54.73 53.63 20.36
N ALA C 256 54.62 54.39 21.44
CA ALA C 256 53.69 54.08 22.53
C ALA C 256 52.42 54.89 22.32
N GLU C 257 51.60 54.45 21.37
CA GLU C 257 50.36 55.12 21.05
C GLU C 257 49.33 54.09 20.59
N PRO C 258 48.04 54.37 20.78
CA PRO C 258 47.00 53.38 20.50
C PRO C 258 46.83 53.13 19.01
N PHE C 259 45.93 52.19 18.70
CA PHE C 259 45.70 51.78 17.32
C PHE C 259 45.08 52.91 16.52
N ARG C 260 45.48 53.02 15.25
CA ARG C 260 45.25 54.26 14.52
C ARG C 260 43.79 54.41 14.09
N ASP C 261 43.29 53.46 13.31
CA ASP C 261 41.95 53.55 12.72
C ASP C 261 41.08 52.45 13.31
N VAL C 262 40.21 52.81 14.25
CA VAL C 262 39.48 51.82 15.04
C VAL C 262 37.98 51.98 14.82
N GLN C 263 37.31 50.84 14.68
CA GLN C 263 35.87 50.76 14.52
C GLN C 263 35.32 49.86 15.62
N LEU C 264 34.39 50.36 16.42
CA LEU C 264 33.77 49.63 17.53
C LEU C 264 32.30 49.37 17.21
N LEU C 265 31.97 48.09 17.01
CA LEU C 265 30.58 47.70 16.68
C LEU C 265 30.01 46.95 17.87
N ALA C 266 28.72 47.11 18.14
CA ALA C 266 28.09 46.39 19.27
C ALA C 266 26.76 45.79 18.80
N PRO C 267 26.29 44.67 19.38
CA PRO C 267 25.03 44.08 18.97
C PRO C 267 23.88 45.01 19.35
N PRO C 268 22.76 45.02 18.59
CA PRO C 268 21.62 45.87 18.90
C PRO C 268 20.99 45.48 20.24
N ARG C 269 20.33 46.44 20.90
CA ARG C 269 19.70 46.21 22.24
C ARG C 269 18.58 45.17 22.15
N ALA C 270 18.29 44.50 23.28
CA ALA C 270 17.30 43.39 23.34
C ALA C 270 15.99 43.88 22.73
N GLY C 271 15.44 43.09 21.82
CA GLY C 271 14.28 43.50 21.00
C GLY C 271 13.04 43.85 21.78
N ALA C 272 12.47 45.01 21.44
CA ALA C 272 11.19 45.52 21.97
C ALA C 272 10.25 45.83 20.79
N ALA C 273 10.76 45.63 19.55
CA ALA C 273 10.16 45.85 18.21
C ALA C 273 10.23 47.32 17.80
N GLY C 274 10.86 48.16 18.62
CA GLY C 274 10.99 49.60 18.31
C GLY C 274 11.88 49.82 17.09
N THR C 275 11.46 50.71 16.18
CA THR C 275 12.25 50.98 14.95
C THR C 275 13.62 51.57 15.28
N ALA C 276 13.80 52.08 16.50
CA ALA C 276 15.13 52.63 16.90
C ALA C 276 15.90 51.40 17.42
N ILE C 277 17.12 51.18 16.93
CA ILE C 277 17.99 50.09 17.47
C ILE C 277 19.17 50.78 18.13
N VAL C 278 19.43 50.48 19.39
CA VAL C 278 20.50 51.21 20.10
C VAL C 278 21.43 50.07 20.51
N PRO C 279 22.75 50.30 20.58
CA PRO C 279 23.71 49.27 20.95
C PRO C 279 23.65 48.93 22.45
N GLN C 280 24.30 47.83 22.84
CA GLN C 280 24.30 47.35 24.25
C GLN C 280 25.40 47.99 25.09
N THR C 281 26.08 49.01 24.55
CA THR C 281 27.20 49.70 25.24
C THR C 281 26.74 50.19 26.61
N ASP C 282 27.58 49.99 27.62
CA ASP C 282 27.32 50.42 29.01
C ASP C 282 28.47 51.35 29.44
N GLN C 283 29.68 50.81 29.52
CA GLN C 283 30.86 51.58 29.95
C GLN C 283 31.29 52.57 28.87
N ARG C 284 31.37 52.10 27.62
CA ARG C 284 31.80 52.97 26.49
C ARG C 284 30.64 53.11 25.50
N SER C 285 30.05 54.30 25.39
CA SER C 285 28.91 54.53 24.47
C SER C 285 29.30 55.50 23.35
N GLU C 286 30.52 56.02 23.38
CA GLU C 286 30.98 57.02 22.37
C GLU C 286 31.56 56.32 21.16
N GLY C 287 31.30 56.84 19.96
CA GLY C 287 31.94 56.27 18.79
C GLY C 287 31.56 54.84 18.50
N VAL C 288 30.63 54.26 19.26
CA VAL C 288 30.27 52.87 19.07
C VAL C 288 29.07 52.80 18.13
N THR C 289 29.20 51.98 17.10
CA THR C 289 28.21 51.85 16.04
C THR C 289 27.45 50.55 16.21
N PRO C 290 26.12 50.57 16.11
CA PRO C 290 25.36 49.32 16.18
C PRO C 290 25.46 48.55 14.88
N PHE C 291 25.48 47.23 15.00
CA PHE C 291 25.56 46.35 13.85
C PHE C 291 24.39 45.39 13.87
N VAL C 292 23.80 45.16 12.70
CA VAL C 292 22.64 44.29 12.57
C VAL C 292 22.74 43.51 11.27
N PHE C 293 22.05 42.35 11.24
CA PHE C 293 21.98 41.49 10.05
C PHE C 293 20.52 41.50 9.56
N THR C 294 20.29 41.88 8.30
CA THR C 294 18.92 41.92 7.74
C THR C 294 18.44 40.50 7.42
N ILE C 295 17.12 40.31 7.32
CA ILE C 295 16.57 38.96 7.03
C ILE C 295 16.94 38.56 5.61
N ARG C 296 16.83 39.50 4.67
CA ARG C 296 17.17 39.17 3.26
C ARG C 296 18.63 38.70 3.24
N GLU C 297 19.52 39.41 3.94
CA GLU C 297 20.94 38.99 3.94
C GLU C 297 21.02 37.56 4.46
N PHE C 298 20.25 37.25 5.51
CA PHE C 298 20.25 35.92 6.16
C PHE C 298 19.86 34.86 5.13
N CYS C 299 18.88 35.16 4.28
CA CYS C 299 18.46 34.20 3.24
C CYS C 299 19.32 34.36 1.97
N ALA C 300 19.83 35.57 1.70
CA ALA C 300 20.64 35.74 0.50
C ALA C 300 22.04 35.19 0.70
N ARG C 301 22.63 35.39 1.87
CA ARG C 301 24.02 35.03 2.14
C ARG C 301 24.16 33.70 2.87
N ARG C 302 23.08 32.94 3.00
CA ARG C 302 23.11 31.59 3.56
C ARG C 302 23.69 31.58 4.97
N MET C 303 23.18 32.46 5.82
CA MET C 303 23.61 32.49 7.21
C MET C 303 23.01 31.37 8.06
N LEU C 304 22.09 30.58 7.49
CA LEU C 304 21.35 29.62 8.30
C LEU C 304 22.23 28.61 9.03
N PRO C 305 23.19 27.92 8.41
CA PRO C 305 23.91 26.87 9.13
C PRO C 305 24.57 27.36 10.40
N TYR C 306 25.10 28.59 10.38
CA TYR C 306 25.81 29.17 11.50
C TYR C 306 24.92 29.42 12.72
N VAL C 307 23.61 29.19 12.63
CA VAL C 307 22.77 29.14 13.82
C VAL C 307 23.04 27.85 14.58
N PHE C 308 23.52 26.82 13.89
CA PHE C 308 23.68 25.47 14.43
C PHE C 308 25.16 25.20 14.62
N SER C 309 25.64 25.31 15.87
CA SER C 309 27.02 25.05 16.24
C SER C 309 27.01 24.65 17.72
N ASP C 310 26.41 23.50 18.01
CA ASP C 310 26.29 23.08 19.43
C ASP C 310 27.62 22.53 19.95
N ALA C 311 28.53 22.16 19.04
CA ALA C 311 29.87 21.62 19.39
C ALA C 311 29.72 20.37 20.28
N SER C 312 28.76 19.50 19.95
CA SER C 312 28.47 18.25 20.70
C SER C 312 28.11 17.13 19.72
N ALA C 313 28.01 15.90 20.20
CA ALA C 313 27.72 14.75 19.30
C ALA C 313 26.34 14.92 18.66
N SER C 314 25.30 15.16 19.47
CA SER C 314 23.91 15.40 18.95
C SER C 314 23.43 14.52 17.80
N LEU C 315 23.05 15.14 16.67
CA LEU C 315 22.57 14.42 15.46
C LEU C 315 22.90 15.06 14.11
N ASN C 316 22.71 14.32 13.01
CA ASN C 316 22.98 14.86 11.66
C ASN C 316 21.72 15.53 11.13
N LEU C 317 21.63 16.85 11.26
CA LEU C 317 20.48 17.65 10.73
C LEU C 317 20.98 18.45 9.53
N GLY C 318 22.14 18.08 8.98
CA GLY C 318 22.74 18.82 7.87
C GLY C 318 21.83 18.85 6.66
N PHE C 319 21.18 17.72 6.37
CA PHE C 319 20.30 17.72 5.18
C PHE C 319 19.19 18.75 5.36
N VAL C 320 18.56 18.79 6.53
CA VAL C 320 17.44 19.75 6.71
C VAL C 320 18.00 21.17 6.58
N ILE C 321 19.15 21.42 7.21
CA ILE C 321 19.72 22.79 7.15
C ILE C 321 20.06 23.11 5.70
N GLY C 322 20.65 22.17 4.99
CA GLY C 322 21.01 22.42 3.58
C GLY C 322 19.79 22.66 2.72
N ASN C 323 18.75 21.85 2.88
CA ASN C 323 17.55 22.03 2.02
C ASN C 323 16.91 23.38 2.30
N ILE C 324 16.72 23.72 3.57
CA ILE C 324 16.07 25.01 3.95
C ILE C 324 16.95 26.19 3.50
N GLU C 325 18.27 26.06 3.67
CA GLU C 325 19.17 27.17 3.29
C GLU C 325 19.01 27.46 1.81
N GLU C 326 18.97 26.42 0.98
CA GLU C 326 18.79 26.61 -0.49
C GLU C 326 17.41 27.21 -0.75
N LYS C 327 16.39 26.70 -0.06
CA LYS C 327 15.01 27.20 -0.32
C LYS C 327 14.95 28.69 0.01
N LEU C 328 15.50 29.07 1.16
CA LEU C 328 15.46 30.50 1.55
C LEU C 328 16.28 31.31 0.55
N PHE C 329 17.45 30.78 0.14
CA PHE C 329 18.33 31.55 -0.77
C PHE C 329 17.61 31.87 -2.09
N ARG C 330 16.95 30.87 -2.67
CA ARG C 330 16.21 31.10 -3.94
C ARG C 330 15.07 32.08 -3.65
N LEU C 331 14.40 31.92 -2.51
CA LEU C 331 13.26 32.80 -2.15
C LEU C 331 13.78 34.24 -2.04
N ALA C 332 14.93 34.44 -1.42
CA ALA C 332 15.50 35.81 -1.30
C ALA C 332 15.81 36.35 -2.69
N ALA C 333 16.38 35.50 -3.55
CA ALA C 333 16.74 35.91 -4.94
C ALA C 333 15.47 36.30 -5.70
N ALA C 334 14.39 35.56 -5.51
CA ALA C 334 13.09 35.81 -6.18
C ALA C 334 12.49 37.15 -5.76
N GLN C 335 12.75 37.62 -4.53
CA GLN C 335 12.13 38.89 -4.08
C GLN C 335 12.45 40.00 -5.07
N THR C 336 11.41 40.72 -5.50
CA THR C 336 11.54 41.86 -6.46
C THR C 336 11.61 43.16 -5.68
N GLY C 337 11.36 43.11 -4.38
CA GLY C 337 11.41 44.33 -3.53
C GLY C 337 12.84 44.75 -3.26
N LYS C 338 13.05 46.04 -3.00
CA LYS C 338 14.40 46.57 -2.66
C LYS C 338 14.59 46.49 -1.14
N GLY C 339 13.51 46.15 -0.41
CA GLY C 339 13.51 46.11 1.07
C GLY C 339 14.33 44.97 1.64
N THR C 340 14.77 45.17 2.89
CA THR C 340 15.57 44.19 3.68
C THR C 340 14.74 42.94 4.00
N GLY C 341 13.45 43.10 4.29
CA GLY C 341 12.58 41.97 4.66
C GLY C 341 12.30 40.99 3.53
N LEU C 342 11.94 39.76 3.88
CA LEU C 342 11.62 38.68 2.90
C LEU C 342 10.11 38.53 2.79
N ILE C 343 9.56 38.51 1.57
CA ILE C 343 8.09 38.39 1.36
C ILE C 343 7.77 37.00 0.80
N VAL C 344 6.83 36.30 1.43
CA VAL C 344 6.41 34.94 0.98
C VAL C 344 4.89 34.97 0.74
N HIS C 345 4.44 34.51 -0.43
CA HIS C 345 2.99 34.53 -0.76
C HIS C 345 2.30 33.20 -0.44
N ASP C 346 3.06 32.20 0.02
CA ASP C 346 2.45 30.86 0.27
C ASP C 346 2.14 30.62 1.75
N TRP C 347 2.20 31.66 2.59
CA TRP C 347 1.90 31.44 4.04
C TRP C 347 0.45 31.80 4.34
N GLN C 348 -0.35 30.80 4.70
CA GLN C 348 -1.78 30.99 5.06
C GLN C 348 -1.97 30.29 6.40
N PHE C 349 -2.70 30.91 7.33
CA PHE C 349 -2.84 30.32 8.67
C PHE C 349 -4.33 30.06 8.93
N GLU C 350 -4.91 29.05 8.26
CA GLU C 350 -6.32 28.67 8.58
C GLU C 350 -6.47 28.51 10.14
N ASP C 351 -5.71 27.53 10.63
CA ASP C 351 -5.45 27.37 12.09
C ASP C 351 -3.97 27.02 12.23
N SER C 352 -3.11 28.02 12.11
CA SER C 352 -1.64 27.82 12.32
C SER C 352 -1.44 28.30 13.76
N GLU C 353 -2.52 28.79 14.40
CA GLU C 353 -2.49 29.36 15.78
C GLU C 353 -1.38 30.42 15.94
N THR C 354 -1.36 31.35 14.98
CA THR C 354 -0.35 32.45 14.97
C THR C 354 -1.29 33.66 14.88
N PRO C 355 -1.15 34.68 15.75
CA PRO C 355 -2.05 35.83 15.69
C PRO C 355 -1.83 36.57 14.36
N PRO C 356 -2.90 36.97 13.64
CA PRO C 356 -2.73 37.68 12.38
C PRO C 356 -1.87 38.92 12.68
N GLU C 357 -2.14 39.56 13.83
CA GLU C 357 -1.36 40.74 14.31
C GLU C 357 -1.31 41.78 13.17
N ASN C 358 -0.15 42.41 12.94
CA ASN C 358 0.00 43.28 11.75
C ASN C 358 1.32 42.68 11.24
N LEU C 359 1.29 42.12 10.04
CA LEU C 359 2.51 41.48 9.47
C LEU C 359 3.05 42.34 8.32
N ASP C 360 2.57 43.58 8.20
CA ASP C 360 3.02 44.48 7.10
C ASP C 360 2.82 43.74 5.77
N PHE C 361 1.61 43.21 5.55
CA PHE C 361 1.30 42.43 4.34
C PHE C 361 1.53 43.29 3.09
N SER C 362 2.04 42.64 2.05
CA SER C 362 2.34 43.28 0.74
C SER C 362 1.05 43.62 -0.01
N GLU C 363 1.13 44.56 -0.96
CA GLU C 363 -0.02 45.01 -1.79
C GLU C 363 -0.51 43.90 -2.72
N LEU C 364 0.37 42.93 -3.06
CA LEU C 364 0.05 41.78 -3.95
C LEU C 364 -0.40 40.58 -3.10
N GLY C 365 -0.68 40.79 -1.81
CA GLY C 365 -1.17 39.73 -0.91
C GLY C 365 -0.06 38.99 -0.21
N GLY C 366 1.18 39.43 -0.39
CA GLY C 366 2.34 38.78 0.27
C GLY C 366 2.46 39.13 1.73
N VAL C 367 3.21 38.33 2.49
CA VAL C 367 3.46 38.60 3.93
C VAL C 367 4.92 39.00 4.04
N ASN C 368 5.22 40.14 4.64
CA ASN C 368 6.64 40.58 4.76
C ASN C 368 7.16 40.09 6.10
N LEU C 369 8.24 39.30 6.09
CA LEU C 369 8.80 38.83 7.38
C LEU C 369 9.75 39.90 7.87
N GLN C 370 9.39 40.60 8.96
CA GLN C 370 10.26 41.68 9.48
C GLN C 370 10.93 41.23 10.77
N THR C 371 10.62 40.04 11.24
CA THR C 371 11.24 39.57 12.50
C THR C 371 11.69 38.12 12.37
N PHE C 372 12.74 37.75 13.11
CA PHE C 372 13.29 36.38 13.08
C PHE C 372 12.22 35.39 13.56
N GLU C 373 11.47 35.77 14.59
CA GLU C 373 10.39 34.91 15.13
C GLU C 373 9.37 34.64 14.02
N GLN C 374 9.02 35.65 13.23
CA GLN C 374 8.07 35.41 12.13
C GLN C 374 8.71 34.43 11.15
N LEU C 375 10.00 34.61 10.84
CA LEU C 375 10.66 33.71 9.86
C LEU C 375 10.63 32.27 10.39
N ILE C 376 10.89 32.09 11.68
CA ILE C 376 10.84 30.72 12.26
C ILE C 376 9.40 30.22 12.15
N SER C 377 8.42 31.09 12.43
CA SER C 377 7.00 30.68 12.34
C SER C 377 6.68 30.29 10.91
N TYR C 378 7.19 31.02 9.92
CA TYR C 378 6.94 30.65 8.51
C TYR C 378 7.56 29.27 8.26
N LEU C 379 8.78 29.06 8.75
CA LEU C 379 9.48 27.76 8.58
C LEU C 379 8.67 26.68 9.29
N GLU C 380 8.15 26.97 10.48
CA GLU C 380 7.37 25.97 11.22
C GLU C 380 6.14 25.58 10.39
N TYR C 381 5.47 26.57 9.80
CA TYR C 381 4.24 26.26 9.03
C TYR C 381 4.55 25.41 7.79
N LYS C 382 5.58 25.76 7.02
CA LYS C 382 5.85 24.99 5.79
C LYS C 382 6.19 23.54 6.11
N LEU C 383 7.07 23.32 7.08
CA LEU C 383 7.50 21.96 7.49
C LEU C 383 6.44 21.19 8.30
N LEU C 384 5.66 21.88 9.14
CA LEU C 384 4.72 21.12 10.02
C LEU C 384 3.25 21.51 9.85
N GLU C 385 2.89 22.58 9.15
CA GLU C 385 1.44 22.90 9.08
C GLU C 385 0.91 23.07 7.65
N GLU C 386 1.75 22.90 6.64
CA GLU C 386 1.29 23.20 5.25
C GLU C 386 0.12 22.34 4.79
N ARG C 387 0.12 21.03 5.05
CA ARG C 387 -1.00 20.21 4.51
C ARG C 387 -1.56 19.30 5.61
N GLU C 388 -2.33 19.88 6.53
CA GLU C 388 -2.97 19.13 7.66
C GLU C 388 -1.92 18.41 8.50
N GLY C 389 -0.77 19.05 8.72
CA GLY C 389 0.35 18.52 9.52
C GLY C 389 1.32 17.70 8.70
N GLU C 390 0.95 17.32 7.48
CA GLU C 390 1.87 16.54 6.61
C GLU C 390 3.06 17.42 6.19
N GLY C 391 2.79 18.70 5.93
CA GLY C 391 3.85 19.65 5.54
C GLY C 391 4.04 19.72 4.04
N ASP C 392 4.69 20.78 3.55
CA ASP C 392 4.91 20.94 2.09
C ASP C 392 5.99 19.95 1.68
N PRO C 393 5.72 19.05 0.71
CA PRO C 393 6.67 18.04 0.29
C PRO C 393 7.94 18.66 -0.29
N LYS C 394 7.82 19.78 -1.01
CA LYS C 394 9.05 20.38 -1.58
C LYS C 394 9.99 20.76 -0.42
N TRP C 395 9.43 21.17 0.73
CA TRP C 395 10.31 21.53 1.87
C TRP C 395 10.68 20.32 2.74
N VAL C 396 9.71 19.47 3.10
CA VAL C 396 10.02 18.32 4.00
C VAL C 396 11.01 17.32 3.37
N LEU C 397 10.89 17.03 2.07
CA LEU C 397 11.82 16.13 1.35
C LEU C 397 12.03 14.80 2.10
N LYS C 398 11.01 13.97 2.20
CA LYS C 398 11.00 12.62 2.83
C LYS C 398 11.87 12.64 4.10
N GLN C 399 11.68 13.65 4.94
CA GLN C 399 12.48 13.82 6.18
C GLN C 399 11.57 13.46 7.37
N SER C 400 12.10 12.73 8.35
CA SER C 400 11.31 12.26 9.50
C SER C 400 10.68 13.45 10.24
N PRO C 401 9.45 13.32 10.77
CA PRO C 401 8.78 14.44 11.43
C PRO C 401 9.58 14.91 12.64
N GLY C 402 10.16 13.99 13.39
CA GLY C 402 10.95 14.38 14.58
C GLY C 402 12.13 15.24 14.15
N THR C 403 12.80 14.86 13.06
CA THR C 403 13.95 15.63 12.57
C THR C 403 13.50 17.05 12.21
N LEU C 404 12.35 17.18 11.56
CA LEU C 404 11.89 18.55 11.21
C LEU C 404 11.60 19.32 12.49
N ARG C 405 10.89 18.70 13.44
CA ARG C 405 10.55 19.41 14.70
C ARG C 405 11.82 19.74 15.48
N ALA C 406 12.80 18.84 15.46
CA ALA C 406 14.07 19.10 16.17
C ALA C 406 14.73 20.33 15.55
N PHE C 407 14.71 20.42 14.21
CA PHE C 407 15.29 21.61 13.53
C PHE C 407 14.48 22.82 13.97
N THR C 408 13.15 22.70 13.99
CA THR C 408 12.28 23.83 14.40
C THR C 408 12.48 24.19 15.88
N ARG C 409 12.52 23.19 16.77
CA ARG C 409 12.64 23.51 18.22
C ARG C 409 13.99 24.19 18.49
N ARG C 410 15.05 23.73 17.82
CA ARG C 410 16.40 24.32 18.03
C ARG C 410 16.36 25.80 17.66
N LEU C 411 15.69 26.15 16.55
CA LEU C 411 15.56 27.58 16.14
C LEU C 411 14.78 28.33 17.22
N ARG C 412 13.74 27.71 17.76
CA ARG C 412 12.89 28.35 18.81
C ARG C 412 13.75 28.61 20.05
N GLY C 413 14.63 27.68 20.40
CA GLY C 413 15.44 27.86 21.61
C GLY C 413 16.32 29.09 21.54
N VAL C 414 16.95 29.33 20.39
CA VAL C 414 17.89 30.47 20.23
C VAL C 414 17.20 31.67 19.59
N GLN C 415 15.88 31.64 19.40
CA GLN C 415 15.27 32.81 18.69
C GLN C 415 15.43 34.10 19.51
N LYS C 416 15.21 34.06 20.83
CA LYS C 416 15.27 35.31 21.64
C LYS C 416 16.69 35.87 21.60
N TYR C 417 17.69 34.99 21.67
CA TYR C 417 19.11 35.39 21.66
C TYR C 417 19.49 36.07 20.34
N LEU C 418 19.02 35.56 19.21
CA LEU C 418 19.39 36.15 17.89
C LEU C 418 18.30 37.06 17.32
N SER C 419 17.16 37.22 17.98
CA SER C 419 16.09 38.03 17.35
C SER C 419 16.55 39.47 17.11
N PRO C 420 17.22 40.14 18.05
CA PRO C 420 17.66 41.51 17.82
C PRO C 420 18.68 41.61 16.67
N LEU C 421 19.58 40.63 16.55
CA LEU C 421 20.63 40.66 15.51
C LEU C 421 20.03 40.63 14.10
N ILE C 422 19.01 39.81 13.87
CA ILE C 422 18.44 39.69 12.49
C ILE C 422 17.11 40.44 12.42
N ARG C 423 17.07 41.56 11.69
CA ARG C 423 15.82 42.35 11.54
C ARG C 423 15.58 42.65 10.07
N GLY C 424 14.38 42.34 9.57
CA GLY C 424 14.04 42.67 8.17
C GLY C 424 13.20 43.93 8.11
N ASP C 425 12.86 44.48 9.27
CA ASP C 425 12.03 45.71 9.39
C ASP C 425 12.82 46.95 8.94
N LEU C 426 14.15 46.90 9.02
CA LEU C 426 15.00 48.09 8.70
C LEU C 426 14.88 48.51 7.23
N THR C 427 15.03 49.81 6.99
CA THR C 427 15.02 50.41 5.63
C THR C 427 16.34 50.06 4.94
N PRO C 428 16.43 50.05 3.60
CA PRO C 428 17.66 49.68 2.92
C PRO C 428 18.81 50.62 3.29
N GLU C 429 18.52 51.92 3.40
CA GLU C 429 19.61 52.89 3.73
C GLU C 429 20.21 52.53 5.09
N GLN C 430 19.37 52.22 6.06
CA GLN C 430 19.84 51.87 7.43
C GLN C 430 20.66 50.57 7.36
N ALA C 431 20.20 49.59 6.59
CA ALA C 431 20.88 48.28 6.55
C ALA C 431 22.33 48.44 6.08
N GLU C 432 22.58 49.25 5.05
CA GLU C 432 23.97 49.39 4.57
C GLU C 432 24.81 49.99 5.70
N GLY C 433 24.29 51.00 6.38
CA GLY C 433 25.03 51.66 7.48
C GLY C 433 25.27 50.76 8.66
N TYR C 434 24.27 49.99 9.09
CA TYR C 434 24.40 49.13 10.29
C TYR C 434 25.06 47.80 9.97
N ARG C 435 25.24 47.51 8.68
CA ARG C 435 25.90 46.23 8.29
C ARG C 435 27.32 46.28 8.85
N PRO C 436 27.85 45.20 9.45
CA PRO C 436 29.19 45.24 10.03
C PRO C 436 30.20 44.83 8.97
N ASP C 437 31.11 45.73 8.61
CA ASP C 437 32.13 45.41 7.57
C ASP C 437 33.51 45.40 8.23
N PRO C 438 34.15 44.22 8.38
CA PRO C 438 35.49 44.13 8.95
C PRO C 438 36.44 44.76 7.92
N LEU C 439 36.10 44.57 6.63
CA LEU C 439 36.92 45.08 5.50
C LEU C 439 36.65 46.57 5.07
N ARG C 440 35.77 47.23 5.82
CA ARG C 440 35.41 48.63 5.47
C ARG C 440 36.66 49.47 5.27
N ARG C 441 36.75 50.10 4.10
CA ARG C 441 37.94 50.93 3.73
C ARG C 441 38.06 52.09 4.71
N GLY C 442 39.29 52.48 5.05
CA GLY C 442 39.55 53.60 5.98
C GLY C 442 39.58 53.09 7.40
N ILE C 443 39.37 51.78 7.60
CA ILE C 443 39.40 51.17 8.97
C ILE C 443 40.52 50.14 9.02
N GLN C 444 41.43 50.25 9.99
CA GLN C 444 42.54 49.29 10.14
C GLN C 444 42.19 48.22 11.16
N LEU C 445 41.58 48.60 12.28
CA LEU C 445 41.21 47.61 13.33
C LEU C 445 39.70 47.66 13.57
N THR C 446 39.04 46.51 13.60
CA THR C 446 37.58 46.46 13.87
C THR C 446 37.34 45.58 15.10
N VAL C 447 36.65 46.12 16.10
CA VAL C 447 36.36 45.35 17.34
C VAL C 447 34.85 45.07 17.41
N VAL C 448 34.49 43.79 17.51
CA VAL C 448 33.06 43.38 17.58
C VAL C 448 32.77 42.99 19.03
N ASP C 449 31.77 43.60 19.65
CA ASP C 449 31.49 43.29 21.08
C ASP C 449 30.41 42.23 21.17
N ILE C 450 30.78 41.01 21.58
CA ILE C 450 29.81 39.90 21.74
C ILE C 450 29.78 39.50 23.22
N HIS C 451 30.34 40.33 24.09
CA HIS C 451 30.39 40.02 25.55
C HIS C 451 28.98 39.93 26.12
N ALA C 452 28.05 40.79 25.66
CA ALA C 452 26.66 40.79 26.17
C ALA C 452 25.84 39.73 25.45
N LEU C 453 26.36 39.20 24.34
CA LEU C 453 25.65 38.17 23.54
C LEU C 453 25.69 36.84 24.27
N SER C 454 24.72 35.98 23.95
CA SER C 454 24.61 34.60 24.49
C SER C 454 25.61 33.69 23.76
N ALA C 455 25.88 32.51 24.31
CA ALA C 455 26.89 31.64 23.65
C ALA C 455 26.44 31.31 22.24
N HIS C 456 25.16 30.98 22.04
CA HIS C 456 24.69 30.63 20.68
C HIS C 456 24.87 31.86 19.78
N ALA C 457 24.51 33.03 20.27
CA ALA C 457 24.68 34.27 19.48
C ALA C 457 26.17 34.52 19.23
N GLN C 458 27.00 34.26 20.23
CA GLN C 458 28.45 34.52 20.07
C GLN C 458 28.99 33.69 18.92
N MET C 459 28.64 32.40 18.88
CA MET C 459 29.14 31.49 17.83
C MET C 459 28.64 31.96 16.47
N PHE C 460 27.37 32.37 16.40
CA PHE C 460 26.76 32.81 15.12
C PHE C 460 27.45 34.08 14.61
N VAL C 461 27.65 35.06 15.48
CA VAL C 461 28.24 36.36 15.02
C VAL C 461 29.64 36.12 14.49
N VAL C 462 30.42 35.34 15.22
CA VAL C 462 31.83 35.04 14.80
C VAL C 462 31.80 34.25 13.50
N GLY C 463 30.92 33.25 13.39
CA GLY C 463 30.92 32.40 12.19
C GLY C 463 30.56 33.15 10.93
N VAL C 464 29.51 33.96 10.93
CA VAL C 464 29.13 34.68 9.68
C VAL C 464 30.18 35.74 9.32
N LEU C 465 30.76 36.43 10.31
CA LEU C 465 31.75 37.48 10.03
C LEU C 465 33.00 36.86 9.41
N LEU C 466 33.48 35.76 9.96
CA LEU C 466 34.68 35.09 9.40
C LEU C 466 34.35 34.59 7.99
N ARG C 467 33.17 33.99 7.84
CA ARG C 467 32.76 33.44 6.52
C ARG C 467 32.65 34.57 5.50
N GLU C 468 32.07 35.71 5.89
CA GLU C 468 31.95 36.84 4.92
C GLU C 468 33.36 37.29 4.53
N VAL C 469 34.26 37.40 5.51
CA VAL C 469 35.65 37.81 5.19
C VAL C 469 36.29 36.74 4.32
N PHE C 470 36.13 35.46 4.69
CA PHE C 470 36.80 34.39 3.92
C PHE C 470 36.25 34.34 2.49
N GLU C 471 34.92 34.42 2.33
CA GLU C 471 34.31 34.35 0.98
C GLU C 471 34.83 35.51 0.14
N TYR C 472 34.92 36.71 0.74
CA TYR C 472 35.41 37.89 0.01
C TYR C 472 36.84 37.61 -0.48
N LYS C 473 37.69 37.02 0.36
CA LYS C 473 39.09 36.78 -0.07
C LYS C 473 39.11 35.85 -1.27
N GLU C 474 38.30 34.79 -1.24
CA GLU C 474 38.27 33.85 -2.39
C GLU C 474 37.77 34.58 -3.63
N ARG C 475 36.69 35.35 -3.46
CA ARG C 475 36.05 36.10 -4.58
C ARG C 475 36.95 37.21 -5.14
N VAL C 476 37.59 38.01 -4.28
CA VAL C 476 38.39 39.17 -4.78
C VAL C 476 39.87 38.83 -4.91
N GLY C 477 40.47 38.23 -3.89
CA GLY C 477 41.91 37.92 -3.94
C GLY C 477 42.58 38.25 -2.62
N ARG C 478 43.91 38.28 -2.58
CA ARG C 478 44.66 38.54 -1.32
C ARG C 478 45.56 39.78 -1.49
N GLN C 479 44.98 40.94 -1.80
CA GLN C 479 45.81 42.17 -1.97
C GLN C 479 45.93 42.93 -0.64
N ASP C 480 45.12 42.58 0.36
CA ASP C 480 45.18 43.22 1.70
C ASP C 480 45.33 42.10 2.73
N THR C 481 46.23 42.22 3.71
CA THR C 481 46.36 41.14 4.72
C THR C 481 45.48 41.49 5.92
N VAL C 482 44.56 40.59 6.27
CA VAL C 482 43.63 40.80 7.41
C VAL C 482 43.99 39.79 8.49
N PHE C 483 44.21 40.26 9.72
CA PHE C 483 44.59 39.35 10.84
C PHE C 483 43.38 39.15 11.74
N VAL C 484 43.05 37.89 12.02
CA VAL C 484 41.89 37.59 12.90
C VAL C 484 42.45 37.24 14.29
N VAL C 485 42.08 38.01 15.31
CA VAL C 485 42.59 37.77 16.69
C VAL C 485 41.47 37.07 17.46
N LEU C 486 41.71 35.83 17.88
CA LEU C 486 40.66 35.06 18.59
C LEU C 486 41.24 34.44 19.86
N ASP C 487 40.53 34.56 20.98
CA ASP C 487 40.87 33.87 22.25
C ASP C 487 39.90 32.70 22.42
N GLU C 488 40.10 31.84 23.42
CA GLU C 488 39.25 30.66 23.70
C GLU C 488 39.11 29.88 22.39
N LEU C 489 40.21 29.52 21.77
CA LEU C 489 40.03 28.71 20.53
C LEU C 489 39.25 27.43 20.87
N ASN C 490 39.50 26.83 22.03
CA ASN C 490 38.81 25.59 22.49
C ASN C 490 37.30 25.66 22.20
N LYS C 491 36.61 26.70 22.62
CA LYS C 491 35.17 26.70 22.37
C LYS C 491 34.86 26.88 20.89
N TYR C 492 35.68 27.69 20.21
CA TYR C 492 35.45 27.94 18.76
C TYR C 492 35.90 26.72 17.95
N ALA C 493 37.01 26.10 18.33
CA ALA C 493 37.52 24.94 17.57
C ALA C 493 37.81 23.76 18.50
N PRO C 494 36.78 23.06 19.04
CA PRO C 494 36.99 21.93 19.94
C PRO C 494 37.74 20.79 19.25
N ARG C 495 38.54 20.06 20.02
CA ARG C 495 39.40 18.99 19.47
C ARG C 495 38.58 17.87 18.82
N GLU C 496 37.50 17.40 19.45
CA GLU C 496 36.79 16.25 18.83
C GLU C 496 35.38 16.63 18.36
N GLY C 497 34.89 17.84 18.64
CA GLY C 497 33.52 18.18 18.21
C GLY C 497 33.43 18.59 16.76
N ASP C 498 32.21 18.72 16.21
CA ASP C 498 32.15 19.20 14.80
C ASP C 498 31.11 20.32 14.66
N SER C 499 31.50 21.46 14.10
CA SER C 499 30.57 22.61 13.94
C SER C 499 30.97 23.44 12.72
N PRO C 500 30.04 24.22 12.12
CA PRO C 500 30.35 25.03 10.95
C PRO C 500 31.38 26.11 11.29
N ILE C 501 31.22 26.76 12.45
CA ILE C 501 32.17 27.83 12.86
C ILE C 501 33.57 27.24 12.85
N LYS C 502 33.72 26.04 13.41
CA LYS C 502 35.00 25.35 13.38
C LYS C 502 35.46 25.10 11.94
N ASP C 503 34.51 24.90 11.03
CA ASP C 503 34.86 24.72 9.63
C ASP C 503 35.55 25.96 9.07
N VAL C 504 35.01 27.16 9.34
CA VAL C 504 35.60 28.35 8.75
C VAL C 504 36.98 28.62 9.33
N LEU C 505 37.17 28.28 10.61
CA LEU C 505 38.51 28.36 11.20
C LEU C 505 39.45 27.37 10.52
N LEU C 506 38.95 26.18 10.18
CA LEU C 506 39.75 25.23 9.41
C LEU C 506 40.17 25.82 8.08
N ASP C 507 39.23 26.44 7.36
CA ASP C 507 39.56 27.07 6.09
C ASP C 507 40.59 28.17 6.26
N ILE C 508 40.46 28.97 7.32
CA ILE C 508 41.39 30.06 7.56
C ILE C 508 42.79 29.53 7.81
N ALA C 509 42.91 28.43 8.54
CA ALA C 509 44.23 27.88 8.83
C ALA C 509 44.83 27.21 7.60
N GLU C 510 44.04 26.37 6.93
CA GLU C 510 44.60 25.53 5.87
C GLU C 510 44.77 26.30 4.57
N ARG C 511 43.93 27.30 4.32
CA ARG C 511 43.99 28.05 3.08
C ARG C 511 44.35 29.51 3.27
N GLY C 512 44.30 30.02 4.50
CA GLY C 512 44.44 31.46 4.73
C GLY C 512 45.78 32.02 4.36
N ARG C 513 46.82 31.19 4.29
CA ARG C 513 48.14 31.67 3.90
C ARG C 513 48.10 32.27 2.50
N SER C 514 47.63 31.48 1.53
CA SER C 514 47.50 31.94 0.15
C SER C 514 46.30 32.86 -0.06
N LEU C 515 45.44 33.00 0.94
CA LEU C 515 44.28 33.89 0.84
C LEU C 515 44.51 35.22 1.53
N GLY C 516 45.49 35.28 2.44
CA GLY C 516 45.78 36.50 3.16
C GLY C 516 45.02 36.70 4.45
N ILE C 517 44.49 35.63 5.04
CA ILE C 517 43.75 35.69 6.30
C ILE C 517 44.61 34.98 7.34
N ILE C 518 45.13 35.75 8.29
CA ILE C 518 46.10 35.26 9.27
C ILE C 518 45.43 35.26 10.63
N LEU C 519 45.52 34.13 11.32
CA LEU C 519 44.89 33.93 12.61
C LEU C 519 45.92 34.08 13.72
N ILE C 520 45.65 34.99 14.66
CA ILE C 520 46.39 35.10 15.91
C ILE C 520 45.45 34.59 16.99
N GLY C 521 45.56 33.30 17.31
CA GLY C 521 44.63 32.64 18.20
C GLY C 521 45.25 32.28 19.53
N ALA C 522 44.43 32.24 20.59
CA ALA C 522 44.91 31.92 21.91
C ALA C 522 43.95 30.96 22.60
N GLN C 523 44.50 30.06 23.40
CA GLN C 523 43.72 29.15 24.22
C GLN C 523 44.55 28.76 25.43
N GLN C 524 43.86 28.28 26.47
CA GLN C 524 44.55 27.90 27.69
C GLN C 524 45.47 26.71 27.47
N THR C 525 45.00 25.69 26.75
CA THR C 525 45.84 24.56 26.37
C THR C 525 45.59 24.18 24.93
N ALA C 526 46.66 24.03 24.17
CA ALA C 526 46.55 23.61 22.79
C ALA C 526 46.01 22.19 22.66
N SER C 527 46.06 21.40 23.74
CA SER C 527 45.55 20.04 23.66
C SER C 527 44.03 19.99 23.50
N GLU C 528 43.33 21.08 23.81
CA GLU C 528 41.88 21.12 23.72
C GLU C 528 41.38 21.82 22.46
N VAL C 529 42.27 22.11 21.52
CA VAL C 529 41.90 22.71 20.25
C VAL C 529 42.07 21.65 19.16
N GLU C 530 41.33 21.81 18.07
CA GLU C 530 41.51 20.95 16.90
C GLU C 530 42.99 20.89 16.52
N ARG C 531 43.50 19.66 16.38
CA ARG C 531 44.88 19.47 15.98
C ARG C 531 45.22 20.27 14.72
N ARG C 532 44.26 20.42 13.81
CA ARG C 532 44.56 21.00 12.51
C ARG C 532 44.70 22.52 12.57
N ILE C 533 44.06 23.16 13.56
CA ILE C 533 44.24 24.60 13.72
C ILE C 533 45.58 24.91 14.36
N VAL C 534 45.95 24.13 15.38
CA VAL C 534 47.21 24.31 16.08
C VAL C 534 48.38 23.94 15.18
N SER C 535 48.22 22.88 14.39
CA SER C 535 49.31 22.40 13.54
C SER C 535 49.75 23.45 12.52
N ASN C 536 48.83 24.27 12.05
CA ASN C 536 49.12 25.24 11.00
C ASN C 536 49.61 26.58 11.53
N ALA C 537 50.04 26.63 12.78
CA ALA C 537 50.63 27.84 13.35
C ALA C 537 52.13 27.75 13.24
N ALA C 538 52.73 28.69 12.50
CA ALA C 538 54.19 28.73 12.37
C ALA C 538 54.85 29.36 13.59
N ILE C 539 54.16 30.27 14.26
CA ILE C 539 54.65 30.92 15.46
C ILE C 539 53.84 30.39 16.64
N ARG C 540 54.53 29.80 17.61
CA ARG C 540 53.91 29.27 18.82
C ARG C 540 54.46 30.02 20.03
N VAL C 541 53.58 30.68 20.77
CA VAL C 541 53.96 31.48 21.92
C VAL C 541 53.31 30.89 23.17
N VAL C 542 54.07 30.85 24.27
CA VAL C 542 53.68 30.17 25.49
C VAL C 542 53.93 31.10 26.66
N GLY C 543 52.89 31.41 27.42
CA GLY C 543 53.02 32.09 28.69
C GLY C 543 53.23 31.10 29.81
N ARG C 544 52.84 31.49 31.03
CA ARG C 544 52.91 30.55 32.13
C ARG C 544 52.01 29.36 31.84
N LEU C 545 52.58 28.18 31.72
CA LEU C 545 51.83 26.99 31.35
C LEU C 545 51.51 26.16 32.59
N ASP C 546 50.35 25.51 32.55
CA ASP C 546 49.98 24.61 33.62
C ASP C 546 50.97 23.46 33.69
N LEU C 547 51.27 23.04 34.92
CA LEU C 547 52.25 21.99 35.14
C LEU C 547 51.86 20.70 34.40
N ALA C 548 50.56 20.42 34.34
CA ALA C 548 50.08 19.21 33.68
C ALA C 548 50.31 19.27 32.18
N GLU C 549 49.98 20.41 31.57
CA GLU C 549 49.92 20.47 30.11
C GLU C 549 51.28 20.58 29.46
N ALA C 550 52.32 20.92 30.23
CA ALA C 550 53.64 21.09 29.64
C ALA C 550 54.17 19.78 29.08
N GLU C 551 53.85 18.66 29.73
CA GLU C 551 54.33 17.38 29.24
C GLU C 551 53.41 16.78 28.18
N ARG C 552 52.29 17.43 27.86
CA ARG C 552 51.39 16.96 26.82
C ARG C 552 52.10 16.92 25.47
N PRO C 553 51.69 16.01 24.58
CA PRO C 553 52.32 15.94 23.25
C PRO C 553 52.20 17.23 22.46
N GLU C 554 51.21 18.08 22.75
CA GLU C 554 51.07 19.32 22.02
C GLU C 554 52.16 20.33 22.37
N TYR C 555 52.94 20.07 23.41
CA TYR C 555 53.96 21.01 23.87
C TYR C 555 55.33 20.36 23.86
N ARG C 556 55.60 19.51 22.87
CA ARG C 556 56.93 18.93 22.74
C ARG C 556 57.94 19.94 22.22
N PHE C 557 57.49 21.05 21.63
CA PHE C 557 58.42 22.07 21.18
C PHE C 557 59.08 22.80 22.34
N LEU C 558 58.55 22.65 23.56
CA LEU C 558 59.24 23.08 24.75
C LEU C 558 60.15 21.96 25.24
N PRO C 559 61.47 22.14 25.22
CA PRO C 559 62.38 21.13 25.78
C PRO C 559 62.16 20.97 27.28
N GLN C 560 62.53 19.79 27.79
CA GLN C 560 62.30 19.48 29.20
C GLN C 560 62.98 20.48 30.12
N SER C 561 64.05 21.12 29.65
CA SER C 561 64.67 22.19 30.42
C SER C 561 63.69 23.32 30.71
N PHE C 562 62.74 23.55 29.80
CA PHE C 562 61.89 24.74 29.90
C PHE C 562 60.66 24.52 30.77
N ARG C 563 60.21 23.27 30.92
CA ARG C 563 58.92 23.01 31.57
C ARG C 563 58.89 23.58 32.98
N GLY C 564 59.91 23.28 33.78
CA GLY C 564 59.93 23.76 35.15
C GLY C 564 59.96 25.27 35.24
N ARG C 565 60.66 25.91 34.30
CA ARG C 565 60.73 27.36 34.26
C ARG C 565 59.41 27.96 33.81
N ALA C 566 58.77 27.35 32.82
CA ALA C 566 57.52 27.90 32.27
C ALA C 566 56.35 27.77 33.22
N GLY C 567 56.46 26.95 34.27
CA GLY C 567 55.40 26.84 35.26
C GLY C 567 55.29 28.04 36.18
N ILE C 568 56.35 28.84 36.28
CA ILE C 568 56.39 29.99 37.18
C ILE C 568 56.68 31.28 36.43
N LEU C 569 56.52 31.28 35.12
CA LEU C 569 56.69 32.51 34.34
C LEU C 569 55.82 33.63 34.88
N GLN C 570 56.41 34.80 35.05
CA GLN C 570 55.72 35.97 35.55
C GLN C 570 54.88 36.59 34.44
N PRO C 571 53.77 37.24 34.79
CA PRO C 571 53.00 37.98 33.77
C PRO C 571 53.87 38.98 33.03
N GLY C 572 53.71 39.03 31.72
CA GLY C 572 54.55 39.85 30.86
C GLY C 572 55.74 39.13 30.26
N THR C 573 55.87 37.83 30.49
CA THR C 573 56.98 37.04 30.02
C THR C 573 56.45 35.94 29.13
N MET C 574 56.99 35.83 27.92
CA MET C 574 56.53 34.85 26.96
C MET C 574 57.72 34.12 26.36
N LEU C 575 57.50 32.86 25.97
CA LEU C 575 58.44 32.05 25.22
C LEU C 575 57.92 31.92 23.79
N VAL C 576 58.57 32.58 22.84
CA VAL C 576 58.18 32.49 21.44
C VAL C 576 59.06 31.45 20.74
N SER C 577 58.44 30.70 19.84
CA SER C 577 59.14 29.69 19.04
C SER C 577 58.77 29.93 17.59
N GLN C 578 59.76 30.20 16.77
CA GLN C 578 59.55 30.44 15.35
C GLN C 578 60.46 29.52 14.55
N PRO C 579 60.12 29.25 13.28
CA PRO C 579 60.86 28.22 12.54
C PRO C 579 62.33 28.53 12.34
N ASP C 580 62.68 29.80 12.12
CA ASP C 580 64.08 30.15 11.84
C ASP C 580 65.02 29.74 12.99
N VAL C 581 64.60 29.97 14.22
CA VAL C 581 65.43 29.72 15.40
C VAL C 581 64.98 28.41 16.04
N PRO C 582 65.90 27.47 16.29
CA PRO C 582 65.49 26.11 16.68
C PRO C 582 65.07 25.94 18.13
N ASN C 583 64.92 27.01 18.90
CA ASN C 583 64.52 26.87 20.29
C ASN C 583 63.53 27.96 20.66
N PRO C 584 62.72 27.72 21.69
CA PRO C 584 61.97 28.81 22.30
C PRO C 584 62.92 29.80 22.95
N VAL C 585 62.67 31.08 22.72
CA VAL C 585 63.48 32.15 23.31
C VAL C 585 62.57 33.00 24.19
N LEU C 586 63.08 33.33 25.39
CA LEU C 586 62.29 34.09 26.35
C LEU C 586 62.33 35.57 26.03
N VAL C 587 61.18 36.24 26.12
CA VAL C 587 61.09 37.67 25.81
C VAL C 587 60.14 38.36 26.77
N ASN C 588 60.36 39.67 26.94
CA ASN C 588 59.44 40.56 27.63
C ASN C 588 58.86 41.54 26.62
N TYR C 589 57.65 42.02 26.90
CA TYR C 589 57.06 43.03 26.04
C TYR C 589 56.40 44.09 26.93
N PRO C 590 56.30 45.32 26.43
CA PRO C 590 55.82 46.42 27.28
C PRO C 590 54.39 46.22 27.75
N PHE C 591 53.96 47.14 28.61
CA PHE C 591 52.57 47.23 28.98
C PHE C 591 51.77 47.85 27.83
N PRO C 592 50.46 47.60 27.78
CA PRO C 592 49.67 48.15 26.68
C PRO C 592 49.66 49.67 26.70
N ALA C 593 50.01 50.27 25.56
CA ALA C 593 49.83 51.70 25.38
C ALA C 593 48.37 52.06 25.18
N TRP C 594 47.59 51.12 24.66
CA TRP C 594 46.15 51.26 24.55
C TRP C 594 45.48 50.91 25.87
N ALA C 595 44.43 51.65 26.22
CA ALA C 595 43.70 51.34 27.45
C ALA C 595 43.01 49.99 27.33
N THR C 596 43.15 49.17 28.37
CA THR C 596 42.52 47.85 28.41
C THR C 596 41.38 47.79 29.41
N ARG C 597 41.00 48.92 29.98
CA ARG C 597 39.95 48.98 31.00
C ARG C 597 39.39 50.39 30.98
N ARG C 598 38.20 50.53 31.58
CA ARG C 598 37.52 51.83 31.54
C ARG C 598 38.30 52.90 32.27
N ASP C 599 38.76 52.61 33.48
CA ASP C 599 39.42 53.64 34.28
C ASP C 599 40.81 54.01 33.76
N GLU C 600 41.34 53.29 32.78
CA GLU C 600 42.66 53.64 32.25
C GLU C 600 42.61 54.78 31.25
N VAL C 601 41.48 55.46 31.15
CA VAL C 601 41.31 56.66 30.33
C VAL C 601 40.95 57.78 31.29
N ASP C 602 41.81 58.79 31.39
CA ASP C 602 41.53 59.93 32.27
C ASP C 602 41.87 61.23 31.57
N ASP D 13 67.25 35.56 63.57
CA ASP D 13 66.21 35.94 62.63
C ASP D 13 66.27 35.08 61.37
N ALA D 14 67.47 34.62 61.02
CA ALA D 14 67.63 33.73 59.89
C ALA D 14 67.28 32.30 60.28
N ILE D 15 67.00 31.49 59.26
CA ILE D 15 66.61 30.10 59.47
C ILE D 15 67.68 29.11 58.99
N GLY D 16 68.47 29.47 57.99
CA GLY D 16 69.47 28.55 57.46
C GLY D 16 70.30 29.20 56.38
N MET D 17 71.11 28.38 55.72
CA MET D 17 71.98 28.85 54.66
C MET D 17 71.86 27.94 53.45
N VAL D 18 72.00 28.54 52.26
CA VAL D 18 71.92 27.79 51.02
C VAL D 18 73.06 26.79 50.95
N LEU D 19 72.70 25.52 50.80
CA LEU D 19 73.69 24.46 50.73
C LEU D 19 74.38 24.46 49.36
N GLY D 20 75.63 24.01 49.34
CA GLY D 20 76.33 23.89 48.08
C GLY D 20 76.52 22.43 47.70
N THR D 21 76.33 21.55 48.68
CA THR D 21 76.53 20.13 48.46
C THR D 21 75.49 19.56 47.50
N GLU D 22 74.32 20.18 47.44
CA GLU D 22 73.32 19.95 46.42
C GLU D 22 73.40 21.04 45.36
N ASP D 23 72.97 20.71 44.14
CA ASP D 23 72.92 21.72 43.09
C ASP D 23 72.01 22.87 43.52
N VAL D 24 72.39 24.09 43.16
CA VAL D 24 71.57 25.26 43.41
C VAL D 24 71.17 25.82 42.05
N THR D 25 69.89 25.67 41.72
CA THR D 25 69.30 26.10 40.47
C THR D 25 68.23 27.15 40.72
N PRO D 26 67.94 28.01 39.74
CA PRO D 26 66.97 29.09 40.00
C PRO D 26 65.58 28.58 40.31
N THR D 27 65.24 27.38 39.86
CA THR D 27 63.90 26.84 40.09
C THR D 27 63.81 26.04 41.37
N VAL D 28 64.88 25.34 41.74
CA VAL D 28 64.89 24.47 42.91
C VAL D 28 66.28 24.50 43.53
N PHE D 29 66.33 24.47 44.87
CA PHE D 29 67.59 24.44 45.59
C PHE D 29 67.34 23.99 47.02
N TRP D 30 68.41 23.53 47.67
CA TRP D 30 68.40 23.09 49.05
C TRP D 30 69.05 24.13 49.94
N PHE D 31 68.77 24.04 51.24
CA PHE D 31 69.44 24.87 52.23
C PHE D 31 69.51 24.13 53.55
N ALA D 32 70.54 24.42 54.34
CA ALA D 32 70.77 23.75 55.61
C ALA D 32 70.10 24.52 56.75
N VAL D 33 69.22 23.84 57.48
CA VAL D 33 68.50 24.48 58.57
C VAL D 33 69.47 24.82 59.69
N SER D 34 69.43 26.06 60.15
CA SER D 34 70.26 26.47 61.27
C SER D 34 69.87 25.70 62.52
N HIS D 35 70.87 25.44 63.37
CA HIS D 35 70.60 24.81 64.66
C HIS D 35 69.69 25.70 65.48
N GLY D 36 68.68 25.08 66.09
CA GLY D 36 67.71 25.81 66.88
C GLY D 36 66.54 26.35 66.10
N ALA D 37 66.40 25.98 64.83
CA ALA D 37 65.26 26.32 64.01
C ALA D 37 64.57 25.05 63.56
N SER D 38 63.25 25.11 63.40
CA SER D 38 62.48 24.03 62.81
C SER D 38 61.93 24.46 61.46
N VAL D 39 62.00 23.55 60.49
CA VAL D 39 61.47 23.79 59.15
C VAL D 39 60.43 22.73 58.87
N GLY D 40 59.17 23.15 58.73
CA GLY D 40 58.10 22.26 58.35
C GLY D 40 58.10 22.00 56.86
N LEU D 41 57.29 21.03 56.45
CA LEU D 41 57.35 20.59 55.07
C LEU D 41 56.81 21.63 54.11
N ASP D 42 55.78 22.37 54.50
CA ASP D 42 55.11 23.27 53.57
C ASP D 42 55.50 24.73 53.76
N ASP D 43 56.54 25.00 54.55
CA ASP D 43 56.85 26.37 54.94
C ASP D 43 57.22 27.24 53.75
N LEU D 44 56.95 28.53 53.89
CA LEU D 44 57.27 29.53 52.87
C LEU D 44 58.51 30.30 53.29
N VAL D 45 59.51 30.34 52.42
CA VAL D 45 60.81 30.90 52.74
C VAL D 45 61.21 31.91 51.67
N VAL D 46 62.21 32.73 52.01
CA VAL D 46 62.79 33.69 51.09
C VAL D 46 64.28 33.78 51.34
N VAL D 47 65.06 33.81 50.26
CA VAL D 47 66.51 33.95 50.31
C VAL D 47 66.91 35.04 49.33
N GLU D 48 67.82 35.90 49.75
CA GLU D 48 68.24 37.05 48.95
C GLU D 48 69.70 36.91 48.58
N THR D 49 69.98 36.89 47.29
CA THR D 49 71.35 36.80 46.79
C THR D 49 71.72 38.09 46.07
N ARG D 50 73.02 38.32 45.99
CA ARG D 50 73.60 39.52 45.42
C ARG D 50 74.25 39.19 44.09
N LYS D 51 73.91 39.95 43.05
CA LYS D 51 74.52 39.75 41.76
C LYS D 51 75.97 40.23 41.81
N PRO D 52 76.78 39.87 40.80
CA PRO D 52 78.13 40.45 40.73
C PRO D 52 78.15 41.97 40.80
N ASP D 53 77.22 42.64 40.11
CA ASP D 53 77.20 44.10 40.14
C ASP D 53 76.60 44.66 41.43
N GLY D 54 76.20 43.82 42.37
CA GLY D 54 75.68 44.27 43.64
C GLY D 54 74.17 44.42 43.72
N THR D 55 73.46 44.28 42.60
CA THR D 55 72.01 44.36 42.64
C THR D 55 71.44 43.12 43.31
N PRO D 56 70.42 43.26 44.14
CA PRO D 56 69.82 42.08 44.79
C PRO D 56 68.82 41.37 43.88
N VAL D 57 68.70 40.06 44.11
CA VAL D 57 67.67 39.24 43.47
C VAL D 57 67.06 38.35 44.55
N ARG D 58 65.77 38.53 44.81
CA ARG D 58 65.10 37.78 45.86
C ARG D 58 64.41 36.55 45.29
N PHE D 59 64.59 35.42 45.97
CA PHE D 59 63.95 34.16 45.61
C PHE D 59 62.94 33.79 46.68
N TYR D 60 61.67 33.72 46.31
CA TYR D 60 60.61 33.27 47.20
C TYR D 60 60.25 31.84 46.83
N GLY D 61 60.05 31.00 47.84
CA GLY D 61 59.85 29.60 47.55
C GLY D 61 59.13 28.87 48.66
N LEU D 62 58.98 27.57 48.46
CA LEU D 62 58.20 26.71 49.31
C LEU D 62 58.98 25.42 49.53
N VAL D 63 59.02 24.96 50.79
CA VAL D 63 59.67 23.70 51.10
C VAL D 63 58.83 22.57 50.52
N ASP D 64 59.46 21.65 49.79
CA ASP D 64 58.75 20.47 49.32
C ASP D 64 59.37 19.16 49.81
N ASN D 65 60.63 19.19 50.23
CA ASN D 65 61.31 18.05 50.81
C ASN D 65 62.05 18.54 52.04
N VAL D 66 62.12 17.69 53.07
CA VAL D 66 62.91 18.02 54.26
C VAL D 66 63.43 16.71 54.84
N ARG D 67 64.67 16.73 55.32
CA ARG D 67 65.34 15.49 55.69
C ARG D 67 66.33 15.75 56.83
N LYS D 68 66.75 14.67 57.47
CA LYS D 68 67.83 14.72 58.44
C LYS D 68 68.79 13.57 58.18
N ARG D 69 70.08 13.87 58.21
CA ARG D 69 71.12 12.86 58.03
C ARG D 69 72.10 12.96 59.18
N HIS D 70 72.77 11.86 59.46
CA HIS D 70 73.95 11.81 60.32
C HIS D 70 75.11 11.65 59.37
N GLU D 71 76.14 12.47 59.50
CA GLU D 71 77.40 12.28 58.80
C GLU D 71 78.55 12.38 59.78
N GLY D 72 79.67 11.76 59.43
CA GLY D 72 80.68 11.41 60.41
C GLY D 72 80.37 10.06 61.00
N VAL D 73 79.20 9.49 60.69
CA VAL D 73 78.86 8.14 61.08
C VAL D 73 79.20 7.24 59.91
N THR D 74 79.86 6.12 60.20
CA THR D 74 80.20 5.18 59.13
C THR D 74 79.31 3.96 59.13
N PHE D 75 79.18 3.28 60.26
CA PHE D 75 78.37 2.07 60.34
C PHE D 75 77.02 2.38 60.98
N GLU D 76 76.00 1.62 60.55
CA GLU D 76 74.67 1.89 61.05
C GLU D 76 74.54 1.40 62.49
N SER D 77 75.35 0.42 62.91
CA SER D 77 75.38 -0.05 64.29
C SER D 77 76.07 0.91 65.26
N ASP D 78 76.63 2.02 64.77
CA ASP D 78 77.30 2.99 65.63
C ASP D 78 76.38 3.99 66.31
N VAL D 79 75.07 3.93 66.03
CA VAL D 79 74.16 4.95 66.53
C VAL D 79 74.23 5.04 68.05
N GLU D 80 74.24 3.89 68.73
CA GLU D 80 74.26 3.89 70.18
C GLU D 80 75.45 4.66 70.71
N ASP D 81 76.64 4.39 70.15
CA ASP D 81 77.84 5.13 70.53
C ASP D 81 77.72 6.61 70.20
N VAL D 82 77.14 6.93 69.05
CA VAL D 82 77.14 8.31 68.54
C VAL D 82 76.41 9.25 69.51
N VAL D 83 75.19 8.87 69.91
CA VAL D 83 74.44 9.75 70.80
C VAL D 83 74.90 9.61 72.24
N ALA D 84 75.64 8.55 72.56
CA ALA D 84 76.24 8.42 73.88
C ALA D 84 77.44 9.33 74.06
N GLY D 85 77.93 9.93 72.98
CA GLY D 85 79.10 10.77 73.02
C GLY D 85 80.39 10.08 72.63
N LEU D 86 80.36 8.76 72.43
CA LEU D 86 81.60 8.02 72.15
C LEU D 86 82.24 8.52 70.85
N LEU D 87 81.45 8.66 69.79
CA LEU D 87 81.91 9.11 68.50
C LEU D 87 81.28 10.45 68.14
N PRO D 88 82.06 11.39 67.60
CA PRO D 88 81.51 12.71 67.25
C PRO D 88 80.68 12.65 65.98
N ALA D 89 79.48 13.18 66.03
CA ALA D 89 78.60 13.19 64.87
C ALA D 89 77.76 14.46 64.86
N SER D 90 77.80 15.16 63.73
CA SER D 90 76.96 16.32 63.49
C SER D 90 75.69 15.87 62.78
N VAL D 91 74.55 16.46 63.18
CA VAL D 91 73.28 16.20 62.52
C VAL D 91 73.09 17.23 61.41
N SER D 92 72.75 16.75 60.21
CA SER D 92 72.49 17.63 59.08
C SER D 92 70.99 17.75 58.89
N TYR D 93 70.47 18.96 59.09
CA TYR D 93 69.07 19.28 58.91
C TYR D 93 68.96 20.09 57.63
N ALA D 94 68.25 19.57 56.64
CA ALA D 94 68.25 20.11 55.29
C ALA D 94 66.83 20.21 54.76
N ALA D 95 66.60 21.19 53.89
CA ALA D 95 65.30 21.40 53.26
C ALA D 95 65.51 21.71 51.79
N ARG D 96 64.58 21.27 50.95
CA ARG D 96 64.56 21.63 49.54
C ARG D 96 63.48 22.67 49.29
N VAL D 97 63.80 23.70 48.51
CA VAL D 97 62.88 24.80 48.27
C VAL D 97 62.42 24.76 46.82
N LEU D 98 61.11 24.70 46.61
CA LEU D 98 60.52 24.84 45.28
C LEU D 98 60.20 26.33 45.07
N VAL D 99 60.91 26.97 44.14
CA VAL D 99 60.79 28.41 43.97
C VAL D 99 59.45 28.74 43.34
N THR D 100 58.71 29.65 43.98
CA THR D 100 57.46 30.13 43.42
C THR D 100 57.58 31.49 42.76
N ARG D 101 58.50 32.34 43.21
CA ARG D 101 58.65 33.66 42.63
C ARG D 101 60.10 34.10 42.67
N VAL D 102 60.54 34.80 41.62
CA VAL D 102 61.87 35.48 41.58
C VAL D 102 61.50 36.97 41.54
N ASP D 103 61.84 37.75 42.58
CA ASP D 103 61.34 39.14 42.64
C ASP D 103 61.80 39.96 41.44
N PRO D 104 63.19 40.13 41.11
CA PRO D 104 64.15 40.80 39.89
C PRO D 104 64.08 39.47 39.15
N GLU D 105 63.35 39.39 38.03
CA GLU D 105 63.19 38.07 37.37
C GLU D 105 64.42 37.73 36.52
N ASN D 106 65.49 37.33 37.20
CA ASN D 106 66.77 36.90 36.58
C ASN D 106 66.97 35.47 37.06
N PHE D 107 66.83 34.52 36.13
CA PHE D 107 66.93 33.10 36.47
C PHE D 107 68.40 32.71 36.68
N ILE D 108 68.95 33.25 37.76
CA ILE D 108 70.33 32.96 38.17
C ILE D 108 70.28 32.12 39.45
N PRO D 109 71.27 31.27 39.72
CA PRO D 109 71.27 30.51 40.96
C PRO D 109 71.73 31.37 42.13
N PRO D 110 71.07 31.27 43.28
CA PRO D 110 71.59 31.93 44.48
C PRO D 110 72.97 31.39 44.82
N GLN D 111 73.72 32.17 45.59
CA GLN D 111 75.01 31.63 45.99
C GLN D 111 74.86 30.74 47.22
N PRO D 112 75.58 29.63 47.30
CA PRO D 112 75.59 28.85 48.54
C PRO D 112 76.06 29.71 49.69
N GLY D 113 75.47 29.48 50.85
CA GLY D 113 75.74 30.31 52.01
C GLY D 113 74.87 31.54 52.13
N ASP D 114 74.04 31.85 51.13
CA ASP D 114 73.09 32.93 51.30
C ASP D 114 72.13 32.61 52.44
N HIS D 115 71.59 33.65 53.05
CA HIS D 115 70.74 33.49 54.23
C HIS D 115 69.30 33.14 53.82
N VAL D 116 68.77 32.10 54.42
CA VAL D 116 67.39 31.70 54.24
C VAL D 116 66.60 32.14 55.46
N ARG D 117 65.40 32.66 55.24
CA ARG D 117 64.57 33.11 56.36
C ARG D 117 63.09 32.91 56.01
N HIS D 118 62.29 32.69 57.05
CA HIS D 118 60.86 32.51 56.87
C HIS D 118 60.23 33.75 56.27
N ALA D 119 59.41 33.55 55.23
CA ALA D 119 58.64 34.65 54.66
C ALA D 119 57.57 35.03 55.66
N ALA D 120 57.65 36.25 56.19
CA ALA D 120 56.80 36.61 57.32
C ALA D 120 55.97 37.86 57.11
N GLY D 121 56.54 38.90 56.53
CA GLY D 121 55.80 40.14 56.40
C GLY D 121 55.38 40.41 54.97
N ARG D 122 55.90 41.48 54.39
CA ARG D 122 55.68 41.76 52.98
C ARG D 122 56.28 40.67 52.10
N GLU D 123 57.33 40.00 52.60
CA GLU D 123 57.92 38.89 51.87
C GLU D 123 56.89 37.79 51.63
N LEU D 124 56.04 37.54 52.63
CA LEU D 124 54.97 36.55 52.46
C LEU D 124 54.00 36.97 51.37
N ALA D 125 53.63 38.25 51.34
CA ALA D 125 52.75 38.74 50.29
C ALA D 125 53.38 38.55 48.92
N MET D 126 54.68 38.80 48.81
CA MET D 126 55.38 38.63 47.54
C MET D 126 55.48 37.15 47.17
N ALA D 127 55.68 36.27 48.16
CA ALA D 127 55.83 34.86 47.88
C ALA D 127 54.52 34.23 47.42
N LEU D 128 53.41 34.66 48.03
CA LEU D 128 52.09 34.23 47.62
C LEU D 128 51.45 35.18 46.60
N SER D 129 52.26 35.99 45.92
CA SER D 129 51.82 36.84 44.82
C SER D 129 50.64 37.74 45.22
N ALA D 130 50.54 38.10 46.50
CA ALA D 130 49.42 38.89 46.97
C ALA D 130 49.37 40.28 46.34
N ASP D 131 50.46 40.73 45.74
CA ASP D 131 50.42 42.01 45.03
C ASP D 131 49.61 41.92 43.76
N LYS D 132 49.57 40.73 43.13
CA LYS D 132 48.68 40.54 41.99
C LYS D 132 47.21 40.57 42.40
N MET D 133 46.92 40.11 43.63
CA MET D 133 45.55 40.05 44.11
C MET D 133 45.02 41.44 44.52
N GLU D 134 45.82 42.20 45.25
CA GLU D 134 45.48 43.56 45.69
C GLU D 134 44.21 43.46 46.53
N GLU D 135 43.24 44.37 46.36
CA GLU D 135 42.08 44.38 47.24
C GLU D 135 41.28 43.10 47.17
N ALA D 136 41.50 42.27 46.15
CA ALA D 136 40.71 41.06 45.94
C ALA D 136 41.18 39.88 46.78
N ALA D 137 42.24 40.03 47.55
CA ALA D 137 42.71 38.95 48.40
C ALA D 137 41.80 38.83 49.62
N PHE D 138 41.39 37.61 49.94
CA PHE D 138 40.55 37.35 51.09
C PHE D 138 40.95 36.02 51.70
N PRO D 139 40.61 35.78 52.97
CA PRO D 139 41.12 34.59 53.68
C PRO D 139 40.64 33.29 53.05
N GLY D 140 41.58 32.41 52.75
CA GLY D 140 41.24 31.11 52.25
C GLY D 140 41.75 30.00 53.14
N GLY D 141 42.25 30.37 54.31
CA GLY D 141 42.76 29.38 55.25
C GLY D 141 43.87 29.98 56.09
N LEU D 142 44.41 29.15 56.96
CA LEU D 142 45.52 29.52 57.83
C LEU D 142 46.77 28.75 57.42
N LEU D 143 47.88 29.48 57.28
CA LEU D 143 49.16 28.86 56.99
C LEU D 143 49.70 28.25 58.28
N ALA D 144 50.96 27.78 58.25
CA ALA D 144 51.58 27.22 59.43
C ALA D 144 51.67 28.26 60.55
N ASP D 145 52.12 29.47 60.22
CA ASP D 145 52.34 30.47 61.25
C ASP D 145 51.05 30.98 61.87
N GLY D 146 49.91 30.70 61.26
CA GLY D 146 48.70 31.41 61.59
C GLY D 146 48.52 32.69 60.80
N GLN D 147 49.35 32.92 59.78
CA GLN D 147 49.19 33.97 58.78
C GLN D 147 48.20 33.50 57.73
N PRO D 148 47.16 34.28 57.44
CA PRO D 148 46.13 33.81 56.50
C PRO D 148 46.66 33.66 55.09
N LEU D 149 46.13 32.66 54.38
CA LEU D 149 46.47 32.46 52.98
C LEU D 149 45.54 33.29 52.11
N PRO D 150 46.07 34.19 51.28
CA PRO D 150 45.21 35.02 50.42
C PRO D 150 44.70 34.25 49.20
N LEU D 151 43.38 34.20 49.05
CA LEU D 151 42.72 33.75 47.83
C LEU D 151 42.30 34.96 47.01
N ASN D 152 42.44 34.85 45.69
CA ASN D 152 42.10 35.93 44.75
C ASN D 152 40.64 35.78 44.36
N PHE D 153 39.79 36.65 44.89
CA PHE D 153 38.37 36.56 44.58
C PHE D 153 38.10 36.85 43.11
N ARG D 154 39.00 37.57 42.45
CA ARG D 154 38.82 37.81 41.02
C ARG D 154 38.92 36.53 40.20
N PHE D 155 39.49 35.47 40.75
CA PHE D 155 39.49 34.17 40.09
C PHE D 155 38.38 33.27 40.59
N ILE D 156 37.45 33.79 41.37
CA ILE D 156 36.29 33.05 41.82
C ILE D 156 35.00 33.65 41.25
N ASN D 157 34.91 34.97 41.17
CA ASN D 157 33.65 35.64 40.82
C ASN D 157 33.45 35.85 39.33
N GLY D 158 34.37 35.39 38.49
CA GLY D 158 34.19 35.47 37.05
C GLY D 158 34.99 36.56 36.36
N GLU D 159 35.59 37.48 37.11
CA GLU D 159 36.22 38.64 36.47
C GLU D 159 37.41 38.23 35.62
N SER D 160 38.35 37.55 36.25
CA SER D 160 39.52 37.03 35.53
C SER D 160 39.65 35.54 35.87
N GLY D 161 38.75 35.02 36.69
CA GLY D 161 38.87 33.63 37.13
C GLY D 161 37.52 32.96 37.19
N GLY D 162 37.54 31.64 37.21
CA GLY D 162 36.30 30.87 37.20
C GLY D 162 35.70 30.66 38.58
N HIS D 163 35.45 29.38 38.84
CA HIS D 163 34.73 28.70 39.93
C HIS D 163 35.71 27.97 40.84
N ILE D 164 35.24 27.00 41.62
CA ILE D 164 36.11 26.26 42.57
C ILE D 164 35.84 24.77 42.40
N ASN D 165 36.86 23.91 42.58
CA ASN D 165 36.65 22.47 42.53
C ASN D 165 37.41 21.81 43.67
N ILE D 166 36.68 21.13 44.56
CA ILE D 166 37.22 20.55 45.77
C ILE D 166 37.18 19.03 45.66
N SER D 167 38.29 18.38 46.03
CA SER D 167 38.41 16.93 45.88
C SER D 167 39.01 16.30 47.12
N GLY D 168 38.66 15.05 47.35
CA GLY D 168 39.20 14.31 48.47
C GLY D 168 38.27 13.18 48.85
N ILE D 169 38.79 12.30 49.71
CA ILE D 169 38.02 11.15 50.16
C ILE D 169 36.81 11.64 50.94
N SER D 170 35.62 11.21 50.51
CA SER D 170 34.40 11.58 51.22
C SER D 170 34.40 10.96 52.63
N GLY D 171 34.09 11.78 53.62
CA GLY D 171 34.19 11.35 54.99
C GLY D 171 35.41 11.89 55.69
N VAL D 172 36.57 11.82 55.02
CA VAL D 172 37.82 12.23 55.65
C VAL D 172 38.24 13.61 55.14
N ALA D 173 38.38 13.76 53.83
CA ALA D 173 38.61 15.09 53.28
C ALA D 173 37.38 15.94 53.51
N THR D 174 37.57 17.14 54.05
CA THR D 174 36.46 17.90 54.59
C THR D 174 35.89 18.89 53.56
N LYS D 175 35.51 18.39 52.39
CA LYS D 175 35.24 19.28 51.26
C LYS D 175 33.96 20.10 51.45
N THR D 176 32.85 19.44 51.78
CA THR D 176 31.61 20.17 52.01
C THR D 176 31.81 21.23 53.08
N SER D 177 32.43 20.85 54.20
CA SER D 177 32.69 21.81 55.27
C SER D 177 33.61 22.92 54.78
N TYR D 178 34.56 22.58 53.91
CA TYR D 178 35.47 23.59 53.40
C TYR D 178 34.75 24.57 52.50
N ALA D 179 33.84 24.08 51.66
CA ALA D 179 33.08 24.97 50.78
C ALA D 179 32.28 25.98 51.59
N LEU D 180 31.60 25.53 52.65
CA LEU D 180 30.84 26.45 53.48
C LEU D 180 31.74 27.45 54.17
N PHE D 181 32.98 27.04 54.51
CA PHE D 181 33.96 27.98 55.05
C PHE D 181 34.32 29.05 54.04
N LEU D 182 34.50 28.66 52.77
CA LEU D 182 34.77 29.64 51.72
C LEU D 182 33.61 30.61 51.57
N LEU D 183 32.38 30.10 51.55
CA LEU D 183 31.20 30.95 51.56
C LEU D 183 31.26 31.95 52.70
N HIS D 184 31.47 31.46 53.92
CA HIS D 184 31.54 32.34 55.09
C HIS D 184 32.63 33.39 54.93
N SER D 185 33.78 33.00 54.38
CA SER D 185 34.85 33.97 54.17
C SER D 185 34.48 34.96 53.09
N ILE D 186 33.98 34.47 51.95
CA ILE D 186 33.58 35.37 50.87
C ILE D 186 32.61 36.43 51.39
N PHE D 187 31.57 35.99 52.11
CA PHE D 187 30.52 36.93 52.48
C PHE D 187 30.99 37.91 53.55
N ARG D 188 31.68 37.41 54.58
CA ARG D 188 31.99 38.19 55.77
C ARG D 188 33.25 39.03 55.65
N SER D 189 34.13 38.75 54.70
CA SER D 189 35.36 39.51 54.58
C SER D 189 35.23 40.76 53.72
N GLY D 190 34.03 41.07 53.25
CA GLY D 190 33.84 42.29 52.49
C GLY D 190 34.62 42.30 51.19
N VAL D 191 35.18 41.14 50.81
CA VAL D 191 35.90 41.06 49.55
C VAL D 191 34.96 41.33 48.40
N MET D 192 33.70 40.90 48.51
CA MET D 192 32.69 41.28 47.54
C MET D 192 32.57 42.80 47.47
N ASP D 193 32.64 43.48 48.62
CA ASP D 193 32.68 44.95 48.60
C ASP D 193 33.94 45.46 47.92
N ARG D 194 35.09 44.95 48.37
CA ARG D 194 36.35 45.50 47.90
C ARG D 194 36.45 45.39 46.38
N THR D 195 36.19 44.21 45.85
CA THR D 195 36.23 44.02 44.42
C THR D 195 34.99 44.56 43.71
N ALA D 196 34.04 45.12 44.43
CA ALA D 196 32.91 45.76 43.77
C ALA D 196 33.16 47.22 43.49
N GLN D 197 33.78 47.89 44.46
CA GLN D 197 34.02 49.36 44.44
C GLN D 197 34.48 49.88 43.07
N GLY D 198 35.27 49.10 42.34
CA GLY D 198 35.76 49.59 41.04
C GLY D 198 34.62 49.82 40.05
N SER D 199 33.67 48.88 40.06
CA SER D 199 32.49 48.86 39.14
C SER D 199 31.59 50.07 39.34
N GLY D 200 31.43 50.56 40.56
CA GLY D 200 30.52 51.70 40.75
C GLY D 200 29.08 51.34 40.40
N GLY D 201 28.65 50.15 40.80
CA GLY D 201 27.27 49.66 40.64
C GLY D 201 27.07 48.74 39.46
N ARG D 202 27.99 48.69 38.49
CA ARG D 202 27.77 47.73 37.38
C ARG D 202 27.88 46.33 37.98
N GLN D 203 28.90 46.13 38.82
CA GLN D 203 29.11 44.89 39.59
C GLN D 203 28.69 45.29 41.01
N SER D 204 27.92 44.47 41.71
CA SER D 204 27.46 44.98 42.99
C SER D 204 28.13 44.25 44.15
N GLY D 205 27.90 44.75 45.35
CA GLY D 205 28.71 44.32 46.46
C GLY D 205 28.13 43.14 47.21
N THR D 206 28.52 43.03 48.48
CA THR D 206 28.21 41.84 49.22
C THR D 206 26.74 41.79 49.64
N ALA D 207 26.11 42.96 49.71
CA ALA D 207 24.66 42.99 50.03
C ALA D 207 23.85 42.38 48.89
N GLY D 208 24.51 42.10 47.76
CA GLY D 208 23.89 41.54 46.54
C GLY D 208 24.48 40.18 46.21
N GLY D 209 24.88 39.43 47.22
CA GLY D 209 25.47 38.09 47.00
C GLY D 209 24.52 37.02 47.50
N ARG D 210 24.31 35.97 46.72
CA ARG D 210 23.39 34.88 47.13
C ARG D 210 24.05 33.52 46.89
N ALA D 211 23.55 32.49 47.58
CA ALA D 211 24.03 31.13 47.46
C ALA D 211 22.86 30.16 47.44
N LEU D 212 23.02 29.05 46.69
CA LEU D 212 22.07 27.95 46.63
C LEU D 212 22.81 26.65 46.89
N ILE D 213 22.31 25.85 47.83
CA ILE D 213 22.99 24.63 48.25
C ILE D 213 21.94 23.58 48.61
N PHE D 214 22.24 22.32 48.29
CA PHE D 214 21.29 21.23 48.40
C PHE D 214 21.67 20.29 49.54
N ASN D 215 20.65 19.85 50.28
CA ASN D 215 20.85 18.94 51.41
C ASN D 215 20.60 17.52 50.91
N VAL D 216 21.63 16.94 50.31
CA VAL D 216 21.56 15.57 49.83
C VAL D 216 21.79 14.59 50.99
N LYS D 217 22.90 14.75 51.70
CA LYS D 217 23.28 13.77 52.70
C LYS D 217 22.55 14.05 54.01
N GLY D 218 21.67 13.13 54.41
CA GLY D 218 21.10 13.13 55.74
C GLY D 218 20.36 14.41 56.07
N GLU D 219 20.55 14.90 57.30
CA GLU D 219 19.96 16.17 57.74
C GLU D 219 21.06 17.14 58.17
N ASP D 220 22.23 17.02 57.53
CA ASP D 220 23.47 17.67 57.95
C ASP D 220 23.57 19.15 57.58
N LEU D 221 22.84 19.61 56.58
CA LEU D 221 22.95 20.98 56.09
C LEU D 221 21.86 21.90 56.62
N LEU D 222 20.97 21.39 57.45
CA LEU D 222 20.09 22.25 58.21
C LEU D 222 20.88 22.75 59.42
N PHE D 223 20.26 23.57 60.27
CA PHE D 223 20.94 24.20 61.42
C PHE D 223 22.20 24.99 61.01
N LEU D 224 22.27 25.46 59.76
CA LEU D 224 23.25 26.48 59.41
C LEU D 224 22.89 27.84 59.97
N ASP D 225 21.70 27.95 60.56
CA ASP D 225 21.17 29.18 61.11
C ASP D 225 21.63 29.43 62.54
N LYS D 226 22.06 28.38 63.23
CA LYS D 226 22.32 28.29 64.66
C LYS D 226 23.80 28.12 64.93
N PRO D 227 24.31 28.68 66.03
CA PRO D 227 25.73 28.54 66.34
C PRO D 227 26.08 27.13 66.77
N ASN D 228 27.32 26.74 66.46
CA ASN D 228 27.86 25.43 66.83
C ASN D 228 28.34 25.52 68.28
N ALA D 229 27.57 24.92 69.20
CA ALA D 229 27.97 24.91 70.60
C ALA D 229 29.34 24.28 70.77
N ARG D 230 29.67 23.31 69.91
CA ARG D 230 30.87 22.50 70.12
C ARG D 230 32.14 23.16 69.60
N MET D 231 32.03 24.30 68.90
CA MET D 231 33.18 24.84 68.19
C MET D 231 34.31 25.21 69.14
N VAL D 232 34.01 26.03 70.15
CA VAL D 232 35.06 26.54 71.02
C VAL D 232 35.78 25.41 71.73
N GLU D 233 35.08 24.33 72.04
CA GLU D 233 35.74 23.19 72.68
C GLU D 233 36.70 22.50 71.72
N LYS D 234 36.27 22.24 70.48
CA LYS D 234 37.16 21.59 69.51
C LYS D 234 38.27 22.53 69.07
N GLU D 235 37.97 23.83 68.94
CA GLU D 235 38.95 24.78 68.44
C GLU D 235 39.94 25.19 69.53
N ASP D 236 39.52 25.17 70.79
CA ASP D 236 40.44 25.42 71.89
C ASP D 236 41.62 24.46 71.84
N LYS D 237 41.33 23.16 71.74
CA LYS D 237 42.38 22.16 71.65
C LYS D 237 43.38 22.49 70.54
N VAL D 238 42.89 22.95 69.39
CA VAL D 238 43.79 23.25 68.28
C VAL D 238 44.64 24.48 68.60
N VAL D 239 44.01 25.52 69.16
CA VAL D 239 44.77 26.70 69.53
C VAL D 239 45.74 26.38 70.67
N ARG D 240 45.29 25.58 71.64
CA ARG D 240 46.23 25.08 72.67
C ARG D 240 47.40 24.36 72.02
N ALA D 241 47.13 23.42 71.11
CA ALA D 241 48.18 22.52 70.62
C ALA D 241 49.16 23.23 69.70
N LYS D 242 48.65 24.01 68.74
CA LYS D 242 49.54 24.67 67.78
C LYS D 242 50.06 26.01 68.30
N GLY D 243 49.78 26.36 69.54
CA GLY D 243 50.34 27.58 70.13
C GLY D 243 49.94 28.82 69.39
N LEU D 244 48.72 28.87 68.86
CA LEU D 244 48.26 30.04 68.13
C LEU D 244 47.87 31.15 69.08
N SER D 245 47.96 32.38 68.58
CA SER D 245 47.69 33.55 69.42
C SER D 245 46.23 33.60 69.85
N ALA D 246 45.30 33.29 68.95
CA ALA D 246 43.88 33.39 69.24
C ALA D 246 43.14 32.27 68.50
N ASP D 247 41.81 32.25 68.64
CA ASP D 247 41.01 31.35 67.84
C ASP D 247 41.20 31.68 66.38
N ARG D 248 41.23 30.65 65.54
CA ARG D 248 41.61 30.84 64.15
C ARG D 248 40.81 31.95 63.48
N TYR D 249 39.50 32.01 63.74
CA TYR D 249 38.64 32.98 63.06
C TYR D 249 39.17 34.40 63.20
N ALA D 250 39.54 34.81 64.42
CA ALA D 250 40.08 36.14 64.61
C ALA D 250 41.34 36.37 63.78
N LEU D 251 42.20 35.36 63.67
CA LEU D 251 43.37 35.46 62.82
C LEU D 251 43.01 35.75 61.38
N LEU D 252 41.92 35.15 60.89
CA LEU D 252 41.47 35.36 59.53
C LEU D 252 40.75 36.67 59.33
N GLY D 253 40.52 37.43 60.40
CA GLY D 253 39.64 38.56 60.30
C GLY D 253 38.21 38.17 60.02
N LEU D 254 37.81 36.97 60.43
CA LEU D 254 36.48 36.44 60.21
C LEU D 254 35.76 36.24 61.53
N PRO D 255 34.44 36.46 61.57
CA PRO D 255 33.67 36.21 62.79
C PRO D 255 33.14 34.80 62.86
N ALA D 256 33.14 34.24 64.07
CA ALA D 256 32.66 32.88 64.29
C ALA D 256 31.16 32.94 64.58
N GLU D 257 30.38 33.07 63.52
CA GLU D 257 28.94 33.17 63.63
C GLU D 257 28.30 32.48 62.46
N PRO D 258 27.05 32.04 62.59
CA PRO D 258 26.36 31.35 61.49
C PRO D 258 25.90 32.33 60.41
N PHE D 259 25.38 31.74 59.34
CA PHE D 259 25.00 32.51 58.16
C PHE D 259 23.84 33.43 58.46
N ARG D 260 23.89 34.64 57.89
CA ARG D 260 23.03 35.71 58.37
C ARG D 260 21.56 35.49 58.00
N ASP D 261 21.28 35.06 56.76
CA ASP D 261 19.90 35.04 56.27
C ASP D 261 19.66 33.77 55.46
N VAL D 262 18.96 32.81 56.06
CA VAL D 262 18.86 31.45 55.53
C VAL D 262 17.40 31.11 55.27
N GLN D 263 17.15 30.41 54.16
CA GLN D 263 15.85 29.86 53.82
C GLN D 263 15.99 28.34 53.72
N LEU D 264 15.22 27.60 54.52
CA LEU D 264 15.21 26.14 54.50
C LEU D 264 13.92 25.65 53.85
N LEU D 265 14.07 24.91 52.75
CA LEU D 265 12.96 24.42 51.95
C LEU D 265 12.94 22.90 51.92
N ALA D 266 11.77 22.31 52.12
CA ALA D 266 11.62 20.87 52.23
C ALA D 266 10.40 20.40 51.45
N PRO D 267 10.42 19.16 50.94
CA PRO D 267 9.25 18.63 50.20
C PRO D 267 8.06 18.45 51.12
N PRO D 268 6.85 18.34 50.56
CA PRO D 268 5.61 18.41 51.39
C PRO D 268 5.10 17.06 51.91
N ARG D 269 5.80 16.52 52.91
CA ARG D 269 5.38 15.40 53.75
C ARG D 269 5.01 14.14 52.97
N ALA D 270 5.26 14.09 51.67
CA ALA D 270 4.83 12.98 50.82
C ALA D 270 3.36 12.63 51.08
N GLY D 271 2.54 13.68 51.17
CA GLY D 271 1.15 13.50 51.57
C GLY D 271 0.36 12.78 50.51
N ALA D 272 -0.28 11.67 50.90
CA ALA D 272 -1.11 10.87 50.00
C ALA D 272 -2.54 11.37 50.07
N ALA D 273 -2.96 12.10 49.03
CA ALA D 273 -4.33 12.61 48.89
C ALA D 273 -4.71 13.57 50.02
N GLY D 274 -3.72 14.17 50.68
CA GLY D 274 -3.99 15.09 51.77
C GLY D 274 -3.76 16.54 51.38
N THR D 275 -4.80 17.37 51.50
CA THR D 275 -4.67 18.78 51.16
C THR D 275 -3.75 19.53 52.11
N ALA D 276 -3.57 19.03 53.33
CA ALA D 276 -2.65 19.66 54.27
C ALA D 276 -1.21 19.54 53.78
N ILE D 277 -0.45 20.62 53.91
CA ILE D 277 0.93 20.68 53.44
C ILE D 277 1.85 20.95 54.62
N VAL D 278 2.81 20.07 54.84
CA VAL D 278 3.81 20.24 55.88
C VAL D 278 5.14 19.70 55.37
N PRO D 279 6.27 20.33 55.72
CA PRO D 279 7.57 19.81 55.28
C PRO D 279 7.89 18.45 55.91
N GLN D 280 8.78 17.71 55.25
CA GLN D 280 9.11 16.33 55.61
C GLN D 280 10.04 16.21 56.80
N THR D 281 10.53 17.32 57.34
CA THR D 281 11.61 17.25 58.31
C THR D 281 11.13 16.68 59.63
N ASP D 282 11.86 15.69 60.15
CA ASP D 282 11.57 15.11 61.45
C ASP D 282 12.38 15.78 62.56
N GLN D 283 13.67 16.01 62.33
CA GLN D 283 14.54 16.53 63.38
C GLN D 283 14.38 18.03 63.58
N ARG D 284 14.16 18.79 62.51
CA ARG D 284 14.01 20.24 62.60
C ARG D 284 12.69 20.67 61.99
N SER D 285 11.78 21.18 62.81
CA SER D 285 10.47 21.60 62.32
C SER D 285 10.29 23.10 62.24
N GLU D 286 11.04 23.88 63.03
CA GLU D 286 10.84 25.33 63.09
C GLU D 286 11.60 26.00 61.96
N GLY D 287 10.94 26.96 61.30
CA GLY D 287 11.55 27.76 60.27
C GLY D 287 11.72 27.09 58.92
N VAL D 288 11.25 25.86 58.76
CA VAL D 288 11.37 25.16 57.49
C VAL D 288 10.09 25.34 56.70
N THR D 289 10.24 25.80 55.45
CA THR D 289 9.11 26.14 54.61
C THR D 289 8.94 25.09 53.52
N PRO D 290 7.72 24.59 53.30
CA PRO D 290 7.54 23.58 52.24
C PRO D 290 7.61 24.21 50.86
N PHE D 291 8.16 23.46 49.92
CA PHE D 291 8.24 23.90 48.52
C PHE D 291 7.52 22.88 47.65
N VAL D 292 6.73 23.39 46.70
CA VAL D 292 5.99 22.56 45.75
C VAL D 292 6.07 23.20 44.37
N PHE D 293 5.93 22.38 43.35
CA PHE D 293 5.72 22.83 41.98
C PHE D 293 4.28 22.53 41.58
N THR D 294 3.76 23.31 40.65
CA THR D 294 2.40 23.10 40.17
C THR D 294 2.41 22.47 38.78
N ILE D 295 1.33 21.75 38.48
CA ILE D 295 1.19 21.11 37.17
C ILE D 295 1.23 22.15 36.07
N ARG D 296 0.59 23.30 36.29
CA ARG D 296 0.58 24.33 35.27
C ARG D 296 1.97 24.89 35.03
N GLU D 297 2.72 25.19 36.11
CA GLU D 297 4.11 25.60 35.97
C GLU D 297 4.93 24.53 35.26
N PHE D 298 4.72 23.27 35.63
CA PHE D 298 5.43 22.15 35.00
C PHE D 298 5.30 22.19 33.49
N CYS D 299 4.13 22.60 32.98
CA CYS D 299 3.90 22.60 31.54
C CYS D 299 4.35 23.92 30.90
N ALA D 300 4.08 25.04 31.57
CA ALA D 300 4.45 26.33 31.02
C ALA D 300 5.96 26.54 31.01
N ARG D 301 6.65 26.14 32.08
CA ARG D 301 8.09 26.30 32.19
C ARG D 301 8.86 25.09 31.67
N ARG D 302 8.18 24.14 31.02
CA ARG D 302 8.82 23.03 30.30
C ARG D 302 9.69 22.16 31.21
N MET D 303 9.18 21.80 32.37
CA MET D 303 9.97 20.99 33.28
C MET D 303 10.09 19.54 32.83
N LEU D 304 9.41 19.15 31.76
CA LEU D 304 9.36 17.73 31.39
C LEU D 304 10.71 17.08 31.21
N PRO D 305 11.67 17.64 30.44
CA PRO D 305 12.92 16.91 30.20
C PRO D 305 13.69 16.57 31.46
N TYR D 306 13.57 17.40 32.51
CA TYR D 306 14.32 17.16 33.74
C TYR D 306 13.77 16.01 34.54
N VAL D 307 12.69 15.38 34.08
CA VAL D 307 12.32 14.07 34.61
C VAL D 307 13.32 13.02 34.16
N PHE D 308 13.89 13.17 32.98
CA PHE D 308 14.74 12.16 32.36
C PHE D 308 16.20 12.56 32.51
N SER D 309 16.94 11.83 33.35
CA SER D 309 18.37 12.07 33.56
C SER D 309 18.99 10.77 34.10
N ASP D 310 18.97 9.74 33.25
CA ASP D 310 19.12 8.38 33.76
C ASP D 310 20.55 8.09 34.21
N ALA D 311 21.54 8.78 33.64
CA ALA D 311 22.95 8.51 33.89
C ALA D 311 23.31 7.06 33.58
N SER D 312 22.79 6.59 32.45
CA SER D 312 23.03 5.24 31.93
C SER D 312 22.85 5.29 30.41
N ALA D 313 22.87 4.10 29.79
CA ALA D 313 22.85 4.02 28.33
C ALA D 313 21.56 4.57 27.75
N SER D 314 20.41 4.08 28.25
CA SER D 314 19.05 4.57 27.94
C SER D 314 18.84 4.58 26.42
N LEU D 315 18.18 5.59 25.86
CA LEU D 315 17.97 5.75 24.43
C LEU D 315 17.86 7.24 24.15
N ASN D 316 17.67 7.58 22.87
CA ASN D 316 17.36 8.94 22.44
C ASN D 316 15.84 9.07 22.34
N LEU D 317 15.23 9.45 23.46
CA LEU D 317 13.85 9.93 23.50
C LEU D 317 13.75 11.43 23.32
N GLY D 318 14.85 12.07 22.91
CA GLY D 318 14.88 13.52 22.83
C GLY D 318 13.84 14.08 21.88
N PHE D 319 13.45 13.30 20.87
CA PHE D 319 12.35 13.72 20.00
C PHE D 319 11.03 13.65 20.75
N VAL D 320 10.73 12.50 21.34
CA VAL D 320 9.48 12.34 22.08
C VAL D 320 9.37 13.39 23.18
N ILE D 321 10.41 13.51 24.02
CA ILE D 321 10.37 14.44 25.13
C ILE D 321 10.17 15.87 24.62
N GLY D 322 10.94 16.24 23.61
CA GLY D 322 10.83 17.59 23.06
C GLY D 322 9.47 17.88 22.46
N ASN D 323 8.86 16.86 21.84
CA ASN D 323 7.57 17.09 21.19
C ASN D 323 6.47 17.27 22.24
N ILE D 324 6.37 16.35 23.19
CA ILE D 324 5.36 16.48 24.23
C ILE D 324 5.59 17.76 25.04
N GLU D 325 6.86 18.11 25.28
CA GLU D 325 7.17 19.35 25.99
C GLU D 325 6.50 20.55 25.33
N GLU D 326 6.61 20.65 24.00
CA GLU D 326 5.99 21.76 23.28
C GLU D 326 4.48 21.67 23.32
N LYS D 327 3.94 20.44 23.28
CA LYS D 327 2.50 20.27 23.40
C LYS D 327 2.01 20.77 24.76
N LEU D 328 2.64 20.31 25.84
CA LEU D 328 2.23 20.78 27.15
C LEU D 328 2.48 22.28 27.32
N PHE D 329 3.53 22.81 26.68
CA PHE D 329 3.78 24.25 26.79
C PHE D 329 2.66 25.04 26.14
N ARG D 330 2.31 24.70 24.89
CA ARG D 330 1.23 25.42 24.23
C ARG D 330 -0.10 25.19 24.94
N LEU D 331 -0.30 24.00 25.50
CA LEU D 331 -1.50 23.71 26.26
C LEU D 331 -1.58 24.59 27.51
N ALA D 332 -0.45 24.81 28.18
CA ALA D 332 -0.46 25.64 29.37
C ALA D 332 -0.69 27.11 29.03
N ALA D 333 -0.14 27.55 27.90
CA ALA D 333 -0.40 28.92 27.44
C ALA D 333 -1.85 29.10 27.01
N ALA D 334 -2.49 28.02 26.59
CA ALA D 334 -3.90 28.06 26.22
C ALA D 334 -4.82 28.11 27.43
N GLN D 335 -4.32 27.73 28.60
CA GLN D 335 -5.12 27.74 29.82
C GLN D 335 -5.49 29.17 30.20
N THR D 336 -6.80 29.42 30.35
CA THR D 336 -7.30 30.70 30.82
C THR D 336 -7.60 30.70 32.31
N GLY D 337 -7.82 29.53 32.92
CA GLY D 337 -8.20 29.47 34.31
C GLY D 337 -7.06 29.86 35.25
N LYS D 338 -7.46 30.29 36.43
CA LYS D 338 -6.51 30.71 37.47
C LYS D 338 -5.95 29.54 38.27
N GLY D 339 -6.42 28.31 38.04
CA GLY D 339 -5.99 27.20 38.85
C GLY D 339 -4.56 26.76 38.54
N THR D 340 -4.01 25.97 39.46
CA THR D 340 -2.67 25.42 39.29
C THR D 340 -2.66 24.17 38.43
N GLY D 341 -3.81 23.58 38.18
CA GLY D 341 -3.88 22.42 37.31
C GLY D 341 -4.01 22.78 35.86
N LEU D 342 -3.89 21.74 35.03
CA LEU D 342 -3.98 21.84 33.58
C LEU D 342 -5.30 21.24 33.13
N ILE D 343 -6.09 22.02 32.39
CA ILE D 343 -7.40 21.60 31.91
C ILE D 343 -7.26 21.12 30.47
N VAL D 344 -7.65 19.89 30.22
CA VAL D 344 -7.66 19.32 28.87
C VAL D 344 -9.09 18.92 28.54
N HIS D 345 -9.51 19.18 27.31
CA HIS D 345 -10.87 18.92 26.88
C HIS D 345 -11.01 17.69 25.99
N ASP D 346 -9.90 17.18 25.45
CA ASP D 346 -9.94 16.09 24.47
C ASP D 346 -9.70 14.72 25.10
N TRP D 347 -9.85 14.60 26.42
CA TRP D 347 -9.66 13.32 27.10
C TRP D 347 -10.99 12.63 27.27
N GLN D 348 -11.19 11.55 26.52
CA GLN D 348 -12.32 10.66 26.65
C GLN D 348 -11.78 9.26 26.94
N PHE D 349 -12.49 8.52 27.79
CA PHE D 349 -11.96 7.25 28.25
C PHE D 349 -13.11 6.26 28.36
N GLU D 350 -13.36 5.53 27.28
CA GLU D 350 -14.35 4.47 27.31
C GLU D 350 -13.77 3.19 27.92
N ASP D 351 -12.49 2.90 27.65
CA ASP D 351 -11.83 1.72 28.20
C ASP D 351 -10.34 2.02 28.43
N SER D 352 -10.09 3.20 29.02
CA SER D 352 -8.71 3.61 29.37
C SER D 352 -8.29 2.92 30.68
N GLU D 353 -9.24 2.22 31.31
CA GLU D 353 -9.03 1.50 32.61
C GLU D 353 -8.58 2.48 33.70
N THR D 354 -9.19 3.67 33.71
CA THR D 354 -8.91 4.71 34.73
C THR D 354 -10.25 5.08 35.38
N PRO D 355 -10.39 5.05 36.72
CA PRO D 355 -11.66 5.38 37.35
C PRO D 355 -12.05 6.83 37.07
N PRO D 356 -13.33 7.11 36.75
CA PRO D 356 -13.78 8.48 36.50
C PRO D 356 -13.49 9.27 37.78
N GLU D 357 -13.70 8.60 38.92
CA GLU D 357 -13.47 9.16 40.28
C GLU D 357 -14.12 10.54 40.34
N ASN D 358 -13.38 11.52 40.84
CA ASN D 358 -13.81 12.94 40.83
C ASN D 358 -12.60 13.66 40.21
N LEU D 359 -12.78 14.28 39.06
CA LEU D 359 -11.63 14.94 38.41
C LEU D 359 -11.85 16.44 38.41
N ASP D 360 -12.83 16.93 39.18
CA ASP D 360 -13.14 18.39 39.18
C ASP D 360 -13.34 18.81 37.73
N PHE D 361 -14.24 18.13 37.02
CA PHE D 361 -14.47 18.41 35.58
C PHE D 361 -14.76 19.90 35.42
N SER D 362 -14.10 20.51 34.43
CA SER D 362 -14.26 21.96 34.18
C SER D 362 -15.70 22.30 33.77
N GLU D 363 -16.13 23.50 34.15
CA GLU D 363 -17.45 24.01 33.80
C GLU D 363 -17.75 23.78 32.32
N LEU D 364 -16.72 23.83 31.47
CA LEU D 364 -16.90 23.70 30.03
C LEU D 364 -16.78 22.25 29.56
N GLY D 365 -16.93 21.28 30.46
CA GLY D 365 -16.80 19.89 30.10
C GLY D 365 -15.38 19.39 29.97
N GLY D 366 -14.39 20.16 30.43
CA GLY D 366 -13.02 19.71 30.41
C GLY D 366 -12.61 19.00 31.70
N VAL D 367 -11.55 18.22 31.61
CA VAL D 367 -10.98 17.54 32.76
C VAL D 367 -9.83 18.38 33.30
N ASN D 368 -9.86 18.67 34.60
CA ASN D 368 -8.82 19.48 35.24
C ASN D 368 -7.81 18.55 35.92
N LEU D 369 -6.61 18.46 35.35
CA LEU D 369 -5.61 17.54 35.86
C LEU D 369 -5.05 18.09 37.16
N GLN D 370 -5.08 17.29 38.23
CA GLN D 370 -4.69 17.81 39.54
C GLN D 370 -3.54 17.07 40.19
N THR D 371 -3.16 15.91 39.69
CA THR D 371 -2.03 15.18 40.23
C THR D 371 -1.11 14.76 39.10
N PHE D 372 0.13 14.43 39.46
CA PHE D 372 1.12 14.01 38.47
C PHE D 372 0.65 12.73 37.75
N GLU D 373 -0.01 11.82 38.48
CA GLU D 373 -0.43 10.56 37.87
C GLU D 373 -1.48 10.78 36.79
N GLN D 374 -2.35 11.76 36.97
CA GLN D 374 -3.34 12.08 35.95
C GLN D 374 -2.68 12.61 34.68
N LEU D 375 -1.76 13.55 34.83
CA LEU D 375 -1.05 14.11 33.68
C LEU D 375 -0.33 13.01 32.90
N ILE D 376 0.24 12.04 33.59
CA ILE D 376 0.86 10.90 32.91
C ILE D 376 -0.22 10.05 32.24
N SER D 377 -1.35 9.86 32.91
CA SER D 377 -2.44 9.07 32.32
C SER D 377 -2.97 9.74 31.06
N TYR D 378 -3.16 11.05 31.10
CA TYR D 378 -3.56 11.79 29.90
C TYR D 378 -2.52 11.63 28.80
N LEU D 379 -1.23 11.71 29.16
CA LEU D 379 -0.17 11.45 28.19
C LEU D 379 -0.28 10.04 27.63
N GLU D 380 -0.53 9.05 28.49
CA GLU D 380 -0.72 7.68 28.05
C GLU D 380 -1.85 7.58 27.04
N TYR D 381 -2.92 8.34 27.27
CA TYR D 381 -4.05 8.31 26.36
C TYR D 381 -3.68 8.92 25.00
N LYS D 382 -3.15 10.13 25.01
CA LYS D 382 -2.83 10.82 23.76
C LYS D 382 -1.78 10.06 22.95
N LEU D 383 -0.87 9.37 23.62
CA LEU D 383 0.22 8.71 22.93
C LEU D 383 -0.10 7.26 22.57
N LEU D 384 -0.87 6.55 23.39
CA LEU D 384 -1.00 5.11 23.24
C LEU D 384 -2.42 4.59 23.15
N GLU D 385 -3.46 5.43 23.21
CA GLU D 385 -4.82 4.94 23.11
C GLU D 385 -5.77 5.80 22.29
N GLU D 386 -5.35 6.97 21.79
CA GLU D 386 -6.31 7.98 21.35
C GLU D 386 -7.21 7.45 20.23
N ARG D 387 -6.62 6.93 19.16
CA ARG D 387 -7.39 6.42 18.02
C ARG D 387 -7.13 4.92 17.97
N GLU D 388 -7.75 4.20 18.90
CA GLU D 388 -7.61 2.74 19.06
C GLU D 388 -6.15 2.29 19.21
N GLY D 389 -5.28 3.16 19.68
CA GLY D 389 -3.88 2.82 19.92
C GLY D 389 -2.83 3.55 19.11
N GLU D 390 -3.15 4.01 17.90
CA GLU D 390 -2.16 4.78 17.15
C GLU D 390 -2.02 6.20 17.66
N GLY D 391 -3.02 6.70 18.40
CA GLY D 391 -2.92 7.99 19.06
C GLY D 391 -3.25 9.15 18.15
N ASP D 392 -3.47 10.31 18.77
CA ASP D 392 -3.65 11.53 18.01
C ASP D 392 -2.38 11.82 17.23
N PRO D 393 -2.40 11.78 15.88
CA PRO D 393 -1.16 12.03 15.12
C PRO D 393 -0.54 13.40 15.36
N LYS D 394 -1.25 14.34 15.97
CA LYS D 394 -0.60 15.58 16.35
C LYS D 394 0.26 15.42 17.60
N TRP D 395 0.11 14.31 18.31
CA TRP D 395 0.93 13.99 19.47
C TRP D 395 1.94 12.89 19.17
N VAL D 396 1.47 11.70 18.79
CA VAL D 396 2.34 10.54 18.62
C VAL D 396 3.40 10.80 17.55
N LEU D 397 3.02 11.50 16.48
CA LEU D 397 3.93 12.00 15.46
C LEU D 397 4.73 10.81 14.92
N LYS D 398 4.02 9.73 14.57
CA LYS D 398 4.61 8.55 13.91
C LYS D 398 5.95 8.09 14.54
N GLN D 399 6.10 8.37 15.83
CA GLN D 399 7.25 7.85 16.54
C GLN D 399 6.81 6.42 16.85
N SER D 400 7.77 5.53 16.95
CA SER D 400 7.46 4.12 17.17
C SER D 400 6.70 3.94 18.49
N PRO D 401 5.60 3.18 18.47
CA PRO D 401 4.87 2.88 19.72
C PRO D 401 5.73 2.40 20.87
N GLY D 402 6.69 1.49 20.64
CA GLY D 402 7.57 1.08 21.70
C GLY D 402 8.26 2.25 22.36
N THR D 403 8.76 3.18 21.54
CA THR D 403 9.38 4.40 22.04
C THR D 403 8.43 5.19 22.92
N LEU D 404 7.20 5.40 22.45
CA LEU D 404 6.22 6.11 23.25
C LEU D 404 6.02 5.44 24.60
N ARG D 405 6.13 4.12 24.67
CA ARG D 405 5.88 3.48 25.96
C ARG D 405 7.11 3.54 26.85
N ALA D 406 8.30 3.55 26.24
CA ALA D 406 9.51 3.82 26.99
C ALA D 406 9.43 5.16 27.71
N PHE D 407 9.09 6.21 26.95
CA PHE D 407 8.81 7.52 27.53
C PHE D 407 7.73 7.44 28.61
N THR D 408 6.63 6.76 28.27
CA THR D 408 5.55 6.58 29.25
C THR D 408 6.02 5.80 30.46
N ARG D 409 6.73 4.68 30.24
CA ARG D 409 7.01 3.79 31.36
C ARG D 409 8.01 4.39 32.34
N ARG D 410 8.97 5.20 31.86
CA ARG D 410 9.88 5.85 32.81
C ARG D 410 9.16 6.93 33.61
N LEU D 411 8.23 7.64 32.97
CA LEU D 411 7.35 8.55 33.71
C LEU D 411 6.56 7.81 34.77
N ARG D 412 6.01 6.64 34.43
CA ARG D 412 5.29 5.85 35.41
C ARG D 412 6.20 5.40 36.54
N GLY D 413 7.45 5.03 36.22
CA GLY D 413 8.35 4.56 37.26
C GLY D 413 8.72 5.64 38.25
N VAL D 414 8.80 6.90 37.79
CA VAL D 414 9.18 8.01 38.65
C VAL D 414 7.99 8.72 39.29
N GLN D 415 6.76 8.36 38.90
CA GLN D 415 5.61 9.17 39.30
C GLN D 415 5.37 9.11 40.80
N LYS D 416 5.54 7.92 41.41
CA LYS D 416 5.27 7.76 42.83
C LYS D 416 6.14 8.67 43.67
N TYR D 417 7.40 8.87 43.24
CA TYR D 417 8.35 9.67 44.00
C TYR D 417 8.15 11.17 43.77
N LEU D 418 7.88 11.57 42.52
CA LEU D 418 7.74 12.97 42.14
C LEU D 418 6.34 13.52 42.37
N SER D 419 5.36 12.66 42.63
CA SER D 419 3.99 13.13 42.77
C SER D 419 3.81 14.14 43.89
N PRO D 420 4.31 13.92 45.12
CA PRO D 420 4.07 14.92 46.17
C PRO D 420 4.67 16.29 45.86
N LEU D 421 5.71 16.35 45.01
CA LEU D 421 6.35 17.62 44.66
C LEU D 421 5.53 18.43 43.67
N ILE D 422 4.97 17.77 42.65
CA ILE D 422 4.23 18.43 41.58
C ILE D 422 2.74 18.23 41.85
N ARG D 423 2.05 19.29 42.27
CA ARG D 423 0.65 19.22 42.66
C ARG D 423 -0.15 20.17 41.79
N GLY D 424 -1.32 19.72 41.34
CA GLY D 424 -2.22 20.59 40.62
C GLY D 424 -3.41 20.98 41.47
N ASP D 425 -3.62 20.25 42.56
CA ASP D 425 -4.76 20.47 43.45
C ASP D 425 -4.61 21.71 44.31
N LEU D 426 -3.39 22.22 44.48
CA LEU D 426 -3.15 23.38 45.31
C LEU D 426 -3.82 24.62 44.72
N THR D 427 -4.14 25.55 45.61
CA THR D 427 -4.79 26.81 45.26
C THR D 427 -3.74 27.84 44.85
N PRO D 428 -4.15 28.91 44.15
CA PRO D 428 -3.15 29.86 43.63
C PRO D 428 -2.29 30.54 44.69
N GLU D 429 -2.88 30.90 45.83
CA GLU D 429 -2.09 31.53 46.89
C GLU D 429 -1.12 30.55 47.52
N GLN D 430 -1.58 29.32 47.77
CA GLN D 430 -0.68 28.28 48.25
C GLN D 430 0.44 28.03 47.27
N ALA D 431 0.15 28.13 45.97
CA ALA D 431 1.16 27.86 44.95
C ALA D 431 2.21 28.97 44.92
N GLU D 432 1.78 30.23 44.97
CA GLU D 432 2.73 31.32 44.97
C GLU D 432 3.57 31.33 46.24
N GLY D 433 2.98 30.94 47.36
CA GLY D 433 3.70 31.00 48.63
C GLY D 433 4.75 29.91 48.75
N TYR D 434 4.42 28.69 48.34
CA TYR D 434 5.31 27.55 48.48
C TYR D 434 6.28 27.41 47.31
N ARG D 435 6.23 28.31 46.34
CA ARG D 435 7.10 28.21 45.17
C ARG D 435 8.56 28.35 45.60
N PRO D 436 9.44 27.44 45.17
CA PRO D 436 10.85 27.51 45.57
C PRO D 436 11.60 28.60 44.81
N ASP D 437 11.98 29.67 45.51
CA ASP D 437 12.75 30.75 44.92
C ASP D 437 14.10 30.87 45.60
N PRO D 438 15.17 30.35 45.00
CA PRO D 438 16.51 30.49 45.61
C PRO D 438 17.02 31.92 45.59
N LEU D 439 16.42 32.80 44.78
CA LEU D 439 16.75 34.22 44.77
C LEU D 439 15.64 35.06 45.39
N ARG D 440 14.85 34.46 46.27
CA ARG D 440 13.85 35.19 47.02
C ARG D 440 14.44 36.45 47.61
N ARG D 441 13.63 37.51 47.63
CA ARG D 441 14.05 38.76 48.26
C ARG D 441 14.36 38.54 49.73
N GLY D 442 15.46 39.14 50.18
CA GLY D 442 15.86 39.07 51.57
C GLY D 442 16.53 37.78 51.99
N ILE D 443 16.93 36.92 51.04
CA ILE D 443 17.61 35.64 51.40
C ILE D 443 18.98 35.56 50.71
N GLN D 444 19.98 34.93 51.35
CA GLN D 444 21.35 34.83 50.81
C GLN D 444 21.76 33.37 50.54
N LEU D 445 21.46 32.47 51.48
CA LEU D 445 21.82 31.07 51.45
C LEU D 445 20.49 30.35 51.51
N THR D 446 20.14 29.69 50.43
CA THR D 446 18.89 28.97 50.34
C THR D 446 19.27 27.51 50.32
N VAL D 447 18.81 26.77 51.33
CA VAL D 447 19.07 25.35 51.45
C VAL D 447 17.83 24.62 50.99
N VAL D 448 18.02 23.66 50.08
CA VAL D 448 16.94 22.81 49.59
C VAL D 448 17.17 21.41 50.14
N ASP D 449 16.21 20.92 50.91
CA ASP D 449 16.31 19.60 51.54
C ASP D 449 15.74 18.56 50.58
N ILE D 450 16.60 17.86 49.88
CA ILE D 450 16.18 16.78 49.00
C ILE D 450 16.64 15.43 49.52
N HIS D 451 17.01 15.35 50.80
CA HIS D 451 17.58 14.11 51.34
C HIS D 451 16.54 13.00 51.38
N ALA D 452 15.29 13.34 51.61
CA ALA D 452 14.21 12.37 51.63
C ALA D 452 13.73 12.00 50.23
N LEU D 453 14.13 12.76 49.21
CA LEU D 453 13.67 12.50 47.87
C LEU D 453 14.42 11.31 47.25
N SER D 454 13.85 10.78 46.17
CA SER D 454 14.45 9.66 45.48
C SER D 454 15.57 10.13 44.56
N ALA D 455 16.38 9.18 44.10
CA ALA D 455 17.47 9.51 43.18
C ALA D 455 16.96 10.19 41.93
N HIS D 456 15.69 9.96 41.57
CA HIS D 456 15.10 10.64 40.44
C HIS D 456 14.51 11.98 40.86
N ALA D 457 13.85 12.03 42.03
CA ALA D 457 13.31 13.28 42.52
C ALA D 457 14.42 14.29 42.81
N GLN D 458 15.55 13.82 43.35
CA GLN D 458 16.67 14.72 43.59
C GLN D 458 17.17 15.34 42.30
N MET D 459 17.44 14.52 41.28
CA MET D 459 17.93 15.03 40.01
C MET D 459 16.92 15.97 39.37
N PHE D 460 15.62 15.70 39.55
CA PHE D 460 14.61 16.62 39.04
C PHE D 460 14.72 17.99 39.70
N VAL D 461 14.56 18.02 41.03
CA VAL D 461 14.56 19.30 41.75
C VAL D 461 15.82 20.08 41.44
N VAL D 462 16.99 19.43 41.52
CA VAL D 462 18.25 20.13 41.23
C VAL D 462 18.26 20.67 39.82
N GLY D 463 17.69 19.92 38.87
CA GLY D 463 17.71 20.35 37.49
C GLY D 463 16.91 21.62 37.26
N VAL D 464 15.64 21.64 37.66
CA VAL D 464 14.80 22.79 37.36
C VAL D 464 15.26 24.01 38.16
N LEU D 465 15.71 23.79 39.41
CA LEU D 465 16.14 24.91 40.24
C LEU D 465 17.41 25.55 39.67
N LEU D 466 18.39 24.73 39.31
CA LEU D 466 19.60 25.27 38.68
C LEU D 466 19.28 25.95 37.36
N ARG D 467 18.43 25.34 36.54
CA ARG D 467 18.01 25.98 35.30
C ARG D 467 17.31 27.30 35.58
N GLU D 468 16.40 27.31 36.55
CA GLU D 468 15.64 28.52 36.86
C GLU D 468 16.56 29.67 37.27
N VAL D 469 17.62 29.35 38.01
CA VAL D 469 18.60 30.38 38.37
C VAL D 469 19.36 30.82 37.14
N PHE D 470 19.75 29.87 36.29
CA PHE D 470 20.53 30.23 35.11
C PHE D 470 19.72 31.11 34.17
N GLU D 471 18.43 30.82 34.03
CA GLU D 471 17.56 31.71 33.26
C GLU D 471 17.52 33.11 33.87
N TYR D 472 17.55 33.20 35.21
CA TYR D 472 17.51 34.49 35.89
C TYR D 472 18.80 35.28 35.66
N LYS D 473 19.93 34.59 35.59
CA LYS D 473 21.20 35.28 35.43
C LYS D 473 21.43 35.71 33.99
N GLU D 474 20.97 34.93 33.02
CA GLU D 474 20.91 35.44 31.65
C GLU D 474 20.15 36.76 31.64
N ARG D 475 19.03 36.80 32.37
CA ARG D 475 18.17 37.98 32.33
C ARG D 475 18.81 39.17 33.03
N VAL D 476 19.48 38.94 34.15
CA VAL D 476 19.84 40.03 35.05
C VAL D 476 21.33 40.34 35.02
N GLY D 477 22.05 39.81 34.05
CA GLY D 477 23.47 40.11 33.95
C GLY D 477 24.20 39.54 35.14
N ARG D 478 25.07 40.35 35.74
CA ARG D 478 25.92 39.93 36.85
C ARG D 478 25.59 40.63 38.16
N GLN D 479 24.44 41.29 38.26
CA GLN D 479 24.19 42.18 39.39
C GLN D 479 24.51 41.53 40.73
N ASP D 480 23.97 40.35 41.00
CA ASP D 480 24.31 39.64 42.23
C ASP D 480 24.89 38.28 41.89
N THR D 481 26.12 38.04 42.33
CA THR D 481 26.75 36.74 42.13
C THR D 481 26.03 35.67 42.93
N VAL D 482 25.73 34.56 42.27
CA VAL D 482 25.00 33.44 42.86
C VAL D 482 25.97 32.28 42.97
N PHE D 483 26.05 31.69 44.17
CA PHE D 483 26.96 30.58 44.41
C PHE D 483 26.18 29.29 44.49
N VAL D 484 26.60 28.31 43.70
CA VAL D 484 26.02 26.98 43.72
C VAL D 484 27.01 26.06 44.41
N VAL D 485 26.64 25.54 45.57
CA VAL D 485 27.47 24.62 46.33
C VAL D 485 26.93 23.21 46.09
N LEU D 486 27.66 22.42 45.32
CA LEU D 486 27.21 21.10 44.89
C LEU D 486 28.28 20.08 45.25
N ASP D 487 27.93 19.16 46.13
CA ASP D 487 28.72 17.97 46.42
C ASP D 487 28.40 16.88 45.39
N GLU D 488 29.13 15.76 45.47
CA GLU D 488 28.91 14.60 44.62
C GLU D 488 28.73 15.01 43.15
N LEU D 489 29.71 15.72 42.63
CA LEU D 489 29.65 16.15 41.23
C LEU D 489 29.70 14.98 40.26
N ASN D 490 30.07 13.79 40.71
CA ASN D 490 30.17 12.65 39.81
C ASN D 490 28.79 12.16 39.37
N LYS D 491 27.80 12.19 40.27
CA LYS D 491 26.46 11.72 39.88
C LYS D 491 25.71 12.78 39.07
N TYR D 492 25.89 14.06 39.40
CA TYR D 492 25.20 15.10 38.64
C TYR D 492 25.83 15.32 37.27
N ALA D 493 27.17 15.30 37.19
CA ALA D 493 27.88 15.54 35.93
C ALA D 493 28.86 14.41 35.68
N PRO D 494 28.35 13.23 35.29
CA PRO D 494 29.24 12.09 35.04
C PRO D 494 30.19 12.35 33.88
N ARG D 495 31.29 11.59 33.86
CA ARG D 495 32.28 11.78 32.81
C ARG D 495 31.74 11.37 31.45
N GLU D 496 31.05 10.23 31.37
CA GLU D 496 30.66 9.68 30.08
C GLU D 496 29.16 9.78 29.78
N GLY D 497 28.31 9.97 30.78
CA GLY D 497 26.90 10.09 30.55
C GLY D 497 26.52 11.39 29.84
N ASP D 498 25.21 11.57 29.65
CA ASP D 498 24.69 12.78 29.00
C ASP D 498 23.25 12.98 29.44
N SER D 499 23.00 14.03 30.22
CA SER D 499 21.69 14.29 30.81
C SER D 499 21.40 15.79 30.81
N PRO D 500 20.15 16.21 31.02
CA PRO D 500 19.87 17.66 31.05
C PRO D 500 20.39 18.36 32.29
N ILE D 501 20.48 17.66 33.42
CA ILE D 501 21.05 18.26 34.63
C ILE D 501 22.54 18.50 34.43
N LYS D 502 23.23 17.58 33.77
CA LYS D 502 24.62 17.85 33.40
C LYS D 502 24.72 18.98 32.41
N ASP D 503 23.66 19.21 31.62
CA ASP D 503 23.70 20.30 30.63
C ASP D 503 23.60 21.66 31.29
N VAL D 504 22.85 21.79 32.40
CA VAL D 504 22.81 23.07 33.10
C VAL D 504 24.12 23.30 33.83
N LEU D 505 24.71 22.24 34.40
CA LEU D 505 26.03 22.38 35.00
C LEU D 505 27.06 22.77 33.97
N LEU D 506 26.95 22.24 32.76
CA LEU D 506 27.84 22.67 31.69
C LEU D 506 27.64 24.15 31.36
N ASP D 507 26.40 24.61 31.35
CA ASP D 507 26.14 26.03 31.08
C ASP D 507 26.72 26.92 32.18
N ILE D 508 26.64 26.46 33.43
CA ILE D 508 27.18 27.25 34.53
C ILE D 508 28.70 27.29 34.48
N ALA D 509 29.32 26.18 34.10
CA ALA D 509 30.78 26.14 34.04
C ALA D 509 31.32 26.97 32.89
N GLU D 510 30.75 26.80 31.69
CA GLU D 510 31.32 27.43 30.49
C GLU D 510 30.87 28.87 30.31
N ARG D 511 29.69 29.24 30.80
CA ARG D 511 29.17 30.59 30.62
C ARG D 511 28.97 31.35 31.93
N GLY D 512 29.00 30.67 33.08
CA GLY D 512 28.59 31.32 34.31
C GLY D 512 29.53 32.39 34.80
N ARG D 513 30.77 32.39 34.31
CA ARG D 513 31.70 33.45 34.69
C ARG D 513 31.16 34.81 34.26
N SER D 514 30.88 34.98 32.97
CA SER D 514 30.35 36.23 32.48
C SER D 514 28.89 36.43 32.86
N LEU D 515 28.23 35.39 33.36
CA LEU D 515 26.86 35.52 33.82
C LEU D 515 26.76 35.78 35.31
N GLY D 516 27.73 35.35 36.09
CA GLY D 516 27.70 35.56 37.52
C GLY D 516 27.17 34.40 38.34
N ILE D 517 27.13 33.20 37.78
CA ILE D 517 26.85 31.99 38.54
C ILE D 517 28.17 31.28 38.78
N ILE D 518 28.50 31.06 40.04
CA ILE D 518 29.76 30.43 40.41
C ILE D 518 29.44 29.10 41.06
N LEU D 519 30.07 28.04 40.55
CA LEU D 519 29.92 26.70 41.09
C LEU D 519 31.07 26.42 42.06
N ILE D 520 30.73 26.12 43.32
CA ILE D 520 31.67 25.55 44.27
C ILE D 520 31.35 24.06 44.33
N GLY D 521 32.05 23.26 43.53
CA GLY D 521 31.74 21.86 43.36
C GLY D 521 32.76 20.97 44.05
N ALA D 522 32.30 19.81 44.50
CA ALA D 522 33.17 18.86 45.17
C ALA D 522 32.85 17.45 44.70
N GLN D 523 33.87 16.60 44.66
CA GLN D 523 33.71 15.21 44.28
C GLN D 523 34.87 14.42 44.88
N GLN D 524 34.65 13.11 45.03
CA GLN D 524 35.69 12.28 45.62
C GLN D 524 36.92 12.23 44.72
N THR D 525 36.71 12.12 43.41
CA THR D 525 37.81 12.15 42.45
C THR D 525 37.36 12.88 41.20
N ALA D 526 38.15 13.85 40.76
CA ALA D 526 37.79 14.63 39.57
C ALA D 526 37.81 13.79 38.31
N SER D 527 38.50 12.65 38.32
CA SER D 527 38.55 11.81 37.13
C SER D 527 37.21 11.20 36.78
N GLU D 528 36.25 11.19 37.71
CA GLU D 528 34.92 10.67 37.43
C GLU D 528 33.94 11.76 37.03
N VAL D 529 34.39 13.01 36.89
CA VAL D 529 33.53 14.14 36.56
C VAL D 529 33.81 14.59 35.14
N GLU D 530 32.81 15.22 34.51
CA GLU D 530 32.94 15.71 33.15
C GLU D 530 34.19 16.56 32.99
N ARG D 531 34.94 16.30 31.91
CA ARG D 531 36.17 17.06 31.68
C ARG D 531 35.90 18.56 31.60
N ARG D 532 34.74 18.96 31.10
CA ARG D 532 34.50 20.37 30.86
C ARG D 532 34.11 21.13 32.13
N ILE D 533 33.48 20.46 33.10
CA ILE D 533 33.19 21.11 34.37
C ILE D 533 34.46 21.32 35.18
N VAL D 534 35.26 20.26 35.33
CA VAL D 534 36.54 20.38 36.05
C VAL D 534 37.50 21.30 35.32
N SER D 535 37.46 21.31 33.98
CA SER D 535 38.37 22.17 33.22
C SER D 535 38.19 23.64 33.55
N ASN D 536 36.98 24.06 33.91
CA ASN D 536 36.66 25.47 34.08
C ASN D 536 36.76 25.96 35.53
N ALA D 537 37.43 25.21 36.39
CA ALA D 537 37.64 25.62 37.77
C ALA D 537 38.99 26.31 37.89
N ALA D 538 38.97 27.59 38.26
CA ALA D 538 40.21 28.32 38.46
C ALA D 538 40.84 28.00 39.81
N ILE D 539 40.03 27.66 40.80
CA ILE D 539 40.51 27.31 42.14
C ILE D 539 40.30 25.82 42.34
N ARG D 540 41.39 25.09 42.61
CA ARG D 540 41.34 23.66 42.83
C ARG D 540 41.86 23.35 44.23
N VAL D 541 41.01 22.75 45.06
CA VAL D 541 41.33 22.39 46.44
C VAL D 541 41.33 20.88 46.55
N VAL D 542 42.27 20.34 47.33
CA VAL D 542 42.45 18.90 47.48
C VAL D 542 42.64 18.58 48.96
N GLY D 543 41.70 17.82 49.53
CA GLY D 543 41.87 17.20 50.83
C GLY D 543 42.57 15.86 50.68
N ARG D 544 42.43 15.01 51.68
CA ARG D 544 43.10 13.71 51.64
C ARG D 544 42.68 12.93 50.40
N LEU D 545 43.60 12.75 49.45
CA LEU D 545 43.31 12.10 48.20
C LEU D 545 43.58 10.60 48.31
N ASP D 546 42.86 9.82 47.50
CA ASP D 546 43.11 8.40 47.43
C ASP D 546 44.49 8.16 46.80
N LEU D 547 45.16 7.11 47.27
CA LEU D 547 46.49 6.80 46.76
C LEU D 547 46.47 6.57 45.25
N ALA D 548 45.39 5.96 44.75
CA ALA D 548 45.29 5.67 43.32
C ALA D 548 45.13 6.92 42.49
N GLU D 549 44.29 7.85 42.94
CA GLU D 549 43.87 8.96 42.10
C GLU D 549 44.91 10.08 42.03
N ALA D 550 45.87 10.09 42.95
CA ALA D 550 46.85 11.17 42.97
C ALA D 550 47.70 11.17 41.70
N GLU D 551 48.03 9.99 41.17
CA GLU D 551 48.82 9.92 39.96
C GLU D 551 47.98 10.04 38.69
N ARG D 552 46.66 10.15 38.82
CA ARG D 552 45.79 10.30 37.65
C ARG D 552 46.09 11.58 36.89
N PRO D 553 45.73 11.64 35.61
CA PRO D 553 45.96 12.86 34.82
C PRO D 553 45.21 14.08 35.32
N GLU D 554 44.12 13.91 36.07
CA GLU D 554 43.37 15.07 36.52
C GLU D 554 44.01 15.77 37.71
N TYR D 555 44.99 15.14 38.37
CA TYR D 555 45.64 15.73 39.52
C TYR D 555 47.13 15.93 39.29
N ARG D 556 47.52 16.28 38.06
CA ARG D 556 48.91 16.61 37.79
C ARG D 556 49.30 17.97 38.34
N PHE D 557 48.32 18.83 38.64
CA PHE D 557 48.66 20.12 39.23
C PHE D 557 49.29 19.97 40.60
N LEU D 558 49.18 18.78 41.21
CA LEU D 558 49.93 18.45 42.42
C LEU D 558 51.28 17.88 42.05
N PRO D 559 52.39 18.53 42.42
CA PRO D 559 53.71 17.94 42.18
C PRO D 559 53.87 16.60 42.89
N GLN D 560 54.86 15.82 42.44
CA GLN D 560 55.07 14.49 43.00
C GLN D 560 55.41 14.56 44.48
N SER D 561 56.12 15.61 44.90
CA SER D 561 56.43 15.78 46.32
C SER D 561 55.18 15.79 47.18
N PHE D 562 54.07 16.26 46.62
CA PHE D 562 52.85 16.43 47.40
C PHE D 562 52.06 15.13 47.53
N ARG D 563 52.16 14.24 46.53
CA ARG D 563 51.28 13.08 46.47
C ARG D 563 51.42 12.21 47.73
N GLY D 564 52.66 11.95 48.15
CA GLY D 564 52.85 11.15 49.35
C GLY D 564 52.31 11.83 50.60
N ARG D 565 52.39 13.15 50.64
CA ARG D 565 51.83 13.90 51.76
C ARG D 565 50.31 13.94 51.67
N ALA D 566 49.75 14.08 50.47
CA ALA D 566 48.31 14.18 50.30
C ALA D 566 47.56 12.89 50.63
N GLY D 567 48.26 11.75 50.68
CA GLY D 567 47.59 10.52 51.05
C GLY D 567 47.25 10.44 52.53
N ILE D 568 47.93 11.24 53.36
CA ILE D 568 47.75 11.18 54.81
C ILE D 568 47.35 12.53 55.41
N LEU D 569 46.86 13.46 54.58
CA LEU D 569 46.45 14.76 55.09
C LEU D 569 45.33 14.58 56.11
N GLN D 570 45.46 15.24 57.24
CA GLN D 570 44.44 15.11 58.26
C GLN D 570 43.19 15.92 57.91
N PRO D 571 42.02 15.48 58.39
CA PRO D 571 40.81 16.29 58.19
C PRO D 571 41.00 17.70 58.75
N GLY D 572 40.45 18.68 58.03
CA GLY D 572 40.64 20.07 58.33
C GLY D 572 41.81 20.71 57.62
N THR D 573 42.54 19.94 56.83
CA THR D 573 43.73 20.40 56.12
C THR D 573 43.56 20.15 54.63
N MET D 574 43.73 21.20 53.84
CA MET D 574 43.50 21.15 52.40
C MET D 574 44.68 21.80 51.68
N LEU D 575 44.87 21.38 50.44
CA LEU D 575 45.86 21.98 49.54
C LEU D 575 45.11 22.76 48.47
N VAL D 576 45.30 24.09 48.44
CA VAL D 576 44.63 24.93 47.47
C VAL D 576 45.62 25.29 46.37
N SER D 577 45.13 25.31 45.13
CA SER D 577 45.92 25.73 43.99
C SER D 577 45.17 26.84 43.28
N GLN D 578 45.79 28.00 43.16
CA GLN D 578 45.15 29.11 42.48
C GLN D 578 46.09 29.65 41.40
N PRO D 579 45.53 30.33 40.39
CA PRO D 579 46.38 30.74 39.26
C PRO D 579 47.52 31.68 39.62
N ASP D 580 47.31 32.57 40.61
CA ASP D 580 48.34 33.56 40.94
C ASP D 580 49.60 32.90 41.50
N VAL D 581 49.44 31.85 42.29
CA VAL D 581 50.56 31.19 42.96
C VAL D 581 50.79 29.84 42.29
N PRO D 582 51.98 29.60 41.72
CA PRO D 582 52.17 28.43 40.84
C PRO D 582 52.34 27.10 41.56
N ASN D 583 52.18 27.06 42.89
CA ASN D 583 52.28 25.80 43.58
C ASN D 583 51.13 25.64 44.55
N PRO D 584 50.72 24.41 44.81
CA PRO D 584 49.77 24.16 45.89
C PRO D 584 50.38 24.54 47.24
N VAL D 585 49.58 25.21 48.07
CA VAL D 585 49.98 25.56 49.43
C VAL D 585 48.99 24.90 50.39
N LEU D 586 49.50 24.46 51.52
CA LEU D 586 48.68 23.78 52.52
C LEU D 586 48.03 24.79 53.45
N VAL D 587 46.80 24.51 53.86
CA VAL D 587 46.08 25.43 54.75
C VAL D 587 45.29 24.65 55.79
N ASN D 588 45.02 25.33 56.90
CA ASN D 588 44.08 24.88 57.91
C ASN D 588 42.92 25.87 57.93
N TYR D 589 41.73 25.37 58.24
CA TYR D 589 40.59 26.26 58.40
C TYR D 589 39.78 25.82 59.62
N PRO D 590 39.13 26.76 60.30
CA PRO D 590 38.54 26.46 61.60
C PRO D 590 37.45 25.43 61.50
N PHE D 591 36.94 25.06 62.67
CA PHE D 591 35.75 24.23 62.74
C PHE D 591 34.52 25.08 62.42
N PRO D 592 33.47 24.46 61.89
CA PRO D 592 32.30 25.24 61.47
C PRO D 592 31.66 25.99 62.64
N ALA D 593 31.47 27.30 62.47
CA ALA D 593 30.75 28.08 63.46
C ALA D 593 29.26 27.79 63.42
N TRP D 594 28.77 27.38 62.26
CA TRP D 594 27.40 26.92 62.09
C TRP D 594 27.28 25.47 62.52
N ALA D 595 26.18 25.15 63.19
CA ALA D 595 25.94 23.75 63.56
C ALA D 595 25.79 22.90 62.30
N THR D 596 26.39 21.71 62.33
CA THR D 596 26.27 20.76 61.24
C THR D 596 25.51 19.47 61.51
N ARG D 597 24.81 19.40 62.64
CA ARG D 597 24.03 18.26 63.05
C ARG D 597 23.12 18.68 64.18
N ARG D 598 22.15 17.83 64.52
CA ARG D 598 21.15 18.22 65.51
C ARG D 598 21.64 18.56 66.90
N ASP D 599 22.45 17.68 67.52
CA ASP D 599 22.84 17.97 68.88
C ASP D 599 23.82 19.15 68.98
N GLU D 600 24.29 19.69 67.87
CA GLU D 600 25.24 20.80 67.97
C GLU D 600 24.55 22.13 68.25
N VAL D 601 23.21 22.18 68.16
CA VAL D 601 22.54 23.46 68.28
C VAL D 601 22.46 23.91 69.74
N ASP D 602 22.17 22.98 70.64
CA ASP D 602 21.87 23.30 72.03
C ASP D 602 22.53 22.31 72.99
N ASP D 603 23.81 22.02 72.75
CA ASP D 603 24.53 21.08 73.64
C ASP D 603 25.24 21.89 74.73
N LEU D 604 25.00 21.55 76.00
CA LEU D 604 25.61 22.31 77.12
C LEU D 604 26.87 21.61 77.64
N GLY D 605 27.36 20.57 76.96
CA GLY D 605 28.58 19.91 77.47
C GLY D 605 29.72 20.91 77.53
N GLY D 606 30.46 20.92 78.65
CA GLY D 606 31.58 21.86 78.85
C GLY D 606 31.15 23.06 79.68
N ASP E 13 62.35 -1.29 77.16
CA ASP E 13 60.99 -0.93 76.76
C ASP E 13 60.99 -0.38 75.33
N ALA E 14 62.09 0.26 74.95
CA ALA E 14 62.25 0.78 73.60
C ALA E 14 62.71 -0.31 72.64
N ILE E 15 62.47 -0.07 71.35
CA ILE E 15 62.73 -1.06 70.32
C ILE E 15 63.93 -0.71 69.45
N GLY E 16 64.24 0.58 69.27
CA GLY E 16 65.37 0.96 68.44
C GLY E 16 65.63 2.45 68.51
N MET E 17 66.54 2.89 67.64
CA MET E 17 66.89 4.30 67.52
C MET E 17 66.80 4.75 66.07
N VAL E 18 66.27 5.95 65.86
CA VAL E 18 66.15 6.50 64.52
C VAL E 18 67.52 6.58 63.87
N LEU E 19 67.65 5.96 62.71
CA LEU E 19 68.91 5.87 62.00
C LEU E 19 69.23 7.18 61.28
N GLY E 20 70.52 7.48 61.17
CA GLY E 20 70.96 8.68 60.47
C GLY E 20 71.70 8.38 59.19
N THR E 21 72.07 7.11 58.99
CA THR E 21 72.73 6.71 57.74
C THR E 21 71.76 6.77 56.58
N GLU E 22 70.46 6.70 56.86
CA GLU E 22 69.40 6.91 55.89
C GLU E 22 68.69 8.23 56.18
N ASP E 23 68.10 8.79 55.13
CA ASP E 23 67.32 10.02 55.29
C ASP E 23 66.23 9.82 56.32
N VAL E 24 65.95 10.89 57.07
CA VAL E 24 64.84 10.91 58.03
C VAL E 24 63.92 12.03 57.57
N THR E 25 62.79 11.65 56.98
CA THR E 25 61.80 12.62 56.53
C THR E 25 60.53 12.50 57.38
N PRO E 26 59.71 13.54 57.42
CA PRO E 26 58.49 13.47 58.24
C PRO E 26 57.54 12.37 57.80
N THR E 27 57.63 11.94 56.55
CA THR E 27 56.70 10.97 55.98
C THR E 27 57.22 9.54 56.08
N VAL E 28 58.55 9.35 56.01
CA VAL E 28 59.16 8.03 56.01
C VAL E 28 60.55 8.15 56.61
N PHE E 29 60.97 7.10 57.30
CA PHE E 29 62.31 7.07 57.90
C PHE E 29 62.62 5.64 58.33
N TRP E 30 63.90 5.40 58.57
CA TRP E 30 64.42 4.13 59.04
C TRP E 30 64.82 4.23 60.51
N PHE E 31 64.99 3.07 61.14
CA PHE E 31 65.60 3.05 62.47
C PHE E 31 66.30 1.70 62.66
N ALA E 32 67.30 1.71 63.54
CA ALA E 32 68.11 0.53 63.83
C ALA E 32 67.51 -0.23 64.99
N VAL E 33 67.14 -1.49 64.76
CA VAL E 33 66.46 -2.27 65.77
C VAL E 33 67.42 -2.61 66.90
N SER E 34 67.00 -2.36 68.14
CA SER E 34 67.83 -2.65 69.31
C SER E 34 68.12 -4.15 69.40
N HIS E 35 69.30 -4.47 69.94
CA HIS E 35 69.62 -5.87 70.18
C HIS E 35 68.64 -6.46 71.19
N GLY E 36 68.15 -7.66 70.90
CA GLY E 36 67.16 -8.32 71.72
C GLY E 36 65.73 -8.02 71.36
N ALA E 37 65.49 -7.28 70.28
CA ALA E 37 64.13 -6.99 69.81
C ALA E 37 63.95 -7.57 68.41
N SER E 38 62.73 -7.98 68.10
CA SER E 38 62.36 -8.38 66.76
C SER E 38 61.35 -7.39 66.20
N VAL E 39 61.50 -7.05 64.93
CA VAL E 39 60.59 -6.14 64.26
C VAL E 39 59.95 -6.89 63.09
N GLY E 40 58.64 -7.06 63.15
CA GLY E 40 57.90 -7.63 62.04
C GLY E 40 57.67 -6.61 60.95
N LEU E 41 57.29 -7.10 59.78
CA LEU E 41 57.13 -6.20 58.64
C LEU E 41 55.96 -5.26 58.83
N ASP E 42 54.86 -5.73 59.41
CA ASP E 42 53.66 -4.92 59.53
C ASP E 42 53.50 -4.29 60.91
N ASP E 43 54.54 -4.32 61.73
CA ASP E 43 54.45 -3.78 63.09
C ASP E 43 54.15 -2.28 63.05
N LEU E 44 53.34 -1.85 64.01
CA LEU E 44 53.04 -0.44 64.22
C LEU E 44 53.99 0.11 65.28
N VAL E 45 54.58 1.28 65.02
CA VAL E 45 55.54 1.86 65.94
C VAL E 45 55.23 3.33 66.16
N VAL E 46 55.82 3.86 67.23
CA VAL E 46 55.75 5.28 67.57
C VAL E 46 57.14 5.75 67.96
N VAL E 47 57.50 6.95 67.51
CA VAL E 47 58.75 7.60 67.88
C VAL E 47 58.43 9.04 68.24
N GLU E 48 59.00 9.50 69.35
CA GLU E 48 58.79 10.87 69.83
C GLU E 48 60.10 11.64 69.76
N THR E 49 60.06 12.79 69.09
CA THR E 49 61.20 13.70 69.00
C THR E 49 60.82 15.02 69.67
N ARG E 50 61.85 15.78 70.01
CA ARG E 50 61.70 17.06 70.70
C ARG E 50 62.06 18.19 69.73
N LYS E 51 61.23 19.23 69.70
CA LYS E 51 61.49 20.41 68.89
C LYS E 51 62.55 21.27 69.57
N PRO E 52 63.18 22.18 68.81
CA PRO E 52 64.13 23.11 69.46
C PRO E 52 63.52 23.89 70.62
N ASP E 53 62.27 24.32 70.53
CA ASP E 53 61.72 24.99 71.69
C ASP E 53 61.28 24.02 72.79
N GLY E 54 61.52 22.72 72.62
CA GLY E 54 61.21 21.74 73.65
C GLY E 54 59.86 21.06 73.51
N THR E 55 58.98 21.55 72.66
CA THR E 55 57.68 20.90 72.46
C THR E 55 57.87 19.55 71.79
N PRO E 56 57.19 18.51 72.27
CA PRO E 56 57.29 17.19 71.63
C PRO E 56 56.40 17.07 70.40
N VAL E 57 56.87 16.27 69.44
CA VAL E 57 56.09 15.89 68.25
C VAL E 57 56.21 14.38 68.09
N ARG E 58 55.07 13.68 68.13
CA ARG E 58 55.06 12.23 68.05
C ARG E 58 54.74 11.77 66.64
N PHE E 59 55.45 10.74 66.19
CA PHE E 59 55.30 10.19 64.86
C PHE E 59 54.76 8.78 64.99
N TYR E 60 53.57 8.55 64.45
CA TYR E 60 52.95 7.22 64.43
C TYR E 60 53.05 6.67 63.02
N GLY E 61 53.57 5.45 62.89
CA GLY E 61 53.80 4.90 61.58
C GLY E 61 53.79 3.40 61.58
N LEU E 62 53.94 2.84 60.39
CA LEU E 62 53.86 1.42 60.15
C LEU E 62 55.10 1.00 59.37
N VAL E 63 55.68 -0.14 59.75
CA VAL E 63 56.85 -0.65 59.04
C VAL E 63 56.43 -1.17 57.68
N ASP E 64 57.20 -0.84 56.64
CA ASP E 64 56.92 -1.41 55.32
C ASP E 64 58.11 -2.13 54.71
N ASN E 65 59.30 -2.02 55.29
CA ASN E 65 60.50 -2.71 54.83
C ASN E 65 61.29 -3.08 56.07
N VAL E 66 61.96 -4.22 56.02
CA VAL E 66 62.82 -4.63 57.13
C VAL E 66 63.93 -5.51 56.56
N ARG E 67 65.14 -5.31 57.07
CA ARG E 67 66.30 -5.91 56.44
C ARG E 67 67.36 -6.21 57.48
N LYS E 68 68.35 -7.00 57.08
CA LYS E 68 69.57 -7.19 57.84
C LYS E 68 70.76 -7.10 56.91
N ARG E 69 71.79 -6.38 57.34
CA ARG E 69 73.05 -6.31 56.64
C ARG E 69 74.19 -6.67 57.59
N HIS E 70 75.27 -7.15 56.98
CA HIS E 70 76.54 -7.38 57.65
C HIS E 70 77.41 -6.15 57.41
N GLU E 71 77.55 -5.32 58.44
CA GLU E 71 78.22 -4.02 58.30
C GLU E 71 79.73 -4.20 58.10
N GLY E 72 80.24 -3.62 57.02
CA GLY E 72 81.68 -3.60 56.70
C GLY E 72 82.27 -4.97 56.42
N VAL E 73 81.45 -5.94 56.03
CA VAL E 73 81.95 -7.32 55.74
C VAL E 73 82.91 -7.31 54.54
N THR E 74 82.67 -6.44 53.56
CA THR E 74 83.54 -6.34 52.35
C THR E 74 83.51 -7.67 51.58
N PHE E 75 84.67 -8.30 51.36
CA PHE E 75 84.78 -9.60 50.65
C PHE E 75 83.72 -10.57 51.15
N GLU E 76 83.03 -11.24 50.22
CA GLU E 76 81.81 -11.95 50.60
C GLU E 76 82.08 -13.35 51.16
N SER E 77 83.11 -14.05 50.67
CA SER E 77 83.41 -15.39 51.14
C SER E 77 84.06 -15.42 52.53
N ASP E 78 84.13 -14.29 53.23
CA ASP E 78 84.62 -14.30 54.60
C ASP E 78 83.57 -14.72 55.61
N VAL E 79 82.38 -15.11 55.15
CA VAL E 79 81.23 -15.24 56.05
C VAL E 79 81.54 -16.22 57.19
N GLU E 80 81.88 -17.46 56.83
CA GLU E 80 82.23 -18.48 57.82
C GLU E 80 83.25 -17.92 58.79
N ASP E 81 84.23 -17.21 58.26
CA ASP E 81 85.22 -16.55 59.05
C ASP E 81 84.62 -15.43 59.90
N VAL E 82 83.89 -14.54 59.26
CA VAL E 82 83.28 -13.38 59.91
C VAL E 82 82.36 -13.81 61.07
N VAL E 83 81.67 -14.95 60.93
CA VAL E 83 80.89 -15.53 62.04
C VAL E 83 81.70 -16.53 62.88
N ALA E 84 82.91 -16.83 62.44
CA ALA E 84 83.81 -17.70 63.24
C ALA E 84 84.57 -16.81 64.24
N GLY E 85 84.45 -15.49 64.09
CA GLY E 85 85.08 -14.51 65.00
C GLY E 85 86.48 -14.08 64.57
N LEU E 86 87.04 -14.65 63.50
CA LEU E 86 88.40 -14.22 63.10
C LEU E 86 88.36 -12.72 62.79
N LEU E 87 87.28 -12.31 62.13
CA LEU E 87 86.94 -10.90 61.80
C LEU E 87 85.66 -10.54 62.54
N PRO E 88 85.59 -9.41 63.27
CA PRO E 88 84.39 -9.04 64.03
C PRO E 88 83.34 -8.41 63.10
N ALA E 89 82.12 -8.98 63.07
CA ALA E 89 81.11 -8.44 62.18
C ALA E 89 79.82 -8.21 62.95
N SER E 90 79.26 -7.02 62.81
CA SER E 90 78.03 -6.63 63.47
C SER E 90 76.83 -6.85 62.55
N VAL E 91 75.84 -7.57 63.04
CA VAL E 91 74.57 -7.77 62.34
C VAL E 91 73.76 -6.48 62.48
N SER E 92 73.38 -5.90 61.34
CA SER E 92 72.77 -4.57 61.29
C SER E 92 71.31 -4.73 60.91
N TYR E 93 70.44 -4.56 61.89
CA TYR E 93 69.01 -4.86 61.81
C TYR E 93 68.25 -3.54 61.77
N ALA E 94 67.57 -3.29 60.65
CA ALA E 94 66.97 -2.01 60.35
C ALA E 94 65.55 -2.18 59.82
N ALA E 95 64.70 -1.19 60.10
CA ALA E 95 63.30 -1.19 59.70
C ALA E 95 62.94 0.16 59.12
N ARG E 96 62.18 0.16 58.03
CA ARG E 96 61.65 1.39 57.45
C ARG E 96 60.22 1.60 57.93
N VAL E 97 59.89 2.83 58.31
CA VAL E 97 58.59 3.16 58.87
C VAL E 97 57.87 4.10 57.93
N LEU E 98 56.68 3.73 57.49
CA LEU E 98 55.83 4.63 56.73
C LEU E 98 54.91 5.35 57.71
N VAL E 99 55.09 6.66 57.85
CA VAL E 99 54.35 7.44 58.84
C VAL E 99 52.87 7.45 58.45
N THR E 100 52.02 7.20 59.44
CA THR E 100 50.58 7.35 59.27
C THR E 100 50.05 8.70 59.72
N ARG E 101 50.39 9.13 60.94
CA ARG E 101 49.89 10.42 61.44
C ARG E 101 50.89 11.06 62.38
N VAL E 102 50.85 12.39 62.47
CA VAL E 102 51.76 13.14 63.39
C VAL E 102 50.92 13.63 64.58
N ASP E 103 51.53 13.63 65.78
CA ASP E 103 50.90 14.09 67.03
C ASP E 103 50.28 15.46 66.81
N PRO E 104 51.10 16.52 66.61
CA PRO E 104 50.63 17.87 66.41
C PRO E 104 50.56 18.43 64.98
N GLU E 105 50.81 17.64 63.94
CA GLU E 105 50.69 18.10 62.53
C GLU E 105 51.69 19.23 62.18
N ASN E 106 52.95 18.95 62.47
CA ASN E 106 54.20 19.65 62.08
C ASN E 106 54.93 18.67 61.17
N PHE E 107 55.27 19.08 59.95
CA PHE E 107 55.95 18.12 59.04
C PHE E 107 57.46 18.29 59.16
N ILE E 108 58.01 17.93 60.32
CA ILE E 108 59.44 18.04 60.60
C ILE E 108 60.04 16.64 60.74
N PRO E 109 61.32 16.46 60.43
CA PRO E 109 61.94 15.14 60.57
C PRO E 109 62.35 14.89 62.01
N PRO E 110 62.11 13.69 62.52
CA PRO E 110 62.64 13.33 63.85
C PRO E 110 64.16 13.34 63.85
N GLN E 111 64.72 13.56 65.03
CA GLN E 111 66.18 13.56 65.10
C GLN E 111 66.71 12.13 65.18
N PRO E 112 67.76 11.81 64.42
CA PRO E 112 68.36 10.47 64.54
C PRO E 112 68.73 10.17 65.98
N GLY E 113 68.57 8.91 66.36
CA GLY E 113 68.80 8.48 67.72
C GLY E 113 67.61 8.62 68.64
N ASP E 114 66.50 9.19 68.17
CA ASP E 114 65.29 9.18 68.96
C ASP E 114 64.84 7.75 69.22
N HIS E 115 64.13 7.56 70.33
CA HIS E 115 63.74 6.22 70.75
C HIS E 115 62.46 5.80 70.03
N VAL E 116 62.54 4.65 69.38
CA VAL E 116 61.42 4.01 68.70
C VAL E 116 60.90 2.90 69.60
N ARG E 117 59.57 2.83 69.74
CA ARG E 117 58.96 1.83 70.60
C ARG E 117 57.66 1.35 69.96
N HIS E 118 57.27 0.13 70.30
CA HIS E 118 56.04 -0.45 69.78
C HIS E 118 54.83 0.31 70.32
N ALA E 119 53.92 0.66 69.43
CA ALA E 119 52.68 1.31 69.82
C ALA E 119 51.79 0.29 70.52
N ALA E 120 51.61 0.42 71.83
CA ALA E 120 50.98 -0.63 72.59
C ALA E 120 49.70 -0.21 73.29
N GLY E 121 49.67 0.96 73.90
CA GLY E 121 48.50 1.37 74.66
C GLY E 121 47.65 2.39 73.94
N ARG E 122 47.50 3.56 74.55
CA ARG E 122 46.85 4.67 73.86
C ARG E 122 47.60 5.06 72.59
N GLU E 123 48.90 4.71 72.52
CA GLU E 123 49.67 4.98 71.32
C GLU E 123 49.14 4.20 70.13
N LEU E 124 48.81 2.92 70.34
CA LEU E 124 48.22 2.13 69.26
C LEU E 124 46.93 2.75 68.78
N ALA E 125 46.10 3.23 69.72
CA ALA E 125 44.86 3.88 69.34
C ALA E 125 45.12 5.15 68.53
N MET E 126 46.15 5.90 68.90
CA MET E 126 46.49 7.10 68.14
C MET E 126 47.06 6.75 66.78
N ALA E 127 47.88 5.69 66.70
CA ALA E 127 48.41 5.25 65.40
C ALA E 127 47.29 4.86 64.45
N LEU E 128 46.30 4.13 64.95
CA LEU E 128 45.19 3.64 64.14
C LEU E 128 44.00 4.59 64.13
N SER E 129 44.23 5.88 64.40
CA SER E 129 43.20 6.92 64.31
C SER E 129 41.90 6.50 65.01
N ALA E 130 42.03 5.74 66.09
CA ALA E 130 40.85 5.29 66.84
C ALA E 130 40.10 6.44 67.48
N ASP E 131 40.79 7.56 67.77
CA ASP E 131 40.10 8.70 68.33
C ASP E 131 39.07 9.27 67.37
N LYS E 132 39.36 9.24 66.06
CA LYS E 132 38.35 9.61 65.09
C LYS E 132 37.17 8.64 65.13
N MET E 133 37.40 7.40 65.53
CA MET E 133 36.35 6.39 65.47
C MET E 133 35.43 6.46 66.67
N GLU E 134 35.99 6.75 67.85
CA GLU E 134 35.20 6.99 69.06
C GLU E 134 34.43 5.71 69.38
N GLU E 135 33.14 5.82 69.72
CA GLU E 135 32.35 4.65 70.05
C GLU E 135 32.11 3.75 68.85
N ALA E 136 32.35 4.24 67.63
CA ALA E 136 32.05 3.48 66.41
C ALA E 136 33.10 2.42 66.10
N ALA E 137 34.16 2.30 66.90
CA ALA E 137 35.18 1.30 66.64
C ALA E 137 34.66 -0.08 67.04
N PHE E 138 34.92 -1.06 66.18
CA PHE E 138 34.59 -2.45 66.48
C PHE E 138 35.64 -3.35 65.87
N PRO E 139 35.77 -4.59 66.38
CA PRO E 139 36.86 -5.47 65.95
C PRO E 139 36.76 -5.82 64.46
N GLY E 140 37.86 -5.61 63.77
CA GLY E 140 37.95 -5.96 62.37
C GLY E 140 38.97 -7.04 62.12
N GLY E 141 39.50 -7.62 63.20
CA GLY E 141 40.50 -8.66 63.11
C GLY E 141 41.61 -8.54 64.14
N LEU E 142 42.59 -9.43 64.08
CA LEU E 142 43.74 -9.40 64.96
C LEU E 142 44.96 -8.88 64.23
N LEU E 143 45.82 -8.20 64.97
CA LEU E 143 47.08 -7.72 64.41
C LEU E 143 48.14 -7.80 65.49
N ALA E 144 49.40 -7.71 65.04
CA ALA E 144 50.55 -7.51 65.92
C ALA E 144 50.42 -8.32 67.20
N ASP E 145 50.02 -9.58 67.01
CA ASP E 145 49.98 -10.57 68.08
C ASP E 145 49.07 -10.13 69.23
N GLY E 146 47.78 -10.01 68.91
CA GLY E 146 46.75 -9.97 69.92
C GLY E 146 46.05 -8.65 70.12
N GLN E 147 46.37 -7.63 69.34
CA GLN E 147 45.52 -6.48 69.61
C GLN E 147 44.47 -6.34 68.53
N PRO E 148 43.21 -6.11 68.89
CA PRO E 148 42.17 -5.98 67.87
C PRO E 148 42.34 -4.72 67.05
N LEU E 149 41.96 -4.82 65.78
CA LEU E 149 42.03 -3.68 64.89
C LEU E 149 40.71 -2.93 64.90
N PRO E 150 40.70 -1.65 65.19
CA PRO E 150 39.43 -0.90 65.14
C PRO E 150 38.97 -0.68 63.70
N LEU E 151 37.73 -1.05 63.43
CA LEU E 151 37.05 -0.69 62.19
C LEU E 151 36.03 0.38 62.52
N ASN E 152 35.99 1.44 61.71
CA ASN E 152 35.02 2.51 61.94
C ASN E 152 33.70 2.08 61.30
N PHE E 153 32.74 1.68 62.14
CA PHE E 153 31.44 1.26 61.64
C PHE E 153 30.72 2.36 60.91
N ARG E 154 31.08 3.62 61.20
CA ARG E 154 30.42 4.77 60.55
C ARG E 154 30.75 4.77 59.06
N PHE E 155 31.83 4.10 58.66
CA PHE E 155 32.18 3.97 57.25
C PHE E 155 31.66 2.68 56.64
N ILE E 156 30.80 1.95 57.34
CA ILE E 156 30.16 0.77 56.82
C ILE E 156 28.65 0.94 56.71
N ASN E 157 28.04 1.65 57.68
CA ASN E 157 26.56 1.83 57.62
C ASN E 157 26.18 3.14 56.95
N GLY E 158 27.12 3.93 56.45
CA GLY E 158 26.67 5.15 55.77
C GLY E 158 26.70 6.42 56.60
N GLU E 159 27.00 6.37 57.90
CA GLU E 159 27.04 7.68 58.61
C GLU E 159 28.16 8.52 58.00
N SER E 160 29.34 7.92 57.82
CA SER E 160 30.47 8.57 57.09
C SER E 160 30.55 7.98 55.68
N GLY E 161 29.60 7.09 55.37
CA GLY E 161 29.36 6.39 54.10
C GLY E 161 30.13 5.10 53.98
N GLY E 162 29.87 4.38 52.90
CA GLY E 162 30.71 3.21 52.60
C GLY E 162 30.16 1.86 52.96
N HIS E 163 30.28 0.99 51.97
CA HIS E 163 30.09 -0.49 51.87
C HIS E 163 31.43 -1.19 52.04
N ILE E 164 31.53 -2.46 51.64
CA ILE E 164 32.81 -3.22 51.82
C ILE E 164 33.14 -3.97 50.53
N ASN E 165 34.40 -4.02 50.13
CA ASN E 165 34.81 -4.73 48.91
C ASN E 165 36.03 -5.57 49.20
N ILE E 166 35.89 -6.89 49.07
CA ILE E 166 36.96 -7.84 49.38
C ILE E 166 37.47 -8.46 48.09
N SER E 167 38.80 -8.58 47.98
CA SER E 167 39.44 -9.09 46.78
C SER E 167 40.42 -10.19 47.16
N GLY E 168 40.73 -11.04 46.19
CA GLY E 168 41.76 -12.04 46.38
C GLY E 168 41.49 -13.28 45.57
N ILE E 169 42.47 -14.19 45.59
CA ILE E 169 42.39 -15.43 44.83
C ILE E 169 41.33 -16.33 45.45
N SER E 170 40.28 -16.61 44.68
CA SER E 170 39.19 -17.44 45.18
C SER E 170 39.72 -18.80 45.59
N GLY E 171 39.32 -19.25 46.78
CA GLY E 171 39.82 -20.48 47.34
C GLY E 171 40.98 -20.26 48.29
N VAL E 172 41.89 -19.36 47.92
CA VAL E 172 43.09 -19.13 48.73
C VAL E 172 42.88 -17.93 49.63
N ALA E 173 42.58 -16.78 49.03
CA ALA E 173 42.14 -15.63 49.81
C ALA E 173 40.77 -15.95 50.40
N THR E 174 40.62 -15.72 51.70
CA THR E 174 39.47 -16.24 52.43
C THR E 174 38.34 -15.21 52.53
N LYS E 175 37.87 -14.72 51.38
CA LYS E 175 37.05 -13.51 51.37
C LYS E 175 35.65 -13.76 51.94
N THR E 176 34.96 -14.80 51.46
CA THR E 176 33.61 -15.05 51.95
C THR E 176 33.60 -15.36 53.43
N SER E 177 34.52 -16.22 53.88
CA SER E 177 34.66 -16.50 55.31
C SER E 177 34.96 -15.22 56.10
N TYR E 178 35.70 -14.30 55.50
CA TYR E 178 36.00 -13.04 56.19
C TYR E 178 34.76 -12.16 56.29
N ALA E 179 33.96 -12.10 55.22
CA ALA E 179 32.71 -11.34 55.26
C ALA E 179 31.81 -11.81 56.38
N LEU E 180 31.66 -13.12 56.52
CA LEU E 180 30.86 -13.67 57.62
C LEU E 180 31.46 -13.33 58.98
N PHE E 181 32.79 -13.28 59.06
CA PHE E 181 33.43 -12.85 60.30
C PHE E 181 33.06 -11.41 60.63
N LEU E 182 33.10 -10.53 59.64
CA LEU E 182 32.73 -9.13 59.89
C LEU E 182 31.27 -9.01 60.30
N LEU E 183 30.38 -9.79 59.66
CA LEU E 183 28.99 -9.84 60.08
C LEU E 183 28.89 -10.24 61.56
N HIS E 184 29.53 -11.35 61.91
CA HIS E 184 29.56 -11.78 63.30
C HIS E 184 30.05 -10.66 64.22
N SER E 185 31.12 -9.97 63.80
CA SER E 185 31.65 -8.88 64.61
C SER E 185 30.66 -7.74 64.71
N ILE E 186 30.01 -7.39 63.60
CA ILE E 186 29.03 -6.29 63.61
C ILE E 186 27.91 -6.59 64.59
N PHE E 187 27.39 -7.83 64.57
CA PHE E 187 26.21 -8.14 65.37
C PHE E 187 26.58 -8.42 66.83
N ARG E 188 27.76 -9.00 67.07
CA ARG E 188 28.15 -9.43 68.42
C ARG E 188 29.06 -8.45 69.15
N SER E 189 29.40 -7.30 68.55
CA SER E 189 30.20 -6.30 69.24
C SER E 189 29.37 -5.13 69.74
N GLY E 190 28.06 -5.12 69.48
CA GLY E 190 27.21 -4.04 69.92
C GLY E 190 27.60 -2.70 69.33
N VAL E 191 28.45 -2.73 68.30
CA VAL E 191 28.84 -1.49 67.64
C VAL E 191 27.64 -0.86 66.94
N MET E 192 26.68 -1.67 66.53
CA MET E 192 25.42 -1.12 66.03
C MET E 192 24.74 -0.33 67.14
N ASP E 193 24.80 -0.83 68.38
CA ASP E 193 24.23 -0.11 69.51
C ASP E 193 24.96 1.20 69.75
N ARG E 194 26.27 1.12 69.99
CA ARG E 194 27.04 2.31 70.33
C ARG E 194 26.83 3.42 69.31
N THR E 195 26.86 3.07 68.02
CA THR E 195 26.68 4.04 66.96
C THR E 195 25.21 4.32 66.65
N ALA E 196 24.29 3.59 67.28
CA ALA E 196 22.89 3.98 67.31
C ALA E 196 22.62 5.04 68.37
N GLN E 197 23.67 5.41 69.10
CA GLN E 197 23.59 6.47 70.14
C GLN E 197 24.00 7.80 69.53
N GLY E 198 24.50 7.80 68.29
CA GLY E 198 25.01 9.03 67.67
C GLY E 198 23.95 10.10 67.50
N SER E 199 22.76 9.76 66.99
CA SER E 199 21.69 10.79 66.87
C SER E 199 20.40 10.29 67.54
N GLY E 200 20.08 9.02 67.33
CA GLY E 200 18.83 8.44 67.85
C GLY E 200 17.76 8.34 66.78
N GLY E 201 17.84 7.34 65.90
CA GLY E 201 16.87 7.12 64.80
C GLY E 201 17.38 7.55 63.44
N ARG E 202 18.43 8.36 63.37
CA ARG E 202 19.04 8.67 62.04
C ARG E 202 19.51 7.29 61.60
N GLN E 203 20.23 6.67 62.54
CA GLN E 203 20.72 5.27 62.67
C GLN E 203 20.09 4.72 63.95
N SER E 204 19.52 3.52 63.94
CA SER E 204 18.85 3.06 65.18
C SER E 204 18.73 1.54 65.35
N GLY E 205 19.59 0.95 66.18
CA GLY E 205 19.36 -0.41 66.63
C GLY E 205 20.50 -1.35 66.27
N THR E 206 20.79 -2.25 67.21
CA THR E 206 21.52 -3.47 66.88
C THR E 206 20.62 -4.65 66.61
N ALA E 207 19.43 -4.67 67.20
CA ALA E 207 18.51 -5.76 66.94
C ALA E 207 17.80 -5.56 65.62
N GLY E 208 17.73 -4.31 65.16
CA GLY E 208 17.20 -3.96 63.88
C GLY E 208 18.05 -4.35 62.69
N GLY E 209 19.22 -4.94 62.91
CA GLY E 209 20.11 -5.29 61.82
C GLY E 209 19.78 -6.65 61.22
N ARG E 210 19.96 -6.74 59.90
CA ARG E 210 19.65 -7.93 59.13
C ARG E 210 20.77 -8.21 58.13
N ALA E 211 20.78 -9.43 57.61
CA ALA E 211 21.74 -9.83 56.59
C ALA E 211 21.09 -10.77 55.61
N LEU E 212 21.38 -10.55 54.33
CA LEU E 212 20.96 -11.42 53.25
C LEU E 212 22.20 -11.91 52.52
N ILE E 213 22.31 -13.23 52.34
CA ILE E 213 23.47 -13.84 51.73
C ILE E 213 23.02 -15.03 50.90
N PHE E 214 23.71 -15.26 49.79
CA PHE E 214 23.36 -16.30 48.84
C PHE E 214 24.37 -17.45 48.89
N ASN E 215 23.85 -18.67 48.87
CA ASN E 215 24.70 -19.86 48.91
C ASN E 215 24.89 -20.34 47.47
N VAL E 216 25.87 -19.74 46.80
CA VAL E 216 26.05 -19.97 45.37
C VAL E 216 26.79 -21.27 45.12
N LYS E 217 27.82 -21.53 45.92
CA LYS E 217 28.74 -22.62 45.64
C LYS E 217 28.37 -23.81 46.52
N GLY E 218 27.63 -24.74 45.92
CA GLY E 218 27.54 -26.11 46.38
C GLY E 218 27.35 -26.30 47.85
N GLU E 219 26.42 -25.55 48.43
CA GLU E 219 25.96 -25.83 49.79
C GLU E 219 27.10 -25.62 50.79
N ASP E 220 27.90 -24.59 50.59
CA ASP E 220 28.86 -24.36 51.65
C ASP E 220 28.33 -23.38 52.69
N LEU E 221 27.25 -22.68 52.38
CA LEU E 221 26.70 -21.64 53.23
C LEU E 221 25.47 -22.08 54.02
N LEU E 222 25.18 -23.38 54.05
CA LEU E 222 24.22 -23.92 54.99
C LEU E 222 24.99 -24.25 56.28
N PHE E 223 24.30 -24.81 57.28
CA PHE E 223 24.89 -25.06 58.61
C PHE E 223 25.55 -23.83 59.21
N LEU E 224 25.13 -22.64 58.81
CA LEU E 224 25.45 -21.47 59.62
C LEU E 224 24.66 -21.47 60.92
N ASP E 225 23.62 -22.30 61.00
CA ASP E 225 22.84 -22.54 62.20
C ASP E 225 23.57 -23.46 63.17
N LYS E 226 24.51 -24.26 62.68
CA LYS E 226 25.21 -25.29 63.43
C LYS E 226 26.64 -24.88 63.76
N PRO E 227 27.07 -25.02 65.01
CA PRO E 227 28.45 -24.63 65.36
C PRO E 227 29.49 -25.60 64.80
N ASN E 228 30.68 -25.06 64.55
CA ASN E 228 31.78 -25.79 63.94
C ASN E 228 32.50 -26.60 65.01
N ALA E 229 32.70 -27.90 64.76
CA ALA E 229 33.34 -28.74 65.77
C ALA E 229 34.86 -28.62 65.68
N ARG E 230 35.39 -28.40 64.49
CA ARG E 230 36.82 -28.37 64.24
C ARG E 230 37.49 -27.07 64.68
N MET E 231 36.73 -26.08 65.16
CA MET E 231 37.29 -24.73 65.28
C MET E 231 38.37 -24.69 66.35
N VAL E 232 38.05 -25.21 67.54
CA VAL E 232 39.02 -25.19 68.63
C VAL E 232 40.26 -25.99 68.26
N GLU E 233 40.10 -27.09 67.52
CA GLU E 233 41.28 -27.86 67.12
C GLU E 233 42.17 -27.06 66.18
N LYS E 234 41.59 -26.37 65.19
CA LYS E 234 42.42 -25.55 64.30
C LYS E 234 42.90 -24.28 65.00
N GLU E 235 42.05 -23.69 65.84
CA GLU E 235 42.43 -22.45 66.50
C GLU E 235 43.42 -22.68 67.63
N ASP E 236 43.36 -23.84 68.29
CA ASP E 236 44.35 -24.13 69.34
C ASP E 236 45.76 -24.13 68.78
N LYS E 237 45.95 -24.72 67.60
CA LYS E 237 47.25 -24.70 66.93
C LYS E 237 47.78 -23.29 66.78
N VAL E 238 46.94 -22.36 66.33
CA VAL E 238 47.37 -20.99 66.09
C VAL E 238 47.72 -20.31 67.40
N VAL E 239 46.89 -20.49 68.43
CA VAL E 239 47.19 -19.90 69.74
C VAL E 239 48.42 -20.56 70.35
N ARG E 240 48.60 -21.87 70.14
CA ARG E 240 49.84 -22.52 70.54
C ARG E 240 51.04 -21.88 69.86
N ALA E 241 50.94 -21.64 68.55
CA ALA E 241 52.10 -21.25 67.77
C ALA E 241 52.49 -19.80 68.01
N LYS E 242 51.52 -18.88 67.89
CA LYS E 242 51.79 -17.46 68.07
C LYS E 242 51.87 -17.03 69.53
N GLY E 243 51.89 -17.98 70.47
CA GLY E 243 51.98 -17.65 71.89
C GLY E 243 50.92 -16.69 72.37
N LEU E 244 49.73 -16.75 71.81
CA LEU E 244 48.69 -15.82 72.19
C LEU E 244 48.16 -16.14 73.59
N SER E 245 47.58 -15.13 74.24
CA SER E 245 47.06 -15.31 75.59
C SER E 245 45.87 -16.26 75.62
N ALA E 246 44.94 -16.13 74.66
CA ALA E 246 43.74 -16.95 74.64
C ALA E 246 43.31 -17.16 73.20
N ASP E 247 42.17 -17.80 73.02
CA ASP E 247 41.60 -17.95 71.69
C ASP E 247 41.21 -16.58 71.14
N ARG E 248 41.31 -16.45 69.81
CA ARG E 248 41.22 -15.13 69.19
C ARG E 248 39.93 -14.40 69.56
N TYR E 249 38.81 -15.12 69.58
CA TYR E 249 37.53 -14.48 69.86
C TYR E 249 37.55 -13.71 71.18
N ALA E 250 38.05 -14.36 72.24
CA ALA E 250 38.16 -13.68 73.53
C ALA E 250 39.03 -12.44 73.43
N LEU E 251 40.05 -12.48 72.58
CA LEU E 251 40.89 -11.30 72.40
C LEU E 251 40.12 -10.16 71.74
N LEU E 252 39.16 -10.48 70.86
CA LEU E 252 38.38 -9.46 70.15
C LEU E 252 37.24 -8.90 70.98
N GLY E 253 36.92 -9.51 72.11
CA GLY E 253 35.66 -9.20 72.76
C GLY E 253 34.48 -9.77 72.01
N LEU E 254 34.69 -10.88 71.30
CA LEU E 254 33.72 -11.58 70.47
C LEU E 254 33.56 -13.02 70.97
N PRO E 255 32.35 -13.56 70.89
CA PRO E 255 32.13 -14.96 71.30
C PRO E 255 32.22 -15.92 70.13
N ALA E 256 32.62 -17.16 70.41
CA ALA E 256 32.74 -18.19 69.37
C ALA E 256 31.44 -18.97 69.30
N GLU E 257 30.45 -18.39 68.64
CA GLU E 257 29.15 -19.04 68.50
C GLU E 257 28.53 -18.64 67.19
N PRO E 258 27.63 -19.46 66.64
CA PRO E 258 27.04 -19.16 65.32
C PRO E 258 25.96 -18.08 65.41
N PHE E 259 25.39 -17.80 64.23
CA PHE E 259 24.47 -16.68 64.09
C PHE E 259 23.13 -17.03 64.74
N ARG E 260 22.49 -16.03 65.36
CA ARG E 260 21.45 -16.33 66.33
C ARG E 260 20.17 -16.78 65.65
N ASP E 261 19.71 -16.01 64.68
CA ASP E 261 18.42 -16.26 64.05
C ASP E 261 18.63 -16.35 62.55
N VAL E 262 18.47 -17.56 62.01
CA VAL E 262 18.82 -17.86 60.64
C VAL E 262 17.60 -18.43 59.93
N GLN E 263 17.42 -18.03 58.67
CA GLN E 263 16.38 -18.54 57.79
C GLN E 263 17.02 -19.13 56.55
N LEU E 264 16.81 -20.42 56.34
CA LEU E 264 17.36 -21.14 55.20
C LEU E 264 16.26 -21.42 54.19
N LEU E 265 16.44 -20.94 52.96
CA LEU E 265 15.42 -21.01 51.91
C LEU E 265 15.98 -21.66 50.64
N ALA E 266 15.23 -22.61 50.09
CA ALA E 266 15.70 -23.44 48.99
C ALA E 266 14.61 -23.65 47.96
N PRO E 267 14.96 -23.89 46.70
CA PRO E 267 13.96 -24.11 45.65
C PRO E 267 13.19 -25.41 45.87
N PRO E 268 12.04 -25.57 45.21
CA PRO E 268 11.13 -26.71 45.54
C PRO E 268 11.34 -27.97 44.71
N ARG E 269 12.44 -28.67 44.99
CA ARG E 269 12.74 -30.04 44.55
C ARG E 269 12.70 -30.23 43.03
N ALA E 270 12.54 -29.16 42.26
CA ALA E 270 12.38 -29.27 40.80
C ALA E 270 11.29 -30.27 40.46
N GLY E 271 10.20 -30.21 41.21
CA GLY E 271 9.14 -31.19 41.09
C GLY E 271 8.42 -31.09 39.77
N ALA E 272 8.43 -32.15 38.98
CA ALA E 272 7.79 -32.17 37.67
C ALA E 272 6.35 -32.60 37.81
N ALA E 273 5.42 -31.65 37.65
CA ALA E 273 3.97 -31.90 37.69
C ALA E 273 3.53 -32.43 39.04
N GLY E 274 4.26 -32.13 40.11
CA GLY E 274 3.96 -32.59 41.44
C GLY E 274 3.52 -31.45 42.34
N THR E 275 2.34 -31.62 42.96
CA THR E 275 1.86 -30.62 43.92
C THR E 275 2.64 -30.66 45.23
N ALA E 276 3.29 -31.79 45.53
CA ALA E 276 4.09 -31.90 46.74
C ALA E 276 5.30 -30.96 46.65
N ILE E 277 5.54 -30.24 47.74
CA ILE E 277 6.59 -29.22 47.79
C ILE E 277 7.61 -29.62 48.85
N VAL E 278 8.87 -29.74 48.44
CA VAL E 278 9.98 -30.02 49.35
C VAL E 278 11.22 -29.35 48.85
N PRO E 279 12.10 -28.90 49.76
CA PRO E 279 13.33 -28.23 49.35
C PRO E 279 14.33 -29.18 48.70
N GLN E 280 15.25 -28.58 47.93
CA GLN E 280 16.13 -29.35 47.05
C GLN E 280 17.32 -29.98 47.77
N THR E 281 17.59 -29.58 49.02
CA THR E 281 18.86 -29.93 49.64
C THR E 281 18.99 -31.44 49.83
N ASP E 282 20.14 -31.98 49.44
CA ASP E 282 20.60 -33.31 49.84
C ASP E 282 21.30 -33.30 51.18
N GLN E 283 21.98 -32.20 51.52
CA GLN E 283 22.88 -32.23 52.66
C GLN E 283 22.14 -31.97 53.95
N ARG E 284 21.22 -31.01 53.92
CA ARG E 284 20.52 -30.57 55.11
C ARG E 284 19.04 -30.52 54.79
N SER E 285 18.26 -31.33 55.49
CA SER E 285 16.81 -31.33 55.35
C SER E 285 16.09 -30.71 56.53
N GLU E 286 16.71 -30.66 57.70
CA GLU E 286 16.08 -30.13 58.89
C GLU E 286 16.16 -28.61 58.89
N GLY E 287 15.01 -27.96 59.03
CA GLY E 287 14.92 -26.52 59.14
C GLY E 287 15.00 -25.77 57.83
N VAL E 288 15.06 -26.45 56.70
CA VAL E 288 15.15 -25.80 55.41
C VAL E 288 13.74 -25.57 54.88
N THR E 289 13.42 -24.31 54.56
CA THR E 289 12.08 -23.94 54.13
C THR E 289 12.07 -23.68 52.63
N PRO E 290 11.14 -24.26 51.88
CA PRO E 290 11.07 -23.96 50.44
C PRO E 290 10.51 -22.57 50.20
N PHE E 291 11.06 -21.90 49.18
CA PHE E 291 10.57 -20.60 48.74
C PHE E 291 10.12 -20.68 47.29
N VAL E 292 8.97 -20.10 47.00
CA VAL E 292 8.37 -20.13 45.67
C VAL E 292 7.78 -18.77 45.33
N PHE E 293 7.81 -18.43 44.04
CA PHE E 293 7.10 -17.28 43.51
C PHE E 293 5.86 -17.75 42.76
N THR E 294 4.85 -16.88 42.73
CA THR E 294 3.61 -17.19 42.04
C THR E 294 3.51 -16.41 40.74
N ILE E 295 2.83 -17.03 39.76
CA ILE E 295 2.60 -16.38 38.47
C ILE E 295 1.96 -15.01 38.66
N ARG E 296 1.01 -14.91 39.59
CA ARG E 296 0.32 -13.63 39.81
C ARG E 296 1.27 -12.59 40.39
N GLU E 297 2.11 -13.01 41.35
CA GLU E 297 3.19 -12.13 41.81
C GLU E 297 4.09 -11.71 40.66
N PHE E 298 4.43 -12.67 39.79
CA PHE E 298 5.37 -12.40 38.69
C PHE E 298 4.86 -11.27 37.82
N CYS E 299 3.55 -11.24 37.56
CA CYS E 299 2.98 -10.19 36.72
C CYS E 299 2.69 -8.93 37.53
N ALA E 300 2.28 -9.08 38.78
CA ALA E 300 1.95 -7.91 39.59
C ALA E 300 3.19 -7.13 40.00
N ARG E 301 4.25 -7.84 40.39
CA ARG E 301 5.48 -7.20 40.84
C ARG E 301 6.47 -6.96 39.70
N ARG E 302 6.08 -7.21 38.45
CA ARG E 302 6.90 -6.92 37.28
C ARG E 302 8.25 -7.63 37.34
N MET E 303 8.22 -8.92 37.67
CA MET E 303 9.47 -9.68 37.72
C MET E 303 10.04 -9.96 36.33
N LEU E 304 9.40 -9.49 35.26
CA LEU E 304 9.75 -9.95 33.92
C LEU E 304 11.16 -9.57 33.48
N PRO E 305 11.60 -8.31 33.59
CA PRO E 305 12.95 -7.98 33.11
C PRO E 305 14.05 -8.81 33.76
N TYR E 306 13.88 -9.21 35.01
CA TYR E 306 14.91 -9.96 35.73
C TYR E 306 15.07 -11.38 35.21
N VAL E 307 14.26 -11.80 34.23
CA VAL E 307 14.57 -13.00 33.48
C VAL E 307 15.71 -12.76 32.49
N PHE E 308 15.98 -11.49 32.15
CA PHE E 308 16.92 -11.13 31.09
C PHE E 308 18.11 -10.40 31.70
N SER E 309 19.24 -11.10 31.83
CA SER E 309 20.49 -10.53 32.29
C SER E 309 21.61 -11.38 31.70
N ASP E 310 21.74 -11.30 30.36
CA ASP E 310 22.56 -12.26 29.64
C ASP E 310 24.04 -12.12 29.96
N ALA E 311 24.49 -10.92 30.35
CA ALA E 311 25.91 -10.60 30.54
C ALA E 311 26.71 -10.91 29.27
N SER E 312 26.14 -10.51 28.13
CA SER E 312 26.77 -10.66 26.82
C SER E 312 26.23 -9.55 25.92
N ALA E 313 26.59 -9.62 24.63
CA ALA E 313 26.25 -8.56 23.68
C ALA E 313 24.73 -8.43 23.51
N SER E 314 24.05 -9.53 23.21
CA SER E 314 22.58 -9.64 23.16
C SER E 314 22.02 -8.57 22.22
N LEU E 315 20.92 -7.91 22.57
CA LEU E 315 20.27 -6.88 21.76
C LEU E 315 19.56 -5.93 22.71
N ASN E 316 18.91 -4.91 22.15
CA ASN E 316 18.07 -4.01 22.93
C ASN E 316 16.63 -4.50 22.83
N LEU E 317 16.25 -5.37 23.75
CA LEU E 317 14.89 -5.85 23.92
C LEU E 317 14.09 -5.01 24.90
N GLY E 318 14.68 -3.91 25.39
CA GLY E 318 14.03 -3.08 26.39
C GLY E 318 12.61 -2.70 26.02
N PHE E 319 12.36 -2.46 24.73
CA PHE E 319 11.02 -2.08 24.29
C PHE E 319 10.04 -3.24 24.42
N VAL E 320 10.38 -4.38 23.84
CA VAL E 320 9.52 -5.57 23.91
C VAL E 320 9.20 -5.89 25.36
N ILE E 321 10.23 -5.94 26.21
CA ILE E 321 10.05 -6.33 27.60
C ILE E 321 9.18 -5.32 28.33
N GLY E 322 9.37 -4.02 28.04
CA GLY E 322 8.49 -3.01 28.61
C GLY E 322 7.03 -3.19 28.24
N ASN E 323 6.76 -3.59 27.00
CA ASN E 323 5.39 -3.81 26.57
C ASN E 323 4.78 -5.00 27.29
N ILE E 324 5.48 -6.14 27.31
CA ILE E 324 4.96 -7.30 28.01
C ILE E 324 4.91 -7.03 29.52
N GLU E 325 5.89 -6.28 30.05
CA GLU E 325 5.89 -5.95 31.47
C GLU E 325 4.59 -5.24 31.87
N GLU E 326 4.28 -4.13 31.19
CA GLU E 326 3.10 -3.36 31.57
C GLU E 326 1.81 -4.12 31.24
N LYS E 327 1.83 -4.90 30.16
CA LYS E 327 0.66 -5.73 29.83
C LYS E 327 0.37 -6.74 30.92
N LEU E 328 1.41 -7.44 31.39
CA LEU E 328 1.21 -8.39 32.47
C LEU E 328 0.86 -7.70 33.79
N PHE E 329 1.37 -6.48 34.02
CA PHE E 329 1.04 -5.78 35.26
C PHE E 329 -0.43 -5.35 35.26
N ARG E 330 -0.90 -4.77 34.15
CA ARG E 330 -2.30 -4.41 34.08
C ARG E 330 -3.19 -5.65 34.04
N LEU E 331 -2.68 -6.74 33.45
CA LEU E 331 -3.45 -7.97 33.41
C LEU E 331 -3.62 -8.56 34.81
N ALA E 332 -2.55 -8.53 35.62
CA ALA E 332 -2.63 -9.07 36.97
C ALA E 332 -3.47 -8.18 37.88
N ALA E 333 -3.37 -6.87 37.73
CA ALA E 333 -4.23 -5.97 38.51
C ALA E 333 -5.69 -6.16 38.15
N ALA E 334 -5.97 -6.59 36.92
CA ALA E 334 -7.34 -6.89 36.52
C ALA E 334 -7.87 -8.16 37.14
N GLN E 335 -6.99 -9.03 37.63
CA GLN E 335 -7.41 -10.30 38.23
C GLN E 335 -8.21 -10.04 39.49
N THR E 336 -9.42 -10.59 39.54
CA THR E 336 -10.24 -10.53 40.74
C THR E 336 -10.13 -11.78 41.62
N GLY E 337 -9.76 -12.92 41.04
CA GLY E 337 -9.70 -14.14 41.80
C GLY E 337 -8.59 -14.16 42.83
N LYS E 338 -8.76 -15.04 43.82
CA LYS E 338 -7.80 -15.25 44.90
C LYS E 338 -6.64 -16.15 44.51
N GLY E 339 -6.72 -16.80 43.35
CA GLY E 339 -5.72 -17.78 42.99
C GLY E 339 -4.36 -17.18 42.73
N THR E 340 -3.36 -18.07 42.69
CA THR E 340 -1.99 -17.67 42.41
C THR E 340 -1.69 -17.63 40.92
N GLY E 341 -2.56 -18.17 40.09
CA GLY E 341 -2.37 -18.08 38.66
C GLY E 341 -2.93 -16.80 38.08
N LEU E 342 -2.71 -16.66 36.77
CA LEU E 342 -3.20 -15.52 36.00
C LEU E 342 -4.27 -16.01 35.04
N ILE E 343 -5.45 -15.42 35.13
CA ILE E 343 -6.60 -15.79 34.30
C ILE E 343 -6.64 -14.84 33.11
N VAL E 344 -6.48 -15.39 31.92
CA VAL E 344 -6.57 -14.62 30.68
C VAL E 344 -7.75 -15.16 29.86
N HIS E 345 -8.49 -14.26 29.24
CA HIS E 345 -9.71 -14.62 28.53
C HIS E 345 -9.59 -14.58 27.02
N ASP E 346 -8.53 -13.98 26.48
CA ASP E 346 -8.38 -13.79 25.05
C ASP E 346 -7.54 -14.87 24.38
N TRP E 347 -7.37 -16.03 25.03
CA TRP E 347 -6.56 -17.11 24.49
C TRP E 347 -7.46 -18.14 23.81
N GLN E 348 -7.47 -18.10 22.49
CA GLN E 348 -8.05 -19.14 21.67
C GLN E 348 -6.93 -19.73 20.84
N PHE E 349 -7.00 -21.05 20.60
CA PHE E 349 -5.94 -21.76 19.87
C PHE E 349 -6.59 -22.71 18.86
N GLU E 350 -6.98 -22.14 17.71
CA GLU E 350 -7.42 -22.98 16.59
C GLU E 350 -6.36 -24.00 16.22
N ASP E 351 -5.14 -23.52 15.96
CA ASP E 351 -3.98 -24.42 15.84
C ASP E 351 -2.78 -23.63 16.35
N SER E 352 -2.31 -23.96 17.56
CA SER E 352 -1.10 -23.29 18.11
C SER E 352 -0.15 -24.35 18.70
N GLU E 353 -0.46 -25.62 18.47
CA GLU E 353 0.35 -26.78 18.96
C GLU E 353 0.50 -26.73 20.48
N THR E 354 -0.62 -26.93 21.19
CA THR E 354 -0.66 -26.94 22.67
C THR E 354 -1.46 -28.16 23.13
N PRO E 355 -1.34 -28.59 24.41
CA PRO E 355 -2.08 -29.75 24.91
C PRO E 355 -3.31 -29.23 25.65
N PRO E 356 -4.54 -29.58 25.24
CA PRO E 356 -5.71 -29.06 25.95
C PRO E 356 -5.73 -29.56 27.40
N GLU E 357 -5.56 -30.88 27.60
CA GLU E 357 -5.49 -31.53 28.95
C GLU E 357 -6.55 -30.96 29.89
N ASN E 358 -6.12 -30.57 31.08
CA ASN E 358 -6.98 -29.84 32.04
C ASN E 358 -6.16 -28.60 32.45
N LEU E 359 -6.64 -27.41 32.11
CA LEU E 359 -5.91 -26.16 32.43
C LEU E 359 -6.70 -25.39 33.48
N ASP E 360 -7.59 -26.08 34.18
CA ASP E 360 -8.46 -25.46 35.23
C ASP E 360 -9.16 -24.29 34.56
N PHE E 361 -9.85 -24.56 33.46
CA PHE E 361 -10.59 -23.54 32.72
C PHE E 361 -11.56 -22.81 33.65
N SER E 362 -11.54 -21.48 33.56
CA SER E 362 -12.26 -20.63 34.51
C SER E 362 -13.76 -20.85 34.42
N GLU E 363 -14.45 -20.41 35.47
CA GLU E 363 -15.91 -20.42 35.44
C GLU E 363 -16.45 -19.49 34.37
N LEU E 364 -15.76 -18.36 34.13
CA LEU E 364 -16.17 -17.39 33.15
C LEU E 364 -15.57 -17.65 31.77
N GLY E 365 -15.10 -18.88 31.53
CA GLY E 365 -14.56 -19.24 30.23
C GLY E 365 -13.13 -18.82 29.97
N GLY E 366 -12.43 -18.29 30.97
CA GLY E 366 -11.04 -17.91 30.79
C GLY E 366 -10.08 -19.04 31.10
N VAL E 367 -8.87 -18.93 30.54
CA VAL E 367 -7.82 -19.91 30.81
C VAL E 367 -6.99 -19.42 31.99
N ASN E 368 -6.79 -20.29 32.97
CA ASN E 368 -6.05 -19.95 34.19
C ASN E 368 -4.63 -20.49 34.06
N LEU E 369 -3.67 -19.59 33.91
CA LEU E 369 -2.27 -19.99 33.73
C LEU E 369 -1.71 -20.48 35.07
N GLN E 370 -1.22 -21.71 35.11
CA GLN E 370 -0.69 -22.27 36.34
C GLN E 370 0.80 -22.58 36.31
N THR E 371 1.43 -22.60 35.14
CA THR E 371 2.85 -22.88 35.08
C THR E 371 3.54 -21.83 34.19
N PHE E 372 4.85 -21.73 34.41
CA PHE E 372 5.67 -20.75 33.67
C PHE E 372 5.63 -21.04 32.17
N GLU E 373 5.58 -22.31 31.79
CA GLU E 373 5.50 -22.65 30.37
C GLU E 373 4.20 -22.15 29.76
N GLN E 374 3.11 -22.22 30.51
CA GLN E 374 1.83 -21.71 30.03
C GLN E 374 1.89 -20.21 29.79
N LEU E 375 2.45 -19.47 30.74
CA LEU E 375 2.59 -18.03 30.59
C LEU E 375 3.43 -17.69 29.37
N ILE E 376 4.48 -18.47 29.10
CA ILE E 376 5.29 -18.24 27.92
C ILE E 376 4.52 -18.59 26.66
N SER E 377 3.71 -19.65 26.72
CA SER E 377 2.88 -20.01 25.57
C SER E 377 1.89 -18.91 25.25
N TYR E 378 1.21 -18.38 26.27
CA TYR E 378 0.28 -17.27 26.05
C TYR E 378 1.00 -16.07 25.46
N LEU E 379 2.21 -15.77 25.95
CA LEU E 379 3.00 -14.68 25.35
C LEU E 379 3.34 -14.99 23.91
N GLU E 380 3.62 -16.26 23.60
CA GLU E 380 3.90 -16.64 22.21
C GLU E 380 2.68 -16.41 21.33
N TYR E 381 1.49 -16.72 21.85
CA TYR E 381 0.27 -16.55 21.07
C TYR E 381 -0.02 -15.08 20.81
N LYS E 382 0.04 -14.26 21.86
CA LYS E 382 -0.27 -12.84 21.67
C LYS E 382 0.75 -12.14 20.78
N LEU E 383 2.01 -12.54 20.84
CA LEU E 383 3.07 -11.88 20.09
C LEU E 383 3.25 -12.44 18.68
N LEU E 384 3.00 -13.74 18.50
CA LEU E 384 3.43 -14.40 17.28
C LEU E 384 2.36 -15.22 16.55
N GLU E 385 1.13 -15.33 17.09
CA GLU E 385 0.11 -16.13 16.41
C GLU E 385 -1.29 -15.54 16.46
N GLU E 386 -1.53 -14.46 17.20
CA GLU E 386 -2.89 -13.98 17.48
C GLU E 386 -3.73 -13.94 16.22
N ARG E 387 -3.23 -13.30 15.16
CA ARG E 387 -3.94 -13.16 13.90
C ARG E 387 -3.10 -13.79 12.81
N GLU E 388 -3.21 -15.12 12.71
CA GLU E 388 -2.58 -15.93 11.67
C GLU E 388 -1.07 -15.83 11.69
N GLY E 389 -0.48 -15.52 12.85
CA GLY E 389 0.94 -15.36 12.96
C GLY E 389 1.43 -13.93 13.00
N GLU E 390 0.62 -12.96 12.58
CA GLU E 390 1.09 -11.59 12.64
C GLU E 390 0.77 -10.93 13.98
N GLY E 391 0.00 -11.60 14.83
CA GLY E 391 -0.08 -11.26 16.24
C GLY E 391 -1.06 -10.16 16.58
N ASP E 392 -1.14 -9.88 17.87
CA ASP E 392 -2.10 -8.92 18.43
C ASP E 392 -1.49 -7.52 18.41
N PRO E 393 -2.07 -6.57 17.68
CA PRO E 393 -1.37 -5.30 17.45
C PRO E 393 -1.07 -4.51 18.71
N LYS E 394 -1.92 -4.56 19.74
CA LYS E 394 -1.56 -3.86 20.97
C LYS E 394 -0.59 -4.66 21.83
N TRP E 395 -0.42 -5.96 21.56
CA TRP E 395 0.59 -6.78 22.23
C TRP E 395 1.90 -6.76 21.46
N VAL E 396 1.86 -7.00 20.14
CA VAL E 396 3.08 -6.98 19.33
C VAL E 396 3.61 -5.56 19.20
N LEU E 397 2.70 -4.59 19.07
CA LEU E 397 3.05 -3.18 19.02
C LEU E 397 4.14 -2.94 17.99
N LYS E 398 3.86 -3.41 16.76
CA LYS E 398 4.70 -3.23 15.57
C LYS E 398 6.16 -3.59 15.77
N GLN E 399 6.46 -4.42 16.76
CA GLN E 399 7.84 -4.77 16.99
C GLN E 399 8.31 -5.72 15.90
N SER E 400 9.54 -5.51 15.44
CA SER E 400 10.13 -6.35 14.41
C SER E 400 10.15 -7.81 14.86
N PRO E 401 9.65 -8.74 14.04
CA PRO E 401 9.48 -10.13 14.51
C PRO E 401 10.76 -10.76 15.02
N GLY E 402 11.92 -10.40 14.45
CA GLY E 402 13.16 -10.91 14.98
C GLY E 402 13.32 -10.60 16.46
N THR E 403 13.09 -9.34 16.84
CA THR E 403 13.19 -8.96 18.24
C THR E 403 12.14 -9.67 19.08
N LEU E 404 10.96 -9.92 18.49
CA LEU E 404 9.91 -10.61 19.22
C LEU E 404 10.28 -12.06 19.48
N ARG E 405 10.68 -12.78 18.43
CA ARG E 405 11.02 -14.16 18.67
C ARG E 405 12.28 -14.29 19.51
N ALA E 406 13.14 -13.26 19.49
CA ALA E 406 14.29 -13.25 20.40
C ALA E 406 13.84 -13.21 21.85
N PHE E 407 12.96 -12.26 22.19
CA PHE E 407 12.34 -12.23 23.50
C PHE E 407 11.67 -13.57 23.83
N THR E 408 10.89 -14.09 22.88
CA THR E 408 10.25 -15.39 23.07
C THR E 408 11.29 -16.50 23.28
N ARG E 409 12.32 -16.54 22.42
CA ARG E 409 13.19 -17.71 22.43
C ARG E 409 14.07 -17.78 23.67
N ARG E 410 14.42 -16.62 24.25
CA ARG E 410 15.20 -16.64 25.48
C ARG E 410 14.34 -17.03 26.68
N LEU E 411 13.08 -16.58 26.70
CA LEU E 411 12.13 -17.09 27.69
C LEU E 411 11.97 -18.59 27.57
N ARG E 412 11.82 -19.09 26.35
CA ARG E 412 11.70 -20.54 26.16
C ARG E 412 12.96 -21.26 26.63
N GLY E 413 14.14 -20.65 26.40
CA GLY E 413 15.37 -21.30 26.82
C GLY E 413 15.48 -21.43 28.32
N VAL E 414 15.04 -20.40 29.04
CA VAL E 414 15.16 -20.36 30.50
C VAL E 414 13.99 -20.99 31.22
N GLN E 415 12.95 -21.41 30.50
CA GLN E 415 11.71 -21.83 31.17
C GLN E 415 11.91 -23.12 31.97
N LYS E 416 12.67 -24.07 31.43
CA LYS E 416 12.84 -25.35 32.08
C LYS E 416 13.54 -25.19 33.43
N TYR E 417 14.46 -24.23 33.53
CA TYR E 417 15.23 -24.06 34.77
C TYR E 417 14.46 -23.22 35.79
N LEU E 418 13.71 -22.22 35.33
CA LEU E 418 12.95 -21.31 36.19
C LEU E 418 11.54 -21.80 36.49
N SER E 419 11.07 -22.84 35.82
CA SER E 419 9.67 -23.27 36.01
C SER E 419 9.37 -23.70 37.43
N PRO E 420 10.15 -24.57 38.09
CA PRO E 420 9.74 -25.00 39.44
C PRO E 420 9.69 -23.86 40.44
N LEU E 421 10.44 -22.78 40.22
CA LEU E 421 10.45 -21.66 41.17
C LEU E 421 9.16 -20.86 41.09
N ILE E 422 8.66 -20.61 39.89
CA ILE E 422 7.47 -19.80 39.68
C ILE E 422 6.31 -20.74 39.40
N ARG E 423 5.42 -20.89 40.37
CA ARG E 423 4.29 -21.79 40.27
C ARG E 423 2.99 -20.99 40.39
N GLY E 424 2.06 -21.25 39.48
CA GLY E 424 0.73 -20.67 39.56
C GLY E 424 -0.29 -21.69 40.03
N ASP E 425 0.10 -22.96 40.07
CA ASP E 425 -0.78 -24.03 40.51
C ASP E 425 -0.94 -24.08 42.02
N LEU E 426 -0.12 -23.37 42.77
CA LEU E 426 -0.19 -23.43 44.22
C LEU E 426 -1.38 -22.64 44.74
N THR E 427 -1.82 -23.02 45.93
CA THR E 427 -2.95 -22.40 46.60
C THR E 427 -2.49 -21.17 47.37
N PRO E 428 -3.42 -20.29 47.77
CA PRO E 428 -3.00 -19.03 48.40
C PRO E 428 -2.22 -19.20 49.69
N GLU E 429 -2.60 -20.17 50.54
CA GLU E 429 -1.89 -20.32 51.80
C GLU E 429 -0.48 -20.85 51.59
N GLN E 430 -0.31 -21.84 50.70
CA GLN E 430 1.03 -22.34 50.41
C GLN E 430 1.93 -21.23 49.87
N ALA E 431 1.36 -20.34 49.05
CA ALA E 431 2.14 -19.25 48.48
C ALA E 431 2.55 -18.25 49.56
N GLU E 432 1.60 -17.82 50.40
CA GLU E 432 1.93 -16.87 51.45
C GLU E 432 2.94 -17.45 52.42
N GLY E 433 2.89 -18.75 52.68
CA GLY E 433 3.84 -19.35 53.59
C GLY E 433 5.22 -19.48 52.97
N TYR E 434 5.29 -19.91 51.72
CA TYR E 434 6.56 -20.15 51.05
C TYR E 434 7.17 -18.90 50.42
N ARG E 435 6.50 -17.76 50.50
CA ARG E 435 7.01 -16.56 49.82
C ARG E 435 8.31 -16.11 50.47
N PRO E 436 9.32 -15.74 49.68
CA PRO E 436 10.64 -15.37 50.24
C PRO E 436 10.62 -13.97 50.81
N ASP E 437 10.77 -13.86 52.13
CA ASP E 437 10.92 -12.58 52.81
C ASP E 437 12.25 -12.50 53.53
N PRO E 438 13.27 -11.86 52.94
CA PRO E 438 14.55 -11.69 53.63
C PRO E 438 14.48 -10.76 54.81
N LEU E 439 13.40 -9.99 54.93
CA LEU E 439 13.16 -9.14 56.08
C LEU E 439 12.07 -9.69 56.96
N ARG E 440 12.01 -11.02 57.12
CA ARG E 440 11.05 -11.66 58.06
C ARG E 440 11.32 -11.09 59.46
N ARG E 441 10.26 -10.94 60.24
CA ARG E 441 10.23 -10.37 61.61
C ARG E 441 11.37 -10.83 62.53
N GLY E 442 11.56 -12.13 62.74
CA GLY E 442 12.50 -12.60 63.77
C GLY E 442 13.69 -13.35 63.22
N ILE E 443 14.18 -12.93 62.05
CA ILE E 443 15.31 -13.57 61.31
C ILE E 443 16.39 -12.49 61.17
N GLN E 444 17.64 -12.81 61.56
CA GLN E 444 18.70 -11.81 61.51
C GLN E 444 19.58 -12.01 60.31
N LEU E 445 19.66 -13.26 59.87
CA LEU E 445 20.41 -13.67 58.71
C LEU E 445 19.54 -14.55 57.83
N THR E 446 19.48 -14.22 56.55
CA THR E 446 18.70 -14.97 55.58
C THR E 446 19.66 -15.54 54.53
N VAL E 447 19.64 -16.86 54.36
CA VAL E 447 20.47 -17.55 53.39
C VAL E 447 19.56 -18.11 52.30
N VAL E 448 19.85 -17.76 51.05
CA VAL E 448 19.03 -18.14 49.91
C VAL E 448 19.80 -19.13 49.06
N ASP E 449 19.27 -20.33 48.96
CA ASP E 449 19.98 -21.44 48.34
C ASP E 449 19.68 -21.47 46.86
N ILE E 450 20.68 -21.09 46.08
CA ILE E 450 20.52 -21.08 44.63
C ILE E 450 21.58 -21.93 43.93
N HIS E 451 22.33 -22.77 44.66
CA HIS E 451 23.41 -23.50 44.01
C HIS E 451 22.94 -24.62 43.06
N ALA E 452 21.71 -25.13 43.25
CA ALA E 452 21.13 -26.09 42.32
C ALA E 452 20.43 -25.44 41.13
N LEU E 453 20.15 -24.14 41.21
CA LEU E 453 19.57 -23.43 40.08
C LEU E 453 20.62 -23.20 38.99
N SER E 454 20.13 -22.87 37.79
CA SER E 454 21.00 -22.62 36.66
C SER E 454 21.63 -21.23 36.74
N ALA E 455 22.58 -20.96 35.84
CA ALA E 455 23.22 -19.64 35.82
C ALA E 455 22.23 -18.53 35.51
N HIS E 456 21.08 -18.86 34.94
CA HIS E 456 20.03 -17.88 34.71
C HIS E 456 19.06 -17.81 35.88
N ALA E 457 18.66 -18.95 36.43
CA ALA E 457 17.78 -18.97 37.58
C ALA E 457 18.44 -18.31 38.79
N GLN E 458 19.73 -18.57 39.01
CA GLN E 458 20.48 -17.83 40.02
C GLN E 458 20.36 -16.34 39.79
N MET E 459 20.68 -15.89 38.58
CA MET E 459 20.60 -14.47 38.26
C MET E 459 19.21 -13.92 38.46
N PHE E 460 18.17 -14.72 38.18
CA PHE E 460 16.81 -14.26 38.40
C PHE E 460 16.55 -14.01 39.88
N VAL E 461 16.65 -15.07 40.68
CA VAL E 461 16.33 -14.97 42.11
C VAL E 461 17.11 -13.84 42.77
N VAL E 462 18.41 -13.73 42.47
CA VAL E 462 19.22 -12.63 43.03
C VAL E 462 18.64 -11.28 42.60
N GLY E 463 18.16 -11.20 41.37
CA GLY E 463 17.58 -9.97 40.85
C GLY E 463 16.36 -9.50 41.61
N VAL E 464 15.33 -10.34 41.72
CA VAL E 464 14.08 -9.90 42.31
C VAL E 464 14.22 -9.77 43.83
N LEU E 465 15.02 -10.65 44.45
CA LEU E 465 15.18 -10.58 45.91
C LEU E 465 15.85 -9.27 46.32
N LEU E 466 16.98 -8.94 45.69
CA LEU E 466 17.65 -7.66 45.97
C LEU E 466 16.73 -6.48 45.66
N ARG E 467 16.10 -6.50 44.48
CA ARG E 467 15.16 -5.43 44.15
C ARG E 467 14.05 -5.32 45.18
N GLU E 468 13.53 -6.46 45.65
CA GLU E 468 12.47 -6.43 46.64
C GLU E 468 12.91 -5.69 47.89
N VAL E 469 14.13 -5.98 48.36
CA VAL E 469 14.64 -5.33 49.58
C VAL E 469 14.87 -3.85 49.33
N PHE E 470 15.41 -3.51 48.17
CA PHE E 470 15.65 -2.11 47.87
C PHE E 470 14.33 -1.34 47.73
N GLU E 471 13.36 -1.91 47.02
CA GLU E 471 12.05 -1.28 46.91
C GLU E 471 11.44 -1.05 48.28
N TYR E 472 11.63 -2.00 49.20
CA TYR E 472 11.08 -1.87 50.55
C TYR E 472 11.75 -0.73 51.31
N LYS E 473 13.06 -0.56 51.11
CA LYS E 473 13.75 0.51 51.82
C LYS E 473 13.36 1.87 51.27
N GLU E 474 13.13 1.97 49.95
CA GLU E 474 12.61 3.20 49.38
C GLU E 474 11.27 3.56 50.02
N ARG E 475 10.35 2.58 50.05
CA ARG E 475 9.00 2.84 50.55
C ARG E 475 8.99 3.19 52.03
N VAL E 476 9.80 2.49 52.83
CA VAL E 476 9.62 2.51 54.28
C VAL E 476 10.60 3.46 54.96
N GLY E 477 11.85 3.41 54.57
CA GLY E 477 12.83 4.31 55.14
C GLY E 477 13.98 3.57 55.80
N ARG E 478 14.74 4.31 56.58
CA ARG E 478 16.10 3.91 56.89
C ARG E 478 16.41 3.98 58.39
N GLN E 479 15.75 3.16 59.21
CA GLN E 479 16.22 2.94 60.57
C GLN E 479 16.55 1.48 60.81
N ASP E 480 16.61 0.67 59.75
CA ASP E 480 17.08 -0.71 59.81
C ASP E 480 18.17 -0.89 58.77
N THR E 481 19.36 -1.30 59.19
CA THR E 481 20.42 -1.63 58.24
C THR E 481 20.22 -3.05 57.75
N VAL E 482 20.30 -3.23 56.43
CA VAL E 482 20.24 -4.54 55.81
C VAL E 482 21.58 -4.79 55.14
N PHE E 483 22.19 -5.92 55.44
CA PHE E 483 23.49 -6.27 54.90
C PHE E 483 23.33 -7.32 53.80
N VAL E 484 23.93 -7.07 52.65
CA VAL E 484 23.89 -7.97 51.51
C VAL E 484 25.30 -8.47 51.28
N VAL E 485 25.50 -9.78 51.44
CA VAL E 485 26.80 -10.41 51.24
C VAL E 485 26.76 -11.13 49.90
N LEU E 486 27.47 -10.60 48.91
CA LEU E 486 27.41 -11.08 47.54
C LEU E 486 28.81 -11.42 47.05
N ASP E 487 29.05 -12.70 46.78
CA ASP E 487 30.30 -13.20 46.20
C ASP E 487 30.24 -13.10 44.68
N GLU E 488 31.36 -13.41 44.05
CA GLU E 488 31.48 -13.41 42.59
C GLU E 488 30.90 -12.13 41.99
N LEU E 489 31.37 -10.98 42.50
CA LEU E 489 30.84 -9.71 42.04
C LEU E 489 31.07 -9.48 40.55
N ASN E 490 31.94 -10.27 39.92
CA ASN E 490 32.24 -10.05 38.51
C ASN E 490 31.07 -10.51 37.62
N LYS E 491 30.46 -11.65 37.94
CA LYS E 491 29.36 -12.12 37.09
C LYS E 491 28.09 -11.30 37.33
N TYR E 492 27.86 -10.84 38.56
CA TYR E 492 26.62 -10.13 38.86
C TYR E 492 26.65 -8.69 38.35
N ALA E 493 27.79 -8.01 38.48
CA ALA E 493 27.95 -6.64 38.00
C ALA E 493 29.21 -6.58 37.16
N PRO E 494 29.16 -7.06 35.91
CA PRO E 494 30.36 -7.05 35.06
C PRO E 494 30.83 -5.63 34.79
N ARG E 495 32.11 -5.50 34.41
CA ARG E 495 32.65 -4.17 34.15
C ARG E 495 32.02 -3.55 32.92
N GLU E 496 31.86 -4.32 31.85
CA GLU E 496 31.42 -3.76 30.57
C GLU E 496 29.99 -4.12 30.20
N GLY E 497 29.47 -5.27 30.65
CA GLY E 497 28.09 -5.63 30.36
C GLY E 497 27.09 -4.63 30.92
N ASP E 498 25.81 -4.92 30.68
CA ASP E 498 24.74 -4.09 31.23
C ASP E 498 23.52 -4.99 31.43
N SER E 499 23.12 -5.18 32.68
CA SER E 499 22.03 -6.07 33.04
C SER E 499 21.19 -5.42 34.12
N PRO E 500 19.95 -5.89 34.31
CA PRO E 500 19.12 -5.30 35.39
C PRO E 500 19.59 -5.68 36.77
N ILE E 501 20.11 -6.90 36.95
CA ILE E 501 20.66 -7.31 38.24
C ILE E 501 21.88 -6.48 38.59
N LYS E 502 22.64 -6.07 37.57
CA LYS E 502 23.70 -5.09 37.80
C LYS E 502 23.12 -3.72 38.13
N ASP E 503 21.91 -3.43 37.63
CA ASP E 503 21.29 -2.14 37.92
C ASP E 503 20.83 -2.04 39.37
N VAL E 504 20.35 -3.14 39.95
CA VAL E 504 19.93 -3.10 41.35
C VAL E 504 21.15 -3.03 42.26
N LEU E 505 22.23 -3.71 41.87
CA LEU E 505 23.48 -3.55 42.59
C LEU E 505 24.01 -2.12 42.49
N LEU E 506 23.83 -1.48 41.33
CA LEU E 506 24.20 -0.09 41.19
C LEU E 506 23.37 0.79 42.13
N ASP E 507 22.06 0.56 42.17
CA ASP E 507 21.20 1.30 43.10
C ASP E 507 21.67 1.12 44.54
N ILE E 508 22.09 -0.09 44.90
CA ILE E 508 22.51 -0.36 46.27
C ILE E 508 23.83 0.36 46.58
N ALA E 509 24.75 0.40 45.62
CA ALA E 509 26.04 1.02 45.87
C ALA E 509 25.92 2.54 45.94
N GLU E 510 25.18 3.13 44.99
CA GLU E 510 25.10 4.59 44.91
C GLU E 510 24.10 5.17 45.90
N ARG E 511 23.01 4.47 46.19
CA ARG E 511 21.97 5.00 47.07
C ARG E 511 21.83 4.26 48.40
N GLY E 512 22.47 3.10 48.55
CA GLY E 512 22.22 2.29 49.73
C GLY E 512 22.79 2.85 51.02
N ARG E 513 23.61 3.90 50.93
CA ARG E 513 24.10 4.55 52.15
C ARG E 513 22.98 5.28 52.87
N SER E 514 22.27 6.15 52.16
CA SER E 514 21.14 6.86 52.74
C SER E 514 19.88 6.01 52.85
N LEU E 515 19.88 4.79 52.30
CA LEU E 515 18.72 3.92 52.38
C LEU E 515 18.84 2.85 53.45
N GLY E 516 20.05 2.57 53.92
CA GLY E 516 20.27 1.53 54.91
C GLY E 516 20.60 0.16 54.36
N ILE E 517 20.95 0.06 53.08
CA ILE E 517 21.36 -1.19 52.46
C ILE E 517 22.86 -1.14 52.24
N ILE E 518 23.59 -2.05 52.87
CA ILE E 518 25.04 -2.05 52.84
C ILE E 518 25.53 -3.31 52.15
N LEU E 519 26.44 -3.14 51.20
CA LEU E 519 26.92 -4.25 50.39
C LEU E 519 28.28 -4.71 50.89
N ILE E 520 28.37 -5.99 51.22
CA ILE E 520 29.66 -6.64 51.44
C ILE E 520 29.92 -7.57 50.26
N GLY E 521 30.54 -7.04 49.21
CA GLY E 521 30.75 -7.77 47.98
C GLY E 521 32.18 -8.27 47.84
N ALA E 522 32.36 -9.39 47.17
CA ALA E 522 33.68 -9.99 46.98
C ALA E 522 33.82 -10.48 45.55
N GLN E 523 35.05 -10.41 45.04
CA GLN E 523 35.38 -10.88 43.71
C GLN E 523 36.86 -11.19 43.68
N GLN E 524 37.27 -11.98 42.68
CA GLN E 524 38.68 -12.32 42.59
C GLN E 524 39.51 -11.10 42.19
N THR E 525 39.01 -10.29 41.27
CA THR E 525 39.70 -9.07 40.87
C THR E 525 38.71 -7.95 40.66
N ALA E 526 38.96 -6.82 41.32
CA ALA E 526 38.09 -5.66 41.19
C ALA E 526 38.05 -5.12 39.77
N SER E 527 39.08 -5.40 38.97
CA SER E 527 39.13 -4.85 37.63
C SER E 527 38.05 -5.44 36.73
N GLU E 528 37.49 -6.58 37.09
CA GLU E 528 36.42 -7.18 36.30
C GLU E 528 35.03 -6.76 36.75
N VAL E 529 34.93 -5.91 37.78
CA VAL E 529 33.65 -5.46 38.33
C VAL E 529 33.45 -4.01 37.95
N GLU E 530 32.18 -3.63 37.81
CA GLU E 530 31.81 -2.26 37.45
C GLU E 530 32.57 -1.25 38.29
N ARG E 531 33.08 -0.21 37.62
CA ARG E 531 33.83 0.82 38.33
C ARG E 531 33.01 1.47 39.41
N ARG E 532 31.70 1.62 39.19
CA ARG E 532 30.87 2.35 40.14
C ARG E 532 30.56 1.54 41.40
N ILE E 533 30.60 0.20 41.31
CA ILE E 533 30.39 -0.62 42.50
C ILE E 533 31.64 -0.59 43.39
N VAL E 534 32.81 -0.81 42.80
CA VAL E 534 34.05 -0.82 43.57
C VAL E 534 34.35 0.57 44.11
N SER E 535 33.99 1.62 43.37
CA SER E 535 34.31 2.99 43.78
C SER E 535 33.55 3.39 45.05
N ASN E 536 32.32 2.95 45.18
CA ASN E 536 31.48 3.31 46.32
C ASN E 536 31.72 2.46 47.56
N ALA E 537 32.79 1.67 47.58
CA ALA E 537 33.13 0.88 48.76
C ALA E 537 34.10 1.68 49.63
N ALA E 538 33.69 1.94 50.87
CA ALA E 538 34.54 2.70 51.78
C ALA E 538 35.64 1.85 52.39
N ILE E 539 35.37 0.56 52.61
CA ILE E 539 36.34 -0.37 53.17
C ILE E 539 36.77 -1.31 52.06
N ARG E 540 38.08 -1.38 51.83
CA ARG E 540 38.67 -2.26 50.82
C ARG E 540 39.59 -3.24 51.53
N VAL E 541 39.26 -4.52 51.43
CA VAL E 541 40.05 -5.59 52.02
C VAL E 541 40.61 -6.45 50.91
N VAL E 542 41.81 -7.01 51.13
CA VAL E 542 42.54 -7.74 50.11
C VAL E 542 43.08 -9.02 50.74
N GLY E 543 42.83 -10.16 50.08
CA GLY E 543 43.44 -11.42 50.43
C GLY E 543 44.69 -11.65 49.61
N ARG E 544 45.11 -12.92 49.52
CA ARG E 544 46.23 -13.21 48.65
C ARG E 544 45.89 -12.80 47.21
N LEU E 545 46.60 -11.82 46.69
CA LEU E 545 46.29 -11.28 45.38
C LEU E 545 47.16 -11.93 44.31
N ASP E 546 46.59 -12.04 43.12
CA ASP E 546 47.35 -12.49 41.96
C ASP E 546 48.48 -11.51 41.67
N LEU E 547 49.65 -12.06 41.33
CA LEU E 547 50.82 -11.22 41.07
C LEU E 547 50.54 -10.20 39.97
N ALA E 548 49.77 -10.60 38.95
CA ALA E 548 49.47 -9.70 37.84
C ALA E 548 48.56 -8.56 38.26
N GLU E 549 47.61 -8.85 39.16
CA GLU E 549 46.56 -7.89 39.48
C GLU E 549 46.97 -6.85 40.51
N ALA E 550 48.05 -7.10 41.27
CA ALA E 550 48.43 -6.16 42.32
C ALA E 550 48.86 -4.81 41.77
N GLU E 551 49.45 -4.80 40.57
CA GLU E 551 49.89 -3.55 39.96
C GLU E 551 48.81 -2.89 39.11
N ARG E 552 47.63 -3.52 38.99
CA ARG E 552 46.54 -2.96 38.21
C ARG E 552 46.11 -1.60 38.77
N PRO E 553 45.42 -0.80 37.95
CA PRO E 553 44.92 0.50 38.45
C PRO E 553 43.90 0.38 39.57
N GLU E 554 43.18 -0.73 39.67
CA GLU E 554 42.17 -0.85 40.70
C GLU E 554 42.75 -1.14 42.09
N TYR E 555 44.05 -1.45 42.18
CA TYR E 555 44.66 -1.80 43.45
C TYR E 555 45.86 -0.90 43.75
N ARG E 556 45.79 0.37 43.36
CA ARG E 556 46.85 1.30 43.70
C ARG E 556 46.82 1.71 45.17
N PHE E 557 45.69 1.49 45.85
CA PHE E 557 45.63 1.78 47.28
C PHE E 557 46.54 0.85 48.08
N LEU E 558 47.10 -0.18 47.46
CA LEU E 558 48.18 -0.94 48.07
C LEU E 558 49.52 -0.36 47.65
N PRO E 559 50.31 0.20 48.56
CA PRO E 559 51.64 0.68 48.19
C PRO E 559 52.50 -0.43 47.63
N GLN E 560 53.44 -0.03 46.77
CA GLN E 560 54.32 -1.00 46.14
C GLN E 560 55.03 -1.88 47.16
N SER E 561 55.23 -1.37 48.38
CA SER E 561 55.86 -2.18 49.42
C SER E 561 55.03 -3.43 49.73
N PHE E 562 53.72 -3.33 49.60
CA PHE E 562 52.84 -4.41 50.02
C PHE E 562 52.67 -5.46 48.94
N ARG E 563 52.78 -5.08 47.66
CA ARG E 563 52.38 -5.95 46.57
C ARG E 563 53.12 -7.28 46.62
N GLY E 564 54.44 -7.24 46.80
CA GLY E 564 55.19 -8.48 46.92
C GLY E 564 54.76 -9.30 48.11
N ARG E 565 54.46 -8.63 49.23
CA ARG E 565 53.98 -9.33 50.42
C ARG E 565 52.60 -9.92 50.18
N ALA E 566 51.75 -9.20 49.43
CA ALA E 566 50.38 -9.65 49.20
C ALA E 566 50.31 -10.86 48.28
N GLY E 567 51.35 -11.11 47.48
CA GLY E 567 51.36 -12.28 46.62
C GLY E 567 51.48 -13.59 47.35
N ILE E 568 51.98 -13.56 48.59
CA ILE E 568 52.18 -14.77 49.37
C ILE E 568 51.43 -14.74 50.71
N LEU E 569 50.45 -13.85 50.84
CA LEU E 569 49.66 -13.80 52.06
C LEU E 569 48.98 -15.14 52.30
N GLN E 570 49.06 -15.62 53.53
CA GLN E 570 48.45 -16.91 53.82
C GLN E 570 46.94 -16.83 54.03
N PRO E 571 46.21 -17.92 53.78
CA PRO E 571 44.77 -17.92 54.08
C PRO E 571 44.51 -17.59 55.54
N GLY E 572 43.47 -16.78 55.77
CA GLY E 572 43.18 -16.23 57.07
C GLY E 572 43.86 -14.91 57.35
N THR E 573 44.64 -14.41 56.40
CA THR E 573 45.38 -13.16 56.55
C THR E 573 44.89 -12.19 55.48
N MET E 574 44.42 -11.01 55.92
CA MET E 574 43.88 -10.02 55.01
C MET E 574 44.51 -8.66 55.31
N LEU E 575 44.46 -7.79 54.30
CA LEU E 575 44.86 -6.40 54.40
C LEU E 575 43.60 -5.55 54.31
N VAL E 576 43.25 -4.87 55.40
CA VAL E 576 42.09 -3.98 55.38
C VAL E 576 42.59 -2.56 55.19
N SER E 577 41.84 -1.79 54.39
CA SER E 577 42.09 -0.38 54.19
C SER E 577 40.80 0.36 54.44
N GLN E 578 40.84 1.33 55.35
CA GLN E 578 39.68 2.14 55.70
C GLN E 578 40.05 3.61 55.61
N PRO E 579 39.06 4.49 55.38
CA PRO E 579 39.39 5.90 55.17
C PRO E 579 40.12 6.55 56.34
N ASP E 580 39.85 6.12 57.58
CA ASP E 580 40.44 6.78 58.74
C ASP E 580 41.95 6.59 58.78
N VAL E 581 42.43 5.41 58.41
CA VAL E 581 43.85 5.07 58.47
C VAL E 581 44.40 5.05 57.05
N PRO E 582 45.46 5.82 56.75
CA PRO E 582 45.86 6.03 55.36
C PRO E 582 46.65 4.88 54.74
N ASN E 583 46.84 3.79 55.46
CA ASN E 583 47.60 2.67 54.93
C ASN E 583 46.84 1.38 55.15
N PRO E 584 46.98 0.43 54.23
CA PRO E 584 46.51 -0.93 54.51
C PRO E 584 47.26 -1.51 55.71
N VAL E 585 46.51 -2.14 56.61
CA VAL E 585 47.08 -2.78 57.78
C VAL E 585 46.75 -4.26 57.72
N LEU E 586 47.71 -5.09 58.13
CA LEU E 586 47.54 -6.54 58.06
C LEU E 586 46.82 -7.03 59.29
N VAL E 587 45.90 -7.98 59.10
CA VAL E 587 45.17 -8.54 60.24
C VAL E 587 45.03 -10.05 60.06
N ASN E 588 44.85 -10.73 61.20
CA ASN E 588 44.36 -12.11 61.23
C ASN E 588 42.96 -12.12 61.83
N TYR E 589 42.14 -13.08 61.40
CA TYR E 589 40.84 -13.26 62.01
C TYR E 589 40.60 -14.74 62.25
N PRO E 590 39.83 -15.08 63.27
CA PRO E 590 39.75 -16.49 63.71
C PRO E 590 39.16 -17.40 62.65
N PHE E 591 39.19 -18.68 62.95
CA PHE E 591 38.48 -19.65 62.15
C PHE E 591 36.98 -19.52 62.39
N PRO E 592 36.16 -19.90 61.43
CA PRO E 592 34.71 -19.75 61.59
C PRO E 592 34.20 -20.56 62.77
N ALA E 593 33.49 -19.88 63.68
CA ALA E 593 32.75 -20.58 64.73
C ALA E 593 31.56 -21.34 64.15
N TRP E 594 30.99 -20.82 63.07
CA TRP E 594 29.92 -21.46 62.34
C TRP E 594 30.48 -22.51 61.39
N ALA E 595 29.79 -23.64 61.28
CA ALA E 595 30.24 -24.67 60.35
C ALA E 595 30.04 -24.22 58.91
N THR E 596 31.07 -24.42 58.08
CA THR E 596 31.02 -24.07 56.67
C THR E 596 30.96 -25.29 55.76
N ARG E 597 30.70 -26.47 56.31
CA ARG E 597 30.63 -27.70 55.53
C ARG E 597 29.79 -28.69 56.32
N ARG E 598 29.40 -29.78 55.66
CA ARG E 598 28.56 -30.79 56.31
C ARG E 598 29.27 -31.47 57.47
N ASP E 599 30.48 -31.98 57.21
CA ASP E 599 31.19 -32.76 58.22
C ASP E 599 31.71 -31.90 59.37
N GLU E 600 31.69 -30.57 59.25
CA GLU E 600 32.15 -29.73 60.35
C GLU E 600 31.18 -29.75 61.54
N VAL E 601 29.92 -30.16 61.32
CA VAL E 601 28.99 -30.46 62.41
C VAL E 601 29.05 -31.96 62.71
N ASP E 602 29.32 -32.32 63.97
CA ASP E 602 29.31 -33.71 64.38
C ASP E 602 28.56 -33.88 65.71
N ASP E 603 27.73 -34.91 65.79
CA ASP E 603 26.82 -35.12 66.93
C ASP E 603 27.28 -36.25 67.86
N ASP F 13 74.95 -32.12 55.86
CA ASP F 13 73.50 -32.06 55.72
C ASP F 13 73.06 -30.68 55.26
N ALA F 14 73.82 -29.67 55.67
CA ALA F 14 73.53 -28.29 55.32
C ALA F 14 74.10 -27.94 53.94
N ILE F 15 73.54 -26.89 53.36
CA ILE F 15 73.88 -26.50 52.00
C ILE F 15 74.63 -25.16 51.93
N GLY F 16 74.39 -24.25 52.87
CA GLY F 16 75.07 -22.97 52.85
C GLY F 16 74.76 -22.15 54.08
N MET F 17 75.21 -20.89 54.05
CA MET F 17 74.95 -19.92 55.11
C MET F 17 74.37 -18.63 54.53
N VAL F 18 73.43 -18.03 55.28
CA VAL F 18 72.81 -16.78 54.85
C VAL F 18 73.86 -15.69 54.73
N LEU F 19 73.90 -15.03 53.58
CA LEU F 19 74.91 -14.03 53.31
C LEU F 19 74.54 -12.71 53.97
N GLY F 20 75.56 -11.91 54.27
CA GLY F 20 75.33 -10.59 54.82
C GLY F 20 75.71 -9.50 53.83
N THR F 21 76.48 -9.88 52.81
CA THR F 21 76.95 -8.90 51.84
C THR F 21 75.80 -8.37 50.97
N GLU F 22 74.75 -9.16 50.80
CA GLU F 22 73.51 -8.69 50.21
C GLU F 22 72.46 -8.51 51.30
N ASP F 23 71.49 -7.65 51.04
CA ASP F 23 70.43 -7.43 52.02
C ASP F 23 69.71 -8.74 52.32
N VAL F 24 69.21 -8.84 53.54
CA VAL F 24 68.42 -9.98 53.97
C VAL F 24 67.04 -9.45 54.36
N THR F 25 66.05 -9.69 53.53
CA THR F 25 64.67 -9.31 53.81
C THR F 25 63.82 -10.57 54.01
N PRO F 26 62.66 -10.44 54.66
CA PRO F 26 61.79 -11.61 54.85
C PRO F 26 61.25 -12.19 53.55
N THR F 27 61.20 -11.41 52.48
CA THR F 27 60.67 -11.87 51.20
C THR F 27 61.74 -12.47 50.30
N VAL F 28 62.96 -11.93 50.34
CA VAL F 28 64.08 -12.41 49.55
C VAL F 28 65.37 -12.26 50.34
N PHE F 29 66.36 -13.10 50.03
CA PHE F 29 67.68 -13.01 50.64
C PHE F 29 68.62 -13.92 49.86
N TRP F 30 69.92 -13.74 50.10
CA TRP F 30 70.98 -14.51 49.49
C TRP F 30 71.66 -15.38 50.54
N PHE F 31 72.32 -16.45 50.08
CA PHE F 31 73.13 -17.29 50.94
C PHE F 31 74.31 -17.82 50.14
N ALA F 32 75.40 -18.13 50.83
CA ALA F 32 76.64 -18.58 50.18
C ALA F 32 76.67 -20.10 50.15
N VAL F 33 76.83 -20.67 48.96
CA VAL F 33 76.81 -22.12 48.83
C VAL F 33 78.04 -22.71 49.48
N SER F 34 77.83 -23.66 50.39
CA SER F 34 78.94 -24.35 51.01
C SER F 34 79.73 -25.13 49.97
N HIS F 35 81.00 -25.40 50.28
CA HIS F 35 81.80 -26.21 49.40
C HIS F 35 81.32 -27.65 49.41
N GLY F 36 81.29 -28.27 48.24
CA GLY F 36 80.83 -29.63 48.12
C GLY F 36 79.33 -29.78 47.93
N ALA F 37 78.61 -28.68 47.79
CA ALA F 37 77.18 -28.73 47.53
C ALA F 37 76.89 -28.06 46.19
N SER F 38 75.89 -28.58 45.48
CA SER F 38 75.41 -27.97 44.25
C SER F 38 74.04 -27.36 44.51
N VAL F 39 73.80 -26.18 43.95
CA VAL F 39 72.51 -25.52 44.06
C VAL F 39 71.98 -25.29 42.65
N GLY F 40 70.91 -26.04 42.31
CA GLY F 40 70.21 -25.79 41.08
C GLY F 40 69.34 -24.55 41.15
N LEU F 41 69.04 -24.00 39.98
CA LEU F 41 68.33 -22.74 39.92
C LEU F 41 66.96 -22.84 40.59
N ASP F 42 66.25 -23.94 40.41
CA ASP F 42 64.88 -24.02 40.92
C ASP F 42 64.78 -24.70 42.27
N ASP F 43 65.91 -24.94 42.92
CA ASP F 43 65.93 -25.71 44.15
C ASP F 43 65.06 -25.08 45.24
N LEU F 44 64.34 -25.94 45.95
CA LEU F 44 63.55 -25.53 47.11
C LEU F 44 64.41 -25.72 48.36
N VAL F 45 64.48 -24.68 49.19
CA VAL F 45 65.34 -24.69 50.37
C VAL F 45 64.54 -24.24 51.58
N VAL F 46 65.09 -24.54 52.75
CA VAL F 46 64.56 -24.03 54.02
C VAL F 46 65.71 -23.56 54.88
N VAL F 47 65.52 -22.41 55.52
CA VAL F 47 66.46 -21.87 56.49
C VAL F 47 65.68 -21.47 57.73
N GLU F 48 66.21 -21.84 58.90
CA GLU F 48 65.57 -21.56 60.18
C GLU F 48 66.39 -20.54 60.95
N THR F 49 65.74 -19.45 61.36
CA THR F 49 66.34 -18.40 62.16
C THR F 49 65.75 -18.43 63.56
N ARG F 50 66.51 -17.88 64.51
CA ARG F 50 66.12 -17.82 65.91
C ARG F 50 65.81 -16.37 66.28
N LYS F 51 64.63 -16.15 66.87
CA LYS F 51 64.24 -14.82 67.29
C LYS F 51 65.09 -14.40 68.48
N PRO F 52 65.13 -13.10 68.80
CA PRO F 52 65.74 -12.70 70.08
C PRO F 52 65.17 -13.45 71.28
N ASP F 53 63.84 -13.61 71.34
CA ASP F 53 63.28 -14.32 72.49
C ASP F 53 63.47 -15.83 72.41
N GLY F 54 64.18 -16.34 71.41
CA GLY F 54 64.49 -17.73 71.30
C GLY F 54 63.50 -18.57 70.52
N THR F 55 62.35 -18.03 70.16
CA THR F 55 61.42 -18.79 69.32
C THR F 55 62.02 -18.99 67.93
N PRO F 56 61.81 -20.14 67.32
CA PRO F 56 62.29 -20.36 65.95
C PRO F 56 61.29 -19.87 64.91
N VAL F 57 61.83 -19.42 63.79
CA VAL F 57 61.06 -18.98 62.64
C VAL F 57 61.64 -19.65 61.41
N ARG F 58 60.81 -20.37 60.66
CA ARG F 58 61.27 -21.14 59.52
C ARG F 58 60.93 -20.44 58.21
N PHE F 59 61.89 -20.44 57.30
CA PHE F 59 61.74 -19.80 56.00
C PHE F 59 61.87 -20.87 54.92
N TYR F 60 60.79 -21.07 54.16
CA TYR F 60 60.79 -21.95 53.01
C TYR F 60 60.85 -21.11 51.76
N GLY F 61 61.77 -21.47 50.86
CA GLY F 61 61.97 -20.63 49.69
C GLY F 61 62.41 -21.44 48.50
N LEU F 62 62.58 -20.72 47.40
CA LEU F 62 62.92 -21.26 46.10
C LEU F 62 64.06 -20.42 45.54
N VAL F 63 65.05 -21.07 44.95
CA VAL F 63 66.13 -20.34 44.31
C VAL F 63 65.61 -19.75 43.02
N ASP F 64 65.96 -18.49 42.73
CA ASP F 64 65.61 -17.90 41.45
C ASP F 64 66.80 -17.31 40.71
N ASN F 65 67.87 -16.99 41.41
CA ASN F 65 69.11 -16.49 40.84
C ASN F 65 70.26 -17.26 41.46
N VAL F 66 71.29 -17.53 40.66
CA VAL F 66 72.45 -18.27 41.15
C VAL F 66 73.65 -17.88 40.30
N ARG F 67 74.81 -17.76 40.94
CA ARG F 67 75.98 -17.15 40.31
C ARG F 67 77.26 -17.65 40.97
N LYS F 68 78.37 -17.44 40.26
CA LYS F 68 79.70 -17.64 40.80
C LYS F 68 80.54 -16.41 40.46
N ARG F 69 81.41 -16.02 41.39
CA ARG F 69 82.27 -14.87 41.20
C ARG F 69 83.69 -15.19 41.64
N HIS F 70 84.64 -14.50 41.02
CA HIS F 70 86.04 -14.49 41.43
C HIS F 70 86.27 -13.28 42.33
N GLU F 71 86.32 -13.48 43.63
CA GLU F 71 86.22 -12.35 44.55
C GLU F 71 87.54 -11.62 44.76
N GLY F 72 88.68 -12.31 44.61
CA GLY F 72 89.97 -11.75 44.97
C GLY F 72 90.86 -11.29 43.83
N VAL F 73 90.30 -11.21 42.61
CA VAL F 73 91.05 -10.79 41.45
C VAL F 73 90.68 -9.36 41.09
N THR F 74 91.67 -8.62 40.60
CA THR F 74 91.48 -7.25 40.16
C THR F 74 91.36 -7.15 38.64
N PHE F 75 92.33 -7.69 37.90
CA PHE F 75 92.28 -7.73 36.45
C PHE F 75 91.78 -9.09 35.99
N GLU F 76 91.10 -9.12 34.83
CA GLU F 76 90.57 -10.39 34.32
C GLU F 76 91.63 -11.19 33.58
N SER F 77 92.67 -10.53 33.09
CA SER F 77 93.82 -11.24 32.55
C SER F 77 94.52 -12.10 33.60
N ASP F 78 94.18 -11.96 34.89
CA ASP F 78 94.72 -12.81 35.95
C ASP F 78 94.08 -14.19 36.00
N VAL F 79 93.00 -14.42 35.25
CA VAL F 79 92.34 -15.74 35.24
C VAL F 79 93.35 -16.84 34.91
N GLU F 80 94.19 -16.62 33.90
CA GLU F 80 95.14 -17.65 33.50
C GLU F 80 96.09 -18.00 34.65
N ASP F 81 96.58 -16.98 35.38
CA ASP F 81 97.47 -17.26 36.49
C ASP F 81 96.71 -17.89 37.67
N VAL F 82 95.45 -17.49 37.85
CA VAL F 82 94.71 -17.82 39.08
C VAL F 82 94.49 -19.32 39.21
N VAL F 83 94.15 -20.00 38.13
CA VAL F 83 93.90 -21.43 38.19
C VAL F 83 95.17 -22.21 38.51
N ALA F 84 96.34 -21.66 38.21
CA ALA F 84 97.59 -22.31 38.57
C ALA F 84 97.88 -22.23 40.06
N GLY F 85 97.23 -21.31 40.77
CA GLY F 85 97.51 -21.05 42.16
C GLY F 85 98.50 -19.94 42.41
N LEU F 86 99.08 -19.35 41.37
CA LEU F 86 100.03 -18.26 41.53
C LEU F 86 99.45 -17.15 42.40
N LEU F 87 98.27 -16.67 42.07
CA LEU F 87 97.57 -15.68 42.88
C LEU F 87 96.59 -16.40 43.80
N PRO F 88 96.03 -15.69 44.79
CA PRO F 88 95.00 -16.32 45.62
C PRO F 88 93.66 -16.37 44.89
N ALA F 89 93.05 -17.54 44.87
CA ALA F 89 91.81 -17.79 44.14
C ALA F 89 90.69 -18.08 45.12
N SER F 90 89.62 -17.29 45.08
CA SER F 90 88.42 -17.55 45.86
C SER F 90 87.23 -17.57 44.91
N VAL F 91 86.57 -18.72 44.82
CA VAL F 91 85.37 -18.87 44.00
C VAL F 91 84.15 -18.73 44.92
N SER F 92 83.37 -17.67 44.71
CA SER F 92 82.20 -17.37 45.54
C SER F 92 80.95 -17.89 44.85
N TYR F 93 80.33 -18.92 45.43
CA TYR F 93 79.13 -19.56 44.89
C TYR F 93 77.95 -19.10 45.74
N ALA F 94 77.01 -18.38 45.11
CA ALA F 94 75.93 -17.72 45.81
C ALA F 94 74.59 -18.00 45.15
N ALA F 95 73.53 -18.00 45.96
CA ALA F 95 72.18 -18.30 45.51
C ALA F 95 71.22 -17.30 46.12
N ARG F 96 70.22 -16.88 45.34
CA ARG F 96 69.15 -16.02 45.84
C ARG F 96 67.93 -16.88 46.16
N VAL F 97 67.23 -16.54 47.22
CA VAL F 97 66.07 -17.31 47.66
C VAL F 97 64.85 -16.41 47.66
N LEU F 98 63.87 -16.73 46.81
CA LEU F 98 62.58 -16.07 46.80
C LEU F 98 61.66 -16.83 47.76
N VAL F 99 61.35 -16.20 48.89
CA VAL F 99 60.67 -16.88 49.99
C VAL F 99 59.26 -17.25 49.59
N THR F 100 58.88 -18.51 49.81
CA THR F 100 57.51 -18.94 49.58
C THR F 100 56.65 -18.75 50.82
N ARG F 101 57.11 -19.20 51.99
CA ARG F 101 56.35 -18.95 53.20
C ARG F 101 57.20 -19.10 54.45
N VAL F 102 56.66 -18.58 55.55
CA VAL F 102 57.30 -18.54 56.85
C VAL F 102 56.48 -19.42 57.78
N ASP F 103 57.12 -20.45 58.36
CA ASP F 103 56.37 -21.40 59.17
C ASP F 103 55.60 -20.73 60.30
N PRO F 104 56.19 -19.85 61.12
CA PRO F 104 55.35 -19.12 62.07
C PRO F 104 54.67 -17.90 61.47
N GLU F 105 54.93 -17.56 60.21
CA GLU F 105 54.42 -16.32 59.60
C GLU F 105 54.81 -15.11 60.45
N ASN F 106 56.12 -14.88 60.51
CA ASN F 106 56.70 -13.63 60.99
C ASN F 106 57.53 -13.06 59.86
N PHE F 107 57.25 -11.81 59.48
CA PHE F 107 58.01 -11.17 58.41
C PHE F 107 59.20 -10.41 59.01
N ILE F 108 60.12 -11.20 59.58
CA ILE F 108 61.39 -10.70 60.09
C ILE F 108 62.54 -11.28 59.27
N PRO F 109 63.66 -10.58 59.10
CA PRO F 109 64.76 -11.12 58.29
C PRO F 109 65.49 -12.20 59.04
N PRO F 110 65.91 -13.27 58.36
CA PRO F 110 66.84 -14.22 58.97
C PRO F 110 68.19 -13.58 59.23
N GLN F 111 68.92 -14.14 60.18
CA GLN F 111 70.24 -13.58 60.45
C GLN F 111 71.26 -14.12 59.46
N PRO F 112 72.20 -13.28 59.01
CA PRO F 112 73.33 -13.79 58.24
C PRO F 112 74.12 -14.82 59.05
N GLY F 113 74.55 -15.88 58.39
CA GLY F 113 75.19 -17.00 59.05
C GLY F 113 74.25 -18.14 59.37
N ASP F 114 72.94 -17.96 59.23
CA ASP F 114 72.00 -19.06 59.45
C ASP F 114 72.26 -20.18 58.46
N HIS F 115 71.85 -21.38 58.84
CA HIS F 115 72.08 -22.55 58.00
C HIS F 115 70.96 -22.73 56.98
N VAL F 116 71.33 -22.92 55.72
CA VAL F 116 70.41 -23.20 54.63
C VAL F 116 70.50 -24.68 54.29
N ARG F 117 69.35 -25.31 54.06
CA ARG F 117 69.33 -26.73 53.73
C ARG F 117 68.21 -27.03 52.74
N HIS F 118 68.39 -28.13 52.00
CA HIS F 118 67.41 -28.57 51.03
C HIS F 118 66.13 -29.03 51.73
N ALA F 119 64.99 -28.52 51.27
CA ALA F 119 63.69 -28.95 51.78
C ALA F 119 63.40 -30.37 51.29
N ALA F 120 63.44 -31.35 52.21
CA ALA F 120 63.44 -32.76 51.84
C ALA F 120 62.23 -33.54 52.30
N GLY F 121 61.84 -33.43 53.56
CA GLY F 121 60.76 -34.25 54.07
C GLY F 121 59.48 -33.47 54.27
N ARG F 122 59.06 -33.33 55.53
CA ARG F 122 57.93 -32.47 55.85
C ARG F 122 58.24 -31.01 55.51
N GLU F 123 59.52 -30.65 55.46
CA GLU F 123 59.91 -29.31 55.02
C GLU F 123 59.40 -29.03 53.61
N LEU F 124 59.61 -29.98 52.68
CA LEU F 124 59.17 -29.79 51.30
C LEU F 124 57.66 -29.60 51.23
N ALA F 125 56.91 -30.44 51.96
CA ALA F 125 55.45 -30.30 51.98
C ALA F 125 55.04 -28.92 52.47
N MET F 126 55.77 -28.39 53.45
CA MET F 126 55.50 -27.04 53.96
C MET F 126 55.91 -25.98 52.95
N ALA F 127 56.98 -26.23 52.18
CA ALA F 127 57.37 -25.31 51.12
C ALA F 127 56.31 -25.23 50.04
N LEU F 128 55.76 -26.38 49.66
CA LEU F 128 54.78 -26.45 48.60
C LEU F 128 53.35 -26.43 49.12
N SER F 129 53.14 -25.94 50.33
CA SER F 129 51.80 -25.77 50.91
C SER F 129 50.97 -27.04 50.81
N ALA F 130 51.64 -28.20 50.91
CA ALA F 130 50.93 -29.47 50.85
C ALA F 130 49.91 -29.63 51.97
N ASP F 131 50.15 -28.98 53.13
CA ASP F 131 49.20 -29.08 54.23
C ASP F 131 47.86 -28.47 53.87
N LYS F 132 47.84 -27.41 53.03
CA LYS F 132 46.56 -26.92 52.53
C LYS F 132 45.88 -27.94 51.64
N MET F 133 46.67 -28.79 50.97
CA MET F 133 46.08 -29.72 50.01
C MET F 133 45.36 -30.86 50.71
N GLU F 134 45.96 -31.40 51.77
CA GLU F 134 45.37 -32.51 52.52
C GLU F 134 45.24 -33.69 51.55
N GLU F 135 44.09 -34.34 51.45
CA GLU F 135 43.95 -35.52 50.61
C GLU F 135 43.92 -35.16 49.13
N ALA F 136 43.70 -33.90 48.79
CA ALA F 136 43.53 -33.52 47.40
C ALA F 136 44.86 -33.38 46.66
N ALA F 137 45.99 -33.62 47.33
CA ALA F 137 47.27 -33.56 46.66
C ALA F 137 47.47 -34.81 45.82
N PHE F 138 47.94 -34.63 44.60
CA PHE F 138 48.19 -35.74 43.69
C PHE F 138 49.37 -35.38 42.80
N PRO F 139 50.02 -36.38 42.20
CA PRO F 139 51.26 -36.11 41.45
C PRO F 139 51.02 -35.20 40.26
N GLY F 140 51.84 -34.15 40.17
CA GLY F 140 51.78 -33.21 39.07
C GLY F 140 53.07 -33.19 38.29
N GLY F 141 53.99 -34.07 38.66
CA GLY F 141 55.29 -34.14 38.02
C GLY F 141 56.41 -34.41 39.00
N LEU F 142 57.64 -34.44 38.51
CA LEU F 142 58.81 -34.64 39.35
C LEU F 142 59.59 -33.34 39.44
N LEU F 143 59.99 -33.03 40.67
CA LEU F 143 60.88 -31.90 41.00
C LEU F 143 61.96 -32.40 41.98
N ALA F 144 63.03 -31.63 42.16
CA ALA F 144 64.08 -31.98 43.13
C ALA F 144 64.64 -33.40 42.92
N ASP F 145 64.86 -33.81 41.68
CA ASP F 145 65.48 -35.13 41.41
C ASP F 145 64.76 -36.28 42.12
N GLY F 146 63.46 -36.47 41.89
CA GLY F 146 62.78 -37.65 42.46
C GLY F 146 61.65 -37.41 43.44
N GLN F 147 61.30 -36.16 43.75
CA GLN F 147 60.16 -35.98 44.69
C GLN F 147 58.96 -35.44 43.92
N PRO F 148 57.81 -36.13 43.92
CA PRO F 148 56.66 -35.67 43.15
C PRO F 148 56.10 -34.33 43.65
N LEU F 149 55.72 -33.45 42.71
CA LEU F 149 55.14 -32.13 43.07
C LEU F 149 53.66 -32.34 43.37
N PRO F 150 53.12 -31.85 44.50
CA PRO F 150 51.73 -32.07 44.83
C PRO F 150 50.90 -30.99 44.13
N LEU F 151 49.81 -31.40 43.48
CA LEU F 151 48.91 -30.43 42.80
C LEU F 151 47.57 -30.58 43.50
N ASN F 152 46.93 -29.48 43.90
CA ASN F 152 45.66 -29.59 44.64
C ASN F 152 44.50 -29.83 43.68
N PHE F 153 43.76 -30.93 43.89
CA PHE F 153 42.62 -31.32 43.01
C PHE F 153 41.42 -30.39 43.19
N ARG F 154 41.32 -29.70 44.33
CA ARG F 154 40.18 -28.79 44.61
C ARG F 154 40.15 -27.63 43.61
N PHE F 155 41.30 -27.18 43.14
CA PHE F 155 41.41 -26.12 42.11
C PHE F 155 41.27 -26.71 40.70
N ILE F 156 41.13 -28.03 40.56
CA ILE F 156 40.92 -28.60 39.20
C ILE F 156 39.51 -29.21 39.08
N ASN F 157 38.81 -29.45 40.19
CA ASN F 157 37.49 -30.13 40.09
C ASN F 157 36.32 -29.19 40.38
N GLY F 158 36.55 -27.89 40.50
CA GLY F 158 35.47 -26.92 40.72
C GLY F 158 35.18 -26.66 42.20
N GLU F 159 35.79 -27.43 43.10
CA GLU F 159 35.52 -27.23 44.55
C GLU F 159 36.02 -25.87 45.02
N SER F 160 37.26 -25.50 44.68
CA SER F 160 37.78 -24.19 45.14
C SER F 160 38.16 -23.32 43.93
N GLY F 161 38.60 -24.01 42.90
CA GLY F 161 39.07 -23.40 41.66
C GLY F 161 38.55 -24.14 40.47
N GLY F 162 39.14 -23.90 39.31
CA GLY F 162 38.48 -24.48 38.14
C GLY F 162 39.29 -25.38 37.25
N HIS F 163 39.78 -24.78 36.16
CA HIS F 163 40.29 -25.58 35.02
C HIS F 163 41.80 -25.44 34.90
N ILE F 164 42.37 -25.81 33.74
CA ILE F 164 43.84 -25.77 33.49
C ILE F 164 44.08 -25.10 32.13
N ASN F 165 45.16 -24.34 31.98
CA ASN F 165 45.58 -23.75 30.69
C ASN F 165 47.07 -24.02 30.52
N ILE F 166 47.49 -24.54 29.36
CA ILE F 166 48.93 -24.84 29.14
C ILE F 166 49.45 -24.01 27.96
N SER F 167 50.55 -23.28 28.16
CA SER F 167 51.14 -22.47 27.07
C SER F 167 52.60 -22.85 26.88
N GLY F 168 53.00 -23.20 25.67
CA GLY F 168 54.39 -23.56 25.36
C GLY F 168 54.65 -23.47 23.87
N ILE F 169 55.91 -23.46 23.44
CA ILE F 169 56.11 -23.41 21.97
C ILE F 169 55.52 -24.70 21.42
N SER F 170 54.72 -24.60 20.36
CA SER F 170 54.07 -25.81 19.80
C SER F 170 55.13 -26.68 19.11
N GLY F 171 55.18 -27.96 19.47
CA GLY F 171 56.12 -28.92 18.89
C GLY F 171 57.42 -28.99 19.65
N VAL F 172 57.65 -28.06 20.60
CA VAL F 172 58.91 -28.11 21.41
C VAL F 172 58.50 -28.38 22.86
N ALA F 173 57.76 -27.45 23.46
CA ALA F 173 57.26 -27.70 24.83
C ALA F 173 56.09 -28.65 24.63
N THR F 174 56.12 -29.82 25.26
CA THR F 174 55.08 -30.83 24.96
C THR F 174 53.81 -30.55 25.75
N LYS F 175 53.07 -29.51 25.40
CA LYS F 175 51.84 -29.20 26.17
C LYS F 175 50.81 -30.33 26.02
N THR F 176 50.61 -30.84 24.81
CA THR F 176 49.61 -31.93 24.62
C THR F 176 50.03 -33.18 25.39
N SER F 177 51.30 -33.53 25.36
CA SER F 177 51.76 -34.73 26.10
C SER F 177 51.56 -34.52 27.60
N TYR F 178 51.82 -33.31 28.09
CA TYR F 178 51.63 -33.01 29.53
C TYR F 178 50.15 -33.09 29.92
N ALA F 179 49.28 -32.60 29.05
CA ALA F 179 47.83 -32.60 29.38
C ALA F 179 47.38 -34.05 29.60
N LEU F 180 47.80 -34.95 28.71
CA LEU F 180 47.46 -36.38 28.86
C LEU F 180 48.10 -36.90 30.15
N PHE F 181 49.31 -36.49 30.47
CA PHE F 181 49.96 -36.96 31.72
C PHE F 181 49.11 -36.54 32.91
N LEU F 182 48.63 -35.30 32.92
CA LEU F 182 47.76 -34.86 34.04
C LEU F 182 46.50 -35.73 34.02
N LEU F 183 45.93 -35.95 32.83
CA LEU F 183 44.69 -36.77 32.74
C LEU F 183 44.99 -38.16 33.29
N HIS F 184 46.11 -38.75 32.88
CA HIS F 184 46.45 -40.10 33.36
C HIS F 184 46.65 -40.05 34.87
N SER F 185 47.33 -39.01 35.37
CA SER F 185 47.57 -38.89 36.83
C SER F 185 46.25 -38.72 37.56
N ILE F 186 45.33 -37.93 37.02
CA ILE F 186 44.05 -37.74 37.77
C ILE F 186 43.35 -39.10 37.90
N PHE F 187 43.29 -39.86 36.82
CA PHE F 187 42.59 -41.17 36.80
C PHE F 187 43.30 -42.23 37.64
N ARG F 188 44.62 -42.34 37.56
CA ARG F 188 45.30 -43.44 38.29
C ARG F 188 45.69 -43.11 39.73
N SER F 189 45.86 -41.84 40.10
CA SER F 189 46.27 -41.52 41.49
C SER F 189 45.25 -41.89 42.56
N GLY F 190 43.96 -41.87 42.24
CA GLY F 190 42.94 -42.14 43.25
C GLY F 190 42.54 -40.86 43.96
N VAL F 191 43.02 -39.72 43.45
CA VAL F 191 42.71 -38.38 44.01
C VAL F 191 41.22 -38.10 43.89
N MET F 192 40.56 -38.55 42.82
CA MET F 192 39.11 -38.29 42.65
C MET F 192 38.36 -38.94 43.82
N ASP F 193 38.74 -40.16 44.19
CA ASP F 193 38.10 -40.89 45.32
C ASP F 193 38.34 -40.12 46.62
N ARG F 194 39.56 -39.63 46.83
CA ARG F 194 39.90 -38.96 48.10
C ARG F 194 39.01 -37.72 48.30
N THR F 195 38.79 -36.93 47.24
CA THR F 195 37.95 -35.72 47.40
C THR F 195 36.46 -36.06 47.42
N ALA F 196 36.07 -37.27 47.01
CA ALA F 196 34.65 -37.65 47.00
C ALA F 196 34.11 -37.68 48.44
N GLN F 197 34.94 -38.17 49.37
CA GLN F 197 34.60 -38.34 50.81
C GLN F 197 34.44 -37.00 51.55
N GLY F 198 34.93 -35.88 51.01
CA GLY F 198 34.87 -34.61 51.76
C GLY F 198 33.44 -34.24 52.16
N SER F 199 32.47 -34.34 51.23
CA SER F 199 31.07 -34.01 51.59
C SER F 199 30.16 -35.23 51.43
N GLY F 200 30.74 -36.41 51.16
CA GLY F 200 29.95 -37.65 51.01
C GLY F 200 28.84 -37.54 49.98
N GLY F 201 29.14 -37.04 48.78
CA GLY F 201 28.11 -36.92 47.73
C GLY F 201 27.88 -35.67 46.91
N ARG F 202 28.46 -34.52 47.27
CA ARG F 202 28.33 -33.32 46.39
C ARG F 202 29.19 -33.39 45.09
N GLN F 203 30.31 -34.12 45.24
CA GLN F 203 31.20 -34.53 44.12
C GLN F 203 31.54 -36.01 44.34
N SER F 204 31.10 -36.89 43.43
CA SER F 204 31.35 -38.35 43.57
C SER F 204 31.73 -38.94 42.20
N GLY F 205 32.99 -39.37 42.06
CA GLY F 205 33.49 -39.95 40.81
C GLY F 205 34.21 -41.26 41.02
N GLY F 208 33.17 -42.23 37.90
CA GLY F 208 32.29 -41.15 37.41
C GLY F 208 33.02 -40.14 36.56
N GLY F 209 34.30 -39.88 36.85
CA GLY F 209 35.09 -38.93 36.05
C GLY F 209 35.24 -39.44 34.62
N ARG F 210 35.13 -38.54 33.63
CA ARG F 210 35.25 -38.89 32.19
C ARG F 210 36.03 -37.79 31.49
N ALA F 211 36.56 -38.08 30.30
CA ALA F 211 37.31 -37.05 29.56
C ALA F 211 36.95 -37.11 28.08
N LEU F 212 36.95 -35.97 27.40
CA LEU F 212 36.67 -35.91 25.95
C LEU F 212 37.86 -35.20 25.28
N ILE F 213 38.44 -35.82 24.25
CA ILE F 213 39.61 -35.21 23.58
C ILE F 213 39.44 -35.36 22.07
N PHE F 214 39.95 -34.40 21.30
CA PHE F 214 39.81 -34.42 19.82
C PHE F 214 41.18 -34.60 19.17
N ASN F 215 41.27 -35.53 18.22
CA ASN F 215 42.53 -35.85 17.50
C ASN F 215 42.71 -34.88 16.33
N VAL F 216 43.05 -33.62 16.63
CA VAL F 216 43.24 -32.60 15.56
C VAL F 216 44.43 -32.96 14.65
N LYS F 217 45.57 -33.35 15.22
CA LYS F 217 46.73 -33.72 14.38
C LYS F 217 46.57 -35.18 13.98
N GLY F 218 46.65 -35.48 12.68
CA GLY F 218 46.30 -36.83 12.20
C GLY F 218 47.04 -37.97 12.86
N GLU F 219 46.26 -38.94 13.35
CA GLU F 219 46.72 -40.23 13.95
C GLU F 219 47.76 -40.01 15.06
N ASP F 220 47.64 -38.98 15.89
CA ASP F 220 48.64 -38.83 16.96
C ASP F 220 47.99 -39.09 18.32
N LEU F 221 46.69 -38.80 18.43
CA LEU F 221 45.96 -39.01 19.70
C LEU F 221 45.28 -40.38 19.69
N LEU F 222 45.48 -41.13 18.61
CA LEU F 222 44.99 -42.52 18.52
C LEU F 222 46.01 -43.44 19.20
N PHE F 223 45.66 -44.71 19.39
CA PHE F 223 46.51 -45.74 20.05
C PHE F 223 46.83 -45.34 21.50
N LEU F 224 45.91 -44.65 22.18
CA LEU F 224 46.11 -44.31 23.62
C LEU F 224 45.96 -45.63 24.39
N ASP F 225 45.04 -46.47 23.93
CA ASP F 225 44.78 -47.78 24.57
C ASP F 225 46.06 -48.63 24.47
N LYS F 226 46.70 -48.64 23.31
CA LYS F 226 47.91 -49.46 23.09
C LYS F 226 49.07 -48.97 23.97
N PRO F 227 49.78 -49.86 24.68
CA PRO F 227 50.91 -49.47 25.52
C PRO F 227 52.11 -49.03 24.68
N ASN F 228 52.98 -48.20 25.25
CA ASN F 228 54.16 -47.67 24.53
C ASN F 228 55.31 -48.67 24.61
N ALA F 229 55.70 -49.25 23.48
CA ALA F 229 56.82 -50.22 23.45
C ALA F 229 58.13 -49.51 23.80
N ARG F 230 58.31 -48.31 23.26
CA ARG F 230 59.54 -47.50 23.42
C ARG F 230 59.70 -46.92 24.84
N MET F 231 58.64 -46.81 25.63
CA MET F 231 58.73 -46.12 26.94
C MET F 231 59.74 -46.77 27.88
N VAL F 232 59.77 -48.11 27.96
CA VAL F 232 60.71 -48.72 28.95
C VAL F 232 62.15 -48.34 28.59
N GLU F 233 62.52 -48.40 27.31
CA GLU F 233 63.92 -48.01 26.97
C GLU F 233 64.13 -46.52 27.26
N LYS F 234 63.17 -45.67 26.90
CA LYS F 234 63.31 -44.20 27.06
C LYS F 234 63.45 -43.80 28.54
N GLU F 235 62.69 -44.43 29.43
CA GLU F 235 62.80 -44.08 30.87
C GLU F 235 64.20 -44.41 31.38
N ASP F 236 64.76 -45.54 30.94
CA ASP F 236 66.10 -45.94 31.44
C ASP F 236 67.13 -44.87 31.06
N LYS F 237 67.07 -44.34 29.84
CA LYS F 237 68.09 -43.33 29.42
C LYS F 237 68.01 -42.14 30.37
N VAL F 238 66.80 -41.65 30.65
CA VAL F 238 66.64 -40.53 31.62
C VAL F 238 66.98 -41.03 33.02
N VAL F 239 66.53 -42.23 33.37
CA VAL F 239 66.79 -42.74 34.76
C VAL F 239 68.30 -42.84 34.96
N ARG F 240 69.02 -43.41 33.99
CA ARG F 240 70.49 -43.54 34.15
C ARG F 240 71.11 -42.15 34.20
N ALA F 241 70.69 -41.25 33.31
CA ALA F 241 71.28 -39.90 33.22
C ALA F 241 71.03 -39.11 34.50
N LYS F 242 69.82 -39.18 35.05
CA LYS F 242 69.51 -38.42 36.29
C LYS F 242 69.87 -39.26 37.53
N GLY F 243 70.25 -40.52 37.33
CA GLY F 243 70.63 -41.41 38.45
C GLY F 243 69.52 -41.51 39.49
N LEU F 244 68.27 -41.63 39.04
CA LEU F 244 67.10 -41.70 39.94
C LEU F 244 67.02 -43.07 40.63
N SER F 245 66.33 -43.14 41.75
CA SER F 245 66.19 -44.41 42.51
C SER F 245 65.45 -45.45 41.67
N ALA F 246 64.37 -45.05 41.00
CA ALA F 246 63.52 -45.99 40.22
C ALA F 246 62.81 -45.24 39.09
N ASP F 247 61.98 -45.94 38.32
CA ASP F 247 61.24 -45.33 37.17
C ASP F 247 60.39 -44.17 37.69
N ARG F 248 60.26 -43.11 36.89
CA ARG F 248 59.53 -41.89 37.31
C ARG F 248 58.08 -42.23 37.68
N TYR F 249 57.42 -43.12 36.95
CA TYR F 249 56.02 -43.50 37.29
C TYR F 249 55.97 -44.08 38.70
N ALA F 250 56.95 -44.92 39.06
CA ALA F 250 56.99 -45.53 40.40
C ALA F 250 57.12 -44.43 41.46
N LEU F 251 57.95 -43.43 41.19
CA LEU F 251 58.12 -42.31 42.14
C LEU F 251 56.80 -41.57 42.31
N LEU F 252 56.04 -41.38 41.23
CA LEU F 252 54.75 -40.66 41.32
C LEU F 252 53.65 -41.53 41.91
N GLY F 253 53.91 -42.80 42.24
CA GLY F 253 52.80 -43.59 42.72
C GLY F 253 51.74 -43.83 41.67
N LEU F 254 52.14 -43.85 40.40
CA LEU F 254 51.32 -44.03 39.22
C LEU F 254 51.79 -45.24 38.43
N PRO F 255 50.88 -45.94 37.75
CA PRO F 255 51.27 -47.08 36.92
C PRO F 255 51.57 -46.67 35.49
N ALA F 256 52.61 -47.28 34.94
CA ALA F 256 52.98 -47.08 33.53
C ALA F 256 52.12 -48.00 32.67
N GLU F 257 50.85 -47.63 32.55
CA GLU F 257 49.90 -48.38 31.74
C GLU F 257 49.00 -47.41 31.00
N PRO F 258 48.51 -47.78 29.83
CA PRO F 258 47.75 -46.85 28.98
C PRO F 258 46.40 -46.52 29.58
N PHE F 259 45.68 -45.70 28.84
CA PHE F 259 44.32 -45.34 29.26
C PHE F 259 43.48 -46.58 29.11
N ARG F 260 42.69 -46.87 30.14
CA ARG F 260 41.76 -48.02 30.05
C ARG F 260 40.41 -47.46 29.65
N ASP F 261 39.50 -48.34 29.21
CA ASP F 261 38.13 -47.93 28.80
C ASP F 261 38.21 -46.78 27.79
N VAL F 262 38.82 -46.99 26.64
CA VAL F 262 38.93 -45.96 25.62
C VAL F 262 37.90 -46.23 24.54
N GLN F 263 37.46 -45.16 23.88
CA GLN F 263 36.51 -45.23 22.79
C GLN F 263 37.01 -44.36 21.66
N LEU F 264 37.20 -44.95 20.50
CA LEU F 264 37.77 -44.29 19.34
C LEU F 264 36.70 -44.15 18.26
N LEU F 265 36.39 -42.91 17.90
CA LEU F 265 35.31 -42.57 16.99
C LEU F 265 35.86 -41.83 15.78
N ALA F 266 35.41 -42.21 14.59
CA ALA F 266 35.95 -41.69 13.35
C ALA F 266 34.85 -41.45 12.34
N PRO F 267 35.04 -40.49 11.42
CA PRO F 267 34.00 -40.19 10.42
C PRO F 267 33.80 -41.32 9.44
N PRO F 268 32.67 -41.35 8.74
CA PRO F 268 32.31 -42.56 7.95
C PRO F 268 32.80 -42.57 6.50
N ARG F 269 34.11 -42.71 6.33
CA ARG F 269 34.78 -43.02 5.06
C ARG F 269 34.54 -41.99 3.96
N ALA F 270 33.86 -40.88 4.26
CA ALA F 270 33.49 -39.89 3.25
C ALA F 270 32.82 -40.58 2.06
N GLY F 271 31.89 -41.48 2.37
CA GLY F 271 31.29 -42.32 1.34
C GLY F 271 30.29 -41.53 0.50
N ALA F 272 30.47 -41.60 -0.82
CA ALA F 272 29.59 -40.91 -1.76
C ALA F 272 28.50 -41.90 -2.20
N ALA F 273 27.27 -41.65 -1.77
CA ALA F 273 26.10 -42.44 -2.15
C ALA F 273 26.26 -43.92 -1.78
N GLY F 274 27.07 -44.21 -0.76
CA GLY F 274 27.22 -45.58 -0.30
C GLY F 274 26.55 -45.84 1.02
N THR F 275 25.68 -46.86 1.07
CA THR F 275 25.03 -47.21 2.34
C THR F 275 26.02 -47.85 3.31
N ALA F 276 27.09 -48.45 2.81
CA ALA F 276 28.10 -49.05 3.67
C ALA F 276 28.81 -47.98 4.50
N ILE F 277 29.00 -48.27 5.78
CA ILE F 277 29.59 -47.33 6.73
C ILE F 277 30.87 -47.93 7.30
N VAL F 278 31.98 -47.23 7.13
CA VAL F 278 33.26 -47.62 7.73
C VAL F 278 34.04 -46.37 8.11
N PRO F 279 34.80 -46.47 9.18
CA PRO F 279 35.60 -45.30 9.62
C PRO F 279 36.72 -44.97 8.64
N GLN F 280 37.09 -43.69 8.62
CA GLN F 280 38.06 -43.14 7.67
C GLN F 280 39.49 -43.57 7.95
N THR F 281 39.77 -44.17 9.10
CA THR F 281 41.15 -44.35 9.52
C THR F 281 41.88 -45.32 8.61
N ASP F 282 43.07 -44.90 8.17
CA ASP F 282 43.90 -45.76 7.33
C ASP F 282 44.83 -46.65 8.17
N GLN F 283 45.52 -46.06 9.17
CA GLN F 283 46.55 -46.80 9.90
C GLN F 283 46.00 -47.65 11.03
N ARG F 284 44.84 -47.30 11.58
CA ARG F 284 44.21 -48.12 12.61
C ARG F 284 42.81 -48.47 12.16
N SER F 285 42.55 -49.76 11.99
CA SER F 285 41.23 -50.22 11.60
C SER F 285 40.51 -51.00 12.69
N GLU F 286 41.24 -51.61 13.62
CA GLU F 286 40.64 -52.43 14.66
C GLU F 286 40.17 -51.57 15.82
N GLY F 287 38.92 -51.77 16.24
CA GLY F 287 38.38 -51.08 17.40
C GLY F 287 37.98 -49.64 17.17
N VAL F 288 37.99 -49.16 15.94
CA VAL F 288 37.55 -47.81 15.61
C VAL F 288 36.09 -47.86 15.18
N THR F 289 35.26 -47.06 15.82
CA THR F 289 33.82 -47.04 15.59
C THR F 289 33.43 -45.81 14.81
N PRO F 290 32.67 -45.94 13.73
CA PRO F 290 32.22 -44.75 13.00
C PRO F 290 31.13 -44.01 13.75
N PHE F 291 31.19 -42.68 13.69
CA PHE F 291 30.19 -41.82 14.29
C PHE F 291 29.49 -41.01 13.22
N VAL F 292 28.17 -40.86 13.35
CA VAL F 292 27.36 -40.12 12.39
C VAL F 292 26.27 -39.35 13.12
N PHE F 293 25.85 -38.25 12.54
CA PHE F 293 24.65 -37.55 12.98
C PHE F 293 23.53 -37.81 11.98
N THR F 294 22.29 -37.74 12.46
CA THR F 294 21.13 -37.93 11.61
C THR F 294 20.42 -36.60 11.37
N ILE F 295 19.80 -36.48 10.20
CA ILE F 295 19.05 -35.27 9.85
C ILE F 295 17.98 -34.99 10.90
N ARG F 296 17.38 -36.04 11.46
CA ARG F 296 16.36 -35.82 12.48
C ARG F 296 16.97 -35.30 13.77
N GLU F 297 18.11 -35.88 14.19
CA GLU F 297 18.81 -35.35 15.35
C GLU F 297 19.28 -33.93 15.12
N PHE F 298 19.78 -33.63 13.92
CA PHE F 298 20.27 -32.30 13.59
C PHE F 298 19.20 -31.25 13.81
N CYS F 299 17.95 -31.56 13.46
CA CYS F 299 16.86 -30.62 13.61
C CYS F 299 16.33 -30.62 15.04
N ALA F 300 16.22 -31.81 15.65
CA ALA F 300 15.63 -31.92 16.97
C ALA F 300 16.52 -31.30 18.05
N ARG F 301 17.84 -31.42 17.89
CA ARG F 301 18.79 -30.97 18.90
C ARG F 301 19.44 -29.62 18.58
N ARG F 302 18.96 -28.93 17.54
CA ARG F 302 19.38 -27.56 17.25
C ARG F 302 20.86 -27.47 16.92
N MET F 303 21.31 -28.38 16.08
CA MET F 303 22.69 -28.39 15.62
C MET F 303 22.98 -27.31 14.58
N LEU F 304 21.98 -26.53 14.17
CA LEU F 304 22.17 -25.59 13.08
C LEU F 304 23.22 -24.52 13.36
N PRO F 305 23.21 -23.80 14.51
CA PRO F 305 24.18 -22.71 14.69
C PRO F 305 25.63 -23.17 14.62
N TYR F 306 25.93 -24.38 15.10
CA TYR F 306 27.30 -24.86 15.10
C TYR F 306 27.82 -25.17 13.70
N VAL F 307 26.99 -24.99 12.66
CA VAL F 307 27.51 -24.94 11.29
C VAL F 307 28.24 -23.62 11.05
N PHE F 308 27.81 -22.57 11.74
CA PHE F 308 28.29 -21.21 11.51
C PHE F 308 29.21 -20.79 12.64
N SER F 309 30.52 -20.82 12.38
CA SER F 309 31.50 -20.30 13.32
C SER F 309 32.72 -19.86 12.53
N ASP F 310 32.57 -18.74 11.82
CA ASP F 310 33.52 -18.39 10.77
C ASP F 310 34.87 -17.93 11.33
N ALA F 311 34.88 -17.44 12.57
CA ALA F 311 36.08 -16.85 13.18
C ALA F 311 36.63 -15.74 12.27
N SER F 312 35.73 -14.89 11.80
CA SER F 312 36.07 -13.74 10.96
C SER F 312 34.98 -12.69 11.13
N ALA F 313 35.05 -11.63 10.30
CA ALA F 313 34.14 -10.51 10.45
C ALA F 313 32.69 -10.92 10.20
N SER F 314 32.44 -11.56 9.05
CA SER F 314 31.15 -12.20 8.70
C SER F 314 30.02 -11.17 8.75
N LEU F 315 28.88 -11.48 9.35
CA LEU F 315 27.73 -10.60 9.49
C LEU F 315 26.93 -11.11 10.69
N ASN F 316 25.80 -10.46 10.97
CA ASN F 316 24.88 -10.92 12.02
C ASN F 316 23.74 -11.67 11.34
N LEU F 317 23.92 -13.00 11.24
CA LEU F 317 22.88 -13.92 10.81
C LEU F 317 22.12 -14.53 11.99
N GLY F 318 22.31 -13.98 13.19
CA GLY F 318 21.74 -14.60 14.39
C GLY F 318 20.24 -14.75 14.34
N PHE F 319 19.56 -13.80 13.70
CA PHE F 319 18.11 -13.91 13.55
C PHE F 319 17.74 -15.07 12.63
N VAL F 320 18.24 -15.04 11.38
CA VAL F 320 17.93 -16.09 10.42
C VAL F 320 18.18 -17.47 11.00
N ILE F 321 19.38 -17.66 11.57
CA ILE F 321 19.77 -18.99 12.06
C ILE F 321 18.88 -19.38 13.23
N GLY F 322 18.60 -18.45 14.13
CA GLY F 322 17.70 -18.75 15.23
C GLY F 322 16.30 -19.08 14.76
N ASN F 323 15.86 -18.46 13.67
CA ASN F 323 14.50 -18.70 13.16
C ASN F 323 14.41 -20.06 12.47
N ILE F 324 15.36 -20.34 11.59
CA ILE F 324 15.36 -21.62 10.88
C ILE F 324 15.62 -22.77 11.86
N GLU F 325 16.47 -22.52 12.88
CA GLU F 325 16.66 -23.51 13.93
C GLU F 325 15.33 -23.88 14.58
N GLU F 326 14.52 -22.87 14.91
CA GLU F 326 13.22 -23.12 15.52
C GLU F 326 12.28 -23.82 14.54
N LYS F 327 12.30 -23.41 13.27
CA LYS F 327 11.46 -24.05 12.27
C LYS F 327 11.82 -25.53 12.12
N LEU F 328 13.12 -25.84 12.07
CA LEU F 328 13.51 -27.24 11.95
C LEU F 328 13.23 -28.02 13.23
N PHE F 329 13.21 -27.34 14.38
CA PHE F 329 12.95 -28.03 15.64
C PHE F 329 11.50 -28.43 15.76
N ARG F 330 10.58 -27.50 15.49
CA ARG F 330 9.17 -27.84 15.49
C ARG F 330 8.85 -28.84 14.39
N LEU F 331 9.55 -28.73 13.26
CA LEU F 331 9.34 -29.67 12.15
C LEU F 331 9.79 -31.07 12.53
N ALA F 332 10.85 -31.18 13.32
CA ALA F 332 11.32 -32.50 13.74
C ALA F 332 10.45 -33.05 14.87
N ALA F 333 10.01 -32.19 15.77
CA ALA F 333 9.07 -32.62 16.80
C ALA F 333 7.77 -33.13 16.20
N ALA F 334 7.38 -32.59 15.05
CA ALA F 334 6.15 -33.02 14.39
C ALA F 334 6.31 -34.35 13.66
N GLN F 335 7.54 -34.75 13.33
CA GLN F 335 7.79 -36.01 12.67
C GLN F 335 7.23 -37.17 13.49
N THR F 336 6.33 -37.94 12.91
CA THR F 336 5.81 -39.13 13.58
C THR F 336 6.56 -40.39 13.16
N GLY F 337 7.13 -40.40 11.96
CA GLY F 337 7.81 -41.59 11.47
C GLY F 337 9.07 -41.91 12.27
N LYS F 338 9.42 -43.19 12.23
CA LYS F 338 10.58 -43.74 12.92
C LYS F 338 11.90 -43.45 12.20
N GLY F 339 11.86 -42.97 10.96
CA GLY F 339 13.07 -42.82 10.18
C GLY F 339 13.99 -41.75 10.73
N THR F 340 15.23 -41.78 10.25
CA THR F 340 16.23 -40.79 10.65
C THR F 340 16.17 -39.53 9.81
N GLY F 341 15.37 -39.51 8.75
CA GLY F 341 15.25 -38.31 7.94
C GLY F 341 14.17 -37.38 8.43
N LEU F 342 14.08 -36.23 7.77
CA LEU F 342 13.05 -35.25 8.01
C LEU F 342 12.06 -35.30 6.84
N ILE F 343 10.77 -35.42 7.16
CA ILE F 343 9.71 -35.45 6.17
C ILE F 343 9.07 -34.07 6.09
N VAL F 344 9.16 -33.43 4.91
CA VAL F 344 8.51 -32.15 4.66
C VAL F 344 7.45 -32.33 3.60
N HIS F 345 6.31 -31.67 3.78
CA HIS F 345 5.19 -31.83 2.88
C HIS F 345 4.95 -30.62 1.99
N ASP F 346 5.59 -29.49 2.27
CA ASP F 346 5.34 -28.26 1.53
C ASP F 346 6.40 -27.99 0.47
N TRP F 347 7.08 -29.03 -0.04
CA TRP F 347 8.15 -28.86 -1.02
C TRP F 347 7.64 -29.28 -2.40
N GLN F 348 7.30 -28.28 -3.21
CA GLN F 348 6.99 -28.47 -4.61
C GLN F 348 8.01 -27.67 -5.41
N PHE F 349 8.38 -28.17 -6.59
CA PHE F 349 9.49 -27.58 -7.34
C PHE F 349 9.22 -27.67 -8.84
N GLU F 350 8.78 -26.55 -9.41
CA GLU F 350 8.50 -26.44 -10.84
C GLU F 350 9.78 -26.46 -11.69
N ASP F 351 10.69 -25.51 -11.44
CA ASP F 351 12.06 -25.55 -11.95
C ASP F 351 12.96 -24.94 -10.86
N SER F 352 13.05 -25.67 -9.73
CA SER F 352 14.05 -25.38 -8.71
C SER F 352 15.42 -25.83 -9.21
N GLU F 353 15.42 -26.36 -10.44
CA GLU F 353 16.57 -26.95 -11.18
C GLU F 353 16.88 -28.32 -10.58
N THR F 354 16.33 -28.61 -9.40
CA THR F 354 16.54 -29.95 -8.78
C THR F 354 15.72 -30.98 -9.54
N PRO F 355 16.18 -32.24 -9.65
CA PRO F 355 15.46 -33.31 -10.33
C PRO F 355 14.92 -34.25 -9.25
N PRO F 356 13.78 -34.95 -9.48
CA PRO F 356 13.22 -35.84 -8.47
C PRO F 356 14.26 -36.94 -8.17
N GLU F 357 14.87 -37.50 -9.21
CA GLU F 357 15.94 -38.54 -9.09
C GLU F 357 15.49 -39.65 -8.13
N ASN F 358 16.34 -40.00 -7.16
CA ASN F 358 15.99 -41.02 -6.15
C ASN F 358 15.77 -40.30 -4.82
N LEU F 359 14.57 -40.41 -4.25
CA LEU F 359 14.21 -39.75 -2.98
C LEU F 359 13.15 -40.61 -2.29
N ASP F 360 13.34 -40.99 -1.03
CA ASP F 360 12.24 -41.78 -0.42
C ASP F 360 11.01 -40.87 -0.35
N PHE F 361 9.88 -41.36 -0.84
CA PHE F 361 8.61 -40.58 -0.81
C PHE F 361 7.77 -41.19 0.30
N SER F 362 7.11 -40.37 1.11
CA SER F 362 6.42 -40.93 2.27
C SER F 362 5.09 -41.54 1.86
N GLU F 363 4.49 -42.29 2.80
CA GLU F 363 3.18 -42.89 2.54
C GLU F 363 2.15 -41.82 2.24
N LEU F 364 2.09 -40.78 3.05
CA LEU F 364 1.08 -39.74 2.83
C LEU F 364 1.62 -38.57 2.01
N GLY F 365 2.37 -38.90 0.96
CA GLY F 365 2.81 -37.93 -0.03
C GLY F 365 3.93 -37.01 0.38
N GLY F 366 4.54 -37.23 1.55
CA GLY F 366 5.64 -36.40 1.98
C GLY F 366 6.96 -36.82 1.38
N VAL F 367 7.91 -35.89 1.42
CA VAL F 367 9.28 -36.13 0.95
C VAL F 367 10.13 -36.42 2.18
N ASN F 368 10.93 -37.49 2.12
CA ASN F 368 11.83 -37.82 3.23
C ASN F 368 13.22 -37.31 2.88
N LEU F 369 13.72 -36.35 3.67
CA LEU F 369 15.05 -35.82 3.41
C LEU F 369 16.08 -36.80 4.00
N GLN F 370 16.94 -37.38 3.16
CA GLN F 370 17.94 -38.32 3.66
C GLN F 370 19.37 -37.82 3.66
N THR F 371 19.66 -36.65 3.09
CA THR F 371 21.03 -36.20 2.98
C THR F 371 21.08 -34.68 3.13
N PHE F 372 22.27 -34.20 3.51
CA PHE F 372 22.39 -32.81 3.95
C PHE F 372 22.10 -31.83 2.82
N GLU F 373 22.51 -32.18 1.60
CA GLU F 373 22.28 -31.32 0.45
C GLU F 373 20.79 -31.08 0.22
N GLN F 374 19.96 -32.11 0.47
CA GLN F 374 18.53 -31.95 0.34
C GLN F 374 17.97 -30.98 1.38
N LEU F 375 18.41 -31.14 2.64
CA LEU F 375 17.99 -30.21 3.68
C LEU F 375 18.34 -28.77 3.33
N ILE F 376 19.49 -28.56 2.71
CA ILE F 376 19.87 -27.20 2.32
C ILE F 376 19.04 -26.74 1.12
N SER F 377 18.73 -27.65 0.20
CA SER F 377 17.89 -27.29 -0.93
C SER F 377 16.49 -26.93 -0.48
N TYR F 378 15.92 -27.70 0.46
CA TYR F 378 14.59 -27.38 0.97
C TYR F 378 14.57 -26.03 1.66
N LEU F 379 15.63 -25.72 2.41
CA LEU F 379 15.75 -24.39 2.99
C LEU F 379 15.87 -23.33 1.90
N GLU F 380 16.61 -23.64 0.83
CA GLU F 380 16.70 -22.72 -0.30
C GLU F 380 15.32 -22.46 -0.88
N TYR F 381 14.48 -23.49 -0.95
CA TYR F 381 13.15 -23.35 -1.50
C TYR F 381 12.27 -22.50 -0.59
N LYS F 382 12.27 -22.79 0.71
CA LYS F 382 11.45 -22.04 1.64
C LYS F 382 11.90 -20.59 1.76
N LEU F 383 13.20 -20.33 1.63
CA LEU F 383 13.71 -18.98 1.84
C LEU F 383 13.81 -18.17 0.56
N LEU F 384 13.96 -18.80 -0.60
CA LEU F 384 14.30 -18.05 -1.81
C LEU F 384 13.47 -18.39 -3.04
N GLU F 385 12.59 -19.40 -2.99
CA GLU F 385 11.83 -19.80 -4.17
C GLU F 385 10.34 -20.03 -3.93
N GLU F 386 9.89 -19.99 -2.67
CA GLU F 386 8.56 -20.50 -2.32
C GLU F 386 7.46 -19.83 -3.13
N ARG F 387 7.38 -18.50 -3.10
CA ARG F 387 6.33 -17.77 -3.81
C ARG F 387 6.99 -16.75 -4.73
N GLU F 388 7.40 -17.22 -5.90
CA GLU F 388 8.05 -16.41 -6.92
C GLU F 388 9.32 -15.72 -6.42
N GLY F 389 9.87 -16.19 -5.30
CA GLY F 389 11.14 -15.71 -4.79
C GLY F 389 11.04 -15.00 -3.46
N GLU F 390 9.86 -14.58 -3.04
CA GLU F 390 9.78 -13.90 -1.76
C GLU F 390 9.71 -14.87 -0.58
N GLY F 391 9.37 -16.12 -0.84
CA GLY F 391 9.48 -17.16 0.16
C GLY F 391 8.33 -17.18 1.16
N ASP F 392 8.36 -18.19 2.02
CA ASP F 392 7.31 -18.40 3.02
C ASP F 392 7.50 -17.47 4.21
N PRO F 393 6.58 -16.53 4.46
CA PRO F 393 6.78 -15.58 5.56
C PRO F 393 6.87 -16.25 6.93
N LYS F 394 6.21 -17.39 7.13
CA LYS F 394 6.43 -18.14 8.35
C LYS F 394 7.90 -18.51 8.51
N TRP F 395 8.56 -18.87 7.41
CA TRP F 395 9.97 -19.24 7.44
C TRP F 395 10.91 -18.05 7.33
N VAL F 396 10.70 -17.16 6.35
CA VAL F 396 11.52 -15.94 6.25
C VAL F 396 10.76 -14.84 6.99
N LEU F 397 11.19 -14.58 8.23
CA LEU F 397 10.51 -13.60 9.04
C LEU F 397 10.93 -12.22 8.56
N LYS F 398 10.46 -11.81 7.39
CA LYS F 398 10.71 -10.48 6.82
C LYS F 398 12.22 -10.11 6.71
N GLN F 399 13.05 -11.15 6.57
CA GLN F 399 14.49 -10.99 6.56
C GLN F 399 14.84 -10.63 5.11
N SER F 400 15.90 -9.83 4.97
CA SER F 400 16.33 -9.41 3.64
C SER F 400 16.86 -10.59 2.84
N PRO F 401 16.61 -10.64 1.53
CA PRO F 401 17.08 -11.78 0.73
C PRO F 401 18.59 -11.96 0.76
N GLY F 402 19.35 -10.88 0.83
CA GLY F 402 20.78 -11.02 1.03
C GLY F 402 21.11 -11.69 2.35
N THR F 403 20.49 -11.23 3.43
CA THR F 403 20.58 -11.88 4.73
C THR F 403 20.12 -13.33 4.70
N LEU F 404 19.41 -13.75 3.65
CA LEU F 404 19.02 -15.15 3.48
C LEU F 404 19.96 -15.93 2.60
N ARG F 405 20.46 -15.35 1.51
CA ARG F 405 21.32 -16.15 0.64
C ARG F 405 22.72 -16.29 1.23
N ALA F 406 23.19 -15.31 1.99
CA ALA F 406 24.44 -15.46 2.73
C ALA F 406 24.35 -16.68 3.65
N PHE F 407 23.26 -16.78 4.40
CA PHE F 407 22.95 -18.00 5.15
C PHE F 407 22.94 -19.21 4.25
N THR F 408 22.27 -19.11 3.10
CA THR F 408 22.18 -20.24 2.19
C THR F 408 23.54 -20.57 1.58
N ARG F 409 24.28 -19.53 1.15
CA ARG F 409 25.54 -19.81 0.44
C ARG F 409 26.60 -20.40 1.38
N ARG F 410 26.63 -19.98 2.66
CA ARG F 410 27.61 -20.59 3.57
C ARG F 410 27.23 -22.03 3.87
N LEU F 411 25.94 -22.35 3.91
CA LEU F 411 25.53 -23.73 3.99
C LEU F 411 25.95 -24.52 2.75
N ARG F 412 25.81 -23.91 1.57
CA ARG F 412 26.21 -24.59 0.34
C ARG F 412 27.70 -24.88 0.31
N GLY F 413 28.51 -23.91 0.74
CA GLY F 413 29.95 -24.14 0.74
C GLY F 413 30.37 -25.24 1.69
N VAL F 414 29.70 -25.33 2.85
CA VAL F 414 30.08 -26.28 3.89
C VAL F 414 29.47 -27.67 3.66
N GLN F 415 28.61 -27.83 2.66
CA GLN F 415 27.80 -29.06 2.56
C GLN F 415 28.65 -30.26 2.17
N LYS F 416 29.60 -30.07 1.26
CA LYS F 416 30.44 -31.18 0.80
C LYS F 416 31.25 -31.76 1.95
N TYR F 417 31.68 -30.92 2.88
CA TYR F 417 32.53 -31.38 3.98
C TYR F 417 31.70 -32.02 5.09
N LEU F 418 30.49 -31.51 5.33
CA LEU F 418 29.62 -31.99 6.39
C LEU F 418 28.65 -33.08 5.94
N SER F 419 28.57 -33.36 4.65
CA SER F 419 27.56 -34.30 4.14
C SER F 419 27.73 -35.72 4.70
N PRO F 420 28.91 -36.33 4.67
CA PRO F 420 29.00 -37.71 5.19
C PRO F 420 28.69 -37.82 6.67
N LEU F 421 28.92 -36.75 7.44
CA LEU F 421 28.67 -36.81 8.88
C LEU F 421 27.18 -36.80 9.19
N ILE F 422 26.40 -36.00 8.46
CA ILE F 422 24.98 -35.86 8.69
C ILE F 422 24.24 -36.67 7.63
N ARG F 423 23.69 -37.80 8.03
CA ARG F 423 22.99 -38.71 7.11
C ARG F 423 21.57 -38.92 7.61
N GLY F 424 20.60 -38.81 6.70
CA GLY F 424 19.24 -39.16 7.02
C GLY F 424 18.83 -40.45 6.33
N ASP F 425 19.72 -40.99 5.50
CA ASP F 425 19.44 -42.25 4.82
C ASP F 425 19.67 -43.46 5.71
N LEU F 426 20.31 -43.28 6.85
CA LEU F 426 20.58 -44.39 7.76
C LEU F 426 19.30 -44.88 8.42
N THR F 427 19.32 -46.15 8.80
CA THR F 427 18.21 -46.80 9.49
C THR F 427 18.26 -46.48 10.97
N PRO F 428 17.14 -46.66 11.70
CA PRO F 428 17.14 -46.28 13.13
C PRO F 428 18.12 -47.04 14.00
N GLU F 429 18.40 -48.31 13.69
CA GLU F 429 19.34 -49.07 14.52
C GLU F 429 20.78 -48.65 14.26
N GLN F 430 21.14 -48.46 12.98
CA GLN F 430 22.47 -47.95 12.65
C GLN F 430 22.72 -46.60 13.31
N ALA F 431 21.70 -45.75 13.40
CA ALA F 431 21.88 -44.43 13.98
C ALA F 431 22.04 -44.50 15.48
N GLU F 432 21.24 -45.32 16.16
CA GLU F 432 21.39 -45.47 17.60
C GLU F 432 22.75 -46.04 17.96
N GLY F 433 23.32 -46.89 17.09
CA GLY F 433 24.62 -47.48 17.39
C GLY F 433 25.78 -46.53 17.14
N TYR F 434 25.74 -45.81 16.02
CA TYR F 434 26.84 -44.92 15.63
C TYR F 434 26.73 -43.52 16.25
N ARG F 435 25.73 -43.28 17.06
CA ARG F 435 25.56 -41.96 17.66
C ARG F 435 26.74 -41.64 18.57
N PRO F 436 27.41 -40.48 18.38
CA PRO F 436 28.60 -40.15 19.18
C PRO F 436 28.22 -39.74 20.60
N ASP F 437 28.44 -40.64 21.55
CA ASP F 437 28.14 -40.35 22.95
C ASP F 437 29.44 -40.26 23.74
N PRO F 438 29.89 -39.06 24.08
CA PRO F 438 31.06 -38.95 24.97
C PRO F 438 30.77 -39.42 26.38
N LEU F 439 29.52 -39.74 26.69
CA LEU F 439 29.11 -40.21 28.00
C LEU F 439 28.55 -41.62 27.96
N ARG F 440 28.90 -42.40 26.94
CA ARG F 440 28.47 -43.79 26.89
C ARG F 440 28.93 -44.52 28.15
N ARG F 441 28.11 -45.47 28.59
CA ARG F 441 28.41 -46.21 29.82
C ARG F 441 29.58 -47.15 29.60
N GLY F 442 30.43 -47.27 30.61
CA GLY F 442 31.57 -48.15 30.53
C GLY F 442 32.77 -47.57 29.84
N ILE F 443 32.75 -46.28 29.53
CA ILE F 443 33.84 -45.60 28.85
C ILE F 443 34.33 -44.47 29.74
N GLN F 444 35.65 -44.32 29.83
CA GLN F 444 36.27 -43.25 30.61
C GLN F 444 36.85 -42.15 29.73
N LEU F 445 37.39 -42.52 28.57
CA LEU F 445 38.01 -41.59 27.64
C LEU F 445 37.43 -41.81 26.26
N THR F 446 36.96 -40.73 25.64
CA THR F 446 36.43 -40.77 24.27
C THR F 446 37.32 -39.91 23.39
N VAL F 447 37.92 -40.54 22.38
CA VAL F 447 38.76 -39.84 21.41
C VAL F 447 37.95 -39.68 20.13
N VAL F 448 37.71 -38.43 19.74
CA VAL F 448 36.96 -38.12 18.52
C VAL F 448 37.96 -37.71 17.46
N ASP F 449 38.06 -38.49 16.39
CA ASP F 449 39.06 -38.29 15.34
C ASP F 449 38.50 -37.32 14.30
N ILE F 450 38.89 -36.06 14.40
CA ILE F 450 38.45 -35.04 13.47
C ILE F 450 39.61 -34.58 12.57
N HIS F 451 40.63 -35.41 12.40
CA HIS F 451 41.80 -34.99 11.64
C HIS F 451 41.49 -34.86 10.16
N ALA F 452 40.66 -35.77 9.62
CA ALA F 452 40.36 -35.78 8.20
C ALA F 452 39.25 -34.81 7.81
N LEU F 453 38.51 -34.28 8.77
CA LEU F 453 37.48 -33.32 8.45
C LEU F 453 38.08 -31.97 8.08
N SER F 454 37.26 -31.11 7.47
CA SER F 454 37.66 -29.76 7.14
C SER F 454 37.66 -28.89 8.39
N ALA F 455 38.21 -27.68 8.25
CA ALA F 455 38.16 -26.73 9.35
C ALA F 455 36.74 -26.48 9.79
N HIS F 456 35.80 -26.48 8.84
CA HIS F 456 34.39 -26.30 9.18
C HIS F 456 33.82 -27.55 9.82
N ALA F 457 34.03 -28.72 9.21
CA ALA F 457 33.52 -29.96 9.79
C ALA F 457 34.10 -30.20 11.18
N GLN F 458 35.40 -29.92 11.35
CA GLN F 458 36.01 -30.02 12.68
C GLN F 458 35.27 -29.13 13.67
N MET F 459 35.15 -27.84 13.34
CA MET F 459 34.52 -26.90 14.26
C MET F 459 33.08 -27.31 14.59
N PHE F 460 32.38 -27.86 13.60
CA PHE F 460 31.01 -28.31 13.84
C PHE F 460 30.99 -29.44 14.86
N VAL F 461 31.73 -30.52 14.59
CA VAL F 461 31.72 -31.69 15.47
C VAL F 461 32.07 -31.29 16.89
N VAL F 462 33.11 -30.46 17.05
CA VAL F 462 33.48 -30.02 18.39
C VAL F 462 32.36 -29.21 19.02
N GLY F 463 31.66 -28.40 18.21
CA GLY F 463 30.62 -27.55 18.75
C GLY F 463 29.45 -28.32 19.33
N VAL F 464 28.87 -29.23 18.54
CA VAL F 464 27.72 -29.98 19.03
C VAL F 464 28.13 -30.95 20.13
N LEU F 465 29.32 -31.56 20.01
CA LEU F 465 29.77 -32.49 21.03
C LEU F 465 29.96 -31.80 22.37
N LEU F 466 30.63 -30.66 22.37
CA LEU F 466 30.78 -29.89 23.60
C LEU F 466 29.42 -29.48 24.15
N ARG F 467 28.52 -29.02 23.27
CA ARG F 467 27.22 -28.57 23.75
C ARG F 467 26.41 -29.73 24.30
N GLU F 468 26.42 -30.87 23.59
CA GLU F 468 25.68 -32.04 24.06
C GLU F 468 26.08 -32.40 25.48
N VAL F 469 27.39 -32.40 25.77
CA VAL F 469 27.87 -32.66 27.11
C VAL F 469 27.40 -31.58 28.08
N PHE F 470 27.41 -30.31 27.63
CA PHE F 470 27.01 -29.21 28.50
C PHE F 470 25.52 -29.27 28.82
N GLU F 471 24.68 -29.47 27.80
CA GLU F 471 23.26 -29.64 28.06
C GLU F 471 23.01 -30.78 29.04
N TYR F 472 23.66 -31.92 28.83
CA TYR F 472 23.45 -33.09 29.69
C TYR F 472 23.80 -32.77 31.15
N LYS F 473 24.88 -32.02 31.33
CA LYS F 473 25.35 -31.65 32.69
C LYS F 473 24.28 -30.75 33.33
N GLU F 474 23.78 -29.79 32.56
CA GLU F 474 22.75 -28.88 33.07
C GLU F 474 21.51 -29.65 33.49
N ARG F 475 21.11 -30.63 32.66
CA ARG F 475 19.86 -31.35 32.91
C ARG F 475 19.97 -32.27 34.12
N VAL F 476 21.10 -32.97 34.27
CA VAL F 476 21.20 -34.06 35.23
C VAL F 476 21.93 -33.62 36.50
N GLY F 477 23.03 -32.90 36.36
CA GLY F 477 23.72 -32.40 37.52
C GLY F 477 25.16 -32.85 37.59
N ARG F 478 25.75 -32.61 38.76
CA ARG F 478 27.20 -32.61 38.90
C ARG F 478 27.69 -33.58 39.98
N GLN F 479 27.51 -34.88 39.75
CA GLN F 479 28.27 -35.87 40.52
C GLN F 479 29.15 -36.73 39.62
N ASP F 480 29.39 -36.28 38.39
CA ASP F 480 30.38 -36.88 37.50
C ASP F 480 31.19 -35.77 36.87
N THR F 481 32.52 -35.83 37.04
CA THR F 481 33.41 -34.83 36.46
C THR F 481 33.79 -35.25 35.05
N VAL F 482 33.66 -34.34 34.09
CA VAL F 482 34.07 -34.56 32.71
C VAL F 482 35.20 -33.60 32.38
N PHE F 483 36.30 -34.14 31.84
CA PHE F 483 37.45 -33.33 31.47
C PHE F 483 37.50 -33.18 29.95
N VAL F 484 37.62 -31.95 29.47
CA VAL F 484 37.70 -31.65 28.05
C VAL F 484 39.13 -31.26 27.72
N VAL F 485 39.80 -32.06 26.91
CA VAL F 485 41.18 -31.83 26.51
C VAL F 485 41.16 -31.20 25.11
N LEU F 486 41.51 -29.93 25.02
CA LEU F 486 41.38 -29.14 23.80
C LEU F 486 42.67 -28.37 23.54
N ASP F 487 43.40 -28.75 22.49
CA ASP F 487 44.61 -28.05 22.08
C ASP F 487 44.21 -26.91 21.14
N GLU F 488 45.20 -26.10 20.74
CA GLU F 488 45.00 -24.99 19.80
C GLU F 488 43.82 -24.11 20.24
N LEU F 489 43.86 -23.66 21.49
CA LEU F 489 42.71 -22.94 22.03
C LEU F 489 42.44 -21.65 21.26
N ASN F 490 43.40 -21.18 20.48
CA ASN F 490 43.25 -19.90 19.78
C ASN F 490 42.24 -19.99 18.64
N LYS F 491 42.25 -21.09 17.87
CA LYS F 491 41.26 -21.20 16.80
C LYS F 491 39.86 -21.48 17.37
N TYR F 492 39.77 -22.16 18.50
CA TYR F 492 38.44 -22.49 19.03
C TYR F 492 37.83 -21.33 19.81
N ALA F 493 38.65 -20.57 20.52
CA ALA F 493 38.19 -19.41 21.28
C ALA F 493 39.14 -18.24 21.01
N PRO F 494 39.04 -17.63 19.83
CA PRO F 494 39.92 -16.50 19.52
C PRO F 494 39.66 -15.33 20.46
N ARG F 495 40.61 -14.40 20.49
CA ARG F 495 40.52 -13.30 21.45
C ARG F 495 39.43 -12.31 21.05
N GLU F 496 39.33 -11.99 19.75
CA GLU F 496 38.41 -10.95 19.33
C GLU F 496 37.19 -11.46 18.58
N GLY F 497 37.27 -12.61 17.91
CA GLY F 497 36.13 -13.14 17.19
C GLY F 497 34.98 -13.52 18.10
N ASP F 498 33.90 -14.00 17.48
CA ASP F 498 32.73 -14.46 18.23
C ASP F 498 32.05 -15.56 17.45
N SER F 499 31.94 -16.74 18.05
CA SER F 499 31.39 -17.92 17.42
C SER F 499 30.60 -18.71 18.47
N PRO F 500 29.72 -19.63 18.02
CA PRO F 500 28.98 -20.43 19.00
C PRO F 500 29.85 -21.45 19.69
N ILE F 501 30.85 -21.97 18.99
CA ILE F 501 31.80 -22.91 19.58
C ILE F 501 32.65 -22.21 20.65
N LYS F 502 32.88 -20.92 20.48
CA LYS F 502 33.51 -20.13 21.54
C LYS F 502 32.52 -19.86 22.68
N ASP F 503 31.23 -19.78 22.36
CA ASP F 503 30.23 -19.58 23.40
C ASP F 503 30.15 -20.77 24.35
N VAL F 504 30.20 -22.00 23.82
CA VAL F 504 30.12 -23.18 24.68
C VAL F 504 31.41 -23.32 25.50
N LEU F 505 32.55 -22.97 24.89
CA LEU F 505 33.79 -22.90 25.66
C LEU F 505 33.74 -21.84 26.74
N LEU F 506 33.00 -20.75 26.49
CA LEU F 506 32.77 -19.76 27.53
C LEU F 506 31.88 -20.33 28.64
N ASP F 507 30.78 -20.99 28.25
CA ASP F 507 29.89 -21.61 29.24
C ASP F 507 30.63 -22.64 30.07
N ILE F 508 31.50 -23.43 29.44
CA ILE F 508 32.31 -24.39 30.19
C ILE F 508 33.26 -23.67 31.14
N ALA F 509 33.80 -22.54 30.71
CA ALA F 509 34.80 -21.84 31.53
C ALA F 509 34.15 -21.19 32.74
N GLU F 510 33.02 -20.51 32.53
CA GLU F 510 32.43 -19.72 33.62
C GLU F 510 31.55 -20.57 34.53
N ARG F 511 30.86 -21.56 33.98
CA ARG F 511 29.93 -22.37 34.76
C ARG F 511 30.39 -23.79 35.02
N GLY F 512 31.37 -24.29 34.27
CA GLY F 512 31.75 -25.70 34.37
C GLY F 512 32.24 -26.12 35.73
N ARG F 513 32.66 -25.18 36.58
CA ARG F 513 33.08 -25.54 37.92
C ARG F 513 31.95 -26.19 38.70
N SER F 514 30.80 -25.53 38.76
CA SER F 514 29.65 -26.05 39.51
C SER F 514 28.83 -27.04 38.69
N LEU F 515 29.13 -27.20 37.41
CA LEU F 515 28.45 -28.17 36.57
C LEU F 515 29.24 -29.46 36.40
N GLY F 516 30.52 -29.45 36.75
CA GLY F 516 31.37 -30.63 36.66
C GLY F 516 32.06 -30.83 35.33
N ILE F 517 32.16 -29.80 34.50
CA ILE F 517 32.89 -29.86 33.25
C ILE F 517 34.15 -29.03 33.40
N ILE F 518 35.30 -29.68 33.29
CA ILE F 518 36.60 -29.05 33.50
C ILE F 518 37.37 -29.10 32.19
N LEU F 519 38.02 -27.99 31.86
CA LEU F 519 38.75 -27.83 30.61
C LEU F 519 40.26 -27.89 30.88
N ILE F 520 40.93 -28.86 30.27
CA ILE F 520 42.38 -28.87 30.17
C ILE F 520 42.71 -28.39 28.76
N GLY F 521 43.06 -27.12 28.65
CA GLY F 521 43.27 -26.47 27.37
C GLY F 521 44.71 -26.08 27.13
N ALA F 522 45.11 -26.02 25.87
CA ALA F 522 46.46 -25.67 25.50
C ALA F 522 46.46 -24.75 24.28
N GLN F 523 47.41 -23.81 24.27
CA GLN F 523 47.60 -22.92 23.14
C GLN F 523 49.04 -22.45 23.17
N GLN F 524 49.54 -22.02 22.02
CA GLN F 524 50.94 -21.57 21.93
C GLN F 524 51.12 -20.35 22.83
N THR F 525 50.23 -19.36 22.73
CA THR F 525 50.32 -18.17 23.54
C THR F 525 48.95 -17.81 24.09
N ALA F 526 48.89 -17.57 25.39
CA ALA F 526 47.63 -17.20 26.03
C ALA F 526 47.06 -15.89 25.50
N SER F 527 47.91 -15.06 24.87
CA SER F 527 47.46 -13.74 24.44
C SER F 527 46.51 -13.80 23.26
N GLU F 528 46.50 -14.91 22.52
CA GLU F 528 45.65 -15.07 21.35
C GLU F 528 44.31 -15.74 21.68
N VAL F 529 44.07 -16.05 22.96
CA VAL F 529 42.86 -16.73 23.38
C VAL F 529 41.99 -15.75 24.16
N GLU F 530 40.68 -15.98 24.12
CA GLU F 530 39.73 -15.12 24.83
C GLU F 530 40.14 -14.96 26.28
N ARG F 531 40.13 -13.71 26.75
CA ARG F 531 40.55 -13.41 28.11
C ARG F 531 39.73 -14.17 29.14
N ARG F 532 38.43 -14.39 28.86
CA ARG F 532 37.58 -15.03 29.85
C ARG F 532 37.86 -16.53 29.96
N ILE F 533 38.35 -17.15 28.89
CA ILE F 533 38.74 -18.56 28.97
C ILE F 533 40.01 -18.70 29.82
N VAL F 534 41.06 -17.95 29.46
CA VAL F 534 42.33 -18.07 30.17
C VAL F 534 42.20 -17.58 31.60
N SER F 535 41.35 -16.57 31.84
CA SER F 535 41.23 -16.02 33.19
C SER F 535 40.74 -17.06 34.20
N ASN F 536 39.86 -17.97 33.77
CA ASN F 536 39.18 -18.91 34.66
C ASN F 536 39.95 -20.21 34.87
N ALA F 537 41.23 -20.25 34.56
CA ALA F 537 42.02 -21.46 34.75
C ALA F 537 42.83 -21.32 36.02
N ALA F 538 42.59 -22.23 36.98
CA ALA F 538 43.30 -22.16 38.25
C ALA F 538 44.73 -22.63 38.14
N ILE F 539 44.99 -23.60 37.27
CA ILE F 539 46.31 -24.17 37.05
C ILE F 539 46.83 -23.64 35.72
N ARG F 540 48.01 -23.01 35.75
CA ARG F 540 48.65 -22.50 34.54
C ARG F 540 50.00 -23.18 34.38
N VAL F 541 50.20 -23.80 33.22
CA VAL F 541 51.42 -24.55 32.95
C VAL F 541 52.11 -23.94 31.73
N VAL F 542 53.43 -23.85 31.80
CA VAL F 542 54.24 -23.20 30.78
C VAL F 542 55.40 -24.13 30.42
N GLY F 543 55.46 -24.54 29.15
CA GLY F 543 56.65 -25.15 28.59
C GLY F 543 57.58 -24.08 28.05
N ARG F 544 58.41 -24.46 27.07
CA ARG F 544 59.29 -23.47 26.47
C ARG F 544 58.45 -22.35 25.84
N LEU F 545 58.53 -21.15 26.41
CA LEU F 545 57.75 -20.03 25.92
C LEU F 545 58.55 -19.23 24.90
N ASP F 546 57.84 -18.62 23.96
CA ASP F 546 58.47 -17.71 23.03
C ASP F 546 59.10 -16.55 23.80
N LEU F 547 60.24 -16.06 23.28
CA LEU F 547 60.89 -14.93 23.91
C LEU F 547 59.98 -13.70 23.94
N ALA F 548 59.19 -13.50 22.88
CA ALA F 548 58.30 -12.34 22.79
C ALA F 548 57.18 -12.40 23.81
N GLU F 549 56.56 -13.57 23.98
CA GLU F 549 55.34 -13.68 24.74
C GLU F 549 55.57 -13.73 26.25
N ALA F 550 56.80 -13.99 26.68
CA ALA F 550 57.07 -14.11 28.12
C ALA F 550 56.84 -12.80 28.85
N GLU F 551 57.07 -11.66 28.19
CA GLU F 551 56.85 -10.38 28.81
C GLU F 551 55.44 -9.85 28.61
N ARG F 552 54.60 -10.56 27.84
CA ARG F 552 53.23 -10.13 27.60
C ARG F 552 52.44 -10.05 28.92
N PRO F 553 51.33 -9.31 28.91
CA PRO F 553 50.50 -9.23 30.13
C PRO F 553 49.88 -10.56 30.52
N GLU F 554 49.71 -11.48 29.59
CA GLU F 554 49.09 -12.75 29.93
C GLU F 554 50.02 -13.66 30.72
N TYR F 555 51.31 -13.34 30.81
CA TYR F 555 52.29 -14.17 31.49
C TYR F 555 52.98 -13.41 32.62
N ARG F 556 52.21 -12.57 33.32
CA ARG F 556 52.75 -11.89 34.49
C ARG F 556 52.94 -12.82 35.67
N PHE F 557 52.22 -13.94 35.71
CA PHE F 557 52.42 -14.93 36.76
C PHE F 557 53.79 -15.59 36.68
N LEU F 558 54.54 -15.36 35.60
CA LEU F 558 55.94 -15.74 35.53
C LEU F 558 56.79 -14.58 36.01
N PRO F 559 57.55 -14.73 37.10
CA PRO F 559 58.49 -13.67 37.47
C PRO F 559 59.51 -13.45 36.36
N GLN F 560 60.11 -12.26 36.37
CA GLN F 560 61.15 -11.97 35.39
C GLN F 560 62.33 -12.93 35.51
N SER F 561 62.53 -13.51 36.70
CA SER F 561 63.63 -14.44 36.89
C SER F 561 63.48 -15.68 36.02
N PHE F 562 62.24 -16.07 35.74
CA PHE F 562 61.97 -17.30 34.99
C PHE F 562 62.03 -17.10 33.48
N ARG F 563 61.84 -15.87 32.99
CA ARG F 563 61.64 -15.66 31.57
C ARG F 563 62.83 -16.14 30.75
N GLY F 564 64.04 -15.75 31.14
CA GLY F 564 65.22 -16.20 30.41
C GLY F 564 65.42 -17.69 30.51
N ARG F 565 65.11 -18.27 31.67
CA ARG F 565 65.16 -19.71 31.83
C ARG F 565 64.13 -20.41 30.94
N ALA F 566 62.92 -19.85 30.86
CA ALA F 566 61.85 -20.50 30.11
C ALA F 566 62.05 -20.45 28.61
N GLY F 567 62.86 -19.50 28.11
CA GLY F 567 63.11 -19.43 26.68
C GLY F 567 63.88 -20.63 26.14
N ILE F 568 64.56 -21.37 27.00
CA ILE F 568 65.39 -22.51 26.62
C ILE F 568 64.90 -23.79 27.28
N LEU F 569 63.67 -23.80 27.77
CA LEU F 569 63.14 -24.96 28.47
C LEU F 569 63.11 -26.17 27.55
N GLN F 570 63.59 -27.29 28.06
CA GLN F 570 63.74 -28.50 27.26
C GLN F 570 62.41 -29.24 27.17
N PRO F 571 62.21 -30.00 26.08
CA PRO F 571 60.99 -30.83 25.98
C PRO F 571 60.86 -31.79 27.16
N GLY F 572 59.65 -31.86 27.71
CA GLY F 572 59.38 -32.64 28.89
C GLY F 572 59.46 -31.86 30.18
N THR F 573 59.84 -30.59 30.12
CA THR F 573 60.04 -29.76 31.29
C THR F 573 59.00 -28.64 31.26
N MET F 574 58.23 -28.52 32.34
CA MET F 574 57.17 -27.53 32.42
C MET F 574 57.31 -26.74 33.72
N LEU F 575 56.74 -25.54 33.71
CA LEU F 575 56.64 -24.69 34.89
C LEU F 575 55.16 -24.63 35.26
N VAL F 576 54.79 -25.17 36.43
CA VAL F 576 53.40 -25.19 36.87
C VAL F 576 53.21 -24.14 37.94
N SER F 577 52.05 -23.50 37.92
CA SER F 577 51.68 -22.48 38.89
C SER F 577 50.25 -22.75 39.32
N GLN F 578 50.06 -22.96 40.62
CA GLN F 578 48.77 -23.26 41.22
C GLN F 578 48.48 -22.27 42.34
N PRO F 579 47.19 -22.02 42.64
CA PRO F 579 46.87 -21.01 43.65
C PRO F 579 47.52 -21.26 45.00
N ASP F 580 47.62 -22.53 45.43
CA ASP F 580 48.14 -22.79 46.77
C ASP F 580 49.58 -22.32 46.92
N VAL F 581 50.40 -22.52 45.89
CA VAL F 581 51.83 -22.21 45.95
C VAL F 581 52.08 -20.91 45.19
N PRO F 582 52.69 -19.90 45.81
CA PRO F 582 52.75 -18.57 45.20
C PRO F 582 53.80 -18.43 44.09
N ASN F 583 54.51 -19.49 43.76
CA ASN F 583 55.52 -19.35 42.72
C ASN F 583 55.40 -20.47 41.70
N PRO F 584 55.82 -20.22 40.47
CA PRO F 584 56.01 -21.31 39.53
C PRO F 584 57.10 -22.25 40.02
N VAL F 585 56.84 -23.55 39.94
CA VAL F 585 57.81 -24.58 40.29
C VAL F 585 58.08 -25.41 39.05
N LEU F 586 59.36 -25.74 38.83
CA LEU F 586 59.78 -26.47 37.65
C LEU F 586 59.63 -27.97 37.88
N VAL F 587 59.13 -28.69 36.87
CA VAL F 587 58.82 -30.11 37.03
C VAL F 587 59.10 -30.85 35.73
N ASN F 588 59.44 -32.13 35.86
CA ASN F 588 59.53 -33.06 34.75
C ASN F 588 58.54 -34.19 34.96
N TYR F 589 58.09 -34.77 33.85
CA TYR F 589 57.10 -35.84 33.89
C TYR F 589 57.51 -36.95 32.92
N PRO F 590 57.11 -38.19 33.19
CA PRO F 590 57.61 -39.33 32.41
C PRO F 590 57.24 -39.24 30.94
N PHE F 591 57.85 -40.14 30.18
CA PHE F 591 57.44 -40.38 28.81
C PHE F 591 56.12 -41.15 28.79
N PRO F 592 55.27 -40.90 27.79
CA PRO F 592 53.92 -41.50 27.79
C PRO F 592 53.98 -43.02 27.74
N ALA F 593 53.23 -43.66 28.65
CA ALA F 593 53.10 -45.11 28.62
C ALA F 593 52.11 -45.55 27.55
N TRP F 594 51.21 -44.66 27.16
CA TRP F 594 50.33 -44.85 26.01
C TRP F 594 51.06 -44.47 24.73
N ALA F 595 50.84 -45.25 23.68
CA ALA F 595 51.49 -44.94 22.42
C ALA F 595 50.97 -43.62 21.84
N THR F 596 51.89 -42.81 21.33
CA THR F 596 51.55 -41.54 20.71
C THR F 596 51.86 -41.51 19.21
N ARG F 597 52.19 -42.66 18.64
CA ARG F 597 52.39 -42.77 17.20
C ARG F 597 52.09 -44.21 16.81
N ARG F 598 51.91 -44.41 15.50
CA ARG F 598 51.61 -45.76 15.00
C ARG F 598 52.73 -46.74 15.32
N ASP F 599 53.98 -46.37 15.01
CA ASP F 599 55.07 -47.33 15.21
C ASP F 599 55.38 -47.61 16.66
N GLU F 600 54.80 -46.85 17.60
CA GLU F 600 55.09 -47.11 19.01
C GLU F 600 54.32 -48.30 19.54
N VAL F 601 53.38 -48.84 18.77
CA VAL F 601 52.65 -50.02 19.17
C VAL F 601 53.34 -51.26 18.58
N ASP F 602 53.01 -52.41 19.15
CA ASP F 602 53.65 -53.70 18.77
C ASP F 602 52.62 -54.66 18.18
N ASP F 603 52.24 -54.48 16.91
CA ASP F 603 51.29 -55.42 16.27
C ASP F 603 52.05 -56.67 15.83
N LEU F 604 51.55 -57.86 16.17
CA LEU F 604 52.25 -59.12 15.82
C LEU F 604 51.34 -60.06 15.04
N ASP G 13 93.81 -26.39 21.71
CA ASP G 13 92.49 -26.83 21.23
C ASP G 13 91.37 -26.03 21.90
N ALA G 14 91.64 -25.54 23.11
CA ALA G 14 90.68 -24.73 23.82
C ALA G 14 90.71 -23.30 23.28
N ILE G 15 89.64 -22.55 23.58
CA ILE G 15 89.46 -21.21 23.06
C ILE G 15 89.58 -20.14 24.13
N GLY G 16 89.15 -20.40 25.35
CA GLY G 16 89.24 -19.41 26.41
C GLY G 16 88.97 -20.01 27.76
N MET G 17 88.80 -19.14 28.75
CA MET G 17 88.52 -19.55 30.11
C MET G 17 87.38 -18.72 30.66
N VAL G 18 86.52 -19.37 31.45
CA VAL G 18 85.37 -18.68 32.02
C VAL G 18 85.83 -17.54 32.91
N LEU G 19 85.31 -16.35 32.66
CA LEU G 19 85.65 -15.18 33.45
C LEU G 19 84.94 -15.22 34.80
N GLY G 20 85.60 -14.70 35.83
CA GLY G 20 85.00 -14.59 37.14
C GLY G 20 84.76 -13.15 37.51
N THR G 21 85.40 -12.25 36.76
CA THR G 21 85.25 -10.82 37.02
C THR G 21 83.84 -10.33 36.70
N GLU G 22 83.17 -10.99 35.76
CA GLU G 22 81.74 -10.82 35.54
C GLU G 22 81.00 -11.93 36.27
N ASP G 23 79.69 -11.76 36.41
CA ASP G 23 78.87 -12.78 37.01
C ASP G 23 78.78 -14.01 36.10
N VAL G 24 78.69 -15.17 36.72
CA VAL G 24 78.59 -16.45 36.02
C VAL G 24 77.26 -17.06 36.42
N THR G 25 76.28 -17.03 35.52
CA THR G 25 74.98 -17.62 35.73
C THR G 25 74.77 -18.76 34.75
N PRO G 26 73.79 -19.63 34.98
CA PRO G 26 73.57 -20.75 34.03
C PRO G 26 73.13 -20.28 32.66
N THR G 27 72.40 -19.18 32.58
CA THR G 27 71.82 -18.72 31.31
C THR G 27 72.80 -17.88 30.50
N VAL G 28 73.67 -17.12 31.16
CA VAL G 28 74.61 -16.24 30.48
C VAL G 28 75.88 -16.12 31.31
N PHE G 29 77.01 -15.95 30.64
CA PHE G 29 78.32 -15.83 31.27
C PHE G 29 79.32 -15.36 30.24
N TRP G 30 80.43 -14.82 30.73
CA TRP G 30 81.53 -14.31 29.93
C TRP G 30 82.74 -15.23 30.05
N PHE G 31 83.64 -15.14 29.07
CA PHE G 31 84.91 -15.85 29.15
C PHE G 31 85.99 -15.05 28.43
N ALA G 32 87.23 -15.25 28.86
CA ALA G 32 88.38 -14.52 28.32
C ALA G 32 88.98 -15.28 27.15
N VAL G 33 89.11 -14.60 26.01
CA VAL G 33 89.65 -15.28 24.82
C VAL G 33 91.12 -15.58 25.03
N SER G 34 91.50 -16.83 24.83
CA SER G 34 92.91 -17.19 24.88
C SER G 34 93.68 -16.44 23.81
N HIS G 35 94.97 -16.18 24.08
CA HIS G 35 95.81 -15.55 23.09
C HIS G 35 95.99 -16.47 21.89
N GLY G 36 95.91 -15.90 20.70
CA GLY G 36 96.04 -16.66 19.46
C GLY G 36 94.75 -17.24 18.94
N ALA G 37 93.63 -17.01 19.62
CA ALA G 37 92.31 -17.43 19.13
C ALA G 37 91.47 -16.19 18.84
N SER G 38 90.64 -16.29 17.81
CA SER G 38 89.66 -15.26 17.50
C SER G 38 88.27 -15.78 17.83
N VAL G 39 87.44 -14.91 18.41
CA VAL G 39 86.07 -15.26 18.78
C VAL G 39 85.14 -14.34 18.03
N GLY G 40 84.41 -14.90 17.05
CA GLY G 40 83.43 -14.16 16.31
C GLY G 40 82.16 -13.97 17.11
N LEU G 41 81.32 -13.04 16.63
CA LEU G 41 80.15 -12.68 17.41
C LEU G 41 79.13 -13.80 17.45
N ASP G 42 78.94 -14.52 16.35
CA ASP G 42 77.89 -15.54 16.31
C ASP G 42 78.41 -16.94 16.59
N ASP G 43 79.66 -17.07 17.01
CA ASP G 43 80.25 -18.38 17.24
C ASP G 43 79.43 -19.19 18.24
N LEU G 44 79.30 -20.48 17.97
CA LEU G 44 78.72 -21.43 18.92
C LEU G 44 79.85 -22.10 19.67
N VAL G 45 79.75 -22.10 21.01
CA VAL G 45 80.80 -22.63 21.87
C VAL G 45 80.20 -23.62 22.85
N VAL G 46 81.06 -24.43 23.46
CA VAL G 46 80.65 -25.35 24.52
C VAL G 46 81.68 -25.31 25.64
N VAL G 47 81.21 -25.24 26.88
CA VAL G 47 82.04 -25.25 28.06
C VAL G 47 81.53 -26.34 29.00
N GLU G 48 82.46 -27.08 29.60
CA GLU G 48 82.13 -28.20 30.47
C GLU G 48 82.64 -27.93 31.88
N THR G 49 81.75 -28.07 32.86
CA THR G 49 82.08 -27.84 34.25
C THR G 49 81.86 -29.12 35.05
N ARG G 50 82.55 -29.20 36.18
CA ARG G 50 82.49 -30.35 37.07
C ARG G 50 81.73 -29.96 38.34
N LYS G 51 80.71 -30.74 38.69
CA LYS G 51 79.95 -30.53 39.91
C LYS G 51 80.79 -30.94 41.12
N PRO G 52 80.40 -30.51 42.32
CA PRO G 52 81.11 -31.01 43.53
C PRO G 52 81.20 -32.52 43.62
N ASP G 53 80.16 -33.25 43.23
CA ASP G 53 80.24 -34.71 43.32
C ASP G 53 81.03 -35.32 42.17
N GLY G 54 81.48 -34.51 41.21
CA GLY G 54 82.29 -34.98 40.11
C GLY G 54 81.56 -35.19 38.80
N THR G 55 80.22 -35.17 38.79
CA THR G 55 79.47 -35.37 37.56
C THR G 55 79.63 -34.15 36.64
N PRO G 56 79.81 -34.36 35.34
CA PRO G 56 79.91 -33.22 34.43
C PRO G 56 78.54 -32.67 34.05
N VAL G 57 78.53 -31.37 33.76
CA VAL G 57 77.40 -30.69 33.13
C VAL G 57 77.94 -29.86 31.98
N ARG G 58 77.41 -30.07 30.78
CA ARG G 58 77.85 -29.34 29.60
C ARG G 58 76.92 -28.18 29.30
N PHE G 59 77.50 -27.04 28.95
CA PHE G 59 76.77 -25.85 28.56
C PHE G 59 77.06 -25.59 27.09
N TYR G 60 76.01 -25.62 26.26
CA TYR G 60 76.11 -25.25 24.86
C TYR G 60 75.54 -23.86 24.69
N GLY G 61 76.25 -23.02 23.95
CA GLY G 61 75.88 -21.62 23.92
C GLY G 61 76.28 -20.93 22.65
N LEU G 62 75.93 -19.65 22.60
CA LEU G 62 76.18 -18.78 21.47
C LEU G 62 76.73 -17.48 22.02
N VAL G 63 77.76 -16.96 21.35
CA VAL G 63 78.27 -15.63 21.67
C VAL G 63 77.25 -14.60 21.21
N ASP G 64 76.90 -13.65 22.08
CA ASP G 64 76.07 -12.54 21.66
C ASP G 64 76.76 -11.20 21.80
N ASN G 65 77.82 -11.12 22.61
CA ASN G 65 78.61 -9.92 22.79
C ASN G 65 80.08 -10.30 22.76
N VAL G 66 80.89 -9.41 22.20
CA VAL G 66 82.35 -9.61 22.18
C VAL G 66 83.01 -8.24 22.23
N ARG G 67 84.10 -8.15 22.99
CA ARG G 67 84.70 -6.85 23.25
C ARG G 67 86.20 -6.99 23.45
N LYS G 68 86.90 -5.85 23.34
CA LYS G 68 88.30 -5.74 23.69
C LYS G 68 88.50 -4.50 24.54
N ARG G 69 89.31 -4.61 25.59
CA ARG G 69 89.56 -3.46 26.50
C ARG G 69 91.04 -3.40 26.88
N HIS G 70 91.47 -2.26 27.44
CA HIS G 70 92.86 -2.06 27.94
C HIS G 70 92.79 -2.16 29.45
N GLU G 71 93.66 -2.97 30.06
CA GLU G 71 93.59 -3.12 31.54
C GLU G 71 94.63 -2.21 32.19
N GLY G 72 94.19 -1.32 33.08
CA GLY G 72 95.10 -0.41 33.83
C GLY G 72 95.56 0.81 33.06
N VAL G 73 94.93 1.15 31.94
CA VAL G 73 95.40 2.34 31.17
C VAL G 73 95.25 3.61 32.01
N THR G 74 94.10 3.78 32.68
CA THR G 74 93.73 4.95 33.53
C THR G 74 93.40 6.21 32.70
N PHE G 75 94.33 6.71 31.88
CA PHE G 75 94.11 7.94 31.07
C PHE G 75 93.97 7.58 29.60
N GLU G 76 93.01 8.22 28.91
CA GLU G 76 92.71 7.99 27.47
C GLU G 76 93.91 8.41 26.61
N SER G 77 94.58 9.49 26.98
CA SER G 77 95.72 10.06 26.23
C SER G 77 96.95 9.14 26.18
N ASP G 78 97.07 8.22 27.14
CA ASP G 78 98.19 7.24 27.28
C ASP G 78 98.22 6.19 26.17
N VAL G 79 97.14 6.02 25.39
CA VAL G 79 97.09 4.99 24.32
C VAL G 79 98.21 5.20 23.31
N GLU G 80 98.51 6.45 22.94
CA GLU G 80 99.61 6.69 21.96
C GLU G 80 100.91 6.15 22.55
N ASP G 81 101.17 6.44 23.84
CA ASP G 81 102.40 5.97 24.53
C ASP G 81 102.36 4.45 24.64
N VAL G 82 101.20 3.88 24.95
CA VAL G 82 101.05 2.41 25.19
C VAL G 82 101.48 1.60 23.97
N VAL G 83 101.17 2.08 22.77
CA VAL G 83 101.60 1.30 21.56
C VAL G 83 103.13 1.28 21.51
N ALA G 84 103.80 2.39 21.85
CA ALA G 84 105.28 2.45 21.82
C ALA G 84 105.84 1.45 22.84
N GLY G 85 105.24 1.38 24.02
CA GLY G 85 105.72 0.47 25.08
C GLY G 85 106.18 1.26 26.28
N LEU G 86 106.10 2.58 26.18
CA LEU G 86 106.49 3.48 27.27
C LEU G 86 105.69 3.17 28.54
N LEU G 87 104.36 3.08 28.42
CA LEU G 87 103.56 2.56 29.51
C LEU G 87 102.95 1.22 29.09
N PRO G 88 103.01 0.21 29.93
CA PRO G 88 102.55 -1.13 29.51
C PRO G 88 101.09 -1.40 29.84
N ALA G 89 100.34 -1.92 28.86
CA ALA G 89 98.95 -2.34 29.04
C ALA G 89 98.71 -3.60 28.23
N SER G 90 98.07 -4.59 28.86
CA SER G 90 97.76 -5.87 28.24
C SER G 90 96.29 -5.91 27.86
N VAL G 91 95.98 -6.52 26.72
CA VAL G 91 94.66 -6.42 26.10
C VAL G 91 93.74 -7.50 26.66
N SER G 92 92.51 -7.13 26.99
CA SER G 92 91.51 -8.08 27.48
C SER G 92 90.48 -8.32 26.37
N TYR G 93 90.47 -9.55 25.84
CA TYR G 93 89.56 -9.97 24.80
C TYR G 93 88.56 -10.94 25.43
N ALA G 94 87.30 -10.51 25.52
CA ALA G 94 86.25 -11.26 26.21
C ALA G 94 84.98 -11.35 25.36
N ALA G 95 84.23 -12.42 25.59
CA ALA G 95 83.01 -12.72 24.84
C ALA G 95 81.92 -13.16 25.82
N ARG G 96 80.69 -12.79 25.53
CA ARG G 96 79.54 -13.19 26.34
C ARG G 96 78.82 -14.35 25.67
N VAL G 97 78.45 -15.36 26.45
CA VAL G 97 77.84 -16.58 25.91
C VAL G 97 76.38 -16.62 26.31
N LEU G 98 75.49 -16.68 25.32
CA LEU G 98 74.06 -16.85 25.57
C LEU G 98 73.76 -18.35 25.51
N VAL G 99 73.54 -18.97 26.68
CA VAL G 99 73.42 -20.42 26.75
C VAL G 99 72.14 -20.86 26.06
N THR G 100 72.28 -21.79 25.12
CA THR G 100 71.10 -22.32 24.38
C THR G 100 70.66 -23.63 25.03
N ARG G 101 71.60 -24.47 25.44
CA ARG G 101 71.18 -25.78 26.01
C ARG G 101 72.13 -26.24 27.13
N VAL G 102 71.60 -27.00 28.09
CA VAL G 102 72.39 -27.64 29.18
C VAL G 102 72.14 -29.14 29.02
N ASP G 103 73.18 -29.93 28.72
CA ASP G 103 72.97 -31.37 28.40
C ASP G 103 72.42 -32.15 29.59
N PRO G 104 72.98 -32.02 30.81
CA PRO G 104 72.47 -32.72 31.98
C PRO G 104 71.27 -31.92 32.51
N GLU G 105 71.12 -30.69 32.02
CA GLU G 105 70.01 -29.80 32.38
C GLU G 105 69.91 -29.54 33.88
N ASN G 106 71.04 -29.19 34.47
CA ASN G 106 71.07 -28.53 35.77
C ASN G 106 71.38 -27.06 35.52
N PHE G 107 70.62 -26.20 36.17
CA PHE G 107 70.85 -24.76 36.11
C PHE G 107 71.76 -24.36 37.27
N ILE G 108 73.00 -24.84 37.15
CA ILE G 108 74.12 -24.56 38.04
C ILE G 108 75.16 -23.74 37.28
N PRO G 109 75.89 -22.85 37.92
CA PRO G 109 76.82 -21.96 37.20
C PRO G 109 78.17 -22.63 36.95
N PRO G 110 78.73 -22.46 35.76
CA PRO G 110 80.07 -23.01 35.50
C PRO G 110 81.09 -22.37 36.42
N GLN G 111 82.19 -23.07 36.65
CA GLN G 111 83.19 -22.45 37.50
C GLN G 111 84.11 -21.56 36.69
N PRO G 112 84.47 -20.39 37.22
CA PRO G 112 85.50 -19.58 36.57
C PRO G 112 86.78 -20.40 36.38
N GLY G 113 87.44 -20.19 35.25
CA GLY G 113 88.58 -20.97 34.89
C GLY G 113 88.26 -22.21 34.07
N ASP G 114 86.99 -22.59 33.95
CA ASP G 114 86.63 -23.70 33.09
C ASP G 114 86.96 -23.37 31.63
N HIS G 115 87.30 -24.41 30.87
CA HIS G 115 87.71 -24.22 29.49
C HIS G 115 86.49 -24.04 28.58
N VAL G 116 86.57 -23.05 27.70
CA VAL G 116 85.57 -22.83 26.64
C VAL G 116 86.21 -23.20 25.31
N ARG G 117 85.45 -23.90 24.48
CA ARG G 117 85.94 -24.37 23.19
C ARG G 117 84.84 -24.30 22.15
N HIS G 118 85.24 -24.16 20.89
CA HIS G 118 84.28 -24.14 19.79
C HIS G 118 83.59 -25.48 19.65
N ALA G 119 82.27 -25.45 19.57
CA ALA G 119 81.48 -26.66 19.29
C ALA G 119 81.75 -27.11 17.87
N ALA G 120 82.43 -28.24 17.71
CA ALA G 120 82.95 -28.62 16.41
C ALA G 120 82.42 -29.95 15.91
N GLY G 121 82.24 -30.94 16.78
CA GLY G 121 81.90 -32.27 16.32
C GLY G 121 80.49 -32.68 16.68
N ARG G 122 80.37 -33.69 17.53
CA ARG G 122 79.09 -33.97 18.15
C ARG G 122 78.62 -32.81 19.01
N GLU G 123 79.56 -32.00 19.51
CA GLU G 123 79.21 -30.85 20.33
C GLU G 123 78.32 -29.87 19.56
N LEU G 124 78.69 -29.58 18.30
CA LEU G 124 77.86 -28.69 17.49
C LEU G 124 76.46 -29.27 17.29
N ALA G 125 76.36 -30.59 17.12
CA ALA G 125 75.06 -31.22 16.98
C ALA G 125 74.18 -30.97 18.21
N MET G 126 74.77 -31.08 19.40
CA MET G 126 74.01 -30.83 20.62
C MET G 126 73.63 -29.36 20.76
N ALA G 127 74.50 -28.45 20.30
CA ALA G 127 74.21 -27.03 20.41
C ALA G 127 72.99 -26.64 19.57
N LEU G 128 72.94 -27.11 18.32
CA LEU G 128 71.84 -26.80 17.42
C LEU G 128 70.68 -27.78 17.56
N SER G 129 70.62 -28.53 18.66
CA SER G 129 69.53 -29.47 18.92
C SER G 129 69.29 -30.43 17.75
N ALA G 130 70.36 -30.81 17.05
CA ALA G 130 70.22 -31.70 15.91
C ALA G 130 69.69 -33.06 16.31
N ASP G 131 69.91 -33.48 17.57
CA ASP G 131 69.38 -34.75 18.05
C ASP G 131 67.85 -34.77 18.05
N LYS G 132 67.22 -33.61 18.28
CA LYS G 132 65.76 -33.55 18.18
C LYS G 132 65.31 -33.63 16.73
N MET G 133 66.18 -33.29 15.79
CA MET G 133 65.78 -33.24 14.39
C MET G 133 65.86 -34.61 13.73
N GLU G 134 66.86 -35.39 14.10
CA GLU G 134 67.00 -36.79 13.67
C GLU G 134 67.15 -36.78 12.14
N GLU G 135 66.45 -37.67 11.43
CA GLU G 135 66.56 -37.75 9.98
C GLU G 135 65.93 -36.57 9.28
N ALA G 136 65.15 -35.76 9.99
CA ALA G 136 64.50 -34.61 9.37
C ALA G 136 65.40 -33.40 9.28
N ALA G 137 66.65 -33.50 9.72
CA ALA G 137 67.59 -32.40 9.59
C ALA G 137 68.12 -32.33 8.18
N PHE G 138 68.16 -31.13 7.62
CA PHE G 138 68.72 -30.90 6.29
C PHE G 138 69.43 -29.56 6.30
N PRO G 139 70.31 -29.33 5.33
CA PRO G 139 71.07 -28.08 5.30
C PRO G 139 70.17 -26.86 5.19
N GLY G 140 70.30 -25.94 6.14
CA GLY G 140 69.63 -24.66 6.07
C GLY G 140 70.55 -23.50 5.75
N GLY G 141 71.80 -23.80 5.43
CA GLY G 141 72.83 -22.79 5.23
C GLY G 141 74.14 -23.20 5.84
N LEU G 142 75.20 -22.43 5.60
CA LEU G 142 76.50 -22.64 6.23
C LEU G 142 76.64 -21.68 7.40
N LEU G 143 77.07 -22.18 8.54
CA LEU G 143 77.42 -21.29 9.63
C LEU G 143 78.93 -21.09 9.62
N ALA G 144 79.43 -20.40 10.66
CA ALA G 144 80.84 -20.05 10.75
C ALA G 144 81.73 -21.28 10.59
N ASP G 145 82.73 -21.14 9.69
CA ASP G 145 83.73 -22.18 9.41
C ASP G 145 83.10 -23.40 8.75
N GLY G 146 82.16 -23.17 7.85
CA GLY G 146 81.74 -24.16 6.89
C GLY G 146 80.95 -25.33 7.42
N GLN G 147 80.39 -25.23 8.61
CA GLN G 147 79.57 -26.38 8.94
C GLN G 147 78.12 -26.12 8.55
N PRO G 148 77.42 -27.11 8.00
CA PRO G 148 76.03 -26.90 7.62
C PRO G 148 75.13 -26.78 8.84
N LEU G 149 74.09 -25.95 8.70
CA LEU G 149 73.13 -25.75 9.76
C LEU G 149 71.94 -26.68 9.54
N PRO G 150 71.63 -27.57 10.48
CA PRO G 150 70.46 -28.44 10.31
C PRO G 150 69.16 -27.66 10.53
N LEU G 151 68.28 -27.71 9.53
CA LEU G 151 66.90 -27.26 9.69
C LEU G 151 66.00 -28.49 9.84
N ASN G 152 65.06 -28.42 10.78
CA ASN G 152 64.14 -29.54 11.02
C ASN G 152 63.01 -29.48 10.00
N PHE G 153 63.07 -30.35 8.99
CA PHE G 153 62.06 -30.33 7.94
C PHE G 153 60.67 -30.59 8.48
N ARG G 154 60.56 -31.33 9.60
CA ARG G 154 59.26 -31.57 10.21
C ARG G 154 58.58 -30.28 10.65
N PHE G 155 59.34 -29.19 10.79
CA PHE G 155 58.75 -27.90 11.11
C PHE G 155 58.44 -27.08 9.86
N ILE G 156 58.59 -27.67 8.69
CA ILE G 156 58.29 -27.00 7.44
C ILE G 156 57.11 -27.65 6.72
N ASN G 157 57.05 -28.98 6.79
CA ASN G 157 56.02 -29.75 6.06
C ASN G 157 54.71 -29.83 6.83
N GLY G 158 54.69 -29.38 8.06
CA GLY G 158 53.43 -29.49 8.82
C GLY G 158 53.43 -30.66 9.78
N GLU G 159 54.46 -31.48 9.83
CA GLU G 159 54.36 -32.59 10.80
C GLU G 159 54.33 -32.04 12.22
N SER G 160 55.32 -31.22 12.59
CA SER G 160 55.36 -30.62 13.94
C SER G 160 55.18 -29.11 13.78
N GLY G 161 55.73 -28.59 12.71
CA GLY G 161 55.76 -27.16 12.42
C GLY G 161 55.22 -26.88 11.04
N GLY G 162 55.08 -25.61 10.69
CA GLY G 162 54.44 -25.39 9.40
C GLY G 162 55.28 -24.76 8.33
N HIS G 163 55.05 -23.46 8.18
CA HIS G 163 55.43 -22.68 6.97
C HIS G 163 56.70 -21.87 7.23
N ILE G 164 57.06 -20.96 6.32
CA ILE G 164 58.29 -20.14 6.45
C ILE G 164 57.98 -18.66 6.21
N ASN G 165 58.61 -17.76 6.95
CA ASN G 165 58.43 -16.32 6.75
C ASN G 165 59.79 -15.64 6.79
N ILE G 166 60.15 -14.97 5.70
CA ILE G 166 61.43 -14.29 5.56
C ILE G 166 61.18 -12.78 5.56
N SER G 167 62.00 -12.05 6.31
CA SER G 167 61.86 -10.62 6.42
C SER G 167 63.19 -9.96 6.08
N GLY G 168 63.13 -8.73 5.61
CA GLY G 168 64.34 -8.00 5.29
C GLY G 168 64.10 -6.96 4.23
N ILE G 169 65.07 -6.05 4.12
CA ILE G 169 64.95 -4.91 3.21
C ILE G 169 65.02 -5.40 1.78
N SER G 170 63.95 -5.18 1.02
CA SER G 170 63.89 -5.67 -0.35
C SER G 170 64.94 -4.96 -1.20
N GLY G 171 65.61 -5.73 -2.06
CA GLY G 171 66.75 -5.25 -2.81
C GLY G 171 68.08 -5.55 -2.13
N VAL G 172 68.10 -5.41 -0.80
CA VAL G 172 69.32 -5.67 -0.03
C VAL G 172 69.30 -7.10 0.50
N ALA G 173 68.44 -7.35 1.49
CA ALA G 173 68.26 -8.70 1.99
C ALA G 173 67.83 -9.63 0.87
N THR G 174 68.38 -10.83 0.86
CA THR G 174 68.23 -11.72 -0.30
C THR G 174 67.13 -12.76 -0.09
N LYS G 175 65.92 -12.30 0.26
CA LYS G 175 64.88 -13.21 0.74
C LYS G 175 64.38 -14.13 -0.37
N THR G 176 64.00 -13.57 -1.51
CA THR G 176 63.54 -14.40 -2.61
C THR G 176 64.58 -15.43 -3.01
N SER G 177 65.84 -14.98 -3.16
CA SER G 177 66.91 -15.90 -3.56
C SER G 177 67.14 -16.96 -2.49
N TYR G 178 66.99 -16.58 -1.21
CA TYR G 178 67.14 -17.56 -0.16
C TYR G 178 66.02 -18.60 -0.18
N ALA G 179 64.80 -18.15 -0.51
CA ALA G 179 63.69 -19.09 -0.62
C ALA G 179 63.96 -20.13 -1.69
N LEU G 180 64.54 -19.70 -2.82
CA LEU G 180 64.91 -20.64 -3.87
C LEU G 180 66.04 -21.57 -3.43
N PHE G 181 66.95 -21.06 -2.58
CA PHE G 181 67.97 -21.93 -2.01
C PHE G 181 67.37 -22.97 -1.08
N LEU G 182 66.40 -22.56 -0.24
CA LEU G 182 65.71 -23.51 0.62
C LEU G 182 64.97 -24.56 -0.19
N LEU G 183 64.23 -24.13 -1.23
CA LEU G 183 63.60 -25.07 -2.14
C LEU G 183 64.62 -26.06 -2.71
N HIS G 184 65.73 -25.52 -3.21
CA HIS G 184 66.76 -26.38 -3.78
C HIS G 184 67.26 -27.39 -2.76
N SER G 185 67.47 -26.94 -1.52
CA SER G 185 67.91 -27.86 -0.47
C SER G 185 66.86 -28.95 -0.22
N ILE G 186 65.60 -28.54 -0.08
CA ILE G 186 64.53 -29.49 0.24
C ILE G 186 64.44 -30.58 -0.84
N PHE G 187 64.58 -30.19 -2.11
CA PHE G 187 64.39 -31.15 -3.19
C PHE G 187 65.62 -32.04 -3.38
N ARG G 188 66.81 -31.49 -3.17
CA ARG G 188 68.06 -32.16 -3.54
C ARG G 188 68.76 -32.85 -2.37
N SER G 189 68.27 -32.70 -1.14
CA SER G 189 68.88 -33.37 0.00
C SER G 189 68.13 -34.64 0.38
N GLY G 190 67.09 -35.00 -0.36
CA GLY G 190 66.32 -36.17 -0.05
C GLY G 190 65.67 -36.14 1.32
N VAL G 191 65.68 -34.97 1.97
CA VAL G 191 65.06 -34.88 3.29
C VAL G 191 63.60 -35.30 3.19
N MET G 192 62.97 -35.07 2.04
CA MET G 192 61.61 -35.56 1.87
C MET G 192 61.57 -37.08 1.93
N ASP G 193 62.64 -37.75 1.49
CA ASP G 193 62.74 -39.19 1.69
C ASP G 193 62.85 -39.55 3.16
N ARG G 194 63.90 -39.03 3.81
CA ARG G 194 64.18 -39.42 5.19
C ARG G 194 62.95 -39.25 6.07
N THR G 195 62.25 -38.12 5.92
CA THR G 195 61.07 -37.84 6.72
C THR G 195 59.79 -38.42 6.12
N ALA G 196 59.84 -39.00 4.92
CA ALA G 196 58.76 -39.85 4.44
C ALA G 196 58.89 -41.27 4.94
N GLN G 197 59.93 -41.53 5.72
CA GLN G 197 60.14 -42.87 6.34
C GLN G 197 59.45 -42.90 7.70
N GLY G 198 59.57 -41.81 8.46
CA GLY G 198 58.95 -41.72 9.80
C GLY G 198 57.44 -41.82 9.73
N SER G 199 56.82 -41.16 8.73
CA SER G 199 55.35 -41.17 8.53
C SER G 199 54.82 -42.55 8.13
N GLY G 200 55.66 -43.40 7.52
CA GLY G 200 55.23 -44.73 7.05
C GLY G 200 54.12 -44.61 6.03
N GLY G 201 54.24 -43.64 5.12
CA GLY G 201 53.25 -43.39 4.05
C GLY G 201 52.18 -42.38 4.46
N ARG G 202 52.18 -41.93 5.72
CA ARG G 202 51.17 -40.93 6.15
C ARG G 202 51.42 -39.67 5.30
N GLN G 203 52.70 -39.27 5.23
CA GLN G 203 53.20 -38.19 4.35
C GLN G 203 54.40 -38.82 3.64
N SER G 204 54.41 -38.89 2.31
CA SER G 204 55.55 -39.60 1.68
C SER G 204 55.81 -39.12 0.25
N GLY G 205 57.05 -39.34 -0.21
CA GLY G 205 57.44 -39.05 -1.60
C GLY G 205 58.27 -37.80 -1.81
N THR G 206 59.58 -37.98 -2.04
CA THR G 206 60.42 -36.88 -2.50
C THR G 206 60.23 -36.59 -3.98
N ALA G 207 59.86 -37.61 -4.78
CA ALA G 207 59.45 -37.41 -6.16
C ALA G 207 58.11 -36.69 -6.27
N GLY G 208 57.27 -36.81 -5.25
CA GLY G 208 56.02 -36.07 -5.21
C GLY G 208 56.09 -34.84 -4.35
N GLY G 209 57.20 -34.10 -4.47
CA GLY G 209 57.30 -32.75 -3.93
C GLY G 209 57.23 -31.76 -5.09
N ARG G 210 56.49 -30.67 -4.87
CA ARG G 210 56.21 -29.70 -5.92
C ARG G 210 56.31 -28.29 -5.35
N ALA G 211 56.36 -27.31 -6.26
CA ALA G 211 56.48 -25.91 -5.88
C ALA G 211 55.75 -25.04 -6.90
N LEU G 212 55.09 -24.01 -6.40
CA LEU G 212 54.47 -22.98 -7.22
C LEU G 212 55.06 -21.63 -6.83
N ILE G 213 55.47 -20.84 -7.82
CA ILE G 213 56.15 -19.57 -7.59
C ILE G 213 55.72 -18.60 -8.67
N PHE G 214 55.60 -17.32 -8.30
CA PHE G 214 55.09 -16.30 -9.21
C PHE G 214 56.17 -15.27 -9.54
N ASN G 215 56.23 -14.88 -10.81
CA ASN G 215 57.25 -13.96 -11.31
C ASN G 215 56.60 -12.59 -11.46
N VAL G 216 56.65 -11.82 -10.38
CA VAL G 216 56.01 -10.51 -10.36
C VAL G 216 56.90 -9.44 -10.98
N LYS G 217 58.21 -9.62 -10.79
CA LYS G 217 59.28 -8.73 -11.31
C LYS G 217 59.62 -9.18 -12.72
N GLY G 218 60.21 -8.31 -13.54
CA GLY G 218 60.38 -8.73 -14.94
C GLY G 218 61.53 -9.69 -15.17
N GLU G 219 61.19 -10.89 -15.62
CA GLU G 219 62.16 -11.93 -16.07
C GLU G 219 63.24 -12.20 -15.01
N ASP G 220 62.94 -12.22 -13.72
CA ASP G 220 64.04 -12.46 -12.75
C ASP G 220 63.85 -13.87 -12.23
N LEU G 221 62.67 -14.44 -12.47
CA LEU G 221 62.37 -15.79 -12.03
C LEU G 221 62.24 -16.77 -13.18
N LEU G 222 62.38 -16.31 -14.42
CA LEU G 222 62.54 -17.23 -15.54
C LEU G 222 64.00 -17.69 -15.51
N PHE G 223 64.40 -18.51 -16.49
CA PHE G 223 65.76 -19.05 -16.54
C PHE G 223 66.15 -19.77 -15.25
N LEU G 224 65.17 -20.27 -14.50
CA LEU G 224 65.44 -21.24 -13.45
C LEU G 224 65.74 -22.61 -14.03
N ASP G 225 65.58 -22.77 -15.34
CA ASP G 225 65.89 -24.00 -16.06
C ASP G 225 67.36 -24.15 -16.38
N LYS G 226 68.11 -23.05 -16.41
CA LYS G 226 69.46 -22.94 -16.96
C LYS G 226 70.46 -22.65 -15.86
N PRO G 227 71.71 -23.08 -16.02
CA PRO G 227 72.74 -22.77 -15.03
C PRO G 227 73.24 -21.33 -15.10
N ASN G 228 73.71 -20.85 -13.95
CA ASN G 228 74.16 -19.47 -13.80
C ASN G 228 75.65 -19.40 -14.10
N ALA G 229 76.00 -18.76 -15.22
CA ALA G 229 77.40 -18.68 -15.63
C ALA G 229 78.31 -18.05 -14.59
N ARG G 230 77.83 -16.96 -13.95
CA ARG G 230 78.64 -16.18 -13.02
C ARG G 230 78.81 -16.82 -11.63
N MET G 231 78.15 -17.95 -11.39
CA MET G 231 78.07 -18.49 -10.03
C MET G 231 79.50 -18.69 -9.53
N VAL G 232 80.30 -19.48 -10.24
CA VAL G 232 81.62 -19.84 -9.76
C VAL G 232 82.50 -18.62 -9.63
N GLU G 233 82.38 -17.67 -10.56
CA GLU G 233 83.16 -16.44 -10.46
C GLU G 233 82.82 -15.66 -9.21
N LYS G 234 81.54 -15.64 -8.82
CA LYS G 234 81.16 -14.93 -7.60
C LYS G 234 81.45 -15.76 -6.35
N GLU G 235 81.29 -17.09 -6.45
CA GLU G 235 81.51 -17.96 -5.30
C GLU G 235 82.98 -18.27 -5.06
N ASP G 236 83.80 -18.35 -6.13
CA ASP G 236 85.24 -18.50 -5.97
C ASP G 236 85.81 -17.46 -5.02
N LYS G 237 85.45 -16.20 -5.23
CA LYS G 237 85.93 -15.09 -4.40
C LYS G 237 85.68 -15.35 -2.91
N VAL G 238 84.45 -15.74 -2.56
CA VAL G 238 84.12 -16.00 -1.16
C VAL G 238 84.94 -17.17 -0.62
N VAL G 239 85.01 -18.27 -1.38
CA VAL G 239 85.82 -19.41 -0.95
C VAL G 239 87.28 -19.00 -0.83
N ARG G 240 87.75 -18.13 -1.73
CA ARG G 240 89.10 -17.59 -1.58
C ARG G 240 89.22 -16.81 -0.27
N ALA G 241 88.27 -15.90 -0.01
CA ALA G 241 88.43 -14.96 1.08
C ALA G 241 88.32 -15.64 2.44
N LYS G 242 87.27 -16.44 2.65
CA LYS G 242 87.01 -17.07 3.94
C LYS G 242 87.82 -18.35 4.15
N GLY G 243 88.71 -18.70 3.23
CA GLY G 243 89.56 -19.87 3.41
C GLY G 243 88.81 -21.18 3.51
N LEU G 244 87.69 -21.30 2.82
CA LEU G 244 86.88 -22.51 2.93
C LEU G 244 87.56 -23.65 2.18
N SER G 245 87.17 -24.87 2.53
CA SER G 245 87.74 -26.05 1.90
C SER G 245 87.25 -26.23 0.46
N ALA G 246 85.96 -26.03 0.21
CA ALA G 246 85.41 -26.27 -1.12
C ALA G 246 84.30 -25.25 -1.37
N ASP G 247 83.69 -25.35 -2.55
CA ASP G 247 82.55 -24.49 -2.86
C ASP G 247 81.40 -24.82 -1.93
N ARG G 248 80.63 -23.80 -1.56
CA ARG G 248 79.68 -23.92 -0.47
C ARG G 248 78.75 -25.12 -0.65
N TYR G 249 78.28 -25.35 -1.87
CA TYR G 249 77.38 -26.47 -2.14
C TYR G 249 77.97 -27.79 -1.65
N ALA G 250 79.23 -28.06 -2.00
CA ALA G 250 79.85 -29.31 -1.59
C ALA G 250 79.88 -29.43 -0.07
N LEU G 251 80.05 -28.31 0.63
CA LEU G 251 80.01 -28.37 2.08
C LEU G 251 78.63 -28.76 2.59
N LEU G 252 77.57 -28.37 1.86
CA LEU G 252 76.22 -28.68 2.28
C LEU G 252 75.75 -30.06 1.87
N GLY G 253 76.50 -30.75 1.02
CA GLY G 253 75.96 -31.95 0.41
C GLY G 253 74.86 -31.66 -0.58
N LEU G 254 74.93 -30.50 -1.25
CA LEU G 254 74.00 -30.10 -2.29
C LEU G 254 74.74 -29.96 -3.61
N PRO G 255 74.04 -30.20 -4.73
CA PRO G 255 74.65 -30.01 -6.05
C PRO G 255 74.36 -28.64 -6.63
N ALA G 256 75.34 -28.14 -7.40
CA ALA G 256 75.28 -26.79 -7.96
C ALA G 256 74.67 -26.88 -9.36
N GLU G 257 73.36 -27.04 -9.39
CA GLU G 257 72.66 -27.23 -10.66
C GLU G 257 71.28 -26.62 -10.55
N PRO G 258 70.62 -26.36 -11.67
CA PRO G 258 69.27 -25.77 -11.64
C PRO G 258 68.19 -26.80 -11.34
N PHE G 259 66.96 -26.28 -11.27
CA PHE G 259 65.83 -27.11 -10.84
C PHE G 259 65.48 -28.12 -11.93
N ARG G 260 65.01 -29.30 -11.49
CA ARG G 260 65.01 -30.45 -12.39
C ARG G 260 63.89 -30.37 -13.41
N ASP G 261 62.64 -30.26 -12.96
CA ASP G 261 61.48 -30.28 -13.84
C ASP G 261 60.71 -28.97 -13.71
N VAL G 262 60.86 -28.08 -14.69
CA VAL G 262 60.34 -26.72 -14.59
C VAL G 262 59.27 -26.50 -15.63
N GLN G 263 58.24 -25.74 -15.25
CA GLN G 263 57.16 -25.33 -16.14
C GLN G 263 57.04 -23.82 -16.09
N LEU G 264 57.20 -23.16 -17.23
CA LEU G 264 57.05 -21.71 -17.36
C LEU G 264 55.75 -21.40 -18.09
N LEU G 265 54.89 -20.61 -17.45
CA LEU G 265 53.60 -20.24 -18.01
C LEU G 265 53.50 -18.72 -18.12
N ALA G 266 52.86 -18.25 -19.18
CA ALA G 266 52.82 -16.82 -19.46
C ALA G 266 51.46 -16.43 -20.04
N PRO G 267 51.02 -15.19 -19.80
CA PRO G 267 49.75 -14.72 -20.34
C PRO G 267 49.81 -14.59 -21.86
N PRO G 268 48.66 -14.48 -22.53
CA PRO G 268 48.64 -14.66 -24.00
C PRO G 268 48.74 -13.38 -24.83
N ARG G 269 49.93 -12.80 -24.84
CA ARG G 269 50.37 -11.73 -25.75
C ARG G 269 49.50 -10.48 -25.69
N ALA G 270 48.50 -10.44 -24.81
CA ALA G 270 47.52 -9.35 -24.78
C ALA G 270 46.91 -9.13 -26.17
N GLY G 271 46.55 -10.23 -26.82
CA GLY G 271 46.12 -10.18 -28.20
C GLY G 271 44.75 -9.55 -28.34
N ALA G 272 44.65 -8.51 -29.17
CA ALA G 272 43.38 -7.82 -29.40
C ALA G 272 42.68 -8.45 -30.61
N ALA G 273 41.60 -9.19 -30.33
CA ALA G 273 40.75 -9.80 -31.36
C ALA G 273 41.51 -10.79 -32.23
N GLY G 274 42.56 -11.39 -31.69
CA GLY G 274 43.39 -12.33 -32.42
C GLY G 274 43.23 -13.72 -31.88
N THR G 275 42.92 -14.67 -32.79
CA THR G 275 42.77 -16.06 -32.37
C THR G 275 44.12 -16.70 -32.07
N ALA G 276 45.20 -16.15 -32.62
CA ALA G 276 46.53 -16.69 -32.38
C ALA G 276 46.94 -16.47 -30.92
N ILE G 277 47.57 -17.47 -30.32
CA ILE G 277 47.95 -17.43 -28.91
C ILE G 277 49.46 -17.61 -28.81
N VAL G 278 50.11 -16.64 -28.18
CA VAL G 278 51.54 -16.71 -27.89
C VAL G 278 51.82 -16.05 -26.56
N PRO G 279 52.79 -16.54 -25.83
CA PRO G 279 53.13 -15.94 -24.54
C PRO G 279 53.74 -14.55 -24.69
N GLN G 280 53.53 -13.72 -23.66
CA GLN G 280 53.95 -12.31 -23.67
C GLN G 280 55.46 -12.12 -23.56
N THR G 281 56.21 -13.17 -23.32
CA THR G 281 57.62 -13.00 -22.93
C THR G 281 58.43 -12.53 -24.12
N ASP G 282 59.25 -11.51 -23.85
CA ASP G 282 60.20 -10.98 -24.87
C ASP G 282 61.48 -11.81 -24.85
N GLN G 283 62.34 -11.65 -23.83
CA GLN G 283 63.64 -12.38 -23.88
C GLN G 283 63.46 -13.91 -23.85
N ARG G 284 62.49 -14.44 -23.11
CA ARG G 284 62.44 -15.92 -23.09
C ARG G 284 61.30 -16.46 -23.91
N SER G 285 61.55 -16.92 -25.14
CA SER G 285 60.45 -17.45 -25.92
C SER G 285 60.39 -18.98 -25.94
N GLU G 286 61.53 -19.65 -25.72
CA GLU G 286 61.59 -21.10 -25.80
C GLU G 286 61.17 -21.73 -24.47
N GLY G 287 60.36 -22.78 -24.55
CA GLY G 287 59.89 -23.47 -23.38
C GLY G 287 58.72 -22.81 -22.66
N VAL G 288 58.30 -21.62 -23.08
CA VAL G 288 57.24 -20.88 -22.40
C VAL G 288 55.88 -21.33 -22.94
N THR G 289 55.00 -21.72 -22.03
CA THR G 289 53.66 -22.19 -22.38
C THR G 289 52.61 -21.15 -22.01
N PRO G 290 51.80 -20.70 -22.96
CA PRO G 290 50.75 -19.74 -22.60
C PRO G 290 49.67 -20.38 -21.74
N PHE G 291 49.13 -19.61 -20.81
CA PHE G 291 48.06 -20.07 -19.94
C PHE G 291 46.87 -19.14 -20.07
N VAL G 292 45.67 -19.72 -20.15
CA VAL G 292 44.43 -18.98 -20.31
C VAL G 292 43.33 -19.63 -19.48
N PHE G 293 42.38 -18.80 -19.05
CA PHE G 293 41.13 -19.26 -18.45
C PHE G 293 40.00 -19.12 -19.46
N THR G 294 38.97 -19.95 -19.30
CA THR G 294 37.81 -19.86 -20.18
C THR G 294 36.63 -19.28 -19.41
N ILE G 295 35.70 -18.70 -20.18
CA ILE G 295 34.49 -18.12 -19.60
C ILE G 295 33.65 -19.20 -18.92
N ARG G 296 33.64 -20.40 -19.50
CA ARG G 296 32.87 -21.48 -18.89
C ARG G 296 33.51 -21.94 -17.58
N GLU G 297 34.85 -22.12 -17.59
CA GLU G 297 35.56 -22.39 -16.34
C GLU G 297 35.37 -21.26 -15.34
N PHE G 298 35.39 -20.01 -15.82
CA PHE G 298 35.22 -18.85 -14.95
C PHE G 298 33.93 -18.96 -14.15
N CYS G 299 32.85 -19.40 -14.78
CA CYS G 299 31.57 -19.48 -14.10
C CYS G 299 31.44 -20.78 -13.32
N ALA G 300 31.96 -21.87 -13.87
CA ALA G 300 31.84 -23.17 -13.22
C ALA G 300 32.63 -23.23 -11.93
N ARG G 301 33.86 -22.70 -11.93
CA ARG G 301 34.74 -22.80 -10.77
C ARG G 301 34.65 -21.59 -9.84
N ARG G 302 33.67 -20.69 -10.05
CA ARG G 302 33.40 -19.60 -9.12
C ARG G 302 34.58 -18.64 -8.99
N MET G 303 35.20 -18.29 -10.12
CA MET G 303 36.31 -17.35 -10.10
C MET G 303 35.88 -15.91 -9.88
N LEU G 304 34.58 -15.62 -9.82
CA LEU G 304 34.13 -14.23 -9.78
C LEU G 304 34.68 -13.43 -8.60
N PRO G 305 34.63 -13.91 -7.34
CA PRO G 305 35.09 -13.06 -6.23
C PRO G 305 36.55 -12.65 -6.32
N TYR G 306 37.41 -13.48 -6.92
CA TYR G 306 38.82 -13.12 -7.00
C TYR G 306 39.10 -12.02 -8.02
N VAL G 307 38.07 -11.47 -8.67
CA VAL G 307 38.24 -10.22 -9.38
C VAL G 307 38.25 -9.06 -8.40
N PHE G 308 37.58 -9.22 -7.26
CA PHE G 308 37.44 -8.16 -6.25
C PHE G 308 38.39 -8.46 -5.10
N SER G 309 39.48 -7.68 -5.02
CA SER G 309 40.48 -7.76 -3.94
C SER G 309 41.19 -6.40 -3.87
N ASP G 310 40.41 -5.36 -3.53
CA ASP G 310 40.88 -3.99 -3.69
C ASP G 310 42.00 -3.65 -2.71
N ALA G 311 42.05 -4.33 -1.56
CA ALA G 311 42.96 -3.97 -0.46
C ALA G 311 42.78 -2.51 -0.07
N SER G 312 41.52 -2.10 0.09
CA SER G 312 41.16 -0.74 0.47
C SER G 312 39.80 -0.79 1.15
N ALA G 313 39.23 0.39 1.41
CA ALA G 313 38.00 0.49 2.20
C ALA G 313 36.81 -0.13 1.47
N SER G 314 36.61 0.25 0.20
CA SER G 314 35.65 -0.35 -0.74
C SER G 314 34.24 -0.37 -0.11
N LEU G 315 33.49 -1.46 -0.26
CA LEU G 315 32.16 -1.61 0.31
C LEU G 315 31.95 -3.11 0.53
N ASN G 316 30.82 -3.45 1.13
CA ASN G 316 30.43 -4.84 1.30
C ASN G 316 29.53 -5.23 0.12
N LEU G 317 30.17 -5.62 -0.98
CA LEU G 317 29.50 -6.22 -2.13
C LEU G 317 29.41 -7.73 -2.03
N GLY G 318 29.74 -8.31 -0.88
CA GLY G 318 29.79 -9.75 -0.75
C GLY G 318 28.47 -10.41 -1.09
N PHE G 319 27.36 -9.75 -0.79
CA PHE G 319 26.07 -10.27 -1.21
C PHE G 319 26.00 -10.32 -2.74
N VAL G 320 26.16 -9.18 -3.39
CA VAL G 320 26.09 -9.12 -4.86
C VAL G 320 27.03 -10.15 -5.47
N ILE G 321 28.27 -10.22 -4.98
CA ILE G 321 29.24 -11.12 -5.58
C ILE G 321 28.82 -12.57 -5.40
N GLY G 322 28.36 -12.91 -4.20
CA GLY G 322 27.95 -14.28 -3.93
C GLY G 322 26.73 -14.68 -4.74
N ASN G 323 25.79 -13.76 -4.93
CA ASN G 323 24.60 -14.08 -5.71
C ASN G 323 24.95 -14.29 -7.18
N ILE G 324 25.69 -13.34 -7.77
CA ILE G 324 26.02 -13.49 -9.18
C ILE G 324 26.98 -14.66 -9.39
N GLU G 325 27.82 -14.96 -8.40
CA GLU G 325 28.65 -16.16 -8.50
C GLU G 325 27.79 -17.41 -8.63
N GLU G 326 26.78 -17.55 -7.77
CA GLU G 326 25.89 -18.71 -7.83
C GLU G 326 25.11 -18.73 -9.13
N LYS G 327 24.63 -17.57 -9.58
CA LYS G 327 23.92 -17.50 -10.85
C LYS G 327 24.80 -18.01 -11.99
N LEU G 328 26.03 -17.49 -12.08
CA LEU G 328 26.94 -17.97 -13.12
C LEU G 328 27.29 -19.44 -12.92
N PHE G 329 27.25 -19.93 -11.68
CA PHE G 329 27.59 -21.32 -11.43
C PHE G 329 26.50 -22.25 -11.95
N ARG G 330 25.24 -21.94 -11.64
CA ARG G 330 24.13 -22.73 -12.16
C ARG G 330 23.98 -22.57 -13.66
N LEU G 331 24.17 -21.35 -14.17
CA LEU G 331 24.11 -21.13 -15.60
C LEU G 331 25.17 -21.95 -16.34
N ALA G 332 26.36 -22.07 -15.75
CA ALA G 332 27.41 -22.88 -16.36
C ALA G 332 27.07 -24.36 -16.25
N ALA G 333 26.42 -24.77 -15.16
CA ALA G 333 26.06 -26.17 -14.98
C ALA G 333 24.98 -26.60 -15.97
N ALA G 334 24.13 -25.69 -16.40
CA ALA G 334 23.11 -26.02 -17.39
C ALA G 334 23.68 -26.08 -18.80
N GLN G 335 24.85 -25.49 -19.03
CA GLN G 335 25.45 -25.51 -20.37
C GLN G 335 25.68 -26.95 -20.80
N THR G 336 25.06 -27.33 -21.92
CA THR G 336 25.30 -28.64 -22.50
C THR G 336 26.39 -28.61 -23.57
N GLY G 337 26.60 -27.46 -24.20
CA GLY G 337 27.55 -27.39 -25.30
C GLY G 337 28.98 -27.67 -24.86
N LYS G 338 29.78 -28.07 -25.86
CA LYS G 338 31.19 -28.38 -25.66
C LYS G 338 32.09 -27.14 -25.66
N GLY G 339 31.54 -25.97 -25.98
CA GLY G 339 32.35 -24.78 -26.14
C GLY G 339 32.94 -24.28 -24.83
N THR G 340 33.89 -23.37 -24.97
CA THR G 340 34.51 -22.73 -23.83
C THR G 340 33.75 -21.50 -23.35
N GLY G 341 32.77 -21.03 -24.12
CA GLY G 341 31.98 -19.89 -23.71
C GLY G 341 30.74 -20.27 -22.93
N LEU G 342 30.00 -19.25 -22.52
CA LEU G 342 28.77 -19.41 -21.77
C LEU G 342 27.61 -18.94 -22.63
N ILE G 343 26.66 -19.84 -22.89
CA ILE G 343 25.50 -19.56 -23.72
C ILE G 343 24.36 -19.13 -22.81
N VAL G 344 23.84 -17.94 -23.05
CA VAL G 344 22.71 -17.41 -22.30
C VAL G 344 21.57 -17.17 -23.28
N HIS G 345 20.34 -17.42 -22.82
CA HIS G 345 19.17 -17.32 -23.69
C HIS G 345 18.26 -16.14 -23.36
N ASP G 346 18.47 -15.45 -22.25
CA ASP G 346 17.57 -14.39 -21.82
C ASP G 346 18.13 -12.99 -22.08
N TRP G 347 19.02 -12.83 -23.06
CA TRP G 347 19.64 -11.54 -23.32
C TRP G 347 19.06 -10.93 -24.60
N GLN G 348 18.24 -9.90 -24.43
CA GLN G 348 17.70 -9.11 -25.52
C GLN G 348 18.12 -7.66 -25.30
N PHE G 349 18.32 -6.93 -26.39
CA PHE G 349 18.98 -5.62 -26.31
C PHE G 349 18.38 -4.69 -27.38
N GLU G 350 17.27 -4.04 -27.04
CA GLU G 350 16.67 -3.08 -28.01
C GLU G 350 17.43 -1.78 -27.77
N ASP G 351 17.33 -1.18 -26.58
CA ASP G 351 18.03 0.09 -26.28
C ASP G 351 19.07 -0.11 -25.18
N SER G 352 19.91 -1.14 -25.31
CA SER G 352 20.94 -1.44 -24.29
C SER G 352 22.34 -0.99 -24.75
N GLU G 353 22.41 -0.33 -25.91
CA GLU G 353 23.71 0.16 -26.47
C GLU G 353 24.70 -1.00 -26.64
N THR G 354 24.27 -2.05 -27.34
CA THR G 354 25.03 -3.26 -27.72
C THR G 354 24.92 -3.70 -29.19
N PRO G 355 26.08 -3.72 -30.06
CA PRO G 355 26.49 -4.14 -31.66
C PRO G 355 26.19 -5.62 -31.89
N PRO G 356 25.33 -6.03 -33.00
CA PRO G 356 24.72 -7.45 -33.70
C PRO G 356 25.84 -8.23 -34.44
N GLU G 357 27.02 -7.60 -34.56
CA GLU G 357 28.17 -8.22 -35.27
C GLU G 357 28.61 -9.48 -34.54
N ASN G 358 28.88 -10.56 -35.29
CA ASN G 358 29.38 -11.81 -34.67
C ASN G 358 28.43 -12.25 -33.55
N LEU G 359 29.00 -12.48 -32.36
CA LEU G 359 28.43 -12.93 -31.04
C LEU G 359 28.27 -14.46 -31.01
N ASP G 360 28.63 -15.14 -32.10
CA ASP G 360 28.48 -16.62 -32.19
C ASP G 360 27.05 -16.98 -31.78
N PHE G 361 26.05 -16.35 -32.40
CA PHE G 361 24.63 -16.66 -32.08
C PHE G 361 24.45 -18.18 -32.12
N SER G 362 23.82 -18.73 -31.08
CA SER G 362 23.67 -20.16 -30.94
C SER G 362 22.66 -20.72 -31.93
N GLU G 363 22.70 -22.04 -32.11
CA GLU G 363 21.71 -22.70 -32.95
C GLU G 363 20.31 -22.58 -32.34
N LEU G 364 20.23 -22.55 -31.01
CA LEU G 364 18.95 -22.50 -30.32
C LEU G 364 18.53 -21.08 -29.95
N GLY G 365 19.04 -20.09 -30.68
CA GLY G 365 18.69 -18.71 -30.40
C GLY G 365 19.36 -18.10 -29.19
N GLY G 366 20.33 -18.78 -28.59
CA GLY G 366 21.06 -18.22 -27.48
C GLY G 366 22.25 -17.39 -27.93
N VAL G 367 22.68 -16.49 -27.07
CA VAL G 367 23.92 -15.75 -27.29
C VAL G 367 25.04 -16.49 -26.57
N ASN G 368 26.11 -16.81 -27.31
CA ASN G 368 27.27 -17.47 -26.74
C ASN G 368 28.30 -16.39 -26.37
N LEU G 369 28.51 -16.21 -25.07
CA LEU G 369 29.45 -15.22 -24.57
C LEU G 369 30.87 -15.75 -24.77
N GLN G 370 31.68 -15.03 -25.58
CA GLN G 370 33.03 -15.46 -25.90
C GLN G 370 34.11 -14.57 -25.30
N THR G 371 33.79 -13.38 -24.84
CA THR G 371 34.79 -12.52 -24.24
C THR G 371 34.29 -12.01 -22.90
N PHE G 372 35.24 -11.72 -22.03
CA PHE G 372 34.95 -11.19 -20.70
C PHE G 372 34.12 -9.92 -20.77
N GLU G 373 34.35 -9.08 -21.78
CA GLU G 373 33.56 -7.86 -21.94
C GLU G 373 32.09 -8.18 -22.16
N GLN G 374 31.81 -9.22 -22.95
CA GLN G 374 30.42 -9.62 -23.19
C GLN G 374 29.76 -10.14 -21.91
N LEU G 375 30.48 -10.97 -21.15
CA LEU G 375 29.97 -11.45 -19.88
C LEU G 375 29.62 -10.29 -18.95
N ILE G 376 30.46 -9.26 -18.93
CA ILE G 376 30.17 -8.08 -18.12
C ILE G 376 28.97 -7.34 -18.66
N SER G 377 28.87 -7.22 -19.98
CA SER G 377 27.71 -6.58 -20.57
C SER G 377 26.43 -7.35 -20.23
N TYR G 378 26.51 -8.68 -20.26
CA TYR G 378 25.33 -9.47 -19.92
C TYR G 378 24.93 -9.26 -18.46
N LEU G 379 25.93 -9.23 -17.56
CA LEU G 379 25.63 -8.92 -16.17
C LEU G 379 25.01 -7.54 -16.03
N GLU G 380 25.53 -6.57 -16.77
CA GLU G 380 24.96 -5.23 -16.78
C GLU G 380 23.49 -5.27 -17.15
N TYR G 381 23.14 -6.10 -18.13
CA TYR G 381 21.75 -6.17 -18.57
C TYR G 381 20.87 -6.82 -17.51
N LYS G 382 21.34 -7.92 -16.91
CA LYS G 382 20.56 -8.63 -15.91
C LYS G 382 20.35 -7.79 -14.66
N LEU G 383 21.33 -6.97 -14.28
CA LEU G 383 21.24 -6.21 -13.05
C LEU G 383 20.66 -4.82 -13.24
N LEU G 384 20.90 -4.19 -14.39
CA LEU G 384 20.64 -2.76 -14.54
C LEU G 384 19.72 -2.40 -15.70
N GLU G 385 19.38 -3.33 -16.59
CA GLU G 385 18.56 -3.00 -17.75
C GLU G 385 17.42 -3.96 -18.01
N GLU G 386 17.31 -5.06 -17.25
CA GLU G 386 16.46 -6.18 -17.65
C GLU G 386 15.02 -5.73 -17.87
N ARG G 387 14.41 -5.07 -16.87
CA ARG G 387 13.01 -4.67 -16.94
C ARG G 387 12.93 -3.18 -16.69
N GLU G 388 13.21 -2.39 -17.72
CA GLU G 388 13.28 -0.93 -17.65
C GLU G 388 14.23 -0.43 -16.56
N GLY G 389 15.20 -1.25 -16.17
CA GLY G 389 16.23 -0.84 -15.24
C GLY G 389 16.20 -1.54 -13.89
N GLU G 390 15.05 -2.06 -13.46
CA GLU G 390 15.01 -2.67 -12.14
C GLU G 390 15.61 -4.08 -12.14
N GLY G 391 15.73 -4.71 -13.31
CA GLY G 391 16.50 -5.92 -13.43
C GLY G 391 15.73 -7.17 -13.04
N ASP G 392 16.38 -8.31 -13.25
CA ASP G 392 15.80 -9.62 -12.96
C ASP G 392 15.89 -9.91 -11.47
N PRO G 393 14.77 -9.99 -10.74
CA PRO G 393 14.85 -10.19 -9.28
C PRO G 393 15.52 -11.48 -8.86
N LYS G 394 15.54 -12.52 -9.70
CA LYS G 394 16.43 -13.65 -9.43
C LYS G 394 17.88 -13.20 -9.25
N TRP G 395 18.25 -12.08 -9.87
CA TRP G 395 19.64 -11.64 -9.90
C TRP G 395 19.76 -10.38 -9.04
N VAL G 396 18.90 -9.38 -9.26
CA VAL G 396 19.03 -8.15 -8.47
C VAL G 396 18.94 -8.41 -6.94
N LEU G 397 17.96 -9.22 -6.55
CA LEU G 397 17.79 -9.68 -5.16
C LEU G 397 17.57 -8.46 -4.26
N LYS G 398 16.88 -7.45 -4.81
CA LYS G 398 16.41 -6.29 -4.07
C LYS G 398 17.56 -5.49 -3.47
N GLN G 399 18.67 -5.37 -4.20
CA GLN G 399 19.80 -4.55 -3.78
C GLN G 399 19.70 -3.17 -4.41
N SER G 400 20.37 -2.22 -3.79
CA SER G 400 20.32 -0.84 -4.26
C SER G 400 20.98 -0.72 -5.63
N PRO G 401 20.49 0.16 -6.50
CA PRO G 401 21.13 0.33 -7.81
C PRO G 401 22.57 0.82 -7.73
N GLY G 402 22.89 1.70 -6.78
CA GLY G 402 24.27 2.12 -6.63
C GLY G 402 25.19 0.95 -6.30
N THR G 403 24.75 0.05 -5.42
CA THR G 403 25.48 -1.18 -5.17
C THR G 403 25.67 -1.97 -6.46
N LEU G 404 24.62 -2.05 -7.28
CA LEU G 404 24.70 -2.85 -8.49
C LEU G 404 25.71 -2.27 -9.49
N ARG G 405 25.70 -0.95 -9.68
CA ARG G 405 26.67 -0.37 -10.60
C ARG G 405 28.06 -0.30 -9.99
N ALA G 406 28.18 -0.28 -8.66
CA ALA G 406 29.48 -0.42 -8.03
C ALA G 406 30.13 -1.75 -8.44
N PHE G 407 29.42 -2.86 -8.21
CA PHE G 407 29.83 -4.16 -8.70
C PHE G 407 30.06 -4.15 -10.20
N THR G 408 29.17 -3.48 -10.94
CA THR G 408 29.31 -3.39 -12.38
C THR G 408 30.54 -2.57 -12.77
N ARG G 409 30.71 -1.38 -12.18
CA ARG G 409 31.76 -0.49 -12.67
C ARG G 409 33.15 -1.04 -12.36
N ARG G 410 33.33 -1.73 -11.22
CA ARG G 410 34.65 -2.29 -10.94
C ARG G 410 34.98 -3.43 -11.89
N LEU G 411 33.97 -4.21 -12.29
CA LEU G 411 34.18 -5.17 -13.37
C LEU G 411 34.59 -4.46 -14.66
N ARG G 412 33.93 -3.33 -14.96
CA ARG G 412 34.25 -2.60 -16.17
C ARG G 412 35.67 -2.06 -16.14
N GLY G 413 36.10 -1.54 -14.98
CA GLY G 413 37.44 -0.99 -14.91
C GLY G 413 38.52 -2.03 -15.11
N VAL G 414 38.29 -3.25 -14.59
CA VAL G 414 39.29 -4.32 -14.65
C VAL G 414 39.22 -5.12 -15.94
N GLN G 415 38.21 -4.90 -16.79
CA GLN G 415 37.96 -5.82 -17.89
C GLN G 415 39.08 -5.77 -18.92
N LYS G 416 39.57 -4.57 -19.24
CA LYS G 416 40.63 -4.43 -20.25
C LYS G 416 41.85 -5.25 -19.88
N TYR G 417 42.19 -5.29 -18.59
CA TYR G 417 43.40 -5.98 -18.16
C TYR G 417 43.18 -7.48 -18.07
N LEU G 418 41.98 -7.89 -17.69
CA LEU G 418 41.67 -9.30 -17.49
C LEU G 418 41.20 -10.01 -18.75
N SER G 419 40.84 -9.26 -19.79
CA SER G 419 40.18 -9.86 -20.95
C SER G 419 41.04 -10.86 -21.70
N PRO G 420 42.32 -10.59 -22.00
CA PRO G 420 43.11 -11.62 -22.71
C PRO G 420 43.30 -12.89 -21.89
N LEU G 421 43.21 -12.81 -20.57
CA LEU G 421 43.38 -13.99 -19.73
C LEU G 421 42.16 -14.88 -19.74
N ILE G 422 40.96 -14.30 -19.73
CA ILE G 422 39.69 -15.02 -19.71
C ILE G 422 39.10 -14.97 -21.11
N ARG G 423 39.16 -16.08 -21.84
CA ARG G 423 38.72 -16.14 -23.22
C ARG G 423 37.63 -17.21 -23.35
N GLY G 424 36.54 -16.84 -24.02
CA GLY G 424 35.51 -17.81 -24.37
C GLY G 424 35.50 -18.16 -25.85
N ASP G 425 36.25 -17.41 -26.67
CA ASP G 425 36.34 -17.70 -28.09
C ASP G 425 37.26 -18.87 -28.41
N LEU G 426 37.99 -19.38 -27.43
CA LEU G 426 38.89 -20.50 -27.66
C LEU G 426 38.12 -21.80 -27.81
N THR G 427 38.75 -22.75 -28.47
CA THR G 427 38.20 -24.07 -28.73
C THR G 427 38.49 -25.01 -27.57
N PRO G 428 37.82 -26.17 -27.49
CA PRO G 428 38.03 -27.06 -26.34
C PRO G 428 39.44 -27.61 -26.20
N GLU G 429 40.10 -27.95 -27.31
CA GLU G 429 41.45 -28.51 -27.20
C GLU G 429 42.45 -27.45 -26.76
N GLN G 430 42.40 -26.27 -27.38
CA GLN G 430 43.28 -25.17 -26.98
C GLN G 430 43.12 -24.84 -25.49
N ALA G 431 41.89 -24.90 -24.99
CA ALA G 431 41.64 -24.58 -23.59
C ALA G 431 42.22 -25.64 -22.67
N GLU G 432 42.02 -26.92 -23.00
CA GLU G 432 42.59 -27.98 -22.19
C GLU G 432 44.11 -27.97 -22.23
N GLY G 433 44.69 -27.54 -23.34
CA GLY G 433 46.14 -27.51 -23.43
C GLY G 433 46.76 -26.34 -22.68
N TYR G 434 46.09 -25.19 -22.70
CA TYR G 434 46.62 -23.98 -22.09
C TYR G 434 46.19 -23.78 -20.64
N ARG G 435 45.44 -24.72 -20.08
CA ARG G 435 44.91 -24.56 -18.74
C ARG G 435 46.03 -24.60 -17.72
N PRO G 436 46.11 -23.63 -16.80
CA PRO G 436 47.21 -23.60 -15.81
C PRO G 436 47.01 -24.65 -14.73
N ASP G 437 47.90 -25.64 -14.69
CA ASP G 437 47.87 -26.69 -13.68
C ASP G 437 49.21 -26.71 -12.92
N PRO G 438 49.27 -26.12 -11.72
CA PRO G 438 50.53 -26.15 -10.96
C PRO G 438 50.89 -27.54 -10.48
N LEU G 439 49.99 -28.51 -10.62
CA LEU G 439 50.21 -29.87 -10.16
C LEU G 439 50.39 -30.85 -11.32
N ARG G 440 50.67 -30.35 -12.52
CA ARG G 440 50.78 -31.21 -13.69
C ARG G 440 51.77 -32.34 -13.42
N ARG G 441 51.42 -33.55 -13.85
CA ARG G 441 52.27 -34.70 -13.64
C ARG G 441 53.61 -34.51 -14.35
N GLY G 442 54.68 -34.92 -13.68
CA GLY G 442 56.01 -34.77 -14.23
C GLY G 442 56.61 -33.39 -14.10
N ILE G 443 55.99 -32.50 -13.33
CA ILE G 443 56.49 -31.15 -13.10
C ILE G 443 56.77 -31.00 -11.61
N GLN G 444 57.98 -30.54 -11.28
CA GLN G 444 58.33 -30.28 -9.89
C GLN G 444 58.21 -28.80 -9.51
N LEU G 445 58.55 -27.90 -10.43
CA LEU G 445 58.48 -26.46 -10.19
C LEU G 445 57.66 -25.81 -11.30
N THR G 446 56.75 -24.92 -10.91
CA THR G 446 55.88 -24.21 -11.84
C THR G 446 56.04 -22.71 -11.61
N VAL G 447 56.39 -21.98 -12.67
CA VAL G 447 56.56 -20.53 -12.61
C VAL G 447 55.43 -19.88 -13.39
N VAL G 448 54.71 -18.97 -12.74
CA VAL G 448 53.58 -18.28 -13.38
C VAL G 448 53.99 -16.82 -13.56
N ASP G 449 54.12 -16.39 -14.81
CA ASP G 449 54.64 -15.08 -15.15
C ASP G 449 53.51 -14.06 -15.18
N ILE G 450 53.33 -13.34 -14.09
CA ILE G 450 52.31 -12.30 -14.04
C ILE G 450 52.92 -10.91 -14.11
N HIS G 451 54.21 -10.80 -14.46
CA HIS G 451 54.89 -9.51 -14.36
C HIS G 451 54.29 -8.48 -15.32
N ALA G 452 53.80 -8.93 -16.47
CA ALA G 452 53.16 -8.05 -17.43
C ALA G 452 51.72 -7.72 -17.06
N LEU G 453 51.13 -8.44 -16.12
CA LEU G 453 49.74 -8.20 -15.75
C LEU G 453 49.63 -6.96 -14.88
N SER G 454 48.41 -6.43 -14.79
CA SER G 454 48.09 -5.31 -13.91
C SER G 454 48.10 -5.78 -12.46
N ALA G 455 48.13 -4.81 -11.55
CA ALA G 455 47.96 -5.13 -10.14
C ALA G 455 46.69 -5.93 -9.91
N HIS G 456 45.65 -5.64 -10.68
CA HIS G 456 44.40 -6.38 -10.56
C HIS G 456 44.50 -7.76 -11.18
N ALA G 457 45.07 -7.86 -12.38
CA ALA G 457 45.23 -9.16 -13.01
C ALA G 457 46.17 -10.05 -12.21
N GLN G 458 47.26 -9.48 -11.69
CA GLN G 458 48.16 -10.25 -10.83
C GLN G 458 47.41 -10.83 -9.65
N MET G 459 46.68 -9.98 -8.91
CA MET G 459 45.92 -10.44 -7.77
C MET G 459 44.86 -11.46 -8.15
N PHE G 460 44.35 -11.37 -9.38
CA PHE G 460 43.37 -12.36 -9.84
C PHE G 460 44.02 -13.72 -10.02
N VAL G 461 45.04 -13.80 -10.89
CA VAL G 461 45.68 -15.08 -11.19
C VAL G 461 46.14 -15.77 -9.93
N VAL G 462 46.79 -15.03 -9.02
CA VAL G 462 47.25 -15.61 -7.76
C VAL G 462 46.06 -16.10 -6.94
N GLY G 463 44.94 -15.38 -7.01
CA GLY G 463 43.77 -15.77 -6.24
C GLY G 463 43.22 -17.13 -6.65
N VAL G 464 42.89 -17.28 -7.94
CA VAL G 464 42.24 -18.52 -8.38
C VAL G 464 43.23 -19.68 -8.34
N LEU G 465 44.50 -19.42 -8.69
CA LEU G 465 45.50 -20.50 -8.73
C LEU G 465 45.77 -21.05 -7.33
N LEU G 466 45.97 -20.16 -6.35
CA LEU G 466 46.14 -20.62 -4.98
C LEU G 466 44.88 -21.34 -4.49
N ARG G 467 43.71 -20.80 -4.82
CA ARG G 467 42.47 -21.46 -4.45
C ARG G 467 42.38 -22.84 -5.11
N GLU G 468 42.77 -22.93 -6.38
CA GLU G 468 42.67 -24.18 -7.11
C GLU G 468 43.47 -25.28 -6.43
N VAL G 469 44.71 -24.98 -6.02
CA VAL G 469 45.53 -25.97 -5.33
C VAL G 469 44.90 -26.34 -3.98
N PHE G 470 44.33 -25.35 -3.30
CA PHE G 470 43.72 -25.60 -2.00
C PHE G 470 42.49 -26.50 -2.14
N GLU G 471 41.61 -26.20 -3.10
CA GLU G 471 40.45 -27.06 -3.34
C GLU G 471 40.88 -28.48 -3.71
N TYR G 472 41.96 -28.61 -4.48
CA TYR G 472 42.45 -29.93 -4.87
C TYR G 472 42.94 -30.71 -3.67
N LYS G 473 43.65 -30.05 -2.74
CA LYS G 473 44.18 -30.74 -1.57
C LYS G 473 43.06 -31.10 -0.60
N GLU G 474 42.04 -30.25 -0.49
CA GLU G 474 40.87 -30.57 0.33
C GLU G 474 40.16 -31.81 -0.22
N ARG G 475 39.97 -31.87 -1.54
CA ARG G 475 39.25 -32.97 -2.16
C ARG G 475 40.01 -34.28 -2.08
N VAL G 476 41.32 -34.26 -2.33
CA VAL G 476 42.06 -35.50 -2.53
C VAL G 476 42.83 -35.93 -1.29
N GLY G 477 43.50 -35.00 -0.64
CA GLY G 477 44.20 -35.32 0.59
C GLY G 477 45.67 -34.95 0.55
N ARG G 478 46.41 -35.53 1.50
CA ARG G 478 47.68 -34.97 1.92
C ARG G 478 48.82 -35.99 1.87
N GLN G 479 49.24 -36.42 0.68
CA GLN G 479 50.50 -37.16 0.57
C GLN G 479 51.42 -36.57 -0.51
N ASP G 480 51.18 -35.31 -0.89
CA ASP G 480 52.07 -34.53 -1.74
C ASP G 480 52.22 -33.14 -1.12
N THR G 481 53.46 -32.74 -0.84
CA THR G 481 53.71 -31.41 -0.32
C THR G 481 53.93 -30.43 -1.46
N VAL G 482 53.19 -29.33 -1.44
CA VAL G 482 53.26 -28.28 -2.44
C VAL G 482 53.77 -27.02 -1.74
N PHE G 483 54.86 -26.46 -2.26
CA PHE G 483 55.42 -25.22 -1.72
C PHE G 483 54.96 -24.04 -2.56
N VAL G 484 54.39 -23.03 -1.89
CA VAL G 484 54.03 -21.78 -2.53
C VAL G 484 55.00 -20.71 -2.05
N VAL G 485 55.79 -20.17 -2.97
CA VAL G 485 56.80 -19.16 -2.66
C VAL G 485 56.28 -17.81 -3.12
N LEU G 486 55.97 -16.94 -2.16
CA LEU G 486 55.27 -15.69 -2.42
C LEU G 486 56.04 -14.53 -1.82
N ASP G 487 56.47 -13.59 -2.67
CA ASP G 487 57.13 -12.35 -2.28
C ASP G 487 56.09 -11.27 -2.01
N GLU G 488 56.55 -10.12 -1.52
CA GLU G 488 55.69 -8.96 -1.24
C GLU G 488 54.42 -9.37 -0.48
N LEU G 489 54.62 -10.08 0.63
CA LEU G 489 53.48 -10.62 1.38
C LEU G 489 52.55 -9.54 1.90
N ASN G 490 52.95 -8.27 1.88
CA ASN G 490 52.10 -7.23 2.44
C ASN G 490 50.97 -6.86 1.49
N LYS G 491 51.23 -6.79 0.18
CA LYS G 491 50.13 -6.50 -0.74
C LYS G 491 49.16 -7.66 -0.84
N TYR G 492 49.65 -8.90 -0.69
CA TYR G 492 48.77 -10.06 -0.83
C TYR G 492 47.94 -10.28 0.44
N ALA G 493 48.52 -10.06 1.60
CA ALA G 493 47.82 -10.19 2.88
C ALA G 493 48.16 -9.01 3.77
N PRO G 494 47.59 -7.83 3.48
CA PRO G 494 47.84 -6.66 4.33
C PRO G 494 47.39 -6.91 5.76
N ARG G 495 47.84 -6.02 6.66
CA ARG G 495 47.53 -6.21 8.07
C ARG G 495 46.09 -5.88 8.37
N GLU G 496 45.54 -4.84 7.73
CA GLU G 496 44.22 -4.35 8.09
C GLU G 496 43.15 -4.56 7.03
N GLY G 497 43.52 -4.71 5.76
CA GLY G 497 42.54 -4.95 4.72
C GLY G 497 41.89 -6.33 4.84
N ASP G 498 40.98 -6.59 3.92
CA ASP G 498 40.28 -7.88 3.90
C ASP G 498 39.84 -8.19 2.47
N SER G 499 40.42 -9.24 1.90
CA SER G 499 40.19 -9.60 0.50
C SER G 499 40.11 -11.12 0.37
N PRO G 500 39.63 -11.64 -0.76
CA PRO G 500 39.59 -13.11 -0.92
C PRO G 500 40.96 -13.72 -1.08
N ILE G 501 41.85 -13.05 -1.81
CA ILE G 501 43.21 -13.54 -1.96
C ILE G 501 43.93 -13.54 -0.63
N LYS G 502 43.59 -12.60 0.26
CA LYS G 502 44.05 -12.70 1.63
C LYS G 502 43.38 -13.88 2.35
N ASP G 503 42.15 -14.20 1.98
CA ASP G 503 41.46 -15.30 2.64
C ASP G 503 42.09 -16.64 2.27
N VAL G 504 42.53 -16.81 1.01
CA VAL G 504 43.13 -18.09 0.64
C VAL G 504 44.49 -18.25 1.31
N LEU G 505 45.21 -17.14 1.51
CA LEU G 505 46.45 -17.21 2.28
C LEU G 505 46.19 -17.52 3.73
N LEU G 506 45.06 -17.03 4.27
CA LEU G 506 44.64 -17.44 5.61
C LEU G 506 44.36 -18.93 5.67
N ASP G 507 43.63 -19.45 4.67
CA ASP G 507 43.34 -20.88 4.65
C ASP G 507 44.63 -21.70 4.55
N ILE G 508 45.60 -21.22 3.78
CA ILE G 508 46.85 -21.95 3.62
C ILE G 508 47.67 -21.91 4.90
N ALA G 509 47.72 -20.75 5.56
CA ALA G 509 48.47 -20.65 6.81
C ALA G 509 47.85 -21.54 7.88
N GLU G 510 46.54 -21.45 8.08
CA GLU G 510 45.91 -22.09 9.23
C GLU G 510 45.60 -23.56 8.99
N ARG G 511 45.32 -23.95 7.75
CA ARG G 511 44.96 -25.33 7.42
C ARG G 511 46.00 -26.05 6.59
N GLY G 512 46.98 -25.34 6.02
CA GLY G 512 47.92 -25.96 5.10
C GLY G 512 48.86 -26.98 5.72
N ARG G 513 49.12 -26.88 7.04
CA ARG G 513 49.97 -27.87 7.68
C ARG G 513 49.41 -29.27 7.49
N SER G 514 48.14 -29.45 7.81
CA SER G 514 47.50 -30.75 7.67
C SER G 514 47.04 -31.02 6.25
N LEU G 515 47.17 -30.06 5.34
CA LEU G 515 46.72 -30.27 3.97
C LEU G 515 47.86 -30.51 2.99
N GLY G 516 49.09 -30.25 3.40
CA GLY G 516 50.23 -30.42 2.53
C GLY G 516 50.62 -29.20 1.72
N ILE G 517 50.08 -28.03 2.01
CA ILE G 517 50.41 -26.80 1.30
C ILE G 517 51.25 -25.93 2.23
N ILE G 518 52.49 -25.67 1.82
CA ILE G 518 53.45 -24.93 2.64
C ILE G 518 53.78 -23.60 1.97
N LEU G 519 53.73 -22.53 2.74
CA LEU G 519 53.97 -21.18 2.26
C LEU G 519 55.36 -20.73 2.70
N ILE G 520 56.22 -20.41 1.74
CA ILE G 520 57.49 -19.75 1.98
C ILE G 520 57.28 -18.30 1.59
N GLY G 521 56.96 -17.45 2.57
CA GLY G 521 56.56 -16.08 2.33
C GLY G 521 57.69 -15.09 2.57
N ALA G 522 57.64 -13.96 1.86
CA ALA G 522 58.62 -12.91 2.01
C ALA G 522 57.92 -11.56 2.04
N GLN G 523 58.40 -10.70 2.93
CA GLN G 523 57.94 -9.32 2.99
C GLN G 523 59.06 -8.48 3.59
N GLN G 524 59.03 -7.18 3.30
CA GLN G 524 60.01 -6.28 3.88
C GLN G 524 59.89 -6.25 5.40
N THR G 525 58.69 -5.95 5.90
CA THR G 525 58.45 -5.91 7.33
C THR G 525 57.24 -6.76 7.68
N ALA G 526 57.39 -7.62 8.67
CA ALA G 526 56.27 -8.45 9.11
C ALA G 526 55.17 -7.62 9.75
N SER G 527 55.46 -6.40 10.18
CA SER G 527 54.45 -5.58 10.84
C SER G 527 53.37 -5.12 9.88
N GLU G 528 53.57 -5.26 8.57
CA GLU G 528 52.59 -4.86 7.57
C GLU G 528 51.84 -6.03 6.97
N VAL G 529 52.04 -7.24 7.50
CA VAL G 529 51.35 -8.43 7.00
C VAL G 529 50.38 -8.90 8.08
N GLU G 530 49.32 -9.58 7.64
CA GLU G 530 48.29 -10.08 8.53
C GLU G 530 48.89 -10.92 9.65
N ARG G 531 48.48 -10.61 10.88
CA ARG G 531 49.06 -11.27 12.05
C ARG G 531 48.90 -12.78 11.96
N ARG G 532 47.79 -13.26 11.40
CA ARG G 532 47.53 -14.70 11.38
C ARG G 532 48.38 -15.44 10.35
N ILE G 533 48.88 -14.75 9.33
CA ILE G 533 49.80 -15.38 8.39
C ILE G 533 51.19 -15.51 8.99
N VAL G 534 51.69 -14.41 9.57
CA VAL G 534 53.05 -14.41 10.11
C VAL G 534 53.13 -15.25 11.37
N SER G 535 52.06 -15.26 12.18
CA SER G 535 52.08 -16.01 13.42
C SER G 535 52.18 -17.52 13.17
N ASN G 536 51.69 -17.99 12.03
CA ASN G 536 51.67 -19.42 11.75
C ASN G 536 52.97 -19.92 11.12
N ALA G 537 54.04 -19.13 11.14
CA ALA G 537 55.30 -19.52 10.53
C ALA G 537 56.22 -20.16 11.56
N ALA G 538 56.61 -21.40 11.30
CA ALA G 538 57.52 -22.08 12.22
C ALA G 538 58.97 -21.65 12.00
N ILE G 539 59.34 -21.29 10.78
CA ILE G 539 60.68 -20.87 10.44
C ILE G 539 60.65 -19.39 10.09
N ARG G 540 61.32 -18.56 10.88
CA ARG G 540 61.44 -17.14 10.61
C ARG G 540 62.88 -16.82 10.26
N VAL G 541 63.07 -16.15 9.12
CA VAL G 541 64.39 -15.78 8.59
C VAL G 541 64.44 -14.26 8.44
N VAL G 542 65.58 -13.67 8.79
CA VAL G 542 65.74 -12.22 8.80
C VAL G 542 67.04 -11.87 8.06
N GLY G 543 66.91 -11.17 6.94
CA GLY G 543 68.02 -10.50 6.29
C GLY G 543 68.20 -9.13 6.90
N ARG G 544 68.92 -8.26 6.18
CA ARG G 544 69.19 -6.94 6.74
C ARG G 544 67.89 -6.21 7.02
N LEU G 545 67.65 -5.91 8.29
CA LEU G 545 66.42 -5.28 8.69
C LEU G 545 66.60 -3.78 8.76
N ASP G 546 65.51 -3.06 8.56
CA ASP G 546 65.51 -1.64 8.81
C ASP G 546 65.76 -1.39 10.30
N LEU G 547 66.43 -0.28 10.58
CA LEU G 547 66.73 0.07 11.96
C LEU G 547 65.46 0.24 12.78
N ALA G 548 64.41 0.78 12.15
CA ALA G 548 63.16 1.04 12.86
C ALA G 548 62.42 -0.25 13.19
N GLU G 549 62.33 -1.16 12.23
CA GLU G 549 61.49 -2.34 12.38
C GLU G 549 62.07 -3.38 13.33
N ALA G 550 63.37 -3.33 13.61
CA ALA G 550 63.98 -4.36 14.43
C ALA G 550 63.43 -4.38 15.85
N GLU G 551 63.04 -3.22 16.37
CA GLU G 551 62.45 -3.13 17.69
C GLU G 551 60.95 -3.30 17.70
N ARG G 552 60.32 -3.46 16.53
CA ARG G 552 58.88 -3.64 16.45
C ARG G 552 58.46 -4.94 17.13
N PRO G 553 57.19 -5.02 17.58
CA PRO G 553 56.75 -6.23 18.30
C PRO G 553 56.77 -7.47 17.45
N GLU G 554 56.76 -7.33 16.12
CA GLU G 554 56.79 -8.49 15.24
C GLU G 554 58.18 -9.11 15.12
N TYR G 555 59.20 -8.47 15.70
CA TYR G 555 60.57 -8.97 15.63
C TYR G 555 61.19 -9.14 17.02
N ARG G 556 60.36 -9.44 18.02
CA ARG G 556 60.91 -9.69 19.36
C ARG G 556 61.70 -10.99 19.41
N PHE G 557 61.54 -11.87 18.43
CA PHE G 557 62.32 -13.10 18.45
C PHE G 557 63.78 -12.85 18.18
N LEU G 558 64.13 -11.63 17.76
CA LEU G 558 65.52 -11.20 17.71
C LEU G 558 65.92 -10.55 19.02
N PRO G 559 66.81 -11.14 19.80
CA PRO G 559 67.28 -10.47 21.02
C PRO G 559 67.90 -9.12 20.71
N GLN G 560 68.05 -8.29 21.75
CA GLN G 560 68.61 -6.96 21.53
C GLN G 560 70.04 -7.03 21.02
N SER G 561 70.77 -8.09 21.39
CA SER G 561 72.14 -8.24 20.90
C SER G 561 72.21 -8.27 19.39
N PHE G 562 71.16 -8.76 18.74
CA PHE G 562 71.18 -8.98 17.31
C PHE G 562 70.73 -7.76 16.50
N ARG G 563 69.98 -6.85 17.13
CA ARG G 563 69.34 -5.77 16.39
C ARG G 563 70.36 -4.90 15.68
N GLY G 564 71.38 -4.43 16.41
CA GLY G 564 72.42 -3.64 15.78
C GLY G 564 73.08 -4.40 14.66
N ARG G 565 73.48 -5.64 14.91
CA ARG G 565 74.13 -6.46 13.90
C ARG G 565 73.25 -6.63 12.67
N ALA G 566 71.96 -6.89 12.86
CA ALA G 566 71.06 -7.15 11.73
C ALA G 566 70.84 -5.92 10.87
N GLY G 567 71.06 -4.72 11.42
CA GLY G 567 70.93 -3.51 10.63
C GLY G 567 71.95 -3.41 9.51
N ILE G 568 73.08 -4.11 9.61
CA ILE G 568 74.18 -4.01 8.66
C ILE G 568 74.54 -5.36 8.05
N LEU G 569 73.68 -6.36 8.22
CA LEU G 569 73.93 -7.67 7.62
C LEU G 569 74.14 -7.53 6.11
N GLN G 570 75.15 -8.23 5.61
CA GLN G 570 75.46 -8.17 4.20
C GLN G 570 74.52 -9.06 3.38
N PRO G 571 74.23 -8.67 2.13
CA PRO G 571 73.50 -9.56 1.23
C PRO G 571 74.13 -10.94 1.20
N GLY G 572 73.27 -11.97 1.23
CA GLY G 572 73.71 -13.33 1.32
C GLY G 572 73.88 -13.85 2.73
N THR G 573 73.66 -13.00 3.74
CA THR G 573 73.79 -13.39 5.13
C THR G 573 72.44 -13.25 5.80
N MET G 574 71.97 -14.34 6.41
CA MET G 574 70.64 -14.38 7.01
C MET G 574 70.72 -14.92 8.43
N LEU G 575 69.71 -14.56 9.22
CA LEU G 575 69.49 -15.09 10.56
C LEU G 575 68.24 -15.97 10.50
N VAL G 576 68.41 -17.28 10.72
CA VAL G 576 67.27 -18.19 10.76
C VAL G 576 66.95 -18.51 12.22
N SER G 577 65.66 -18.56 12.52
CA SER G 577 65.17 -18.95 13.83
C SER G 577 64.16 -20.07 13.64
N GLN G 578 64.37 -21.17 14.33
CA GLN G 578 63.52 -22.36 14.25
C GLN G 578 63.15 -22.80 15.65
N PRO G 579 62.01 -23.48 15.80
CA PRO G 579 61.55 -23.82 17.16
C PRO G 579 62.54 -24.66 17.95
N ASP G 580 63.28 -25.57 17.31
CA ASP G 580 64.18 -26.44 18.05
C ASP G 580 65.27 -25.66 18.76
N VAL G 581 65.84 -24.66 18.10
CA VAL G 581 66.98 -23.91 18.62
C VAL G 581 66.48 -22.57 19.16
N PRO G 582 66.70 -22.27 20.44
CA PRO G 582 66.05 -21.10 21.05
C PRO G 582 66.67 -19.76 20.68
N ASN G 583 67.63 -19.72 19.76
CA ASN G 583 68.22 -18.45 19.38
C ASN G 583 68.33 -18.34 17.87
N PRO G 584 68.28 -17.11 17.33
CA PRO G 584 68.65 -16.91 15.93
C PRO G 584 70.11 -17.24 15.70
N VAL G 585 70.38 -17.99 14.63
CA VAL G 585 71.75 -18.35 14.25
C VAL G 585 72.05 -17.75 12.88
N LEU G 586 73.23 -17.14 12.76
CA LEU G 586 73.62 -16.47 11.52
C LEU G 586 74.17 -17.49 10.52
N VAL G 587 73.73 -17.38 9.27
CA VAL G 587 74.10 -18.36 8.24
C VAL G 587 74.47 -17.66 6.95
N ASN G 588 75.35 -18.29 6.18
CA ASN G 588 75.65 -17.90 4.80
C ASN G 588 75.12 -18.98 3.88
N TYR G 589 74.61 -18.56 2.72
CA TYR G 589 74.19 -19.55 1.74
C TYR G 589 74.77 -19.20 0.39
N PRO G 590 74.99 -20.20 -0.47
CA PRO G 590 75.74 -19.96 -1.72
C PRO G 590 75.02 -19.00 -2.65
N PHE G 591 75.71 -18.66 -3.74
CA PHE G 591 75.09 -17.92 -4.80
C PHE G 591 74.19 -18.85 -5.63
N PRO G 592 73.18 -18.31 -6.30
CA PRO G 592 72.25 -19.18 -7.04
C PRO G 592 72.98 -19.95 -8.14
N ALA G 593 72.79 -21.26 -8.14
CA ALA G 593 73.25 -22.06 -9.27
C ALA G 593 72.33 -21.87 -10.48
N TRP G 594 71.08 -21.51 -10.22
CA TRP G 594 70.14 -21.19 -11.28
C TRP G 594 70.29 -19.74 -11.70
N ALA G 595 70.10 -19.47 -12.99
CA ALA G 595 70.21 -18.11 -13.49
C ALA G 595 69.04 -17.27 -12.99
N THR G 596 69.35 -16.06 -12.55
CA THR G 596 68.34 -15.11 -12.07
C THR G 596 68.24 -13.87 -12.96
N ARG G 597 68.87 -13.88 -14.14
CA ARG G 597 68.79 -12.76 -15.06
C ARG G 597 69.14 -13.25 -16.46
N ARG G 598 68.76 -12.45 -17.47
CA ARG G 598 68.90 -12.89 -18.86
C ARG G 598 70.35 -13.06 -19.26
N ASP G 599 71.23 -12.15 -18.84
CA ASP G 599 72.63 -12.37 -19.15
C ASP G 599 73.23 -13.49 -18.32
N GLU G 600 72.62 -13.83 -17.18
CA GLU G 600 73.20 -14.83 -16.30
C GLU G 600 73.15 -16.24 -16.89
N VAL G 601 72.39 -16.39 -17.97
CA VAL G 601 72.17 -17.72 -18.62
C VAL G 601 73.20 -17.99 -19.73
N ASP G 602 74.04 -19.00 -19.54
CA ASP G 602 75.04 -19.43 -20.55
C ASP G 602 75.49 -20.85 -20.23
N ASP G 603 76.09 -21.55 -21.18
CA ASP G 603 76.56 -22.94 -20.93
C ASP G 603 78.00 -23.10 -21.41
N ASP H 13 -73.11 27.14 -60.77
CA ASP H 13 -72.04 27.65 -59.92
C ASP H 13 -71.90 26.82 -58.64
N ALA H 14 -72.98 26.16 -58.26
CA ALA H 14 -72.96 25.24 -57.13
C ALA H 14 -72.38 23.90 -57.56
N ILE H 15 -71.97 23.11 -56.57
CA ILE H 15 -71.32 21.83 -56.82
C ILE H 15 -72.16 20.66 -56.32
N GLY H 16 -72.98 20.85 -55.30
CA GLY H 16 -73.76 19.75 -54.77
C GLY H 16 -74.75 20.22 -53.74
N MET H 17 -75.35 19.25 -53.05
CA MET H 17 -76.35 19.50 -52.03
C MET H 17 -76.09 18.59 -50.83
N VAL H 18 -76.24 19.15 -49.63
CA VAL H 18 -76.09 18.36 -48.43
C VAL H 18 -77.07 17.19 -48.45
N LEU H 19 -76.56 16.00 -48.22
CA LEU H 19 -77.36 14.80 -48.29
C LEU H 19 -78.14 14.62 -46.99
N GLY H 20 -79.29 13.94 -47.08
CA GLY H 20 -80.11 13.68 -45.92
C GLY H 20 -80.20 12.20 -45.61
N THR H 21 -79.54 11.38 -46.44
CA THR H 21 -79.52 9.95 -46.19
C THR H 21 -78.45 9.58 -45.16
N GLU H 22 -77.37 10.36 -45.09
CA GLU H 22 -76.36 10.21 -44.06
C GLU H 22 -76.55 11.29 -43.00
N ASP H 23 -76.03 11.00 -41.80
CA ASP H 23 -76.07 11.98 -40.72
C ASP H 23 -75.46 13.31 -41.15
N VAL H 24 -76.02 14.40 -40.66
CA VAL H 24 -75.48 15.73 -40.90
C VAL H 24 -75.09 16.31 -39.55
N THR H 25 -73.79 16.29 -39.25
CA THR H 25 -73.25 16.86 -38.03
C THR H 25 -72.42 18.09 -38.37
N PRO H 26 -72.15 18.97 -37.40
CA PRO H 26 -71.38 20.18 -37.71
C PRO H 26 -69.92 19.92 -38.05
N THR H 27 -69.36 18.80 -37.59
CA THR H 27 -67.94 18.51 -37.78
C THR H 27 -67.68 17.73 -39.06
N VAL H 28 -68.62 16.87 -39.45
CA VAL H 28 -68.48 16.03 -40.64
C VAL H 28 -69.87 15.86 -41.25
N PHE H 29 -69.93 15.79 -42.58
CA PHE H 29 -71.19 15.55 -43.27
C PHE H 29 -70.91 15.21 -44.73
N TRP H 30 -71.92 14.64 -45.37
CA TRP H 30 -71.90 14.20 -46.76
C TRP H 30 -72.71 15.16 -47.62
N PHE H 31 -72.47 15.13 -48.93
CA PHE H 31 -73.30 15.86 -49.88
C PHE H 31 -73.26 15.13 -51.22
N ALA H 32 -74.32 15.30 -52.00
CA ALA H 32 -74.41 14.64 -53.31
C ALA H 32 -73.91 15.55 -54.40
N VAL H 33 -72.99 15.03 -55.23
CA VAL H 33 -72.39 15.83 -56.29
C VAL H 33 -73.43 16.10 -57.37
N SER H 34 -73.58 17.37 -57.74
CA SER H 34 -74.47 17.71 -58.84
C SER H 34 -73.95 17.13 -60.14
N HIS H 35 -74.88 16.86 -61.06
CA HIS H 35 -74.51 16.32 -62.36
C HIS H 35 -73.71 17.35 -63.16
N GLY H 36 -72.71 16.87 -63.88
CA GLY H 36 -71.81 17.74 -64.63
C GLY H 36 -70.69 18.36 -63.81
N ALA H 37 -70.62 18.07 -62.51
CA ALA H 37 -69.57 18.55 -61.63
C ALA H 37 -68.73 17.38 -61.15
N SER H 38 -67.43 17.60 -61.02
CA SER H 38 -66.49 16.60 -60.51
C SER H 38 -65.95 17.04 -59.16
N VAL H 39 -65.90 16.11 -58.22
CA VAL H 39 -65.45 16.37 -56.87
C VAL H 39 -64.25 15.48 -56.61
N GLY H 40 -63.06 16.09 -56.51
CA GLY H 40 -61.85 15.35 -56.19
C GLY H 40 -61.76 15.08 -54.70
N LEU H 41 -60.75 14.30 -54.32
CA LEU H 41 -60.67 13.87 -52.93
C LEU H 41 -60.27 15.01 -52.01
N ASP H 42 -59.30 15.82 -52.38
CA ASP H 42 -58.79 16.83 -51.47
C ASP H 42 -59.44 18.20 -51.64
N ASP H 43 -60.57 18.29 -52.35
CA ASP H 43 -61.16 19.59 -52.67
C ASP H 43 -61.60 20.33 -51.40
N LEU H 44 -61.46 21.65 -51.44
CA LEU H 44 -61.89 22.53 -50.37
C LEU H 44 -63.26 23.11 -50.73
N VAL H 45 -64.22 22.99 -49.80
CA VAL H 45 -65.60 23.33 -50.06
C VAL H 45 -66.13 24.31 -49.02
N VAL H 46 -67.24 24.95 -49.36
CA VAL H 46 -68.00 25.78 -48.44
C VAL H 46 -69.48 25.52 -48.66
N VAL H 47 -70.22 25.43 -47.56
CA VAL H 47 -71.66 25.32 -47.60
C VAL H 47 -72.21 26.33 -46.60
N GLU H 48 -73.29 27.00 -46.97
CA GLU H 48 -73.90 28.04 -46.14
C GLU H 48 -75.32 27.59 -45.79
N THR H 49 -75.61 27.54 -44.50
CA THR H 49 -76.94 27.17 -44.03
C THR H 49 -77.52 28.32 -43.23
N ARG H 50 -78.85 28.29 -43.10
CA ARG H 50 -79.62 29.34 -42.45
C ARG H 50 -80.16 28.84 -41.12
N LYS H 51 -79.96 29.62 -40.07
CA LYS H 51 -80.53 29.32 -38.77
C LYS H 51 -82.03 29.62 -38.80
N PRO H 52 -82.79 29.06 -37.84
CA PRO H 52 -84.21 29.42 -37.76
C PRO H 52 -84.44 30.92 -37.73
N ASP H 53 -83.64 31.68 -36.97
CA ASP H 53 -83.86 33.12 -36.87
C ASP H 53 -83.38 33.89 -38.08
N GLY H 54 -82.85 33.22 -39.11
CA GLY H 54 -82.45 33.87 -40.33
C GLY H 54 -80.96 34.18 -40.45
N THR H 55 -80.19 34.07 -39.38
CA THR H 55 -78.76 34.33 -39.49
C THR H 55 -78.08 33.20 -40.26
N PRO H 56 -77.13 33.51 -41.13
CA PRO H 56 -76.40 32.46 -41.83
C PRO H 56 -75.22 31.95 -41.03
N VAL H 57 -74.88 30.68 -41.27
CA VAL H 57 -73.72 30.04 -40.67
C VAL H 57 -72.98 29.31 -41.79
N ARG H 58 -71.70 29.61 -41.95
CA ARG H 58 -70.89 29.03 -43.03
C ARG H 58 -70.05 27.88 -42.51
N PHE H 59 -69.96 26.82 -43.32
CA PHE H 59 -69.13 25.67 -43.02
C PHE H 59 -68.11 25.51 -44.12
N TYR H 60 -66.84 25.68 -43.77
CA TYR H 60 -65.73 25.44 -44.68
C TYR H 60 -65.15 24.08 -44.35
N GLY H 61 -64.81 23.31 -45.37
CA GLY H 61 -64.30 22.00 -45.10
C GLY H 61 -63.47 21.47 -46.23
N LEU H 62 -63.05 20.23 -46.07
CA LEU H 62 -62.19 19.54 -47.01
C LEU H 62 -62.77 18.15 -47.19
N VAL H 63 -62.84 17.72 -48.44
CA VAL H 63 -63.34 16.38 -48.73
C VAL H 63 -62.30 15.36 -48.28
N ASP H 64 -62.76 14.29 -47.64
CA ASP H 64 -61.84 13.22 -47.25
C ASP H 64 -62.28 11.84 -47.73
N ASN H 65 -63.53 11.70 -48.14
CA ASN H 65 -64.03 10.48 -48.73
C ASN H 65 -64.88 10.86 -49.94
N VAL H 66 -64.79 10.08 -51.00
CA VAL H 66 -65.60 10.28 -52.18
C VAL H 66 -65.85 8.92 -52.80
N ARG H 67 -67.08 8.70 -53.27
CA ARG H 67 -67.50 7.40 -53.76
C ARG H 67 -68.57 7.58 -54.82
N LYS H 68 -68.77 6.51 -55.61
CA LYS H 68 -69.92 6.38 -56.50
C LYS H 68 -70.58 5.04 -56.26
N ARG H 69 -71.90 5.02 -56.19
CA ARG H 69 -72.69 3.81 -56.06
C ARG H 69 -73.69 3.70 -57.19
N HIS H 70 -74.16 2.49 -57.42
CA HIS H 70 -75.32 2.23 -58.27
C HIS H 70 -76.54 2.13 -57.36
N GLU H 71 -77.43 3.12 -57.44
CA GLU H 71 -78.66 3.12 -56.65
C GLU H 71 -79.75 2.43 -57.46
N GLY H 72 -80.35 1.40 -56.88
CA GLY H 72 -81.42 0.67 -57.52
C GLY H 72 -81.02 -0.57 -58.29
N VAL H 73 -79.87 -1.17 -57.97
CA VAL H 73 -79.44 -2.41 -58.60
C VAL H 73 -79.54 -3.53 -57.59
N THR H 74 -80.21 -4.61 -57.99
CA THR H 74 -80.43 -5.72 -57.06
C THR H 74 -79.24 -6.67 -57.01
N PHE H 75 -78.87 -7.23 -58.16
CA PHE H 75 -77.76 -8.16 -58.26
C PHE H 75 -76.60 -7.50 -59.01
N GLU H 76 -75.37 -7.89 -58.66
CA GLU H 76 -74.22 -7.32 -59.34
C GLU H 76 -74.10 -7.84 -60.77
N SER H 77 -74.63 -9.04 -61.05
CA SER H 77 -74.63 -9.55 -62.42
C SER H 77 -75.59 -8.77 -63.32
N ASP H 78 -76.47 -7.95 -62.77
CA ASP H 78 -77.30 -7.07 -63.58
C ASP H 78 -76.53 -5.88 -64.13
N VAL H 79 -75.27 -5.69 -63.71
CA VAL H 79 -74.54 -4.47 -64.02
C VAL H 79 -74.44 -4.26 -65.52
N GLU H 80 -74.14 -5.33 -66.27
CA GLU H 80 -73.98 -5.18 -67.70
C GLU H 80 -75.27 -4.71 -68.35
N ASP H 81 -76.40 -5.34 -68.01
CA ASP H 81 -77.69 -4.90 -68.52
C ASP H 81 -77.98 -3.45 -68.13
N VAL H 82 -77.58 -3.06 -66.91
CA VAL H 82 -77.89 -1.72 -66.40
C VAL H 82 -77.29 -0.64 -67.30
N VAL H 83 -76.06 -0.85 -67.78
CA VAL H 83 -75.42 0.17 -68.58
C VAL H 83 -76.10 0.33 -69.93
N ALA H 84 -76.74 -0.73 -70.44
CA ALA H 84 -77.45 -0.62 -71.71
C ALA H 84 -78.77 0.12 -71.58
N GLY H 85 -79.29 0.26 -70.37
CA GLY H 85 -80.58 0.87 -70.12
C GLY H 85 -81.69 -0.12 -69.93
N LEU H 86 -81.41 -1.42 -70.07
CA LEU H 86 -82.46 -2.43 -69.94
C LEU H 86 -83.05 -2.44 -68.54
N LEU H 87 -82.22 -2.28 -67.54
CA LEU H 87 -82.74 -2.15 -66.19
C LEU H 87 -82.55 -0.73 -65.68
N PRO H 88 -83.32 -0.33 -64.68
CA PRO H 88 -83.22 1.04 -64.18
C PRO H 88 -82.27 1.21 -63.01
N ALA H 89 -81.36 2.16 -63.12
CA ALA H 89 -80.45 2.47 -62.03
C ALA H 89 -79.81 3.83 -62.29
N SER H 90 -79.61 4.57 -61.19
CA SER H 90 -78.99 5.89 -61.18
C SER H 90 -77.67 5.82 -60.44
N VAL H 91 -76.71 6.60 -60.93
CA VAL H 91 -75.38 6.68 -60.32
C VAL H 91 -75.42 7.72 -59.22
N SER H 92 -74.91 7.37 -58.03
CA SER H 92 -74.91 8.29 -56.89
C SER H 92 -73.46 8.71 -56.60
N TYR H 93 -73.18 9.98 -56.79
CA TYR H 93 -71.85 10.55 -56.62
C TYR H 93 -71.88 11.35 -55.31
N ALA H 94 -71.16 10.86 -54.31
CA ALA H 94 -71.22 11.41 -52.96
C ALA H 94 -69.82 11.69 -52.44
N ALA H 95 -69.72 12.72 -51.60
CA ALA H 95 -68.46 13.15 -51.02
C ALA H 95 -68.69 13.46 -49.54
N ARG H 96 -67.73 13.09 -48.70
CA ARG H 96 -67.78 13.43 -47.29
C ARG H 96 -66.92 14.67 -47.04
N VAL H 97 -67.42 15.60 -46.24
CA VAL H 97 -66.73 16.86 -45.98
C VAL H 97 -66.25 16.89 -44.53
N LEU H 98 -64.93 17.00 -44.34
CA LEU H 98 -64.35 17.19 -43.02
C LEU H 98 -64.29 18.68 -42.74
N VAL H 99 -65.14 19.16 -41.83
CA VAL H 99 -65.25 20.58 -41.57
C VAL H 99 -63.98 21.08 -40.89
N THR H 100 -63.38 22.12 -41.47
CA THR H 100 -62.22 22.76 -40.87
C THR H 100 -62.55 24.06 -40.16
N ARG H 101 -63.63 24.75 -40.56
CA ARG H 101 -63.90 26.07 -39.92
C ARG H 101 -65.36 26.49 -40.12
N VAL H 102 -65.96 27.13 -39.10
CA VAL H 102 -67.32 27.72 -39.18
C VAL H 102 -67.13 29.23 -39.01
N ASP H 103 -67.58 30.05 -39.97
CA ASP H 103 -67.38 31.52 -39.89
C ASP H 103 -67.90 32.01 -38.55
N PRO H 104 -69.22 31.90 -38.28
CA PRO H 104 -69.78 32.22 -36.98
C PRO H 104 -69.58 30.89 -36.25
N GLU H 105 -69.00 30.90 -35.06
CA GLU H 105 -68.71 29.60 -34.38
C GLU H 105 -69.94 29.07 -33.67
N ASN H 106 -70.90 28.54 -34.45
CA ASN H 106 -72.12 27.89 -33.92
C ASN H 106 -72.05 26.43 -34.32
N PHE H 107 -72.07 25.50 -33.37
CA PHE H 107 -71.99 24.07 -33.74
C PHE H 107 -73.38 23.46 -33.92
N ILE H 108 -74.07 24.00 -34.93
CA ILE H 108 -75.43 23.62 -35.41
C ILE H 108 -75.27 23.00 -36.79
N PRO H 109 -76.01 21.94 -37.17
CA PRO H 109 -75.86 21.29 -38.45
C PRO H 109 -76.40 22.01 -39.67
N PRO H 110 -75.78 21.86 -40.85
CA PRO H 110 -76.30 22.43 -42.07
C PRO H 110 -77.51 21.56 -42.42
N GLN H 111 -78.54 22.14 -43.00
CA GLN H 111 -79.74 21.35 -43.28
C GLN H 111 -79.55 20.56 -44.57
N PRO H 112 -80.08 19.33 -44.68
CA PRO H 112 -79.98 18.62 -45.97
C PRO H 112 -80.63 19.43 -47.08
N GLY H 113 -79.95 19.45 -48.23
CA GLY H 113 -80.38 20.29 -49.32
C GLY H 113 -79.68 21.63 -49.41
N ASP H 114 -78.86 21.98 -48.42
CA ASP H 114 -78.04 23.18 -48.56
C ASP H 114 -77.06 23.02 -49.71
N HIS H 115 -76.66 24.15 -50.29
CA HIS H 115 -75.81 24.11 -51.48
C HIS H 115 -74.33 24.06 -51.11
N VAL H 116 -73.63 23.09 -51.70
CA VAL H 116 -72.17 22.97 -51.59
C VAL H 116 -71.55 23.57 -52.83
N ARG H 117 -70.50 24.37 -52.64
CA ARG H 117 -69.79 25.00 -53.75
C ARG H 117 -68.30 25.04 -53.44
N HIS H 118 -67.49 25.05 -54.50
CA HIS H 118 -66.04 25.12 -54.33
C HIS H 118 -65.64 26.44 -53.69
N ALA H 119 -64.82 26.36 -52.64
CA ALA H 119 -64.23 27.55 -52.03
C ALA H 119 -63.21 28.14 -52.99
N ALA H 120 -63.53 29.30 -53.56
CA ALA H 120 -62.72 29.79 -54.67
C ALA H 120 -62.07 31.15 -54.40
N GLY H 121 -62.76 32.08 -53.75
CA GLY H 121 -62.25 33.41 -53.59
C GLY H 121 -61.89 33.74 -52.15
N ARG H 122 -62.55 34.75 -51.59
CA ARG H 122 -62.43 34.98 -50.15
C ARG H 122 -62.84 33.74 -49.35
N GLU H 123 -63.74 32.93 -49.91
CA GLU H 123 -64.14 31.69 -49.25
C GLU H 123 -62.96 30.75 -49.08
N LEU H 124 -62.09 30.69 -50.10
CA LEU H 124 -60.89 29.88 -50.00
C LEU H 124 -59.99 30.37 -48.88
N ALA H 125 -59.83 31.70 -48.77
CA ALA H 125 -59.03 32.26 -47.68
C ALA H 125 -59.59 31.85 -46.33
N MET H 126 -60.91 31.84 -46.20
CA MET H 126 -61.52 31.48 -44.92
C MET H 126 -61.34 30.01 -44.60
N ALA H 127 -61.26 29.15 -45.61
CA ALA H 127 -61.05 27.73 -45.35
C ALA H 127 -59.62 27.47 -44.92
N LEU H 128 -58.66 28.20 -45.48
CA LEU H 128 -57.26 28.04 -45.17
C LEU H 128 -56.77 29.00 -44.10
N SER H 129 -57.68 29.61 -43.34
CA SER H 129 -57.33 30.48 -42.21
C SER H 129 -56.37 31.60 -42.63
N ALA H 130 -56.47 32.03 -43.88
CA ALA H 130 -55.57 33.07 -44.38
C ALA H 130 -55.77 34.40 -43.68
N ASP H 131 -56.94 34.64 -43.09
CA ASP H 131 -57.12 35.86 -42.31
C ASP H 131 -56.24 35.85 -41.06
N LYS H 132 -55.94 34.66 -40.51
CA LYS H 132 -54.99 34.59 -39.39
C LYS H 132 -53.58 34.87 -39.85
N MET H 133 -53.28 34.59 -41.12
CA MET H 133 -51.92 34.70 -41.64
C MET H 133 -51.57 36.13 -42.00
N GLU H 134 -52.54 36.89 -42.50
CA GLU H 134 -52.37 38.34 -42.76
C GLU H 134 -51.26 38.50 -43.80
N GLU H 135 -50.32 39.41 -43.57
CA GLU H 135 -49.24 39.64 -44.53
C GLU H 135 -48.21 38.53 -44.53
N ALA H 136 -48.18 37.69 -43.49
CA ALA H 136 -47.19 36.63 -43.35
C ALA H 136 -47.47 35.43 -44.23
N ALA H 137 -48.61 35.41 -44.93
CA ALA H 137 -48.90 34.33 -45.86
C ALA H 137 -48.03 34.44 -47.09
N PHE H 138 -47.46 33.32 -47.52
CA PHE H 138 -46.64 33.24 -48.72
C PHE H 138 -46.93 31.92 -49.40
N PRO H 139 -46.65 31.80 -50.69
CA PRO H 139 -46.99 30.57 -51.42
C PRO H 139 -46.28 29.35 -50.87
N GLY H 140 -47.04 28.29 -50.60
CA GLY H 140 -46.48 27.05 -50.11
C GLY H 140 -46.63 25.92 -51.11
N GLY H 141 -47.24 26.22 -52.25
CA GLY H 141 -47.53 25.23 -53.26
C GLY H 141 -48.82 25.53 -53.99
N LEU H 142 -49.15 24.69 -54.96
CA LEU H 142 -50.38 24.86 -55.78
C LEU H 142 -51.45 23.90 -55.28
N LEU H 143 -52.70 24.35 -55.29
CA LEU H 143 -53.86 23.54 -54.85
C LEU H 143 -54.43 22.74 -56.03
N ALA H 144 -55.52 22.04 -55.78
CA ALA H 144 -56.20 21.21 -56.81
C ALA H 144 -56.38 22.01 -58.11
N ASP H 145 -56.90 23.24 -58.03
CA ASP H 145 -57.12 23.98 -59.26
C ASP H 145 -56.40 25.33 -59.25
N GLY H 146 -55.08 25.31 -59.18
CA GLY H 146 -54.29 26.49 -59.54
C GLY H 146 -54.18 27.57 -58.49
N GLN H 147 -54.86 27.43 -57.36
CA GLN H 147 -54.77 28.50 -56.39
C GLN H 147 -53.67 28.22 -55.40
N PRO H 148 -52.82 29.21 -55.10
CA PRO H 148 -51.67 28.97 -54.23
C PRO H 148 -52.10 28.70 -52.79
N LEU H 149 -51.31 27.87 -52.11
CA LEU H 149 -51.58 27.56 -50.72
C LEU H 149 -50.84 28.54 -49.84
N PRO H 150 -51.53 29.25 -48.94
CA PRO H 150 -50.85 30.18 -48.04
C PRO H 150 -50.15 29.43 -46.90
N LEU H 151 -48.86 29.69 -46.74
CA LEU H 151 -48.10 29.23 -45.58
C LEU H 151 -47.84 30.41 -44.66
N ASN H 152 -48.01 30.21 -43.34
CA ASN H 152 -47.81 31.28 -42.37
C ASN H 152 -46.33 31.36 -42.02
N PHE H 153 -45.64 32.38 -42.54
CA PHE H 153 -44.20 32.48 -42.28
C PHE H 153 -43.91 32.62 -40.80
N ARG H 154 -44.83 33.22 -40.04
CA ARG H 154 -44.62 33.38 -38.61
C ARG H 154 -44.42 32.04 -37.91
N PHE H 155 -44.88 30.95 -38.50
CA PHE H 155 -44.65 29.62 -37.95
C PHE H 155 -43.41 28.95 -38.52
N ILE H 156 -42.55 29.75 -39.15
CA ILE H 156 -41.27 29.25 -39.70
C ILE H 156 -40.11 30.11 -39.21
N ASN H 157 -40.32 31.40 -38.98
CA ASN H 157 -39.20 32.31 -38.60
C ASN H 157 -39.00 32.39 -37.09
N GLY H 158 -39.81 31.70 -36.29
CA GLY H 158 -39.64 31.73 -34.82
C GLY H 158 -40.60 32.67 -34.11
N GLU H 159 -41.31 33.55 -34.82
CA GLU H 159 -42.21 34.50 -34.13
C GLU H 159 -43.37 33.80 -33.41
N SER H 160 -44.06 32.92 -34.12
CA SER H 160 -45.14 32.12 -33.51
C SER H 160 -44.93 30.64 -33.85
N GLY H 161 -44.06 30.39 -34.82
CA GLY H 161 -43.76 29.05 -35.37
C GLY H 161 -42.28 28.78 -35.36
N GLY H 162 -41.86 27.58 -35.70
CA GLY H 162 -40.41 27.35 -35.59
C GLY H 162 -39.66 26.99 -36.85
N HIS H 163 -39.62 25.70 -37.13
CA HIS H 163 -38.78 24.97 -38.11
C HIS H 163 -39.65 24.12 -39.03
N ILE H 164 -39.05 23.27 -39.88
CA ILE H 164 -39.83 22.44 -40.86
C ILE H 164 -39.33 20.99 -40.83
N ASN H 165 -40.22 20.00 -40.92
CA ASN H 165 -39.81 18.57 -40.96
C ASN H 165 -40.50 17.89 -42.14
N ILE H 166 -39.73 17.37 -43.09
CA ILE H 166 -40.31 16.74 -44.31
C ILE H 166 -40.08 15.22 -44.27
N SER H 167 -41.14 14.43 -44.46
CA SER H 167 -41.03 12.95 -44.40
C SER H 167 -41.48 12.34 -45.73
N GLY H 168 -40.99 11.15 -46.04
CA GLY H 168 -41.38 10.47 -47.29
C GLY H 168 -40.30 9.52 -47.78
N ILE H 169 -40.67 8.64 -48.72
CA ILE H 169 -39.76 7.66 -49.30
C ILE H 169 -38.70 8.39 -50.11
N SER H 170 -37.44 8.28 -49.69
CA SER H 170 -36.36 8.92 -50.42
C SER H 170 -36.29 8.34 -51.83
N GLY H 171 -36.08 9.21 -52.80
CA GLY H 171 -36.03 8.82 -54.19
C GLY H 171 -37.37 8.98 -54.89
N VAL H 172 -38.46 8.73 -54.16
CA VAL H 172 -39.79 8.91 -54.70
C VAL H 172 -40.39 10.21 -54.18
N ALA H 173 -40.53 10.33 -52.85
CA ALA H 173 -40.98 11.58 -52.25
C ALA H 173 -39.93 12.66 -52.48
N THR H 174 -40.38 13.86 -52.82
CA THR H 174 -39.47 14.89 -53.31
C THR H 174 -39.10 15.91 -52.22
N LYS H 175 -38.56 15.43 -51.09
CA LYS H 175 -38.44 16.28 -49.92
C LYS H 175 -37.28 17.28 -50.04
N THR H 176 -36.13 16.83 -50.53
CA THR H 176 -35.02 17.76 -50.75
C THR H 176 -35.40 18.81 -51.79
N SER H 177 -36.01 18.38 -52.90
CA SER H 177 -36.41 19.30 -53.96
C SER H 177 -37.50 20.25 -53.49
N TYR H 178 -38.39 19.76 -52.63
CA TYR H 178 -39.41 20.63 -52.06
C TYR H 178 -38.80 21.67 -51.14
N ALA H 179 -37.81 21.26 -50.33
CA ALA H 179 -37.19 22.18 -49.37
C ALA H 179 -36.56 23.37 -50.10
N LEU H 180 -35.89 23.12 -51.22
CA LEU H 180 -35.34 24.19 -52.03
C LEU H 180 -36.44 25.06 -52.63
N PHE H 181 -37.58 24.44 -52.98
CA PHE H 181 -38.72 25.23 -53.40
C PHE H 181 -39.18 26.17 -52.30
N LEU H 182 -39.15 25.71 -51.04
CA LEU H 182 -39.56 26.55 -49.94
C LEU H 182 -38.58 27.71 -49.75
N LEU H 183 -37.28 27.44 -49.85
CA LEU H 183 -36.31 28.53 -49.84
C LEU H 183 -36.61 29.53 -50.94
N HIS H 184 -36.82 29.03 -52.16
CA HIS H 184 -37.14 29.89 -53.30
C HIS H 184 -38.36 30.75 -53.02
N SER H 185 -39.41 30.16 -52.46
CA SER H 185 -40.60 30.93 -52.15
C SER H 185 -40.32 31.93 -51.02
N ILE H 186 -39.53 31.52 -50.03
CA ILE H 186 -39.26 32.41 -48.90
C ILE H 186 -38.45 33.62 -49.36
N PHE H 187 -37.44 33.37 -50.20
CA PHE H 187 -36.58 34.47 -50.62
C PHE H 187 -37.27 35.38 -51.63
N ARG H 188 -38.00 34.81 -52.58
CA ARG H 188 -38.52 35.57 -53.72
C ARG H 188 -39.95 36.06 -53.56
N SER H 189 -40.63 35.75 -52.47
CA SER H 189 -42.01 36.19 -52.30
C SER H 189 -42.12 37.48 -51.49
N GLY H 190 -41.00 38.04 -51.06
CA GLY H 190 -41.06 39.26 -50.26
C GLY H 190 -41.79 39.08 -48.95
N VAL H 191 -42.00 37.81 -48.56
CA VAL H 191 -42.64 37.56 -47.27
C VAL H 191 -41.73 37.98 -46.13
N MET H 192 -40.41 37.86 -46.31
CA MET H 192 -39.51 38.32 -45.28
C MET H 192 -39.64 39.82 -45.06
N ASP H 193 -39.88 40.57 -46.14
CA ASP H 193 -40.17 42.00 -46.01
C ASP H 193 -41.46 42.23 -45.26
N ARG H 194 -42.56 41.66 -45.77
CA ARG H 194 -43.89 41.92 -45.23
C ARG H 194 -43.93 41.71 -43.72
N THR H 195 -43.35 40.60 -43.25
CA THR H 195 -43.37 40.28 -41.84
C THR H 195 -42.19 40.87 -41.07
N ALA H 196 -41.33 41.63 -41.74
CA ALA H 196 -40.26 42.32 -41.04
C ALA H 196 -40.66 43.72 -40.60
N GLN H 197 -41.77 44.24 -41.13
CA GLN H 197 -42.14 45.64 -40.92
C GLN H 197 -43.06 45.84 -39.74
N GLY H 198 -43.51 44.77 -39.09
CA GLY H 198 -44.30 44.90 -37.87
C GLY H 198 -43.53 45.71 -36.84
N SER H 199 -42.23 45.48 -36.78
CA SER H 199 -41.33 46.38 -36.07
C SER H 199 -39.92 46.14 -36.61
N GLY H 200 -39.28 47.18 -37.16
CA GLY H 200 -37.99 46.99 -37.81
C GLY H 200 -36.89 46.57 -36.85
N GLY H 201 -36.84 47.20 -35.68
CA GLY H 201 -35.88 46.79 -34.68
C GLY H 201 -36.08 45.36 -34.22
N ARG H 202 -37.35 44.96 -34.04
CA ARG H 202 -37.69 43.62 -33.57
C ARG H 202 -37.09 42.53 -34.47
N GLN H 203 -37.30 42.65 -35.79
CA GLN H 203 -36.91 41.65 -36.79
C GLN H 203 -36.79 42.35 -38.14
N SER H 204 -35.60 42.30 -38.74
CA SER H 204 -35.26 43.19 -39.85
C SER H 204 -34.67 42.44 -41.03
N GLY H 205 -35.46 42.27 -42.09
CA GLY H 205 -34.94 42.14 -43.44
C GLY H 205 -35.24 40.96 -44.34
N THR H 206 -35.39 41.25 -45.64
CA THR H 206 -35.34 40.25 -46.72
C THR H 206 -33.94 40.07 -47.28
N ALA H 207 -33.05 41.06 -47.12
CA ALA H 207 -31.67 40.94 -47.56
C ALA H 207 -30.83 40.16 -46.55
N GLY H 208 -31.24 40.16 -45.28
CA GLY H 208 -30.61 39.46 -44.19
C GLY H 208 -31.00 38.02 -44.00
N GLY H 209 -31.78 37.45 -44.95
CA GLY H 209 -32.10 36.04 -44.93
C GLY H 209 -31.09 35.22 -45.71
N ARG H 210 -30.53 34.21 -45.04
CA ARG H 210 -29.47 33.37 -45.59
C ARG H 210 -29.86 31.92 -45.47
N ALA H 211 -29.13 31.06 -46.17
CA ALA H 211 -29.34 29.63 -46.08
C ALA H 211 -28.01 28.90 -46.09
N LEU H 212 -27.93 27.82 -45.33
CA LEU H 212 -26.80 26.90 -45.36
C LEU H 212 -27.31 25.50 -45.65
N ILE H 213 -26.73 24.85 -46.67
CA ILE H 213 -27.16 23.53 -47.10
C ILE H 213 -25.94 22.70 -47.44
N PHE H 214 -26.06 21.38 -47.25
CA PHE H 214 -24.96 20.45 -47.41
C PHE H 214 -25.20 19.51 -48.58
N ASN H 215 -24.15 19.28 -49.36
CA ASN H 215 -24.23 18.47 -50.58
C ASN H 215 -23.54 17.13 -50.28
N VAL H 216 -24.34 16.20 -49.75
CA VAL H 216 -23.85 14.90 -49.32
C VAL H 216 -23.94 13.86 -50.42
N LYS H 217 -25.13 13.71 -51.03
CA LYS H 217 -25.45 12.48 -51.73
C LYS H 217 -24.64 12.34 -53.01
N GLY H 218 -24.65 13.35 -53.85
CA GLY H 218 -23.79 13.35 -55.00
C GLY H 218 -23.26 14.73 -55.27
N GLU H 219 -23.06 15.00 -56.55
CA GLU H 219 -22.82 16.35 -57.06
C GLU H 219 -24.12 17.05 -57.42
N ASP H 220 -25.21 16.56 -56.83
CA ASP H 220 -26.58 16.98 -57.10
C ASP H 220 -26.93 18.39 -56.63
N LEU H 221 -26.28 18.93 -55.60
CA LEU H 221 -26.67 20.24 -55.08
C LEU H 221 -25.75 21.36 -55.54
N LEU H 222 -24.82 21.08 -56.44
CA LEU H 222 -24.13 22.15 -57.16
C LEU H 222 -25.06 22.59 -58.31
N PHE H 223 -24.60 23.52 -59.13
CA PHE H 223 -25.41 24.04 -60.23
C PHE H 223 -26.78 24.56 -59.77
N LEU H 224 -26.89 24.95 -58.50
CA LEU H 224 -28.02 25.77 -58.05
C LEU H 224 -27.91 27.21 -58.54
N ASP H 225 -26.74 27.59 -59.07
CA ASP H 225 -26.46 28.90 -59.58
C ASP H 225 -26.97 29.10 -61.00
N LYS H 226 -27.24 28.00 -61.71
CA LYS H 226 -27.50 27.84 -63.13
C LYS H 226 -28.96 27.51 -63.38
N PRO H 227 -29.56 28.03 -64.45
CA PRO H 227 -30.96 27.71 -64.74
C PRO H 227 -31.13 26.30 -65.26
N ASN H 228 -32.32 25.76 -65.07
CA ASN H 228 -32.63 24.38 -65.44
C ASN H 228 -33.11 24.37 -66.89
N ALA H 229 -32.28 23.83 -67.77
CA ALA H 229 -32.66 23.79 -69.18
C ALA H 229 -33.93 22.97 -69.39
N ARG H 230 -34.09 21.92 -68.60
CA ARG H 230 -35.16 20.96 -68.80
C ARG H 230 -36.55 21.24 -68.23
N MET H 231 -36.71 22.27 -67.39
CA MET H 231 -37.97 22.43 -66.67
C MET H 231 -39.18 22.91 -67.49
N VAL H 232 -38.92 23.52 -68.66
CA VAL H 232 -40.07 24.04 -69.45
C VAL H 232 -40.65 22.81 -70.13
N GLU H 233 -39.78 21.99 -70.70
CA GLU H 233 -40.26 20.74 -71.32
C GLU H 233 -40.97 19.94 -70.23
N LYS H 234 -40.47 19.89 -68.99
CA LYS H 234 -41.22 19.05 -68.06
C LYS H 234 -42.46 19.79 -67.54
N GLU H 235 -42.34 21.09 -67.26
CA GLU H 235 -43.46 21.84 -66.72
C GLU H 235 -44.50 22.12 -67.78
N ASP H 236 -44.10 22.25 -69.05
CA ASP H 236 -45.09 22.37 -70.11
C ASP H 236 -46.04 21.19 -70.10
N LYS H 237 -45.52 19.99 -69.93
CA LYS H 237 -46.37 18.80 -69.93
C LYS H 237 -47.43 18.87 -68.84
N VAL H 238 -47.06 19.33 -67.65
CA VAL H 238 -48.03 19.37 -66.55
C VAL H 238 -49.06 20.46 -66.80
N VAL H 239 -48.62 21.62 -67.29
CA VAL H 239 -49.56 22.68 -67.62
C VAL H 239 -50.48 22.26 -68.76
N ARG H 240 -49.93 21.55 -69.76
CA ARG H 240 -50.78 21.00 -70.82
C ARG H 240 -51.82 20.04 -70.22
N ALA H 241 -51.37 19.14 -69.35
CA ALA H 241 -52.27 18.08 -68.87
C ALA H 241 -53.35 18.61 -67.96
N LYS H 242 -52.97 19.43 -66.98
CA LYS H 242 -53.92 19.89 -65.97
C LYS H 242 -54.68 21.15 -66.38
N GLY H 243 -54.51 21.61 -67.63
CA GLY H 243 -55.28 22.73 -68.12
C GLY H 243 -55.11 24.00 -67.34
N LEU H 244 -53.94 24.22 -66.76
CA LEU H 244 -53.71 25.41 -65.95
C LEU H 244 -53.54 26.63 -66.84
N SER H 245 -53.70 27.81 -66.23
CA SER H 245 -53.64 29.05 -66.98
C SER H 245 -52.24 29.40 -67.47
N ALA H 246 -51.24 29.23 -66.61
CA ALA H 246 -49.87 29.58 -66.95
C ALA H 246 -48.94 28.59 -66.28
N ASP H 247 -47.63 28.80 -66.46
CA ASP H 247 -46.66 27.98 -65.74
C ASP H 247 -46.87 28.19 -64.24
N ARG H 248 -46.63 27.14 -63.45
CA ARG H 248 -47.03 27.19 -62.05
C ARG H 248 -46.40 28.37 -61.33
N TYR H 249 -45.14 28.69 -61.65
CA TYR H 249 -44.44 29.78 -60.95
C TYR H 249 -45.20 31.09 -61.06
N ALA H 250 -45.69 31.42 -62.26
CA ALA H 250 -46.50 32.63 -62.40
C ALA H 250 -47.78 32.55 -61.60
N LEU H 251 -48.34 31.36 -61.43
CA LEU H 251 -49.52 31.18 -60.59
C LEU H 251 -49.21 31.50 -59.13
N LEU H 252 -47.99 31.20 -58.68
CA LEU H 252 -47.60 31.41 -57.29
C LEU H 252 -47.20 32.85 -56.98
N GLY H 253 -46.97 33.68 -58.00
CA GLY H 253 -46.35 34.96 -57.75
C GLY H 253 -44.87 34.84 -57.48
N LEU H 254 -44.24 33.80 -58.04
CA LEU H 254 -42.82 33.52 -57.88
C LEU H 254 -42.15 33.45 -59.24
N PRO H 255 -40.87 33.79 -59.31
CA PRO H 255 -40.13 33.69 -60.57
C PRO H 255 -39.41 32.37 -60.74
N ALA H 256 -39.30 31.95 -61.99
CA ALA H 256 -38.67 30.68 -62.35
C ALA H 256 -37.21 30.94 -62.70
N GLU H 257 -36.43 31.23 -61.66
CA GLU H 257 -35.02 31.58 -61.79
C GLU H 257 -34.25 30.93 -60.66
N PRO H 258 -32.94 30.78 -60.79
CA PRO H 258 -32.14 30.18 -59.71
C PRO H 258 -31.78 31.17 -58.62
N PHE H 259 -31.03 30.66 -57.64
CA PHE H 259 -30.76 31.42 -56.42
C PHE H 259 -29.75 32.52 -56.70
N ARG H 260 -29.93 33.66 -56.03
CA ARG H 260 -29.30 34.90 -56.48
C ARG H 260 -27.80 34.90 -56.18
N ASP H 261 -27.42 34.75 -54.91
CA ASP H 261 -26.03 34.92 -54.48
C ASP H 261 -25.55 33.67 -53.78
N VAL H 262 -24.76 32.86 -54.48
CA VAL H 262 -24.43 31.51 -54.06
C VAL H 262 -22.92 31.37 -53.88
N GLN H 263 -22.52 30.57 -52.90
CA GLN H 263 -21.13 30.30 -52.58
C GLN H 263 -20.96 28.80 -52.45
N LEU H 264 -20.03 28.23 -53.21
CA LEU H 264 -19.83 26.78 -53.26
C LEU H 264 -18.46 26.45 -52.70
N LEU H 265 -18.44 25.63 -51.66
CA LEU H 265 -17.22 25.30 -50.92
C LEU H 265 -16.97 23.81 -50.98
N ALA H 266 -15.71 23.43 -51.17
CA ALA H 266 -15.34 22.04 -51.41
C ALA H 266 -14.05 21.69 -50.68
N PRO H 267 -13.86 20.42 -50.32
CA PRO H 267 -12.63 19.99 -49.65
C PRO H 267 -11.43 20.07 -50.58
N PRO H 268 -10.20 20.13 -50.01
CA PRO H 268 -9.00 20.49 -50.81
C PRO H 268 -8.24 19.33 -51.44
N ARG H 269 -8.82 18.77 -52.52
CA ARG H 269 -8.24 17.79 -53.43
C ARG H 269 -7.64 16.56 -52.74
N ALA H 270 -7.90 16.37 -51.44
CA ALA H 270 -7.28 15.28 -50.68
C ALA H 270 -5.77 15.27 -50.92
N GLY H 271 -5.18 16.47 -50.93
CA GLY H 271 -3.80 16.62 -51.31
C GLY H 271 -2.87 15.89 -50.35
N ALA H 272 -2.10 14.93 -50.87
CA ALA H 272 -1.10 14.21 -50.09
C ALA H 272 0.23 14.96 -50.16
N ALA H 273 0.58 15.67 -49.09
CA ALA H 273 1.85 16.40 -48.96
C ALA H 273 2.03 17.45 -50.05
N GLY H 274 0.93 18.00 -50.56
CA GLY H 274 0.96 19.03 -51.58
C GLY H 274 0.51 20.37 -51.01
N THR H 275 1.36 21.38 -51.19
CA THR H 275 1.00 22.72 -50.74
C THR H 275 -0.10 23.33 -51.62
N ALA H 276 -0.18 22.90 -52.87
CA ALA H 276 -1.22 23.40 -53.78
C ALA H 276 -2.60 23.04 -53.26
N ILE H 277 -3.52 24.00 -53.35
CA ILE H 277 -4.87 23.86 -52.82
C ILE H 277 -5.86 23.98 -53.97
N VAL H 278 -6.67 22.95 -54.17
CA VAL H 278 -7.73 22.99 -55.17
C VAL H 278 -8.92 22.14 -54.66
N PRO H 279 -10.12 22.61 -55.01
CA PRO H 279 -11.31 21.83 -54.62
C PRO H 279 -11.38 20.48 -55.31
N GLN H 280 -12.01 19.52 -54.63
CA GLN H 280 -12.09 18.13 -55.08
C GLN H 280 -12.99 17.93 -56.29
N THR H 281 -13.67 18.99 -56.67
CA THR H 281 -14.59 19.04 -57.81
C THR H 281 -14.07 18.29 -59.04
N ASP H 282 -14.87 17.37 -59.56
CA ASP H 282 -14.51 16.65 -60.80
C ASP H 282 -15.47 17.12 -61.90
N GLN H 283 -16.74 17.37 -61.58
CA GLN H 283 -17.60 17.87 -62.68
C GLN H 283 -17.78 19.38 -62.60
N ARG H 284 -17.77 20.03 -61.42
CA ARG H 284 -17.90 21.50 -61.62
C ARG H 284 -16.71 22.23 -61.03
N SER H 285 -15.82 22.74 -61.88
CA SER H 285 -14.60 23.41 -61.42
C SER H 285 -14.74 24.91 -61.28
N GLU H 286 -15.65 25.54 -62.03
CA GLU H 286 -15.77 26.99 -62.07
C GLU H 286 -16.67 27.49 -60.95
N GLY H 287 -16.18 28.47 -60.19
CA GLY H 287 -16.94 29.05 -59.11
C GLY H 287 -16.78 28.38 -57.76
N VAL H 288 -16.11 27.23 -57.70
CA VAL H 288 -16.00 26.47 -56.46
C VAL H 288 -14.76 26.92 -55.70
N THR H 289 -14.94 27.27 -54.44
CA THR H 289 -13.90 27.78 -53.58
C THR H 289 -13.53 26.73 -52.54
N PRO H 290 -12.25 26.38 -52.39
CA PRO H 290 -11.87 25.40 -51.37
C PRO H 290 -12.00 25.98 -49.98
N PHE H 291 -12.41 25.14 -49.04
CA PHE H 291 -12.52 25.51 -47.63
C PHE H 291 -11.60 24.60 -46.82
N VAL H 292 -10.94 25.19 -45.82
CA VAL H 292 -10.05 24.46 -44.93
C VAL H 292 -10.14 25.02 -43.52
N PHE H 293 -9.89 24.16 -42.55
CA PHE H 293 -9.67 24.55 -41.16
C PHE H 293 -8.16 24.54 -40.87
N THR H 294 -7.74 25.33 -39.89
CA THR H 294 -6.35 25.35 -39.45
C THR H 294 -6.21 24.66 -38.11
N ILE H 295 -5.04 24.05 -37.90
CA ILE H 295 -4.75 23.38 -36.62
C ILE H 295 -5.01 24.33 -35.47
N ARG H 296 -4.62 25.60 -35.61
CA ARG H 296 -4.79 26.54 -34.52
C ARG H 296 -6.27 26.85 -34.29
N GLU H 297 -7.04 27.01 -35.37
CA GLU H 297 -8.48 27.16 -35.23
C GLU H 297 -9.08 25.94 -34.54
N PHE H 298 -8.58 24.74 -34.89
CA PHE H 298 -9.09 23.51 -34.29
C PHE H 298 -9.01 23.56 -32.77
N CYS H 299 -7.90 24.07 -32.24
CA CYS H 299 -7.68 24.06 -30.80
C CYS H 299 -8.33 25.28 -30.15
N ALA H 300 -8.28 26.43 -30.82
CA ALA H 300 -8.85 27.64 -30.24
C ALA H 300 -10.37 27.57 -30.14
N ARG H 301 -11.03 27.08 -31.20
CA ARG H 301 -12.48 27.03 -31.26
C ARG H 301 -13.07 25.72 -30.76
N ARG H 302 -12.23 24.83 -30.21
CA ARG H 302 -12.69 23.60 -29.54
C ARG H 302 -13.40 22.64 -30.50
N MET H 303 -12.76 22.38 -31.63
CA MET H 303 -13.31 21.44 -32.61
C MET H 303 -13.08 19.99 -32.24
N LEU H 304 -12.49 19.70 -31.08
CA LEU H 304 -12.12 18.31 -30.80
C LEU H 304 -13.31 17.38 -30.64
N PRO H 305 -14.35 17.70 -29.86
CA PRO H 305 -15.42 16.71 -29.66
C PRO H 305 -16.09 16.28 -30.95
N TYR H 306 -16.22 17.19 -31.91
CA TYR H 306 -16.92 16.91 -33.16
C TYR H 306 -16.21 15.90 -34.05
N VAL H 307 -15.02 15.43 -33.67
CA VAL H 307 -14.44 14.27 -34.34
C VAL H 307 -15.15 13.01 -33.87
N PHE H 308 -15.73 13.04 -32.68
CA PHE H 308 -16.35 11.86 -32.06
C PHE H 308 -17.85 12.02 -32.11
N SER H 309 -18.45 11.31 -33.08
CA SER H 309 -19.90 11.28 -33.32
C SER H 309 -20.28 9.95 -33.95
N ASP H 310 -19.96 8.86 -33.26
CA ASP H 310 -20.31 7.50 -33.74
C ASP H 310 -21.81 7.14 -33.61
N ALA H 311 -22.50 7.89 -32.74
CA ALA H 311 -23.96 7.74 -32.52
C ALA H 311 -24.33 6.28 -32.23
N SER H 312 -23.57 5.65 -31.33
CA SER H 312 -23.76 4.24 -30.93
C SER H 312 -23.46 4.12 -29.43
N ALA H 313 -23.09 2.92 -28.97
CA ALA H 313 -22.75 2.72 -27.54
C ALA H 313 -21.53 3.59 -27.20
N SER H 314 -20.53 3.60 -28.09
CA SER H 314 -19.31 4.43 -27.88
C SER H 314 -18.68 4.12 -26.52
N LEU H 315 -18.36 5.15 -25.75
CA LEU H 315 -17.76 5.02 -24.40
C LEU H 315 -17.86 6.39 -23.71
N ASN H 316 -17.60 6.45 -22.40
CA ASN H 316 -17.62 7.76 -21.70
C ASN H 316 -16.26 8.43 -21.84
N LEU H 317 -15.90 8.87 -23.06
CA LEU H 317 -14.63 9.57 -23.36
C LEU H 317 -14.81 11.07 -23.11
N GLY H 318 -16.06 11.49 -22.88
CA GLY H 318 -16.42 12.88 -22.59
C GLY H 318 -15.42 13.48 -21.62
N PHE H 319 -15.04 12.70 -20.61
CA PHE H 319 -14.02 13.21 -19.68
C PHE H 319 -12.70 13.41 -20.41
N VAL H 320 -12.24 12.38 -21.12
CA VAL H 320 -11.03 12.50 -21.93
C VAL H 320 -11.16 13.63 -22.93
N ILE H 321 -12.25 13.64 -23.69
CA ILE H 321 -12.44 14.64 -24.73
C ILE H 321 -12.49 16.03 -24.11
N GLY H 322 -13.24 16.19 -23.02
CA GLY H 322 -13.28 17.47 -22.34
C GLY H 322 -11.93 17.92 -21.84
N ASN H 323 -11.10 16.98 -21.36
CA ASN H 323 -9.76 17.33 -20.88
C ASN H 323 -8.88 17.81 -22.02
N ILE H 324 -8.70 16.96 -23.03
CA ILE H 324 -7.82 17.30 -24.15
C ILE H 324 -8.33 18.54 -24.87
N GLU H 325 -9.65 18.71 -24.95
CA GLU H 325 -10.19 19.94 -25.53
C GLU H 325 -9.67 21.17 -24.81
N GLU H 326 -9.78 21.19 -23.48
CA GLU H 326 -9.32 22.34 -22.70
C GLU H 326 -7.81 22.49 -22.79
N LYS H 327 -7.08 21.38 -22.78
CA LYS H 327 -5.62 21.44 -22.91
C LYS H 327 -5.21 22.08 -24.23
N LEU H 328 -5.79 21.61 -25.33
CA LEU H 328 -5.50 22.24 -26.61
C LEU H 328 -5.99 23.68 -26.65
N PHE H 329 -7.05 24.00 -25.91
CA PHE H 329 -7.56 25.37 -25.92
C PHE H 329 -6.57 26.33 -25.28
N ARG H 330 -6.05 25.97 -24.11
CA ARG H 330 -5.07 26.83 -23.44
C ARG H 330 -3.76 26.85 -24.20
N LEU H 331 -3.41 25.73 -24.83
CA LEU H 331 -2.20 25.68 -25.64
C LEU H 331 -2.28 26.66 -26.81
N ALA H 332 -3.44 26.73 -27.46
CA ALA H 332 -3.60 27.65 -28.60
C ALA H 332 -3.62 29.10 -28.14
N ALA H 333 -4.23 29.36 -26.97
CA ALA H 333 -4.25 30.73 -26.46
C ALA H 333 -2.86 31.20 -26.07
N ALA H 334 -1.97 30.26 -25.71
CA ALA H 334 -0.60 30.62 -25.40
C ALA H 334 0.24 30.87 -26.65
N GLN H 335 -0.23 30.41 -27.81
CA GLN H 335 0.50 30.60 -29.06
C GLN H 335 0.66 32.08 -29.37
N THR H 336 1.90 32.52 -29.57
CA THR H 336 2.18 33.89 -29.96
C THR H 336 2.34 34.04 -31.47
N GLY H 337 2.76 32.98 -32.15
CA GLY H 337 3.06 33.07 -33.56
C GLY H 337 1.85 33.35 -34.42
N LYS H 338 2.12 33.92 -35.59
CA LYS H 338 1.12 34.18 -36.62
C LYS H 338 0.73 32.93 -37.40
N GLY H 339 1.47 31.84 -37.23
CA GLY H 339 1.24 30.66 -38.04
C GLY H 339 -0.08 29.99 -37.75
N THR H 340 -0.48 29.10 -38.67
CA THR H 340 -1.73 28.37 -38.54
C THR H 340 -1.59 27.11 -37.70
N GLY H 341 -0.37 26.66 -37.42
CA GLY H 341 -0.16 25.48 -36.62
C GLY H 341 -0.09 25.78 -35.13
N LEU H 342 0.14 24.71 -34.38
CA LEU H 342 0.26 24.75 -32.93
C LEU H 342 1.69 24.38 -32.54
N ILE H 343 2.37 25.27 -31.83
CA ILE H 343 3.76 25.08 -31.43
C ILE H 343 3.80 24.58 -29.99
N VAL H 344 4.29 23.36 -29.80
CA VAL H 344 4.44 22.78 -28.48
C VAL H 344 5.93 22.60 -28.19
N HIS H 345 6.33 22.88 -26.95
CA HIS H 345 7.73 22.80 -26.56
C HIS H 345 8.07 21.59 -25.69
N ASP H 346 7.08 20.84 -25.22
CA ASP H 346 7.31 19.71 -24.33
C ASP H 346 7.25 18.36 -25.03
N TRP H 347 7.48 18.32 -26.34
CA TRP H 347 7.49 17.07 -27.09
C TRP H 347 8.94 16.65 -27.34
N GLN H 348 9.38 15.63 -26.61
CA GLN H 348 10.64 14.95 -26.87
C GLN H 348 10.34 13.50 -27.21
N PHE H 349 11.09 12.96 -28.16
CA PHE H 349 10.76 11.68 -28.80
C PHE H 349 12.05 10.90 -29.00
N GLU H 350 12.52 10.26 -27.94
CA GLU H 350 13.77 9.51 -28.05
C GLU H 350 13.52 8.15 -28.70
N ASP H 351 12.40 7.52 -28.37
CA ASP H 351 11.92 6.43 -29.21
C ASP H 351 10.40 6.40 -29.25
N SER H 352 9.78 7.50 -29.70
CA SER H 352 8.34 7.54 -29.98
C SER H 352 7.96 6.98 -31.34
N GLU H 353 8.94 6.57 -32.17
CA GLU H 353 8.79 6.01 -33.52
C GLU H 353 8.35 7.07 -34.54
N THR H 354 8.70 8.31 -34.25
CA THR H 354 8.29 9.51 -34.96
C THR H 354 9.40 9.79 -35.97
N PRO H 355 9.23 10.71 -36.93
CA PRO H 355 10.30 10.81 -37.96
C PRO H 355 11.29 11.94 -37.70
N PRO H 356 12.46 11.90 -38.34
CA PRO H 356 13.44 13.00 -38.22
C PRO H 356 13.30 14.11 -39.25
N GLU H 357 12.19 14.17 -39.97
CA GLU H 357 12.02 15.07 -41.08
C GLU H 357 11.64 16.46 -40.58
N ASN H 358 11.55 17.39 -41.54
CA ASN H 358 11.09 18.74 -41.27
C ASN H 358 9.83 18.72 -40.41
N LEU H 359 9.95 19.19 -39.16
CA LEU H 359 8.77 19.54 -38.38
C LEU H 359 8.57 21.06 -38.32
N ASP H 360 9.21 21.81 -39.20
CA ASP H 360 9.32 23.27 -39.07
C ASP H 360 9.68 23.61 -37.63
N PHE H 361 10.80 23.03 -37.19
CA PHE H 361 11.28 23.26 -35.83
C PHE H 361 11.40 24.75 -35.55
N SER H 362 10.79 25.18 -34.45
CA SER H 362 10.66 26.60 -34.16
C SER H 362 12.01 27.23 -33.84
N GLU H 363 12.02 28.56 -33.85
CA GLU H 363 13.24 29.30 -33.47
C GLU H 363 13.59 29.04 -32.01
N LEU H 364 12.58 28.84 -31.17
CA LEU H 364 12.77 28.68 -29.72
C LEU H 364 12.90 27.21 -29.31
N GLY H 365 13.21 26.32 -30.25
CA GLY H 365 13.32 24.91 -29.96
C GLY H 365 12.01 24.18 -29.83
N GLY H 366 10.89 24.81 -30.19
CA GLY H 366 9.61 24.13 -30.19
C GLY H 366 9.29 23.45 -31.50
N VAL H 367 8.42 22.45 -31.43
CA VAL H 367 7.92 21.78 -32.62
C VAL H 367 6.64 22.47 -33.06
N ASN H 368 6.56 22.83 -34.34
CA ASN H 368 5.37 23.47 -34.89
C ASN H 368 4.52 22.42 -35.59
N LEU H 369 3.39 22.07 -34.99
CA LEU H 369 2.53 21.02 -35.52
C LEU H 369 1.82 21.54 -36.76
N GLN H 370 2.03 20.88 -37.90
CA GLN H 370 1.45 21.34 -39.15
C GLN H 370 0.45 20.40 -39.78
N THR H 371 0.43 19.12 -39.39
CA THR H 371 -0.54 18.19 -39.94
C THR H 371 -1.34 17.53 -38.83
N PHE H 372 -2.56 17.13 -39.19
CA PHE H 372 -3.45 16.46 -38.26
C PHE H 372 -2.80 15.23 -37.64
N GLU H 373 -2.00 14.50 -38.43
CA GLU H 373 -1.33 13.31 -37.90
C GLU H 373 -0.31 13.67 -36.84
N GLN H 374 0.37 14.81 -37.01
CA GLN H 374 1.32 15.26 -36.00
C GLN H 374 0.62 15.59 -34.69
N LEU H 375 -0.49 16.33 -34.77
CA LEU H 375 -1.27 16.66 -33.59
C LEU H 375 -1.73 15.41 -32.86
N ILE H 376 -2.09 14.36 -33.61
CA ILE H 376 -2.49 13.10 -32.97
C ILE H 376 -1.28 12.41 -32.37
N SER H 377 -0.12 12.51 -33.04
CA SER H 377 1.08 11.90 -32.51
C SER H 377 1.54 12.58 -31.23
N TYR H 378 1.47 13.91 -31.20
CA TYR H 378 1.75 14.64 -29.97
C TYR H 378 0.77 14.27 -28.88
N LEU H 379 -0.52 14.12 -29.23
CA LEU H 379 -1.50 13.66 -28.24
C LEU H 379 -1.15 12.25 -27.78
N GLU H 380 -0.69 11.39 -28.68
CA GLU H 380 -0.26 10.05 -28.29
C GLU H 380 0.89 10.11 -27.31
N TYR H 381 1.81 11.05 -27.52
CA TYR H 381 2.94 11.18 -26.60
C TYR H 381 2.47 11.62 -25.22
N LYS H 382 1.71 12.72 -25.14
CA LYS H 382 1.29 13.22 -23.84
C LYS H 382 0.44 12.22 -23.08
N LEU H 383 -0.35 11.42 -23.80
CA LEU H 383 -1.30 10.52 -23.15
C LEU H 383 -0.75 9.13 -22.92
N LEU H 384 0.19 8.67 -23.74
CA LEU H 384 0.61 7.28 -23.72
C LEU H 384 2.11 7.05 -23.68
N GLU H 385 2.96 8.09 -23.67
CA GLU H 385 4.41 7.91 -23.67
C GLU H 385 5.19 8.90 -22.80
N GLU H 386 4.54 9.90 -22.21
CA GLU H 386 5.24 11.05 -21.64
C GLU H 386 6.28 10.62 -20.61
N ARG H 387 5.86 9.91 -19.58
CA ARG H 387 6.77 9.47 -18.51
C ARG H 387 6.84 7.97 -18.72
N GLU H 388 7.52 7.57 -19.80
CA GLU H 388 7.59 6.16 -20.20
C GLU H 388 6.21 5.29 -20.10
N GLY H 389 5.19 6.04 -20.51
CA GLY H 389 3.82 5.57 -20.49
C GLY H 389 2.70 6.09 -19.62
N GLU H 390 2.97 6.40 -18.36
CA GLU H 390 1.90 6.91 -17.50
C GLU H 390 1.43 8.30 -17.91
N GLY H 391 2.24 9.03 -18.67
CA GLY H 391 1.82 10.29 -19.24
C GLY H 391 1.88 11.47 -18.28
N ASP H 392 1.74 12.66 -18.85
CA ASP H 392 1.63 13.88 -18.06
C ASP H 392 0.32 13.89 -17.30
N PRO H 393 0.32 13.82 -15.98
CA PRO H 393 -0.95 13.92 -15.23
C PRO H 393 -1.68 15.23 -15.43
N LYS H 394 -1.07 16.23 -16.08
CA LYS H 394 -1.79 17.36 -16.62
C LYS H 394 -2.39 17.05 -17.98
N TRP H 395 -2.43 15.79 -18.38
CA TRP H 395 -2.96 15.37 -19.68
C TRP H 395 -3.80 14.12 -19.55
N VAL H 396 -3.24 13.05 -18.96
CA VAL H 396 -4.03 11.82 -18.83
C VAL H 396 -5.08 11.98 -17.72
N LEU H 397 -4.77 12.73 -16.67
CA LEU H 397 -5.73 13.08 -15.63
C LEU H 397 -6.39 11.82 -15.04
N LYS H 398 -5.53 10.86 -14.71
CA LYS H 398 -5.89 9.69 -13.92
C LYS H 398 -6.83 8.77 -14.69
N GLN H 399 -6.77 8.86 -16.02
CA GLN H 399 -7.65 8.06 -16.88
C GLN H 399 -6.95 6.79 -17.31
N SER H 400 -7.73 5.71 -17.43
CA SER H 400 -7.16 4.40 -17.68
C SER H 400 -6.48 4.36 -19.05
N PRO H 401 -5.47 3.50 -19.22
CA PRO H 401 -4.79 3.41 -20.52
C PRO H 401 -5.67 2.87 -21.62
N GLY H 402 -6.58 1.94 -21.31
CA GLY H 402 -7.50 1.45 -22.32
C GLY H 402 -8.36 2.56 -22.89
N THR H 403 -8.97 3.36 -22.03
CA THR H 403 -9.70 4.53 -22.49
C THR H 403 -8.79 5.45 -23.28
N LEU H 404 -7.54 5.60 -22.83
CA LEU H 404 -6.61 6.50 -23.51
C LEU H 404 -6.31 6.03 -24.93
N ARG H 405 -6.00 4.75 -25.10
CA ARG H 405 -5.74 4.28 -26.46
C ARG H 405 -7.01 4.32 -27.30
N ALA H 406 -8.17 4.14 -26.66
CA ALA H 406 -9.45 4.22 -27.36
C ALA H 406 -9.66 5.60 -27.97
N PHE H 407 -9.59 6.65 -27.14
CA PHE H 407 -9.59 8.02 -27.66
C PHE H 407 -8.53 8.20 -28.73
N THR H 408 -7.32 7.71 -28.47
CA THR H 408 -6.25 7.80 -29.45
C THR H 408 -6.60 7.03 -30.72
N ARG H 409 -7.02 5.76 -30.57
CA ARG H 409 -7.20 4.93 -31.77
C ARG H 409 -8.31 5.49 -32.65
N ARG H 410 -9.40 6.00 -32.07
CA ARG H 410 -10.48 6.54 -32.89
C ARG H 410 -10.03 7.81 -33.60
N LEU H 411 -9.14 8.59 -32.98
CA LEU H 411 -8.50 9.69 -33.70
C LEU H 411 -7.62 9.15 -34.82
N ARG H 412 -6.92 8.04 -34.58
CA ARG H 412 -6.08 7.45 -35.61
C ARG H 412 -6.90 6.93 -36.78
N GLY H 413 -7.98 6.19 -36.49
CA GLY H 413 -8.80 5.66 -37.56
C GLY H 413 -9.38 6.73 -38.46
N VAL H 414 -9.72 7.89 -37.88
CA VAL H 414 -10.35 8.97 -38.64
C VAL H 414 -9.34 9.93 -39.26
N GLN H 415 -8.05 9.78 -38.94
CA GLN H 415 -7.09 10.82 -39.30
C GLN H 415 -6.90 10.92 -40.81
N LYS H 416 -6.90 9.78 -41.51
CA LYS H 416 -6.65 9.79 -42.96
C LYS H 416 -7.73 10.55 -43.70
N TYR H 417 -8.97 10.50 -43.21
CA TYR H 417 -10.08 11.14 -43.91
C TYR H 417 -10.17 12.63 -43.58
N LEU H 418 -9.78 13.02 -42.36
CA LEU H 418 -9.90 14.39 -41.89
C LEU H 418 -8.64 15.22 -42.10
N SER H 419 -7.54 14.57 -42.45
CA SER H 419 -6.27 15.29 -42.58
C SER H 419 -6.29 16.39 -43.62
N PRO H 420 -6.76 16.18 -44.86
CA PRO H 420 -6.69 17.27 -45.84
C PRO H 420 -7.49 18.50 -45.45
N LEU H 421 -8.54 18.34 -44.64
CA LEU H 421 -9.38 19.47 -44.21
C LEU H 421 -8.69 20.31 -43.15
N ILE H 422 -7.95 19.68 -42.23
CA ILE H 422 -7.28 20.37 -41.14
C ILE H 422 -5.80 20.49 -41.49
N ARG H 423 -5.37 21.68 -41.91
CA ARG H 423 -4.00 21.94 -42.31
C ARG H 423 -3.39 23.03 -41.43
N GLY H 424 -2.23 22.72 -40.84
CA GLY H 424 -1.47 23.70 -40.10
C GLY H 424 -0.28 24.21 -40.89
N ASP H 425 0.02 23.52 -42.00
CA ASP H 425 1.09 23.95 -42.90
C ASP H 425 0.70 25.17 -43.73
N LEU H 426 -0.58 25.49 -43.81
CA LEU H 426 -1.01 26.66 -44.57
C LEU H 426 -0.54 27.95 -43.94
N THR H 427 -0.37 28.96 -44.77
CA THR H 427 0.04 30.30 -44.36
C THR H 427 -1.17 31.11 -43.91
N PRO H 428 -0.96 32.21 -43.18
CA PRO H 428 -2.11 32.93 -42.60
C PRO H 428 -3.09 33.50 -43.62
N GLU H 429 -2.63 33.97 -44.78
CA GLU H 429 -3.57 34.53 -45.75
C GLU H 429 -4.40 33.44 -46.41
N GLN H 430 -3.75 32.36 -46.87
CA GLN H 430 -4.51 31.23 -47.41
C GLN H 430 -5.54 30.73 -46.40
N ALA H 431 -5.22 30.82 -45.11
CA ALA H 431 -6.14 30.37 -44.09
C ALA H 431 -7.36 31.29 -43.97
N GLU H 432 -7.14 32.60 -43.97
CA GLU H 432 -8.26 33.54 -43.84
C GLU H 432 -9.16 33.52 -45.08
N GLY H 433 -8.57 33.29 -46.25
CA GLY H 433 -9.39 33.22 -47.45
C GLY H 433 -10.19 31.94 -47.53
N TYR H 434 -9.58 30.81 -47.17
CA TYR H 434 -10.21 29.51 -47.31
C TYR H 434 -11.06 29.12 -46.10
N ARG H 435 -11.25 30.00 -45.15
CA ARG H 435 -12.03 29.67 -43.97
C ARG H 435 -13.51 29.64 -44.31
N PRO H 436 -14.25 28.59 -43.94
CA PRO H 436 -15.66 28.46 -44.35
C PRO H 436 -16.55 29.37 -43.50
N ASP H 437 -17.18 30.34 -44.15
CA ASP H 437 -18.09 31.26 -43.47
C ASP H 437 -19.46 31.17 -44.10
N PRO H 438 -20.41 30.45 -43.47
CA PRO H 438 -21.77 30.40 -44.02
C PRO H 438 -22.48 31.73 -43.97
N LEU H 439 -21.95 32.70 -43.24
CA LEU H 439 -22.56 34.01 -43.07
C LEU H 439 -21.80 35.11 -43.81
N ARG H 440 -21.01 34.76 -44.83
CA ARG H 440 -20.22 35.75 -45.54
C ARG H 440 -21.11 36.87 -46.06
N ARG H 441 -20.60 38.09 -45.97
CA ARG H 441 -21.35 39.26 -46.46
C ARG H 441 -21.58 39.14 -47.96
N GLY H 442 -22.79 39.47 -48.38
CA GLY H 442 -23.15 39.40 -49.79
C GLY H 442 -23.47 38.01 -50.29
N ILE H 443 -23.69 37.05 -49.40
CA ILE H 443 -24.03 35.68 -49.78
C ILE H 443 -25.40 35.38 -49.20
N GLN H 444 -26.27 34.76 -50.00
CA GLN H 444 -27.57 34.33 -49.50
C GLN H 444 -27.67 32.83 -49.31
N LEU H 445 -26.98 32.05 -50.15
CA LEU H 445 -27.02 30.59 -50.06
C LEU H 445 -25.61 30.04 -50.09
N THR H 446 -25.29 29.18 -49.11
CA THR H 446 -23.98 28.54 -49.01
C THR H 446 -24.16 27.03 -49.14
N VAL H 447 -23.46 26.42 -50.10
CA VAL H 447 -23.50 24.99 -50.31
C VAL H 447 -22.15 24.42 -49.90
N VAL H 448 -22.18 23.42 -49.02
CA VAL H 448 -20.98 22.76 -48.51
C VAL H 448 -20.94 21.36 -49.10
N ASP H 449 -19.98 21.14 -50.00
CA ASP H 449 -19.79 19.84 -50.66
C ASP H 449 -18.99 18.95 -49.73
N ILE H 450 -19.67 18.03 -49.06
CA ILE H 450 -18.99 17.03 -48.24
C ILE H 450 -19.19 15.63 -48.82
N HIS H 451 -19.58 15.53 -50.10
CA HIS H 451 -19.89 14.23 -50.69
C HIS H 451 -18.66 13.36 -50.83
N ALA H 452 -17.49 13.99 -51.03
CA ALA H 452 -16.24 13.26 -51.14
C ALA H 452 -15.68 12.83 -49.79
N LEU H 453 -16.17 13.40 -48.71
CA LEU H 453 -15.66 13.07 -47.38
C LEU H 453 -16.25 11.76 -46.89
N SER H 454 -15.60 11.18 -45.89
CA SER H 454 -16.06 9.95 -45.28
C SER H 454 -17.26 10.24 -44.37
N ALA H 455 -17.85 9.16 -43.85
CA ALA H 455 -18.98 9.33 -42.94
C ALA H 455 -18.57 10.08 -41.68
N HIS H 456 -17.29 10.02 -41.32
CA HIS H 456 -16.80 10.74 -40.15
C HIS H 456 -16.43 12.18 -40.48
N ALA H 457 -15.70 12.38 -41.59
CA ALA H 457 -15.37 13.73 -42.02
C ALA H 457 -16.62 14.56 -42.28
N GLN H 458 -17.66 13.96 -42.84
CA GLN H 458 -18.90 14.69 -43.07
C GLN H 458 -19.51 15.14 -41.74
N MET H 459 -19.70 14.20 -40.82
CA MET H 459 -20.30 14.55 -39.53
C MET H 459 -19.49 15.62 -38.83
N PHE H 460 -18.17 15.61 -39.02
CA PHE H 460 -17.32 16.63 -38.43
C PHE H 460 -17.63 18.01 -38.99
N VAL H 461 -17.54 18.16 -40.32
CA VAL H 461 -17.75 19.45 -40.95
C VAL H 461 -19.13 20.00 -40.60
N VAL H 462 -20.16 19.17 -40.71
CA VAL H 462 -21.51 19.62 -40.37
C VAL H 462 -21.57 20.05 -38.92
N GLY H 463 -20.86 19.33 -38.05
CA GLY H 463 -20.89 19.66 -36.63
C GLY H 463 -20.33 21.04 -36.33
N VAL H 464 -19.07 21.29 -36.73
CA VAL H 464 -18.44 22.54 -36.35
C VAL H 464 -19.07 23.72 -37.09
N LEU H 465 -19.56 23.50 -38.32
CA LEU H 465 -20.20 24.57 -39.07
C LEU H 465 -21.52 24.97 -38.43
N LEU H 466 -22.35 24.00 -38.06
CA LEU H 466 -23.60 24.31 -37.37
C LEU H 466 -23.33 24.96 -36.03
N ARG H 467 -22.29 24.50 -35.33
CA ARG H 467 -21.93 25.11 -34.07
C ARG H 467 -21.41 26.54 -34.27
N GLU H 468 -20.62 26.75 -35.31
CA GLU H 468 -20.09 28.08 -35.59
C GLU H 468 -21.21 29.09 -35.81
N VAL H 469 -22.23 28.71 -36.58
CA VAL H 469 -23.37 29.59 -36.81
C VAL H 469 -24.14 29.80 -35.52
N PHE H 470 -24.33 28.74 -34.74
CA PHE H 470 -25.08 28.84 -33.50
C PHE H 470 -24.37 29.74 -32.48
N GLU H 471 -23.05 29.53 -32.30
CA GLU H 471 -22.28 30.39 -31.42
C GLU H 471 -22.38 31.84 -31.85
N TYR H 472 -22.23 32.10 -33.15
CA TYR H 472 -22.28 33.47 -33.66
C TYR H 472 -23.62 34.13 -33.34
N LYS H 473 -24.71 33.37 -33.41
CA LYS H 473 -26.03 33.95 -33.15
C LYS H 473 -26.24 34.21 -31.67
N GLU H 474 -25.73 33.31 -30.83
CA GLU H 474 -25.75 33.55 -29.38
C GLU H 474 -25.01 34.85 -29.05
N ARG H 475 -23.84 35.05 -29.65
CA ARG H 475 -23.00 36.19 -29.32
C ARG H 475 -23.57 37.49 -29.88
N VAL H 476 -24.16 37.45 -31.07
CA VAL H 476 -24.55 38.65 -31.79
C VAL H 476 -26.04 38.95 -31.64
N GLY H 477 -26.91 37.97 -31.85
CA GLY H 477 -28.33 38.21 -31.72
C GLY H 477 -29.10 37.91 -32.99
N ARG H 478 -30.36 38.33 -32.98
CA ARG H 478 -31.38 37.71 -33.81
C ARG H 478 -32.15 38.74 -34.66
N GLN H 479 -31.51 39.34 -35.66
CA GLN H 479 -32.25 40.09 -36.67
C GLN H 479 -31.91 39.62 -38.07
N ASP H 480 -31.25 38.46 -38.18
CA ASP H 480 -31.00 37.77 -39.44
C ASP H 480 -31.45 36.33 -39.31
N THR H 481 -32.28 35.88 -40.25
CA THR H 481 -32.73 34.49 -40.26
C THR H 481 -31.80 33.64 -41.10
N VAL H 482 -31.34 32.53 -40.53
CA VAL H 482 -30.44 31.60 -41.19
C VAL H 482 -31.13 30.26 -41.28
N PHE H 483 -31.30 29.76 -42.50
CA PHE H 483 -31.98 28.50 -42.76
C PHE H 483 -30.94 27.39 -42.93
N VAL H 484 -31.15 26.29 -42.20
CA VAL H 484 -30.31 25.11 -42.32
C VAL H 484 -31.16 24.01 -42.94
N VAL H 485 -30.76 23.57 -44.13
CA VAL H 485 -31.49 22.58 -44.92
C VAL H 485 -30.71 21.28 -44.86
N LEU H 486 -31.28 20.28 -44.19
CA LEU H 486 -30.56 19.05 -43.86
C LEU H 486 -31.44 17.84 -44.19
N ASP H 487 -30.97 17.01 -45.12
CA ASP H 487 -31.56 15.72 -45.43
C ASP H 487 -31.00 14.66 -44.49
N GLU H 488 -31.57 13.46 -44.56
CA GLU H 488 -31.12 12.30 -43.79
C GLU H 488 -30.99 12.64 -42.31
N LEU H 489 -32.05 13.25 -41.75
CA LEU H 489 -32.03 13.65 -40.34
C LEU H 489 -31.89 12.46 -39.41
N ASN H 490 -32.04 11.24 -39.91
CA ASN H 490 -31.93 10.07 -39.04
C ASN H 490 -30.49 9.78 -38.67
N LYS H 491 -29.54 9.96 -39.59
CA LYS H 491 -28.15 9.73 -39.24
C LYS H 491 -27.58 10.85 -38.39
N TYR H 492 -28.02 12.08 -38.61
CA TYR H 492 -27.44 13.21 -37.87
C TYR H 492 -28.01 13.31 -36.47
N ALA H 493 -29.31 13.05 -36.28
CA ALA H 493 -29.96 13.12 -34.97
C ALA H 493 -30.73 11.83 -34.72
N PRO H 494 -30.03 10.73 -34.42
CA PRO H 494 -30.73 9.46 -34.18
C PRO H 494 -31.68 9.56 -32.99
N ARG H 495 -32.61 8.62 -32.95
CA ARG H 495 -33.61 8.64 -31.88
C ARG H 495 -32.98 8.24 -30.55
N GLU H 496 -32.09 7.25 -30.57
CA GLU H 496 -31.56 6.68 -29.33
C GLU H 496 -30.09 6.99 -29.07
N GLY H 497 -29.31 7.27 -30.11
CA GLY H 497 -27.91 7.62 -29.93
C GLY H 497 -27.73 8.96 -29.23
N ASP H 498 -26.47 9.29 -28.96
CA ASP H 498 -26.14 10.57 -28.33
C ASP H 498 -24.76 11.01 -28.80
N SER H 499 -24.71 12.14 -29.51
CA SER H 499 -23.49 12.63 -30.15
C SER H 499 -23.47 14.15 -30.11
N PRO H 500 -22.31 14.79 -30.37
CA PRO H 500 -22.28 16.26 -30.31
C PRO H 500 -23.01 16.92 -31.46
N ILE H 501 -23.00 16.32 -32.65
CA ILE H 501 -23.73 16.85 -33.78
C ILE H 501 -25.22 16.80 -33.53
N LYS H 502 -25.68 15.78 -32.81
CA LYS H 502 -27.07 15.77 -32.39
C LYS H 502 -27.36 16.87 -31.39
N ASP H 503 -26.35 17.23 -30.56
CA ASP H 503 -26.55 18.25 -29.53
C ASP H 503 -26.67 19.64 -30.11
N VAL H 504 -25.99 19.93 -31.23
CA VAL H 504 -26.16 21.22 -31.87
C VAL H 504 -27.49 21.27 -32.61
N LEU H 505 -27.91 20.15 -33.17
CA LEU H 505 -29.24 20.08 -33.77
C LEU H 505 -30.32 20.22 -32.71
N LEU H 506 -30.09 19.67 -31.53
CA LEU H 506 -31.03 19.89 -30.43
C LEU H 506 -31.07 21.35 -30.01
N ASP H 507 -29.91 22.02 -29.98
CA ASP H 507 -29.89 23.43 -29.61
C ASP H 507 -30.59 24.29 -30.65
N ILE H 508 -30.48 23.92 -31.92
CA ILE H 508 -31.16 24.66 -32.97
C ILE H 508 -32.67 24.47 -32.89
N ALA H 509 -33.12 23.23 -32.60
CA ALA H 509 -34.55 22.98 -32.53
C ALA H 509 -35.18 23.66 -31.32
N GLU H 510 -34.54 23.54 -30.14
CA GLU H 510 -35.16 24.03 -28.91
C GLU H 510 -34.93 25.51 -28.69
N ARG H 511 -33.84 26.07 -29.22
CA ARG H 511 -33.56 27.48 -29.04
C ARG H 511 -33.54 28.28 -30.33
N GLY H 512 -33.50 27.62 -31.50
CA GLY H 512 -33.28 28.35 -32.74
C GLY H 512 -34.38 29.33 -33.11
N ARG H 513 -35.59 29.14 -32.59
CA ARG H 513 -36.66 30.08 -32.91
C ARG H 513 -36.28 31.50 -32.50
N SER H 514 -35.95 31.69 -31.21
CA SER H 514 -35.60 33.00 -30.68
C SER H 514 -34.18 33.41 -31.00
N LEU H 515 -33.39 32.56 -31.66
CA LEU H 515 -32.06 32.94 -32.11
C LEU H 515 -31.99 33.24 -33.58
N GLY H 516 -32.98 32.81 -34.36
CA GLY H 516 -32.99 33.08 -35.77
C GLY H 516 -32.47 31.98 -36.66
N ILE H 517 -32.14 30.81 -36.11
CA ILE H 517 -31.71 29.67 -36.89
C ILE H 517 -32.90 28.74 -37.06
N ILE H 518 -33.33 28.54 -38.30
CA ILE H 518 -34.47 27.71 -38.61
C ILE H 518 -33.99 26.46 -39.35
N LEU H 519 -34.46 25.31 -38.91
CA LEU H 519 -34.10 24.02 -39.50
C LEU H 519 -35.20 23.58 -40.46
N ILE H 520 -34.80 23.25 -41.69
CA ILE H 520 -35.69 22.62 -42.66
C ILE H 520 -35.18 21.20 -42.84
N GLY H 521 -35.72 20.27 -42.04
CA GLY H 521 -35.17 18.94 -41.92
C GLY H 521 -35.95 17.93 -42.74
N ALA H 522 -35.25 16.91 -43.23
CA ALA H 522 -35.88 15.86 -44.00
C ALA H 522 -35.31 14.51 -43.60
N GLN H 523 -36.16 13.50 -43.55
CA GLN H 523 -35.77 12.13 -43.25
C GLN H 523 -36.79 11.20 -43.90
N GLN H 524 -36.40 9.93 -44.06
CA GLN H 524 -37.35 8.98 -44.62
C GLN H 524 -38.53 8.77 -43.68
N THR H 525 -38.26 8.54 -42.39
CA THR H 525 -39.33 8.39 -41.41
C THR H 525 -39.00 9.20 -40.18
N ALA H 526 -39.99 9.93 -39.68
CA ALA H 526 -39.82 10.70 -38.46
C ALA H 526 -39.66 9.80 -37.24
N SER H 527 -40.03 8.53 -37.33
CA SER H 527 -39.91 7.64 -36.18
C SER H 527 -38.47 7.24 -35.90
N GLU H 528 -37.55 7.48 -36.84
CA GLU H 528 -36.15 7.17 -36.64
C GLU H 528 -35.31 8.38 -36.22
N VAL H 529 -35.94 9.53 -35.97
CA VAL H 529 -35.25 10.76 -35.60
C VAL H 529 -35.55 11.05 -34.13
N GLU H 530 -34.67 11.82 -33.50
CA GLU H 530 -34.88 12.21 -32.11
C GLU H 530 -36.23 12.93 -31.96
N ARG H 531 -36.98 12.50 -30.95
CA ARG H 531 -38.33 13.02 -30.73
C ARG H 531 -38.31 14.53 -30.56
N ARG H 532 -37.31 15.06 -29.85
CA ARG H 532 -37.28 16.49 -29.56
C ARG H 532 -37.03 17.33 -30.80
N ILE H 533 -36.31 16.80 -31.79
CA ILE H 533 -36.13 17.53 -33.04
C ILE H 533 -37.45 17.59 -33.80
N VAL H 534 -38.09 16.43 -33.99
CA VAL H 534 -39.33 16.36 -34.75
C VAL H 534 -40.45 17.10 -34.02
N SER H 535 -40.46 17.03 -32.69
CA SER H 535 -41.54 17.65 -31.93
C SER H 535 -41.56 19.17 -32.08
N ASN H 536 -40.41 19.79 -32.32
CA ASN H 536 -40.33 21.24 -32.39
C ASN H 536 -40.53 21.78 -33.79
N ALA H 537 -40.93 20.95 -34.74
CA ALA H 537 -41.23 21.40 -36.09
C ALA H 537 -42.68 21.85 -36.17
N ALA H 538 -42.90 23.15 -36.42
CA ALA H 538 -44.24 23.69 -36.56
C ALA H 538 -44.89 23.31 -37.89
N ILE H 539 -44.09 23.18 -38.95
CA ILE H 539 -44.57 22.83 -40.27
C ILE H 539 -44.13 21.40 -40.55
N ARG H 540 -45.09 20.52 -40.84
CA ARG H 540 -44.78 19.14 -41.21
C ARG H 540 -45.30 18.90 -42.63
N VAL H 541 -44.44 18.33 -43.46
CA VAL H 541 -44.75 18.06 -44.86
C VAL H 541 -44.45 16.58 -45.13
N VAL H 542 -45.31 15.94 -45.92
CA VAL H 542 -45.25 14.50 -46.15
C VAL H 542 -45.41 14.24 -47.64
N GLY H 543 -44.40 13.61 -48.24
CA GLY H 543 -44.52 13.03 -49.56
C GLY H 543 -45.00 11.60 -49.44
N ARG H 544 -44.75 10.82 -50.50
CA ARG H 544 -45.22 9.44 -50.47
C ARG H 544 -44.63 8.68 -49.29
N LEU H 545 -45.49 8.29 -48.35
CA LEU H 545 -45.07 7.63 -47.13
C LEU H 545 -45.06 6.12 -47.32
N ASP H 546 -44.24 5.44 -46.52
CA ASP H 546 -44.26 3.99 -46.52
C ASP H 546 -45.58 3.53 -45.90
N LEU H 547 -46.11 2.43 -46.45
CA LEU H 547 -47.34 1.87 -45.91
C LEU H 547 -47.19 1.55 -44.43
N ALA H 548 -45.99 1.11 -44.03
CA ALA H 548 -45.74 0.73 -42.64
C ALA H 548 -45.75 1.94 -41.72
N GLU H 549 -45.17 3.05 -42.18
CA GLU H 549 -44.90 4.18 -41.31
C GLU H 549 -46.09 5.11 -41.13
N ALA H 550 -47.07 5.05 -42.03
CA ALA H 550 -48.21 5.96 -41.93
C ALA H 550 -48.98 5.74 -40.64
N GLU H 551 -49.01 4.52 -40.13
CA GLU H 551 -49.73 4.22 -38.91
C GLU H 551 -48.90 4.39 -37.66
N ARG H 552 -47.60 4.68 -37.80
CA ARG H 552 -46.77 4.95 -36.64
C ARG H 552 -47.32 6.15 -35.87
N PRO H 553 -47.00 6.23 -34.57
CA PRO H 553 -47.47 7.38 -33.77
C PRO H 553 -46.92 8.72 -34.23
N GLU H 554 -45.79 8.74 -34.94
CA GLU H 554 -45.23 10.01 -35.39
C GLU H 554 -46.02 10.63 -36.51
N TYR H 555 -46.96 9.90 -37.12
CA TYR H 555 -47.74 10.39 -38.25
C TYR H 555 -49.24 10.30 -37.95
N ARG H 556 -49.63 10.55 -36.71
CA ARG H 556 -51.05 10.65 -36.39
C ARG H 556 -51.65 11.94 -36.88
N PHE H 557 -50.84 12.97 -37.14
CA PHE H 557 -51.37 14.20 -37.72
C PHE H 557 -51.92 13.96 -39.12
N LEU H 558 -51.68 12.79 -39.70
CA LEU H 558 -52.40 12.36 -40.89
C LEU H 558 -53.64 11.60 -40.46
N PRO H 559 -54.84 12.09 -40.76
CA PRO H 559 -56.05 11.29 -40.48
C PRO H 559 -56.03 9.98 -41.27
N GLN H 560 -56.77 9.00 -40.76
CA GLN H 560 -56.78 7.69 -41.42
C GLN H 560 -57.23 7.79 -42.86
N SER H 561 -58.15 8.71 -43.16
CA SER H 561 -58.63 8.88 -44.52
C SER H 561 -57.50 9.15 -45.51
N PHE H 562 -56.40 9.76 -45.05
CA PHE H 562 -55.31 10.13 -45.94
C PHE H 562 -54.33 8.99 -46.17
N ARG H 563 -54.26 8.02 -45.27
CA ARG H 563 -53.15 7.07 -45.28
C ARG H 563 -53.05 6.35 -46.62
N GLY H 564 -54.13 5.69 -47.04
CA GLY H 564 -54.09 4.97 -48.31
C GLY H 564 -53.73 5.87 -49.48
N ARG H 565 -54.26 7.09 -49.47
CA ARG H 565 -53.91 8.06 -50.50
C ARG H 565 -52.42 8.40 -50.46
N ALA H 566 -51.87 8.57 -49.24
CA ALA H 566 -50.47 8.95 -49.08
C ALA H 566 -49.51 7.85 -49.51
N GLY H 567 -49.96 6.59 -49.49
CA GLY H 567 -49.13 5.49 -49.95
C GLY H 567 -48.78 5.57 -51.42
N ILE H 568 -49.60 6.26 -52.22
CA ILE H 568 -49.45 6.27 -53.67
C ILE H 568 -49.27 7.68 -54.23
N LEU H 569 -48.95 8.65 -53.39
CA LEU H 569 -48.77 10.03 -53.87
C LEU H 569 -47.66 10.06 -54.91
N GLN H 570 -47.87 10.83 -55.95
CA GLN H 570 -46.89 10.88 -57.04
C GLN H 570 -45.80 11.91 -56.75
N PRO H 571 -44.58 11.69 -57.26
CA PRO H 571 -43.53 12.68 -57.09
C PRO H 571 -44.02 14.07 -57.49
N GLY H 572 -43.67 15.06 -56.69
CA GLY H 572 -44.14 16.41 -56.88
C GLY H 572 -45.42 16.74 -56.15
N THR H 573 -45.95 15.81 -55.38
CA THR H 573 -47.20 15.99 -54.64
C THR H 573 -46.94 15.76 -53.17
N MET H 574 -47.23 16.78 -52.35
CA MET H 574 -46.92 16.76 -50.93
C MET H 574 -48.16 17.11 -50.12
N LEU H 575 -48.21 16.60 -48.88
CA LEU H 575 -49.21 16.97 -47.89
C LEU H 575 -48.53 17.87 -46.86
N VAL H 576 -48.91 19.13 -46.80
CA VAL H 576 -48.39 20.04 -45.78
C VAL H 576 -49.42 20.15 -44.67
N SER H 577 -48.95 20.12 -43.43
CA SER H 577 -49.78 20.33 -42.26
C SER H 577 -49.17 21.48 -41.44
N GLN H 578 -49.92 22.56 -41.29
CA GLN H 578 -49.48 23.74 -40.55
C GLN H 578 -50.45 24.07 -39.44
N PRO H 579 -49.99 24.74 -38.38
CA PRO H 579 -50.87 24.94 -37.20
C PRO H 579 -52.16 25.68 -37.51
N ASP H 580 -52.13 26.67 -38.40
CA ASP H 580 -53.33 27.47 -38.66
C ASP H 580 -54.48 26.62 -39.20
N VAL H 581 -54.22 25.77 -40.19
CA VAL H 581 -55.26 25.02 -40.88
C VAL H 581 -55.30 23.61 -40.28
N PRO H 582 -56.45 23.17 -39.77
CA PRO H 582 -56.48 21.98 -38.91
C PRO H 582 -56.36 20.64 -39.62
N ASN H 583 -56.10 20.60 -40.91
CA ASN H 583 -55.97 19.33 -41.62
C ASN H 583 -54.84 19.42 -42.62
N PRO H 584 -54.21 18.30 -42.95
CA PRO H 584 -53.23 18.31 -44.03
C PRO H 584 -53.90 18.69 -45.33
N VAL H 585 -53.23 19.51 -46.13
CA VAL H 585 -53.71 19.87 -47.45
C VAL H 585 -52.71 19.39 -48.50
N LEU H 586 -53.24 18.81 -49.57
CA LEU H 586 -52.40 18.32 -50.67
C LEU H 586 -52.02 19.49 -51.56
N VAL H 587 -50.79 19.47 -52.07
CA VAL H 587 -50.30 20.54 -52.92
C VAL H 587 -49.39 19.97 -54.01
N ASN H 588 -49.23 20.74 -55.08
CA ASN H 588 -48.23 20.49 -56.11
C ASN H 588 -47.30 21.70 -56.19
N TYR H 589 -46.04 21.44 -56.48
CA TYR H 589 -45.10 22.54 -56.62
C TYR H 589 -44.29 22.32 -57.90
N PRO H 590 -43.76 23.38 -58.49
CA PRO H 590 -43.14 23.27 -59.82
C PRO H 590 -41.92 22.38 -59.81
N PHE H 591 -41.41 22.12 -61.00
CA PHE H 591 -40.11 21.52 -61.15
C PHE H 591 -39.03 22.55 -60.82
N PRO H 592 -37.85 22.12 -60.41
CA PRO H 592 -36.81 23.07 -60.01
C PRO H 592 -36.41 23.97 -61.17
N ALA H 593 -36.47 25.29 -60.94
CA ALA H 593 -35.92 26.21 -61.92
C ALA H 593 -34.40 26.18 -61.94
N TRP H 594 -33.81 25.78 -60.82
CA TRP H 594 -32.37 25.61 -60.68
C TRP H 594 -31.96 24.23 -61.17
N ALA H 595 -30.80 24.13 -61.79
CA ALA H 595 -30.33 22.82 -62.22
C ALA H 595 -30.07 21.95 -61.00
N THR H 596 -30.42 20.67 -61.10
CA THR H 596 -30.13 19.71 -60.05
C THR H 596 -29.17 18.59 -60.42
N ARG H 597 -28.44 18.73 -61.52
CA ARG H 597 -27.51 17.77 -62.01
C ARG H 597 -26.65 18.40 -63.07
N ARG H 598 -25.56 17.74 -63.45
CA ARG H 598 -24.66 18.31 -64.46
C ARG H 598 -25.27 18.66 -65.82
N ASP H 599 -25.93 17.69 -66.46
CA ASP H 599 -26.43 17.94 -67.81
C ASP H 599 -27.60 18.91 -67.86
N GLU H 600 -28.17 19.30 -66.70
CA GLU H 600 -29.31 20.22 -66.71
C GLU H 600 -28.88 21.66 -66.98
N VAL H 601 -27.60 21.97 -66.77
CA VAL H 601 -27.12 23.34 -66.95
C VAL H 601 -27.04 23.69 -68.43
N ASP H 602 -26.51 22.77 -69.25
CA ASP H 602 -26.14 23.08 -70.63
C ASP H 602 -26.52 21.92 -71.57
N ASP H 603 -27.78 21.49 -71.52
CA ASP H 603 -28.14 20.36 -72.37
C ASP H 603 -28.34 20.74 -73.83
N LEU H 604 -28.84 21.95 -74.10
CA LEU H 604 -29.07 22.41 -75.48
C LEU H 604 -29.79 21.35 -76.31
N GLY H 605 -30.86 20.77 -75.74
CA GLY H 605 -31.54 19.68 -76.40
C GLY H 605 -33.01 19.64 -76.04
N GLY H 606 -33.75 18.81 -76.77
CA GLY H 606 -35.19 18.68 -76.58
C GLY H 606 -35.80 17.64 -77.50
N ASP I 13 -91.34 28.99 -25.80
CA ASP I 13 -90.37 28.96 -24.71
C ASP I 13 -89.64 27.63 -24.68
N ALA I 14 -90.35 26.55 -25.03
CA ALA I 14 -89.73 25.24 -25.10
C ALA I 14 -88.88 25.13 -26.36
N ILE I 15 -88.00 24.12 -26.37
CA ILE I 15 -87.03 23.94 -27.43
C ILE I 15 -87.22 22.64 -28.20
N GLY I 16 -87.80 21.62 -27.58
CA GLY I 16 -87.98 20.37 -28.27
C GLY I 16 -88.79 19.39 -27.44
N MET I 17 -88.92 18.18 -27.97
CA MET I 17 -89.61 17.10 -27.27
C MET I 17 -88.70 15.89 -27.25
N VAL I 18 -88.78 15.12 -26.15
CA VAL I 18 -87.96 13.92 -26.03
C VAL I 18 -88.40 12.91 -27.07
N LEU I 19 -87.44 12.41 -27.83
CA LEU I 19 -87.74 11.51 -28.92
C LEU I 19 -88.06 10.11 -28.42
N GLY I 20 -88.86 9.39 -29.19
CA GLY I 20 -89.19 8.03 -28.83
C GLY I 20 -88.62 7.04 -29.82
N THR I 21 -88.16 7.55 -30.97
CA THR I 21 -87.59 6.69 -31.99
C THR I 21 -86.23 6.14 -31.58
N GLU I 22 -85.48 6.90 -30.78
CA GLU I 22 -84.25 6.46 -30.15
C GLU I 22 -84.52 6.10 -28.70
N ASP I 23 -83.69 5.21 -28.16
CA ASP I 23 -83.86 4.74 -26.76
C ASP I 23 -83.77 5.93 -25.81
N VAL I 24 -84.65 5.98 -24.82
CA VAL I 24 -84.61 7.08 -23.81
C VAL I 24 -84.04 6.46 -22.53
N THR I 25 -82.91 6.99 -22.04
CA THR I 25 -82.29 6.42 -20.81
C THR I 25 -82.08 7.55 -19.81
N PRO I 26 -81.93 7.25 -18.51
CA PRO I 26 -81.77 8.30 -17.52
C PRO I 26 -80.50 9.11 -17.79
N THR I 27 -79.41 8.41 -18.13
CA THR I 27 -78.11 9.07 -18.42
C THR I 27 -78.15 9.86 -19.74
N VAL I 28 -78.66 9.27 -20.82
CA VAL I 28 -78.64 9.97 -22.15
C VAL I 28 -79.94 9.76 -22.91
N PHE I 29 -80.41 10.80 -23.60
CA PHE I 29 -81.66 10.71 -24.41
C PHE I 29 -81.56 11.66 -25.60
N TRP I 30 -82.36 11.40 -26.64
CA TRP I 30 -82.38 12.22 -27.88
C TRP I 30 -83.68 13.02 -27.91
N PHE I 31 -83.66 14.27 -28.35
CA PHE I 31 -84.91 15.01 -28.46
C PHE I 31 -84.97 15.73 -29.80
N ALA I 32 -86.20 15.96 -30.28
CA ALA I 32 -86.41 16.57 -31.59
C ALA I 32 -86.55 18.08 -31.44
N VAL I 33 -85.69 18.83 -32.14
CA VAL I 33 -85.68 20.28 -32.04
C VAL I 33 -86.98 20.84 -32.62
N SER I 34 -87.70 21.61 -31.81
CA SER I 34 -88.91 22.27 -32.31
C SER I 34 -88.55 23.25 -33.43
N HIS I 35 -89.53 23.50 -34.31
CA HIS I 35 -89.28 24.39 -35.42
C HIS I 35 -89.15 25.83 -34.91
N GLY I 36 -88.28 26.60 -35.56
CA GLY I 36 -87.95 27.93 -35.10
C GLY I 36 -86.90 27.99 -34.01
N ALA I 37 -86.47 26.84 -33.48
CA ALA I 37 -85.43 26.78 -32.47
C ALA I 37 -84.14 26.23 -33.08
N SER I 38 -83.00 26.82 -32.71
CA SER I 38 -81.69 26.31 -33.07
C SER I 38 -81.01 25.69 -31.85
N VAL I 39 -80.49 24.47 -32.02
CA VAL I 39 -79.82 23.74 -30.95
C VAL I 39 -78.36 23.58 -31.34
N GLY I 40 -77.49 24.34 -30.67
CA GLY I 40 -76.06 24.21 -30.87
C GLY I 40 -75.51 22.95 -30.25
N LEU I 41 -74.23 22.70 -30.52
CA LEU I 41 -73.63 21.46 -30.05
C LEU I 41 -73.43 21.49 -28.55
N ASP I 42 -72.90 22.57 -28.01
CA ASP I 42 -72.53 22.57 -26.60
C ASP I 42 -73.63 23.08 -25.68
N ASP I 43 -74.85 23.24 -26.19
CA ASP I 43 -75.91 23.88 -25.42
C ASP I 43 -76.21 23.11 -24.15
N LEU I 44 -76.60 23.84 -23.11
CA LEU I 44 -77.05 23.26 -21.85
C LEU I 44 -78.57 23.33 -21.82
N VAL I 45 -79.21 22.21 -21.49
CA VAL I 45 -80.66 22.09 -21.55
C VAL I 45 -81.17 21.44 -20.28
N VAL I 46 -82.49 21.55 -20.07
CA VAL I 46 -83.18 20.90 -18.97
C VAL I 46 -84.50 20.35 -19.50
N VAL I 47 -84.85 19.15 -19.04
CA VAL I 47 -86.12 18.52 -19.36
C VAL I 47 -86.69 17.96 -18.07
N GLU I 48 -88.00 18.10 -17.88
CA GLU I 48 -88.68 17.74 -16.64
C GLU I 48 -89.73 16.69 -16.94
N THR I 49 -89.63 15.53 -16.29
CA THR I 49 -90.58 14.45 -16.47
C THR I 49 -91.32 14.19 -15.17
N ARG I 50 -92.49 13.59 -15.30
CA ARG I 50 -93.38 13.29 -14.19
C ARG I 50 -93.39 11.80 -13.93
N LYS I 51 -93.06 11.40 -12.69
CA LYS I 51 -93.16 10.01 -12.28
C LYS I 51 -94.62 9.57 -12.31
N PRO I 52 -94.88 8.27 -12.30
CA PRO I 52 -96.27 7.82 -12.12
C PRO I 52 -96.93 8.43 -10.90
N ASP I 53 -96.23 8.51 -9.77
CA ASP I 53 -96.88 9.06 -8.58
C ASP I 53 -97.06 10.58 -8.65
N GLY I 54 -96.68 11.23 -9.74
CA GLY I 54 -96.82 12.66 -9.88
C GLY I 54 -95.63 13.49 -9.42
N THR I 55 -94.63 12.90 -8.76
CA THR I 55 -93.47 13.67 -8.36
C THR I 55 -92.62 14.02 -9.58
N PRO I 56 -92.14 15.25 -9.69
CA PRO I 56 -91.30 15.62 -10.83
C PRO I 56 -89.85 15.24 -10.60
N VAL I 57 -89.17 14.96 -11.71
CA VAL I 57 -87.73 14.71 -11.74
C VAL I 57 -87.15 15.55 -12.87
N ARG I 58 -86.15 16.36 -12.56
CA ARG I 58 -85.53 17.20 -13.58
C ARG I 58 -84.24 16.58 -14.09
N PHE I 59 -84.01 16.75 -15.38
CA PHE I 59 -82.83 16.18 -16.03
C PHE I 59 -82.01 17.31 -16.63
N TYR I 60 -81.05 17.84 -15.89
CA TYR I 60 -80.19 18.90 -16.45
C TYR I 60 -79.19 18.19 -17.37
N GLY I 61 -78.73 18.85 -18.43
CA GLY I 61 -77.82 18.15 -19.34
C GLY I 61 -77.08 19.08 -20.28
N LEU I 62 -76.25 18.50 -21.13
CA LEU I 62 -75.50 19.25 -22.17
C LEU I 62 -75.69 18.50 -23.47
N VAL I 63 -75.87 19.19 -24.60
CA VAL I 63 -76.06 18.50 -25.93
C VAL I 63 -74.69 18.00 -26.39
N ASP I 64 -74.53 16.71 -26.66
CA ASP I 64 -73.18 16.23 -27.05
C ASP I 64 -73.12 15.82 -28.50
N ASN I 65 -74.26 15.59 -29.12
CA ASN I 65 -74.31 15.25 -30.56
C ASN I 65 -75.54 15.93 -31.13
N VAL I 66 -75.45 16.45 -32.34
CA VAL I 66 -76.61 17.11 -33.01
C VAL I 66 -76.58 16.64 -34.46
N ARG I 67 -77.73 16.35 -35.06
CA ARG I 67 -77.73 15.86 -36.46
C ARG I 67 -79.02 16.27 -37.16
N LYS I 68 -79.01 16.29 -38.49
CA LYS I 68 -80.18 16.59 -39.34
C LYS I 68 -80.25 15.53 -40.44
N ARG I 69 -81.41 14.92 -40.62
CA ARG I 69 -81.59 13.85 -41.64
C ARG I 69 -82.89 14.08 -42.40
N HIS I 70 -82.92 13.70 -43.68
CA HIS I 70 -84.17 13.79 -44.48
C HIS I 70 -84.96 12.52 -44.19
N GLU I 71 -86.21 12.64 -43.77
CA GLU I 71 -87.00 11.44 -43.44
C GLU I 71 -87.94 11.16 -44.61
N GLY I 72 -88.01 9.91 -45.07
CA GLY I 72 -88.92 9.55 -46.17
C GLY I 72 -88.34 9.67 -47.55
N VAL I 73 -87.06 10.05 -47.69
CA VAL I 73 -86.50 10.13 -49.07
C VAL I 73 -86.30 8.73 -49.65
N THR I 74 -85.62 7.83 -48.92
CA THR I 74 -85.31 6.41 -49.21
C THR I 74 -84.24 6.21 -50.30
N PHE I 75 -83.67 7.25 -50.89
CA PHE I 75 -82.66 7.04 -51.95
C PHE I 75 -81.66 8.18 -51.94
N GLU I 76 -80.41 7.89 -52.27
CA GLU I 76 -79.37 8.95 -52.20
C GLU I 76 -79.60 10.09 -53.17
N SER I 77 -80.05 9.81 -54.38
CA SER I 77 -80.15 10.85 -55.43
C SER I 77 -81.49 11.59 -55.42
N ASP I 78 -82.33 11.39 -54.40
CA ASP I 78 -83.65 12.07 -54.33
C ASP I 78 -83.54 13.52 -53.85
N VAL I 79 -82.37 13.95 -53.42
CA VAL I 79 -82.25 15.33 -52.88
C VAL I 79 -82.65 16.34 -53.93
N GLU I 80 -82.18 16.23 -55.17
CA GLU I 80 -82.55 17.28 -56.16
C GLU I 80 -84.06 17.25 -56.38
N ASP I 81 -84.64 16.07 -56.47
CA ASP I 81 -86.11 15.92 -56.64
C ASP I 81 -86.77 16.47 -55.38
N VAL I 82 -86.22 16.17 -54.21
CA VAL I 82 -86.84 16.62 -52.94
C VAL I 82 -86.88 18.14 -52.85
N VAL I 83 -85.81 18.83 -53.24
CA VAL I 83 -85.77 20.31 -53.06
C VAL I 83 -86.47 21.03 -54.22
N ALA I 84 -86.83 20.29 -55.27
CA ALA I 84 -87.52 20.90 -56.43
C ALA I 84 -89.04 20.95 -56.18
N GLY I 85 -89.48 20.33 -55.07
CA GLY I 85 -90.90 20.27 -54.65
C GLY I 85 -91.54 19.00 -55.14
N LEU I 86 -90.83 18.25 -55.99
CA LEU I 86 -91.39 16.99 -56.53
C LEU I 86 -91.55 15.95 -55.44
N LEU I 87 -90.57 15.80 -54.54
CA LEU I 87 -90.68 14.71 -53.55
C LEU I 87 -91.09 15.25 -52.19
N PRO I 88 -91.96 14.53 -51.46
CA PRO I 88 -92.42 14.99 -50.17
C PRO I 88 -91.45 14.42 -49.14
N ALA I 89 -90.62 15.29 -48.59
CA ALA I 89 -89.65 14.86 -47.56
C ALA I 89 -89.60 15.95 -46.50
N SER I 90 -89.51 15.54 -45.24
CA SER I 90 -89.45 16.52 -44.13
C SER I 90 -88.09 16.37 -43.46
N VAL I 91 -87.43 17.49 -43.20
CA VAL I 91 -86.10 17.48 -42.54
C VAL I 91 -86.34 17.29 -41.05
N SER I 92 -85.68 16.31 -40.45
CA SER I 92 -85.89 16.09 -39.00
C SER I 92 -84.60 16.45 -38.27
N TYR I 93 -84.71 17.36 -37.31
CA TYR I 93 -83.60 17.90 -36.50
C TYR I 93 -83.61 17.18 -35.16
N ALA I 94 -82.47 16.69 -34.68
CA ALA I 94 -82.49 16.04 -33.36
C ALA I 94 -81.17 16.27 -32.66
N ALA I 95 -81.15 16.18 -31.33
CA ALA I 95 -79.92 16.37 -30.55
C ALA I 95 -79.84 15.32 -29.46
N ARG I 96 -78.63 15.00 -29.00
CA ARG I 96 -78.48 13.95 -27.97
C ARG I 96 -78.12 14.68 -26.69
N VAL I 97 -78.68 14.28 -25.55
CA VAL I 97 -78.32 15.06 -24.33
C VAL I 97 -77.43 14.23 -23.41
N LEU I 98 -76.22 14.67 -23.13
CA LEU I 98 -75.43 13.95 -22.11
C LEU I 98 -75.89 14.53 -20.77
N VAL I 99 -76.86 13.90 -20.09
CA VAL I 99 -77.41 14.48 -18.83
C VAL I 99 -76.30 14.56 -17.79
N THR I 100 -76.29 15.67 -17.05
CA THR I 100 -75.23 15.91 -16.04
C THR I 100 -75.80 15.99 -14.62
N ARG I 101 -77.13 16.17 -14.43
CA ARG I 101 -77.57 16.24 -13.01
C ARG I 101 -79.05 15.91 -12.93
N VAL I 102 -79.49 15.23 -11.87
CA VAL I 102 -80.95 14.95 -11.65
C VAL I 102 -81.29 15.59 -10.29
N ASP I 103 -82.21 16.56 -10.24
CA ASP I 103 -82.45 17.30 -8.96
C ASP I 103 -82.89 16.33 -7.87
N PRO I 104 -83.85 15.42 -8.12
CA PRO I 104 -84.21 14.36 -7.19
C PRO I 104 -83.43 13.23 -7.87
N GLU I 105 -82.56 12.53 -7.15
CA GLU I 105 -81.69 11.55 -7.82
C GLU I 105 -82.41 10.23 -8.09
N ASN I 106 -83.29 10.24 -9.10
CA ASN I 106 -84.06 9.05 -9.56
C ASN I 106 -83.61 8.75 -10.98
N PHE I 107 -82.94 7.62 -11.21
CA PHE I 107 -82.49 7.33 -12.59
C PHE I 107 -83.56 6.58 -13.39
N ILE I 108 -84.68 7.26 -13.58
CA ILE I 108 -85.81 6.76 -14.41
C ILE I 108 -85.74 7.53 -15.71
N PRO I 109 -86.09 6.93 -16.86
CA PRO I 109 -85.98 7.60 -18.12
C PRO I 109 -87.11 8.61 -18.21
N PRO I 110 -86.94 9.79 -18.78
CA PRO I 110 -88.03 10.70 -18.91
C PRO I 110 -88.93 10.03 -19.95
N GLN I 111 -90.24 10.21 -19.80
CA GLN I 111 -91.18 9.66 -20.79
C GLN I 111 -91.01 10.42 -22.10
N PRO I 112 -91.24 9.83 -23.28
CA PRO I 112 -91.10 10.53 -24.54
C PRO I 112 -92.19 11.58 -24.69
N GLY I 113 -91.90 12.63 -25.45
CA GLY I 113 -92.86 13.73 -25.60
C GLY I 113 -92.64 14.81 -24.58
N ASP I 114 -91.74 14.60 -23.62
CA ASP I 114 -91.45 15.60 -22.56
C ASP I 114 -90.81 16.83 -23.19
N HIS I 115 -90.98 17.99 -22.57
CA HIS I 115 -90.51 19.25 -23.16
C HIS I 115 -89.07 19.53 -22.77
N VAL I 116 -88.27 19.92 -23.75
CA VAL I 116 -86.87 20.30 -23.56
C VAL I 116 -86.76 21.80 -23.71
N ARG I 117 -86.00 22.44 -22.83
CA ARG I 117 -85.82 23.88 -22.85
C ARG I 117 -84.37 24.22 -22.51
N HIS I 118 -83.92 25.37 -23.00
CA HIS I 118 -82.58 25.85 -22.69
C HIS I 118 -82.47 26.18 -21.20
N ALA I 119 -81.39 25.72 -20.59
CA ALA I 119 -81.11 26.07 -19.19
C ALA I 119 -80.74 27.55 -19.13
N ALA I 120 -81.59 28.36 -18.52
CA ALA I 120 -81.45 29.80 -18.65
C ALA I 120 -81.32 30.53 -17.32
N GLY I 121 -82.06 30.13 -16.29
CA GLY I 121 -82.04 30.89 -15.06
C GLY I 121 -81.40 30.13 -13.93
N ARG I 122 -82.20 29.92 -12.87
CA ARG I 122 -81.82 28.96 -11.84
C ARG I 122 -81.51 27.60 -12.46
N GLU I 123 -82.13 27.28 -13.58
CA GLU I 123 -81.90 25.98 -14.23
C GLU I 123 -80.46 25.87 -14.70
N LEU I 124 -79.90 26.96 -15.23
CA LEU I 124 -78.51 26.93 -15.65
C LEU I 124 -77.58 26.71 -14.46
N ALA I 125 -77.90 27.34 -13.32
CA ALA I 125 -77.11 27.17 -12.12
C ALA I 125 -77.09 25.71 -11.67
N MET I 126 -78.24 25.05 -11.74
CA MET I 126 -78.31 23.64 -11.35
C MET I 126 -77.47 22.78 -12.29
N ALA I 127 -77.49 23.08 -13.59
CA ALA I 127 -76.76 22.25 -14.55
C ALA I 127 -75.25 22.37 -14.33
N LEU I 128 -74.76 23.56 -14.03
CA LEU I 128 -73.35 23.78 -13.79
C LEU I 128 -72.97 23.69 -12.32
N SER I 129 -73.79 23.01 -11.50
CA SER I 129 -73.49 22.73 -10.09
C SER I 129 -73.11 23.99 -9.31
N ALA I 130 -73.64 25.14 -9.70
CA ALA I 130 -73.28 26.39 -9.04
C ALA I 130 -73.74 26.43 -7.59
N ASP I 131 -74.78 25.68 -7.24
CA ASP I 131 -75.17 25.59 -5.83
C ASP I 131 -74.07 24.96 -5.00
N LYS I 132 -73.30 24.03 -5.59
CA LYS I 132 -72.11 23.52 -4.92
C LYS I 132 -71.04 24.59 -4.77
N MET I 133 -71.01 25.57 -5.68
CA MET I 133 -69.93 26.54 -5.70
C MET I 133 -70.16 27.66 -4.69
N GLU I 134 -71.41 28.08 -4.54
CA GLU I 134 -71.78 29.07 -3.51
C GLU I 134 -71.01 30.37 -3.83
N GLU I 135 -70.40 30.98 -2.82
CA GLU I 135 -69.72 32.27 -2.99
C GLU I 135 -68.39 32.14 -3.72
N ALA I 136 -67.84 30.94 -3.83
CA ALA I 136 -66.57 30.73 -4.50
C ALA I 136 -66.69 30.71 -6.02
N ALA I 137 -67.90 30.86 -6.56
CA ALA I 137 -68.06 30.94 -8.00
C ALA I 137 -67.56 32.28 -8.52
N PHE I 138 -66.81 32.25 -9.61
CA PHE I 138 -66.35 33.48 -10.25
C PHE I 138 -66.28 33.24 -11.74
N PRO I 139 -66.33 34.30 -12.54
CA PRO I 139 -66.44 34.13 -14.00
C PRO I 139 -65.22 33.42 -14.59
N GLY I 140 -65.50 32.34 -15.33
CA GLY I 140 -64.44 31.61 -16.01
C GLY I 140 -64.53 31.76 -17.52
N GLY I 141 -65.53 32.50 -17.99
CA GLY I 141 -65.72 32.70 -19.41
C GLY I 141 -67.17 32.91 -19.79
N LEU I 142 -67.43 33.11 -21.08
CA LEU I 142 -68.78 33.25 -21.60
C LEU I 142 -69.14 32.01 -22.41
N LEU I 143 -70.31 31.44 -22.13
CA LEU I 143 -70.84 30.36 -22.94
C LEU I 143 -72.02 30.87 -23.77
N ALA I 144 -72.82 29.94 -24.29
CA ALA I 144 -73.93 30.28 -25.16
C ALA I 144 -74.86 31.28 -24.50
N ASP I 145 -75.34 32.24 -25.30
CA ASP I 145 -76.25 33.29 -24.83
C ASP I 145 -75.64 34.08 -23.68
N GLY I 146 -74.34 34.40 -23.80
CA GLY I 146 -73.65 35.30 -22.91
C GLY I 146 -73.83 35.09 -21.41
N GLN I 147 -74.05 33.86 -21.00
CA GLN I 147 -74.11 33.69 -19.55
C GLN I 147 -72.74 33.28 -19.02
N PRO I 148 -72.24 33.93 -17.98
CA PRO I 148 -70.90 33.60 -17.48
C PRO I 148 -70.84 32.17 -16.96
N LEU I 149 -69.67 31.55 -17.15
CA LEU I 149 -69.44 30.21 -16.64
C LEU I 149 -68.88 30.28 -15.23
N PRO I 150 -69.54 29.68 -14.24
CA PRO I 150 -68.99 29.69 -12.87
C PRO I 150 -67.80 28.75 -12.75
N LEU I 151 -66.69 29.28 -12.27
CA LEU I 151 -65.54 28.50 -11.84
C LEU I 151 -65.51 28.49 -10.32
N ASN I 152 -65.25 27.33 -9.73
CA ASN I 152 -65.17 27.19 -8.27
C ASN I 152 -63.75 27.54 -7.83
N PHE I 153 -63.58 28.71 -7.23
CA PHE I 153 -62.26 29.15 -6.81
C PHE I 153 -61.66 28.20 -5.77
N ARG I 154 -62.50 27.49 -5.01
CA ARG I 154 -62.01 26.57 -4.00
C ARG I 154 -61.18 25.44 -4.61
N PHE I 155 -61.36 25.15 -5.88
CA PHE I 155 -60.54 24.17 -6.56
C PHE I 155 -59.30 24.79 -7.19
N ILE I 156 -59.09 26.09 -6.95
CA ILE I 156 -57.92 26.81 -7.54
C ILE I 156 -57.05 27.38 -6.43
N ASN I 157 -57.59 27.56 -5.21
CA ASN I 157 -56.78 28.17 -4.12
C ASN I 157 -56.32 27.14 -3.09
N GLY I 158 -56.57 25.85 -3.32
CA GLY I 158 -56.09 24.83 -2.39
C GLY I 158 -57.10 24.40 -1.34
N GLU I 159 -58.23 25.08 -1.22
CA GLU I 159 -59.20 24.67 -0.16
C GLU I 159 -59.64 23.24 -0.43
N SER I 160 -59.99 22.91 -1.67
CA SER I 160 -60.40 21.53 -1.99
C SER I 160 -59.89 21.16 -3.39
N GLY I 161 -58.99 21.97 -3.95
CA GLY I 161 -58.54 21.73 -5.32
C GLY I 161 -57.07 22.04 -5.54
N GLY I 162 -56.57 21.78 -6.74
CA GLY I 162 -55.15 22.03 -7.00
C GLY I 162 -54.94 23.30 -7.80
N HIS I 163 -54.07 23.16 -8.80
CA HIS I 163 -53.59 24.23 -9.71
C HIS I 163 -54.43 24.24 -10.98
N ILE I 164 -53.94 24.92 -12.02
CA ILE I 164 -54.63 25.00 -13.34
C ILE I 164 -53.66 24.54 -14.44
N ASN I 165 -54.13 23.67 -15.35
CA ASN I 165 -53.25 23.19 -16.46
C ASN I 165 -53.97 23.48 -17.79
N ILE I 166 -53.30 24.17 -18.72
CA ILE I 166 -53.94 24.52 -20.02
C ILE I 166 -53.22 23.82 -21.17
N SER I 167 -53.97 23.10 -22.02
CA SER I 167 -53.39 22.38 -23.18
C SER I 167 -53.98 22.94 -24.47
N GLY I 168 -53.15 23.43 -25.39
CA GLY I 168 -53.65 23.95 -26.66
C GLY I 168 -52.56 24.02 -27.71
N ILE I 169 -52.92 24.18 -28.98
CA ILE I 169 -51.87 24.30 -30.03
C ILE I 169 -51.19 25.65 -29.83
N SER I 170 -49.86 25.67 -29.68
CA SER I 170 -49.15 26.95 -29.46
C SER I 170 -49.40 27.86 -30.66
N GLY I 171 -49.73 29.12 -30.41
CA GLY I 171 -49.98 30.11 -31.47
C GLY I 171 -51.41 30.09 -31.97
N VAL I 172 -52.25 29.18 -31.46
CA VAL I 172 -53.67 29.14 -31.90
C VAL I 172 -54.56 29.18 -30.67
N ALA I 173 -54.71 28.06 -29.96
CA ALA I 173 -55.54 28.05 -28.74
C ALA I 173 -54.96 29.11 -27.81
N THR I 174 -55.71 30.16 -27.46
CA THR I 174 -54.96 31.17 -26.65
C THR I 174 -54.79 30.76 -25.18
N LYS I 175 -53.90 29.82 -24.91
CA LYS I 175 -53.69 29.38 -23.50
C LYS I 175 -53.07 30.49 -22.64
N THR I 176 -52.02 31.16 -23.10
CA THR I 176 -51.37 32.20 -22.24
C THR I 176 -52.35 33.33 -21.96
N SER I 177 -53.07 33.78 -22.99
CA SER I 177 -54.04 34.88 -22.85
C SER I 177 -55.15 34.45 -21.87
N TYR I 178 -55.59 33.19 -21.94
CA TYR I 178 -56.62 32.72 -20.97
C TYR I 178 -56.04 32.78 -19.57
N ALA I 179 -54.77 32.39 -19.41
CA ALA I 179 -54.16 32.39 -18.06
C ALA I 179 -54.18 33.83 -17.53
N LEU I 180 -53.80 34.79 -18.36
CA LEU I 180 -53.85 36.22 -17.92
C LEU I 180 -55.31 36.60 -17.69
N PHE I 181 -56.21 36.14 -18.56
CA PHE I 181 -57.64 36.46 -18.38
C PHE I 181 -58.13 35.88 -17.06
N LEU I 182 -57.76 34.63 -16.76
CA LEU I 182 -58.23 34.02 -15.49
C LEU I 182 -57.67 34.83 -14.33
N LEU I 183 -56.39 35.22 -14.40
CA LEU I 183 -55.79 35.98 -13.27
C LEU I 183 -56.57 37.29 -13.11
N HIS I 184 -56.85 37.97 -14.23
CA HIS I 184 -57.60 39.24 -14.17
C HIS I 184 -58.99 38.97 -13.60
N SER I 185 -59.63 37.88 -14.03
CA SER I 185 -60.96 37.56 -13.47
C SER I 185 -60.83 37.30 -11.97
N ILE I 186 -59.80 36.57 -11.57
CA ILE I 186 -59.65 36.22 -10.12
C ILE I 186 -59.49 37.48 -9.27
N PHE I 187 -58.61 38.40 -9.68
CA PHE I 187 -58.38 39.63 -8.87
C PHE I 187 -59.57 40.59 -8.91
N ARG I 188 -60.10 40.85 -10.10
CA ARG I 188 -61.21 41.84 -10.29
C ARG I 188 -62.55 41.38 -9.72
N SER I 189 -62.89 40.09 -9.81
CA SER I 189 -64.20 39.58 -9.34
C SER I 189 -64.40 39.80 -7.84
N GLY I 190 -63.33 39.73 -7.04
CA GLY I 190 -63.49 39.89 -5.59
C GLY I 190 -63.82 38.57 -4.93
N VAL I 191 -63.65 37.48 -5.68
CA VAL I 191 -63.93 36.10 -5.20
C VAL I 191 -63.01 35.78 -4.01
N MET I 192 -61.76 36.25 -4.06
CA MET I 192 -60.80 36.01 -2.94
C MET I 192 -61.36 36.64 -1.67
N ASP I 193 -61.92 37.85 -1.78
CA ASP I 193 -62.52 38.54 -0.61
C ASP I 193 -63.69 37.70 -0.09
N ARG I 194 -64.54 37.22 -1.01
CA ARG I 194 -65.70 36.39 -0.60
C ARG I 194 -65.23 35.06 -0.01
N THR I 195 -64.27 34.43 -0.68
CA THR I 195 -63.76 33.11 -0.24
C THR I 195 -63.01 33.21 1.10
N ALA I 196 -62.27 34.29 1.33
CA ALA I 196 -61.49 34.43 2.58
C ALA I 196 -62.42 34.43 3.79
N GLN I 197 -63.54 35.15 3.69
CA GLN I 197 -64.54 35.24 4.78
C GLN I 197 -65.18 33.86 5.01
N GLY I 198 -65.41 33.11 3.93
CA GLY I 198 -66.08 31.80 3.97
C GLY I 198 -65.38 30.74 4.79
N SER I 199 -64.05 30.70 4.76
CA SER I 199 -63.27 29.67 5.51
C SER I 199 -62.81 30.23 6.86
N GLY I 200 -63.37 31.37 7.26
CA GLY I 200 -62.98 32.01 8.54
C GLY I 200 -61.51 32.39 8.58
N GLY I 201 -61.01 32.99 7.49
CA GLY I 201 -59.59 33.44 7.48
C GLY I 201 -58.58 32.36 7.17
N ARG I 202 -58.97 31.26 6.53
CA ARG I 202 -57.97 30.21 6.20
C ARG I 202 -56.91 30.85 5.28
N GLN I 203 -57.35 31.61 4.28
CA GLN I 203 -56.48 32.41 3.37
C GLN I 203 -56.93 33.86 3.58
N SER I 204 -56.03 34.83 3.74
CA SER I 204 -56.58 36.17 4.04
C SER I 204 -56.19 37.28 3.07
N GLY I 205 -57.22 37.95 2.54
CA GLY I 205 -57.12 39.14 1.68
C GLY I 205 -57.04 38.87 0.19
N THR I 206 -57.43 39.88 -0.59
CA THR I 206 -57.31 39.88 -2.08
C THR I 206 -56.12 40.79 -2.44
N ALA I 207 -55.77 41.70 -1.52
CA ALA I 207 -54.61 42.61 -1.65
C ALA I 207 -53.35 41.75 -1.55
N GLY I 208 -53.42 40.76 -0.65
CA GLY I 208 -52.36 39.75 -0.41
C GLY I 208 -52.14 38.88 -1.62
N GLY I 209 -53.20 38.61 -2.41
CA GLY I 209 -53.05 37.77 -3.61
C GLY I 209 -52.08 38.42 -4.57
N ARG I 210 -51.13 37.64 -5.09
CA ARG I 210 -50.08 38.15 -6.01
C ARG I 210 -49.85 37.15 -7.14
N ALA I 211 -49.26 37.59 -8.24
CA ALA I 211 -49.01 36.66 -9.37
C ALA I 211 -47.58 36.84 -9.86
N LEU I 212 -46.92 35.75 -10.28
CA LEU I 212 -45.55 35.83 -10.84
C LEU I 212 -45.58 35.23 -12.24
N ILE I 213 -45.12 35.97 -13.25
CA ILE I 213 -45.11 35.46 -14.65
C ILE I 213 -43.80 35.87 -15.32
N PHE I 214 -43.30 35.05 -16.24
CA PHE I 214 -42.03 35.33 -16.94
C PHE I 214 -42.30 35.56 -18.43
N ASN I 215 -41.75 36.65 -18.97
CA ASN I 215 -41.93 37.01 -20.40
C ASN I 215 -40.88 36.25 -21.24
N VAL I 216 -41.10 34.95 -21.45
CA VAL I 216 -40.14 34.11 -22.23
C VAL I 216 -40.04 34.50 -23.71
N LYS I 217 -41.16 34.80 -24.39
CA LYS I 217 -40.99 35.00 -25.85
C LYS I 217 -41.35 36.40 -26.35
N GLY I 218 -40.37 37.04 -26.99
CA GLY I 218 -40.52 38.30 -27.75
C GLY I 218 -41.17 39.48 -27.03
N GLU I 219 -40.91 39.68 -25.74
CA GLU I 219 -41.39 40.91 -25.05
C GLU I 219 -42.90 41.14 -25.24
N ASP I 220 -43.73 40.10 -25.11
CA ASP I 220 -45.21 40.30 -25.27
C ASP I 220 -45.86 40.44 -23.90
N LEU I 221 -45.16 40.01 -22.83
CA LEU I 221 -45.74 40.02 -21.47
C LEU I 221 -45.54 41.39 -20.78
N LEU I 222 -44.84 42.30 -21.46
CA LEU I 222 -44.66 43.70 -21.01
C LEU I 222 -45.88 44.52 -21.48
N PHE I 223 -45.97 45.78 -21.07
CA PHE I 223 -47.11 46.67 -21.40
C PHE I 223 -48.43 46.06 -20.90
N LEU I 224 -48.42 45.43 -19.72
CA LEU I 224 -49.65 44.90 -19.09
C LEU I 224 -50.27 46.02 -18.24
N ASP I 225 -49.51 47.09 -18.01
CA ASP I 225 -49.94 48.26 -17.20
C ASP I 225 -50.62 49.29 -18.11
N LYS I 226 -50.63 49.03 -19.42
CA LYS I 226 -51.22 49.95 -20.41
C LYS I 226 -52.43 49.27 -21.06
N PRO I 227 -53.60 49.94 -21.13
CA PRO I 227 -54.79 49.32 -21.72
C PRO I 227 -54.62 49.04 -23.22
N ASN I 228 -55.23 47.97 -23.72
CA ASN I 228 -55.13 47.63 -25.15
C ASN I 228 -55.92 48.66 -25.94
N ALA I 229 -55.28 49.38 -26.84
CA ALA I 229 -55.93 50.43 -27.65
C ALA I 229 -56.99 49.80 -28.57
N ARG I 230 -56.67 48.63 -29.12
CA ARG I 230 -57.50 47.95 -30.14
C ARG I 230 -58.57 47.05 -29.52
N MET I 231 -58.71 47.00 -28.18
CA MET I 231 -59.73 46.07 -27.64
C MET I 231 -61.12 46.45 -28.13
N VAL I 232 -61.46 47.73 -28.12
CA VAL I 232 -62.85 48.12 -28.52
C VAL I 232 -63.11 47.72 -29.96
N GLU I 233 -62.18 48.01 -30.88
CA GLU I 233 -62.47 47.72 -32.30
C GLU I 233 -62.67 46.21 -32.49
N LYS I 234 -61.79 45.38 -31.92
CA LYS I 234 -61.92 43.91 -32.07
C LYS I 234 -63.15 43.40 -31.31
N GLU I 235 -63.38 43.89 -30.10
CA GLU I 235 -64.55 43.40 -29.32
C GLU I 235 -65.85 43.78 -30.03
N ASP I 236 -65.93 45.00 -30.55
CA ASP I 236 -67.20 45.44 -31.19
C ASP I 236 -67.51 44.50 -32.37
N LYS I 237 -66.51 44.14 -33.18
CA LYS I 237 -66.79 43.27 -34.35
C LYS I 237 -67.35 41.94 -33.83
N VAL I 238 -66.74 41.37 -32.79
CA VAL I 238 -67.29 40.12 -32.20
C VAL I 238 -68.64 40.39 -31.54
N VAL I 239 -68.77 41.52 -30.83
CA VAL I 239 -70.02 41.84 -30.11
C VAL I 239 -71.19 42.02 -31.09
N ARG I 240 -70.97 42.77 -32.17
CA ARG I 240 -72.04 43.00 -33.18
C ARG I 240 -72.44 41.68 -33.84
N ALA I 241 -71.46 40.85 -34.19
CA ALA I 241 -71.71 39.59 -34.92
C ALA I 241 -72.56 38.63 -34.10
N LYS I 242 -72.30 38.51 -32.79
CA LYS I 242 -73.05 37.55 -31.94
C LYS I 242 -74.30 38.23 -31.34
N GLY I 243 -74.48 39.52 -31.63
CA GLY I 243 -75.66 40.25 -31.14
C GLY I 243 -75.80 40.18 -29.63
N LEU I 244 -74.70 40.35 -28.91
CA LEU I 244 -74.71 40.30 -27.42
C LEU I 244 -75.35 41.57 -26.83
N SER I 245 -75.82 41.46 -25.59
CA SER I 245 -76.45 42.59 -24.85
C SER I 245 -75.44 43.71 -24.62
N ALA I 246 -74.19 43.37 -24.31
CA ALA I 246 -73.15 44.38 -24.01
C ALA I 246 -71.76 43.80 -24.28
N ASP I 247 -70.70 44.58 -24.01
CA ASP I 247 -69.30 44.10 -24.20
C ASP I 247 -69.08 42.91 -23.27
N ARG I 248 -68.26 41.95 -23.70
CA ARG I 248 -68.08 40.66 -22.97
C ARG I 248 -67.63 40.91 -21.53
N TYR I 249 -66.74 41.87 -21.30
CA TYR I 249 -66.28 42.13 -19.91
C TYR I 249 -67.47 42.53 -19.04
N ALA I 250 -68.36 43.37 -19.56
CA ALA I 250 -69.56 43.78 -18.79
C ALA I 250 -70.44 42.56 -18.53
N LEU I 251 -70.56 41.64 -19.49
CA LEU I 251 -71.39 40.43 -19.28
C LEU I 251 -70.78 39.61 -18.14
N LEU I 252 -69.45 39.47 -18.15
CA LEU I 252 -68.71 38.73 -17.09
C LEU I 252 -68.83 39.44 -15.75
N GLY I 253 -68.89 40.77 -15.77
CA GLY I 253 -68.92 41.53 -14.51
C GLY I 253 -67.52 41.98 -14.13
N LEU I 254 -66.57 41.81 -15.05
CA LEU I 254 -65.16 42.20 -14.84
C LEU I 254 -64.89 43.52 -15.57
N PRO I 255 -64.24 44.51 -14.93
CA PRO I 255 -63.95 45.79 -15.57
C PRO I 255 -62.92 45.59 -16.69
N ALA I 256 -63.04 46.35 -17.79
CA ALA I 256 -62.09 46.24 -18.91
C ALA I 256 -60.87 47.14 -18.63
N GLU I 257 -60.01 46.75 -17.69
CA GLU I 257 -58.83 47.59 -17.37
C GLU I 257 -57.59 46.73 -17.16
N PRO I 258 -56.38 47.32 -17.30
CA PRO I 258 -55.11 46.61 -17.15
C PRO I 258 -54.77 46.24 -15.70
N PHE I 259 -53.78 45.37 -15.49
CA PHE I 259 -53.43 44.94 -14.11
C PHE I 259 -53.09 46.16 -13.27
N ARG I 260 -53.62 46.20 -12.04
CA ARG I 260 -53.49 47.37 -11.13
C ARG I 260 -52.05 47.65 -10.69
N ASP I 261 -51.30 46.65 -10.23
CA ASP I 261 -49.91 46.95 -9.77
C ASP I 261 -48.96 46.01 -10.49
N VAL I 262 -48.04 46.56 -11.28
CA VAL I 262 -47.13 45.69 -12.06
C VAL I 262 -45.67 46.06 -11.75
N GLN I 263 -44.80 45.06 -11.77
CA GLN I 263 -43.35 45.28 -11.57
C GLN I 263 -42.66 44.67 -12.78
N LEU I 264 -41.85 45.44 -13.50
CA LEU I 264 -41.14 44.89 -14.68
C LEU I 264 -39.67 44.71 -14.31
N LEU I 265 -39.17 43.49 -14.36
CA LEU I 265 -37.77 43.21 -13.99
C LEU I 265 -37.06 42.65 -15.22
N ALA I 266 -35.85 43.15 -15.52
CA ALA I 266 -35.10 42.65 -16.68
C ALA I 266 -33.63 42.47 -16.30
N PRO I 267 -32.86 41.67 -17.05
CA PRO I 267 -31.44 41.45 -16.76
C PRO I 267 -30.62 42.72 -17.04
N PRO I 268 -29.46 42.91 -16.40
CA PRO I 268 -28.72 44.16 -16.54
C PRO I 268 -27.84 44.40 -17.77
N ARG I 269 -28.43 44.25 -18.96
CA ARG I 269 -27.84 44.65 -20.28
C ARG I 269 -26.55 43.92 -20.66
N ALA I 270 -26.21 42.78 -20.05
CA ALA I 270 -24.96 42.04 -20.38
C ALA I 270 -23.76 43.00 -20.37
N GLY I 271 -23.60 43.84 -19.34
CA GLY I 271 -22.47 44.78 -19.34
C GLY I 271 -21.15 44.03 -19.37
N ALA I 272 -20.21 44.46 -20.22
CA ALA I 272 -18.91 43.77 -20.30
C ALA I 272 -17.99 44.32 -19.20
N ALA I 273 -18.12 43.77 -17.99
CA ALA I 273 -17.34 44.19 -16.80
C ALA I 273 -17.54 45.69 -16.53
N GLY I 274 -18.78 46.18 -16.67
CA GLY I 274 -19.09 47.59 -16.47
C GLY I 274 -19.97 47.77 -15.25
N THR I 275 -19.55 48.65 -14.34
CA THR I 275 -20.28 48.92 -13.08
C THR I 275 -21.68 49.48 -13.38
N ALA I 276 -21.80 50.31 -14.42
CA ALA I 276 -23.11 50.88 -14.77
C ALA I 276 -24.08 49.73 -15.09
N ILE I 277 -25.30 49.79 -14.54
CA ILE I 277 -26.31 48.72 -14.76
C ILE I 277 -27.58 49.36 -15.33
N VAL I 278 -28.07 48.82 -16.46
CA VAL I 278 -29.31 49.35 -17.11
C VAL I 278 -30.11 48.16 -17.66
N PRO I 279 -31.43 48.25 -17.88
CA PRO I 279 -32.22 47.13 -18.40
C PRO I 279 -31.83 46.78 -19.84
N GLN I 280 -31.98 45.50 -20.22
CA GLN I 280 -31.62 45.06 -21.59
C GLN I 280 -32.82 45.21 -22.54
N THR I 281 -33.95 45.70 -22.04
CA THR I 281 -35.18 45.90 -22.84
C THR I 281 -34.96 47.04 -23.86
N ASP I 282 -35.41 46.83 -25.10
CA ASP I 282 -35.26 47.87 -26.15
C ASP I 282 -36.57 48.62 -26.38
N GLN I 283 -37.68 47.88 -26.57
CA GLN I 283 -39.00 48.51 -26.85
C GLN I 283 -39.54 49.31 -25.66
N ARG I 284 -39.40 48.81 -24.42
CA ARG I 284 -39.93 49.58 -23.26
C ARG I 284 -38.78 49.90 -22.30
N SER I 285 -38.51 51.18 -22.04
CA SER I 285 -37.42 51.56 -21.11
C SER I 285 -37.96 52.28 -19.88
N GLU I 286 -39.29 52.42 -19.78
CA GLU I 286 -39.89 53.14 -18.63
C GLU I 286 -40.60 52.14 -17.72
N GLY I 287 -40.32 52.21 -16.42
CA GLY I 287 -40.95 51.30 -15.44
C GLY I 287 -40.21 49.99 -15.33
N VAL I 288 -39.04 49.89 -15.96
CA VAL I 288 -38.26 48.62 -15.92
C VAL I 288 -37.17 48.75 -14.86
N THR I 289 -37.14 47.81 -13.91
CA THR I 289 -36.11 47.82 -12.85
C THR I 289 -35.17 46.65 -13.13
N PRO I 290 -33.85 46.86 -13.30
CA PRO I 290 -32.95 45.76 -13.58
C PRO I 290 -32.85 44.85 -12.36
N PHE I 291 -32.75 43.54 -12.58
CA PHE I 291 -32.63 42.59 -11.46
C PHE I 291 -31.30 41.86 -11.62
N VAL I 292 -30.50 41.81 -10.56
CA VAL I 292 -29.18 41.12 -10.63
C VAL I 292 -29.02 40.25 -9.38
N PHE I 293 -28.18 39.23 -9.47
CA PHE I 293 -27.92 38.34 -8.32
C PHE I 293 -26.54 38.69 -7.75
N THR I 294 -26.30 38.38 -6.47
CA THR I 294 -25.01 38.72 -5.83
C THR I 294 -24.25 37.43 -5.52
N ILE I 295 -22.93 37.47 -5.62
CA ILE I 295 -22.09 36.27 -5.37
C ILE I 295 -22.29 35.82 -3.92
N ARG I 296 -22.37 36.74 -2.96
CA ARG I 296 -22.57 36.30 -1.57
C ARG I 296 -23.93 35.59 -1.49
N GLU I 297 -24.95 36.18 -2.11
CA GLU I 297 -26.32 35.60 -2.10
C GLU I 297 -26.30 34.25 -2.80
N PHE I 298 -25.55 34.15 -3.90
CA PHE I 298 -25.53 32.88 -4.66
C PHE I 298 -25.03 31.77 -3.75
N CYS I 299 -23.96 32.02 -3.02
CA CYS I 299 -23.41 31.02 -2.07
C CYS I 299 -24.33 30.83 -0.86
N ALA I 300 -24.83 31.95 -0.32
CA ALA I 300 -25.69 31.93 0.90
C ALA I 300 -27.01 31.21 0.65
N ARG I 301 -27.62 31.42 -0.52
CA ARG I 301 -28.95 30.85 -0.84
C ARG I 301 -28.83 29.52 -1.62
N ARG I 302 -27.63 28.97 -1.72
CA ARG I 302 -27.43 27.67 -2.42
C ARG I 302 -28.05 27.72 -3.82
N MET I 303 -27.65 28.70 -4.63
CA MET I 303 -28.16 28.86 -6.01
C MET I 303 -27.34 28.01 -7.00
N LEU I 304 -26.29 27.33 -6.52
CA LEU I 304 -25.41 26.57 -7.45
C LEU I 304 -26.15 25.45 -8.17
N PRO I 305 -27.00 24.63 -7.51
CA PRO I 305 -27.64 23.50 -8.16
C PRO I 305 -28.52 23.94 -9.34
N TYR I 306 -29.20 25.08 -9.21
CA TYR I 306 -30.11 25.62 -10.25
C TYR I 306 -29.38 26.00 -11.55
N VAL I 307 -28.08 26.28 -11.48
CA VAL I 307 -27.26 26.59 -12.69
C VAL I 307 -27.29 25.38 -13.62
N PHE I 308 -27.19 24.16 -13.07
CA PHE I 308 -27.19 22.93 -13.90
C PHE I 308 -28.60 22.39 -14.06
N SER I 309 -29.17 22.50 -15.26
CA SER I 309 -30.53 21.98 -15.58
C SER I 309 -30.42 21.22 -16.90
N ASP I 310 -29.79 20.05 -16.89
CA ASP I 310 -29.52 19.29 -18.13
C ASP I 310 -30.78 18.88 -18.88
N ALA I 311 -31.78 18.29 -18.18
CA ALA I 311 -33.02 17.74 -18.79
C ALA I 311 -32.67 16.74 -19.90
N SER I 312 -31.66 15.89 -19.67
CA SER I 312 -31.09 14.91 -20.64
C SER I 312 -30.40 13.79 -19.86
N ALA I 313 -29.86 12.78 -20.56
CA ALA I 313 -29.20 11.67 -19.83
C ALA I 313 -28.06 12.24 -19.00
N SER I 314 -27.24 13.11 -19.61
CA SER I 314 -26.16 13.85 -18.89
C SER I 314 -25.31 12.91 -18.01
N LEU I 315 -25.08 13.32 -16.75
CA LEU I 315 -24.26 12.55 -15.78
C LEU I 315 -24.70 12.88 -14.35
N ASN I 316 -24.32 12.04 -13.38
CA ASN I 316 -24.68 12.23 -11.95
C ASN I 316 -23.65 13.14 -11.28
N LEU I 317 -23.78 14.45 -11.46
CA LEU I 317 -22.85 15.45 -10.87
C LEU I 317 -23.40 15.94 -9.54
N GLY I 318 -24.47 15.34 -9.05
CA GLY I 318 -25.12 15.80 -7.80
C GLY I 318 -24.20 15.77 -6.60
N PHE I 319 -23.40 14.71 -6.45
CA PHE I 319 -22.52 14.68 -5.27
C PHE I 319 -21.53 15.83 -5.32
N VAL I 320 -20.88 16.04 -6.47
CA VAL I 320 -19.87 17.14 -6.53
C VAL I 320 -20.61 18.46 -6.33
N ILE I 321 -21.74 18.61 -7.00
CA ILE I 321 -22.54 19.86 -6.90
C ILE I 321 -22.99 20.04 -5.45
N GLY I 322 -23.44 18.96 -4.81
CA GLY I 322 -23.91 19.07 -3.42
C GLY I 322 -22.81 19.49 -2.47
N ASN I 323 -21.61 18.89 -2.59
CA ASN I 323 -20.51 19.24 -1.67
C ASN I 323 -20.09 20.70 -1.87
N ILE I 324 -19.92 21.13 -3.13
CA ILE I 324 -19.48 22.53 -3.40
C ILE I 324 -20.53 23.51 -2.89
N GLU I 325 -21.82 23.19 -3.06
CA GLU I 325 -22.86 24.14 -2.60
C GLU I 325 -22.71 24.36 -1.10
N GLU I 326 -22.52 23.28 -0.34
CA GLU I 326 -22.35 23.39 1.13
C GLU I 326 -21.04 24.15 1.40
N LYS I 327 -19.98 23.82 0.68
CA LYS I 327 -18.67 24.49 0.89
C LYS I 327 -18.84 25.98 0.61
N LEU I 328 -19.52 26.31 -0.49
CA LEU I 328 -19.78 27.73 -0.85
C LEU I 328 -20.67 28.35 0.22
N PHE I 329 -21.67 27.59 0.70
CA PHE I 329 -22.57 28.15 1.74
C PHE I 329 -21.78 28.45 3.02
N ARG I 330 -20.93 27.52 3.44
CA ARG I 330 -20.15 27.74 4.69
C ARG I 330 -19.20 28.91 4.48
N LEU I 331 -18.58 28.99 3.31
CA LEU I 331 -17.65 30.11 3.02
C LEU I 331 -18.47 31.40 3.06
N ALA I 332 -19.66 31.40 2.46
CA ALA I 332 -20.52 32.61 2.45
C ALA I 332 -20.90 32.96 3.89
N ALA I 333 -21.26 31.95 4.68
CA ALA I 333 -21.64 32.16 6.10
C ALA I 333 -20.45 32.72 6.87
N ALA I 334 -19.26 32.19 6.59
CA ALA I 334 -18.00 32.60 7.26
C ALA I 334 -17.62 34.07 6.95
N GLN I 335 -18.04 34.59 5.79
CA GLN I 335 -17.69 35.97 5.40
C GLN I 335 -18.18 36.94 6.48
N THR I 336 -17.33 37.90 6.86
CA THR I 336 -17.70 38.92 7.88
C THR I 336 -17.86 40.30 7.20
N GLY I 337 -17.39 40.42 5.95
CA GLY I 337 -17.49 41.69 5.22
C GLY I 337 -18.90 42.01 4.79
N LYS I 338 -19.24 43.29 4.71
CA LYS I 338 -20.58 43.78 4.28
C LYS I 338 -20.81 43.41 2.81
N GLY I 339 -19.74 43.48 2.01
CA GLY I 339 -19.77 43.36 0.54
C GLY I 339 -20.39 42.10 -0.03
N THR I 340 -20.98 42.28 -1.22
CA THR I 340 -21.67 41.27 -2.05
C THR I 340 -20.69 40.21 -2.57
N GLY I 341 -19.42 40.56 -2.71
CA GLY I 341 -18.42 39.57 -3.19
C GLY I 341 -18.07 38.56 -2.13
N LEU I 342 -17.56 37.39 -2.55
CA LEU I 342 -17.13 36.33 -1.60
C LEU I 342 -15.60 36.45 -1.46
N ILE I 343 -15.09 36.42 -0.23
CA ILE I 343 -13.63 36.59 0.00
C ILE I 343 -13.00 35.28 0.47
N VAL I 344 -11.93 34.85 -0.19
CA VAL I 344 -11.24 33.59 0.18
C VAL I 344 -9.77 33.91 0.44
N HIS I 345 -9.23 33.43 1.57
CA HIS I 345 -7.80 33.69 1.91
C HIS I 345 -6.94 32.49 1.53
N ASP I 346 -7.53 31.45 0.95
CA ASP I 346 -6.73 30.23 0.61
C ASP I 346 -6.41 30.16 -0.89
N TRP I 347 -6.69 31.22 -1.66
CA TRP I 347 -6.39 31.12 -3.11
C TRP I 347 -5.01 31.71 -3.40
N GLN I 348 -4.05 30.85 -3.75
CA GLN I 348 -2.68 31.31 -4.11
C GLN I 348 -2.32 30.64 -5.44
N PHE I 349 -1.98 31.43 -6.45
CA PHE I 349 -1.65 30.90 -7.80
C PHE I 349 -0.15 30.99 -8.06
N GLU I 350 0.56 29.87 -7.91
CA GLU I 350 2.03 29.89 -8.12
C GLU I 350 2.33 30.26 -9.58
N ASP I 351 1.68 29.60 -10.53
CA ASP I 351 1.87 29.92 -11.96
C ASP I 351 0.55 29.69 -12.70
N SER I 352 -0.57 29.75 -11.97
CA SER I 352 -1.93 29.56 -12.54
C SER I 352 -2.14 30.58 -13.66
N GLU I 353 -2.79 30.18 -14.76
CA GLU I 353 -2.97 31.13 -15.87
C GLU I 353 -3.77 32.34 -15.39
N THR I 354 -4.82 32.11 -14.61
CA THR I 354 -5.62 33.23 -14.03
C THR I 354 -4.65 34.19 -13.34
N PRO I 355 -4.43 35.40 -13.89
CA PRO I 355 -3.49 36.36 -13.34
C PRO I 355 -4.30 37.38 -12.52
N PRO I 356 -3.69 38.22 -11.44
CA PRO I 356 -4.21 39.22 -10.50
C PRO I 356 -4.47 40.58 -11.14
N GLU I 357 -5.32 40.64 -12.17
CA GLU I 357 -5.64 41.94 -12.82
C GLU I 357 -7.11 42.25 -12.51
N ASN I 358 -7.34 43.36 -11.78
CA ASN I 358 -8.66 43.90 -11.34
C ASN I 358 -9.26 43.07 -10.18
N LEU I 359 -8.46 42.19 -9.57
CA LEU I 359 -8.90 41.28 -8.46
C LEU I 359 -9.30 42.05 -7.21
N ASP I 360 -8.63 43.17 -6.92
CA ASP I 360 -8.93 43.98 -5.71
C ASP I 360 -8.76 43.10 -4.47
N PHE I 361 -7.51 42.65 -4.23
CA PHE I 361 -7.14 41.77 -3.09
C PHE I 361 -7.58 42.40 -1.76
N SER I 362 -8.05 41.55 -0.85
CA SER I 362 -8.56 41.97 0.48
C SER I 362 -7.44 42.42 1.42
N GLU I 363 -7.86 43.10 2.49
CA GLU I 363 -6.99 43.68 3.54
C GLU I 363 -6.17 42.60 4.26
N LEU I 364 -6.76 41.42 4.50
CA LEU I 364 -6.05 40.35 5.26
C LEU I 364 -5.22 39.43 4.35
N GLY I 365 -5.07 39.79 3.07
CA GLY I 365 -4.29 38.96 2.13
C GLY I 365 -5.17 38.02 1.33
N GLY I 366 -6.47 38.07 1.59
CA GLY I 366 -7.47 37.25 0.87
C GLY I 366 -7.87 37.91 -0.44
N VAL I 367 -8.59 37.17 -1.30
CA VAL I 367 -9.05 37.71 -2.60
C VAL I 367 -10.57 37.87 -2.55
N ASN I 368 -11.08 39.03 -2.96
CA ASN I 368 -12.55 39.27 -2.98
C ASN I 368 -13.03 38.96 -4.40
N LEU I 369 -13.91 37.97 -4.55
CA LEU I 369 -14.40 37.57 -5.91
C LEU I 369 -15.59 38.45 -6.27
N GLN I 370 -15.48 39.24 -7.34
CA GLN I 370 -16.57 40.16 -7.73
C GLN I 370 -17.27 39.69 -9.01
N THR I 371 -16.86 38.57 -9.59
CA THR I 371 -17.52 38.11 -10.84
C THR I 371 -17.63 36.58 -10.87
N PHE I 372 -18.55 36.07 -11.69
CA PHE I 372 -18.79 34.60 -11.80
C PHE I 372 -17.53 33.91 -12.33
N GLU I 373 -16.85 34.52 -13.29
CA GLU I 373 -15.63 33.89 -13.86
C GLU I 373 -14.60 33.73 -12.74
N GLN I 374 -14.43 34.73 -11.88
CA GLN I 374 -13.45 34.61 -10.78
C GLN I 374 -13.88 33.47 -9.87
N LEU I 375 -15.17 33.39 -9.52
CA LEU I 375 -15.64 32.33 -8.60
C LEU I 375 -15.38 30.97 -9.23
N ILE I 376 -15.66 30.83 -10.52
CA ILE I 376 -15.45 29.54 -11.23
C ILE I 376 -13.96 29.21 -11.21
N SER I 377 -13.10 30.20 -11.43
CA SER I 377 -11.64 29.96 -11.42
C SER I 377 -11.20 29.46 -10.04
N TYR I 378 -11.75 30.05 -8.99
CA TYR I 378 -11.38 29.62 -7.61
C TYR I 378 -11.79 28.16 -7.44
N LEU I 379 -12.99 27.80 -7.91
CA LEU I 379 -13.48 26.41 -7.80
C LEU I 379 -12.55 25.51 -8.60
N GLU I 380 -12.14 25.96 -9.79
CA GLU I 380 -11.23 25.14 -10.63
C GLU I 380 -9.92 24.95 -9.87
N TYR I 381 -9.42 26.04 -9.28
CA TYR I 381 -8.12 25.97 -8.58
C TYR I 381 -8.20 25.00 -7.41
N LYS I 382 -9.26 25.07 -6.61
CA LYS I 382 -9.35 24.17 -5.44
C LYS I 382 -9.44 22.73 -5.92
N LEU I 383 -10.32 22.48 -6.90
CA LEU I 383 -10.54 21.12 -7.44
C LEU I 383 -9.38 20.59 -8.29
N LEU I 384 -8.77 21.41 -9.14
CA LEU I 384 -7.77 20.86 -10.08
C LEU I 384 -6.35 21.43 -9.95
N GLU I 385 -6.14 22.54 -9.23
CA GLU I 385 -4.75 23.09 -9.18
C GLU I 385 -4.22 23.15 -7.75
N GLU I 386 -5.01 22.74 -6.76
CA GLU I 386 -4.61 22.96 -5.35
C GLU I 386 -3.28 22.26 -5.01
N ARG I 387 -3.08 21.01 -5.40
CA ARG I 387 -1.79 20.36 -5.02
C ARG I 387 -1.24 19.55 -6.19
N GLU I 388 -0.81 20.23 -7.27
CA GLU I 388 -0.28 19.58 -8.50
C GLU I 388 -1.33 18.65 -9.12
N GLY I 389 -2.61 19.03 -9.07
CA GLY I 389 -3.74 18.28 -9.64
C GLY I 389 -4.49 17.39 -8.67
N GLU I 390 -3.92 17.02 -7.51
CA GLU I 390 -4.76 16.17 -6.63
C GLU I 390 -5.92 17.00 -6.07
N GLY I 391 -5.66 18.28 -5.77
CA GLY I 391 -6.70 19.21 -5.28
C GLY I 391 -6.85 19.16 -3.77
N ASP I 392 -7.59 20.13 -3.21
CA ASP I 392 -7.77 20.14 -1.74
C ASP I 392 -8.69 18.99 -1.39
N PRO I 393 -8.33 18.07 -0.48
CA PRO I 393 -9.19 16.94 -0.15
C PRO I 393 -10.54 17.40 0.43
N LYS I 394 -10.55 18.47 1.20
CA LYS I 394 -11.84 18.92 1.79
C LYS I 394 -12.82 19.25 0.65
N TRP I 395 -12.38 19.95 -0.38
CA TRP I 395 -13.27 20.30 -1.52
C TRP I 395 -13.67 19.09 -2.38
N VAL I 396 -12.73 18.20 -2.71
CA VAL I 396 -13.13 17.01 -3.52
C VAL I 396 -13.08 15.78 -2.62
N LEU I 397 -14.24 15.29 -2.19
CA LEU I 397 -14.27 14.12 -1.26
C LEU I 397 -14.17 12.83 -2.06
N LYS I 398 -12.99 12.54 -2.59
CA LYS I 398 -12.63 11.31 -3.34
C LYS I 398 -13.34 11.23 -4.70
N GLN I 399 -13.84 12.35 -5.23
CA GLN I 399 -14.46 12.33 -6.58
C GLN I 399 -13.33 12.24 -7.61
N SER I 400 -13.56 11.59 -8.75
CA SER I 400 -12.51 11.43 -9.78
C SER I 400 -12.15 12.77 -10.43
N PRO I 401 -10.95 12.90 -11.00
CA PRO I 401 -10.53 14.17 -11.60
C PRO I 401 -11.45 14.53 -12.77
N GLY I 402 -11.85 13.54 -13.57
CA GLY I 402 -12.74 13.81 -14.71
C GLY I 402 -14.07 14.36 -14.25
N THR I 403 -14.63 13.80 -13.17
CA THR I 403 -15.94 14.29 -12.71
C THR I 403 -15.82 15.76 -12.33
N LEU I 404 -14.75 16.12 -11.61
CA LEU I 404 -14.59 17.54 -11.21
C LEU I 404 -14.45 18.39 -12.47
N ARG I 405 -13.66 17.92 -13.43
CA ARG I 405 -13.41 18.71 -14.66
C ARG I 405 -14.73 18.91 -15.40
N ALA I 406 -15.55 17.86 -15.47
CA ALA I 406 -16.83 17.97 -16.20
C ALA I 406 -17.69 19.03 -15.53
N PHE I 407 -17.74 19.03 -14.20
CA PHE I 407 -18.52 20.04 -13.45
C PHE I 407 -17.91 21.42 -13.73
N THR I 408 -16.58 21.49 -13.73
CA THR I 408 -15.89 22.77 -13.99
C THR I 408 -16.13 23.24 -15.42
N ARG I 409 -15.99 22.35 -16.41
CA ARG I 409 -16.13 22.77 -17.82
C ARG I 409 -17.56 23.25 -18.09
N ARG I 410 -18.56 22.60 -17.49
CA ARG I 410 -19.96 23.05 -17.72
C ARG I 410 -20.14 24.46 -17.18
N LEU I 411 -19.53 24.79 -16.04
CA LEU I 411 -19.66 26.16 -15.47
C LEU I 411 -19.07 27.16 -16.47
N ARG I 412 -17.92 26.82 -17.07
CA ARG I 412 -17.26 27.71 -18.06
C ARG I 412 -18.18 27.90 -19.26
N GLY I 413 -18.86 26.83 -19.68
CA GLY I 413 -19.75 26.92 -20.84
C GLY I 413 -20.86 27.93 -20.62
N VAL I 414 -21.43 27.96 -19.42
CA VAL I 414 -22.55 28.88 -19.11
C VAL I 414 -22.04 30.17 -18.46
N GLN I 415 -20.74 30.33 -18.25
CA GLN I 415 -20.25 31.54 -17.54
C GLN I 415 -20.60 32.82 -18.30
N LYS I 416 -20.47 32.84 -19.63
CA LYS I 416 -20.70 34.08 -20.41
C LYS I 416 -22.16 34.51 -20.25
N TYR I 417 -23.08 33.55 -20.31
CA TYR I 417 -24.53 33.83 -20.19
C TYR I 417 -24.90 34.35 -18.79
N LEU I 418 -24.32 33.77 -17.74
CA LEU I 418 -24.64 34.16 -16.34
C LEU I 418 -23.68 35.21 -15.77
N SER I 419 -22.63 35.59 -16.49
CA SER I 419 -21.68 36.54 -15.87
C SER I 419 -22.38 37.86 -15.51
N PRO I 420 -23.21 38.46 -16.39
CA PRO I 420 -23.88 39.71 -16.06
C PRO I 420 -24.89 39.65 -14.91
N LEU I 421 -25.69 38.59 -14.86
CA LEU I 421 -26.74 38.46 -13.81
C LEU I 421 -26.12 38.37 -12.42
N ILE I 422 -25.06 37.58 -12.27
CA ILE I 422 -24.45 37.38 -10.92
C ILE I 422 -23.21 38.28 -10.80
N ARG I 423 -23.32 39.33 -10.00
CA ARG I 423 -22.23 40.32 -9.83
C ARG I 423 -21.82 40.40 -8.36
N GLY I 424 -20.53 40.31 -8.07
CA GLY I 424 -20.03 40.48 -6.69
C GLY I 424 -19.42 41.86 -6.52
N ASP I 425 -19.33 42.63 -7.61
CA ASP I 425 -18.69 43.98 -7.60
C ASP I 425 -19.68 45.05 -7.11
N LEU I 426 -20.95 44.69 -6.96
CA LEU I 426 -21.98 45.65 -6.49
C LEU I 426 -21.84 45.90 -4.99
N THR I 427 -22.30 47.07 -4.53
CA THR I 427 -22.27 47.39 -3.08
C THR I 427 -23.43 46.66 -2.40
N PRO I 428 -23.36 46.39 -1.09
CA PRO I 428 -24.44 45.68 -0.39
C PRO I 428 -25.77 46.45 -0.37
N GLU I 429 -25.71 47.78 -0.21
CA GLU I 429 -26.95 48.58 -0.14
C GLU I 429 -27.71 48.52 -1.47
N GLN I 430 -27.02 48.67 -2.60
CA GLN I 430 -27.66 48.65 -3.94
C GLN I 430 -28.22 47.27 -4.32
N ALA I 431 -27.51 46.20 -3.93
CA ALA I 431 -27.92 44.82 -4.32
C ALA I 431 -29.32 44.52 -3.79
N GLU I 432 -29.64 44.94 -2.56
CA GLU I 432 -31.00 44.70 -2.02
C GLU I 432 -32.00 45.44 -2.91
N GLY I 433 -31.68 46.67 -3.31
CA GLY I 433 -32.57 47.47 -4.17
C GLY I 433 -32.78 46.82 -5.53
N TYR I 434 -31.71 46.27 -6.12
CA TYR I 434 -31.80 45.64 -7.46
C TYR I 434 -32.21 44.17 -7.35
N ARG I 435 -32.33 43.65 -6.13
CA ARG I 435 -32.69 42.23 -5.93
C ARG I 435 -34.09 41.99 -6.50
N PRO I 436 -34.36 40.84 -7.14
CA PRO I 436 -35.67 40.55 -7.70
C PRO I 436 -36.51 39.79 -6.68
N ASP I 437 -37.55 40.44 -6.15
CA ASP I 437 -38.46 39.79 -5.17
C ASP I 437 -39.86 39.81 -5.77
N PRO I 438 -40.54 38.66 -5.94
CA PRO I 438 -41.87 38.62 -6.52
C PRO I 438 -42.94 38.83 -5.45
N LEU I 439 -42.52 38.86 -4.19
CA LEU I 439 -43.43 39.06 -3.03
C LEU I 439 -43.31 40.47 -2.49
N ARG I 440 -42.68 41.38 -3.24
CA ARG I 440 -42.50 42.77 -2.74
C ARG I 440 -43.88 43.35 -2.44
N ARG I 441 -44.01 43.98 -1.27
CA ARG I 441 -45.28 44.57 -0.78
C ARG I 441 -45.69 45.75 -1.67
N GLY I 442 -46.99 45.90 -1.92
CA GLY I 442 -47.52 47.00 -2.75
C GLY I 442 -47.54 46.65 -4.23
N ILE I 443 -47.18 45.42 -4.58
CA ILE I 443 -47.17 44.98 -6.01
C ILE I 443 -48.10 43.77 -6.16
N GLN I 444 -49.04 43.81 -7.10
CA GLN I 444 -49.98 42.67 -7.30
C GLN I 444 -49.48 41.74 -8.41
N LEU I 445 -48.73 42.26 -9.39
CA LEU I 445 -48.23 41.40 -10.49
C LEU I 445 -46.76 41.68 -10.74
N THR I 446 -45.96 40.62 -10.93
CA THR I 446 -44.52 40.76 -11.21
C THR I 446 -44.20 40.08 -12.54
N VAL I 447 -43.54 40.79 -13.45
CA VAL I 447 -43.17 40.21 -14.77
C VAL I 447 -41.65 40.17 -14.85
N VAL I 448 -41.07 38.99 -15.10
CA VAL I 448 -39.59 38.86 -15.20
C VAL I 448 -39.27 38.59 -16.67
N ASP I 449 -38.47 39.45 -17.29
CA ASP I 449 -38.18 39.25 -18.73
C ASP I 449 -36.90 38.42 -18.87
N ILE I 450 -37.03 37.18 -19.33
CA ILE I 450 -35.85 36.30 -19.54
C ILE I 450 -35.68 36.10 -21.05
N HIS I 451 -36.38 36.87 -21.87
CA HIS I 451 -36.30 36.65 -23.33
C HIS I 451 -34.87 36.86 -23.84
N ALA I 452 -34.16 37.87 -23.33
CA ALA I 452 -32.77 38.14 -23.78
C ALA I 452 -31.83 37.03 -23.36
N LEU I 453 -32.05 36.48 -22.16
CA LEU I 453 -31.13 35.46 -21.57
C LEU I 453 -31.15 34.15 -22.36
N SER I 454 -30.03 33.44 -22.31
CA SER I 454 -29.83 32.13 -22.98
C SER I 454 -30.60 31.03 -22.26
N ALA I 455 -30.81 29.89 -22.90
CA ALA I 455 -31.63 28.81 -22.32
C ALA I 455 -31.05 28.37 -20.97
N HIS I 456 -29.74 28.24 -20.86
CA HIS I 456 -29.16 27.82 -19.54
C HIS I 456 -29.50 28.89 -18.51
N ALA I 457 -29.34 30.18 -18.88
CA ALA I 457 -29.64 31.32 -18.00
C ALA I 457 -31.14 31.44 -17.72
N GLN I 458 -31.99 31.26 -18.73
CA GLN I 458 -33.44 31.47 -18.50
C GLN I 458 -33.95 30.51 -17.44
N MET I 459 -33.58 29.23 -17.53
CA MET I 459 -34.05 28.25 -16.53
C MET I 459 -33.47 28.58 -15.15
N PHE I 460 -32.22 29.05 -15.10
CA PHE I 460 -31.59 29.37 -13.80
C PHE I 460 -32.37 30.48 -13.10
N VAL I 461 -32.73 31.53 -13.84
CA VAL I 461 -33.48 32.65 -13.21
C VAL I 461 -34.82 32.13 -12.72
N VAL I 462 -35.50 31.36 -13.57
CA VAL I 462 -36.83 30.81 -13.21
C VAL I 462 -36.69 29.84 -12.03
N GLY I 463 -35.67 28.99 -12.05
CA GLY I 463 -35.55 28.00 -10.97
C GLY I 463 -35.31 28.64 -9.62
N VAL I 464 -34.39 29.59 -9.53
CA VAL I 464 -34.13 30.21 -8.20
C VAL I 464 -35.32 31.02 -7.70
N LEU I 465 -35.99 31.76 -8.60
CA LEU I 465 -37.13 32.60 -8.17
C LEU I 465 -38.24 31.71 -7.60
N LEU I 466 -38.53 30.61 -8.26
CA LEU I 466 -39.57 29.68 -7.74
C LEU I 466 -39.08 29.07 -6.42
N ARG I 467 -37.82 28.64 -6.37
CA ARG I 467 -37.33 28.04 -5.11
C ARG I 467 -37.36 29.10 -4.01
N GLU I 468 -36.93 30.32 -4.34
CA GLU I 468 -36.91 31.38 -3.30
C GLU I 468 -38.35 31.61 -2.82
N VAL I 469 -39.30 31.68 -3.75
CA VAL I 469 -40.71 31.89 -3.31
C VAL I 469 -41.14 30.67 -2.49
N PHE I 470 -40.79 29.46 -2.95
CA PHE I 470 -41.20 28.26 -2.19
C PHE I 470 -40.53 28.28 -0.81
N GLU I 471 -39.24 28.65 -0.77
CA GLU I 471 -38.52 28.67 0.53
C GLU I 471 -39.20 29.67 1.45
N TYR I 472 -39.54 30.84 0.92
CA TYR I 472 -40.18 31.89 1.74
C TYR I 472 -41.55 31.43 2.24
N LYS I 473 -42.33 30.80 1.37
CA LYS I 473 -43.71 30.37 1.73
C LYS I 473 -43.67 29.33 2.85
N GLU I 474 -42.74 28.37 2.79
CA GLU I 474 -42.73 27.31 3.82
C GLU I 474 -42.49 27.92 5.20
N ARG I 475 -41.49 28.78 5.32
CA ARG I 475 -41.14 29.38 6.64
C ARG I 475 -42.21 30.34 7.14
N VAL I 476 -42.68 31.24 6.28
CA VAL I 476 -43.70 32.26 6.66
C VAL I 476 -45.07 31.63 6.95
N GLY I 477 -45.49 30.65 6.14
CA GLY I 477 -46.85 30.09 6.30
C GLY I 477 -47.72 30.44 5.10
N ARG I 478 -49.03 30.23 5.19
CA ARG I 478 -49.90 30.45 4.00
C ARG I 478 -51.03 31.41 4.33
N GLN I 479 -50.74 32.71 4.49
CA GLN I 479 -51.84 33.68 4.73
C GLN I 479 -52.14 34.42 3.43
N ASP I 480 -51.33 34.18 2.39
CA ASP I 480 -51.48 34.85 1.07
C ASP I 480 -51.36 33.81 -0.04
N THR I 481 -52.05 34.02 -1.16
CA THR I 481 -51.99 33.07 -2.30
C THR I 481 -51.22 33.72 -3.45
N VAL I 482 -50.18 33.04 -3.94
CA VAL I 482 -49.34 33.56 -5.06
C VAL I 482 -49.56 32.65 -6.26
N PHE I 483 -49.91 33.21 -7.42
CA PHE I 483 -50.18 32.39 -8.63
C PHE I 483 -48.97 32.44 -9.56
N VAL I 484 -48.44 31.28 -9.94
CA VAL I 484 -47.28 31.27 -10.86
C VAL I 484 -47.79 30.89 -12.25
N VAL I 485 -47.62 31.77 -13.23
CA VAL I 485 -48.10 31.45 -14.61
C VAL I 485 -46.88 31.04 -15.43
N LEU I 486 -46.82 29.78 -15.84
CA LEU I 486 -45.66 29.32 -16.64
C LEU I 486 -46.16 28.67 -17.93
N ASP I 487 -45.77 29.23 -19.08
CA ASP I 487 -46.09 28.66 -20.41
C ASP I 487 -45.01 27.62 -20.75
N GLU I 488 -45.25 26.78 -21.76
CA GLU I 488 -44.22 25.80 -22.20
C GLU I 488 -43.74 24.95 -21.02
N LEU I 489 -44.67 24.26 -20.35
CA LEU I 489 -44.35 23.36 -19.22
C LEU I 489 -43.49 22.17 -19.65
N ASN I 490 -43.55 21.74 -20.91
CA ASN I 490 -42.77 20.57 -21.34
C ASN I 490 -41.28 20.82 -21.09
N LYS I 491 -40.77 21.99 -21.45
CA LYS I 491 -39.33 22.25 -21.23
C LYS I 491 -38.98 22.32 -19.73
N TYR I 492 -39.82 22.99 -18.94
CA TYR I 492 -39.54 23.11 -17.48
C TYR I 492 -39.69 21.76 -16.76
N ALA I 493 -40.72 20.99 -17.10
CA ALA I 493 -40.96 19.70 -16.42
C ALA I 493 -41.16 18.57 -17.45
N PRO I 494 -40.12 18.11 -18.16
CA PRO I 494 -40.26 17.04 -19.15
C PRO I 494 -40.70 15.73 -18.46
N ARG I 495 -41.50 14.94 -19.17
CA ARG I 495 -42.06 13.68 -18.62
C ARG I 495 -40.94 12.69 -18.26
N GLU I 496 -39.93 12.50 -19.11
CA GLU I 496 -38.90 11.49 -18.77
C GLU I 496 -37.66 12.15 -18.18
N GLY I 497 -37.53 13.48 -18.32
CA GLY I 497 -36.35 14.20 -17.81
C GLY I 497 -36.38 14.38 -16.29
N ASP I 498 -35.20 14.60 -15.69
CA ASP I 498 -35.10 14.89 -14.23
C ASP I 498 -34.15 16.08 -14.03
N SER I 499 -34.56 17.11 -13.28
CA SER I 499 -33.69 18.30 -13.10
C SER I 499 -34.11 19.11 -11.86
N PRO I 500 -33.27 20.06 -11.39
CA PRO I 500 -33.59 20.88 -10.21
C PRO I 500 -34.82 21.75 -10.41
N ILE I 501 -34.97 22.36 -11.59
CA ILE I 501 -36.16 23.20 -11.90
C ILE I 501 -37.41 22.33 -11.87
N LYS I 502 -37.30 21.09 -12.37
CA LYS I 502 -38.43 20.13 -12.32
C LYS I 502 -38.75 19.84 -10.86
N ASP I 503 -37.73 19.69 -10.02
CA ASP I 503 -37.97 19.36 -8.59
C ASP I 503 -38.81 20.45 -7.94
N VAL I 504 -38.51 21.73 -8.18
CA VAL I 504 -39.30 22.83 -7.53
C VAL I 504 -40.75 22.80 -8.01
N LEU I 505 -40.97 22.54 -9.30
CA LEU I 505 -42.36 22.48 -9.83
C LEU I 505 -43.08 21.32 -9.15
N LEU I 506 -42.41 20.18 -8.99
CA LEU I 506 -43.01 19.01 -8.31
C LEU I 506 -43.32 19.42 -6.88
N ASP I 507 -42.40 20.13 -6.22
CA ASP I 507 -42.66 20.60 -4.84
C ASP I 507 -43.85 21.56 -4.89
N ILE I 508 -43.87 22.46 -5.87
CA ILE I 508 -45.00 23.43 -5.97
C ILE I 508 -46.30 22.69 -6.28
N ALA I 509 -46.31 21.79 -7.24
CA ALA I 509 -47.57 21.09 -7.60
C ALA I 509 -48.05 20.19 -6.47
N GLU I 510 -47.16 19.42 -5.86
CA GLU I 510 -47.58 18.47 -4.80
C GLU I 510 -48.05 19.14 -3.51
N ARG I 511 -47.34 20.16 -3.01
CA ARG I 511 -47.68 20.74 -1.68
C ARG I 511 -48.17 22.19 -1.73
N GLY I 512 -48.35 22.76 -2.92
CA GLY I 512 -48.76 24.17 -3.04
C GLY I 512 -50.11 24.48 -2.44
N ARG I 513 -51.08 23.58 -2.57
CA ARG I 513 -52.43 23.91 -2.04
C ARG I 513 -52.32 24.16 -0.53
N SER I 514 -51.61 23.28 0.18
CA SER I 514 -51.44 23.44 1.64
C SER I 514 -50.59 24.70 1.93
N LEU I 515 -49.59 24.94 1.08
CA LEU I 515 -48.63 26.06 1.28
C LEU I 515 -49.12 27.36 0.66
N GLY I 516 -50.27 27.35 -0.03
CA GLY I 516 -50.80 28.60 -0.62
C GLY I 516 -50.18 28.99 -1.94
N ILE I 517 -49.44 28.10 -2.61
CA ILE I 517 -48.85 28.48 -3.93
C ILE I 517 -49.65 27.78 -5.03
N ILE I 518 -50.13 28.52 -6.02
CA ILE I 518 -50.94 27.96 -7.13
C ILE I 518 -50.19 28.18 -8.43
N LEU I 519 -50.22 27.21 -9.35
CA LEU I 519 -49.47 27.33 -10.62
C LEU I 519 -50.45 27.28 -11.79
N ILE I 520 -50.46 28.28 -12.66
CA ILE I 520 -51.34 28.23 -13.86
C ILE I 520 -50.40 27.83 -15.00
N GLY I 521 -50.39 26.55 -15.36
CA GLY I 521 -49.40 26.08 -16.31
C GLY I 521 -50.02 25.73 -17.65
N ALA I 522 -49.24 25.90 -18.70
CA ALA I 522 -49.69 25.59 -20.06
C ALA I 522 -48.56 24.95 -20.84
N GLN I 523 -48.93 23.98 -21.68
CA GLN I 523 -48.02 23.33 -22.58
C GLN I 523 -48.81 22.95 -23.82
N GLN I 524 -48.09 22.68 -24.91
CA GLN I 524 -48.78 22.29 -26.13
C GLN I 524 -49.52 20.96 -25.93
N THR I 525 -48.85 19.98 -25.33
CA THR I 525 -49.48 18.70 -25.05
C THR I 525 -49.08 18.22 -23.67
N ALA I 526 -50.07 17.88 -22.84
CA ALA I 526 -49.79 17.38 -21.51
C ALA I 526 -49.01 16.07 -21.53
N SER I 527 -49.04 15.34 -22.64
CA SER I 527 -48.37 14.05 -22.69
C SER I 527 -46.85 14.19 -22.67
N GLU I 528 -46.32 15.40 -22.84
CA GLU I 528 -44.89 15.66 -22.77
C GLU I 528 -44.45 16.23 -21.42
N VAL I 529 -45.36 16.40 -20.48
CA VAL I 529 -45.07 17.00 -19.18
C VAL I 529 -45.07 15.91 -18.11
N GLU I 530 -44.39 16.18 -17.00
CA GLU I 530 -44.30 15.22 -15.91
C GLU I 530 -45.68 14.85 -15.41
N ARG I 531 -45.93 13.54 -15.29
CA ARG I 531 -47.24 13.06 -14.92
C ARG I 531 -47.72 13.65 -13.60
N ARG I 532 -46.80 13.94 -12.68
CA ARG I 532 -47.21 14.41 -11.36
C ARG I 532 -47.60 15.89 -11.38
N ILE I 533 -47.07 16.66 -12.33
CA ILE I 533 -47.50 18.05 -12.47
C ILE I 533 -48.90 18.11 -13.08
N VAL I 534 -49.11 17.36 -14.16
CA VAL I 534 -50.41 17.35 -14.83
C VAL I 534 -51.47 16.70 -13.96
N SER I 535 -51.10 15.64 -13.22
CA SER I 535 -52.07 14.97 -12.37
C SER I 535 -52.59 15.86 -11.26
N ASN I 536 -51.84 16.90 -10.89
CA ASN I 536 -52.19 17.72 -9.73
C ASN I 536 -52.95 18.99 -10.09
N ALA I 537 -53.48 19.09 -11.30
CA ALA I 537 -54.25 20.25 -11.71
C ALA I 537 -55.73 19.92 -11.62
N ALA I 538 -56.46 20.65 -10.78
CA ALA I 538 -57.89 20.45 -10.64
C ALA I 538 -58.65 21.00 -11.84
N ILE I 539 -58.18 22.10 -12.42
CA ILE I 539 -58.83 22.77 -13.54
C ILE I 539 -58.03 22.45 -14.79
N ARG I 540 -58.66 21.77 -15.75
CA ARG I 540 -58.04 21.46 -17.04
C ARG I 540 -58.78 22.24 -18.12
N VAL I 541 -58.03 22.98 -18.93
CA VAL I 541 -58.58 23.77 -20.03
C VAL I 541 -57.90 23.32 -21.31
N VAL I 542 -58.65 23.34 -22.41
CA VAL I 542 -58.19 22.84 -23.69
C VAL I 542 -58.57 23.85 -24.76
N GLY I 543 -57.58 24.35 -25.50
CA GLY I 543 -57.82 25.06 -26.74
C GLY I 543 -57.77 24.09 -27.91
N ARG I 544 -57.57 24.64 -29.11
CA ARG I 544 -57.51 23.74 -30.25
C ARG I 544 -56.41 22.71 -30.05
N LEU I 545 -56.81 21.45 -29.88
CA LEU I 545 -55.89 20.35 -29.68
C LEU I 545 -55.47 19.75 -31.02
N ASP I 546 -54.24 19.24 -31.06
CA ASP I 546 -53.78 18.49 -32.22
C ASP I 546 -54.61 17.22 -32.39
N LEU I 547 -54.89 16.88 -33.63
CA LEU I 547 -55.71 15.71 -33.94
C LEU I 547 -55.14 14.47 -33.26
N ALA I 548 -53.80 14.36 -33.25
CA ALA I 548 -53.14 13.21 -32.66
C ALA I 548 -53.35 13.13 -31.16
N GLU I 549 -53.16 14.25 -30.47
CA GLU I 549 -53.08 14.22 -29.01
C GLU I 549 -54.43 14.05 -28.33
N ALA I 550 -55.54 14.30 -29.04
CA ALA I 550 -56.84 14.22 -28.38
C ALA I 550 -57.15 12.81 -27.90
N GLU I 551 -56.64 11.79 -28.59
CA GLU I 551 -56.87 10.40 -28.20
C GLU I 551 -55.83 9.89 -27.21
N ARG I 552 -54.86 10.73 -26.84
CA ARG I 552 -53.81 10.37 -25.91
C ARG I 552 -54.38 10.14 -24.51
N PRO I 553 -53.73 9.29 -23.72
CA PRO I 553 -54.22 9.02 -22.35
C PRO I 553 -54.33 10.26 -21.49
N GLU I 554 -53.58 11.33 -21.78
CA GLU I 554 -53.63 12.51 -20.95
C GLU I 554 -54.85 13.39 -21.23
N TYR I 555 -55.65 13.05 -22.23
CA TYR I 555 -56.82 13.84 -22.59
C TYR I 555 -58.07 12.97 -22.62
N ARG I 556 -58.12 11.97 -21.73
CA ARG I 556 -59.31 11.15 -21.58
C ARG I 556 -60.46 11.91 -20.95
N PHE I 557 -60.19 13.02 -20.25
CA PHE I 557 -61.29 13.81 -19.70
C PHE I 557 -62.12 14.47 -20.79
N LEU I 558 -61.66 14.44 -22.04
CA LEU I 558 -62.46 14.86 -23.17
C LEU I 558 -63.22 13.66 -23.73
N PRO I 559 -64.55 13.65 -23.66
CA PRO I 559 -65.30 12.56 -24.32
C PRO I 559 -65.04 12.57 -25.83
N GLN I 560 -65.21 11.38 -26.43
CA GLN I 560 -64.98 11.27 -27.88
C GLN I 560 -65.84 12.25 -28.67
N SER I 561 -67.02 12.58 -28.15
CA SER I 561 -67.86 13.58 -28.80
C SER I 561 -67.13 14.91 -29.01
N PHE I 562 -66.21 15.25 -28.11
CA PHE I 562 -65.55 16.53 -28.15
C PHE I 562 -64.34 16.57 -29.07
N ARG I 563 -63.72 15.42 -29.32
CA ARG I 563 -62.42 15.38 -29.99
C ARG I 563 -62.47 16.09 -31.34
N GLY I 564 -63.40 15.67 -32.20
CA GLY I 564 -63.48 16.27 -33.52
C GLY I 564 -63.77 17.76 -33.46
N ARG I 565 -64.71 18.15 -32.60
CA ARG I 565 -64.98 19.56 -32.37
C ARG I 565 -63.73 20.30 -31.91
N ALA I 566 -62.96 19.69 -31.01
CA ALA I 566 -61.79 20.37 -30.44
C ALA I 566 -60.65 20.50 -31.44
N GLY I 567 -60.61 19.66 -32.47
CA GLY I 567 -59.57 19.77 -33.47
C GLY I 567 -59.65 21.04 -34.30
N ILE I 568 -60.81 21.68 -34.34
CA ILE I 568 -61.05 22.85 -35.18
C ILE I 568 -61.43 24.10 -34.40
N LEU I 569 -61.37 24.04 -33.07
CA LEU I 569 -61.76 25.18 -32.23
C LEU I 569 -61.01 26.43 -32.64
N GLN I 570 -61.70 27.57 -32.60
CA GLN I 570 -61.15 28.84 -33.04
C GLN I 570 -60.39 29.54 -31.93
N PRO I 571 -59.42 30.41 -32.27
CA PRO I 571 -58.76 31.21 -31.23
C PRO I 571 -59.78 31.97 -30.39
N GLY I 572 -59.58 31.94 -29.07
CA GLY I 572 -60.50 32.53 -28.13
C GLY I 572 -61.53 31.58 -27.57
N THR I 573 -61.55 30.33 -28.03
CA THR I 573 -62.55 29.35 -27.64
C THR I 573 -61.88 28.19 -26.93
N MET I 574 -62.30 27.94 -25.69
CA MET I 574 -61.67 26.95 -24.84
C MET I 574 -62.73 26.03 -24.23
N LEU I 575 -62.29 24.81 -23.92
CA LEU I 575 -63.09 23.83 -23.19
C LEU I 575 -62.51 23.69 -21.79
N VAL I 576 -63.22 24.20 -20.79
CA VAL I 576 -62.78 24.07 -19.40
C VAL I 576 -63.48 22.89 -18.76
N SER I 577 -62.78 22.21 -17.86
CA SER I 577 -63.28 21.05 -17.15
C SER I 577 -62.86 21.19 -15.69
N GLN I 578 -63.83 21.26 -14.80
CA GLN I 578 -63.60 21.42 -13.38
C GLN I 578 -64.32 20.32 -12.62
N PRO I 579 -63.90 20.02 -11.39
CA PRO I 579 -64.47 18.86 -10.69
C PRO I 579 -65.97 18.93 -10.45
N ASP I 580 -66.51 20.11 -10.15
CA ASP I 580 -67.93 20.21 -9.81
C ASP I 580 -68.82 19.73 -10.95
N VAL I 581 -68.49 20.12 -12.18
CA VAL I 581 -69.33 19.83 -13.36
C VAL I 581 -68.72 18.65 -14.11
N PRO I 582 -69.48 17.60 -14.36
CA PRO I 582 -68.90 16.35 -14.89
C PRO I 582 -68.57 16.38 -16.38
N ASN I 583 -68.67 17.51 -17.05
CA ASN I 583 -68.29 17.52 -18.45
C ASN I 583 -67.46 18.75 -18.77
N PRO I 584 -66.66 18.71 -19.82
CA PRO I 584 -66.08 19.95 -20.35
C PRO I 584 -67.19 20.83 -20.91
N VAL I 585 -67.11 22.13 -20.62
CA VAL I 585 -68.04 23.11 -21.16
C VAL I 585 -67.25 24.12 -21.99
N LEU I 586 -67.74 24.38 -23.20
CA LEU I 586 -67.09 25.32 -24.10
C LEU I 586 -67.35 26.75 -23.63
N VAL I 587 -66.31 27.57 -23.60
CA VAL I 587 -66.54 28.97 -23.15
C VAL I 587 -65.74 29.91 -24.07
N ASN I 588 -66.38 30.98 -24.52
CA ASN I 588 -65.65 32.02 -25.28
C ASN I 588 -65.28 33.09 -24.26
N TYR I 589 -64.27 33.91 -24.53
CA TYR I 589 -63.93 34.93 -23.53
C TYR I 589 -63.33 36.15 -24.24
N PRO I 590 -63.37 37.32 -23.59
CA PRO I 590 -62.98 38.57 -24.22
C PRO I 590 -61.54 38.73 -24.70
N PHE I 591 -61.31 39.72 -25.55
CA PHE I 591 -59.97 40.10 -25.93
C PHE I 591 -59.25 40.76 -24.75
N PRO I 592 -57.93 40.66 -24.68
CA PRO I 592 -57.22 41.22 -23.53
C PRO I 592 -57.39 42.74 -23.46
N ALA I 593 -57.72 43.23 -22.27
CA ALA I 593 -57.80 44.67 -22.03
C ALA I 593 -56.41 45.27 -21.85
N TRP I 594 -55.48 44.48 -21.35
CA TRP I 594 -54.07 44.84 -21.32
C TRP I 594 -53.47 44.64 -22.70
N ALA I 595 -52.59 45.56 -23.10
CA ALA I 595 -51.88 45.41 -24.35
C ALA I 595 -50.90 44.24 -24.29
N THR I 596 -50.86 43.45 -25.35
CA THR I 596 -49.97 42.32 -25.47
C THR I 596 -48.89 42.51 -26.52
N ARG I 597 -48.76 43.74 -27.04
CA ARG I 597 -47.75 44.07 -28.04
C ARG I 597 -47.46 45.56 -27.94
N ARG I 598 -46.34 45.96 -28.54
CA ARG I 598 -45.91 47.35 -28.43
C ARG I 598 -46.90 48.30 -29.08
N ASP I 599 -47.32 48.01 -30.33
CA ASP I 599 -48.22 48.91 -31.03
C ASP I 599 -49.62 48.95 -30.44
N GLU I 600 -50.01 47.96 -29.63
CA GLU I 600 -51.27 48.07 -28.90
C GLU I 600 -51.19 49.13 -27.80
N VAL I 601 -49.98 49.55 -27.43
CA VAL I 601 -49.76 50.69 -26.56
C VAL I 601 -49.74 51.95 -27.42
N ASP I 602 -50.90 52.41 -27.84
CA ASP I 602 -51.02 53.62 -28.66
C ASP I 602 -51.76 54.66 -27.83
N ASP I 603 -51.04 55.30 -26.91
CA ASP I 603 -51.60 56.42 -26.17
C ASP I 603 -52.06 57.52 -27.12
N LEU I 604 -51.25 57.82 -28.14
CA LEU I 604 -51.60 58.79 -29.17
C LEU I 604 -52.08 58.06 -30.42
N GLY I 605 -53.28 58.40 -30.88
CA GLY I 605 -53.77 57.86 -32.13
C GLY I 605 -53.08 58.46 -33.34
N GLY I 606 -53.13 57.74 -34.45
CA GLY I 606 -52.49 58.18 -35.68
C GLY I 606 -53.45 58.33 -36.84
N ASP J 13 -89.42 -39.78 -21.36
CA ASP J 13 -88.01 -40.04 -21.11
C ASP J 13 -87.15 -39.06 -21.90
N ALA J 14 -87.72 -38.53 -22.98
CA ALA J 14 -87.02 -37.55 -23.81
C ALA J 14 -87.24 -36.14 -23.28
N ILE J 15 -86.28 -35.26 -23.56
CA ILE J 15 -86.23 -33.94 -22.97
C ILE J 15 -86.48 -32.83 -23.99
N GLY J 16 -86.10 -33.01 -25.25
CA GLY J 16 -86.28 -31.99 -26.26
C GLY J 16 -86.01 -32.55 -27.64
N MET J 17 -85.97 -31.64 -28.62
CA MET J 17 -85.65 -31.99 -30.00
C MET J 17 -84.57 -31.07 -30.54
N VAL J 18 -83.67 -31.64 -31.36
CA VAL J 18 -82.58 -30.87 -31.95
C VAL J 18 -83.12 -29.75 -32.82
N LEU J 19 -82.71 -28.53 -32.52
CA LEU J 19 -83.26 -27.37 -33.18
C LEU J 19 -82.76 -27.24 -34.61
N GLY J 20 -83.55 -26.56 -35.43
CA GLY J 20 -83.18 -26.31 -36.81
C GLY J 20 -83.09 -24.84 -37.16
N THR J 21 -83.79 -23.97 -36.41
CA THR J 21 -83.65 -22.53 -36.59
C THR J 21 -82.20 -22.09 -36.45
N GLU J 22 -81.43 -22.75 -35.59
CA GLU J 22 -80.03 -22.42 -35.38
C GLU J 22 -79.17 -23.39 -36.16
N ASP J 23 -77.87 -23.12 -36.19
CA ASP J 23 -76.95 -24.02 -36.85
C ASP J 23 -76.72 -25.25 -36.00
N VAL J 24 -76.57 -26.39 -36.67
CA VAL J 24 -76.24 -27.66 -36.02
C VAL J 24 -74.87 -28.04 -36.51
N THR J 25 -73.88 -27.96 -35.63
CA THR J 25 -72.51 -28.31 -35.93
C THR J 25 -72.04 -29.42 -35.01
N PRO J 26 -71.00 -30.18 -35.39
CA PRO J 26 -70.57 -31.29 -34.53
C PRO J 26 -70.06 -30.84 -33.18
N THR J 27 -69.75 -29.55 -33.05
CA THR J 27 -69.08 -28.99 -31.88
C THR J 27 -70.07 -28.33 -30.92
N VAL J 28 -71.16 -27.79 -31.46
CA VAL J 28 -72.16 -27.05 -30.70
C VAL J 28 -73.48 -27.14 -31.43
N PHE J 29 -74.58 -27.12 -30.68
CA PHE J 29 -75.90 -27.13 -31.28
C PHE J 29 -76.95 -26.81 -30.23
N TRP J 30 -78.12 -26.42 -30.71
CA TRP J 30 -79.27 -26.04 -29.91
C TRP J 30 -80.37 -27.10 -30.00
N PHE J 31 -81.28 -27.08 -29.04
CA PHE J 31 -82.44 -27.95 -29.07
C PHE J 31 -83.59 -27.26 -28.36
N ALA J 32 -84.83 -27.59 -28.75
CA ALA J 32 -86.02 -27.04 -28.12
C ALA J 32 -86.51 -27.97 -27.02
N VAL J 33 -86.69 -27.41 -25.81
CA VAL J 33 -87.10 -28.19 -24.67
C VAL J 33 -88.55 -28.62 -24.84
N SER J 34 -88.79 -29.94 -24.79
CA SER J 34 -90.15 -30.47 -24.79
C SER J 34 -90.94 -29.92 -23.61
N HIS J 35 -92.22 -29.64 -23.84
CA HIS J 35 -93.11 -29.16 -22.79
C HIS J 35 -93.13 -30.12 -21.61
N GLY J 36 -93.08 -29.58 -20.41
CA GLY J 36 -93.13 -30.40 -19.22
C GLY J 36 -91.78 -30.77 -18.64
N ALA J 37 -90.68 -30.40 -19.29
CA ALA J 37 -89.35 -30.67 -18.79
C ALA J 37 -88.60 -29.36 -18.59
N SER J 38 -87.68 -29.36 -17.64
CA SER J 38 -86.81 -28.22 -17.39
C SER J 38 -85.38 -28.58 -17.77
N VAL J 39 -84.65 -27.59 -18.26
CA VAL J 39 -83.24 -27.75 -18.59
C VAL J 39 -82.45 -26.72 -17.81
N GLY J 40 -81.65 -27.19 -16.84
CA GLY J 40 -80.70 -26.33 -16.16
C GLY J 40 -79.53 -25.97 -17.05
N LEU J 41 -78.81 -24.93 -16.64
CA LEU J 41 -77.71 -24.45 -17.49
C LEU J 41 -76.58 -25.46 -17.57
N ASP J 42 -76.28 -26.16 -16.47
CA ASP J 42 -75.13 -27.06 -16.46
C ASP J 42 -75.50 -28.52 -16.68
N ASP J 43 -76.67 -28.79 -17.24
CA ASP J 43 -77.10 -30.17 -17.46
C ASP J 43 -76.20 -30.88 -18.47
N LEU J 44 -76.07 -32.19 -18.28
CA LEU J 44 -75.39 -33.06 -19.23
C LEU J 44 -76.44 -33.85 -20.00
N VAL J 45 -76.35 -33.81 -21.33
CA VAL J 45 -77.36 -34.42 -22.19
C VAL J 45 -76.68 -35.29 -23.24
N VAL J 46 -77.49 -36.16 -23.84
CA VAL J 46 -77.08 -36.96 -24.98
C VAL J 46 -78.20 -36.94 -26.02
N VAL J 47 -77.81 -36.85 -27.28
CA VAL J 47 -78.70 -36.98 -28.42
C VAL J 47 -78.10 -38.02 -29.35
N GLU J 48 -78.94 -38.91 -29.88
CA GLU J 48 -78.50 -39.95 -30.79
C GLU J 48 -79.09 -39.73 -32.17
N THR J 49 -78.22 -39.62 -33.17
CA THR J 49 -78.63 -39.48 -34.56
C THR J 49 -78.20 -40.70 -35.36
N ARG J 50 -78.85 -40.87 -36.51
CA ARG J 50 -78.56 -41.96 -37.42
C ARG J 50 -77.80 -41.41 -38.63
N LYS J 51 -76.68 -42.04 -38.96
CA LYS J 51 -75.98 -41.71 -40.19
C LYS J 51 -76.83 -42.16 -41.39
N PRO J 52 -76.51 -41.67 -42.59
CA PRO J 52 -77.22 -42.17 -43.78
C PRO J 52 -77.19 -43.68 -43.92
N ASP J 53 -76.04 -44.32 -43.73
CA ASP J 53 -76.00 -45.78 -43.86
C ASP J 53 -76.69 -46.50 -42.70
N GLY J 54 -77.21 -45.77 -41.71
CA GLY J 54 -77.93 -46.37 -40.61
C GLY J 54 -77.15 -46.53 -39.33
N THR J 55 -75.82 -46.38 -39.37
CA THR J 55 -75.05 -46.49 -38.14
C THR J 55 -75.42 -45.37 -37.19
N PRO J 56 -75.56 -45.66 -35.90
CA PRO J 56 -75.87 -44.60 -34.94
C PRO J 56 -74.61 -43.89 -34.46
N VAL J 57 -74.75 -42.59 -34.22
CA VAL J 57 -73.71 -41.78 -33.61
C VAL J 57 -74.35 -41.04 -32.44
N ARG J 58 -73.73 -41.11 -31.27
CA ARG J 58 -74.21 -40.43 -30.08
C ARG J 58 -73.41 -39.18 -29.81
N PHE J 59 -74.09 -38.11 -29.46
CA PHE J 59 -73.44 -36.86 -29.09
C PHE J 59 -73.72 -36.59 -27.61
N TYR J 60 -72.66 -36.55 -26.80
CA TYR J 60 -72.77 -36.24 -25.38
C TYR J 60 -72.33 -34.81 -25.15
N GLY J 61 -73.13 -34.07 -24.38
CA GLY J 61 -72.86 -32.66 -24.30
C GLY J 61 -73.31 -32.04 -23.00
N LEU J 62 -72.98 -30.75 -22.88
CA LEU J 62 -73.25 -29.94 -21.71
C LEU J 62 -73.88 -28.63 -22.18
N VAL J 63 -74.94 -28.22 -21.50
CA VAL J 63 -75.62 -26.97 -21.85
C VAL J 63 -74.75 -25.81 -21.38
N ASP J 64 -74.65 -24.75 -22.18
CA ASP J 64 -74.02 -23.53 -21.73
C ASP J 64 -74.93 -22.31 -21.82
N ASN J 65 -75.93 -22.35 -22.68
CA ASN J 65 -76.88 -21.28 -22.86
C ASN J 65 -78.29 -21.84 -22.81
N VAL J 66 -79.19 -21.11 -22.18
CA VAL J 66 -80.58 -21.50 -22.13
C VAL J 66 -81.41 -20.22 -22.08
N ARG J 67 -82.53 -20.23 -22.80
CA ARG J 67 -83.32 -19.01 -22.96
C ARG J 67 -84.78 -19.39 -23.20
N LYS J 68 -85.65 -18.43 -22.98
CA LYS J 68 -87.04 -18.53 -23.41
C LYS J 68 -87.38 -17.28 -24.21
N ARG J 69 -88.23 -17.46 -25.23
CA ARG J 69 -88.60 -16.38 -26.13
C ARG J 69 -90.09 -16.40 -26.39
N HIS J 70 -90.62 -15.23 -26.72
CA HIS J 70 -91.96 -15.06 -27.30
C HIS J 70 -91.80 -14.98 -28.81
N GLU J 71 -92.41 -15.91 -29.52
CA GLU J 71 -92.41 -15.90 -30.98
C GLU J 71 -93.80 -15.56 -31.50
N GLY J 72 -93.86 -14.61 -32.43
CA GLY J 72 -95.13 -14.15 -32.93
C GLY J 72 -95.72 -12.99 -32.18
N VAL J 73 -94.99 -12.40 -31.23
CA VAL J 73 -95.44 -11.19 -30.57
C VAL J 73 -94.99 -10.02 -31.44
N THR J 74 -95.96 -9.29 -31.98
CA THR J 74 -95.66 -8.19 -32.89
C THR J 74 -94.86 -7.10 -32.17
N PHE J 75 -95.40 -6.58 -31.08
CA PHE J 75 -94.79 -5.46 -30.37
C PHE J 75 -94.54 -5.82 -28.91
N GLU J 76 -93.72 -4.99 -28.28
CA GLU J 76 -93.34 -5.17 -26.88
C GLU J 76 -94.56 -5.08 -25.96
N SER J 77 -95.39 -4.05 -26.15
CA SER J 77 -96.55 -3.80 -25.30
C SER J 77 -97.65 -4.85 -25.44
N ASP J 78 -97.48 -5.84 -26.33
CA ASP J 78 -98.43 -6.94 -26.44
C ASP J 78 -98.40 -7.89 -25.26
N VAL J 79 -97.41 -7.76 -24.37
CA VAL J 79 -97.09 -8.84 -23.44
C VAL J 79 -98.24 -9.09 -22.48
N GLU J 80 -98.75 -8.03 -21.84
CA GLU J 80 -99.88 -8.17 -20.94
C GLU J 80 -101.13 -8.64 -21.66
N ASP J 81 -101.32 -8.19 -22.90
CA ASP J 81 -102.34 -8.77 -23.78
C ASP J 81 -102.09 -10.27 -23.96
N VAL J 82 -100.81 -10.66 -24.10
CA VAL J 82 -100.48 -12.00 -24.58
C VAL J 82 -100.89 -13.08 -23.58
N VAL J 83 -100.41 -12.97 -22.34
CA VAL J 83 -100.64 -14.01 -21.35
C VAL J 83 -102.05 -14.00 -20.78
N ALA J 84 -102.81 -12.99 -21.24
CA ALA J 84 -104.25 -12.82 -20.95
C ALA J 84 -105.08 -13.52 -22.05
N GLY J 85 -104.43 -13.90 -23.16
CA GLY J 85 -105.08 -14.67 -24.23
C GLY J 85 -105.80 -13.90 -25.34
N LEU J 86 -105.70 -12.56 -25.36
CA LEU J 86 -106.31 -11.80 -26.48
C LEU J 86 -105.66 -12.34 -27.77
N LEU J 87 -104.33 -12.29 -27.84
CA LEU J 87 -103.57 -12.85 -28.99
C LEU J 87 -102.54 -13.84 -28.44
N PRO J 88 -102.52 -15.11 -28.92
CA PRO J 88 -101.59 -16.13 -28.42
C PRO J 88 -100.18 -16.07 -29.02
N ALA J 89 -99.21 -16.65 -28.30
CA ALA J 89 -97.80 -16.68 -28.74
C ALA J 89 -97.06 -17.81 -28.01
N SER J 90 -96.42 -18.71 -28.77
CA SER J 90 -95.70 -19.83 -28.20
C SER J 90 -94.57 -19.34 -27.30
N VAL J 91 -94.38 -20.04 -26.19
CA VAL J 91 -93.18 -19.94 -25.38
C VAL J 91 -92.17 -20.90 -25.97
N SER J 92 -91.01 -20.37 -26.39
CA SER J 92 -89.95 -21.15 -27.01
C SER J 92 -88.81 -21.31 -26.01
N TYR J 93 -88.72 -22.51 -25.43
CA TYR J 93 -87.69 -22.87 -24.47
C TYR J 93 -86.59 -23.58 -25.24
N ALA J 94 -85.40 -22.98 -25.29
CA ALA J 94 -84.29 -23.49 -26.09
C ALA J 94 -83.01 -23.52 -25.27
N ALA J 95 -82.15 -24.50 -25.57
CA ALA J 95 -80.90 -24.69 -24.85
C ALA J 95 -79.78 -25.02 -25.84
N ARG J 96 -78.59 -24.51 -25.57
CA ARG J 96 -77.41 -24.75 -26.40
C ARG J 96 -76.52 -25.80 -25.73
N VAL J 97 -75.98 -26.74 -26.49
CA VAL J 97 -75.25 -27.87 -25.92
C VAL J 97 -73.79 -27.87 -26.39
N LEU J 98 -72.85 -28.18 -25.48
CA LEU J 98 -71.44 -28.34 -25.80
C LEU J 98 -71.06 -29.81 -25.78
N VAL J 99 -70.71 -30.34 -26.94
CA VAL J 99 -70.38 -31.75 -27.02
C VAL J 99 -69.17 -32.05 -26.15
N THR J 100 -69.40 -32.76 -25.04
CA THR J 100 -68.30 -33.28 -24.22
C THR J 100 -67.59 -34.43 -24.94
N ARG J 101 -68.34 -35.35 -25.53
CA ARG J 101 -67.74 -36.53 -26.14
C ARG J 101 -68.74 -37.17 -27.09
N VAL J 102 -68.21 -37.87 -28.10
CA VAL J 102 -69.00 -38.54 -29.13
C VAL J 102 -68.66 -40.02 -29.03
N ASP J 103 -69.66 -40.86 -28.71
CA ASP J 103 -69.36 -42.27 -28.40
C ASP J 103 -68.67 -42.91 -29.59
N PRO J 104 -69.31 -43.03 -30.78
CA PRO J 104 -68.52 -43.34 -31.96
C PRO J 104 -68.02 -42.06 -32.59
N GLU J 105 -66.78 -41.71 -32.28
CA GLU J 105 -66.21 -40.42 -32.68
C GLU J 105 -66.36 -40.21 -34.18
N ASN J 106 -67.17 -39.22 -34.53
CA ASN J 106 -67.43 -38.79 -35.89
C ASN J 106 -67.72 -37.31 -35.79
N PHE J 107 -67.35 -36.56 -36.83
CA PHE J 107 -67.54 -35.12 -36.75
C PHE J 107 -68.55 -34.65 -37.78
N ILE J 108 -69.76 -35.21 -37.67
CA ILE J 108 -70.92 -34.89 -38.50
C ILE J 108 -71.94 -34.26 -37.58
N PRO J 109 -72.80 -33.37 -38.07
CA PRO J 109 -73.83 -32.77 -37.22
C PRO J 109 -75.05 -33.67 -37.13
N PRO J 110 -75.72 -33.67 -35.98
CA PRO J 110 -77.00 -34.38 -35.88
C PRO J 110 -78.06 -33.75 -36.77
N GLN J 111 -79.04 -34.54 -37.11
CA GLN J 111 -80.18 -34.05 -37.86
C GLN J 111 -81.16 -33.35 -36.94
N PRO J 112 -81.67 -32.17 -37.32
CA PRO J 112 -82.74 -31.54 -36.53
C PRO J 112 -83.91 -32.48 -36.37
N GLY J 113 -84.53 -32.42 -35.19
CA GLY J 113 -85.58 -33.34 -34.82
C GLY J 113 -85.13 -34.56 -34.07
N ASP J 114 -83.82 -34.82 -33.99
CA ASP J 114 -83.32 -35.91 -33.18
C ASP J 114 -83.70 -35.68 -31.72
N HIS J 115 -83.77 -36.76 -30.95
CA HIS J 115 -84.25 -36.66 -29.59
C HIS J 115 -83.12 -36.37 -28.62
N VAL J 116 -83.32 -35.36 -27.77
CA VAL J 116 -82.38 -34.99 -26.72
C VAL J 116 -82.87 -35.56 -25.41
N ARG J 117 -81.98 -36.20 -24.65
CA ARG J 117 -82.38 -36.77 -23.37
C ARG J 117 -81.26 -36.55 -22.36
N HIS J 118 -81.65 -36.57 -21.08
CA HIS J 118 -80.69 -36.41 -20.00
C HIS J 118 -79.77 -37.63 -19.92
N ALA J 119 -78.46 -37.38 -19.85
CA ALA J 119 -77.50 -38.47 -19.67
C ALA J 119 -77.55 -38.91 -18.21
N ALA J 120 -77.99 -40.15 -17.97
CA ALA J 120 -78.30 -40.61 -16.61
C ALA J 120 -77.47 -41.79 -16.14
N GLY J 121 -77.32 -42.84 -16.95
CA GLY J 121 -76.59 -44.01 -16.53
C GLY J 121 -75.21 -44.12 -17.13
N ARG J 122 -74.98 -45.18 -17.92
CA ARG J 122 -73.74 -45.28 -18.68
C ARG J 122 -73.55 -44.07 -19.58
N GLU J 123 -74.65 -43.42 -19.97
CA GLU J 123 -74.56 -42.21 -20.79
C GLU J 123 -73.86 -41.09 -20.03
N LEU J 124 -74.12 -40.98 -18.73
CA LEU J 124 -73.41 -40.00 -17.90
C LEU J 124 -71.94 -40.37 -17.78
N ALA J 125 -71.65 -41.66 -17.58
CA ALA J 125 -70.26 -42.11 -17.58
C ALA J 125 -69.59 -41.80 -18.91
N MET J 126 -70.30 -41.99 -20.02
CA MET J 126 -69.71 -41.68 -21.32
C MET J 126 -69.57 -40.18 -21.52
N ALA J 127 -70.54 -39.41 -21.03
CA ALA J 127 -70.46 -37.97 -21.13
C ALA J 127 -69.21 -37.44 -20.43
N LEU J 128 -68.94 -37.93 -19.23
CA LEU J 128 -67.83 -37.45 -18.42
C LEU J 128 -66.57 -38.29 -18.61
N SER J 129 -66.47 -39.04 -19.71
CA SER J 129 -65.25 -39.75 -20.10
C SER J 129 -64.75 -40.66 -18.98
N ALA J 130 -65.71 -41.28 -18.26
CA ALA J 130 -65.37 -42.13 -17.12
C ALA J 130 -64.59 -43.37 -17.52
N ASP J 131 -64.72 -43.82 -18.78
CA ASP J 131 -64.00 -44.99 -19.24
C ASP J 131 -62.49 -44.74 -19.29
N LYS J 132 -62.08 -43.54 -19.72
CA LYS J 132 -60.65 -43.21 -19.67
C LYS J 132 -60.13 -43.26 -18.24
N MET J 133 -61.03 -43.08 -17.26
CA MET J 133 -60.62 -43.07 -15.86
C MET J 133 -60.45 -44.48 -15.32
N GLU J 134 -61.33 -45.39 -15.72
CA GLU J 134 -61.29 -46.79 -15.30
C GLU J 134 -61.38 -46.79 -13.77
N GLU J 135 -60.51 -47.51 -13.06
CA GLU J 135 -60.60 -47.60 -11.62
C GLU J 135 -60.18 -46.31 -10.92
N ALA J 136 -59.51 -45.40 -11.63
CA ALA J 136 -58.98 -44.20 -11.00
C ALA J 136 -60.03 -43.11 -10.81
N ALA J 137 -61.28 -43.38 -11.15
CA ALA J 137 -62.34 -42.41 -10.91
C ALA J 137 -62.70 -42.39 -9.43
N PHE J 138 -62.82 -41.20 -8.88
CA PHE J 138 -63.17 -41.01 -7.47
C PHE J 138 -63.99 -39.74 -7.35
N PRO J 139 -64.77 -39.61 -6.27
CA PRO J 139 -65.72 -38.49 -6.16
C PRO J 139 -65.02 -37.14 -6.13
N GLY J 140 -65.53 -36.21 -6.92
CA GLY J 140 -65.02 -34.86 -6.95
C GLY J 140 -66.09 -33.86 -6.59
N GLY J 141 -67.29 -34.36 -6.33
CA GLY J 141 -68.40 -33.52 -5.95
C GLY J 141 -69.74 -34.07 -6.44
N LEU J 142 -70.80 -33.30 -6.24
CA LEU J 142 -72.13 -33.68 -6.70
C LEU J 142 -72.57 -32.76 -7.83
N LEU J 143 -72.99 -33.35 -8.94
CA LEU J 143 -73.49 -32.58 -10.08
C LEU J 143 -74.79 -33.18 -10.57
N ALA J 144 -75.56 -32.36 -11.28
CA ALA J 144 -76.79 -32.79 -11.94
C ALA J 144 -77.72 -33.54 -10.98
N ASP J 145 -78.01 -32.89 -9.84
CA ASP J 145 -78.97 -33.40 -8.84
C ASP J 145 -78.66 -34.81 -8.38
N GLY J 146 -77.45 -35.03 -7.86
CA GLY J 146 -77.18 -36.26 -7.14
C GLY J 146 -76.15 -37.19 -7.75
N GLN J 147 -75.72 -36.96 -8.95
CA GLN J 147 -74.75 -37.94 -9.40
C GLN J 147 -73.34 -37.46 -9.14
N PRO J 148 -72.49 -38.31 -8.57
CA PRO J 148 -71.12 -37.88 -8.27
C PRO J 148 -70.34 -37.61 -9.55
N LEU J 149 -69.43 -36.66 -9.45
CA LEU J 149 -68.56 -36.33 -10.57
C LEU J 149 -67.29 -37.14 -10.48
N PRO J 150 -66.96 -37.94 -11.48
CA PRO J 150 -65.69 -38.71 -11.44
C PRO J 150 -64.50 -37.80 -11.71
N LEU J 151 -63.52 -37.85 -10.81
CA LEU J 151 -62.23 -37.20 -11.01
C LEU J 151 -61.17 -38.27 -11.29
N ASN J 152 -60.33 -38.03 -12.29
CA ASN J 152 -59.31 -39.00 -12.67
C ASN J 152 -58.09 -38.79 -11.79
N PHE J 153 -57.99 -39.58 -10.71
CA PHE J 153 -56.88 -39.46 -9.77
C PHE J 153 -55.52 -39.60 -10.45
N ARG J 154 -55.46 -40.27 -11.61
CA ARG J 154 -54.21 -40.41 -12.33
C ARG J 154 -53.64 -39.07 -12.76
N PHE J 155 -54.49 -38.05 -12.86
CA PHE J 155 -54.09 -36.68 -13.13
C PHE J 155 -53.84 -35.88 -11.86
N ILE J 156 -53.88 -36.51 -10.69
CA ILE J 156 -53.58 -35.84 -9.44
C ILE J 156 -52.32 -36.42 -8.80
N ASN J 157 -52.14 -37.73 -8.85
CA ASN J 157 -50.98 -38.37 -8.23
C ASN J 157 -49.74 -38.36 -9.11
N GLY J 158 -49.81 -37.84 -10.34
CA GLY J 158 -48.62 -37.69 -11.15
C GLY J 158 -48.40 -38.76 -12.20
N GLU J 159 -49.20 -39.83 -12.18
CA GLU J 159 -49.09 -40.85 -13.22
C GLU J 159 -49.13 -40.25 -14.62
N SER J 160 -50.20 -39.51 -14.92
CA SER J 160 -50.35 -38.81 -16.20
C SER J 160 -50.64 -37.34 -16.03
N GLY J 161 -50.65 -36.84 -14.79
CA GLY J 161 -51.07 -35.48 -14.52
C GLY J 161 -50.34 -34.93 -13.33
N GLY J 162 -50.97 -34.00 -12.64
CA GLY J 162 -50.28 -33.40 -11.52
C GLY J 162 -51.21 -32.71 -10.55
N HIS J 163 -50.86 -31.49 -10.18
CA HIS J 163 -51.36 -30.95 -8.94
C HIS J 163 -52.67 -30.19 -9.18
N ILE J 164 -53.32 -29.77 -8.10
CA ILE J 164 -54.58 -29.05 -8.22
C ILE J 164 -54.35 -27.59 -7.88
N ASN J 165 -55.07 -26.71 -8.57
CA ASN J 165 -55.06 -25.29 -8.29
C ASN J 165 -56.50 -24.81 -8.25
N ILE J 166 -56.90 -24.26 -7.11
CA ILE J 166 -58.26 -23.78 -6.88
C ILE J 166 -58.22 -22.26 -6.82
N SER J 167 -59.22 -21.62 -7.43
CA SER J 167 -59.25 -20.17 -7.52
C SER J 167 -60.63 -19.65 -7.13
N GLY J 168 -60.65 -18.43 -6.60
CA GLY J 168 -61.91 -17.78 -6.28
C GLY J 168 -61.74 -16.73 -5.21
N ILE J 169 -62.81 -15.98 -5.01
CA ILE J 169 -62.83 -14.89 -4.02
C ILE J 169 -62.70 -15.49 -2.63
N SER J 170 -61.61 -15.17 -1.94
CA SER J 170 -61.46 -15.59 -0.56
C SER J 170 -62.64 -15.06 0.26
N GLY J 171 -63.22 -15.93 1.06
CA GLY J 171 -64.37 -15.56 1.87
C GLY J 171 -65.67 -16.06 1.27
N VAL J 172 -65.77 -15.98 -0.05
CA VAL J 172 -66.99 -16.39 -0.74
C VAL J 172 -66.75 -17.73 -1.43
N ALA J 173 -65.74 -17.79 -2.28
CA ALA J 173 -65.40 -19.05 -2.93
C ALA J 173 -64.70 -19.96 -1.93
N THR J 174 -65.13 -21.22 -1.89
CA THR J 174 -64.80 -22.09 -0.76
C THR J 174 -63.59 -22.97 -1.08
N LYS J 175 -62.48 -22.32 -1.40
CA LYS J 175 -61.34 -23.04 -1.98
C LYS J 175 -60.64 -23.92 -0.94
N THR J 176 -60.35 -23.38 0.24
CA THR J 176 -59.71 -24.20 1.26
C THR J 176 -60.63 -25.32 1.71
N SER J 177 -61.92 -25.01 1.90
CA SER J 177 -62.88 -26.04 2.30
C SER J 177 -62.98 -27.13 1.24
N TYR J 178 -62.86 -26.75 -0.04
CA TYR J 178 -62.94 -27.73 -1.10
C TYR J 178 -61.70 -28.62 -1.12
N ALA J 179 -60.53 -28.03 -0.92
CA ALA J 179 -59.29 -28.81 -0.89
C ALA J 179 -59.33 -29.88 0.19
N LEU J 180 -59.83 -29.54 1.38
CA LEU J 180 -60.01 -30.52 2.43
C LEU J 180 -61.02 -31.58 2.02
N PHE J 181 -62.06 -31.18 1.30
CA PHE J 181 -63.01 -32.15 0.77
C PHE J 181 -62.32 -33.14 -0.16
N LEU J 182 -61.43 -32.64 -1.01
CA LEU J 182 -60.74 -33.54 -1.94
C LEU J 182 -59.79 -34.49 -1.21
N LEU J 183 -59.05 -33.98 -0.23
CA LEU J 183 -58.27 -34.87 0.63
C LEU J 183 -59.15 -35.95 1.22
N HIS J 184 -60.31 -35.56 1.75
CA HIS J 184 -61.22 -36.53 2.34
C HIS J 184 -61.68 -37.55 1.31
N SER J 185 -61.99 -37.09 0.08
CA SER J 185 -62.43 -38.02 -0.94
C SER J 185 -61.30 -38.95 -1.38
N ILE J 186 -60.08 -38.42 -1.45
CA ILE J 186 -58.95 -39.25 -1.88
C ILE J 186 -58.67 -40.34 -0.86
N PHE J 187 -58.65 -39.97 0.43
CA PHE J 187 -58.31 -40.93 1.47
C PHE J 187 -59.44 -41.94 1.69
N ARG J 188 -60.70 -41.49 1.68
CA ARG J 188 -61.82 -42.33 2.07
C ARG J 188 -62.49 -43.06 0.91
N SER J 189 -62.11 -42.82 -0.34
CA SER J 189 -62.71 -43.53 -1.45
C SER J 189 -61.89 -44.73 -1.90
N GLY J 190 -60.76 -44.98 -1.26
CA GLY J 190 -59.92 -46.10 -1.62
C GLY J 190 -59.36 -45.96 -3.01
N VAL J 191 -59.44 -44.76 -3.58
CA VAL J 191 -58.94 -44.56 -4.93
C VAL J 191 -57.42 -44.75 -4.96
N MET J 192 -56.76 -44.46 -3.84
CA MET J 192 -55.33 -44.72 -3.80
C MET J 192 -55.06 -46.23 -3.79
N ASP J 193 -55.99 -47.02 -3.24
CA ASP J 193 -55.91 -48.46 -3.40
C ASP J 193 -56.07 -48.86 -4.86
N ARG J 194 -57.24 -48.57 -5.44
CA ARG J 194 -57.55 -49.04 -6.79
C ARG J 194 -56.45 -48.71 -7.79
N THR J 195 -55.87 -47.51 -7.68
CA THR J 195 -54.81 -47.08 -8.58
C THR J 195 -53.42 -47.52 -8.11
N ALA J 196 -53.30 -48.08 -6.90
CA ALA J 196 -52.06 -48.74 -6.50
C ALA J 196 -51.92 -50.11 -7.13
N GLN J 197 -53.01 -50.67 -7.66
CA GLN J 197 -52.85 -51.92 -8.43
C GLN J 197 -52.42 -51.54 -9.86
N GLY J 198 -52.07 -50.27 -10.07
CA GLY J 198 -51.65 -49.74 -11.37
C GLY J 198 -50.37 -50.35 -11.89
N SER J 199 -49.38 -50.57 -11.00
CA SER J 199 -48.12 -51.27 -11.37
C SER J 199 -47.72 -52.24 -10.24
N GLY J 200 -48.05 -51.92 -9.00
CA GLY J 200 -47.57 -52.78 -7.91
C GLY J 200 -46.78 -51.97 -6.91
N GLY J 201 -45.57 -52.40 -6.57
CA GLY J 201 -44.78 -51.68 -5.56
C GLY J 201 -44.54 -50.18 -5.63
N ARG J 202 -44.03 -49.70 -6.77
CA ARG J 202 -43.70 -48.25 -6.95
C ARG J 202 -44.92 -47.34 -6.69
N GLN J 203 -46.06 -47.72 -7.23
CA GLN J 203 -47.31 -47.01 -6.85
C GLN J 203 -47.91 -47.76 -5.67
N SER J 204 -47.78 -47.22 -4.46
CA SER J 204 -48.29 -47.98 -3.29
C SER J 204 -49.67 -47.50 -2.83
N GLY J 205 -50.15 -48.14 -1.78
CA GLY J 205 -51.52 -48.04 -1.28
C GLY J 205 -51.82 -46.80 -0.48
N THR J 206 -53.06 -46.70 0.01
CA THR J 206 -53.58 -45.55 0.80
C THR J 206 -52.93 -45.42 2.17
N ALA J 207 -52.31 -46.47 2.70
CA ALA J 207 -51.61 -46.31 4.00
C ALA J 207 -50.47 -45.33 3.75
N GLY J 208 -49.76 -45.51 2.63
CA GLY J 208 -48.71 -44.60 2.16
C GLY J 208 -49.36 -43.48 1.38
N GLY J 209 -50.02 -42.58 2.11
CA GLY J 209 -50.72 -41.40 1.59
C GLY J 209 -50.75 -40.45 2.75
N ARG J 210 -50.10 -39.31 2.62
CA ARG J 210 -49.96 -38.34 3.71
C ARG J 210 -50.24 -36.94 3.19
N ALA J 211 -50.48 -36.03 4.12
CA ALA J 211 -50.81 -34.66 3.77
C ALA J 211 -50.21 -33.72 4.80
N LEU J 212 -49.74 -32.57 4.32
CA LEU J 212 -49.22 -31.51 5.18
C LEU J 212 -49.96 -30.23 4.84
N ILE J 213 -50.47 -29.57 5.86
CA ILE J 213 -51.28 -28.36 5.68
C ILE J 213 -50.90 -27.38 6.77
N PHE J 214 -50.95 -26.09 6.42
CA PHE J 214 -50.52 -25.02 7.31
C PHE J 214 -51.72 -24.18 7.76
N ASN J 215 -51.79 -23.93 9.07
CA ASN J 215 -52.88 -23.13 9.64
C ASN J 215 -52.40 -21.68 9.70
N VAL J 216 -52.46 -21.02 8.54
CA VAL J 216 -52.01 -19.64 8.45
C VAL J 216 -53.04 -18.70 9.07
N LYS J 217 -54.31 -18.81 8.63
CA LYS J 217 -55.39 -18.07 9.32
C LYS J 217 -55.53 -18.78 10.67
N GLY J 218 -55.35 -18.06 11.77
CA GLY J 218 -55.27 -18.73 13.09
C GLY J 218 -56.48 -19.52 13.55
N GLU J 219 -56.22 -20.78 13.90
CA GLU J 219 -57.14 -21.77 14.53
C GLU J 219 -58.17 -22.38 13.57
N ASP J 220 -58.19 -21.97 12.30
CA ASP J 220 -59.17 -22.57 11.36
C ASP J 220 -58.80 -24.04 11.10
N LEU J 221 -57.51 -24.33 10.98
CA LEU J 221 -57.06 -25.70 10.64
C LEU J 221 -56.90 -26.60 11.87
N LEU J 222 -57.38 -26.19 13.04
CA LEU J 222 -57.40 -27.15 14.13
C LEU J 222 -58.79 -27.77 14.15
N PHE J 223 -59.08 -28.62 15.13
CA PHE J 223 -60.37 -29.31 15.22
C PHE J 223 -60.75 -30.02 13.91
N LEU J 224 -59.76 -30.43 13.12
CA LEU J 224 -60.02 -31.38 12.04
C LEU J 224 -60.08 -32.81 12.54
N ASP J 225 -59.72 -33.01 13.82
CA ASP J 225 -59.81 -34.26 14.54
C ASP J 225 -61.21 -34.55 15.04
N LYS J 226 -62.09 -33.56 15.01
CA LYS J 226 -63.36 -33.51 15.71
C LYS J 226 -64.52 -33.39 14.73
N PRO J 227 -65.65 -34.03 14.98
CA PRO J 227 -66.78 -33.92 14.05
C PRO J 227 -67.44 -32.55 14.12
N ASN J 228 -68.08 -32.19 13.02
CA ASN J 228 -68.75 -30.90 12.89
C ASN J 228 -70.19 -31.06 13.37
N ALA J 229 -70.48 -30.53 14.57
CA ALA J 229 -71.82 -30.61 15.11
C ALA J 229 -72.84 -29.98 14.16
N ARG J 230 -72.44 -28.91 13.47
CA ARG J 230 -73.37 -28.16 12.66
C ARG J 230 -73.59 -28.77 11.30
N MET J 231 -72.85 -29.84 10.95
CA MET J 231 -72.92 -30.36 9.59
C MET J 231 -74.33 -30.79 9.22
N VAL J 232 -74.95 -31.63 10.05
CA VAL J 232 -76.23 -32.21 9.66
C VAL J 232 -77.33 -31.16 9.57
N GLU J 233 -77.30 -30.16 10.44
CA GLU J 233 -78.30 -29.09 10.37
C GLU J 233 -78.20 -28.33 9.06
N LYS J 234 -76.99 -27.97 8.62
CA LYS J 234 -76.85 -27.22 7.38
C LYS J 234 -77.08 -28.10 6.15
N GLU J 235 -76.64 -29.36 6.21
CA GLU J 235 -76.81 -30.25 5.07
C GLU J 235 -78.25 -30.75 4.95
N ASP J 236 -78.98 -30.81 6.07
CA ASP J 236 -80.40 -31.15 6.00
C ASP J 236 -81.16 -30.19 5.10
N LYS J 237 -80.95 -28.88 5.30
CA LYS J 237 -81.61 -27.88 4.47
C LYS J 237 -81.33 -28.09 2.99
N VAL J 238 -80.10 -28.48 2.65
CA VAL J 238 -79.76 -28.69 1.25
C VAL J 238 -80.49 -29.91 0.70
N VAL J 239 -80.49 -31.01 1.46
CA VAL J 239 -81.19 -32.21 0.99
C VAL J 239 -82.68 -31.97 0.92
N ARG J 240 -83.24 -31.23 1.89
CA ARG J 240 -84.65 -30.85 1.81
C ARG J 240 -84.90 -30.02 0.56
N ALA J 241 -84.10 -28.98 0.35
CA ALA J 241 -84.37 -28.04 -0.73
C ALA J 241 -84.23 -28.70 -2.10
N LYS J 242 -83.08 -29.31 -2.36
CA LYS J 242 -82.82 -29.90 -3.67
C LYS J 242 -83.51 -31.25 -3.87
N GLY J 243 -84.33 -31.69 -2.91
CA GLY J 243 -85.07 -32.93 -3.04
C GLY J 243 -84.21 -34.16 -3.19
N LEU J 244 -83.01 -34.13 -2.63
CA LEU J 244 -82.08 -35.24 -2.81
C LEU J 244 -82.55 -36.48 -2.04
N SER J 245 -82.04 -37.64 -2.45
CA SER J 245 -82.42 -38.89 -1.80
C SER J 245 -81.90 -38.96 -0.37
N ALA J 246 -80.64 -38.60 -0.16
CA ALA J 246 -80.00 -38.73 1.15
C ALA J 246 -78.96 -37.62 1.29
N ASP J 247 -78.20 -37.68 2.38
CA ASP J 247 -77.14 -36.70 2.59
C ASP J 247 -76.05 -36.91 1.55
N ARG J 248 -75.36 -35.82 1.20
CA ARG J 248 -74.52 -35.84 0.00
C ARG J 248 -73.38 -36.86 0.11
N TYR J 249 -72.81 -37.03 1.30
CA TYR J 249 -71.70 -37.97 1.47
C TYR J 249 -72.09 -39.37 1.01
N ALA J 250 -73.26 -39.85 1.43
CA ALA J 250 -73.69 -41.20 1.04
C ALA J 250 -73.92 -41.28 -0.47
N LEU J 251 -74.29 -40.18 -1.11
CA LEU J 251 -74.38 -40.18 -2.57
C LEU J 251 -73.00 -40.33 -3.21
N LEU J 252 -71.96 -39.78 -2.58
CA LEU J 252 -70.60 -39.87 -3.09
C LEU J 252 -69.93 -41.20 -2.80
N GLY J 253 -70.51 -42.03 -1.95
CA GLY J 253 -69.79 -43.17 -1.41
C GLY J 253 -68.72 -42.76 -0.43
N LEU J 254 -68.93 -41.65 0.27
CA LEU J 254 -67.99 -41.08 1.23
C LEU J 254 -68.63 -41.00 2.61
N PRO J 255 -67.85 -41.12 3.66
CA PRO J 255 -68.43 -41.07 5.01
C PRO J 255 -68.32 -39.68 5.62
N ALA J 256 -69.29 -39.32 6.46
CA ALA J 256 -69.27 -38.03 7.14
C ALA J 256 -68.55 -38.21 8.48
N GLU J 257 -67.23 -38.13 8.43
CA GLU J 257 -66.39 -38.30 9.61
C GLU J 257 -65.12 -37.49 9.42
N PRO J 258 -64.45 -37.11 10.50
CA PRO J 258 -63.23 -36.29 10.40
C PRO J 258 -62.01 -37.14 10.06
N PHE J 259 -60.86 -36.46 9.97
CA PHE J 259 -59.64 -37.11 9.50
C PHE J 259 -59.15 -38.11 10.54
N ARG J 260 -58.64 -39.25 10.06
CA ARG J 260 -58.48 -40.38 10.95
C ARG J 260 -57.23 -40.22 11.83
N ASP J 261 -56.07 -39.99 11.22
CA ASP J 261 -54.81 -39.88 11.96
C ASP J 261 -54.26 -38.48 11.76
N VAL J 262 -54.31 -37.65 12.80
CA VAL J 262 -54.01 -36.23 12.70
C VAL J 262 -52.91 -35.87 13.68
N GLN J 263 -52.01 -34.97 13.25
CA GLN J 263 -50.92 -34.47 14.08
C GLN J 263 -50.93 -32.95 14.02
N LEU J 264 -51.03 -32.30 15.18
CA LEU J 264 -51.11 -30.85 15.30
C LEU J 264 -49.85 -30.33 15.98
N LEU J 265 -49.15 -29.41 15.32
CA LEU J 265 -47.87 -28.88 15.78
C LEU J 265 -47.92 -27.36 15.89
N ALA J 266 -47.44 -26.83 17.01
CA ALA J 266 -47.60 -25.43 17.37
C ALA J 266 -46.30 -24.85 17.90
N PRO J 267 -46.09 -23.54 17.73
CA PRO J 267 -44.89 -22.89 18.28
C PRO J 267 -44.91 -22.89 19.81
N PRO J 268 -43.75 -22.74 20.46
CA PRO J 268 -43.66 -22.98 21.92
C PRO J 268 -43.84 -21.74 22.79
N ARG J 269 -45.08 -21.25 22.86
CA ARG J 269 -45.59 -20.25 23.80
C ARG J 269 -44.87 -18.91 23.71
N ALA J 270 -43.97 -18.73 22.74
CA ALA J 270 -43.08 -17.56 22.69
C ALA J 270 -42.46 -17.30 24.06
N GLY J 271 -41.94 -18.37 24.66
CA GLY J 271 -41.46 -18.31 26.03
C GLY J 271 -40.19 -17.50 26.13
N ALA J 272 -40.21 -16.42 26.93
CA ALA J 272 -39.07 -15.53 27.08
C ALA J 272 -38.18 -16.04 28.22
N ALA J 273 -37.05 -16.66 27.86
CA ALA J 273 -36.05 -17.14 28.81
C ALA J 273 -36.61 -18.22 29.75
N GLY J 274 -37.64 -18.93 29.30
CA GLY J 274 -38.28 -19.97 30.10
C GLY J 274 -38.01 -21.34 29.50
N THR J 275 -37.47 -22.23 30.32
CA THR J 275 -37.17 -23.59 29.88
C THR J 275 -38.42 -24.42 29.67
N ALA J 276 -39.56 -24.02 30.25
CA ALA J 276 -40.80 -24.75 30.06
C ALA J 276 -41.31 -24.58 28.63
N ILE J 277 -41.89 -25.65 28.09
CA ILE J 277 -42.32 -25.69 26.69
C ILE J 277 -43.80 -26.05 26.63
N VAL J 278 -44.58 -25.15 26.03
CA VAL J 278 -46.01 -25.39 25.84
C VAL J 278 -46.44 -24.73 24.52
N PRO J 279 -47.42 -25.36 23.86
CA PRO J 279 -47.88 -24.79 22.58
C PRO J 279 -48.65 -23.48 22.75
N GLN J 280 -48.62 -22.67 21.68
CA GLN J 280 -49.16 -21.31 21.72
C GLN J 280 -50.68 -21.24 21.69
N THR J 281 -51.37 -22.36 21.54
CA THR J 281 -52.80 -22.30 21.26
C THR J 281 -53.63 -21.70 22.39
N ASP J 282 -54.40 -20.68 22.02
CA ASP J 282 -55.45 -20.10 22.89
C ASP J 282 -56.68 -21.05 23.11
N GLN J 283 -57.42 -21.21 22.02
CA GLN J 283 -58.55 -22.17 21.93
C GLN J 283 -58.41 -23.69 22.09
N ARG J 284 -57.33 -24.31 21.59
CA ARG J 284 -57.24 -25.79 21.71
C ARG J 284 -55.96 -26.24 22.42
N SER J 285 -56.08 -26.77 23.65
CA SER J 285 -54.92 -27.18 24.41
C SER J 285 -54.65 -28.68 24.35
N GLU J 286 -55.69 -29.51 24.24
CA GLU J 286 -55.55 -30.96 24.30
C GLU J 286 -55.18 -31.52 22.93
N GLY J 287 -54.19 -32.39 22.89
CA GLY J 287 -53.75 -33.02 21.65
C GLY J 287 -52.82 -32.18 20.80
N VAL J 288 -52.40 -31.02 21.28
CA VAL J 288 -51.49 -30.15 20.53
C VAL J 288 -50.07 -30.43 20.98
N THR J 289 -49.17 -30.63 20.02
CA THR J 289 -47.78 -30.92 20.32
C THR J 289 -46.91 -29.75 19.90
N PRO J 290 -45.99 -29.29 20.74
CA PRO J 290 -45.08 -28.22 20.31
C PRO J 290 -44.02 -28.74 19.36
N PHE J 291 -43.63 -27.90 18.40
CA PHE J 291 -42.58 -28.21 17.44
C PHE J 291 -41.51 -27.13 17.47
N VAL J 292 -40.23 -27.55 17.50
CA VAL J 292 -39.09 -26.64 17.58
C VAL J 292 -37.96 -27.15 16.71
N PHE J 293 -37.11 -26.22 16.27
CA PHE J 293 -35.84 -26.52 15.64
C PHE J 293 -34.71 -26.23 16.62
N THR J 294 -33.58 -26.88 16.41
CA THR J 294 -32.40 -26.68 17.24
C THR J 294 -31.32 -25.93 16.48
N ILE J 295 -30.54 -25.12 17.23
CA ILE J 295 -29.45 -24.36 16.63
C ILE J 295 -28.50 -25.29 15.86
N ARG J 296 -28.29 -26.50 16.38
CA ARG J 296 -27.37 -27.42 15.73
C ARG J 296 -27.96 -27.93 14.41
N GLU J 297 -29.24 -28.33 14.42
CA GLU J 297 -29.92 -28.69 13.18
C GLU J 297 -29.90 -27.53 12.20
N PHE J 298 -30.17 -26.31 12.69
CA PHE J 298 -30.22 -25.13 11.82
C PHE J 298 -28.94 -24.97 11.03
N CYS J 299 -27.80 -25.30 11.64
CA CYS J 299 -26.52 -25.20 10.94
C CYS J 299 -26.23 -26.46 10.14
N ALA J 300 -26.55 -27.63 10.69
CA ALA J 300 -26.26 -28.89 10.00
C ALA J 300 -27.11 -29.04 8.74
N ARG J 301 -28.39 -28.68 8.81
CA ARG J 301 -29.32 -28.82 7.70
C ARG J 301 -29.40 -27.57 6.82
N ARG J 302 -28.55 -26.56 7.08
CA ARG J 302 -28.41 -25.35 6.24
C ARG J 302 -29.72 -24.56 6.13
N MET J 303 -30.39 -24.34 7.25
CA MET J 303 -31.68 -23.65 7.16
C MET J 303 -31.52 -22.15 6.90
N LEU J 304 -30.29 -21.63 6.91
CA LEU J 304 -30.07 -20.19 6.85
C LEU J 304 -30.80 -19.48 5.72
N PRO J 305 -30.71 -19.93 4.45
CA PRO J 305 -31.32 -19.13 3.37
C PRO J 305 -32.81 -18.90 3.56
N TYR J 306 -33.53 -19.85 4.15
CA TYR J 306 -34.98 -19.74 4.33
C TYR J 306 -35.38 -18.70 5.36
N VAL J 307 -34.41 -18.07 6.03
CA VAL J 307 -34.70 -16.85 6.78
C VAL J 307 -34.86 -15.67 5.83
N PHE J 308 -34.40 -15.80 4.60
CA PHE J 308 -34.41 -14.71 3.63
C PHE J 308 -35.33 -15.07 2.47
N SER J 309 -36.53 -14.49 2.48
CA SER J 309 -37.47 -14.63 1.37
C SER J 309 -38.39 -13.41 1.42
N ASP J 310 -37.83 -12.23 1.13
CA ASP J 310 -38.49 -10.98 1.47
C ASP J 310 -39.74 -10.71 0.63
N ALA J 311 -39.86 -11.33 -0.54
CA ALA J 311 -40.92 -10.99 -1.52
C ALA J 311 -40.89 -9.49 -1.83
N SER J 312 -39.68 -8.95 -1.89
CA SER J 312 -39.41 -7.55 -2.23
C SER J 312 -38.07 -7.49 -2.95
N ALA J 313 -37.60 -6.26 -3.23
CA ALA J 313 -36.36 -6.09 -3.98
C ALA J 313 -35.16 -6.60 -3.19
N SER J 314 -35.10 -6.29 -1.90
CA SER J 314 -34.06 -6.78 -0.99
C SER J 314 -32.69 -6.31 -1.51
N LEU J 315 -31.76 -7.22 -1.75
CA LEU J 315 -30.37 -6.90 -2.03
C LEU J 315 -29.70 -8.18 -2.47
N ASN J 316 -28.43 -8.08 -2.83
CA ASN J 316 -27.69 -9.28 -3.23
C ASN J 316 -26.84 -9.73 -2.06
N LEU J 317 -27.54 -10.31 -1.09
CA LEU J 317 -26.93 -10.88 0.12
C LEU J 317 -26.59 -12.34 -0.19
N GLY J 318 -26.67 -12.75 -1.46
CA GLY J 318 -26.38 -14.15 -1.76
C GLY J 318 -24.96 -14.48 -1.36
N PHE J 319 -24.00 -13.62 -1.66
CA PHE J 319 -22.59 -13.92 -1.30
C PHE J 319 -22.46 -14.02 0.22
N VAL J 320 -23.03 -13.06 0.94
CA VAL J 320 -22.86 -13.05 2.42
C VAL J 320 -23.50 -14.32 2.98
N ILE J 321 -24.70 -14.63 2.51
CA ILE J 321 -25.45 -15.79 3.05
C ILE J 321 -24.66 -17.06 2.74
N GLY J 322 -24.13 -17.20 1.52
CA GLY J 322 -23.40 -18.43 1.20
C GLY J 322 -22.18 -18.57 2.07
N ASN J 323 -21.44 -17.47 2.25
CA ASN J 323 -20.20 -17.58 3.06
C ASN J 323 -20.57 -17.97 4.49
N ILE J 324 -21.59 -17.34 5.06
CA ILE J 324 -21.95 -17.69 6.48
C ILE J 324 -22.48 -19.12 6.57
N GLU J 325 -23.30 -19.50 5.58
CA GLU J 325 -23.94 -20.83 5.54
C GLU J 325 -22.86 -21.90 5.49
N GLU J 326 -21.91 -21.77 4.57
CA GLU J 326 -20.94 -22.85 4.50
C GLU J 326 -20.07 -22.90 5.73
N LYS J 327 -19.73 -21.75 6.30
CA LYS J 327 -18.98 -21.73 7.55
C LYS J 327 -19.77 -22.39 8.67
N LEU J 328 -21.07 -22.08 8.72
CA LEU J 328 -21.89 -22.66 9.77
C LEU J 328 -22.08 -24.16 9.59
N PHE J 329 -22.16 -24.64 8.34
CA PHE J 329 -22.34 -26.08 8.12
C PHE J 329 -21.15 -26.88 8.63
N ARG J 330 -19.94 -26.54 8.14
CA ARG J 330 -18.74 -27.23 8.61
C ARG J 330 -18.56 -27.04 10.11
N LEU J 331 -18.98 -25.88 10.64
CA LEU J 331 -18.96 -25.67 12.08
C LEU J 331 -19.84 -26.69 12.80
N ALA J 332 -21.03 -26.96 12.27
CA ALA J 332 -21.93 -27.91 12.91
C ALA J 332 -21.41 -29.34 12.78
N ALA J 333 -20.82 -29.67 11.63
CA ALA J 333 -20.28 -31.00 11.45
C ALA J 333 -19.06 -31.24 12.34
N ALA J 334 -18.38 -30.16 12.73
CA ALA J 334 -17.24 -30.29 13.64
C ALA J 334 -17.68 -30.47 15.08
N GLN J 335 -18.92 -30.14 15.41
CA GLN J 335 -19.43 -30.31 16.77
C GLN J 335 -19.39 -31.78 17.17
N THR J 336 -18.69 -32.07 18.27
CA THR J 336 -18.67 -33.41 18.83
C THR J 336 -19.69 -33.60 19.95
N GLY J 337 -20.11 -32.52 20.61
CA GLY J 337 -21.00 -32.63 21.74
C GLY J 337 -22.40 -33.10 21.34
N LYS J 338 -23.08 -33.67 22.33
CA LYS J 338 -24.46 -34.13 22.17
C LYS J 338 -25.47 -33.00 22.26
N GLY J 339 -25.06 -31.79 22.63
CA GLY J 339 -26.00 -30.72 22.86
C GLY J 339 -26.70 -30.27 21.59
N THR J 340 -27.77 -29.51 21.81
CA THR J 340 -28.54 -28.94 20.70
C THR J 340 -28.00 -27.61 20.23
N GLY J 341 -27.15 -26.96 21.01
CA GLY J 341 -26.56 -25.71 20.59
C GLY J 341 -25.33 -25.92 19.73
N LEU J 342 -24.78 -24.81 19.28
CA LEU J 342 -23.56 -24.78 18.49
C LEU J 342 -22.43 -24.21 19.35
N ILE J 343 -21.37 -24.99 19.52
CA ILE J 343 -20.23 -24.58 20.33
C ILE J 343 -19.19 -23.96 19.42
N VAL J 344 -18.79 -22.73 19.74
CA VAL J 344 -17.78 -21.99 19.00
C VAL J 344 -16.72 -21.54 19.98
N HIS J 345 -15.46 -21.60 19.57
CA HIS J 345 -14.36 -21.20 20.44
C HIS J 345 -13.79 -19.82 20.13
N ASP J 346 -14.37 -19.11 19.16
CA ASP J 346 -13.81 -17.87 18.66
C ASP J 346 -14.39 -16.64 19.32
N TRP J 347 -15.26 -16.80 20.30
CA TRP J 347 -16.10 -15.67 20.68
C TRP J 347 -15.49 -14.97 21.89
N GLN J 348 -14.78 -13.89 21.63
CA GLN J 348 -14.20 -13.06 22.68
C GLN J 348 -14.92 -11.72 22.57
N PHE J 349 -15.17 -11.10 23.72
CA PHE J 349 -15.94 -9.88 23.81
C PHE J 349 -15.28 -9.00 24.89
N GLU J 350 -14.14 -8.39 24.52
CA GLU J 350 -13.50 -7.42 25.41
C GLU J 350 -14.32 -6.13 25.35
N ASP J 351 -14.82 -5.77 24.16
CA ASP J 351 -15.63 -4.56 23.99
C ASP J 351 -16.95 -4.88 23.29
N SER J 352 -17.50 -6.07 23.55
CA SER J 352 -18.70 -6.57 22.87
C SER J 352 -19.84 -6.44 23.88
N GLU J 353 -20.67 -5.40 23.71
CA GLU J 353 -21.55 -5.02 24.81
C GLU J 353 -22.58 -6.11 25.13
N THR J 354 -22.76 -7.06 24.21
CA THR J 354 -23.67 -8.22 24.48
C THR J 354 -23.17 -8.87 25.78
N PRO J 355 -23.92 -8.79 26.89
CA PRO J 355 -23.41 -9.24 28.19
C PRO J 355 -23.05 -10.72 28.21
N PRO J 356 -21.94 -11.11 28.89
CA PRO J 356 -21.56 -12.50 28.97
C PRO J 356 -22.65 -13.26 29.71
N GLU J 357 -23.12 -12.72 30.85
CA GLU J 357 -24.20 -13.35 31.67
C GLU J 357 -23.88 -14.83 31.86
N ASN J 358 -24.83 -15.70 31.53
CA ASN J 358 -24.59 -17.16 31.52
C ASN J 358 -24.77 -17.58 30.06
N LEU J 359 -23.75 -18.20 29.47
CA LEU J 359 -23.83 -18.67 28.06
C LEU J 359 -23.41 -20.13 28.05
N ASP J 360 -23.47 -20.76 29.22
CA ASP J 360 -23.06 -22.15 29.38
C ASP J 360 -21.68 -22.38 28.76
N PHE J 361 -20.65 -21.70 29.28
CA PHE J 361 -19.33 -21.83 28.70
C PHE J 361 -18.88 -23.28 28.70
N SER J 362 -18.27 -23.71 27.59
CA SER J 362 -17.92 -25.12 27.42
C SER J 362 -16.76 -25.51 28.33
N GLU J 363 -16.64 -26.82 28.55
CA GLU J 363 -15.52 -27.33 29.33
C GLU J 363 -14.20 -26.97 28.66
N LEU J 364 -14.15 -27.00 27.33
CA LEU J 364 -12.94 -26.70 26.59
C LEU J 364 -12.75 -25.20 26.36
N GLY J 365 -13.40 -24.37 27.17
CA GLY J 365 -13.26 -22.92 27.07
C GLY J 365 -14.09 -22.28 25.99
N GLY J 366 -15.04 -22.99 25.41
CA GLY J 366 -15.81 -22.46 24.32
C GLY J 366 -17.17 -21.94 24.74
N VAL J 367 -17.74 -21.11 23.89
CA VAL J 367 -19.07 -20.59 24.10
C VAL J 367 -20.06 -21.51 23.40
N ASN J 368 -21.08 -21.95 24.12
CA ASN J 368 -22.13 -22.78 23.56
C ASN J 368 -23.34 -21.89 23.27
N LEU J 369 -23.66 -21.74 21.99
CA LEU J 369 -24.76 -20.86 21.59
C LEU J 369 -26.08 -21.56 21.88
N GLN J 370 -26.96 -20.92 22.65
CA GLN J 370 -28.22 -21.55 23.03
C GLN J 370 -29.45 -20.80 22.52
N THR J 371 -29.31 -19.55 22.07
CA THR J 371 -30.44 -18.81 21.53
C THR J 371 -30.15 -18.27 20.14
N PHE J 372 -31.23 -17.96 19.43
CA PHE J 372 -31.12 -17.45 18.06
C PHE J 372 -30.42 -16.10 18.07
N GLU J 373 -30.61 -15.32 19.14
CA GLU J 373 -29.92 -14.02 19.22
C GLU J 373 -28.42 -14.19 19.41
N GLN J 374 -28.00 -15.21 20.16
CA GLN J 374 -26.57 -15.50 20.28
C GLN J 374 -25.98 -15.91 18.95
N LEU J 375 -26.66 -16.80 18.21
CA LEU J 375 -26.24 -17.13 16.86
C LEU J 375 -26.08 -15.88 16.02
N ILE J 376 -27.00 -14.93 16.17
CA ILE J 376 -26.86 -13.66 15.48
C ILE J 376 -25.70 -12.86 16.06
N SER J 377 -25.60 -12.81 17.40
CA SER J 377 -24.51 -12.09 18.03
C SER J 377 -23.16 -12.68 17.64
N TYR J 378 -23.01 -14.00 17.76
CA TYR J 378 -21.78 -14.64 17.30
C TYR J 378 -21.47 -14.27 15.85
N LEU J 379 -22.45 -14.41 14.94
CA LEU J 379 -22.26 -13.91 13.59
C LEU J 379 -21.85 -12.44 13.61
N GLU J 380 -22.51 -11.63 14.45
CA GLU J 380 -22.20 -10.20 14.48
C GLU J 380 -20.79 -9.94 15.00
N TYR J 381 -20.34 -10.67 16.01
CA TYR J 381 -19.05 -10.42 16.65
C TYR J 381 -17.98 -11.32 16.08
N LYS J 382 -18.26 -11.87 14.89
CA LYS J 382 -17.30 -12.47 14.00
C LYS J 382 -17.39 -11.88 12.60
N LEU J 383 -18.37 -11.01 12.35
CA LEU J 383 -18.55 -10.33 11.07
C LEU J 383 -18.59 -8.82 11.19
N LEU J 384 -18.53 -8.26 12.42
CA LEU J 384 -18.63 -6.80 12.55
C LEU J 384 -17.52 -6.16 13.40
N GLU J 385 -17.15 -6.73 14.55
CA GLU J 385 -16.05 -6.12 15.30
C GLU J 385 -15.09 -7.12 15.93
N GLU J 386 -14.77 -8.22 15.24
CA GLU J 386 -13.80 -9.15 15.81
C GLU J 386 -12.43 -8.51 15.97
N ARG J 387 -11.97 -7.79 14.94
CA ARG J 387 -10.65 -7.16 14.94
C ARG J 387 -10.85 -5.65 14.80
N GLU J 388 -11.30 -5.01 15.88
CA GLU J 388 -11.45 -3.55 15.96
C GLU J 388 -12.53 -3.04 15.01
N GLY J 389 -13.45 -3.91 14.61
CA GLY J 389 -14.47 -3.56 13.64
C GLY J 389 -14.25 -4.10 12.25
N GLU J 390 -13.16 -4.83 12.02
CA GLU J 390 -12.83 -5.24 10.66
C GLU J 390 -13.33 -6.64 10.34
N GLY J 391 -13.36 -7.53 11.33
CA GLY J 391 -13.93 -8.84 11.15
C GLY J 391 -12.94 -9.86 10.61
N ASP J 392 -13.30 -11.13 10.76
CA ASP J 392 -12.44 -12.24 10.31
C ASP J 392 -12.49 -12.31 8.79
N PRO J 393 -11.34 -12.35 8.09
CA PRO J 393 -11.33 -12.35 6.63
C PRO J 393 -12.08 -13.57 6.07
N LYS J 394 -11.92 -14.73 6.70
CA LYS J 394 -12.60 -15.97 6.24
C LYS J 394 -14.12 -15.90 6.44
N TRP J 395 -14.60 -15.00 7.30
CA TRP J 395 -16.07 -14.89 7.54
C TRP J 395 -16.63 -13.74 6.71
N VAL J 396 -16.03 -12.56 6.82
CA VAL J 396 -16.47 -11.45 5.94
C VAL J 396 -15.41 -11.53 4.86
N LEU J 397 -15.77 -11.99 3.67
CA LEU J 397 -14.73 -12.09 2.60
C LEU J 397 -14.81 -10.74 1.80
N LYS J 398 -14.08 -9.76 2.34
CA LYS J 398 -14.03 -8.39 1.77
C LYS J 398 -15.35 -7.74 1.32
N GLN J 399 -16.35 -7.79 2.19
CA GLN J 399 -17.70 -7.23 1.90
C GLN J 399 -17.87 -5.92 2.67
N SER J 400 -18.64 -4.98 2.10
CA SER J 400 -18.84 -3.67 2.76
C SER J 400 -19.58 -3.88 4.09
N PRO J 401 -19.26 -3.10 5.15
CA PRO J 401 -19.92 -3.26 6.44
C PRO J 401 -21.42 -3.02 6.32
N GLY J 402 -21.84 -2.05 5.51
CA GLY J 402 -23.28 -1.81 5.37
C GLY J 402 -23.95 -3.05 4.82
N THR J 403 -23.35 -3.67 3.80
CA THR J 403 -23.88 -4.96 3.27
C THR J 403 -23.76 -6.01 4.35
N LEU J 404 -22.65 -6.01 5.11
CA LEU J 404 -22.53 -7.02 6.19
C LEU J 404 -23.65 -6.78 7.20
N ARG J 405 -23.91 -5.52 7.57
CA ARG J 405 -25.02 -5.23 8.52
C ARG J 405 -26.35 -5.60 7.86
N ALA J 406 -26.48 -5.35 6.56
CA ALA J 406 -27.72 -5.72 5.83
C ALA J 406 -28.00 -7.19 6.13
N PHE J 407 -27.04 -8.10 5.86
CA PHE J 407 -27.28 -9.48 6.28
C PHE J 407 -27.63 -9.56 7.75
N THR J 408 -26.83 -8.90 8.59
CA THR J 408 -27.09 -8.90 10.03
C THR J 408 -28.40 -8.18 10.36
N ARG J 409 -28.65 -7.02 9.74
CA ARG J 409 -29.84 -6.24 10.14
C ARG J 409 -31.14 -6.97 9.81
N ARG J 410 -31.17 -7.75 8.72
CA ARG J 410 -32.41 -8.48 8.41
C ARG J 410 -32.57 -9.69 9.31
N LEU J 411 -31.47 -10.39 9.62
CA LEU J 411 -31.50 -11.40 10.67
C LEU J 411 -31.91 -10.79 12.00
N ARG J 412 -31.30 -9.66 12.38
CA ARG J 412 -31.72 -8.97 13.59
C ARG J 412 -33.20 -8.64 13.56
N GLY J 413 -33.69 -8.15 12.43
CA GLY J 413 -35.10 -7.72 12.36
C GLY J 413 -36.06 -8.87 12.58
N VAL J 414 -35.68 -10.07 12.13
CA VAL J 414 -36.53 -11.25 12.26
C VAL J 414 -36.25 -12.04 13.53
N GLN J 415 -35.21 -11.68 14.28
CA GLN J 415 -34.76 -12.53 15.39
C GLN J 415 -35.83 -12.64 16.47
N LYS J 416 -36.54 -11.54 16.75
CA LYS J 416 -37.53 -11.57 17.81
C LYS J 416 -38.66 -12.54 17.50
N TYR J 417 -39.02 -12.68 16.23
CA TYR J 417 -40.16 -13.51 15.85
C TYR J 417 -39.78 -14.98 15.71
N LEU J 418 -38.54 -15.26 15.27
CA LEU J 418 -38.07 -16.62 15.03
C LEU J 418 -37.39 -17.24 16.24
N SER J 419 -37.02 -16.44 17.24
CA SER J 419 -36.25 -16.95 18.37
C SER J 419 -36.92 -18.09 19.12
N PRO J 420 -38.22 -18.06 19.43
CA PRO J 420 -38.80 -19.17 20.20
C PRO J 420 -38.79 -20.49 19.44
N LEU J 421 -38.85 -20.44 18.10
CA LEU J 421 -38.89 -21.68 17.31
C LEU J 421 -37.55 -22.39 17.30
N ILE J 422 -36.47 -21.62 17.19
CA ILE J 422 -35.11 -22.16 17.05
C ILE J 422 -34.43 -22.05 18.42
N ARG J 423 -34.28 -23.19 19.08
CA ARG J 423 -33.75 -23.24 20.44
C ARG J 423 -32.51 -24.12 20.50
N GLY J 424 -31.46 -23.59 21.10
CA GLY J 424 -30.27 -24.37 21.37
C GLY J 424 -30.15 -24.71 22.85
N ASP J 425 -30.98 -24.06 23.67
CA ASP J 425 -30.96 -24.34 25.11
C ASP J 425 -31.71 -25.63 25.47
N LEU J 426 -32.46 -26.19 24.53
CA LEU J 426 -33.17 -27.42 24.80
C LEU J 426 -32.22 -28.61 24.86
N THR J 427 -32.67 -29.65 25.54
CA THR J 427 -31.89 -30.87 25.72
C THR J 427 -32.12 -31.80 24.53
N PRO J 428 -31.26 -32.82 24.35
CA PRO J 428 -31.39 -33.68 23.16
C PRO J 428 -32.70 -34.45 23.08
N GLU J 429 -33.24 -34.94 24.21
CA GLU J 429 -34.48 -35.71 24.14
C GLU J 429 -35.66 -34.82 23.80
N GLN J 430 -35.80 -33.69 24.49
CA GLN J 430 -36.87 -32.74 24.18
C GLN J 430 -36.82 -32.35 22.71
N ALA J 431 -35.62 -32.21 22.14
CA ALA J 431 -35.49 -31.84 20.73
C ALA J 431 -35.95 -32.96 19.81
N GLU J 432 -35.58 -34.20 20.12
CA GLU J 432 -36.00 -35.32 19.29
C GLU J 432 -37.51 -35.52 19.34
N GLY J 433 -38.11 -35.29 20.51
CA GLY J 433 -39.54 -35.44 20.63
C GLY J 433 -40.31 -34.33 19.94
N TYR J 434 -39.91 -33.08 20.16
CA TYR J 434 -40.60 -31.93 19.62
C TYR J 434 -40.26 -31.66 18.16
N ARG J 435 -39.45 -32.51 17.53
CA ARG J 435 -38.97 -32.21 16.17
C ARG J 435 -40.09 -32.40 15.15
N PRO J 436 -40.34 -31.41 14.28
CA PRO J 436 -41.48 -31.48 13.35
C PRO J 436 -41.19 -32.42 12.19
N ASP J 437 -41.93 -33.53 12.14
CA ASP J 437 -41.77 -34.53 11.09
C ASP J 437 -43.11 -34.77 10.42
N PRO J 438 -43.35 -34.19 9.23
CA PRO J 438 -44.63 -34.41 8.54
C PRO J 438 -44.83 -35.84 8.07
N LEU J 439 -43.80 -36.68 8.19
CA LEU J 439 -43.90 -38.08 7.78
C LEU J 439 -43.77 -39.05 8.95
N ARG J 440 -44.11 -38.60 10.16
CA ARG J 440 -44.06 -39.49 11.34
C ARG J 440 -44.91 -40.73 11.07
N ARG J 441 -44.35 -41.91 11.26
CA ARG J 441 -45.12 -43.16 11.01
C ARG J 441 -46.37 -43.16 11.87
N GLY J 442 -47.49 -43.51 11.27
CA GLY J 442 -48.76 -43.56 12.02
C GLY J 442 -49.50 -42.25 11.93
N ILE J 443 -49.09 -41.38 11.03
CA ILE J 443 -49.76 -40.10 10.86
C ILE J 443 -50.15 -39.97 9.39
N GLN J 444 -51.38 -39.50 9.15
CA GLN J 444 -51.83 -39.28 7.78
C GLN J 444 -51.95 -37.81 7.43
N LEU J 445 -52.28 -36.97 8.39
CA LEU J 445 -52.47 -35.54 8.18
C LEU J 445 -51.69 -34.77 9.23
N THR J 446 -50.78 -33.90 8.78
CA THR J 446 -49.97 -33.08 9.66
C THR J 446 -50.35 -31.62 9.47
N VAL J 447 -50.79 -30.98 10.55
CA VAL J 447 -51.18 -29.57 10.52
C VAL J 447 -50.14 -28.81 11.33
N VAL J 448 -49.58 -27.76 10.73
CA VAL J 448 -48.57 -26.92 11.36
C VAL J 448 -49.17 -25.54 11.60
N ASP J 449 -49.37 -25.19 12.86
CA ASP J 449 -49.98 -23.92 13.24
C ASP J 449 -48.90 -22.84 13.21
N ILE J 450 -48.91 -22.02 12.16
CA ILE J 450 -48.01 -20.88 12.06
C ILE J 450 -48.80 -19.57 12.15
N HIS J 451 -50.01 -19.62 12.74
CA HIS J 451 -50.90 -18.46 12.73
C HIS J 451 -50.38 -17.37 13.66
N ALA J 452 -49.82 -17.77 14.81
CA ALA J 452 -49.23 -16.83 15.75
C ALA J 452 -47.85 -16.36 15.34
N LEU J 453 -47.28 -16.94 14.29
CA LEU J 453 -45.99 -16.47 13.79
C LEU J 453 -46.16 -15.22 12.94
N SER J 454 -45.05 -14.53 12.74
CA SER J 454 -45.02 -13.32 11.94
C SER J 454 -44.97 -13.67 10.45
N ALA J 455 -45.08 -12.66 9.60
CA ALA J 455 -45.04 -12.89 8.16
C ALA J 455 -43.71 -13.48 7.73
N HIS J 456 -42.67 -13.37 8.56
CA HIS J 456 -41.36 -13.91 8.23
C HIS J 456 -41.16 -15.31 8.82
N ALA J 457 -41.54 -15.51 10.08
CA ALA J 457 -41.48 -16.85 10.67
C ALA J 457 -42.35 -17.84 9.89
N GLN J 458 -43.54 -17.40 9.45
CA GLN J 458 -44.38 -18.26 8.63
C GLN J 458 -43.63 -18.72 7.38
N MET J 459 -43.09 -17.77 6.62
CA MET J 459 -42.33 -18.12 5.41
C MET J 459 -41.16 -19.03 5.72
N PHE J 460 -40.49 -18.82 6.86
CA PHE J 460 -39.37 -19.67 7.23
C PHE J 460 -39.83 -21.10 7.44
N VAL J 461 -40.76 -21.29 8.39
CA VAL J 461 -41.22 -22.64 8.74
C VAL J 461 -41.74 -23.37 7.50
N VAL J 462 -42.52 -22.69 6.67
CA VAL J 462 -43.04 -23.30 5.45
C VAL J 462 -41.89 -23.68 4.53
N GLY J 463 -40.86 -22.84 4.47
CA GLY J 463 -39.70 -23.11 3.65
C GLY J 463 -38.96 -24.39 4.01
N VAL J 464 -38.43 -24.47 5.24
CA VAL J 464 -37.60 -25.61 5.61
C VAL J 464 -38.43 -26.89 5.65
N LEU J 465 -39.70 -26.79 6.10
CA LEU J 465 -40.54 -27.98 6.17
C LEU J 465 -40.79 -28.55 4.78
N LEU J 466 -41.20 -27.69 3.84
CA LEU J 466 -41.43 -28.13 2.46
C LEU J 466 -40.16 -28.73 1.87
N ARG J 467 -39.02 -28.06 2.06
CA ARG J 467 -37.76 -28.60 1.60
C ARG J 467 -37.47 -29.95 2.25
N GLU J 468 -37.64 -30.04 3.57
CA GLU J 468 -37.34 -31.27 4.29
C GLU J 468 -38.08 -32.47 3.67
N VAL J 469 -39.38 -32.30 3.40
CA VAL J 469 -40.14 -33.38 2.77
C VAL J 469 -39.62 -33.64 1.37
N PHE J 470 -39.34 -32.58 0.61
CA PHE J 470 -38.82 -32.74 -0.74
C PHE J 470 -37.46 -33.44 -0.74
N GLU J 471 -36.54 -33.00 0.12
CA GLU J 471 -35.28 -33.72 0.24
C GLU J 471 -35.51 -35.20 0.53
N TYR J 472 -36.42 -35.50 1.46
CA TYR J 472 -36.66 -36.88 1.85
C TYR J 472 -37.17 -37.70 0.67
N LYS J 473 -38.02 -37.12 -0.17
CA LYS J 473 -38.54 -37.86 -1.31
C LYS J 473 -37.46 -38.06 -2.38
N GLU J 474 -36.54 -37.10 -2.50
CA GLU J 474 -35.38 -37.31 -3.38
C GLU J 474 -34.53 -38.48 -2.86
N ARG J 475 -34.25 -38.51 -1.56
CA ARG J 475 -33.32 -39.48 -1.00
C ARG J 475 -33.88 -40.90 -1.04
N VAL J 476 -35.17 -41.06 -0.76
CA VAL J 476 -35.72 -42.39 -0.50
C VAL J 476 -36.49 -42.91 -1.70
N GLY J 477 -37.28 -42.07 -2.34
CA GLY J 477 -37.98 -42.50 -3.53
C GLY J 477 -39.49 -42.40 -3.38
N ARG J 478 -40.17 -42.95 -4.40
CA ARG J 478 -41.54 -42.53 -4.69
C ARG J 478 -42.53 -43.69 -4.65
N GLN J 479 -42.76 -44.29 -3.47
CA GLN J 479 -43.90 -45.17 -3.29
C GLN J 479 -44.81 -44.69 -2.17
N ASP J 480 -44.66 -43.44 -1.75
CA ASP J 480 -45.58 -42.80 -0.82
C ASP J 480 -45.90 -41.41 -1.37
N THR J 481 -47.18 -41.12 -1.55
CA THR J 481 -47.60 -39.83 -2.07
C THR J 481 -47.82 -38.86 -0.91
N VAL J 482 -47.28 -37.65 -1.04
CA VAL J 482 -47.43 -36.61 -0.04
C VAL J 482 -48.19 -35.45 -0.66
N PHE J 483 -49.27 -35.03 -0.01
CA PHE J 483 -50.08 -33.91 -0.48
C PHE J 483 -49.76 -32.65 0.31
N VAL J 484 -49.51 -31.56 -0.39
CA VAL J 484 -49.23 -30.27 0.22
C VAL J 484 -50.39 -29.34 -0.09
N VAL J 485 -51.08 -28.91 0.96
CA VAL J 485 -52.24 -28.03 0.83
C VAL J 485 -51.80 -26.64 1.30
N LEU J 486 -51.77 -25.70 0.37
CA LEU J 486 -51.17 -24.39 0.58
C LEU J 486 -52.09 -23.32 0.00
N ASP J 487 -52.71 -22.53 0.89
CA ASP J 487 -53.56 -21.42 0.51
C ASP J 487 -52.68 -20.19 0.25
N GLU J 488 -53.31 -19.09 -0.18
CA GLU J 488 -52.62 -17.81 -0.43
C GLU J 488 -51.36 -18.00 -1.28
N LEU J 489 -51.52 -18.68 -2.41
CA LEU J 489 -50.35 -19.04 -3.22
C LEU J 489 -49.63 -17.82 -3.78
N ASN J 490 -50.26 -16.64 -3.73
CA ASN J 490 -49.61 -15.44 -4.25
C ASN J 490 -48.47 -14.98 -3.34
N LYS J 491 -48.63 -15.08 -2.02
CA LYS J 491 -47.55 -14.62 -1.13
C LYS J 491 -46.40 -15.63 -1.11
N TYR J 492 -46.70 -16.92 -1.20
CA TYR J 492 -45.64 -17.93 -1.18
C TYR J 492 -44.91 -18.00 -2.51
N ALA J 493 -45.63 -17.88 -3.62
CA ALA J 493 -45.04 -17.90 -4.97
C ALA J 493 -45.58 -16.74 -5.77
N PRO J 494 -45.11 -15.52 -5.50
CA PRO J 494 -45.53 -14.36 -6.29
C PRO J 494 -45.09 -14.50 -7.75
N ARG J 495 -45.69 -13.67 -8.60
CA ARG J 495 -45.44 -13.80 -10.04
C ARG J 495 -44.04 -13.32 -10.40
N GLU J 496 -43.58 -12.22 -9.82
CA GLU J 496 -42.37 -11.57 -10.31
C GLU J 496 -41.18 -11.64 -9.35
N GLY J 497 -41.41 -11.78 -8.04
CA GLY J 497 -40.31 -11.89 -7.11
C GLY J 497 -39.50 -13.16 -7.31
N ASP J 498 -38.58 -13.39 -6.38
CA ASP J 498 -37.78 -14.61 -6.38
C ASP J 498 -37.29 -14.89 -4.98
N SER J 499 -37.67 -16.03 -4.42
CA SER J 499 -37.38 -16.40 -3.05
C SER J 499 -37.04 -17.89 -3.00
N PRO J 500 -36.38 -18.35 -1.94
CA PRO J 500 -36.12 -19.79 -1.83
C PRO J 500 -37.37 -20.60 -1.56
N ILE J 501 -38.34 -20.05 -0.82
CA ILE J 501 -39.59 -20.74 -0.60
C ILE J 501 -40.36 -20.90 -1.91
N LYS J 502 -40.25 -19.92 -2.79
CA LYS J 502 -40.84 -20.07 -4.11
C LYS J 502 -40.08 -21.10 -4.95
N ASP J 503 -38.78 -21.25 -4.70
CA ASP J 503 -38.01 -22.25 -5.42
C ASP J 503 -38.43 -23.66 -5.04
N VAL J 504 -38.71 -23.90 -3.76
CA VAL J 504 -39.14 -25.24 -3.36
C VAL J 504 -40.54 -25.51 -3.88
N LEU J 505 -41.40 -24.48 -3.94
CA LEU J 505 -42.68 -24.63 -4.62
C LEU J 505 -42.49 -24.92 -6.10
N LEU J 506 -41.48 -24.32 -6.72
CA LEU J 506 -41.16 -24.66 -8.10
C LEU J 506 -40.73 -26.13 -8.21
N ASP J 507 -39.85 -26.57 -7.32
CA ASP J 507 -39.38 -27.96 -7.37
C ASP J 507 -40.54 -28.94 -7.23
N ILE J 508 -41.53 -28.60 -6.40
CA ILE J 508 -42.67 -29.49 -6.19
C ILE J 508 -43.59 -29.48 -7.41
N ALA J 509 -43.74 -28.32 -8.07
CA ALA J 509 -44.61 -28.26 -9.22
C ALA J 509 -43.97 -28.94 -10.43
N GLU J 510 -42.67 -28.72 -10.63
CA GLU J 510 -42.02 -29.22 -11.83
C GLU J 510 -41.53 -30.66 -11.69
N ARG J 511 -41.10 -31.05 -10.49
CA ARG J 511 -40.58 -32.38 -10.27
C ARG J 511 -41.47 -33.26 -9.41
N GLY J 512 -42.49 -32.69 -8.78
CA GLY J 512 -43.21 -33.41 -7.74
C GLY J 512 -44.08 -34.55 -8.25
N ARG J 513 -44.34 -34.59 -9.55
CA ARG J 513 -45.13 -35.70 -10.08
C ARG J 513 -44.38 -37.01 -9.99
N SER J 514 -43.13 -37.03 -10.44
CA SER J 514 -42.30 -38.23 -10.39
C SER J 514 -41.56 -38.38 -9.06
N LEU J 515 -41.70 -37.41 -8.15
CA LEU J 515 -41.22 -37.60 -6.78
C LEU J 515 -42.34 -37.97 -5.83
N GLY J 516 -43.60 -37.75 -6.21
CA GLY J 516 -44.75 -38.10 -5.41
C GLY J 516 -45.27 -37.00 -4.50
N ILE J 517 -44.83 -35.76 -4.67
CA ILE J 517 -45.28 -34.64 -3.87
C ILE J 517 -46.28 -33.83 -4.68
N ILE J 518 -47.54 -33.86 -4.27
CA ILE J 518 -48.62 -33.25 -5.02
C ILE J 518 -49.07 -31.98 -4.30
N LEU J 519 -49.20 -30.89 -5.05
CA LEU J 519 -49.60 -29.60 -4.50
C LEU J 519 -51.09 -29.40 -4.71
N ILE J 520 -51.83 -29.21 -3.62
CA ILE J 520 -53.20 -28.71 -3.71
C ILE J 520 -53.13 -27.25 -3.30
N GLY J 521 -53.01 -26.36 -4.29
CA GLY J 521 -52.83 -24.95 -4.05
C GLY J 521 -54.09 -24.15 -4.34
N ALA J 522 -54.27 -23.06 -3.59
CA ALA J 522 -55.40 -22.18 -3.77
C ALA J 522 -54.93 -20.73 -3.71
N GLN J 523 -55.56 -19.89 -4.50
CA GLN J 523 -55.26 -18.47 -4.51
C GLN J 523 -56.49 -17.72 -5.00
N GLN J 524 -56.56 -16.44 -4.64
CA GLN J 524 -57.68 -15.62 -5.08
C GLN J 524 -57.70 -15.51 -6.60
N THR J 525 -56.53 -15.26 -7.21
CA THR J 525 -56.44 -15.17 -8.65
C THR J 525 -55.13 -15.80 -9.10
N ALA J 526 -55.21 -16.63 -10.14
CA ALA J 526 -54.03 -17.29 -10.68
C ALA J 526 -53.08 -16.31 -11.33
N SER J 527 -53.55 -15.11 -11.70
CA SER J 527 -52.71 -14.18 -12.43
C SER J 527 -51.65 -13.54 -11.54
N GLU J 528 -51.80 -13.62 -10.23
CA GLU J 528 -50.79 -13.11 -9.32
C GLU J 528 -49.80 -14.17 -8.87
N VAL J 529 -49.90 -15.39 -9.42
CA VAL J 529 -49.05 -16.51 -9.03
C VAL J 529 -48.00 -16.74 -10.13
N GLU J 530 -46.88 -17.35 -9.75
CA GLU J 530 -45.85 -17.71 -10.72
C GLU J 530 -46.45 -18.57 -11.82
N ARG J 531 -46.08 -18.25 -13.07
CA ARG J 531 -46.66 -18.93 -14.21
C ARG J 531 -46.38 -20.43 -14.20
N ARG J 532 -45.18 -20.81 -13.76
CA ARG J 532 -44.79 -22.23 -13.79
C ARG J 532 -45.60 -23.07 -12.80
N ILE J 533 -45.91 -22.53 -11.62
CA ILE J 533 -46.71 -23.28 -10.65
C ILE J 533 -48.13 -23.48 -11.16
N VAL J 534 -48.79 -22.38 -11.55
CA VAL J 534 -50.17 -22.49 -12.05
C VAL J 534 -50.22 -23.35 -13.31
N SER J 535 -49.17 -23.28 -14.14
CA SER J 535 -49.18 -24.03 -15.40
C SER J 535 -49.16 -25.54 -15.18
N ASN J 536 -48.50 -26.02 -14.12
CA ASN J 536 -48.27 -27.43 -13.91
C ASN J 536 -49.37 -28.12 -13.11
N ALA J 537 -50.53 -27.50 -13.01
CA ALA J 537 -51.66 -28.10 -12.33
C ALA J 537 -52.58 -28.75 -13.36
N ALA J 538 -52.77 -30.06 -13.25
CA ALA J 538 -53.65 -30.76 -14.19
C ALA J 538 -55.11 -30.50 -13.89
N ILE J 539 -55.44 -30.24 -12.62
CA ILE J 539 -56.82 -30.01 -12.19
C ILE J 539 -56.96 -28.53 -11.84
N ARG J 540 -57.86 -27.84 -12.52
CA ARG J 540 -58.15 -26.44 -12.26
C ARG J 540 -59.59 -26.30 -11.79
N VAL J 541 -59.78 -25.73 -10.59
CA VAL J 541 -61.09 -25.55 -9.98
C VAL J 541 -61.29 -24.06 -9.72
N VAL J 542 -62.52 -23.59 -9.90
CA VAL J 542 -62.86 -22.19 -9.86
C VAL J 542 -64.14 -22.01 -9.05
N GLY J 543 -64.04 -21.33 -7.91
CA GLY J 543 -65.19 -20.86 -7.17
C GLY J 543 -65.75 -19.60 -7.78
N ARG J 544 -66.39 -18.78 -6.95
CA ARG J 544 -66.87 -17.50 -7.44
C ARG J 544 -65.68 -16.62 -7.78
N LEU J 545 -65.60 -16.19 -9.04
CA LEU J 545 -64.47 -15.42 -9.52
C LEU J 545 -64.82 -13.94 -9.56
N ASP J 546 -63.81 -13.10 -9.32
CA ASP J 546 -63.97 -11.68 -9.53
C ASP J 546 -64.30 -11.41 -10.99
N LEU J 547 -65.12 -10.39 -11.22
CA LEU J 547 -65.53 -10.08 -12.59
C LEU J 547 -64.33 -9.74 -13.46
N ALA J 548 -63.37 -8.99 -12.91
CA ALA J 548 -62.19 -8.55 -13.66
C ALA J 548 -61.33 -9.72 -14.10
N GLU J 549 -61.13 -10.70 -13.22
CA GLU J 549 -60.15 -11.74 -13.46
C GLU J 549 -60.65 -12.84 -14.39
N ALA J 550 -61.96 -12.90 -14.64
CA ALA J 550 -62.52 -14.01 -15.41
C ALA J 550 -62.06 -13.96 -16.86
N GLU J 551 -61.85 -12.76 -17.40
CA GLU J 551 -61.37 -12.58 -18.76
C GLU J 551 -59.85 -12.54 -18.85
N ARG J 552 -59.15 -12.62 -17.72
CA ARG J 552 -57.69 -12.69 -17.73
C ARG J 552 -57.22 -13.89 -18.55
N PRO J 553 -56.02 -13.81 -19.14
CA PRO J 553 -55.51 -14.95 -19.91
C PRO J 553 -55.28 -16.20 -19.08
N GLU J 554 -55.07 -16.07 -17.77
CA GLU J 554 -54.87 -17.27 -16.96
C GLU J 554 -56.15 -18.10 -16.84
N TYR J 555 -57.31 -17.55 -17.20
CA TYR J 555 -58.58 -18.24 -17.05
C TYR J 555 -59.24 -18.46 -18.41
N ARG J 556 -58.44 -18.75 -19.43
CA ARG J 556 -58.99 -19.05 -20.75
C ARG J 556 -59.68 -20.41 -20.79
N PHE J 557 -59.31 -21.33 -19.89
CA PHE J 557 -59.98 -22.62 -19.85
C PHE J 557 -61.44 -22.49 -19.46
N LEU J 558 -61.86 -21.32 -18.99
CA LEU J 558 -63.28 -21.01 -18.80
C LEU J 558 -63.84 -20.46 -20.09
N PRO J 559 -64.85 -21.10 -20.69
CA PRO J 559 -65.52 -20.50 -21.86
C PRO J 559 -66.24 -19.21 -21.48
N GLN J 560 -66.50 -18.38 -22.50
CA GLN J 560 -67.06 -17.06 -22.23
C GLN J 560 -68.44 -17.16 -21.60
N SER J 561 -69.17 -18.23 -21.89
CA SER J 561 -70.51 -18.41 -21.32
C SER J 561 -70.46 -18.64 -19.81
N PHE J 562 -69.38 -19.23 -19.30
CA PHE J 562 -69.28 -19.52 -17.87
C PHE J 562 -68.94 -18.28 -17.04
N ARG J 563 -68.25 -17.30 -17.64
CA ARG J 563 -67.73 -16.17 -16.88
C ARG J 563 -68.85 -15.40 -16.18
N GLY J 564 -69.92 -15.09 -16.92
CA GLY J 564 -71.04 -14.41 -16.29
C GLY J 564 -71.66 -15.23 -15.18
N ARG J 565 -71.78 -16.53 -15.39
CA ARG J 565 -72.29 -17.40 -14.34
C ARG J 565 -71.31 -17.49 -13.17
N ALA J 566 -70.01 -17.59 -13.45
CA ALA J 566 -69.04 -17.77 -12.39
C ALA J 566 -68.88 -16.55 -11.49
N GLY J 567 -69.36 -15.38 -11.92
CA GLY J 567 -69.27 -14.21 -11.08
C GLY J 567 -70.22 -14.23 -9.89
N ILE J 568 -71.29 -15.04 -9.97
CA ILE J 568 -72.30 -15.09 -8.93
C ILE J 568 -72.46 -16.48 -8.33
N LEU J 569 -71.55 -17.39 -8.67
CA LEU J 569 -71.59 -18.74 -8.12
C LEU J 569 -71.65 -18.70 -6.60
N GLN J 570 -72.55 -19.48 -6.02
CA GLN J 570 -72.76 -19.49 -4.57
C GLN J 570 -71.67 -20.26 -3.83
N PRO J 571 -71.40 -19.91 -2.56
CA PRO J 571 -70.45 -20.70 -1.77
C PRO J 571 -70.85 -22.16 -1.70
N GLY J 572 -69.85 -23.04 -1.75
CA GLY J 572 -70.07 -24.47 -1.85
C GLY J 572 -70.24 -25.00 -3.25
N THR J 573 -70.24 -24.13 -4.27
CA THR J 573 -70.41 -24.50 -5.66
C THR J 573 -69.14 -24.16 -6.43
N MET J 574 -68.58 -25.15 -7.14
CA MET J 574 -67.31 -25.01 -7.80
C MET J 574 -67.39 -25.56 -9.22
N LEU J 575 -66.57 -25.00 -10.10
CA LEU J 575 -66.40 -25.45 -11.47
C LEU J 575 -65.06 -26.15 -11.58
N VAL J 576 -65.08 -27.45 -11.87
CA VAL J 576 -63.85 -28.22 -11.98
C VAL J 576 -63.54 -28.44 -13.46
N SER J 577 -62.26 -28.41 -13.81
CA SER J 577 -61.81 -28.69 -15.16
C SER J 577 -60.67 -29.69 -15.08
N GLN J 578 -60.85 -30.83 -15.74
CA GLN J 578 -59.87 -31.90 -15.71
C GLN J 578 -59.58 -32.36 -17.14
N PRO J 579 -58.38 -32.89 -17.38
CA PRO J 579 -57.98 -33.21 -18.76
C PRO J 579 -58.95 -34.13 -19.49
N ASP J 580 -59.49 -35.14 -18.81
CA ASP J 580 -60.35 -36.10 -19.49
C ASP J 580 -61.53 -35.40 -20.18
N VAL J 581 -62.20 -34.52 -19.47
CA VAL J 581 -63.42 -33.86 -19.96
C VAL J 581 -63.05 -32.50 -20.52
N PRO J 582 -63.46 -32.17 -21.75
CA PRO J 582 -62.99 -30.93 -22.39
C PRO J 582 -63.68 -29.66 -21.93
N ASN J 583 -64.61 -29.75 -20.99
CA ASN J 583 -65.35 -28.59 -20.52
C ASN J 583 -65.36 -28.53 -19.01
N PRO J 584 -65.36 -27.31 -18.45
CA PRO J 584 -65.60 -27.16 -17.01
C PRO J 584 -67.00 -27.65 -16.66
N VAL J 585 -67.09 -28.40 -15.56
CA VAL J 585 -68.35 -28.96 -15.09
C VAL J 585 -68.63 -28.42 -13.69
N LEU J 586 -69.90 -28.07 -13.44
CA LEU J 586 -70.29 -27.46 -12.17
C LEU J 586 -70.67 -28.55 -11.17
N VAL J 587 -70.20 -28.40 -9.94
CA VAL J 587 -70.45 -29.40 -8.91
C VAL J 587 -70.73 -28.71 -7.59
N ASN J 588 -71.42 -29.43 -6.70
CA ASN J 588 -71.58 -29.07 -5.31
C ASN J 588 -70.89 -30.13 -4.45
N TYR J 589 -70.40 -29.71 -3.30
CA TYR J 589 -69.75 -30.65 -2.40
C TYR J 589 -70.19 -30.35 -0.97
N PRO J 590 -70.31 -31.38 -0.13
CA PRO J 590 -70.97 -31.23 1.16
C PRO J 590 -70.26 -30.25 2.09
N PHE J 591 -70.92 -29.98 3.21
CA PHE J 591 -70.32 -29.20 4.26
C PHE J 591 -69.28 -30.05 4.99
N PRO J 592 -68.26 -29.41 5.57
CA PRO J 592 -67.20 -30.17 6.24
C PRO J 592 -67.75 -31.03 7.38
N ALA J 593 -67.45 -32.33 7.32
CA ALA J 593 -67.72 -33.19 8.47
C ALA J 593 -66.76 -32.89 9.62
N TRP J 594 -65.57 -32.41 9.31
CA TRP J 594 -64.60 -31.97 10.30
C TRP J 594 -64.93 -30.55 10.74
N ALA J 595 -64.73 -30.27 12.02
CA ALA J 595 -64.97 -28.93 12.52
C ALA J 595 -63.98 -27.95 11.92
N THR J 596 -64.44 -26.73 11.62
CA THR J 596 -63.61 -25.67 11.07
C THR J 596 -63.44 -24.41 11.91
N ARG J 597 -63.86 -24.45 13.18
CA ARG J 597 -63.83 -23.39 14.16
C ARG J 597 -64.18 -23.96 15.50
N ARG J 598 -63.85 -23.25 16.59
CA ARG J 598 -64.03 -23.82 17.93
C ARG J 598 -65.43 -24.25 18.35
N ASP J 599 -66.44 -23.41 18.12
CA ASP J 599 -67.84 -23.70 18.43
C ASP J 599 -68.37 -24.95 17.73
N GLU J 600 -67.76 -25.37 16.62
CA GLU J 600 -68.24 -26.52 15.89
C GLU J 600 -68.04 -27.82 16.66
N VAL J 601 -67.02 -27.81 17.51
CA VAL J 601 -66.66 -28.95 18.39
C VAL J 601 -67.47 -28.80 19.68
N ASP J 602 -68.31 -29.78 20.00
CA ASP J 602 -69.15 -29.73 21.22
C ASP J 602 -69.12 -31.08 21.95
N ASP K 13 -99.66 -4.86 -6.62
CA ASP K 13 -98.49 -5.26 -5.86
C ASP K 13 -97.32 -5.60 -6.79
N ALA K 14 -97.64 -6.06 -7.98
CA ALA K 14 -96.62 -6.36 -8.97
C ALA K 14 -96.20 -5.09 -9.71
N ILE K 15 -95.00 -5.14 -10.28
CA ILE K 15 -94.42 -3.97 -10.94
C ILE K 15 -94.36 -4.13 -12.46
N GLY K 16 -94.14 -5.33 -12.97
CA GLY K 16 -94.09 -5.55 -14.41
C GLY K 16 -94.10 -7.02 -14.73
N MET K 17 -93.93 -7.33 -16.01
CA MET K 17 -93.98 -8.70 -16.49
C MET K 17 -92.75 -9.01 -17.36
N VAL K 18 -92.22 -10.23 -17.19
CA VAL K 18 -91.05 -10.67 -17.94
C VAL K 18 -91.31 -10.56 -19.43
N LEU K 19 -90.43 -9.83 -20.12
CA LEU K 19 -90.61 -9.57 -21.54
C LEU K 19 -90.19 -10.79 -22.36
N GLY K 20 -90.81 -10.95 -23.52
CA GLY K 20 -90.47 -12.04 -24.42
C GLY K 20 -89.81 -11.52 -25.68
N THR K 21 -89.92 -10.22 -25.91
CA THR K 21 -89.35 -9.63 -27.12
C THR K 21 -87.83 -9.61 -27.06
N GLU K 22 -87.27 -9.54 -25.86
CA GLU K 22 -85.85 -9.71 -25.63
C GLU K 22 -85.57 -11.11 -25.09
N ASP K 23 -84.33 -11.56 -25.24
CA ASP K 23 -83.93 -12.86 -24.70
C ASP K 23 -84.09 -12.89 -23.20
N VAL K 24 -84.55 -14.02 -22.68
CA VAL K 24 -84.68 -14.25 -21.25
C VAL K 24 -83.69 -15.34 -20.88
N THR K 25 -82.53 -14.94 -20.37
CA THR K 25 -81.55 -15.86 -19.84
C THR K 25 -81.55 -15.84 -18.32
N PRO K 26 -81.12 -16.92 -17.66
CA PRO K 26 -81.12 -16.94 -16.19
C PRO K 26 -80.24 -15.88 -15.56
N THR K 27 -79.27 -15.37 -16.30
CA THR K 27 -78.31 -14.40 -15.79
C THR K 27 -78.81 -12.97 -15.96
N VAL K 28 -79.47 -12.67 -17.07
CA VAL K 28 -79.98 -11.34 -17.37
C VAL K 28 -81.28 -11.50 -18.14
N PHE K 29 -82.23 -10.59 -17.91
CA PHE K 29 -83.48 -10.58 -18.68
C PHE K 29 -84.15 -9.23 -18.53
N TRP K 30 -85.11 -8.96 -19.43
CA TRP K 30 -85.88 -7.73 -19.47
C TRP K 30 -87.31 -7.98 -19.01
N PHE K 31 -87.95 -6.93 -18.50
CA PHE K 31 -89.37 -7.00 -18.16
C PHE K 31 -90.01 -5.65 -18.45
N ALA K 32 -91.29 -5.66 -18.81
CA ALA K 32 -92.00 -4.44 -19.17
C ALA K 32 -92.65 -3.83 -17.93
N VAL K 33 -92.34 -2.56 -17.65
CA VAL K 33 -92.87 -1.91 -16.45
C VAL K 33 -94.36 -1.67 -16.62
N SER K 34 -95.14 -2.11 -15.65
CA SER K 34 -96.59 -1.93 -15.70
C SER K 34 -96.94 -0.46 -15.58
N HIS K 35 -98.08 -0.09 -16.18
CA HIS K 35 -98.52 1.30 -16.13
C HIS K 35 -98.78 1.72 -14.69
N GLY K 36 -98.32 2.91 -14.34
CA GLY K 36 -98.47 3.42 -13.00
C GLY K 36 -97.39 3.00 -12.03
N ALA K 37 -96.39 2.26 -12.49
CA ALA K 37 -95.23 1.90 -11.68
C ALA K 37 -93.98 2.56 -12.26
N SER K 38 -93.08 2.97 -11.38
CA SER K 38 -91.80 3.54 -11.78
C SER K 38 -90.68 2.58 -11.43
N VAL K 39 -89.71 2.45 -12.33
CA VAL K 39 -88.57 1.56 -12.14
C VAL K 39 -87.31 2.41 -12.27
N GLY K 40 -86.58 2.57 -11.16
CA GLY K 40 -85.33 3.28 -11.16
C GLY K 40 -84.20 2.43 -11.67
N LEU K 41 -83.05 3.07 -11.88
CA LEU K 41 -81.93 2.35 -12.47
C LEU K 41 -81.35 1.33 -11.49
N ASP K 42 -81.21 1.68 -10.22
CA ASP K 42 -80.52 0.79 -9.29
C ASP K 42 -81.47 -0.10 -8.50
N ASP K 43 -82.73 -0.21 -8.91
CA ASP K 43 -83.72 -0.92 -8.12
C ASP K 43 -83.41 -2.42 -8.02
N LEU K 44 -83.76 -2.99 -6.88
CA LEU K 44 -83.60 -4.42 -6.62
C LEU K 44 -84.96 -5.07 -6.72
N VAL K 45 -85.07 -6.13 -7.52
CA VAL K 45 -86.35 -6.78 -7.78
C VAL K 45 -86.21 -8.29 -7.63
N VAL K 46 -87.35 -8.94 -7.60
CA VAL K 46 -87.45 -10.40 -7.58
C VAL K 46 -88.61 -10.81 -8.47
N VAL K 47 -88.42 -11.88 -9.23
CA VAL K 47 -89.46 -12.48 -10.05
C VAL K 47 -89.46 -13.98 -9.76
N GLU K 48 -90.65 -14.58 -9.72
CA GLU K 48 -90.78 -15.99 -9.44
C GLU K 48 -91.39 -16.72 -10.62
N THR K 49 -90.74 -17.79 -11.05
CA THR K 49 -91.21 -18.62 -12.15
C THR K 49 -91.58 -19.99 -11.61
N ARG K 50 -92.36 -20.71 -12.40
CA ARG K 50 -92.82 -22.06 -12.07
C ARG K 50 -92.16 -23.06 -13.00
N LYS K 51 -91.48 -24.05 -12.43
CA LYS K 51 -90.90 -25.11 -13.24
C LYS K 51 -92.01 -25.92 -13.90
N PRO K 52 -91.69 -26.68 -14.95
CA PRO K 52 -92.69 -27.61 -15.51
C PRO K 52 -93.24 -28.59 -14.49
N ASP K 53 -92.38 -29.17 -13.64
CA ASP K 53 -92.89 -30.09 -12.63
C ASP K 53 -93.66 -29.37 -11.51
N GLY K 54 -93.73 -28.03 -11.53
CA GLY K 54 -94.48 -27.28 -10.55
C GLY K 54 -93.65 -26.58 -9.49
N THR K 55 -92.38 -26.95 -9.31
CA THR K 55 -91.56 -26.34 -8.28
C THR K 55 -91.24 -24.89 -8.65
N PRO K 56 -91.32 -23.96 -7.70
CA PRO K 56 -90.97 -22.57 -7.99
C PRO K 56 -89.48 -22.31 -7.85
N VAL K 57 -88.99 -21.39 -8.67
CA VAL K 57 -87.63 -20.91 -8.61
C VAL K 57 -87.68 -19.39 -8.64
N ARG K 58 -86.97 -18.76 -7.71
CA ARG K 58 -87.00 -17.31 -7.58
C ARG K 58 -85.73 -16.70 -8.16
N PHE K 59 -85.89 -15.59 -8.86
CA PHE K 59 -84.75 -14.87 -9.43
C PHE K 59 -84.69 -13.51 -8.76
N TYR K 60 -83.57 -13.25 -8.09
CA TYR K 60 -83.32 -11.96 -7.46
C TYR K 60 -82.34 -11.20 -8.29
N GLY K 61 -82.58 -9.90 -8.46
CA GLY K 61 -81.74 -9.14 -9.35
C GLY K 61 -81.78 -7.66 -9.07
N LEU K 62 -81.03 -6.94 -9.88
CA LEU K 62 -80.89 -5.51 -9.79
C LEU K 62 -81.07 -4.94 -11.19
N VAL K 63 -81.76 -3.80 -11.28
CA VAL K 63 -81.87 -3.13 -12.57
C VAL K 63 -80.53 -2.51 -12.91
N ASP K 64 -80.10 -2.65 -14.18
CA ASP K 64 -78.93 -1.92 -14.64
C ASP K 64 -79.17 -1.17 -15.94
N ASN K 65 -80.26 -1.44 -16.64
CA ASN K 65 -80.66 -0.68 -17.79
C ASN K 65 -82.15 -0.41 -17.68
N VAL K 66 -82.57 0.75 -18.18
CA VAL K 66 -83.97 1.14 -18.18
C VAL K 66 -84.17 2.14 -19.31
N ARG K 67 -85.28 2.00 -20.03
CA ARG K 67 -85.47 2.77 -21.25
C ARG K 67 -86.96 2.98 -21.49
N LYS K 68 -87.27 3.99 -22.29
CA LYS K 68 -88.63 4.20 -22.78
C LYS K 68 -88.58 4.42 -24.27
N ARG K 69 -89.55 3.83 -24.98
CA ARG K 69 -89.59 3.85 -26.44
C ARG K 69 -91.00 4.20 -26.89
N HIS K 70 -91.10 4.66 -28.13
CA HIS K 70 -92.38 4.82 -28.80
C HIS K 70 -92.56 3.67 -29.76
N GLU K 71 -93.65 2.92 -29.60
CA GLU K 71 -93.90 1.74 -30.40
C GLU K 71 -94.60 2.15 -31.69
N GLY K 72 -93.88 2.06 -32.80
CA GLY K 72 -94.51 2.21 -34.10
C GLY K 72 -94.80 3.61 -34.59
N VAL K 73 -94.01 4.57 -34.08
CA VAL K 73 -94.07 5.97 -34.60
C VAL K 73 -92.87 5.98 -35.53
N THR K 74 -93.10 5.64 -36.80
CA THR K 74 -92.04 5.45 -37.81
C THR K 74 -91.27 6.72 -38.18
N PHE K 75 -91.94 7.86 -38.31
CA PHE K 75 -91.20 9.08 -38.72
C PHE K 75 -90.85 9.92 -37.49
N GLU K 76 -89.57 10.27 -37.35
CA GLU K 76 -89.11 10.96 -36.15
C GLU K 76 -89.89 12.24 -35.89
N SER K 77 -90.28 12.96 -36.94
CA SER K 77 -90.98 14.22 -36.76
C SER K 77 -92.45 14.04 -36.43
N ASP K 78 -92.92 12.80 -36.28
CA ASP K 78 -94.31 12.55 -35.94
C ASP K 78 -94.65 12.93 -34.51
N VAL K 79 -93.66 13.24 -33.66
CA VAL K 79 -93.90 13.27 -32.22
C VAL K 79 -94.93 14.32 -31.84
N GLU K 80 -94.84 15.52 -32.44
CA GLU K 80 -95.83 16.57 -32.19
C GLU K 80 -97.25 16.07 -32.52
N ASP K 81 -97.43 15.46 -33.70
CA ASP K 81 -98.69 14.82 -34.04
C ASP K 81 -99.07 13.77 -33.01
N VAL K 82 -98.09 12.94 -32.62
CA VAL K 82 -98.35 11.81 -31.72
C VAL K 82 -98.90 12.29 -30.38
N VAL K 83 -98.28 13.32 -29.80
CA VAL K 83 -98.64 13.76 -28.45
C VAL K 83 -100.04 14.34 -28.37
N ALA K 84 -100.60 14.82 -29.49
CA ALA K 84 -101.97 15.33 -29.48
C ALA K 84 -103.00 14.21 -29.39
N GLY K 85 -102.62 12.97 -29.70
CA GLY K 85 -103.53 11.86 -29.75
C GLY K 85 -103.94 11.47 -31.16
N LEU K 86 -103.51 12.22 -32.17
CA LEU K 86 -103.89 11.91 -33.55
C LEU K 86 -103.33 10.57 -33.98
N LEU K 87 -102.03 10.39 -33.81
CA LEU K 87 -101.35 9.18 -34.23
C LEU K 87 -101.26 8.18 -33.08
N PRO K 88 -101.48 6.90 -33.36
CA PRO K 88 -101.50 5.88 -32.29
C PRO K 88 -100.08 5.54 -31.86
N ALA K 89 -99.74 5.90 -30.62
CA ALA K 89 -98.42 5.59 -30.08
C ALA K 89 -98.56 5.04 -28.68
N SER K 90 -98.08 3.82 -28.49
CA SER K 90 -98.01 3.20 -27.17
C SER K 90 -96.59 3.32 -26.63
N VAL K 91 -96.45 3.72 -25.38
CA VAL K 91 -95.15 3.86 -24.74
C VAL K 91 -94.73 2.50 -24.18
N SER K 92 -93.47 2.12 -24.42
CA SER K 92 -92.90 0.89 -23.90
C SER K 92 -91.86 1.26 -22.84
N TYR K 93 -92.19 1.02 -21.59
CA TYR K 93 -91.29 1.22 -20.46
C TYR K 93 -90.74 -0.17 -20.10
N ALA K 94 -89.43 -0.35 -20.27
CA ALA K 94 -88.80 -1.66 -20.10
C ALA K 94 -87.51 -1.52 -19.31
N ALA K 95 -87.22 -2.52 -18.48
CA ALA K 95 -86.07 -2.52 -17.58
C ALA K 95 -85.28 -3.82 -17.71
N ARG K 96 -83.95 -3.72 -17.64
CA ARG K 96 -83.10 -4.89 -17.67
C ARG K 96 -82.70 -5.27 -16.24
N VAL K 97 -82.72 -6.57 -15.96
CA VAL K 97 -82.44 -7.07 -14.62
C VAL K 97 -81.17 -7.91 -14.68
N LEU K 98 -80.15 -7.48 -13.94
CA LEU K 98 -78.92 -8.25 -13.78
C LEU K 98 -79.09 -9.15 -12.56
N VAL K 99 -79.22 -10.46 -12.80
CA VAL K 99 -79.59 -11.39 -11.74
C VAL K 99 -78.46 -11.52 -10.73
N THR K 100 -78.77 -11.34 -9.46
CA THR K 100 -77.79 -11.52 -8.41
C THR K 100 -77.88 -12.87 -7.74
N ARG K 101 -79.06 -13.51 -7.75
CA ARG K 101 -79.27 -14.74 -7.03
C ARG K 101 -80.48 -15.50 -7.57
N VAL K 102 -80.39 -16.84 -7.55
CA VAL K 102 -81.52 -17.77 -7.87
C VAL K 102 -81.81 -18.50 -6.55
N ASP K 103 -83.02 -18.37 -5.98
CA ASP K 103 -83.25 -18.95 -4.62
C ASP K 103 -83.00 -20.46 -4.63
N PRO K 104 -83.56 -21.22 -5.58
CA PRO K 104 -83.26 -22.64 -5.74
C PRO K 104 -82.19 -22.52 -6.83
N GLU K 105 -81.01 -23.11 -6.63
CA GLU K 105 -79.93 -22.84 -7.61
C GLU K 105 -80.06 -23.71 -8.87
N ASN K 106 -81.04 -23.38 -9.72
CA ASN K 106 -81.24 -24.03 -11.04
C ASN K 106 -81.11 -22.92 -12.07
N PHE K 107 -80.18 -23.06 -13.02
CA PHE K 107 -79.98 -21.98 -14.02
C PHE K 107 -80.90 -22.23 -15.22
N ILE K 108 -82.15 -21.81 -15.08
CA ILE K 108 -83.16 -21.96 -16.13
C ILE K 108 -83.75 -20.58 -16.43
N PRO K 109 -84.37 -20.36 -17.59
CA PRO K 109 -84.93 -19.04 -17.89
C PRO K 109 -86.28 -18.87 -17.23
N PRO K 110 -86.58 -17.70 -16.69
CA PRO K 110 -87.95 -17.39 -16.29
C PRO K 110 -88.85 -17.36 -17.52
N GLN K 111 -90.12 -17.61 -17.29
CA GLN K 111 -91.03 -17.61 -18.44
C GLN K 111 -91.52 -16.20 -18.74
N PRO K 112 -91.65 -15.84 -20.01
CA PRO K 112 -92.25 -14.55 -20.34
C PRO K 112 -93.63 -14.43 -19.73
N GLY K 113 -93.92 -13.26 -19.17
CA GLY K 113 -95.16 -13.02 -18.47
C GLY K 113 -95.12 -13.29 -16.98
N ASP K 114 -94.04 -13.86 -16.47
CA ASP K 114 -93.89 -13.98 -15.03
C ASP K 114 -93.95 -12.59 -14.39
N HIS K 115 -94.34 -12.56 -13.11
CA HIS K 115 -94.56 -11.30 -12.42
C HIS K 115 -93.27 -10.80 -11.77
N VAL K 116 -92.89 -9.57 -12.09
CA VAL K 116 -91.76 -8.89 -11.47
C VAL K 116 -92.30 -7.99 -10.38
N ARG K 117 -91.63 -7.98 -9.22
CA ARG K 117 -92.03 -7.14 -8.10
C ARG K 117 -90.80 -6.64 -7.38
N HIS K 118 -90.97 -5.53 -6.66
CA HIS K 118 -89.88 -4.96 -5.88
C HIS K 118 -89.54 -5.86 -4.70
N ALA K 119 -88.25 -6.16 -4.55
CA ALA K 119 -87.77 -6.87 -3.36
C ALA K 119 -87.91 -5.95 -2.16
N ALA K 120 -88.78 -6.32 -1.23
CA ALA K 120 -89.14 -5.41 -0.13
C ALA K 120 -88.90 -6.00 1.24
N GLY K 121 -89.24 -7.26 1.47
CA GLY K 121 -89.12 -7.83 2.80
C GLY K 121 -87.99 -8.85 2.89
N ARG K 122 -88.35 -10.08 3.23
CA ARG K 122 -87.40 -11.18 3.16
C ARG K 122 -86.79 -11.29 1.77
N GLU K 123 -87.55 -10.88 0.74
CA GLU K 123 -87.04 -10.90 -0.63
C GLU K 123 -85.83 -9.99 -0.77
N LEU K 124 -85.90 -8.78 -0.19
CA LEU K 124 -84.75 -7.89 -0.22
C LEU K 124 -83.54 -8.54 0.44
N ALA K 125 -83.76 -9.24 1.55
CA ALA K 125 -82.66 -9.90 2.25
C ALA K 125 -82.05 -10.99 1.38
N MET K 126 -82.89 -11.76 0.68
CA MET K 126 -82.37 -12.78 -0.23
C MET K 126 -81.64 -12.15 -1.41
N ALA K 127 -82.12 -11.00 -1.88
CA ALA K 127 -81.43 -10.31 -2.97
C ALA K 127 -80.06 -9.83 -2.54
N LEU K 128 -79.94 -9.34 -1.31
CA LEU K 128 -78.70 -8.80 -0.78
C LEU K 128 -77.95 -9.81 0.07
N SER K 129 -78.27 -11.10 -0.05
CA SER K 129 -77.50 -12.17 0.58
C SER K 129 -77.25 -11.88 2.06
N ALA K 130 -78.25 -11.29 2.72
CA ALA K 130 -78.15 -11.00 4.14
C ALA K 130 -78.16 -12.28 4.98
N ASP K 131 -78.72 -13.36 4.46
CA ASP K 131 -78.69 -14.62 5.19
C ASP K 131 -77.26 -15.14 5.36
N LYS K 132 -76.38 -14.85 4.41
CA LYS K 132 -74.98 -15.17 4.60
C LYS K 132 -74.35 -14.30 5.68
N MET K 133 -74.85 -13.07 5.83
CA MET K 133 -74.25 -12.12 6.77
C MET K 133 -74.64 -12.45 8.20
N GLU K 134 -75.88 -12.91 8.42
CA GLU K 134 -76.35 -13.35 9.73
C GLU K 134 -76.26 -12.14 10.67
N GLU K 135 -75.75 -12.29 11.89
CA GLU K 135 -75.66 -11.17 12.83
C GLU K 135 -74.67 -10.11 12.38
N ALA K 136 -73.80 -10.41 11.43
CA ALA K 136 -72.72 -9.51 11.05
C ALA K 136 -73.18 -8.39 10.12
N ALA K 137 -74.44 -8.39 9.72
CA ALA K 137 -74.97 -7.31 8.90
C ALA K 137 -75.18 -6.08 9.76
N PHE K 138 -74.81 -4.92 9.22
CA PHE K 138 -74.94 -3.65 9.92
C PHE K 138 -75.15 -2.56 8.89
N PRO K 139 -75.64 -1.40 9.29
CA PRO K 139 -76.07 -0.38 8.30
C PRO K 139 -74.91 0.13 7.46
N GLY K 140 -75.04 -0.03 6.15
CA GLY K 140 -74.05 0.50 5.23
C GLY K 140 -74.59 1.60 4.33
N GLY K 141 -75.83 2.03 4.54
CA GLY K 141 -76.43 3.08 3.74
C GLY K 141 -77.92 2.90 3.56
N LEU K 142 -78.57 3.85 2.87
CA LEU K 142 -80.00 3.77 2.53
C LEU K 142 -80.10 3.57 1.02
N LEU K 143 -80.68 2.45 0.61
CA LEU K 143 -80.67 2.11 -0.81
C LEU K 143 -81.70 2.94 -1.58
N ALA K 144 -82.97 2.76 -1.23
CA ALA K 144 -84.06 3.32 -2.03
C ALA K 144 -85.36 3.23 -1.26
N ASP K 145 -86.03 4.37 -1.11
CA ASP K 145 -87.28 4.49 -0.34
C ASP K 145 -87.09 3.99 1.09
N GLY K 146 -85.85 4.03 1.57
CA GLY K 146 -85.56 3.95 2.97
C GLY K 146 -85.17 2.60 3.52
N GLN K 147 -84.70 1.68 2.67
CA GLN K 147 -84.31 0.48 3.39
C GLN K 147 -82.80 0.43 3.55
N PRO K 148 -82.32 -0.03 4.71
CA PRO K 148 -80.88 -0.08 4.93
C PRO K 148 -80.22 -1.19 4.13
N LEU K 149 -78.98 -0.93 3.71
CA LEU K 149 -78.18 -1.91 3.01
C LEU K 149 -77.33 -2.68 4.01
N PRO K 150 -77.46 -4.01 4.11
CA PRO K 150 -76.64 -4.77 5.05
C PRO K 150 -75.20 -4.90 4.56
N LEU K 151 -74.27 -4.48 5.40
CA LEU K 151 -72.84 -4.68 5.18
C LEU K 151 -72.35 -5.81 6.07
N ASN K 152 -71.58 -6.74 5.50
CA ASN K 152 -71.07 -7.87 6.27
C ASN K 152 -69.81 -7.43 7.02
N PHE K 153 -69.91 -7.28 8.34
CA PHE K 153 -68.77 -6.83 9.11
C PHE K 153 -67.67 -7.88 9.16
N ARG K 154 -68.03 -9.15 8.94
CA ARG K 154 -67.01 -10.20 8.89
C ARG K 154 -66.01 -9.98 7.77
N PHE K 155 -66.39 -9.25 6.73
CA PHE K 155 -65.48 -8.88 5.64
C PHE K 155 -64.78 -7.56 5.90
N ILE K 156 -64.99 -6.96 7.07
CA ILE K 156 -64.31 -5.73 7.44
C ILE K 156 -63.35 -5.94 8.61
N ASN K 157 -63.70 -6.81 9.55
CA ASN K 157 -62.93 -6.95 10.79
C ASN K 157 -61.84 -8.01 10.71
N GLY K 158 -61.87 -8.75 9.59
CA GLY K 158 -60.82 -9.72 9.24
C GLY K 158 -61.16 -11.19 9.26
N GLU K 159 -62.35 -11.62 9.67
CA GLU K 159 -62.56 -13.08 9.74
C GLU K 159 -62.45 -13.70 8.36
N SER K 160 -63.19 -13.17 7.38
CA SER K 160 -63.12 -13.66 5.99
C SER K 160 -62.84 -12.53 5.00
N GLY K 161 -62.89 -11.29 5.48
CA GLY K 161 -62.70 -10.10 4.64
C GLY K 161 -61.71 -9.13 5.23
N GLY K 162 -61.14 -8.28 4.37
CA GLY K 162 -60.09 -7.32 4.71
C GLY K 162 -60.62 -6.02 5.28
N HIS K 163 -60.28 -4.92 4.61
CA HIS K 163 -60.55 -3.53 5.03
C HIS K 163 -61.49 -2.87 4.04
N ILE K 164 -61.41 -1.55 3.91
CA ILE K 164 -62.32 -0.80 3.00
C ILE K 164 -61.51 0.17 2.16
N ASN K 165 -61.73 0.23 0.86
CA ASN K 165 -61.03 1.23 0.01
C ASN K 165 -62.08 2.06 -0.71
N ILE K 166 -62.08 3.37 -0.51
CA ILE K 166 -63.12 4.28 -1.07
C ILE K 166 -62.50 5.18 -2.15
N SER K 167 -63.12 5.23 -3.32
CA SER K 167 -62.52 6.07 -4.39
C SER K 167 -63.59 7.00 -4.95
N GLY K 168 -63.14 8.08 -5.58
CA GLY K 168 -64.06 9.07 -6.17
C GLY K 168 -63.37 10.42 -6.27
N ILE K 169 -64.01 11.38 -6.94
CA ILE K 169 -63.38 12.72 -7.11
C ILE K 169 -63.32 13.37 -5.76
N SER K 170 -62.22 14.04 -5.45
CA SER K 170 -62.04 14.70 -4.13
C SER K 170 -62.88 15.98 -4.11
N GLY K 171 -63.61 16.21 -3.03
CA GLY K 171 -64.42 17.42 -2.83
C GLY K 171 -65.82 17.26 -3.39
N VAL K 172 -66.09 16.13 -4.03
CA VAL K 172 -67.40 15.85 -4.66
C VAL K 172 -67.85 14.50 -4.12
N ALA K 173 -67.21 13.42 -4.51
CA ALA K 173 -67.61 12.14 -3.92
C ALA K 173 -67.23 12.32 -2.47
N THR K 174 -68.15 12.15 -1.54
CA THR K 174 -67.77 12.50 -0.16
C THR K 174 -67.13 11.31 0.55
N LYS K 175 -65.92 10.92 0.14
CA LYS K 175 -65.23 9.74 0.72
C LYS K 175 -64.87 9.95 2.19
N THR K 176 -64.33 11.10 2.58
CA THR K 176 -63.94 11.23 4.01
C THR K 176 -65.18 11.14 4.88
N SER K 177 -66.26 11.82 4.50
CA SER K 177 -67.50 11.78 5.31
C SER K 177 -68.07 10.36 5.36
N TYR K 178 -67.97 9.62 4.26
CA TYR K 178 -68.48 8.24 4.29
C TYR K 178 -67.66 7.42 5.27
N ALA K 179 -66.34 7.59 5.27
CA ALA K 179 -65.50 6.78 6.17
C ALA K 179 -65.90 7.06 7.61
N LEU K 180 -66.08 8.33 7.96
CA LEU K 180 -66.55 8.64 9.32
C LEU K 180 -67.95 8.04 9.48
N PHE K 181 -68.81 8.15 8.47
CA PHE K 181 -70.17 7.56 8.60
C PHE K 181 -70.04 6.06 8.81
N LEU K 182 -69.16 5.38 8.08
CA LEU K 182 -69.00 3.94 8.33
C LEU K 182 -68.51 3.75 9.76
N LEU K 183 -67.55 4.55 10.22
CA LEU K 183 -67.04 4.37 11.60
C LEU K 183 -68.17 4.55 12.59
N HIS K 184 -68.96 5.59 12.39
CA HIS K 184 -70.09 5.82 13.33
C HIS K 184 -71.05 4.65 13.25
N SER K 185 -71.34 4.14 12.05
CA SER K 185 -72.26 2.99 11.99
C SER K 185 -71.64 1.81 12.72
N ILE K 186 -70.36 1.57 12.49
CA ILE K 186 -69.72 0.35 13.07
C ILE K 186 -69.79 0.41 14.59
N PHE K 187 -69.44 1.54 15.17
CA PHE K 187 -69.45 1.64 16.64
C PHE K 187 -70.86 1.62 17.19
N ARG K 188 -71.79 2.36 16.58
CA ARG K 188 -73.13 2.49 17.20
C ARG K 188 -74.15 1.43 16.76
N SER K 189 -73.87 0.60 15.76
CA SER K 189 -74.92 -0.37 15.39
C SER K 189 -74.93 -1.57 16.34
N GLY K 190 -73.87 -1.78 17.10
CA GLY K 190 -73.80 -2.95 18.01
C GLY K 190 -73.31 -4.18 17.30
N VAL K 191 -72.95 -4.02 16.02
CA VAL K 191 -72.48 -5.16 15.17
C VAL K 191 -71.07 -5.54 15.59
N MET K 192 -70.35 -4.65 16.28
CA MET K 192 -69.00 -4.97 16.81
C MET K 192 -69.13 -6.04 17.88
N ASP K 193 -70.21 -5.95 18.67
CA ASP K 193 -70.54 -6.89 19.76
C ASP K 193 -71.10 -8.20 19.20
N ARG K 194 -72.10 -8.16 18.33
CA ARG K 194 -72.66 -9.47 17.91
C ARG K 194 -71.64 -10.27 17.14
N THR K 195 -70.98 -9.66 16.15
CA THR K 195 -69.95 -10.38 15.36
C THR K 195 -68.66 -10.43 16.17
N ALA K 196 -68.70 -9.94 17.40
CA ALA K 196 -67.51 -9.85 18.29
C ALA K 196 -67.51 -11.05 19.23
N GLN K 197 -68.32 -12.06 18.96
CA GLN K 197 -68.37 -13.23 19.88
C GLN K 197 -67.23 -14.20 19.57
N GLY K 198 -66.00 -13.82 19.93
CA GLY K 198 -64.86 -14.74 19.76
C GLY K 198 -65.05 -15.94 20.68
N SER K 199 -65.51 -15.67 21.90
CA SER K 199 -65.75 -16.69 22.95
C SER K 199 -66.53 -16.05 24.11
N GLY K 200 -66.64 -16.74 25.24
CA GLY K 200 -67.37 -16.22 26.41
C GLY K 200 -66.79 -14.93 26.98
N GLY K 201 -65.47 -14.85 27.16
CA GLY K 201 -64.86 -13.61 27.67
C GLY K 201 -63.64 -13.18 26.87
N ARG K 202 -63.38 -13.84 25.74
CA ARG K 202 -62.16 -13.64 24.91
C ARG K 202 -62.07 -12.26 24.24
N GLN K 203 -63.07 -11.86 23.46
CA GLN K 203 -62.87 -10.63 22.64
C GLN K 203 -63.52 -9.43 23.30
N SER K 204 -62.83 -8.29 23.26
CA SER K 204 -63.33 -7.08 23.95
C SER K 204 -64.70 -6.69 23.40
N GLY K 205 -64.90 -6.77 22.08
CA GLY K 205 -66.22 -6.40 21.54
C GLY K 205 -66.26 -4.92 21.23
N THR K 206 -67.46 -4.33 21.19
CA THR K 206 -67.62 -2.90 20.84
C THR K 206 -66.90 -2.00 21.82
N ALA K 207 -66.89 -2.36 23.09
CA ALA K 207 -66.25 -1.51 24.12
C ALA K 207 -64.75 -1.37 23.85
N GLY K 208 -64.10 -2.43 23.39
CA GLY K 208 -62.66 -2.36 23.14
C GLY K 208 -62.32 -1.79 21.77
N GLY K 209 -63.32 -1.48 20.95
CA GLY K 209 -62.96 -0.93 19.64
C GLY K 209 -62.26 0.40 19.80
N ARG K 210 -61.23 0.64 19.00
CA ARG K 210 -60.50 1.93 19.03
C ARG K 210 -60.32 2.42 17.60
N ALA K 211 -60.15 3.72 17.38
CA ALA K 211 -59.98 4.21 15.99
C ALA K 211 -58.92 5.31 15.96
N LEU K 212 -58.19 5.41 14.86
CA LEU K 212 -57.15 6.46 14.73
C LEU K 212 -57.36 7.19 13.40
N ILE K 213 -57.39 8.52 13.41
CA ILE K 213 -57.58 9.32 12.16
C ILE K 213 -56.65 10.53 12.22
N PHE K 214 -56.28 11.11 11.07
CA PHE K 214 -55.37 12.28 11.10
C PHE K 214 -56.01 13.49 10.42
N ASN K 215 -56.03 14.63 11.09
CA ASN K 215 -56.65 15.85 10.53
C ASN K 215 -55.67 16.58 9.63
N VAL K 216 -55.40 16.03 8.44
CA VAL K 216 -54.46 16.60 7.44
C VAL K 216 -54.94 17.91 6.78
N LYS K 217 -56.23 17.99 6.41
CA LYS K 217 -56.76 19.17 5.66
C LYS K 217 -57.43 20.19 6.58
N GLY K 218 -56.67 20.97 7.34
CA GLY K 218 -57.32 22.00 8.17
C GLY K 218 -58.05 21.47 9.39
N GLU K 219 -58.98 22.28 9.90
CA GLU K 219 -59.75 22.01 11.14
C GLU K 219 -61.01 21.18 10.85
N ASP K 220 -61.20 20.74 9.61
CA ASP K 220 -62.43 20.01 9.23
C ASP K 220 -62.60 18.77 10.09
N LEU K 221 -61.52 18.02 10.34
CA LEU K 221 -61.61 16.76 11.13
C LEU K 221 -61.71 17.01 12.63
N LEU K 222 -61.61 18.27 13.06
CA LEU K 222 -61.77 18.59 14.51
C LEU K 222 -63.27 18.77 14.79
N PHE K 223 -63.62 18.93 16.06
CA PHE K 223 -65.04 19.12 16.49
C PHE K 223 -65.89 17.92 16.06
N LEU K 224 -65.32 16.72 16.09
CA LEU K 224 -66.14 15.52 15.76
C LEU K 224 -67.06 15.26 16.95
N ASP K 225 -66.61 15.67 18.14
CA ASP K 225 -67.36 15.54 19.41
C ASP K 225 -68.60 16.43 19.40
N LYS K 226 -68.45 17.67 18.97
CA LYS K 226 -69.54 18.67 18.97
C LYS K 226 -70.54 18.37 17.86
N PRO K 227 -71.86 18.33 18.14
CA PRO K 227 -72.87 18.04 17.13
C PRO K 227 -72.94 19.10 16.02
N ASN K 228 -73.18 18.65 14.78
CA ASN K 228 -73.29 19.53 13.61
C ASN K 228 -74.66 20.20 13.61
N ALA K 229 -74.72 21.47 14.01
CA ALA K 229 -76.01 22.19 14.06
C ALA K 229 -76.70 22.09 12.71
N ARG K 230 -76.00 22.51 11.65
CA ARG K 230 -76.59 22.54 10.29
C ARG K 230 -77.28 21.24 9.86
N MET K 231 -76.94 20.09 10.43
CA MET K 231 -77.52 18.81 9.93
C MET K 231 -79.03 18.78 10.02
N VAL K 232 -79.65 19.37 11.04
CA VAL K 232 -81.12 19.27 11.14
C VAL K 232 -81.74 19.92 9.91
N GLU K 233 -81.24 21.07 9.47
CA GLU K 233 -81.86 21.72 8.29
C GLU K 233 -81.71 20.87 7.03
N LYS K 234 -80.52 20.35 6.76
CA LYS K 234 -80.24 19.62 5.49
C LYS K 234 -81.02 18.32 5.38
N GLU K 235 -81.09 17.53 6.43
CA GLU K 235 -81.79 16.22 6.29
C GLU K 235 -83.27 16.42 5.96
N ASP K 236 -83.92 17.38 6.62
CA ASP K 236 -85.37 17.55 6.39
C ASP K 236 -85.62 17.88 4.93
N LYS K 237 -84.81 18.77 4.34
CA LYS K 237 -84.98 19.12 2.91
C LYS K 237 -84.83 17.84 2.08
N VAL K 238 -83.83 17.02 2.40
CA VAL K 238 -83.73 15.74 1.66
C VAL K 238 -84.95 14.91 1.99
N VAL K 239 -85.35 14.86 3.26
CA VAL K 239 -86.47 13.94 3.64
C VAL K 239 -87.73 14.34 2.88
N ARG K 240 -88.00 15.63 2.82
CA ARG K 240 -89.21 16.06 2.07
C ARG K 240 -89.04 15.69 0.60
N ALA K 241 -87.84 15.87 0.05
CA ALA K 241 -87.57 15.62 -1.39
C ALA K 241 -87.82 14.17 -1.78
N LYS K 242 -87.40 13.21 -0.96
CA LYS K 242 -87.61 11.79 -1.36
C LYS K 242 -88.83 11.22 -0.64
N GLY K 243 -89.51 12.04 0.15
CA GLY K 243 -90.72 11.60 0.85
C GLY K 243 -90.48 10.39 1.74
N LEU K 244 -89.36 10.38 2.44
CA LEU K 244 -89.04 9.25 3.36
C LEU K 244 -89.94 9.32 4.60
N SER K 245 -90.17 8.16 5.21
CA SER K 245 -91.03 8.07 6.41
C SER K 245 -90.43 8.86 7.57
N ALA K 246 -89.11 8.78 7.77
CA ALA K 246 -88.49 9.47 8.92
C ALA K 246 -87.06 9.89 8.55
N ASP K 247 -86.36 10.50 9.50
CA ASP K 247 -84.95 10.91 9.25
C ASP K 247 -84.14 9.65 9.02
N ARG K 248 -83.12 9.75 8.20
CA ARG K 248 -82.34 8.55 7.82
C ARG K 248 -81.73 7.90 9.06
N TYR K 249 -81.16 8.69 9.95
CA TYR K 249 -80.48 8.19 11.17
C TYR K 249 -81.43 7.24 11.90
N ALA K 250 -82.71 7.50 11.76
CA ALA K 250 -83.69 6.55 12.32
C ALA K 250 -83.89 5.38 11.34
N LEU K 251 -83.97 5.67 10.05
CA LEU K 251 -84.23 4.58 9.09
C LEU K 251 -83.08 3.58 9.15
N LEU K 252 -81.85 4.05 9.25
CA LEU K 252 -80.68 3.14 9.38
C LEU K 252 -80.76 2.44 10.72
N GLY K 253 -81.13 3.16 11.77
CA GLY K 253 -81.18 2.52 13.09
C GLY K 253 -79.98 3.00 13.87
N LEU K 254 -79.36 4.04 13.36
CA LEU K 254 -78.16 4.64 13.99
C LEU K 254 -78.59 5.94 14.65
N PRO K 255 -78.06 6.26 15.84
CA PRO K 255 -78.41 7.49 16.52
C PRO K 255 -77.78 8.69 15.84
N ALA K 256 -78.42 9.85 15.88
CA ALA K 256 -77.81 11.06 15.29
C ALA K 256 -76.99 11.77 16.37
N GLU K 257 -75.83 11.25 16.76
CA GLU K 257 -75.06 11.93 17.81
C GLU K 257 -73.57 11.88 17.47
N PRO K 258 -72.75 12.84 17.93
CA PRO K 258 -71.31 12.90 17.64
C PRO K 258 -70.46 11.80 18.28
N PHE K 259 -69.23 11.61 17.84
CA PHE K 259 -68.40 10.50 18.38
C PHE K 259 -68.27 10.65 19.88
N ARG K 260 -68.52 9.57 20.61
CA ARG K 260 -68.60 9.69 22.08
C ARG K 260 -67.26 9.95 22.78
N ASP K 261 -66.22 9.16 22.52
CA ASP K 261 -65.02 9.43 23.35
C ASP K 261 -63.91 9.93 22.43
N VAL K 262 -63.64 11.22 22.41
CA VAL K 262 -62.68 11.71 21.39
C VAL K 262 -61.47 12.38 22.03
N GLN K 263 -60.29 12.03 21.54
CA GLN K 263 -59.02 12.61 22.04
C GLN K 263 -58.41 13.38 20.88
N LEU K 264 -58.10 14.65 21.07
CA LEU K 264 -57.51 15.44 19.97
C LEU K 264 -56.07 15.71 20.35
N LEU K 265 -55.11 15.42 19.46
CA LEU K 265 -53.67 15.61 19.76
C LEU K 265 -53.09 16.65 18.82
N ALA K 266 -52.13 17.44 19.28
CA ALA K 266 -51.56 18.47 18.37
C ALA K 266 -50.10 18.82 18.68
N PRO K 267 -49.37 19.36 17.68
CA PRO K 267 -47.97 19.75 17.82
C PRO K 267 -47.87 21.05 18.65
N PRO K 268 -46.75 21.29 19.35
CA PRO K 268 -46.63 22.47 20.22
C PRO K 268 -46.21 23.85 19.68
N ARG K 269 -47.08 24.47 18.89
CA ARG K 269 -46.97 25.88 18.41
C ARG K 269 -45.66 26.20 17.69
N ALA K 270 -45.02 25.25 17.01
CA ALA K 270 -43.73 25.51 16.32
C ALA K 270 -42.81 26.24 17.29
N GLY K 271 -42.55 25.63 18.45
CA GLY K 271 -41.82 26.33 19.52
C GLY K 271 -40.48 26.87 19.07
N ALA K 272 -40.25 28.15 19.39
CA ALA K 272 -38.98 28.84 19.09
C ALA K 272 -38.36 29.26 20.43
N ALA K 273 -37.38 28.52 20.91
CA ALA K 273 -36.68 28.88 22.17
C ALA K 273 -37.67 29.11 23.33
N GLY K 274 -38.67 28.23 23.47
CA GLY K 274 -39.65 28.38 24.58
C GLY K 274 -39.96 27.08 25.30
N THR K 275 -39.85 27.05 26.63
CA THR K 275 -40.14 25.79 27.37
C THR K 275 -41.65 25.66 27.64
N ALA K 276 -42.42 26.71 27.36
CA ALA K 276 -43.89 26.59 27.45
C ALA K 276 -44.37 25.64 26.36
N ILE K 277 -45.28 24.73 26.68
CA ILE K 277 -45.81 23.81 25.63
C ILE K 277 -47.27 24.17 25.40
N VAL K 278 -47.59 24.73 24.23
CA VAL K 278 -48.97 25.17 23.89
C VAL K 278 -49.31 24.60 22.52
N PRO K 279 -50.47 23.98 22.26
CA PRO K 279 -50.78 23.44 20.93
C PRO K 279 -50.90 24.44 19.77
N GLN K 280 -50.70 23.97 18.54
CA GLN K 280 -50.70 24.79 17.29
C GLN K 280 -52.13 25.09 16.80
N THR K 281 -53.16 24.64 17.48
CA THR K 281 -54.50 24.87 16.90
C THR K 281 -55.08 26.27 17.17
N ASP K 282 -55.17 27.06 16.11
CA ASP K 282 -55.83 28.39 16.13
C ASP K 282 -57.35 28.21 16.20
N GLN K 283 -57.89 27.25 15.45
CA GLN K 283 -59.36 27.04 15.33
C GLN K 283 -60.04 26.63 16.64
N ARG K 284 -59.50 25.63 17.34
CA ARG K 284 -60.11 25.15 18.60
C ARG K 284 -59.02 24.99 19.66
N SER K 285 -59.19 25.63 20.82
CA SER K 285 -58.13 25.54 21.85
C SER K 285 -58.60 24.82 23.10
N GLU K 286 -59.87 24.38 23.16
CA GLU K 286 -60.35 23.72 24.40
C GLU K 286 -60.61 22.23 24.15
N GLY K 287 -60.02 21.37 24.97
CA GLY K 287 -60.17 19.91 24.83
C GLY K 287 -59.03 19.33 24.02
N VAL K 288 -58.23 20.17 23.39
CA VAL K 288 -57.08 19.63 22.61
C VAL K 288 -56.00 19.25 23.62
N THR K 289 -55.38 18.07 23.48
CA THR K 289 -54.26 17.69 24.36
C THR K 289 -53.00 17.71 23.48
N PRO K 290 -51.97 18.53 23.73
CA PRO K 290 -50.80 18.59 22.84
C PRO K 290 -49.91 17.35 22.92
N PHE K 291 -49.08 17.11 21.89
CA PHE K 291 -48.18 15.95 21.96
C PHE K 291 -46.79 16.32 21.47
N VAL K 292 -45.77 15.59 21.95
CA VAL K 292 -44.32 15.76 21.63
C VAL K 292 -43.63 14.41 21.77
N PHE K 293 -42.42 14.30 21.22
CA PHE K 293 -41.61 13.06 21.27
C PHE K 293 -40.26 13.34 21.94
N THR K 294 -39.89 12.54 22.93
CA THR K 294 -38.60 12.77 23.62
C THR K 294 -37.45 12.36 22.71
N ILE K 295 -36.30 13.00 22.86
CA ILE K 295 -35.09 12.65 22.08
C ILE K 295 -34.60 11.24 22.38
N ARG K 296 -34.63 10.87 23.66
CA ARG K 296 -34.19 9.53 24.07
C ARG K 296 -35.09 8.54 23.36
N GLU K 297 -36.38 8.84 23.30
CA GLU K 297 -37.33 7.89 22.67
C GLU K 297 -36.95 7.72 21.21
N PHE K 298 -36.66 8.83 20.54
CA PHE K 298 -36.31 8.83 19.09
C PHE K 298 -35.26 7.76 18.82
N CYS K 299 -34.21 7.74 19.65
CA CYS K 299 -33.15 6.72 19.45
C CYS K 299 -33.57 5.39 20.04
N ALA K 300 -34.20 5.40 21.21
CA ALA K 300 -34.56 4.14 21.87
C ALA K 300 -35.55 3.36 21.02
N ARG K 301 -36.52 4.06 20.44
CA ARG K 301 -37.62 3.44 19.67
C ARG K 301 -37.28 3.38 18.17
N ARG K 302 -36.04 3.68 17.80
CA ARG K 302 -35.59 3.58 16.39
C ARG K 302 -36.52 4.35 15.46
N MET K 303 -36.81 5.61 15.77
CA MET K 303 -37.71 6.37 14.87
C MET K 303 -36.88 7.05 13.77
N LEU K 304 -35.60 6.73 13.66
CA LEU K 304 -34.69 7.43 12.72
C LEU K 304 -35.09 7.23 11.26
N PRO K 305 -35.42 6.00 10.82
CA PRO K 305 -35.76 5.74 9.42
C PRO K 305 -36.99 6.51 8.97
N TYR K 306 -37.93 6.78 9.87
CA TYR K 306 -39.24 7.45 9.66
C TYR K 306 -39.14 8.92 9.24
N VAL K 307 -37.96 9.53 9.24
CA VAL K 307 -37.82 10.91 8.72
C VAL K 307 -37.48 10.85 7.24
N PHE K 308 -37.35 9.66 6.65
CA PHE K 308 -36.85 9.64 5.25
C PHE K 308 -37.87 9.18 4.21
N SER K 309 -39.14 9.12 4.60
CA SER K 309 -40.24 8.74 3.66
C SER K 309 -40.53 9.92 2.72
N ASP K 310 -40.29 11.15 3.18
CA ASP K 310 -40.53 12.34 2.32
C ASP K 310 -39.58 12.21 1.11
N ALA K 311 -38.54 11.40 1.27
CA ALA K 311 -37.56 11.18 0.18
C ALA K 311 -38.25 10.24 -0.80
N SER K 312 -38.23 10.59 -2.08
CA SER K 312 -39.00 9.76 -3.05
C SER K 312 -38.47 8.32 -3.01
N ALA K 313 -37.15 8.15 -3.13
CA ALA K 313 -36.56 6.79 -3.09
C ALA K 313 -35.43 6.74 -2.08
N SER K 314 -35.01 7.91 -1.61
CA SER K 314 -33.92 8.02 -0.61
C SER K 314 -32.73 7.15 -1.00
N LEU K 315 -32.39 7.07 -2.30
CA LEU K 315 -31.22 6.28 -2.81
C LEU K 315 -31.12 4.91 -2.14
N ASN K 316 -29.91 4.55 -1.73
CA ASN K 316 -29.65 3.31 -0.95
C ASN K 316 -28.92 3.74 0.32
N LEU K 317 -29.41 4.84 0.89
CA LEU K 317 -28.92 5.45 2.16
C LEU K 317 -29.40 4.56 3.30
N GLY K 318 -29.93 3.38 3.00
CA GLY K 318 -30.42 2.49 4.06
C GLY K 318 -29.28 2.13 4.98
N PHE K 319 -28.10 1.83 4.44
CA PHE K 319 -26.98 1.45 5.31
C PHE K 319 -26.67 2.60 6.26
N VAL K 320 -26.60 3.82 5.75
CA VAL K 320 -26.26 4.94 6.67
C VAL K 320 -27.40 5.09 7.66
N ILE K 321 -28.63 5.03 7.17
CA ILE K 321 -29.77 5.22 8.09
C ILE K 321 -29.77 4.09 9.12
N GLY K 322 -29.54 2.86 8.68
CA GLY K 322 -29.54 1.73 9.61
C GLY K 322 -28.41 1.81 10.62
N ASN K 323 -27.20 2.12 10.14
CA ASN K 323 -26.04 2.15 11.07
C ASN K 323 -26.27 3.24 12.10
N ILE K 324 -26.76 4.40 11.68
CA ILE K 324 -27.00 5.46 12.70
C ILE K 324 -28.09 4.99 13.67
N GLU K 325 -29.13 4.33 13.16
CA GLU K 325 -30.20 3.88 14.06
C GLU K 325 -29.61 2.92 15.08
N GLU K 326 -28.78 1.98 14.65
CA GLU K 326 -28.23 1.04 15.65
C GLU K 326 -27.37 1.82 16.64
N LYS K 327 -26.50 2.70 16.14
CA LYS K 327 -25.60 3.44 17.07
C LYS K 327 -26.44 4.24 18.03
N LEU K 328 -27.44 4.94 17.52
CA LEU K 328 -28.31 5.70 18.46
C LEU K 328 -29.04 4.67 19.35
N PHE K 329 -29.51 3.57 18.77
CA PHE K 329 -30.24 2.59 19.61
C PHE K 329 -29.33 2.07 20.70
N ARG K 330 -28.08 1.74 20.39
CA ARG K 330 -27.16 1.21 21.42
C ARG K 330 -26.93 2.29 22.48
N LEU K 331 -26.80 3.55 22.07
CA LEU K 331 -26.60 4.69 23.00
C LEU K 331 -27.81 4.77 23.94
N ALA K 332 -29.01 4.57 23.42
CA ALA K 332 -30.23 4.64 24.27
C ALA K 332 -30.15 3.61 25.38
N ALA K 333 -29.69 2.40 25.09
CA ALA K 333 -29.55 1.38 26.15
C ALA K 333 -28.51 1.84 27.18
N ALA K 334 -27.41 2.41 26.71
CA ALA K 334 -26.30 2.84 27.60
C ALA K 334 -26.72 3.96 28.56
N GLN K 335 -27.66 4.81 28.19
CA GLN K 335 -28.04 5.91 29.11
C GLN K 335 -28.58 5.32 30.41
N THR K 336 -28.17 5.89 31.54
CA THR K 336 -28.64 5.42 32.86
C THR K 336 -29.38 6.56 33.58
N GLY K 337 -29.61 7.67 32.89
CA GLY K 337 -30.23 8.86 33.49
C GLY K 337 -31.73 8.78 33.65
N LYS K 338 -32.30 9.74 34.37
CA LYS K 338 -33.76 9.89 34.54
C LYS K 338 -34.28 10.89 33.49
N GLY K 339 -33.37 11.52 32.75
CA GLY K 339 -33.73 12.53 31.75
C GLY K 339 -34.29 11.93 30.48
N THR K 340 -34.96 12.76 29.67
CA THR K 340 -35.54 12.35 28.38
C THR K 340 -34.62 12.77 27.23
N GLY K 341 -33.47 13.38 27.53
CA GLY K 341 -32.52 13.77 26.47
C GLY K 341 -31.52 12.66 26.21
N LEU K 342 -30.57 12.87 25.30
CA LEU K 342 -29.52 11.84 25.08
C LEU K 342 -28.18 12.44 25.50
N ILE K 343 -27.44 11.72 26.34
CA ILE K 343 -26.13 12.21 26.86
C ILE K 343 -25.02 11.46 26.14
N VAL K 344 -24.10 12.19 25.51
CA VAL K 344 -22.98 11.53 24.78
C VAL K 344 -21.67 12.15 25.27
N HIS K 345 -20.70 11.29 25.59
CA HIS K 345 -19.40 11.79 26.09
C HIS K 345 -18.35 11.81 24.97
N ASP K 346 -18.68 11.35 23.77
CA ASP K 346 -17.62 11.33 22.74
C ASP K 346 -17.65 12.59 21.89
N TRP K 347 -18.51 13.55 22.23
CA TRP K 347 -18.52 14.77 21.40
C TRP K 347 -17.67 15.86 22.02
N GLN K 348 -16.56 16.18 21.36
CA GLN K 348 -15.68 17.29 21.76
C GLN K 348 -15.73 18.23 20.57
N PHE K 349 -16.15 19.47 20.78
CA PHE K 349 -16.35 20.32 19.59
C PHE K 349 -15.42 21.51 19.57
N GLU K 350 -14.38 21.38 18.76
CA GLU K 350 -13.44 22.48 18.50
C GLU K 350 -13.44 22.57 16.98
N ASP K 351 -13.71 23.77 16.43
CA ASP K 351 -13.88 24.05 14.98
C ASP K 351 -15.09 23.26 14.43
N SER K 352 -16.13 23.05 15.24
CA SER K 352 -17.31 22.27 14.79
C SER K 352 -18.47 23.20 14.44
N GLU K 353 -18.26 24.52 14.49
CA GLU K 353 -19.33 25.49 14.17
C GLU K 353 -20.57 25.19 15.03
N THR K 354 -20.37 25.00 16.33
CA THR K 354 -21.47 24.73 17.29
C THR K 354 -21.31 25.69 18.46
N PRO K 355 -22.39 26.18 19.08
CA PRO K 355 -22.28 27.11 20.19
C PRO K 355 -21.64 26.38 21.37
N PRO K 356 -20.76 27.04 22.16
CA PRO K 356 -20.11 26.45 23.33
C PRO K 356 -20.90 26.82 24.58
N GLU K 357 -22.11 27.37 24.40
CA GLU K 357 -23.03 27.82 25.48
C GLU K 357 -23.67 26.63 26.20
N ASN K 358 -24.31 26.90 27.33
CA ASN K 358 -24.89 25.79 28.13
C ASN K 358 -25.86 24.96 27.29
N LEU K 359 -25.66 23.64 27.37
CA LEU K 359 -26.52 22.61 26.77
C LEU K 359 -26.90 21.69 27.93
N ASP K 360 -26.99 22.24 29.14
CA ASP K 360 -27.21 21.41 30.36
C ASP K 360 -26.13 20.32 30.35
N PHE K 361 -24.86 20.73 30.25
CA PHE K 361 -23.72 19.80 30.13
C PHE K 361 -23.79 18.77 31.26
N SER K 362 -23.52 17.51 30.94
CA SER K 362 -23.65 16.46 31.96
C SER K 362 -22.69 16.69 33.11
N GLU K 363 -23.19 16.38 34.29
CA GLU K 363 -22.51 16.49 35.59
C GLU K 363 -21.24 15.62 35.56
N LEU K 364 -21.16 14.70 34.60
CA LEU K 364 -19.96 13.84 34.55
C LEU K 364 -19.22 14.04 33.23
N GLY K 365 -19.29 15.25 32.69
CA GLY K 365 -18.53 15.63 31.49
C GLY K 365 -19.22 15.31 30.18
N GLY K 366 -20.44 14.76 30.24
CA GLY K 366 -21.16 14.46 29.00
C GLY K 366 -21.91 15.66 28.45
N VAL K 367 -22.47 15.53 27.25
CA VAL K 367 -23.29 16.62 26.66
C VAL K 367 -24.72 16.10 26.56
N ASN K 368 -25.66 16.78 27.20
CA ASN K 368 -27.07 16.31 27.15
C ASN K 368 -27.68 16.94 25.90
N LEU K 369 -28.09 16.12 24.94
CA LEU K 369 -28.68 16.72 23.72
C LEU K 369 -30.15 16.94 24.04
N GLN K 370 -30.54 18.20 24.21
CA GLN K 370 -31.95 18.48 24.56
C GLN K 370 -32.75 18.86 23.31
N THR K 371 -32.08 19.11 22.19
CA THR K 371 -32.83 19.51 20.97
C THR K 371 -32.45 18.65 19.77
N PHE K 372 -33.35 18.59 18.79
CA PHE K 372 -33.14 17.81 17.55
C PHE K 372 -31.94 18.40 16.82
N GLU K 373 -31.84 19.73 16.78
CA GLU K 373 -30.72 20.40 16.07
C GLU K 373 -29.40 19.97 16.69
N GLN K 374 -29.32 19.86 18.02
CA GLN K 374 -28.07 19.41 18.66
C GLN K 374 -27.79 17.98 18.18
N LEU K 375 -28.81 17.13 18.13
CA LEU K 375 -28.54 15.74 17.71
C LEU K 375 -27.98 15.71 16.31
N ILE K 376 -28.55 16.49 15.39
CA ILE K 376 -28.06 16.44 13.98
C ILE K 376 -26.60 16.89 13.89
N SER K 377 -26.23 17.95 14.61
CA SER K 377 -24.83 18.44 14.53
C SER K 377 -23.89 17.35 15.01
N TYR K 378 -24.25 16.64 16.08
CA TYR K 378 -23.38 15.54 16.57
C TYR K 378 -23.24 14.52 15.46
N LEU K 379 -24.34 14.17 14.80
CA LEU K 379 -24.30 13.18 13.71
C LEU K 379 -23.39 13.69 12.59
N GLU K 380 -23.45 14.97 12.26
CA GLU K 380 -22.53 15.43 11.20
C GLU K 380 -21.10 15.24 11.72
N TYR K 381 -20.86 15.66 12.95
CA TYR K 381 -19.48 15.56 13.48
C TYR K 381 -19.02 14.11 13.51
N LYS K 382 -19.86 13.18 13.95
CA LYS K 382 -19.35 11.80 14.03
C LYS K 382 -18.97 11.25 12.65
N LEU K 383 -19.85 11.42 11.69
CA LEU K 383 -19.67 10.95 10.29
C LEU K 383 -18.69 11.78 9.46
N LEU K 384 -18.66 13.11 9.68
CA LEU K 384 -17.85 13.93 8.75
C LEU K 384 -16.70 14.68 9.43
N GLU K 385 -16.62 14.80 10.75
CA GLU K 385 -15.48 15.59 11.29
C GLU K 385 -14.73 14.89 12.42
N GLU K 386 -15.16 13.71 12.85
CA GLU K 386 -14.61 13.12 14.09
C GLU K 386 -13.10 12.92 14.03
N ARG K 387 -12.57 12.46 12.92
CA ARG K 387 -11.11 12.22 12.92
C ARG K 387 -10.45 12.79 11.67
N GLU K 388 -10.24 14.12 11.66
CA GLU K 388 -9.63 14.83 10.50
C GLU K 388 -10.51 14.82 9.22
N GLY K 389 -11.81 14.67 9.43
CA GLY K 389 -12.81 14.59 8.37
C GLY K 389 -13.03 13.13 8.04
N GLU K 390 -12.18 12.21 8.49
CA GLU K 390 -12.46 10.80 8.12
C GLU K 390 -13.73 10.34 8.83
N GLY K 391 -13.93 10.76 10.08
CA GLY K 391 -15.12 10.41 10.85
C GLY K 391 -14.92 9.16 11.68
N ASP K 392 -15.74 8.96 12.71
CA ASP K 392 -15.51 7.76 13.54
C ASP K 392 -15.74 6.55 12.66
N PRO K 393 -14.79 5.60 12.58
CA PRO K 393 -14.96 4.42 11.76
C PRO K 393 -16.19 3.60 12.16
N LYS K 394 -16.51 3.50 13.44
CA LYS K 394 -17.69 2.68 13.77
C LYS K 394 -18.94 3.27 13.12
N TRP K 395 -19.12 4.59 13.23
CA TRP K 395 -20.33 5.28 12.70
C TRP K 395 -20.35 5.30 11.18
N VAL K 396 -19.22 5.57 10.53
CA VAL K 396 -19.24 5.51 9.05
C VAL K 396 -18.58 4.26 8.52
N LEU K 397 -19.33 3.33 7.94
CA LEU K 397 -18.67 2.08 7.52
C LEU K 397 -18.30 1.96 6.04
N LYS K 398 -17.09 2.39 5.71
CA LYS K 398 -16.59 2.38 4.31
C LYS K 398 -17.68 3.14 3.54
N GLN K 399 -18.06 4.34 3.98
CA GLN K 399 -19.16 5.10 3.33
C GLN K 399 -18.58 6.35 2.67
N SER K 400 -18.95 6.60 1.42
CA SER K 400 -18.44 7.76 0.64
C SER K 400 -18.86 9.04 1.33
N PRO K 401 -18.06 10.12 1.28
CA PRO K 401 -18.43 11.36 1.95
C PRO K 401 -19.72 11.90 1.33
N GLY K 402 -19.90 11.79 0.02
CA GLY K 402 -21.15 12.31 -0.58
C GLY K 402 -22.36 11.60 -0.02
N THR K 403 -22.34 10.28 0.12
CA THR K 403 -23.54 9.59 0.64
C THR K 403 -23.81 10.11 2.05
N LEU K 404 -22.76 10.21 2.87
CA LEU K 404 -22.92 10.75 4.25
C LEU K 404 -23.33 12.21 4.14
N ARG K 405 -22.73 12.94 3.20
CA ARG K 405 -23.08 14.37 3.05
C ARG K 405 -24.55 14.46 2.70
N ALA K 406 -24.98 13.63 1.75
CA ALA K 406 -26.40 13.66 1.34
C ALA K 406 -27.27 13.29 2.54
N PHE K 407 -26.88 12.26 3.29
CA PHE K 407 -27.69 11.84 4.45
C PHE K 407 -27.77 12.98 5.44
N THR K 408 -26.64 13.62 5.69
CA THR K 408 -26.64 14.77 6.60
C THR K 408 -27.51 15.87 6.00
N ARG K 409 -27.34 16.11 4.70
CA ARG K 409 -28.05 17.20 4.00
C ARG K 409 -29.55 16.95 4.13
N ARG K 410 -29.99 15.71 3.91
CA ARG K 410 -31.43 15.43 4.05
C ARG K 410 -31.89 15.62 5.49
N LEU K 411 -31.05 15.28 6.47
CA LEU K 411 -31.49 15.45 7.87
C LEU K 411 -31.67 16.93 8.18
N ARG K 412 -30.69 17.72 7.77
CA ARG K 412 -30.70 19.17 8.10
C ARG K 412 -31.87 19.90 7.45
N GLY K 413 -32.22 19.55 6.21
CA GLY K 413 -33.25 20.31 5.49
C GLY K 413 -34.57 20.33 6.22
N VAL K 414 -34.98 19.21 6.79
CA VAL K 414 -36.29 19.11 7.47
C VAL K 414 -36.12 19.35 8.96
N GLN K 415 -34.93 19.76 9.40
CA GLN K 415 -34.75 19.96 10.86
C GLN K 415 -35.68 21.08 11.39
N LYS K 416 -35.85 22.16 10.64
CA LYS K 416 -36.60 23.32 11.16
C LYS K 416 -38.04 22.92 11.48
N TYR K 417 -38.65 22.16 10.58
CA TYR K 417 -40.05 21.75 10.80
C TYR K 417 -40.15 20.84 12.03
N LEU K 418 -39.19 19.92 12.18
CA LEU K 418 -39.26 18.88 13.23
C LEU K 418 -38.68 19.30 14.58
N SER K 419 -38.12 20.49 14.71
CA SER K 419 -37.50 20.85 16.01
C SER K 419 -38.53 20.82 17.12
N PRO K 420 -39.73 21.39 16.94
CA PRO K 420 -40.70 21.38 18.02
C PRO K 420 -41.17 19.98 18.41
N LEU K 421 -41.39 19.11 17.43
CA LEU K 421 -41.95 17.76 17.69
C LEU K 421 -41.01 16.90 18.53
N ILE K 422 -39.71 16.97 18.26
CA ILE K 422 -38.75 16.14 19.05
C ILE K 422 -37.96 17.06 20.00
N ARG K 423 -38.19 16.90 21.30
CA ARG K 423 -37.53 17.75 22.33
C ARG K 423 -36.97 16.87 23.43
N GLY K 424 -35.87 17.29 24.06
CA GLY K 424 -35.30 16.54 25.19
C GLY K 424 -35.54 17.50 26.34
N ASP K 425 -35.90 18.75 26.04
CA ASP K 425 -36.18 19.77 27.10
C ASP K 425 -37.10 19.29 28.29
N LEU K 426 -38.27 18.84 27.84
CA LEU K 426 -39.24 18.22 28.77
C LEU K 426 -38.86 17.08 29.72
N THR K 427 -39.37 17.14 30.94
CA THR K 427 -39.12 16.13 31.99
C THR K 427 -39.97 14.88 31.74
N PRO K 428 -39.69 13.75 32.42
CA PRO K 428 -40.43 12.51 32.24
C PRO K 428 -41.89 12.73 32.63
N GLU K 429 -42.16 13.51 33.68
CA GLU K 429 -43.57 13.76 34.04
C GLU K 429 -44.25 14.40 32.84
N GLN K 430 -43.63 15.42 32.25
CA GLN K 430 -44.23 16.02 31.03
C GLN K 430 -44.20 14.96 29.92
N ALA K 431 -43.10 14.22 29.81
CA ALA K 431 -42.92 13.22 28.73
C ALA K 431 -43.91 12.05 28.80
N GLU K 432 -44.17 11.47 29.98
CA GLU K 432 -45.09 10.30 30.00
C GLU K 432 -46.47 10.76 29.52
N GLY K 433 -46.92 11.91 30.01
CA GLY K 433 -48.21 12.55 29.70
C GLY K 433 -48.37 13.10 28.30
N TYR K 434 -47.37 13.80 27.75
CA TYR K 434 -47.54 14.40 26.40
C TYR K 434 -47.27 13.48 25.21
N ARG K 435 -46.57 12.38 25.44
CA ARG K 435 -46.27 11.46 24.31
C ARG K 435 -47.62 10.96 23.81
N PRO K 436 -47.86 10.83 22.50
CA PRO K 436 -49.17 10.50 22.01
C PRO K 436 -49.48 9.01 21.97
N ASP K 437 -50.55 8.63 22.65
CA ASP K 437 -50.97 7.22 22.68
C ASP K 437 -52.35 7.16 22.08
N PRO K 438 -52.58 6.47 20.95
CA PRO K 438 -53.89 6.38 20.34
C PRO K 438 -54.74 5.27 20.95
N LEU K 439 -54.15 4.48 21.84
CA LEU K 439 -54.84 3.36 22.51
C LEU K 439 -55.08 3.73 23.96
N ARG K 440 -55.09 5.02 24.31
CA ARG K 440 -55.24 5.43 25.73
C ARG K 440 -56.53 4.86 26.31
N ARG K 441 -56.46 4.40 27.56
CA ARG K 441 -57.63 3.73 28.19
C ARG K 441 -58.81 4.68 28.23
N GLY K 442 -59.99 4.17 27.89
CA GLY K 442 -61.23 4.97 27.93
C GLY K 442 -61.42 5.88 26.74
N ILE K 443 -60.54 5.78 25.73
CA ILE K 443 -60.64 6.62 24.49
C ILE K 443 -60.87 5.72 23.28
N GLN K 444 -61.89 6.04 22.49
CA GLN K 444 -62.33 5.27 21.31
C GLN K 444 -61.78 5.86 20.02
N LEU K 445 -61.88 7.17 19.85
CA LEU K 445 -61.39 7.76 18.59
C LEU K 445 -60.33 8.79 18.90
N THR K 446 -59.20 8.73 18.21
CA THR K 446 -58.13 9.72 18.43
C THR K 446 -57.90 10.49 17.15
N VAL K 447 -57.94 11.83 17.20
CA VAL K 447 -57.67 12.63 15.98
C VAL K 447 -56.33 13.31 16.19
N VAL K 448 -55.39 13.14 15.27
CA VAL K 448 -54.06 13.78 15.46
C VAL K 448 -54.01 14.99 14.55
N ASP K 449 -53.90 16.20 15.09
CA ASP K 449 -53.96 17.37 14.18
C ASP K 449 -52.59 17.57 13.59
N ILE K 450 -52.42 17.21 12.33
CA ILE K 450 -51.08 17.40 11.71
C ILE K 450 -51.15 18.33 10.52
N HIS K 451 -52.20 19.14 10.42
CA HIS K 451 -52.28 20.08 9.26
C HIS K 451 -51.26 21.23 9.34
N ALA K 452 -50.86 21.61 10.56
CA ALA K 452 -49.91 22.71 10.80
C ALA K 452 -48.54 22.25 10.29
N LEU K 453 -48.21 20.98 10.52
CA LEU K 453 -46.87 20.42 10.19
C LEU K 453 -46.62 20.37 8.69
N SER K 454 -45.34 20.37 8.35
CA SER K 454 -44.87 20.30 6.95
C SER K 454 -45.07 18.91 6.39
N ALA K 455 -45.08 18.80 5.08
CA ALA K 455 -45.27 17.50 4.40
C ALA K 455 -44.22 16.53 4.93
N HIS K 456 -43.03 17.04 5.22
CA HIS K 456 -42.00 16.14 5.75
C HIS K 456 -42.43 15.63 7.12
N ALA K 457 -42.97 16.53 7.94
CA ALA K 457 -43.37 16.21 9.33
C ALA K 457 -44.57 15.28 9.33
N GLN K 458 -45.59 15.61 8.56
CA GLN K 458 -46.81 14.78 8.61
C GLN K 458 -46.51 13.32 8.27
N MET K 459 -45.77 13.09 7.18
CA MET K 459 -45.47 11.69 6.81
C MET K 459 -44.57 11.05 7.86
N PHE K 460 -43.67 11.81 8.47
CA PHE K 460 -42.84 11.20 9.55
C PHE K 460 -43.78 10.91 10.72
N VAL K 461 -44.59 11.86 11.15
CA VAL K 461 -45.44 11.64 12.35
C VAL K 461 -46.38 10.47 12.10
N VAL K 462 -46.97 10.44 10.91
CA VAL K 462 -47.90 9.34 10.54
C VAL K 462 -47.12 8.02 10.53
N GLY K 463 -45.89 8.03 10.04
CA GLY K 463 -45.17 6.74 9.98
C GLY K 463 -44.94 6.11 11.33
N VAL K 464 -44.49 6.87 12.32
CA VAL K 464 -44.22 6.20 13.62
C VAL K 464 -45.51 5.79 14.29
N LEU K 465 -46.52 6.66 14.28
CA LEU K 465 -47.77 6.32 15.01
C LEU K 465 -48.38 5.07 14.41
N LEU K 466 -48.42 4.99 13.09
CA LEU K 466 -48.99 3.76 12.51
C LEU K 466 -48.08 2.59 12.89
N ARG K 467 -46.76 2.78 12.80
CA ARG K 467 -45.87 1.64 13.16
C ARG K 467 -46.07 1.31 14.63
N GLU K 468 -46.15 2.32 15.49
CA GLU K 468 -46.33 2.04 16.94
C GLU K 468 -47.65 1.30 17.13
N VAL K 469 -48.71 1.70 16.46
CA VAL K 469 -50.00 0.99 16.64
C VAL K 469 -49.85 -0.44 16.14
N PHE K 470 -49.12 -0.66 15.06
CA PHE K 470 -48.98 -2.03 14.50
C PHE K 470 -48.27 -2.95 15.50
N GLU K 471 -47.29 -2.41 16.22
CA GLU K 471 -46.56 -3.19 17.24
C GLU K 471 -47.50 -3.56 18.38
N TYR K 472 -48.36 -2.65 18.85
CA TYR K 472 -49.32 -3.10 19.88
C TYR K 472 -50.20 -4.18 19.24
N LYS K 473 -50.64 -3.95 18.01
CA LYS K 473 -51.53 -4.93 17.35
C LYS K 473 -50.78 -6.25 17.21
N GLU K 474 -49.45 -6.19 17.10
CA GLU K 474 -48.65 -7.44 17.00
C GLU K 474 -48.59 -8.18 18.33
N ARG K 475 -48.35 -7.47 19.44
CA ARG K 475 -48.32 -8.17 20.76
C ARG K 475 -49.73 -8.38 21.31
N VAL K 476 -50.64 -7.43 21.11
CA VAL K 476 -52.01 -7.50 21.72
C VAL K 476 -52.83 -8.65 21.15
N GLY K 477 -52.59 -9.08 19.93
CA GLY K 477 -53.44 -10.16 19.43
C GLY K 477 -54.75 -9.60 18.92
N ARG K 478 -55.76 -10.44 18.83
CA ARG K 478 -57.02 -10.00 18.19
C ARG K 478 -58.10 -9.57 19.18
N GLN K 479 -57.83 -9.20 20.45
CA GLN K 479 -59.09 -8.89 21.16
C GLN K 479 -59.42 -7.41 21.02
N ASP K 480 -58.49 -6.60 20.55
CA ASP K 480 -58.78 -5.16 20.37
C ASP K 480 -58.74 -4.91 18.87
N THR K 481 -59.77 -4.30 18.29
CA THR K 481 -59.71 -4.04 16.83
C THR K 481 -59.47 -2.56 16.62
N VAL K 482 -58.34 -2.22 16.01
CA VAL K 482 -57.98 -0.79 15.83
C VAL K 482 -58.31 -0.44 14.39
N PHE K 483 -58.97 0.68 14.16
CA PHE K 483 -59.29 1.08 12.77
C PHE K 483 -58.43 2.27 12.44
N VAL K 484 -57.76 2.25 11.29
CA VAL K 484 -56.95 3.41 10.89
C VAL K 484 -57.67 4.04 9.72
N VAL K 485 -57.98 5.33 9.75
CA VAL K 485 -58.70 5.92 8.59
C VAL K 485 -57.76 6.86 7.87
N LEU K 486 -57.46 6.57 6.60
CA LEU K 486 -56.46 7.41 5.90
C LEU K 486 -57.00 7.90 4.57
N ASP K 487 -57.05 9.23 4.40
CA ASP K 487 -57.40 9.84 3.10
C ASP K 487 -56.10 10.00 2.30
N GLU K 488 -56.20 10.32 1.01
CA GLU K 488 -55.01 10.52 0.16
C GLU K 488 -54.09 9.31 0.25
N LEU K 489 -54.59 8.13 -0.05
CA LEU K 489 -53.73 6.93 -0.03
C LEU K 489 -52.64 7.07 -1.08
N ASN K 490 -52.86 7.76 -2.20
CA ASN K 490 -51.77 7.83 -3.19
C ASN K 490 -50.51 8.39 -2.56
N LYS K 491 -50.53 9.52 -1.87
CA LYS K 491 -49.23 9.97 -1.33
C LYS K 491 -48.68 9.03 -0.27
N TYR K 492 -49.51 8.55 0.63
CA TYR K 492 -48.95 7.65 1.67
C TYR K 492 -48.46 6.37 1.02
N ALA K 493 -49.18 5.81 0.05
CA ALA K 493 -48.75 4.53 -0.55
C ALA K 493 -48.71 4.62 -2.07
N PRO K 494 -47.72 5.29 -2.68
CA PRO K 494 -47.64 5.48 -4.11
C PRO K 494 -47.44 4.18 -4.89
N ARG K 495 -47.87 4.17 -6.15
CA ARG K 495 -47.71 2.89 -6.88
C ARG K 495 -46.24 2.53 -7.06
N GLU K 496 -45.39 3.48 -7.45
CA GLU K 496 -44.01 3.03 -7.79
C GLU K 496 -42.98 3.28 -6.69
N GLY K 497 -43.23 4.22 -5.77
CA GLY K 497 -42.23 4.52 -4.73
C GLY K 497 -42.12 3.47 -3.65
N ASP K 498 -41.02 3.50 -2.89
CA ASP K 498 -40.85 2.57 -1.74
C ASP K 498 -40.49 3.43 -0.53
N SER K 499 -41.15 3.25 0.61
CA SER K 499 -40.87 4.10 1.80
C SER K 499 -41.30 3.42 3.10
N PRO K 500 -40.89 3.91 4.28
CA PRO K 500 -41.24 3.30 5.56
C PRO K 500 -42.73 3.36 5.83
N ILE K 501 -43.32 4.52 5.58
CA ILE K 501 -44.79 4.71 5.79
C ILE K 501 -45.55 3.80 4.83
N LYS K 502 -45.06 3.59 3.61
CA LYS K 502 -45.72 2.61 2.74
C LYS K 502 -45.55 1.23 3.38
N ASP K 503 -44.37 0.94 3.93
CA ASP K 503 -44.14 -0.40 4.53
C ASP K 503 -45.14 -0.60 5.67
N VAL K 504 -45.35 0.37 6.54
CA VAL K 504 -46.31 0.14 7.65
C VAL K 504 -47.71 -0.09 7.08
N LEU K 505 -48.10 0.67 6.05
CA LEU K 505 -49.42 0.47 5.40
C LEU K 505 -49.40 -0.91 4.76
N LEU K 506 -48.29 -1.28 4.14
CA LEU K 506 -48.25 -2.61 3.52
C LEU K 506 -48.42 -3.67 4.62
N ASP K 507 -47.74 -3.52 5.75
CA ASP K 507 -47.87 -4.54 6.82
C ASP K 507 -49.32 -4.56 7.29
N ILE K 508 -49.89 -3.38 7.51
CA ILE K 508 -51.28 -3.25 8.00
C ILE K 508 -52.24 -3.88 6.99
N ALA K 509 -52.04 -3.63 5.72
CA ALA K 509 -52.97 -4.22 4.74
C ALA K 509 -52.78 -5.73 4.64
N GLU K 510 -51.53 -6.17 4.57
CA GLU K 510 -51.22 -7.61 4.39
C GLU K 510 -51.52 -8.47 5.63
N ARG K 511 -51.17 -8.03 6.83
CA ARG K 511 -51.40 -8.93 8.00
C ARG K 511 -52.42 -8.36 8.98
N GLY K 512 -53.01 -7.20 8.70
CA GLY K 512 -53.95 -6.59 9.66
C GLY K 512 -55.17 -7.43 9.91
N ARG K 513 -55.65 -8.15 8.91
CA ARG K 513 -56.88 -8.94 9.18
C ARG K 513 -56.57 -9.95 10.29
N SER K 514 -55.46 -10.66 10.19
CA SER K 514 -55.10 -11.66 11.24
C SER K 514 -54.77 -11.07 12.60
N LEU K 515 -54.19 -9.88 12.62
CA LEU K 515 -53.83 -9.22 13.89
C LEU K 515 -54.92 -8.22 14.32
N GLY K 516 -56.06 -8.22 13.65
CA GLY K 516 -57.11 -7.27 14.05
C GLY K 516 -56.91 -5.80 13.78
N ILE K 517 -56.12 -5.41 12.77
CA ILE K 517 -55.97 -3.98 12.40
C ILE K 517 -56.73 -3.75 11.11
N ILE K 518 -57.57 -2.73 11.03
CA ILE K 518 -58.38 -2.52 9.80
C ILE K 518 -58.13 -1.12 9.27
N LEU K 519 -57.93 -1.00 7.96
CA LEU K 519 -57.65 0.28 7.29
C LEU K 519 -58.86 0.69 6.45
N ILE K 520 -59.37 1.88 6.70
CA ILE K 520 -60.44 2.50 5.93
C ILE K 520 -59.78 3.65 5.17
N GLY K 521 -59.41 3.38 3.92
CA GLY K 521 -58.54 4.26 3.17
C GLY K 521 -59.24 4.81 1.94
N ALA K 522 -58.87 6.03 1.58
CA ALA K 522 -59.52 6.72 0.49
C ALA K 522 -58.47 7.41 -0.38
N GLN K 523 -58.74 7.42 -1.68
CA GLN K 523 -57.91 8.09 -2.67
C GLN K 523 -58.80 8.48 -3.84
N GLN K 524 -58.31 9.43 -4.64
CA GLN K 524 -59.10 9.86 -5.79
C GLN K 524 -59.20 8.75 -6.83
N THR K 525 -58.09 8.09 -7.13
CA THR K 525 -58.10 6.97 -8.06
C THR K 525 -57.18 5.87 -7.57
N ALA K 526 -57.70 4.64 -7.56
CA ALA K 526 -56.93 3.50 -7.06
C ALA K 526 -55.75 3.17 -7.96
N SER K 527 -55.74 3.68 -9.19
CA SER K 527 -54.64 3.38 -10.11
C SER K 527 -53.33 4.02 -9.67
N GLU K 528 -53.37 5.01 -8.79
CA GLU K 528 -52.17 5.68 -8.29
C GLU K 528 -51.72 5.14 -6.94
N VAL K 529 -52.34 4.08 -6.44
CA VAL K 529 -52.02 3.52 -5.14
C VAL K 529 -51.35 2.17 -5.34
N GLU K 530 -50.52 1.79 -4.37
CA GLU K 530 -49.85 0.49 -4.42
C GLU K 530 -50.85 -0.62 -4.64
N ARG K 531 -50.58 -1.49 -5.62
CA ARG K 531 -51.48 -2.58 -5.94
C ARG K 531 -51.81 -3.42 -4.71
N ARG K 532 -50.84 -3.58 -3.80
CA ARG K 532 -51.03 -4.51 -2.70
C ARG K 532 -51.92 -3.94 -1.60
N ILE K 533 -52.01 -2.60 -1.50
CA ILE K 533 -52.95 -2.00 -0.57
C ILE K 533 -54.37 -2.11 -1.09
N VAL K 534 -54.58 -1.73 -2.35
CA VAL K 534 -55.90 -1.78 -2.98
C VAL K 534 -56.38 -3.22 -3.15
N SER K 535 -55.45 -4.16 -3.35
CA SER K 535 -55.83 -5.55 -3.52
C SER K 535 -56.41 -6.13 -2.24
N ASN K 536 -55.94 -5.69 -1.08
CA ASN K 536 -56.32 -6.28 0.19
C ASN K 536 -57.54 -5.65 0.83
N ALA K 537 -58.33 -4.88 0.08
CA ALA K 537 -59.55 -4.28 0.59
C ALA K 537 -60.74 -5.12 0.14
N ALA K 538 -61.52 -5.62 1.11
CA ALA K 538 -62.65 -6.47 0.77
C ALA K 538 -63.88 -5.66 0.39
N ILE K 539 -64.00 -4.44 0.90
CA ILE K 539 -65.12 -3.56 0.60
C ILE K 539 -64.61 -2.42 -0.26
N ARG K 540 -65.19 -2.25 -1.44
CA ARG K 540 -64.78 -1.23 -2.39
C ARG K 540 -65.94 -0.29 -2.65
N VAL K 541 -65.78 0.98 -2.26
CA VAL K 541 -66.81 1.99 -2.38
C VAL K 541 -66.36 3.05 -3.37
N VAL K 542 -67.30 3.54 -4.18
CA VAL K 542 -67.00 4.48 -5.25
C VAL K 542 -67.96 5.66 -5.13
N GLY K 543 -67.42 6.87 -5.09
CA GLY K 543 -68.19 8.08 -5.27
C GLY K 543 -68.14 8.48 -6.73
N ARG K 544 -68.32 9.79 -6.96
CA ARG K 544 -68.26 10.26 -8.35
C ARG K 544 -66.88 10.00 -8.92
N LEU K 545 -66.78 9.07 -9.86
CA LEU K 545 -65.50 8.76 -10.48
C LEU K 545 -65.29 9.64 -11.69
N ASP K 546 -64.02 9.93 -11.95
CA ASP K 546 -63.65 10.63 -13.18
C ASP K 546 -63.98 9.76 -14.38
N LEU K 547 -64.33 10.41 -15.48
CA LEU K 547 -64.67 9.68 -16.69
C LEU K 547 -63.52 8.78 -17.15
N ALA K 548 -62.28 9.28 -17.01
CA ALA K 548 -61.11 8.56 -17.47
C ALA K 548 -60.86 7.30 -16.65
N GLU K 549 -61.06 7.38 -15.33
CA GLU K 549 -60.63 6.32 -14.43
C GLU K 549 -61.62 5.17 -14.35
N ALA K 550 -62.85 5.36 -14.84
CA ALA K 550 -63.87 4.34 -14.65
C ALA K 550 -63.54 3.08 -15.44
N GLU K 551 -62.96 3.24 -16.63
CA GLU K 551 -62.60 2.10 -17.46
C GLU K 551 -61.25 1.49 -17.06
N ARG K 552 -60.55 2.08 -16.09
CA ARG K 552 -59.25 1.59 -15.69
C ARG K 552 -59.36 0.16 -15.13
N PRO K 553 -58.26 -0.59 -15.14
CA PRO K 553 -58.28 -1.94 -14.60
C PRO K 553 -58.61 -2.00 -13.12
N GLU K 554 -58.26 -0.98 -12.35
CA GLU K 554 -58.53 -1.00 -10.92
C GLU K 554 -60.01 -0.89 -10.59
N TYR K 555 -60.86 -0.61 -11.58
CA TYR K 555 -62.29 -0.42 -11.36
C TYR K 555 -63.13 -1.34 -12.25
N ARG K 556 -62.61 -2.52 -12.55
CA ARG K 556 -63.39 -3.46 -13.34
C ARG K 556 -64.55 -4.04 -12.55
N PHE K 557 -64.52 -3.92 -11.23
CA PHE K 557 -65.63 -4.40 -10.42
C PHE K 557 -66.92 -3.62 -10.70
N LEU K 558 -66.82 -2.49 -11.40
CA LEU K 558 -67.99 -1.79 -11.88
C LEU K 558 -68.37 -2.32 -13.26
N PRO K 559 -69.54 -2.94 -13.43
CA PRO K 559 -70.00 -3.28 -14.78
C PRO K 559 -70.07 -2.04 -15.64
N GLN K 560 -69.93 -2.23 -16.96
CA GLN K 560 -69.99 -1.09 -17.88
C GLN K 560 -71.26 -0.28 -17.69
N SER K 561 -72.37 -0.94 -17.32
CA SER K 561 -73.63 -0.25 -17.12
C SER K 561 -73.52 0.87 -16.09
N PHE K 562 -72.63 0.73 -15.11
CA PHE K 562 -72.52 1.71 -14.05
C PHE K 562 -71.64 2.90 -14.42
N ARG K 563 -70.76 2.73 -15.41
CA ARG K 563 -69.70 3.72 -15.63
C ARG K 563 -70.26 5.09 -15.96
N GLY K 564 -71.20 5.16 -16.91
CA GLY K 564 -71.81 6.43 -17.23
C GLY K 564 -72.56 7.00 -16.05
N ARG K 565 -73.21 6.14 -15.26
CA ARG K 565 -73.93 6.60 -14.08
C ARG K 565 -72.97 7.14 -13.03
N ALA K 566 -71.86 6.43 -12.78
CA ALA K 566 -70.91 6.83 -11.75
C ALA K 566 -70.23 8.16 -12.07
N GLY K 567 -70.24 8.60 -13.32
CA GLY K 567 -69.61 9.87 -13.63
C GLY K 567 -70.40 11.08 -13.17
N ILE K 568 -71.68 10.89 -12.86
CA ILE K 568 -72.56 11.98 -12.45
C ILE K 568 -73.17 11.77 -11.08
N LEU K 569 -72.67 10.79 -10.32
CA LEU K 569 -73.14 10.59 -8.96
C LEU K 569 -73.05 11.89 -8.16
N GLN K 570 -74.09 12.15 -7.37
CA GLN K 570 -74.14 13.36 -6.57
C GLN K 570 -73.40 13.17 -5.25
N PRO K 571 -72.86 14.24 -4.66
CA PRO K 571 -72.30 14.15 -3.32
C PRO K 571 -73.31 13.49 -2.37
N GLY K 572 -72.82 12.52 -1.60
CA GLY K 572 -73.66 11.75 -0.71
C GLY K 572 -74.14 10.44 -1.27
N THR K 573 -73.83 10.15 -2.53
CA THR K 573 -74.28 8.94 -3.21
C THR K 573 -73.07 8.08 -3.54
N MET K 574 -73.08 6.85 -3.06
CA MET K 574 -71.92 5.96 -3.17
C MET K 574 -72.37 4.63 -3.74
N LEU K 575 -71.44 3.94 -4.38
CA LEU K 575 -71.63 2.58 -4.87
C LEU K 575 -70.74 1.67 -4.04
N VAL K 576 -71.34 0.82 -3.21
CA VAL K 576 -70.57 -0.09 -2.37
C VAL K 576 -70.56 -1.45 -3.02
N SER K 577 -69.43 -2.14 -2.91
CA SER K 577 -69.21 -3.44 -3.50
C SER K 577 -68.66 -4.35 -2.42
N GLN K 578 -69.35 -5.44 -2.14
CA GLN K 578 -68.92 -6.31 -1.07
C GLN K 578 -68.98 -7.77 -1.51
N PRO K 579 -68.12 -8.62 -0.95
CA PRO K 579 -67.99 -9.98 -1.51
C PRO K 579 -69.28 -10.79 -1.48
N ASP K 580 -70.18 -10.52 -0.54
CA ASP K 580 -71.39 -11.33 -0.45
C ASP K 580 -72.31 -11.09 -1.64
N VAL K 581 -72.42 -9.85 -2.08
CA VAL K 581 -73.35 -9.45 -3.14
C VAL K 581 -72.53 -9.22 -4.41
N PRO K 582 -72.84 -9.90 -5.52
CA PRO K 582 -71.97 -9.87 -6.71
C PRO K 582 -72.04 -8.59 -7.52
N ASN K 583 -72.78 -7.59 -7.08
CA ASN K 583 -72.95 -6.37 -7.85
C ASN K 583 -72.74 -5.14 -6.98
N PRO K 584 -72.23 -4.06 -7.55
CA PRO K 584 -72.25 -2.77 -6.84
C PRO K 584 -73.68 -2.28 -6.66
N VAL K 585 -73.99 -1.84 -5.44
CA VAL K 585 -75.31 -1.33 -5.09
C VAL K 585 -75.18 0.13 -4.68
N LEU K 586 -76.14 0.95 -5.12
CA LEU K 586 -76.10 2.38 -4.87
C LEU K 586 -76.79 2.69 -3.55
N VAL K 587 -76.17 3.57 -2.75
CA VAL K 587 -76.68 3.87 -1.42
C VAL K 587 -76.51 5.35 -1.12
N ASN K 588 -77.39 5.86 -0.27
CA ASN K 588 -77.24 7.17 0.34
C ASN K 588 -77.01 7.00 1.83
N TYR K 589 -76.33 7.98 2.40
CA TYR K 589 -76.08 8.00 3.84
C TYR K 589 -76.31 9.42 4.32
N PRO K 590 -76.67 9.60 5.59
CA PRO K 590 -77.09 10.92 6.07
C PRO K 590 -75.96 11.95 6.00
N PHE K 591 -76.33 13.18 6.30
CA PHE K 591 -75.33 14.21 6.54
C PHE K 591 -74.62 13.92 7.86
N PRO K 592 -73.35 14.34 7.99
CA PRO K 592 -72.64 14.07 9.24
C PRO K 592 -73.33 14.72 10.42
N ALA K 593 -73.65 13.90 11.44
CA ALA K 593 -74.14 14.45 12.69
C ALA K 593 -73.06 15.21 13.44
N TRP K 594 -71.82 14.76 13.31
CA TRP K 594 -70.66 15.42 13.89
C TRP K 594 -70.29 16.65 13.07
N ALA K 595 -69.90 17.72 13.76
CA ALA K 595 -69.48 18.92 13.05
C ALA K 595 -68.21 18.64 12.25
N THR K 596 -68.17 19.16 11.02
CA THR K 596 -66.98 19.07 10.17
C THR K 596 -66.24 20.36 9.91
N ARG K 597 -66.64 21.45 10.55
CA ARG K 597 -66.05 22.75 10.39
C ARG K 597 -66.41 23.59 11.59
N ARG K 598 -65.73 24.73 11.77
CA ARG K 598 -65.95 25.54 12.96
C ARG K 598 -67.34 26.13 13.15
N ASP K 599 -67.88 26.79 12.11
CA ASP K 599 -69.19 27.41 12.26
C ASP K 599 -70.33 26.42 12.45
N GLU K 600 -70.11 25.13 12.20
CA GLU K 600 -71.21 24.18 12.31
C GLU K 600 -71.56 23.86 13.76
N VAL K 601 -70.67 24.20 14.69
CA VAL K 601 -70.98 24.20 16.11
C VAL K 601 -70.98 25.67 16.54
N ASP K 602 -72.10 26.10 17.11
CA ASP K 602 -72.24 27.50 17.47
C ASP K 602 -72.67 27.61 18.93
N ASP K 603 -72.09 28.59 19.63
CA ASP K 603 -72.41 28.84 21.03
C ASP K 603 -73.91 29.02 21.25
N LEU K 604 -74.54 29.81 20.40
CA LEU K 604 -75.98 30.03 20.44
C LEU K 604 -76.51 29.87 19.02
N GLY K 605 -77.72 29.32 18.92
CA GLY K 605 -78.31 29.04 17.63
C GLY K 605 -78.75 30.30 16.91
N GLY K 606 -78.94 30.15 15.60
CA GLY K 606 -79.41 31.23 14.76
C GLY K 606 -78.36 31.84 13.84
N ASP L 13 -70.59 -41.98 -56.29
CA ASP L 13 -69.16 -41.68 -56.21
C ASP L 13 -68.92 -40.21 -55.86
N ALA L 14 -69.89 -39.35 -56.19
CA ALA L 14 -69.83 -37.96 -55.82
C ALA L 14 -70.32 -37.77 -54.38
N ILE L 15 -69.76 -36.77 -53.71
CA ILE L 15 -70.04 -36.51 -52.31
C ILE L 15 -70.94 -35.30 -52.10
N GLY L 16 -70.86 -34.31 -52.97
CA GLY L 16 -71.71 -33.13 -52.86
C GLY L 16 -71.49 -32.21 -54.04
N MET L 17 -72.02 -30.98 -53.92
CA MET L 17 -71.87 -29.97 -54.97
C MET L 17 -71.45 -28.66 -54.34
N VAL L 18 -70.56 -27.93 -55.04
CA VAL L 18 -70.07 -26.65 -54.57
C VAL L 18 -71.22 -25.69 -54.31
N LEU L 19 -71.33 -25.23 -53.07
CA LEU L 19 -72.37 -24.27 -52.74
C LEU L 19 -72.02 -22.92 -53.33
N GLY L 20 -73.05 -22.13 -53.61
CA GLY L 20 -72.86 -20.81 -54.20
C GLY L 20 -73.38 -19.70 -53.31
N THR L 21 -74.30 -20.04 -52.41
CA THR L 21 -74.89 -19.04 -51.52
C THR L 21 -73.84 -18.45 -50.60
N GLU L 22 -73.08 -19.30 -49.91
CA GLU L 22 -71.83 -18.89 -49.29
C GLU L 22 -70.79 -18.62 -50.37
N ASP L 23 -69.82 -17.76 -50.06
CA ASP L 23 -68.91 -17.31 -51.12
C ASP L 23 -68.02 -18.44 -51.61
N VAL L 24 -67.56 -18.29 -52.85
CA VAL L 24 -66.63 -19.21 -53.49
C VAL L 24 -65.38 -18.40 -53.82
N THR L 25 -64.30 -18.71 -53.10
CA THR L 25 -63.03 -18.03 -53.04
C THR L 25 -61.92 -18.99 -53.48
N PRO L 26 -60.81 -18.47 -54.02
CA PRO L 26 -59.78 -19.37 -54.55
C PRO L 26 -59.19 -20.32 -53.52
N THR L 27 -59.18 -19.95 -52.24
CA THR L 27 -58.55 -20.80 -51.24
C THR L 27 -59.52 -21.40 -50.23
N VAL L 28 -60.79 -21.01 -50.26
CA VAL L 28 -61.80 -21.56 -49.37
C VAL L 28 -63.15 -21.48 -50.08
N PHE L 29 -64.00 -22.47 -49.82
CA PHE L 29 -65.32 -22.52 -50.44
C PHE L 29 -66.18 -23.53 -49.68
N TRP L 30 -67.48 -23.43 -49.91
CA TRP L 30 -68.46 -24.32 -49.30
C TRP L 30 -69.07 -25.23 -50.36
N PHE L 31 -69.55 -26.38 -49.89
CA PHE L 31 -70.32 -27.27 -50.75
C PHE L 31 -71.42 -27.92 -49.92
N ALA L 32 -72.56 -28.16 -50.58
CA ALA L 32 -73.68 -28.87 -49.97
C ALA L 32 -73.46 -30.36 -50.15
N VAL L 33 -73.30 -31.09 -49.05
CA VAL L 33 -73.14 -32.53 -49.13
C VAL L 33 -74.44 -33.15 -49.63
N SER L 34 -74.34 -34.06 -50.60
CA SER L 34 -75.54 -34.68 -51.13
C SER L 34 -76.17 -35.62 -50.10
N HIS L 35 -77.48 -35.83 -50.23
CA HIS L 35 -78.18 -36.76 -49.35
C HIS L 35 -77.57 -38.15 -49.48
N GLY L 36 -77.39 -38.82 -48.35
CA GLY L 36 -76.80 -40.15 -48.33
C GLY L 36 -75.29 -40.18 -48.25
N ALA L 37 -74.62 -39.03 -48.25
CA ALA L 37 -73.18 -38.94 -48.12
C ALA L 37 -72.85 -38.21 -46.83
N SER L 38 -71.81 -38.69 -46.14
CA SER L 38 -71.36 -38.08 -44.89
C SER L 38 -70.04 -37.37 -45.14
N VAL L 39 -69.72 -36.39 -44.28
CA VAL L 39 -68.54 -35.54 -44.43
C VAL L 39 -68.02 -35.19 -43.04
N GLY L 40 -66.80 -35.63 -42.72
CA GLY L 40 -66.24 -35.35 -41.42
C GLY L 40 -65.51 -34.03 -41.40
N LEU L 41 -65.00 -33.69 -40.22
CA LEU L 41 -64.44 -32.35 -40.05
C LEU L 41 -63.10 -32.21 -40.73
N ASP L 42 -62.27 -33.26 -40.74
CA ASP L 42 -60.93 -33.15 -41.29
C ASP L 42 -60.78 -33.84 -42.63
N ASP L 43 -61.88 -34.06 -43.34
CA ASP L 43 -61.83 -34.80 -44.60
C ASP L 43 -61.06 -34.04 -45.66
N LEU L 44 -60.43 -34.79 -46.56
CA LEU L 44 -59.79 -34.25 -47.76
C LEU L 44 -60.69 -34.56 -48.95
N VAL L 45 -60.99 -33.54 -49.74
CA VAL L 45 -61.90 -33.68 -50.87
C VAL L 45 -61.22 -33.15 -52.13
N VAL L 46 -61.81 -33.46 -53.27
CA VAL L 46 -61.40 -32.88 -54.54
C VAL L 46 -62.64 -32.42 -55.28
N VAL L 47 -62.56 -31.23 -55.88
CA VAL L 47 -63.59 -30.70 -56.76
C VAL L 47 -62.92 -30.33 -58.07
N GLU L 48 -63.59 -30.66 -59.19
CA GLU L 48 -63.05 -30.41 -60.52
C GLU L 48 -63.89 -29.34 -61.22
N THR L 49 -63.26 -28.21 -61.50
CA THR L 49 -63.87 -27.10 -62.23
C THR L 49 -63.04 -26.86 -63.48
N ARG L 50 -63.73 -26.48 -64.55
CA ARG L 50 -63.00 -26.21 -65.81
C ARG L 50 -62.65 -24.72 -65.85
N LYS L 51 -61.66 -24.38 -66.66
CA LYS L 51 -61.21 -23.01 -66.83
C LYS L 51 -62.11 -22.28 -67.82
N PRO L 52 -61.95 -20.96 -67.97
CA PRO L 52 -62.83 -20.23 -68.90
C PRO L 52 -62.71 -20.71 -70.34
N ASP L 53 -61.51 -21.04 -70.82
CA ASP L 53 -61.37 -21.61 -72.16
C ASP L 53 -61.90 -23.04 -72.24
N GLY L 54 -61.97 -23.74 -71.12
CA GLY L 54 -62.38 -25.12 -71.12
C GLY L 54 -61.33 -26.11 -70.66
N THR L 55 -60.16 -25.66 -70.21
CA THR L 55 -59.21 -26.57 -69.60
C THR L 55 -59.66 -26.89 -68.18
N PRO L 56 -59.53 -28.14 -67.74
CA PRO L 56 -59.98 -28.50 -66.38
C PRO L 56 -58.98 -28.04 -65.33
N VAL L 57 -59.51 -27.64 -64.18
CA VAL L 57 -58.72 -27.21 -63.04
C VAL L 57 -59.26 -27.92 -61.81
N ARG L 58 -58.42 -28.70 -61.15
CA ARG L 58 -58.84 -29.42 -59.95
C ARG L 58 -58.42 -28.67 -58.70
N PHE L 59 -59.36 -28.56 -57.76
CA PHE L 59 -59.10 -28.00 -56.45
C PHE L 59 -59.15 -29.13 -55.44
N TYR L 60 -58.05 -29.33 -54.72
CA TYR L 60 -57.99 -30.26 -53.61
C TYR L 60 -57.97 -29.47 -52.31
N GLY L 61 -58.65 -29.97 -51.30
CA GLY L 61 -58.81 -29.19 -50.10
C GLY L 61 -59.12 -30.01 -48.86
N LEU L 62 -59.31 -29.29 -47.77
CA LEU L 62 -59.53 -29.88 -46.45
C LEU L 62 -60.71 -29.20 -45.80
N VAL L 63 -61.57 -29.99 -45.17
CA VAL L 63 -62.71 -29.43 -44.46
C VAL L 63 -62.22 -28.86 -43.13
N ASP L 64 -62.71 -27.68 -42.77
CA ASP L 64 -62.43 -27.11 -41.47
C ASP L 64 -63.69 -26.84 -40.64
N ASN L 65 -64.81 -26.57 -41.30
CA ASN L 65 -66.08 -26.32 -40.64
C ASN L 65 -67.15 -27.13 -41.37
N VAL L 66 -68.14 -27.58 -40.61
CA VAL L 66 -69.22 -28.38 -41.17
C VAL L 66 -70.46 -28.17 -40.31
N ARG L 67 -71.62 -28.08 -40.96
CA ARG L 67 -72.83 -27.67 -40.28
C ARG L 67 -74.05 -28.29 -40.95
N LYS L 68 -75.16 -28.23 -40.23
CA LYS L 68 -76.48 -28.61 -40.73
C LYS L 68 -77.48 -27.55 -40.32
N ARG L 69 -78.39 -27.21 -41.23
CA ARG L 69 -79.47 -26.27 -40.96
C ARG L 69 -80.80 -26.88 -41.40
N HIS L 70 -81.88 -26.45 -40.74
CA HIS L 70 -83.25 -26.71 -41.20
C HIS L 70 -83.66 -25.56 -42.09
N GLU L 71 -83.97 -25.87 -43.35
CA GLU L 71 -84.11 -24.87 -44.39
C GLU L 71 -85.50 -24.22 -44.36
N GLY L 72 -85.51 -22.91 -44.13
CA GLY L 72 -86.70 -22.10 -44.37
C GLY L 72 -87.89 -22.40 -43.50
N VAL L 73 -87.68 -22.50 -42.18
CA VAL L 73 -88.79 -22.79 -41.27
C VAL L 73 -89.47 -21.50 -40.80
N THR L 74 -88.68 -20.45 -40.57
CA THR L 74 -89.11 -19.10 -40.20
C THR L 74 -89.76 -19.02 -38.82
N PHE L 75 -89.78 -20.11 -38.06
CA PHE L 75 -90.40 -20.17 -36.75
C PHE L 75 -89.66 -21.24 -35.95
N GLU L 76 -89.68 -21.13 -34.62
CA GLU L 76 -88.96 -22.12 -33.82
C GLU L 76 -89.88 -23.20 -33.23
N SER L 77 -91.09 -22.81 -32.78
CA SER L 77 -92.08 -23.81 -32.40
C SER L 77 -92.51 -24.64 -33.61
N ASP L 78 -92.62 -23.99 -34.78
CA ASP L 78 -92.91 -24.71 -36.00
C ASP L 78 -91.78 -25.64 -36.39
N VAL L 79 -90.60 -25.51 -35.77
CA VAL L 79 -89.53 -26.50 -35.98
C VAL L 79 -89.86 -27.77 -35.24
N GLU L 80 -90.42 -27.66 -34.04
CA GLU L 80 -90.94 -28.86 -33.39
C GLU L 80 -91.90 -29.60 -34.32
N ASP L 81 -92.78 -28.86 -35.01
CA ASP L 81 -93.81 -29.49 -35.82
C ASP L 81 -93.29 -29.97 -37.17
N VAL L 82 -92.15 -29.43 -37.64
CA VAL L 82 -91.63 -29.77 -38.95
C VAL L 82 -91.49 -31.28 -39.10
N VAL L 83 -90.89 -31.93 -38.09
CA VAL L 83 -90.57 -33.35 -38.20
C VAL L 83 -91.80 -34.21 -38.49
N ALA L 84 -92.97 -33.85 -37.93
CA ALA L 84 -94.14 -34.70 -38.07
C ALA L 84 -94.74 -34.69 -39.46
N GLY L 85 -94.29 -33.78 -40.34
CA GLY L 85 -94.67 -33.79 -41.74
C GLY L 85 -95.84 -32.88 -42.09
N LEU L 86 -96.45 -32.28 -41.07
CA LEU L 86 -97.57 -31.32 -41.29
C LEU L 86 -97.00 -30.14 -42.10
N LEU L 87 -95.84 -29.64 -41.67
CA LEU L 87 -95.13 -28.52 -42.34
C LEU L 87 -93.91 -29.12 -43.04
N PRO L 88 -93.57 -28.70 -44.28
CA PRO L 88 -92.48 -29.29 -45.02
C PRO L 88 -91.20 -28.44 -44.94
N ALA L 89 -90.09 -29.06 -44.55
CA ALA L 89 -88.78 -28.38 -44.47
C ALA L 89 -87.70 -29.38 -44.87
N SER L 90 -86.61 -28.90 -45.45
CA SER L 90 -85.51 -29.81 -45.87
C SER L 90 -84.25 -29.52 -45.07
N VAL L 91 -83.49 -30.58 -44.76
CA VAL L 91 -82.22 -30.47 -44.00
C VAL L 91 -81.11 -30.03 -44.97
N SER L 92 -80.24 -29.14 -44.51
CA SER L 92 -79.13 -28.63 -45.31
C SER L 92 -77.83 -28.96 -44.59
N TYR L 93 -77.11 -29.93 -45.11
CA TYR L 93 -75.83 -30.33 -44.55
C TYR L 93 -74.75 -29.77 -45.47
N ALA L 94 -73.81 -29.01 -44.90
CA ALA L 94 -72.91 -28.16 -45.66
C ALA L 94 -71.51 -28.19 -45.07
N ALA L 95 -70.50 -27.99 -45.93
CA ALA L 95 -69.11 -28.16 -45.54
C ALA L 95 -68.26 -27.01 -46.11
N ARG L 96 -67.31 -26.55 -45.32
CA ARG L 96 -66.34 -25.55 -45.76
C ARG L 96 -65.02 -26.24 -46.01
N VAL L 97 -64.41 -25.97 -47.17
CA VAL L 97 -63.21 -26.68 -47.62
C VAL L 97 -62.05 -25.69 -47.76
N LEU L 98 -61.02 -25.85 -46.93
CA LEU L 98 -59.79 -25.08 -47.05
C LEU L 98 -58.91 -25.71 -48.12
N VAL L 99 -58.57 -24.94 -49.16
CA VAL L 99 -57.85 -25.50 -50.30
C VAL L 99 -56.41 -25.78 -49.91
N THR L 100 -55.97 -27.01 -50.18
CA THR L 100 -54.61 -27.44 -49.92
C THR L 100 -53.79 -27.55 -51.19
N ARG L 101 -54.42 -27.77 -52.33
CA ARG L 101 -53.73 -27.76 -53.62
C ARG L 101 -54.70 -27.43 -54.74
N VAL L 102 -54.14 -26.88 -55.82
CA VAL L 102 -54.82 -26.78 -57.10
C VAL L 102 -53.93 -27.46 -58.13
N ASP L 103 -54.45 -28.51 -58.78
CA ASP L 103 -53.60 -29.36 -59.61
C ASP L 103 -52.87 -28.57 -60.69
N PRO L 104 -53.55 -27.85 -61.61
CA PRO L 104 -52.83 -26.83 -62.36
C PRO L 104 -52.95 -25.49 -61.66
N GLU L 105 -51.84 -24.99 -61.12
CA GLU L 105 -51.84 -23.85 -60.21
C GLU L 105 -52.61 -22.68 -60.79
N ASN L 106 -53.64 -22.26 -60.05
CA ASN L 106 -54.57 -21.24 -60.50
C ASN L 106 -55.14 -20.51 -59.30
N PHE L 107 -55.48 -19.25 -59.52
CA PHE L 107 -56.07 -18.36 -58.53
C PHE L 107 -57.50 -17.99 -58.91
N ILE L 108 -58.19 -18.89 -59.59
CA ILE L 108 -59.58 -18.68 -60.01
C ILE L 108 -60.46 -19.56 -59.12
N PRO L 109 -61.54 -19.03 -58.55
CA PRO L 109 -62.40 -19.86 -57.70
C PRO L 109 -63.22 -20.83 -58.53
N PRO L 110 -63.51 -22.02 -58.00
CA PRO L 110 -64.30 -22.99 -58.75
C PRO L 110 -65.69 -22.43 -59.03
N GLN L 111 -66.32 -22.95 -60.07
CA GLN L 111 -67.67 -22.44 -60.30
C GLN L 111 -68.66 -23.12 -59.36
N PRO L 112 -69.59 -22.36 -58.76
CA PRO L 112 -70.59 -22.98 -57.90
C PRO L 112 -71.34 -24.09 -58.61
N GLY L 113 -71.64 -25.15 -57.87
CA GLY L 113 -72.31 -26.31 -58.42
C GLY L 113 -71.40 -27.39 -58.96
N ASP L 114 -70.09 -27.18 -58.94
CA ASP L 114 -69.16 -28.21 -59.41
C ASP L 114 -69.16 -29.41 -58.46
N HIS L 115 -68.88 -30.57 -59.02
CA HIS L 115 -69.02 -31.82 -58.29
C HIS L 115 -67.87 -31.99 -57.30
N VAL L 116 -68.18 -32.52 -56.12
CA VAL L 116 -67.24 -32.70 -55.03
C VAL L 116 -67.17 -34.17 -54.68
N ARG L 117 -65.97 -34.73 -54.68
CA ARG L 117 -65.72 -36.08 -54.25
C ARG L 117 -64.51 -36.30 -53.36
N HIS L 118 -64.53 -37.38 -52.58
CA HIS L 118 -63.46 -37.61 -51.60
C HIS L 118 -62.21 -37.89 -52.43
N ALA L 119 -61.10 -37.31 -52.00
CA ALA L 119 -59.82 -37.61 -52.64
C ALA L 119 -59.35 -38.97 -52.14
N ALA L 120 -59.28 -39.96 -53.04
CA ALA L 120 -59.05 -41.35 -52.64
C ALA L 120 -57.80 -41.97 -53.24
N GLY L 121 -57.50 -41.73 -54.51
CA GLY L 121 -56.35 -42.36 -55.11
C GLY L 121 -55.22 -41.40 -55.35
N ARG L 122 -54.81 -41.26 -56.62
CA ARG L 122 -53.87 -40.22 -57.00
C ARG L 122 -54.36 -38.85 -56.53
N GLU L 123 -55.68 -38.69 -56.39
CA GLU L 123 -56.22 -37.44 -55.91
C GLU L 123 -55.75 -37.13 -54.48
N LEU L 124 -55.71 -38.16 -53.63
CA LEU L 124 -55.23 -37.94 -52.27
C LEU L 124 -53.75 -37.56 -52.25
N ALA L 125 -52.93 -38.28 -53.03
CA ALA L 125 -51.53 -37.90 -53.18
C ALA L 125 -51.40 -36.48 -53.69
N MET L 126 -52.25 -36.09 -54.65
CA MET L 126 -52.20 -34.71 -55.11
C MET L 126 -52.62 -33.74 -53.99
N ALA L 127 -53.57 -34.14 -53.14
CA ALA L 127 -54.01 -33.24 -52.07
C ALA L 127 -52.91 -33.01 -51.04
N LEU L 128 -52.18 -34.07 -50.69
CA LEU L 128 -51.09 -33.98 -49.73
C LEU L 128 -49.74 -33.73 -50.39
N SER L 129 -49.74 -33.13 -51.58
CA SER L 129 -48.51 -32.80 -52.32
C SER L 129 -47.49 -33.95 -52.28
N ALA L 130 -47.98 -35.19 -52.29
CA ALA L 130 -47.09 -36.35 -52.25
C ALA L 130 -46.20 -36.46 -53.48
N ASP L 131 -46.60 -35.86 -54.61
CA ASP L 131 -45.71 -35.84 -55.77
C ASP L 131 -44.53 -34.91 -55.53
N LYS L 132 -44.63 -34.05 -54.53
CA LYS L 132 -43.47 -33.20 -54.21
C LYS L 132 -42.52 -34.03 -53.34
N MET L 133 -43.09 -34.88 -52.47
CA MET L 133 -42.32 -35.76 -51.54
C MET L 133 -41.57 -36.87 -52.29
N GLU L 134 -42.23 -37.48 -53.27
CA GLU L 134 -41.63 -38.59 -54.08
C GLU L 134 -41.19 -39.74 -53.19
N GLU L 135 -39.93 -40.16 -53.34
CA GLU L 135 -39.32 -41.31 -52.61
C GLU L 135 -39.27 -41.03 -51.10
N ALA L 136 -39.07 -39.77 -50.71
CA ALA L 136 -38.95 -39.36 -49.30
C ALA L 136 -40.24 -39.65 -48.51
N ALA L 137 -41.40 -39.52 -49.14
CA ALA L 137 -42.71 -39.76 -48.48
C ALA L 137 -42.66 -41.04 -47.64
N PHE L 138 -43.03 -40.94 -46.36
CA PHE L 138 -43.02 -42.06 -45.44
C PHE L 138 -44.16 -41.87 -44.45
N PRO L 139 -44.56 -42.93 -43.75
CA PRO L 139 -45.77 -42.85 -42.90
C PRO L 139 -45.57 -41.93 -41.71
N GLY L 140 -46.49 -41.00 -41.54
CA GLY L 140 -46.51 -40.11 -40.38
C GLY L 140 -47.74 -40.32 -39.52
N GLY L 141 -48.55 -41.29 -39.91
CA GLY L 141 -49.73 -41.64 -39.16
C GLY L 141 -50.87 -41.99 -40.07
N LEU L 142 -52.04 -42.12 -39.46
CA LEU L 142 -53.28 -42.47 -40.14
C LEU L 142 -54.12 -41.22 -40.38
N LEU L 143 -55.07 -41.35 -41.30
CA LEU L 143 -56.05 -40.29 -41.56
C LEU L 143 -57.42 -40.81 -41.15
N ALA L 144 -58.45 -40.08 -41.56
CA ALA L 144 -59.81 -40.61 -41.48
C ALA L 144 -59.92 -41.82 -42.38
N ASP L 145 -60.19 -42.98 -41.77
CA ASP L 145 -60.48 -44.24 -42.47
C ASP L 145 -59.22 -44.89 -43.04
N GLY L 146 -58.05 -44.55 -42.53
CA GLY L 146 -56.87 -45.39 -42.62
C GLY L 146 -55.91 -45.12 -43.76
N GLN L 147 -56.03 -43.99 -44.45
CA GLN L 147 -54.88 -43.91 -45.35
C GLN L 147 -53.68 -43.33 -44.60
N PRO L 148 -52.45 -43.70 -44.98
CA PRO L 148 -51.29 -43.11 -44.30
C PRO L 148 -51.05 -41.69 -44.76
N LEU L 149 -50.51 -40.89 -43.85
CA LEU L 149 -50.16 -39.51 -44.16
C LEU L 149 -48.70 -39.42 -44.57
N PRO L 150 -48.39 -38.92 -45.76
CA PRO L 150 -46.99 -38.84 -46.20
C PRO L 150 -46.25 -37.70 -45.50
N LEU L 151 -45.13 -38.04 -44.87
CA LEU L 151 -44.23 -37.06 -44.27
C LEU L 151 -42.97 -36.94 -45.13
N ASN L 152 -42.56 -35.72 -45.43
CA ASN L 152 -41.40 -35.56 -46.31
C ASN L 152 -40.14 -35.64 -45.45
N PHE L 153 -39.46 -36.79 -45.52
CA PHE L 153 -38.22 -36.97 -44.77
C PHE L 153 -37.17 -35.94 -45.15
N ARG L 154 -37.21 -35.45 -46.39
CA ARG L 154 -36.31 -34.38 -46.78
C ARG L 154 -36.50 -33.13 -45.93
N PHE L 155 -37.67 -32.95 -45.35
CA PHE L 155 -37.87 -31.88 -44.38
C PHE L 155 -37.62 -32.34 -42.95
N ILE L 156 -37.00 -33.49 -42.76
CA ILE L 156 -36.59 -33.96 -41.44
C ILE L 156 -35.08 -34.13 -41.36
N ASN L 157 -34.45 -34.78 -42.36
CA ASN L 157 -33.04 -35.11 -42.32
C ASN L 157 -32.13 -33.95 -42.71
N GLY L 158 -32.67 -32.77 -42.95
CA GLY L 158 -31.88 -31.60 -43.20
C GLY L 158 -31.64 -31.25 -44.66
N GLU L 159 -32.13 -32.08 -45.59
CA GLU L 159 -31.85 -31.83 -47.01
C GLU L 159 -32.48 -30.52 -47.48
N SER L 160 -33.78 -30.37 -47.14
CA SER L 160 -34.57 -29.16 -47.48
C SER L 160 -35.30 -28.66 -46.23
N GLY L 161 -35.35 -29.48 -45.19
CA GLY L 161 -35.96 -29.12 -43.90
C GLY L 161 -35.26 -29.89 -42.79
N GLY L 162 -35.22 -29.39 -41.56
CA GLY L 162 -34.39 -30.17 -40.62
C GLY L 162 -34.92 -30.50 -39.25
N HIS L 163 -36.00 -29.94 -38.71
CA HIS L 163 -36.28 -30.31 -37.29
C HIS L 163 -37.77 -30.61 -37.06
N ILE L 164 -38.08 -31.32 -35.98
CA ILE L 164 -39.48 -31.63 -35.58
C ILE L 164 -39.73 -31.05 -34.19
N ASN L 165 -40.82 -30.31 -34.02
CA ASN L 165 -41.19 -29.67 -32.72
C ASN L 165 -42.61 -30.12 -32.37
N ILE L 166 -42.74 -30.86 -31.27
CA ILE L 166 -44.04 -31.39 -30.86
C ILE L 166 -44.51 -30.63 -29.62
N SER L 167 -45.80 -30.30 -29.58
CA SER L 167 -46.36 -29.50 -28.51
C SER L 167 -47.68 -30.10 -28.03
N GLY L 168 -47.99 -29.84 -26.77
CA GLY L 168 -49.26 -30.25 -26.20
C GLY L 168 -49.16 -30.41 -24.70
N ILE L 169 -50.34 -30.48 -24.08
CA ILE L 169 -50.43 -30.68 -22.62
C ILE L 169 -49.81 -32.02 -22.26
N SER L 170 -48.75 -31.98 -21.45
CA SER L 170 -48.06 -33.21 -21.08
C SER L 170 -49.00 -34.14 -20.32
N GLY L 171 -48.86 -35.43 -20.58
CA GLY L 171 -49.75 -36.42 -20.01
C GLY L 171 -50.95 -36.70 -20.89
N VAL L 172 -51.48 -35.66 -21.55
CA VAL L 172 -52.65 -35.78 -22.40
C VAL L 172 -52.22 -35.85 -23.87
N ALA L 173 -51.60 -34.79 -24.35
CA ALA L 173 -50.96 -34.83 -25.64
C ALA L 173 -49.83 -35.85 -25.62
N THR L 174 -49.88 -36.80 -26.56
CA THR L 174 -49.01 -37.96 -26.52
C THR L 174 -47.69 -37.71 -27.25
N LYS L 175 -47.00 -36.63 -26.87
CA LYS L 175 -45.87 -36.17 -27.68
C LYS L 175 -44.69 -37.15 -27.62
N THR L 176 -44.26 -37.53 -26.42
CA THR L 176 -43.14 -38.45 -26.31
C THR L 176 -43.44 -39.75 -27.06
N SER L 177 -44.63 -40.30 -26.86
CA SER L 177 -44.99 -41.52 -27.56
C SER L 177 -45.06 -41.29 -29.06
N TYR L 178 -45.46 -40.09 -29.48
CA TYR L 178 -45.50 -39.81 -30.92
C TYR L 178 -44.10 -39.73 -31.49
N ALA L 179 -43.19 -39.04 -30.79
CA ALA L 179 -41.81 -38.92 -31.25
C ALA L 179 -41.19 -40.30 -31.46
N LEU L 180 -41.45 -41.23 -30.53
CA LEU L 180 -40.99 -42.60 -30.70
C LEU L 180 -41.67 -43.27 -31.89
N PHE L 181 -42.94 -42.95 -32.12
CA PHE L 181 -43.61 -43.47 -33.31
C PHE L 181 -42.93 -42.95 -34.57
N LEU L 182 -42.53 -41.68 -34.57
CA LEU L 182 -41.83 -41.15 -35.74
C LEU L 182 -40.51 -41.87 -35.97
N LEU L 183 -39.74 -42.08 -34.90
CA LEU L 183 -38.52 -42.86 -35.02
C LEU L 183 -38.79 -44.23 -35.62
N HIS L 184 -39.80 -44.92 -35.09
CA HIS L 184 -40.13 -46.25 -35.61
C HIS L 184 -40.44 -46.19 -37.10
N SER L 185 -41.21 -45.18 -37.52
CA SER L 185 -41.50 -45.03 -38.94
C SER L 185 -40.24 -44.71 -39.73
N ILE L 186 -39.39 -43.83 -39.20
CA ILE L 186 -38.18 -43.44 -39.92
C ILE L 186 -37.28 -44.65 -40.15
N PHE L 187 -37.05 -45.44 -39.10
CA PHE L 187 -36.12 -46.55 -39.24
C PHE L 187 -36.73 -47.70 -40.04
N ARG L 188 -38.03 -47.95 -39.88
CA ARG L 188 -38.64 -49.16 -40.43
C ARG L 188 -39.31 -48.97 -41.79
N SER L 189 -39.39 -47.75 -42.32
CA SER L 189 -40.00 -47.54 -43.63
C SER L 189 -38.98 -47.49 -44.75
N GLY L 190 -37.69 -47.64 -44.43
CA GLY L 190 -36.63 -47.57 -45.42
C GLY L 190 -36.58 -46.20 -46.08
N VAL L 191 -37.27 -45.22 -45.50
CA VAL L 191 -37.24 -43.89 -46.06
C VAL L 191 -35.83 -43.33 -46.02
N MET L 192 -35.01 -43.79 -45.07
CA MET L 192 -33.60 -43.38 -45.05
C MET L 192 -32.85 -43.98 -46.23
N ASP L 193 -33.22 -45.20 -46.64
CA ASP L 193 -32.72 -45.78 -47.89
C ASP L 193 -33.13 -44.95 -49.09
N ARG L 194 -34.45 -44.88 -49.33
CA ARG L 194 -34.97 -44.26 -50.52
C ARG L 194 -34.32 -42.91 -50.76
N THR L 195 -34.26 -42.07 -49.74
CA THR L 195 -33.64 -40.77 -49.87
C THR L 195 -32.12 -40.80 -49.69
N ALA L 196 -31.58 -42.00 -49.48
CA ALA L 196 -30.11 -42.15 -49.34
C ALA L 196 -29.52 -42.46 -50.71
N GLN L 197 -30.37 -42.83 -51.67
CA GLN L 197 -29.90 -43.15 -53.04
C GLN L 197 -29.84 -41.87 -53.89
N GLY L 198 -30.34 -40.76 -53.35
CA GLY L 198 -30.33 -39.51 -54.13
C GLY L 198 -28.92 -39.05 -54.47
N SER L 199 -28.00 -39.26 -53.52
CA SER L 199 -26.56 -38.91 -53.65
C SER L 199 -25.69 -40.17 -53.58
N GLY L 200 -26.09 -41.17 -52.79
CA GLY L 200 -25.35 -42.44 -52.69
C GLY L 200 -24.18 -42.41 -51.74
N GLY L 201 -23.33 -41.39 -51.84
CA GLY L 201 -22.18 -41.26 -50.94
C GLY L 201 -22.19 -40.00 -50.10
N ARG L 202 -22.69 -38.88 -50.66
CA ARG L 202 -22.62 -37.57 -49.96
C ARG L 202 -23.34 -37.64 -48.62
N GLN L 203 -24.56 -38.17 -48.60
CA GLN L 203 -25.35 -38.39 -47.36
C GLN L 203 -26.04 -39.73 -47.53
N SER L 204 -25.77 -40.71 -46.68
CA SER L 204 -26.37 -42.02 -46.99
C SER L 204 -26.46 -42.97 -45.80
N GLY L 205 -27.30 -43.99 -46.02
CA GLY L 205 -27.48 -45.16 -45.19
C GLY L 205 -28.78 -45.13 -44.41
N THR L 206 -29.47 -46.27 -44.42
CA THR L 206 -30.54 -46.53 -43.46
C THR L 206 -30.02 -47.17 -42.19
N ALA L 207 -28.85 -47.80 -42.25
CA ALA L 207 -28.26 -48.41 -41.09
C ALA L 207 -27.29 -47.46 -40.40
N GLY L 208 -26.94 -46.37 -41.08
CA GLY L 208 -26.16 -45.29 -40.49
C GLY L 208 -26.92 -44.45 -39.49
N GLY L 209 -28.24 -44.39 -39.58
CA GLY L 209 -29.00 -43.55 -38.66
C GLY L 209 -28.95 -44.09 -37.25
N ARG L 210 -28.82 -43.18 -36.28
CA ARG L 210 -28.80 -43.51 -34.86
C ARG L 210 -29.72 -42.56 -34.12
N ALA L 211 -30.10 -42.96 -32.90
CA ALA L 211 -31.03 -42.15 -32.12
C ALA L 211 -30.57 -42.07 -30.68
N LEU L 212 -30.67 -40.87 -30.11
CA LEU L 212 -30.30 -40.60 -28.72
C LEU L 212 -31.49 -40.00 -28.00
N ILE L 213 -31.86 -40.59 -26.87
CA ILE L 213 -33.04 -40.20 -26.11
C ILE L 213 -32.72 -40.32 -24.64
N PHE L 214 -33.28 -39.37 -23.87
CA PHE L 214 -33.02 -39.26 -22.42
C PHE L 214 -34.22 -39.73 -21.61
N ASN L 215 -33.96 -40.57 -20.60
CA ASN L 215 -34.99 -41.15 -19.72
C ASN L 215 -35.28 -40.17 -18.57
N VAL L 216 -36.06 -39.12 -18.84
CA VAL L 216 -36.42 -38.09 -17.82
C VAL L 216 -37.26 -38.67 -16.68
N LYS L 217 -38.27 -39.47 -16.97
CA LYS L 217 -39.20 -39.84 -15.87
C LYS L 217 -39.17 -41.29 -15.40
N GLY L 218 -38.38 -41.58 -14.38
CA GLY L 218 -38.48 -42.84 -13.64
C GLY L 218 -38.60 -44.14 -14.43
N GLU L 219 -37.66 -44.45 -15.30
CA GLU L 219 -37.60 -45.76 -16.00
C GLU L 219 -38.76 -46.03 -16.96
N ASP L 220 -39.50 -45.01 -17.39
CA ASP L 220 -40.56 -45.26 -18.38
C ASP L 220 -39.90 -45.59 -19.71
N LEU L 221 -38.81 -44.90 -20.02
CA LEU L 221 -38.16 -45.01 -21.35
C LEU L 221 -37.22 -46.20 -21.47
N LEU L 222 -37.11 -47.04 -20.45
CA LEU L 222 -36.36 -48.31 -20.64
C LEU L 222 -37.37 -49.37 -21.13
N PHE L 223 -36.96 -50.64 -21.19
CA PHE L 223 -37.89 -51.68 -21.72
C PHE L 223 -38.47 -51.25 -23.07
N LEU L 224 -37.63 -50.74 -23.98
CA LEU L 224 -38.05 -50.37 -25.35
C LEU L 224 -37.63 -51.56 -26.20
N ASP L 225 -36.82 -52.40 -25.57
CA ASP L 225 -36.28 -53.62 -26.14
C ASP L 225 -37.32 -54.72 -26.25
N LYS L 226 -38.45 -54.57 -25.57
CA LYS L 226 -39.41 -55.63 -25.33
C LYS L 226 -40.76 -55.32 -25.96
N PRO L 227 -41.48 -56.32 -26.45
CA PRO L 227 -42.80 -56.05 -27.04
C PRO L 227 -43.80 -55.67 -25.96
N ASN L 228 -44.69 -54.74 -26.33
CA ASN L 228 -45.75 -54.29 -25.41
C ASN L 228 -46.85 -55.34 -25.47
N ALA L 229 -47.10 -56.05 -24.37
CA ALA L 229 -48.14 -57.11 -24.34
C ALA L 229 -49.51 -56.48 -24.57
N ARG L 230 -49.74 -55.31 -23.99
CA ARG L 230 -51.04 -54.59 -24.04
C ARG L 230 -51.36 -54.02 -25.43
N MET L 231 -50.41 -53.95 -26.35
CA MET L 231 -50.73 -53.29 -27.64
C MET L 231 -51.84 -54.01 -28.41
N VAL L 232 -51.82 -55.34 -28.46
CA VAL L 232 -52.84 -56.07 -29.28
C VAL L 232 -54.25 -55.77 -28.79
N GLU L 233 -54.47 -55.76 -27.47
CA GLU L 233 -55.82 -55.52 -26.94
C GLU L 233 -56.29 -54.10 -27.29
N LYS L 234 -55.55 -53.09 -26.87
CA LYS L 234 -55.99 -51.71 -27.08
C LYS L 234 -56.22 -51.42 -28.54
N GLU L 235 -55.29 -51.84 -29.41
CA GLU L 235 -55.38 -51.53 -30.83
C GLU L 235 -56.52 -52.29 -31.51
N ASP L 236 -56.85 -53.49 -31.03
CA ASP L 236 -58.02 -54.20 -31.56
C ASP L 236 -59.29 -53.37 -31.40
N LYS L 237 -59.50 -52.79 -30.22
CA LYS L 237 -60.65 -51.93 -29.97
C LYS L 237 -60.77 -50.82 -31.02
N VAL L 238 -59.67 -50.13 -31.29
CA VAL L 238 -59.70 -49.04 -32.26
C VAL L 238 -60.08 -49.56 -33.65
N VAL L 239 -59.44 -50.64 -34.08
CA VAL L 239 -59.76 -51.23 -35.38
C VAL L 239 -61.19 -51.77 -35.38
N ARG L 240 -61.66 -52.28 -34.23
CA ARG L 240 -63.06 -52.65 -34.13
C ARG L 240 -63.97 -51.44 -34.31
N ALA L 241 -63.65 -50.34 -33.62
CA ALA L 241 -64.53 -49.18 -33.60
C ALA L 241 -64.58 -48.48 -34.97
N LYS L 242 -63.43 -48.11 -35.50
CA LYS L 242 -63.40 -47.34 -36.74
C LYS L 242 -63.57 -48.19 -37.99
N GLY L 243 -63.87 -49.47 -37.83
CA GLY L 243 -64.14 -50.33 -38.97
C GLY L 243 -62.97 -50.46 -39.93
N LEU L 244 -61.75 -50.40 -39.41
CA LEU L 244 -60.58 -50.41 -40.27
C LEU L 244 -60.32 -51.82 -40.79
N SER L 245 -59.59 -51.89 -41.90
CA SER L 245 -59.30 -53.17 -42.53
C SER L 245 -58.43 -54.06 -41.64
N ALA L 246 -57.38 -53.51 -41.05
CA ALA L 246 -56.41 -54.29 -40.30
C ALA L 246 -55.83 -53.41 -39.19
N ASP L 247 -54.84 -53.96 -38.46
CA ASP L 247 -54.17 -53.19 -37.42
C ASP L 247 -53.39 -52.06 -38.06
N ARG L 248 -53.31 -50.93 -37.34
CA ARG L 248 -52.87 -49.69 -37.97
C ARG L 248 -51.49 -49.84 -38.60
N TYR L 249 -50.57 -50.52 -37.92
CA TYR L 249 -49.22 -50.70 -38.46
C TYR L 249 -49.26 -51.23 -39.89
N ALA L 250 -49.98 -52.34 -40.10
CA ALA L 250 -50.08 -52.92 -41.43
C ALA L 250 -50.59 -51.91 -42.45
N LEU L 251 -51.46 -51.00 -42.02
CA LEU L 251 -51.91 -49.93 -42.91
C LEU L 251 -50.76 -49.01 -43.28
N LEU L 252 -49.78 -48.83 -42.38
CA LEU L 252 -48.69 -47.90 -42.63
C LEU L 252 -47.54 -48.53 -43.41
N GLY L 253 -47.53 -49.84 -43.58
CA GLY L 253 -46.34 -50.50 -44.10
C GLY L 253 -45.23 -50.53 -43.07
N LEU L 254 -45.60 -50.57 -41.80
CA LEU L 254 -44.73 -50.59 -40.63
C LEU L 254 -44.94 -51.89 -39.86
N PRO L 255 -43.88 -52.40 -39.24
CA PRO L 255 -44.02 -53.61 -38.42
C PRO L 255 -44.30 -53.27 -36.97
N ALA L 256 -45.10 -54.13 -36.34
CA ALA L 256 -45.46 -53.96 -34.93
C ALA L 256 -44.45 -54.74 -34.08
N GLU L 257 -43.30 -54.13 -33.84
CA GLU L 257 -42.23 -54.74 -33.08
C GLU L 257 -41.42 -53.63 -32.42
N PRO L 258 -40.56 -53.97 -31.46
CA PRO L 258 -39.79 -52.94 -30.75
C PRO L 258 -38.50 -52.57 -31.48
N PHE L 259 -37.69 -51.74 -30.80
CA PHE L 259 -36.51 -51.16 -31.44
C PHE L 259 -35.39 -52.18 -31.50
N ARG L 260 -34.68 -52.18 -32.63
CA ARG L 260 -33.93 -53.37 -33.03
C ARG L 260 -32.64 -53.50 -32.20
N ASP L 261 -31.78 -52.48 -32.26
CA ASP L 261 -30.48 -52.51 -31.59
C ASP L 261 -30.45 -51.41 -30.54
N VAL L 262 -30.64 -51.79 -29.27
CA VAL L 262 -30.85 -50.81 -28.21
C VAL L 262 -29.72 -50.92 -27.18
N GLN L 263 -29.28 -49.76 -26.70
CA GLN L 263 -28.31 -49.65 -25.63
C GLN L 263 -28.96 -48.85 -24.50
N LEU L 264 -28.96 -49.41 -23.30
CA LEU L 264 -29.55 -48.77 -22.12
C LEU L 264 -28.43 -48.40 -21.16
N LEU L 265 -28.36 -47.13 -20.80
CA LEU L 265 -27.29 -46.59 -19.99
C LEU L 265 -27.84 -45.90 -18.75
N ALA L 266 -27.28 -46.24 -17.59
CA ALA L 266 -27.78 -45.79 -16.29
C ALA L 266 -26.62 -45.39 -15.38
N PRO L 267 -26.87 -44.51 -14.41
CA PRO L 267 -25.81 -44.11 -13.46
C PRO L 267 -25.45 -45.22 -12.50
N PRO L 268 -24.29 -45.15 -11.83
CA PRO L 268 -23.80 -46.30 -11.05
C PRO L 268 -24.16 -46.28 -9.56
N ARG L 269 -25.43 -46.60 -9.27
CA ARG L 269 -25.97 -47.00 -7.97
C ARG L 269 -25.73 -46.00 -6.85
N ALA L 270 -25.18 -44.82 -7.16
CA ALA L 270 -24.81 -43.85 -6.12
C ALA L 270 -23.98 -44.51 -5.02
N GLY L 271 -23.00 -45.29 -5.45
CA GLY L 271 -22.18 -46.04 -4.51
C GLY L 271 -21.30 -45.11 -3.70
N ALA L 272 -21.43 -45.15 -2.37
CA ALA L 272 -20.65 -44.30 -1.48
C ALA L 272 -19.39 -45.06 -1.07
N ALA L 273 -18.24 -44.61 -1.56
CA ALA L 273 -16.93 -45.19 -1.24
C ALA L 273 -16.84 -46.67 -1.60
N GLY L 274 -17.61 -47.10 -2.59
CA GLY L 274 -17.64 -48.49 -3.00
C GLY L 274 -17.05 -48.64 -4.40
N THR L 275 -16.15 -49.61 -4.55
CA THR L 275 -15.54 -49.86 -5.86
C THR L 275 -16.47 -50.63 -6.78
N ALA L 276 -17.43 -51.36 -6.21
CA ALA L 276 -18.38 -52.14 -7.00
C ALA L 276 -19.29 -51.21 -7.80
N ILE L 277 -19.54 -51.58 -9.05
CA ILE L 277 -20.28 -50.73 -9.99
C ILE L 277 -21.49 -51.50 -10.51
N VAL L 278 -22.68 -50.96 -10.26
CA VAL L 278 -23.93 -51.51 -10.78
C VAL L 278 -24.85 -50.43 -11.15
N PRO L 279 -25.72 -50.59 -12.13
CA PRO L 279 -26.68 -49.57 -12.52
C PRO L 279 -27.71 -49.29 -11.42
N GLN L 280 -28.22 -48.05 -11.43
CA GLN L 280 -29.19 -47.59 -10.44
C GLN L 280 -30.56 -48.22 -10.60
N THR L 281 -30.81 -48.93 -11.70
CA THR L 281 -32.16 -49.30 -12.07
C THR L 281 -32.72 -50.36 -11.13
N ASP L 282 -33.91 -50.10 -10.59
CA ASP L 282 -34.55 -51.05 -9.63
C ASP L 282 -35.68 -51.79 -10.32
N GLN L 283 -36.10 -51.36 -11.52
CA GLN L 283 -37.23 -52.04 -12.21
C GLN L 283 -36.69 -52.98 -13.28
N ARG L 284 -35.48 -52.72 -13.76
CA ARG L 284 -34.82 -53.49 -14.82
C ARG L 284 -33.33 -53.59 -14.57
N SER L 285 -32.80 -54.82 -14.57
CA SER L 285 -31.38 -55.00 -14.26
C SER L 285 -30.55 -55.65 -15.36
N GLU L 286 -31.11 -56.58 -16.14
CA GLU L 286 -30.38 -57.29 -17.20
C GLU L 286 -30.30 -56.42 -18.45
N GLY L 287 -29.14 -56.42 -19.13
CA GLY L 287 -28.94 -55.61 -20.33
C GLY L 287 -28.68 -54.13 -20.09
N VAL L 288 -28.83 -53.64 -18.87
CA VAL L 288 -28.60 -52.23 -18.57
C VAL L 288 -27.13 -52.02 -18.24
N THR L 289 -26.50 -51.09 -18.94
CA THR L 289 -25.07 -50.84 -18.83
C THR L 289 -24.83 -49.57 -18.03
N PRO L 290 -24.01 -49.62 -16.99
CA PRO L 290 -23.70 -48.40 -16.25
C PRO L 290 -22.75 -47.54 -17.06
N PHE L 291 -22.97 -46.21 -17.02
CA PHE L 291 -22.13 -45.26 -17.70
C PHE L 291 -21.52 -44.28 -16.71
N VAL L 292 -20.23 -44.02 -16.86
CA VAL L 292 -19.48 -43.16 -15.95
C VAL L 292 -18.52 -42.28 -16.75
N PHE L 293 -18.21 -41.12 -16.18
CA PHE L 293 -17.14 -40.25 -16.66
C PHE L 293 -15.96 -40.36 -15.71
N THR L 294 -14.76 -40.07 -16.22
CA THR L 294 -13.55 -40.06 -15.40
C THR L 294 -13.10 -38.62 -15.15
N ILE L 295 -12.52 -38.42 -13.97
CA ILE L 295 -11.96 -37.11 -13.61
C ILE L 295 -11.01 -36.64 -14.69
N ARG L 296 -10.20 -37.54 -15.25
CA ARG L 296 -9.25 -37.16 -16.29
C ARG L 296 -9.97 -36.68 -17.54
N GLU L 297 -10.96 -37.45 -17.99
CA GLU L 297 -11.76 -37.02 -19.13
C GLU L 297 -12.44 -35.69 -18.85
N PHE L 298 -12.97 -35.53 -17.64
CA PHE L 298 -13.67 -34.30 -17.27
C PHE L 298 -12.80 -33.08 -17.54
N CYS L 299 -11.49 -33.21 -17.32
CA CYS L 299 -10.59 -32.09 -17.46
C CYS L 299 -10.06 -31.96 -18.88
N ALA L 300 -9.69 -33.08 -19.49
CA ALA L 300 -9.16 -33.04 -20.86
C ALA L 300 -10.20 -32.59 -21.86
N ARG L 301 -11.45 -33.04 -21.70
CA ARG L 301 -12.54 -32.72 -22.62
C ARG L 301 -13.36 -31.49 -22.18
N ARG L 302 -12.95 -30.81 -21.11
CA ARG L 302 -13.50 -29.49 -20.75
C ARG L 302 -14.97 -29.54 -20.39
N MET L 303 -15.36 -30.57 -19.64
CA MET L 303 -16.77 -30.66 -19.23
C MET L 303 -17.16 -29.62 -18.18
N LEU L 304 -16.20 -28.88 -17.63
CA LEU L 304 -16.48 -28.06 -16.46
C LEU L 304 -17.64 -27.09 -16.64
N PRO L 305 -17.75 -26.32 -17.73
CA PRO L 305 -18.84 -25.33 -17.81
C PRO L 305 -20.24 -25.93 -17.76
N TYR L 306 -20.41 -27.17 -18.19
CA TYR L 306 -21.71 -27.81 -18.22
C TYR L 306 -22.20 -28.22 -16.84
N VAL L 307 -21.37 -28.08 -15.81
CA VAL L 307 -21.88 -28.09 -14.44
C VAL L 307 -22.76 -26.87 -14.18
N PHE L 308 -22.55 -25.79 -14.93
CA PHE L 308 -23.19 -24.49 -14.70
C PHE L 308 -24.24 -24.24 -15.75
N SER L 309 -25.50 -24.45 -15.39
CA SER L 309 -26.62 -24.12 -16.26
C SER L 309 -27.83 -23.84 -15.39
N ASP L 310 -27.82 -22.71 -14.69
CA ASP L 310 -28.73 -22.52 -13.56
C ASP L 310 -30.17 -22.33 -14.00
N ALA L 311 -30.39 -21.80 -15.21
CA ALA L 311 -31.71 -21.38 -15.68
C ALA L 311 -32.35 -20.39 -14.69
N SER L 312 -31.51 -19.47 -14.22
CA SER L 312 -31.91 -18.39 -13.31
C SER L 312 -30.98 -17.20 -13.54
N ALA L 313 -31.10 -16.19 -12.68
CA ALA L 313 -30.38 -14.94 -12.90
C ALA L 313 -28.87 -15.12 -12.77
N SER L 314 -28.42 -15.76 -11.68
CA SER L 314 -27.01 -16.14 -11.42
C SER L 314 -26.12 -14.91 -11.56
N LEU L 315 -25.01 -15.02 -12.29
CA LEU L 315 -24.04 -13.95 -12.40
C LEU L 315 -23.17 -14.20 -13.63
N ASN L 316 -22.32 -13.22 -13.92
CA ASN L 316 -21.17 -13.33 -14.83
C ASN L 316 -20.04 -14.01 -14.08
N LEU L 317 -20.08 -15.35 -14.07
CA LEU L 317 -19.02 -16.16 -13.49
C LEU L 317 -18.03 -16.66 -14.54
N GLY L 318 -18.10 -16.13 -15.77
CA GLY L 318 -17.41 -16.76 -16.87
C GLY L 318 -15.92 -16.84 -16.68
N PHE L 319 -15.35 -15.91 -15.90
CA PHE L 319 -13.91 -15.85 -15.75
C PHE L 319 -13.39 -16.97 -14.85
N VAL L 320 -14.06 -17.23 -13.73
CA VAL L 320 -13.58 -18.31 -12.87
C VAL L 320 -13.76 -19.66 -13.56
N ILE L 321 -14.92 -19.87 -14.21
CA ILE L 321 -15.19 -21.12 -14.91
C ILE L 321 -14.20 -21.32 -16.06
N GLY L 322 -14.05 -20.29 -16.90
CA GLY L 322 -13.15 -20.41 -18.05
C GLY L 322 -11.70 -20.53 -17.65
N ASN L 323 -11.28 -19.82 -16.60
CA ASN L 323 -9.91 -19.95 -16.10
C ASN L 323 -9.66 -21.34 -15.58
N ILE L 324 -10.49 -21.82 -14.66
CA ILE L 324 -10.24 -23.11 -14.02
C ILE L 324 -10.31 -24.22 -15.05
N GLU L 325 -11.23 -24.09 -16.01
CA GLU L 325 -11.28 -24.98 -17.17
C GLU L 325 -9.91 -25.06 -17.84
N GLU L 326 -9.30 -23.91 -18.13
CA GLU L 326 -8.00 -23.90 -18.80
C GLU L 326 -6.91 -24.48 -17.92
N LYS L 327 -6.97 -24.24 -16.61
CA LYS L 327 -5.98 -24.82 -15.72
C LYS L 327 -6.11 -26.33 -15.70
N LEU L 328 -7.36 -26.82 -15.62
CA LEU L 328 -7.56 -28.27 -15.59
C LEU L 328 -7.18 -28.92 -16.91
N PHE L 329 -7.45 -28.25 -18.04
CA PHE L 329 -7.10 -28.84 -19.33
C PHE L 329 -5.60 -29.01 -19.50
N ARG L 330 -4.83 -27.96 -19.18
CA ARG L 330 -3.38 -28.08 -19.27
C ARG L 330 -2.83 -28.99 -18.18
N LEU L 331 -3.53 -29.08 -17.05
CA LEU L 331 -3.12 -30.01 -16.00
C LEU L 331 -3.34 -31.46 -16.42
N ALA L 332 -4.47 -31.73 -17.08
CA ALA L 332 -4.75 -33.10 -17.51
C ALA L 332 -3.87 -33.51 -18.68
N ALA L 333 -3.70 -32.63 -19.66
CA ALA L 333 -2.75 -32.91 -20.74
C ALA L 333 -1.34 -33.11 -20.21
N ALA L 334 -1.04 -32.56 -19.03
CA ALA L 334 0.24 -32.80 -18.39
C ALA L 334 0.33 -34.17 -17.73
N GLN L 335 -0.81 -34.80 -17.47
CA GLN L 335 -0.80 -36.12 -16.84
C GLN L 335 -0.13 -37.13 -17.75
N THR L 336 0.89 -37.80 -17.23
CA THR L 336 1.51 -38.91 -17.96
C THR L 336 0.99 -40.27 -17.51
N GLY L 337 0.40 -40.36 -16.31
CA GLY L 337 -0.05 -41.64 -15.82
C GLY L 337 -1.23 -42.18 -16.60
N LYS L 338 -1.37 -43.51 -16.53
CA LYS L 338 -2.48 -44.23 -17.16
C LYS L 338 -3.77 -44.12 -16.37
N GLY L 339 -3.73 -43.65 -15.13
CA GLY L 339 -4.91 -43.65 -14.29
C GLY L 339 -6.01 -42.74 -14.81
N THR L 340 -7.22 -42.97 -14.30
CA THR L 340 -8.37 -42.17 -14.62
C THR L 340 -8.49 -40.91 -13.77
N GLY L 341 -7.77 -40.86 -12.65
CA GLY L 341 -7.78 -39.66 -11.84
C GLY L 341 -6.84 -38.60 -12.35
N LEU L 342 -6.85 -37.47 -11.66
CA LEU L 342 -5.96 -36.35 -11.93
C LEU L 342 -4.96 -36.24 -10.80
N ILE L 343 -3.68 -36.31 -11.14
CA ILE L 343 -2.60 -36.21 -10.17
C ILE L 343 -2.20 -34.75 -10.04
N VAL L 344 -2.28 -34.26 -8.80
CA VAL L 344 -1.89 -32.88 -8.39
C VAL L 344 -0.86 -33.02 -7.26
N HIS L 345 0.34 -32.46 -7.43
CA HIS L 345 1.43 -32.59 -6.43
C HIS L 345 1.44 -31.45 -5.40
N ASP L 346 0.53 -30.48 -5.53
CA ASP L 346 0.59 -29.30 -4.63
C ASP L 346 -0.59 -29.25 -3.65
N TRP L 347 -1.28 -30.36 -3.42
CA TRP L 347 -2.45 -30.28 -2.51
C TRP L 347 -2.14 -30.70 -1.06
N GLN L 348 -1.11 -30.10 -0.45
CA GLN L 348 -0.85 -30.41 1.00
C GLN L 348 -1.87 -29.61 1.80
N PHE L 349 -2.34 -30.15 2.93
CA PHE L 349 -3.42 -29.48 3.71
C PHE L 349 -2.95 -29.14 5.12
N GLU L 350 -2.39 -27.94 5.32
CA GLU L 350 -2.02 -27.53 6.70
C GLU L 350 -3.17 -27.82 7.74
N ASP L 351 -4.26 -27.09 7.50
CA ASP L 351 -5.56 -27.32 8.20
C ASP L 351 -6.68 -27.19 7.16
N SER L 352 -6.57 -28.02 6.12
CA SER L 352 -7.49 -27.98 4.96
C SER L 352 -8.73 -28.81 5.25
N GLU L 353 -8.82 -29.32 6.47
CA GLU L 353 -10.00 -30.10 6.91
C GLU L 353 -10.29 -31.27 5.95
N THR L 354 -9.26 -31.98 5.50
CA THR L 354 -9.47 -33.21 4.69
C THR L 354 -9.11 -34.40 5.57
N PRO L 355 -9.24 -35.76 5.05
CA PRO L 355 -9.01 -37.34 5.54
C PRO L 355 -7.55 -37.69 5.26
N PRO L 356 -6.76 -37.99 6.31
CA PRO L 356 -5.36 -38.43 6.15
C PRO L 356 -5.37 -39.85 5.57
N GLU L 357 -6.55 -40.45 5.38
CA GLU L 357 -6.78 -41.80 4.78
C GLU L 357 -6.14 -42.00 3.41
N ASN L 358 -5.62 -43.19 3.11
CA ASN L 358 -4.80 -43.47 1.89
C ASN L 358 -5.69 -42.91 0.76
N LEU L 359 -5.07 -42.10 -0.09
CA LEU L 359 -5.67 -41.40 -1.26
C LEU L 359 -4.85 -41.74 -2.50
N ASP L 360 -4.19 -42.90 -2.47
CA ASP L 360 -3.36 -43.43 -3.59
C ASP L 360 -2.41 -42.35 -4.09
N PHE L 361 -1.56 -41.82 -3.21
CA PHE L 361 -0.59 -40.76 -3.60
C PHE L 361 0.27 -41.28 -4.76
N SER L 362 0.53 -40.40 -5.74
CA SER L 362 1.28 -40.72 -6.99
C SER L 362 2.69 -41.27 -6.78
N GLU L 363 3.18 -41.93 -7.83
CA GLU L 363 4.51 -42.55 -7.88
C GLU L 363 5.60 -41.56 -7.48
N LEU L 364 5.50 -40.30 -7.95
CA LEU L 364 6.43 -39.24 -7.56
C LEU L 364 5.95 -38.48 -6.33
N GLY L 365 5.00 -39.04 -5.57
CA GLY L 365 4.56 -38.43 -4.32
C GLY L 365 3.55 -37.32 -4.49
N GLY L 366 2.80 -37.31 -5.58
CA GLY L 366 1.65 -36.45 -5.71
C GLY L 366 0.39 -37.11 -5.21
N VAL L 367 -0.68 -36.32 -5.15
CA VAL L 367 -1.99 -36.82 -4.76
C VAL L 367 -2.81 -37.09 -6.02
N ASN L 368 -3.44 -38.25 -6.06
CA ASN L 368 -4.25 -38.68 -7.21
C ASN L 368 -5.73 -38.42 -6.88
N LEU L 369 -6.30 -37.38 -7.50
CA LEU L 369 -7.72 -37.07 -7.28
C LEU L 369 -8.58 -38.20 -7.82
N GLN L 370 -9.35 -38.85 -6.96
CA GLN L 370 -10.17 -39.97 -7.38
C GLN L 370 -11.67 -39.75 -7.31
N THR L 371 -12.15 -38.75 -6.60
CA THR L 371 -13.58 -38.48 -6.53
C THR L 371 -13.86 -37.02 -6.85
N PHE L 372 -15.12 -36.74 -7.20
CA PHE L 372 -15.54 -35.40 -7.54
C PHE L 372 -15.37 -34.44 -6.36
N GLU L 373 -15.51 -34.92 -5.13
CA GLU L 373 -15.30 -34.06 -3.97
C GLU L 373 -13.84 -33.61 -3.87
N GLN L 374 -12.91 -34.53 -4.12
CA GLN L 374 -11.50 -34.16 -4.09
C GLN L 374 -11.20 -33.09 -5.13
N LEU L 375 -11.71 -33.27 -6.36
CA LEU L 375 -11.52 -32.26 -7.39
C LEU L 375 -12.06 -30.91 -6.97
N ILE L 376 -13.17 -30.90 -6.22
CA ILE L 376 -13.70 -29.63 -5.75
C ILE L 376 -12.88 -29.12 -4.56
N SER L 377 -12.30 -30.02 -3.78
CA SER L 377 -11.44 -29.56 -2.69
C SER L 377 -10.14 -28.97 -3.23
N TYR L 378 -9.52 -29.64 -4.21
CA TYR L 378 -8.35 -29.05 -4.87
C TYR L 378 -8.69 -27.69 -5.46
N LEU L 379 -9.88 -27.55 -6.05
CA LEU L 379 -10.31 -26.24 -6.52
C LEU L 379 -10.55 -25.29 -5.35
N GLU L 380 -11.14 -25.78 -4.27
CA GLU L 380 -11.34 -24.96 -3.08
C GLU L 380 -10.01 -24.60 -2.45
N TYR L 381 -9.14 -25.60 -2.28
CA TYR L 381 -7.82 -25.33 -1.74
C TYR L 381 -7.08 -24.31 -2.61
N LYS L 382 -7.02 -24.53 -3.93
CA LYS L 382 -6.25 -23.59 -4.76
C LYS L 382 -6.93 -22.24 -4.92
N LEU L 383 -8.20 -22.12 -4.52
CA LEU L 383 -8.90 -20.85 -4.65
C LEU L 383 -9.10 -20.14 -3.33
N LEU L 384 -9.20 -20.88 -2.23
CA LEU L 384 -9.61 -20.28 -0.97
C LEU L 384 -8.73 -20.66 0.22
N GLU L 385 -7.76 -21.58 0.06
CA GLU L 385 -6.87 -21.96 1.15
C GLU L 385 -5.40 -22.06 0.77
N GLU L 386 -5.04 -21.88 -0.51
CA GLU L 386 -3.67 -22.18 -0.96
C GLU L 386 -2.64 -21.41 -0.15
N ARG L 387 -2.79 -20.11 -0.07
CA ARG L 387 -1.87 -19.26 0.69
C ARG L 387 -2.65 -18.55 1.79
N GLU L 388 -3.13 -19.34 2.76
CA GLU L 388 -3.77 -18.82 3.96
C GLU L 388 -5.00 -17.96 3.61
N GLY L 389 -5.64 -18.25 2.49
CA GLY L 389 -6.84 -17.55 2.06
C GLY L 389 -6.66 -16.68 0.83
N GLU L 390 -5.43 -16.25 0.54
CA GLU L 390 -5.20 -15.48 -0.68
C GLU L 390 -5.41 -16.31 -1.92
N GLY L 391 -5.12 -17.61 -1.86
CA GLY L 391 -5.19 -18.47 -3.02
C GLY L 391 -4.02 -18.31 -3.97
N ASP L 392 -3.81 -19.34 -4.79
CA ASP L 392 -2.82 -19.28 -5.87
C ASP L 392 -3.23 -18.22 -6.88
N PRO L 393 -2.47 -17.13 -7.03
CA PRO L 393 -2.89 -16.08 -7.97
C PRO L 393 -3.05 -16.56 -9.40
N LYS L 394 -2.30 -17.59 -9.83
CA LYS L 394 -2.55 -18.18 -11.14
C LYS L 394 -3.95 -18.76 -11.21
N TRP L 395 -4.62 -18.84 -10.07
CA TRP L 395 -6.01 -19.39 -10.01
C TRP L 395 -7.06 -18.33 -9.65
N VAL L 396 -6.98 -17.71 -8.46
CA VAL L 396 -8.01 -16.70 -8.06
C VAL L 396 -8.00 -15.53 -9.04
N LEU L 397 -6.81 -15.25 -9.60
CA LEU L 397 -6.59 -14.25 -10.65
C LEU L 397 -7.27 -12.94 -10.30
N LYS L 398 -6.99 -12.46 -9.09
CA LYS L 398 -7.55 -11.23 -8.54
C LYS L 398 -9.07 -11.21 -8.66
N GLN L 399 -9.70 -12.38 -8.56
CA GLN L 399 -11.15 -12.49 -8.65
C GLN L 399 -11.74 -12.34 -7.26
N SER L 400 -12.79 -11.53 -7.18
CA SER L 400 -13.41 -11.27 -5.89
C SER L 400 -13.82 -12.59 -5.24
N PRO L 401 -13.49 -12.80 -3.96
CA PRO L 401 -13.68 -14.14 -3.36
C PRO L 401 -15.11 -14.61 -3.32
N GLY L 402 -16.05 -13.67 -3.38
CA GLY L 402 -17.45 -14.03 -3.50
C GLY L 402 -17.71 -14.89 -4.71
N THR L 403 -17.35 -14.37 -5.89
CA THR L 403 -17.37 -15.16 -7.12
C THR L 403 -16.62 -16.48 -6.95
N LEU L 404 -15.47 -16.44 -6.27
CA LEU L 404 -14.72 -17.67 -6.07
C LEU L 404 -15.48 -18.65 -5.19
N ARG L 405 -16.14 -18.14 -4.14
CA ARG L 405 -16.91 -19.02 -3.27
C ARG L 405 -18.16 -19.54 -3.97
N ALA L 406 -18.92 -18.65 -4.61
CA ALA L 406 -20.12 -19.06 -5.34
C ALA L 406 -19.82 -20.19 -6.32
N PHE L 407 -18.75 -20.04 -7.10
CA PHE L 407 -18.26 -21.12 -7.95
C PHE L 407 -18.12 -22.43 -7.17
N THR L 408 -17.43 -22.38 -6.03
CA THR L 408 -17.22 -23.59 -5.23
C THR L 408 -18.54 -24.16 -4.73
N ARG L 409 -19.41 -23.31 -4.16
CA ARG L 409 -20.61 -23.82 -3.49
C ARG L 409 -21.57 -24.44 -4.49
N ARG L 410 -21.61 -23.92 -5.71
CA ARG L 410 -22.48 -24.53 -6.72
C ARG L 410 -21.97 -25.92 -7.10
N LEU L 411 -20.66 -26.11 -7.13
CA LEU L 411 -20.12 -27.42 -7.46
C LEU L 411 -20.46 -28.42 -6.37
N ARG L 412 -20.43 -27.99 -5.11
CA ARG L 412 -20.85 -28.83 -3.99
C ARG L 412 -22.30 -29.28 -4.16
N GLY L 413 -23.19 -28.34 -4.50
CA GLY L 413 -24.59 -28.71 -4.68
C GLY L 413 -24.79 -29.73 -5.78
N VAL L 414 -24.13 -29.53 -6.90
CA VAL L 414 -24.20 -30.47 -8.01
C VAL L 414 -23.41 -31.77 -7.76
N GLN L 415 -22.42 -31.74 -6.88
CA GLN L 415 -21.56 -32.91 -6.74
C GLN L 415 -22.27 -34.08 -6.05
N LYS L 416 -23.22 -33.81 -5.16
CA LYS L 416 -23.93 -34.88 -4.48
C LYS L 416 -24.52 -35.87 -5.49
N TYR L 417 -25.19 -35.34 -6.53
CA TYR L 417 -25.82 -36.12 -7.61
C TYR L 417 -24.81 -36.60 -8.65
N LEU L 418 -23.89 -35.73 -9.06
CA LEU L 418 -22.89 -36.06 -10.08
C LEU L 418 -21.72 -36.87 -9.54
N SER L 419 -21.48 -36.90 -8.22
CA SER L 419 -20.37 -37.67 -7.65
C SER L 419 -20.29 -39.09 -8.15
N PRO L 420 -21.37 -39.88 -8.21
CA PRO L 420 -21.24 -41.26 -8.71
C PRO L 420 -20.85 -41.33 -10.19
N LEU L 421 -21.27 -40.36 -11.01
CA LEU L 421 -20.99 -40.39 -12.45
C LEU L 421 -19.52 -40.13 -12.74
N ILE L 422 -18.92 -39.15 -12.09
CA ILE L 422 -17.56 -38.71 -12.37
C ILE L 422 -16.64 -39.36 -11.33
N ARG L 423 -15.96 -40.42 -11.73
CA ARG L 423 -15.14 -41.23 -10.84
C ARG L 423 -13.71 -41.22 -11.34
N GLY L 424 -12.77 -40.92 -10.46
CA GLY L 424 -11.37 -41.05 -10.78
C GLY L 424 -10.80 -42.34 -10.22
N ASP L 425 -11.50 -42.92 -9.24
CA ASP L 425 -11.03 -44.14 -8.59
C ASP L 425 -11.15 -45.36 -9.48
N LEU L 426 -11.88 -45.27 -10.58
CA LEU L 426 -12.00 -46.41 -11.47
C LEU L 426 -10.69 -46.66 -12.20
N THR L 427 -10.51 -47.90 -12.63
CA THR L 427 -9.34 -48.33 -13.36
C THR L 427 -9.51 -48.03 -14.85
N PRO L 428 -8.44 -48.10 -15.64
CA PRO L 428 -8.56 -47.72 -17.07
C PRO L 428 -9.51 -48.60 -17.87
N GLU L 429 -9.56 -49.90 -17.58
CA GLU L 429 -10.44 -50.78 -18.36
C GLU L 429 -11.91 -50.54 -18.03
N GLN L 430 -12.24 -50.52 -16.74
CA GLN L 430 -13.61 -50.21 -16.32
C GLN L 430 -14.11 -48.92 -16.95
N ALA L 431 -13.25 -47.90 -17.01
CA ALA L 431 -13.65 -46.62 -17.56
C ALA L 431 -13.90 -46.70 -19.06
N GLU L 432 -13.04 -47.41 -19.79
CA GLU L 432 -13.24 -47.57 -21.23
C GLU L 432 -14.51 -48.35 -21.51
N GLY L 433 -14.81 -49.34 -20.67
CA GLY L 433 -16.02 -50.12 -20.88
C GLY L 433 -17.28 -49.36 -20.56
N TYR L 434 -17.27 -48.64 -19.45
CA TYR L 434 -18.46 -47.92 -18.99
C TYR L 434 -18.62 -46.55 -19.64
N ARG L 435 -17.75 -46.18 -20.58
CA ARG L 435 -17.78 -44.82 -21.11
C ARG L 435 -18.98 -44.61 -22.02
N PRO L 436 -19.77 -43.53 -21.84
CA PRO L 436 -21.04 -43.37 -22.56
C PRO L 436 -20.82 -42.93 -24.00
N ASP L 437 -21.18 -43.79 -24.94
CA ASP L 437 -21.01 -43.50 -26.36
C ASP L 437 -22.34 -43.63 -27.09
N PRO L 438 -22.98 -42.52 -27.46
CA PRO L 438 -24.24 -42.61 -28.20
C PRO L 438 -24.08 -43.12 -29.61
N LEU L 439 -22.85 -43.33 -30.08
CA LEU L 439 -22.60 -43.74 -31.45
C LEU L 439 -21.87 -45.08 -31.53
N ARG L 440 -21.85 -45.84 -30.43
CA ARG L 440 -21.18 -47.13 -30.41
C ARG L 440 -21.61 -47.98 -31.61
N ARG L 441 -20.65 -48.69 -32.19
CA ARG L 441 -20.93 -49.51 -33.36
C ARG L 441 -21.92 -50.60 -33.01
N GLY L 442 -22.83 -50.88 -33.94
CA GLY L 442 -23.85 -51.90 -33.74
C GLY L 442 -25.00 -51.48 -32.87
N ILE L 443 -25.18 -50.19 -32.63
CA ILE L 443 -26.25 -49.65 -31.80
C ILE L 443 -27.04 -48.65 -32.63
N GLN L 444 -28.36 -48.67 -32.51
CA GLN L 444 -29.21 -47.76 -33.27
C GLN L 444 -29.94 -46.76 -32.39
N LEU L 445 -30.33 -47.16 -31.18
CA LEU L 445 -31.03 -46.30 -30.25
C LEU L 445 -30.34 -46.39 -28.90
N THR L 446 -29.99 -45.24 -28.34
CA THR L 446 -29.26 -45.17 -27.08
C THR L 446 -30.10 -44.39 -26.08
N VAL L 447 -30.43 -45.03 -24.96
CA VAL L 447 -31.24 -44.43 -23.91
C VAL L 447 -30.34 -44.13 -22.72
N VAL L 448 -30.43 -42.91 -22.20
CA VAL L 448 -29.63 -42.45 -21.08
C VAL L 448 -30.57 -42.22 -19.90
N ASP L 449 -30.43 -43.05 -18.87
CA ASP L 449 -31.28 -42.97 -17.68
C ASP L 449 -30.77 -41.86 -16.79
N ILE L 450 -31.43 -40.70 -16.85
CA ILE L 450 -31.12 -39.59 -15.96
C ILE L 450 -32.28 -39.32 -15.00
N HIS L 451 -33.26 -40.22 -14.95
CA HIS L 451 -34.37 -40.05 -14.00
C HIS L 451 -33.87 -39.95 -12.57
N ALA L 452 -32.75 -40.60 -12.25
CA ALA L 452 -32.19 -40.53 -10.91
C ALA L 452 -31.42 -39.24 -10.65
N LEU L 453 -31.21 -38.41 -11.67
CA LEU L 453 -30.31 -37.28 -11.54
C LEU L 453 -31.07 -36.01 -11.13
N SER L 454 -30.31 -34.99 -10.75
CA SER L 454 -30.87 -33.71 -10.35
C SER L 454 -31.22 -32.88 -11.57
N ALA L 455 -32.01 -31.81 -11.34
CA ALA L 455 -32.31 -30.85 -12.39
C ALA L 455 -31.06 -30.25 -13.00
N HIS L 456 -30.03 -30.01 -12.19
CA HIS L 456 -28.79 -29.45 -12.70
C HIS L 456 -27.87 -30.53 -13.26
N ALA L 457 -27.81 -31.69 -12.62
CA ALA L 457 -27.00 -32.80 -13.13
C ALA L 457 -27.57 -33.32 -14.44
N GLN L 458 -28.90 -33.28 -14.58
CA GLN L 458 -29.52 -33.62 -15.85
C GLN L 458 -28.97 -32.75 -16.98
N MET L 459 -29.02 -31.43 -16.78
CA MET L 459 -28.52 -30.50 -17.79
C MET L 459 -27.04 -30.69 -18.05
N PHE L 460 -26.28 -31.21 -17.09
CA PHE L 460 -24.89 -31.55 -17.33
C PHE L 460 -24.78 -32.69 -18.32
N VAL L 461 -25.31 -33.87 -17.94
CA VAL L 461 -25.20 -35.04 -18.78
C VAL L 461 -25.75 -34.77 -20.17
N VAL L 462 -26.93 -34.14 -20.25
CA VAL L 462 -27.47 -33.75 -21.55
C VAL L 462 -26.50 -32.82 -22.27
N GLY L 463 -25.81 -31.97 -21.53
CA GLY L 463 -24.89 -31.01 -22.11
C GLY L 463 -23.66 -31.64 -22.76
N VAL L 464 -22.86 -32.38 -21.98
CA VAL L 464 -21.67 -32.99 -22.55
C VAL L 464 -22.05 -33.99 -23.64
N LEU L 465 -23.15 -34.73 -23.45
CA LEU L 465 -23.52 -35.78 -24.40
C LEU L 465 -23.91 -35.18 -25.75
N LEU L 466 -24.82 -34.21 -25.74
CA LEU L 466 -25.19 -33.53 -26.98
C LEU L 466 -23.98 -32.85 -27.60
N ARG L 467 -23.15 -32.19 -26.78
CA ARG L 467 -22.00 -31.48 -27.33
C ARG L 467 -21.01 -32.43 -27.98
N GLU L 468 -20.69 -33.53 -27.30
CA GLU L 468 -19.85 -34.58 -27.86
C GLU L 468 -20.32 -34.99 -29.24
N VAL L 469 -21.63 -35.26 -29.38
CA VAL L 469 -22.18 -35.72 -30.66
C VAL L 469 -22.05 -34.64 -31.72
N PHE L 470 -22.38 -33.39 -31.37
CA PHE L 470 -22.27 -32.29 -32.33
C PHE L 470 -20.84 -32.14 -32.83
N GLU L 471 -19.88 -32.07 -31.90
CA GLU L 471 -18.48 -31.91 -32.29
C GLU L 471 -18.05 -33.06 -33.20
N TYR L 472 -18.52 -34.27 -32.91
CA TYR L 472 -18.25 -35.43 -33.77
C TYR L 472 -18.73 -35.18 -35.19
N LYS L 473 -19.87 -34.50 -35.33
CA LYS L 473 -20.45 -34.32 -36.65
C LYS L 473 -19.69 -33.27 -37.46
N GLU L 474 -19.26 -32.19 -36.81
CA GLU L 474 -18.32 -31.27 -37.45
C GLU L 474 -17.10 -32.01 -37.94
N ARG L 475 -16.47 -32.75 -37.02
CA ARG L 475 -15.15 -33.35 -37.23
C ARG L 475 -15.18 -34.41 -38.32
N VAL L 476 -16.21 -35.25 -38.34
CA VAL L 476 -16.24 -36.41 -39.21
C VAL L 476 -17.15 -36.20 -40.43
N GLY L 477 -17.98 -35.16 -40.44
CA GLY L 477 -18.89 -34.96 -41.54
C GLY L 477 -20.26 -35.53 -41.26
N ARG L 478 -21.07 -35.61 -42.32
CA ARG L 478 -22.52 -35.77 -42.20
C ARG L 478 -23.03 -36.87 -43.16
N GLN L 479 -22.48 -38.08 -43.02
CA GLN L 479 -23.05 -39.21 -43.74
C GLN L 479 -23.70 -40.21 -42.79
N ASP L 480 -23.93 -39.80 -41.54
CA ASP L 480 -24.78 -40.53 -40.60
C ASP L 480 -25.73 -39.52 -39.97
N THR L 481 -27.03 -39.76 -40.10
CA THR L 481 -27.99 -38.90 -39.44
C THR L 481 -28.20 -39.38 -38.00
N VAL L 482 -28.16 -38.44 -37.05
CA VAL L 482 -28.36 -38.73 -35.65
C VAL L 482 -29.62 -38.00 -35.17
N PHE L 483 -30.47 -38.72 -34.45
CA PHE L 483 -31.70 -38.14 -33.95
C PHE L 483 -31.60 -37.92 -32.44
N VAL L 484 -32.02 -36.75 -32.00
CA VAL L 484 -32.02 -36.34 -30.61
C VAL L 484 -33.47 -36.09 -30.19
N VAL L 485 -34.00 -36.96 -29.34
CA VAL L 485 -35.37 -36.86 -28.85
C VAL L 485 -35.30 -36.28 -27.44
N LEU L 486 -35.86 -35.09 -27.26
CA LEU L 486 -35.70 -34.33 -26.03
C LEU L 486 -37.04 -33.71 -25.64
N ASP L 487 -37.68 -34.28 -24.63
CA ASP L 487 -38.90 -33.75 -24.03
C ASP L 487 -38.56 -32.61 -23.08
N GLU L 488 -39.60 -31.93 -22.61
CA GLU L 488 -39.45 -30.82 -21.67
C GLU L 488 -38.44 -29.79 -22.18
N LEU L 489 -38.64 -29.35 -23.41
CA LEU L 489 -37.68 -28.46 -24.05
C LEU L 489 -37.60 -27.10 -23.37
N ASN L 490 -38.55 -26.78 -22.49
CA ASN L 490 -38.54 -25.47 -21.86
C ASN L 490 -37.46 -25.38 -20.79
N LYS L 491 -37.21 -26.46 -20.04
CA LYS L 491 -36.13 -26.40 -19.06
C LYS L 491 -34.77 -26.38 -19.74
N TYR L 492 -34.61 -27.15 -20.82
CA TYR L 492 -33.29 -27.30 -21.40
C TYR L 492 -32.84 -26.08 -22.20
N ALA L 493 -33.77 -25.39 -22.85
CA ALA L 493 -33.44 -24.20 -23.65
C ALA L 493 -34.49 -23.12 -23.41
N PRO L 494 -34.42 -22.47 -22.24
CA PRO L 494 -35.49 -21.53 -21.87
C PRO L 494 -35.54 -20.35 -22.83
N ARG L 495 -36.68 -19.65 -22.80
CA ARG L 495 -36.86 -18.53 -23.71
C ARG L 495 -35.96 -17.35 -23.34
N GLU L 496 -35.83 -17.06 -22.05
CA GLU L 496 -35.08 -15.90 -21.61
C GLU L 496 -33.74 -16.21 -20.96
N GLY L 497 -33.57 -17.40 -20.37
CA GLY L 497 -32.33 -17.74 -19.71
C GLY L 497 -31.17 -17.86 -20.69
N ASP L 498 -29.99 -18.15 -20.14
CA ASP L 498 -28.83 -18.42 -20.98
C ASP L 498 -27.89 -19.38 -20.27
N SER L 499 -27.68 -20.54 -20.88
CA SER L 499 -26.88 -21.63 -20.33
C SER L 499 -26.07 -22.26 -21.45
N PRO L 500 -25.02 -23.02 -21.12
CA PRO L 500 -24.30 -23.75 -22.17
C PRO L 500 -25.10 -24.89 -22.77
N ILE L 501 -25.96 -25.56 -21.99
CA ILE L 501 -26.78 -26.62 -22.55
C ILE L 501 -27.77 -26.07 -23.54
N LYS L 502 -28.23 -24.82 -23.33
CA LYS L 502 -29.03 -24.18 -24.37
C LYS L 502 -28.18 -23.80 -25.56
N ASP L 503 -26.88 -23.56 -25.35
CA ASP L 503 -26.00 -23.24 -26.46
C ASP L 503 -25.82 -24.42 -27.40
N VAL L 504 -25.69 -25.63 -26.85
CA VAL L 504 -25.53 -26.81 -27.71
C VAL L 504 -26.83 -27.12 -28.43
N LEU L 505 -27.97 -26.89 -27.77
CA LEU L 505 -29.25 -27.03 -28.46
C LEU L 505 -29.44 -25.95 -29.52
N LEU L 506 -28.88 -24.76 -29.29
CA LEU L 506 -28.85 -23.74 -30.33
C LEU L 506 -28.03 -24.20 -31.53
N ASP L 507 -26.82 -24.73 -31.27
CA ASP L 507 -25.99 -25.23 -32.36
C ASP L 507 -26.69 -26.32 -33.15
N ILE L 508 -27.43 -27.21 -32.46
CA ILE L 508 -28.08 -28.32 -33.15
C ILE L 508 -29.22 -27.84 -34.04
N ALA L 509 -29.94 -26.81 -33.61
CA ALA L 509 -31.03 -26.29 -34.42
C ALA L 509 -30.51 -25.48 -35.60
N GLU L 510 -29.52 -24.62 -35.36
CA GLU L 510 -29.09 -23.68 -36.39
C GLU L 510 -28.07 -24.27 -37.35
N ARG L 511 -27.28 -25.25 -36.90
CA ARG L 511 -26.28 -25.88 -37.76
C ARG L 511 -26.55 -27.35 -38.01
N GLY L 512 -27.53 -27.96 -37.34
CA GLY L 512 -27.63 -29.41 -37.34
C GLY L 512 -28.15 -30.01 -38.63
N ARG L 513 -28.72 -29.18 -39.52
CA ARG L 513 -29.22 -29.69 -40.79
C ARG L 513 -28.08 -30.15 -41.68
N SER L 514 -27.12 -29.26 -41.95
CA SER L 514 -25.95 -29.64 -42.71
C SER L 514 -24.97 -30.48 -41.90
N LEU L 515 -25.15 -30.58 -40.59
CA LEU L 515 -24.26 -31.42 -39.79
C LEU L 515 -24.83 -32.82 -39.58
N GLY L 516 -26.12 -33.00 -39.83
CA GLY L 516 -26.73 -34.31 -39.75
C GLY L 516 -27.36 -34.64 -38.42
N ILE L 517 -27.46 -33.68 -37.51
CA ILE L 517 -28.10 -33.87 -36.22
C ILE L 517 -29.51 -33.30 -36.31
N ILE L 518 -30.51 -34.15 -36.09
CA ILE L 518 -31.91 -33.76 -36.19
C ILE L 518 -32.52 -33.79 -34.79
N LEU L 519 -33.18 -32.71 -34.42
CA LEU L 519 -33.79 -32.58 -33.10
C LEU L 519 -35.28 -32.85 -33.20
N ILE L 520 -35.77 -33.84 -32.45
CA ILE L 520 -37.19 -34.05 -32.22
C ILE L 520 -37.44 -33.63 -30.78
N GLY L 521 -37.84 -32.38 -30.59
CA GLY L 521 -38.06 -31.81 -29.27
C GLY L 521 -39.53 -31.60 -28.98
N ALA L 522 -39.89 -31.77 -27.72
CA ALA L 522 -41.28 -31.63 -27.30
C ALA L 522 -41.35 -30.81 -26.02
N GLN L 523 -42.39 -29.98 -25.93
CA GLN L 523 -42.61 -29.12 -24.77
C GLN L 523 -44.10 -28.85 -24.69
N GLN L 524 -44.54 -28.44 -23.49
CA GLN L 524 -45.97 -28.17 -23.32
C GLN L 524 -46.42 -26.99 -24.17
N THR L 525 -45.63 -25.91 -24.19
CA THR L 525 -45.97 -24.73 -24.97
C THR L 525 -44.72 -24.19 -25.65
N ALA L 526 -44.83 -23.89 -26.94
CA ALA L 526 -43.71 -23.34 -27.67
C ALA L 526 -43.36 -21.93 -27.23
N SER L 527 -44.25 -21.25 -26.52
CA SER L 527 -43.97 -19.88 -26.11
C SER L 527 -42.96 -19.81 -24.97
N GLU L 528 -42.77 -20.90 -24.24
CA GLU L 528 -41.82 -20.92 -23.14
C GLU L 528 -40.43 -21.34 -23.59
N VAL L 529 -40.23 -21.60 -24.89
CA VAL L 529 -38.97 -22.12 -25.42
C VAL L 529 -38.28 -21.03 -26.22
N GLU L 530 -36.95 -21.15 -26.33
CA GLU L 530 -36.16 -20.17 -27.06
C GLU L 530 -36.65 -20.04 -28.49
N ARG L 531 -36.77 -18.79 -28.94
CA ARG L 531 -37.35 -18.51 -30.24
C ARG L 531 -36.60 -19.22 -31.35
N ARG L 532 -35.28 -19.28 -31.26
CA ARG L 532 -34.50 -19.84 -32.36
C ARG L 532 -34.68 -21.35 -32.49
N ILE L 533 -34.87 -22.07 -31.39
CA ILE L 533 -35.03 -23.52 -31.49
C ILE L 533 -36.38 -23.85 -32.13
N VAL L 534 -37.45 -23.20 -31.66
CA VAL L 534 -38.78 -23.48 -32.22
C VAL L 534 -38.89 -22.99 -33.65
N SER L 535 -38.21 -21.89 -33.97
CA SER L 535 -38.29 -21.32 -35.32
C SER L 535 -37.64 -22.21 -36.36
N ASN L 536 -36.65 -23.02 -35.98
CA ASN L 536 -35.87 -23.81 -36.92
C ASN L 536 -36.36 -25.25 -37.02
N ALA L 537 -37.62 -25.51 -36.72
CA ALA L 537 -38.22 -26.82 -36.91
C ALA L 537 -39.08 -26.77 -38.17
N ALA L 538 -38.89 -27.75 -39.05
CA ALA L 538 -39.64 -27.80 -40.29
C ALA L 538 -41.00 -28.49 -40.10
N ILE L 539 -41.04 -29.52 -39.25
CA ILE L 539 -42.28 -30.24 -38.96
C ILE L 539 -42.77 -29.81 -37.60
N ARG L 540 -44.00 -29.29 -37.55
CA ARG L 540 -44.62 -28.87 -36.30
C ARG L 540 -45.80 -29.77 -36.01
N VAL L 541 -45.77 -30.45 -34.87
CA VAL L 541 -46.83 -31.35 -34.42
C VAL L 541 -47.46 -30.75 -33.17
N VAL L 542 -48.78 -30.90 -33.05
CA VAL L 542 -49.52 -30.35 -31.92
C VAL L 542 -50.47 -31.44 -31.40
N GLY L 543 -50.34 -31.79 -30.12
CA GLY L 543 -51.32 -32.58 -29.42
C GLY L 543 -52.33 -31.68 -28.76
N ARG L 544 -53.09 -32.24 -27.80
CA ARG L 544 -54.06 -31.39 -27.11
C ARG L 544 -53.36 -30.17 -26.52
N LEU L 545 -53.68 -28.99 -27.05
CA LEU L 545 -53.09 -27.75 -26.59
C LEU L 545 -53.96 -27.12 -25.52
N ASP L 546 -53.32 -26.32 -24.66
CA ASP L 546 -54.07 -25.52 -23.71
C ASP L 546 -54.84 -24.43 -24.46
N LEU L 547 -56.06 -24.16 -23.97
CA LEU L 547 -56.91 -23.16 -24.61
C LEU L 547 -56.20 -21.81 -24.69
N ALA L 548 -55.43 -21.46 -23.65
CA ALA L 548 -54.77 -20.16 -23.59
C ALA L 548 -53.66 -20.04 -24.61
N GLU L 549 -52.94 -21.13 -24.85
CA GLU L 549 -51.79 -21.07 -25.74
C GLU L 549 -52.16 -21.13 -27.22
N ALA L 550 -53.38 -21.57 -27.55
CA ALA L 550 -53.73 -21.78 -28.95
C ALA L 550 -53.72 -20.47 -29.73
N GLU L 551 -54.13 -19.38 -29.09
CA GLU L 551 -54.14 -18.07 -29.74
C GLU L 551 -52.81 -17.33 -29.64
N ARG L 552 -51.82 -17.91 -28.96
CA ARG L 552 -50.51 -17.27 -28.83
C ARG L 552 -49.85 -17.10 -30.20
N PRO L 553 -48.93 -16.14 -30.33
CA PRO L 553 -48.24 -15.96 -31.61
C PRO L 553 -47.45 -17.18 -32.06
N GLU L 554 -47.07 -18.07 -31.14
CA GLU L 554 -46.27 -19.23 -31.51
C GLU L 554 -47.10 -20.32 -32.18
N TYR L 555 -48.42 -20.19 -32.23
CA TYR L 555 -49.28 -21.19 -32.83
C TYR L 555 -50.17 -20.60 -33.91
N ARG L 556 -49.66 -19.59 -34.62
CA ARG L 556 -50.40 -19.00 -35.73
C ARG L 556 -50.58 -19.99 -36.87
N PHE L 557 -49.66 -20.95 -37.03
CA PHE L 557 -49.80 -21.92 -38.09
C PHE L 557 -51.05 -22.77 -37.93
N LEU L 558 -51.72 -22.67 -36.79
CA LEU L 558 -53.02 -23.28 -36.62
C LEU L 558 -54.10 -22.28 -37.00
N PRO L 559 -54.87 -22.53 -38.05
CA PRO L 559 -55.98 -21.64 -38.40
C PRO L 559 -56.95 -21.53 -37.24
N GLN L 560 -57.67 -20.41 -37.19
CA GLN L 560 -58.61 -20.21 -36.09
C GLN L 560 -59.63 -21.34 -36.03
N SER L 561 -59.86 -22.02 -37.16
CA SER L 561 -60.75 -23.17 -37.18
C SER L 561 -60.21 -24.31 -36.31
N PHE L 562 -58.89 -24.48 -36.27
CA PHE L 562 -58.29 -25.62 -35.59
C PHE L 562 -58.08 -25.41 -34.11
N ARG L 563 -58.06 -24.15 -33.64
CA ARG L 563 -57.80 -23.89 -32.24
C ARG L 563 -58.89 -24.48 -31.35
N GLY L 564 -60.16 -24.27 -31.71
CA GLY L 564 -61.23 -24.92 -30.98
C GLY L 564 -61.12 -26.43 -31.00
N ARG L 565 -60.83 -26.99 -32.18
CA ARG L 565 -60.67 -28.43 -32.29
C ARG L 565 -59.44 -28.91 -31.52
N ALA L 566 -58.39 -28.09 -31.49
CA ALA L 566 -57.15 -28.50 -30.82
C ALA L 566 -57.26 -28.45 -29.30
N GLY L 567 -58.25 -27.75 -28.76
CA GLY L 567 -58.45 -27.78 -27.32
C GLY L 567 -58.96 -29.10 -26.81
N ILE L 568 -59.66 -29.87 -27.65
CA ILE L 568 -60.29 -31.12 -27.24
C ILE L 568 -59.71 -32.33 -27.98
N LEU L 569 -58.48 -32.21 -28.48
CA LEU L 569 -57.85 -33.32 -29.18
C LEU L 569 -57.72 -34.53 -28.28
N GLN L 570 -58.16 -35.69 -28.77
CA GLN L 570 -58.10 -36.90 -27.97
C GLN L 570 -56.70 -37.49 -27.99
N PRO L 571 -56.29 -38.18 -26.93
CA PRO L 571 -54.97 -38.82 -26.91
C PRO L 571 -54.78 -39.74 -28.12
N GLY L 572 -53.56 -39.77 -28.63
CA GLY L 572 -53.25 -40.46 -29.85
C GLY L 572 -53.58 -39.70 -31.10
N THR L 573 -54.08 -38.47 -30.98
CA THR L 573 -54.52 -37.67 -32.11
C THR L 573 -53.68 -36.40 -32.15
N MET L 574 -53.04 -36.16 -33.29
CA MET L 574 -52.14 -35.02 -33.42
C MET L 574 -52.47 -34.26 -34.71
N LEU L 575 -52.07 -32.99 -34.72
CA LEU L 575 -52.13 -32.14 -35.91
C LEU L 575 -50.70 -31.94 -36.40
N VAL L 576 -50.38 -32.48 -37.55
CA VAL L 576 -49.07 -32.27 -38.15
C VAL L 576 -49.21 -31.21 -39.23
N SER L 577 -48.20 -30.37 -39.33
CA SER L 577 -48.10 -29.34 -40.35
C SER L 577 -46.70 -29.44 -40.91
N GLN L 578 -46.58 -29.62 -42.22
CA GLN L 578 -45.28 -29.73 -42.86
C GLN L 578 -45.20 -28.74 -44.00
N PRO L 579 -43.99 -28.37 -44.41
CA PRO L 579 -43.86 -27.32 -45.43
C PRO L 579 -44.54 -27.63 -46.75
N ASP L 580 -44.62 -28.91 -47.14
CA ASP L 580 -45.21 -29.27 -48.43
C ASP L 580 -46.69 -28.90 -48.49
N VAL L 581 -47.44 -29.23 -47.46
CA VAL L 581 -48.89 -29.08 -47.43
C VAL L 581 -49.24 -27.85 -46.60
N PRO L 582 -50.12 -26.96 -47.07
CA PRO L 582 -50.29 -25.65 -46.43
C PRO L 582 -51.28 -25.61 -45.28
N ASN L 583 -51.81 -26.74 -44.84
CA ASN L 583 -52.74 -26.70 -43.71
C ASN L 583 -52.43 -27.83 -42.75
N PRO L 584 -52.73 -27.65 -41.47
CA PRO L 584 -52.61 -28.75 -40.52
C PRO L 584 -53.60 -29.84 -40.86
N VAL L 585 -53.12 -31.09 -40.88
CA VAL L 585 -53.96 -32.25 -41.12
C VAL L 585 -53.93 -33.12 -39.87
N LEU L 586 -55.11 -33.59 -39.47
CA LEU L 586 -55.23 -34.40 -38.26
C LEU L 586 -54.87 -35.84 -38.56
N VAL L 587 -54.10 -36.46 -37.67
CA VAL L 587 -53.60 -37.82 -37.91
C VAL L 587 -53.74 -38.68 -36.66
N ASN L 588 -53.86 -39.99 -36.88
CA ASN L 588 -53.89 -41.00 -35.83
C ASN L 588 -52.64 -41.86 -35.96
N TYR L 589 -52.10 -42.30 -34.83
CA TYR L 589 -50.96 -43.21 -34.87
C TYR L 589 -51.17 -44.30 -33.83
N PRO L 590 -50.62 -45.49 -34.07
CA PRO L 590 -50.94 -46.65 -33.24
C PRO L 590 -50.39 -46.50 -31.82
N PHE L 591 -50.76 -47.49 -31.01
CA PHE L 591 -50.18 -47.62 -29.68
C PHE L 591 -48.76 -48.15 -29.80
N PRO L 592 -47.92 -47.88 -28.80
CA PRO L 592 -46.53 -48.33 -28.87
C PRO L 592 -46.45 -49.85 -28.93
N ALA L 593 -45.69 -50.36 -29.92
CA ALA L 593 -45.32 -51.76 -29.92
C ALA L 593 -44.23 -52.05 -28.91
N TRP L 594 -43.44 -51.04 -28.57
CA TRP L 594 -42.43 -51.13 -27.52
C TRP L 594 -43.07 -50.88 -26.17
N ALA L 595 -42.56 -51.56 -25.14
CA ALA L 595 -43.09 -51.33 -23.80
C ALA L 595 -42.71 -49.94 -23.29
N THR L 596 -43.69 -49.26 -22.70
CA THR L 596 -43.46 -47.97 -22.06
C THR L 596 -43.60 -48.06 -20.54
N ARG L 597 -43.60 -49.26 -19.99
CA ARG L 597 -43.79 -49.46 -18.56
C ARG L 597 -43.27 -50.85 -18.21
N ARG L 598 -43.18 -51.12 -16.91
CA ARG L 598 -42.67 -52.43 -16.49
C ARG L 598 -43.70 -53.52 -16.70
N ASP L 599 -44.97 -53.29 -16.35
CA ASP L 599 -45.92 -54.39 -16.58
C ASP L 599 -46.24 -54.59 -18.05
N GLU L 600 -45.90 -53.63 -18.92
CA GLU L 600 -46.15 -53.84 -20.34
C GLU L 600 -45.17 -54.85 -20.95
N VAL L 601 -44.03 -55.10 -20.33
CA VAL L 601 -43.14 -56.18 -20.77
C VAL L 601 -43.60 -57.45 -20.05
N ASP L 602 -44.34 -58.28 -20.76
CA ASP L 602 -44.83 -59.54 -20.24
C ASP L 602 -44.84 -60.56 -21.37
N ASP L 603 -44.41 -61.79 -21.05
CA ASP L 603 -44.43 -62.88 -22.01
C ASP L 603 -45.35 -64.02 -21.57
N LEU L 604 -46.27 -63.74 -20.65
CA LEU L 604 -47.20 -64.75 -20.19
C LEU L 604 -48.65 -64.25 -20.30
N GLY L 605 -49.07 -63.33 -19.44
CA GLY L 605 -50.44 -62.86 -19.46
C GLY L 605 -50.71 -61.86 -18.35
N GLY L 606 -51.99 -61.62 -18.08
CA GLY L 606 -52.40 -60.61 -17.12
C GLY L 606 -53.19 -61.08 -15.91
MG MG M . -29.55 -20.47 -48.35
PB ADP N . -33.17 -20.47 -48.92
O1B ADP N . -31.88 -19.89 -48.54
O2B ADP N . -33.96 -20.92 -47.78
O3B ADP N . -33.93 -19.64 -49.85
PA ADP N . -32.59 -21.84 -51.28
O1A ADP N . -31.47 -22.73 -51.65
O2A ADP N . -32.64 -20.50 -51.87
O3A ADP N . -32.71 -21.73 -49.72
O5' ADP N . -33.93 -22.59 -51.58
C5' ADP N . -34.20 -22.99 -52.91
C4' ADP N . -34.68 -24.40 -52.86
O4' ADP N . -35.64 -24.58 -53.92
C3' ADP N . -33.62 -25.40 -53.27
O3' ADP N . -34.23 -26.68 -53.18
C2' ADP N . -33.47 -25.00 -54.73
O2' ADP N . -32.81 -25.93 -55.56
C1' ADP N . -34.94 -24.85 -55.10
N9 ADP N . -35.23 -23.77 -56.04
C8 ADP N . -34.40 -22.81 -56.54
N7 ADP N . -35.00 -22.02 -57.39
C5 ADP N . -36.29 -22.49 -57.44
C6 ADP N . -37.42 -22.08 -58.16
N6 ADP N . -37.43 -21.07 -59.01
N1 ADP N . -38.56 -22.78 -57.99
C2 ADP N . -38.55 -23.81 -57.15
N3 ADP N . -37.55 -24.29 -56.42
C4 ADP N . -36.44 -23.56 -56.62
PB ADP O . 60.87 24.16 1.42
O1B ADP O . 62.22 23.55 1.44
O2B ADP O . 60.33 24.40 2.75
O3B ADP O . 59.91 23.51 0.51
PA ADP O . 62.27 25.94 -0.23
O1A ADP O . 62.19 27.38 -0.54
O2A ADP O . 62.38 25.04 -1.39
O3A ADP O . 61.09 25.54 0.74
O5' ADP O . 63.46 25.67 0.77
C5' ADP O . 64.72 26.23 0.42
C4' ADP O . 64.85 27.60 1.01
O4' ADP O . 66.26 27.88 1.17
C3' ADP O . 64.43 28.75 0.10
O3' ADP O . 64.56 29.99 0.79
C2' ADP O . 65.55 28.66 -0.93
O2' ADP O . 65.72 29.80 -1.74
C1' ADP O . 66.75 28.38 -0.04
N9 ADP O . 67.66 27.40 -0.61
C8 ADP O . 67.44 26.60 -1.69
N7 ADP O . 68.44 25.83 -1.97
C5 ADP O . 69.40 26.14 -1.01
C6 ADP O . 70.68 25.66 -0.78
N6 ADP O . 71.27 24.73 -1.52
N1 ADP O . 71.36 26.18 0.26
C2 ADP O . 70.77 27.12 1.00
N3 ADP O . 69.56 27.65 0.87
C4 ADP O . 68.92 27.11 -0.16
PB ADP P . 44.87 36.27 29.20
O1B ADP P . 46.21 36.35 28.57
O2B ADP P . 44.89 35.67 30.54
O3B ADP P . 43.86 35.69 28.33
PA ADP P . 45.07 39.18 29.65
O1A ADP P . 44.20 39.94 30.57
O2A ADP P . 45.48 39.82 28.38
O3A ADP P . 44.40 37.77 29.33
O5' ADP P . 46.36 38.70 30.41
C5' ADP P . 47.30 39.72 30.81
C4' ADP P . 47.05 40.14 32.23
O4' ADP P . 48.25 40.76 32.75
C3' ADP P . 46.00 41.24 32.45
O3' ADP P . 45.79 41.37 33.84
C2' ADP P . 46.78 42.49 32.07
O2' ADP P . 46.28 43.68 32.65
C1' ADP P . 48.20 42.14 32.53
N9 ADP P . 49.22 42.54 31.56
C8 ADP P . 48.98 42.98 30.29
N7 ADP P . 50.08 43.30 29.64
C5 ADP P . 51.09 43.08 30.56
C6 ADP P . 52.48 43.26 30.46
N6 ADP P . 53.10 43.70 29.38
N1 ADP P . 53.21 42.96 31.55
C2 ADP P . 52.59 42.52 32.64
N3 ADP P . 51.29 42.32 32.84
C4 ADP P . 50.58 42.62 31.74
PB ADP Q . 32.96 15.64 52.75
O1B ADP Q . 34.22 16.36 53.01
O2B ADP Q . 33.15 14.44 51.94
O3B ADP Q . 31.87 16.50 52.27
PA ADP Q . 32.45 16.22 55.34
O1A ADP Q . 32.51 17.59 54.80
O2A ADP Q . 31.33 15.87 56.24
O3A ADP Q . 32.48 15.20 54.15
O5' ADP Q . 33.80 15.87 56.04
C5' ADP Q . 34.13 16.68 57.17
C4' ADP Q . 34.35 15.78 58.35
O4' ADP Q . 35.30 16.41 59.23
C3' ADP Q . 33.13 15.65 59.25
O3' ADP Q . 33.41 14.78 60.32
C2' ADP Q . 33.15 17.05 59.84
O2' ADP Q . 32.34 17.19 60.99
C1' ADP Q . 34.63 17.21 60.15
N9 ADP Q . 35.12 18.58 60.05
C8 ADP Q . 34.41 19.66 59.63
N7 ADP Q . 35.10 20.78 59.65
C5 ADP Q . 36.34 20.39 60.12
C6 ADP Q . 37.51 21.13 60.37
N6 ADP Q . 37.62 22.43 60.18
N1 ADP Q . 38.58 20.45 60.84
C2 ADP Q . 38.46 19.13 61.02
N3 ADP Q . 37.42 18.35 60.83
C4 ADP Q . 36.37 19.05 60.36
MG MG R . 33.60 -16.85 48.17
PB ADP S . 36.53 -17.53 48.78
O1B ADP S . 36.37 -16.13 49.20
O2B ADP S . 37.36 -17.68 47.57
O3B ADP S . 35.25 -18.25 48.68
PA ADP S . 36.64 -18.99 51.16
O1A ADP S . 36.03 -18.12 52.19
O2A ADP S . 35.76 -20.00 50.55
O3A ADP S . 37.30 -18.19 49.98
O5' ADP S . 37.89 -19.71 51.78
C5' ADP S . 37.48 -20.71 52.70
C4' ADP S . 38.33 -21.92 52.52
O4' ADP S . 39.45 -21.81 53.42
C3' ADP S . 37.71 -23.22 53.00
O3' ADP S . 38.65 -24.25 52.83
C2' ADP S . 37.63 -22.86 54.48
O2' ADP S . 37.39 -23.94 55.35
C1' ADP S . 39.02 -22.26 54.68
N9 ADP S . 39.02 -21.15 55.61
C8 ADP S . 37.94 -20.38 55.94
N7 ADP S . 38.23 -19.46 56.83
C5 ADP S . 39.57 -19.65 57.10
C6 ADP S . 40.45 -19.00 57.96
N6 ADP S . 40.10 -17.98 58.75
N1 ADP S . 41.72 -19.44 58.01
C2 ADP S . 42.07 -20.47 57.22
N3 ADP S . 41.33 -21.15 56.35
C4 ADP S . 40.07 -20.69 56.35
PB ADP T . 52.11 -29.56 21.69
O1B ADP T . 52.87 -29.56 22.97
O2B ADP T . 52.11 -28.26 20.99
O3B ADP T . 50.75 -30.17 21.80
PA ADP T . 53.02 -32.00 21.37
O1A ADP T . 52.29 -32.02 22.65
O2A ADP T . 52.67 -33.01 20.33
O3A ADP T . 52.82 -30.58 20.77
O5' ADP T . 54.57 -32.00 21.63
C5' ADP T . 55.16 -33.00 22.47
C4' ADP T . 56.50 -33.37 21.88
O4' ADP T . 57.41 -33.72 22.96
C3' ADP T . 56.46 -34.65 21.03
O3' ADP T . 57.67 -34.79 20.33
C2' ADP T . 56.47 -35.68 22.16
O2' ADP T . 56.72 -36.98 21.68
C1' ADP T . 57.57 -35.12 23.05
N9 ADP T . 57.42 -35.50 24.45
C8 ADP T . 56.27 -35.98 25.03
N7 ADP T . 56.40 -36.27 26.29
C5 ADP T . 57.72 -35.97 26.58
C6 ADP T . 58.46 -36.07 27.77
N6 ADP T . 57.96 -36.52 28.91
N1 ADP T . 59.76 -35.70 27.73
C2 ADP T . 60.25 -35.25 26.57
N3 ADP T . 59.65 -35.12 25.39
C4 ADP T . 58.36 -35.50 25.46
PB ADP U . 64.85 -9.35 -2.44
O1B ADP U . 65.69 -9.97 -1.38
O2B ADP U . 64.77 -7.88 -2.34
O3B ADP U . 63.53 -10.00 -2.60
PA ADP U . 66.45 -10.88 -4.23
O1A ADP U . 66.83 -10.74 -5.66
O2A ADP U . 65.84 -12.16 -3.84
O3A ADP U . 65.58 -9.65 -3.78
O5' ADP U . 67.70 -10.59 -3.34
C5' ADP U . 68.98 -11.04 -3.80
C4' ADP U . 69.77 -9.88 -4.34
O4' ADP U . 71.16 -10.16 -4.06
C3' ADP U . 69.81 -9.76 -5.86
O3' ADP U . 70.55 -8.61 -6.23
C2' ADP U . 70.62 -11.02 -6.18
O2' ADP U . 71.14 -11.15 -7.48
C1' ADP U . 71.68 -10.98 -5.08
N9 ADP U . 71.96 -12.30 -4.56
C8 ADP U . 71.37 -13.45 -5.00
N7 ADP U . 71.81 -14.51 -4.39
C5 ADP U . 72.77 -14.04 -3.51
C6 ADP U . 73.61 -14.70 -2.59
N6 ADP U . 73.61 -16.01 -2.42
N1 ADP U . 74.45 -13.93 -1.87
C2 ADP U . 74.43 -12.61 -2.06
N3 ADP U . 73.69 -11.89 -2.89
C4 ADP U . 72.87 -12.68 -3.60
PB ADP V . -35.69 12.93 -51.68
O1B ADP V . -34.98 13.96 -50.89
O2B ADP V . -35.67 11.61 -51.07
O3B ADP V . -37.01 13.36 -52.16
PA ADP V . -35.00 13.94 -54.12
O1A ADP V . -33.66 14.21 -54.70
O2A ADP V . -35.83 15.06 -53.63
O3A ADP V . -34.82 12.88 -52.96
O5' ADP V . -35.86 13.11 -55.14
C5' ADP V . -36.69 13.91 -55.97
C4' ADP V . -36.91 13.16 -57.24
O4' ADP V . -38.02 13.80 -57.91
C3' ADP V . -35.78 13.34 -58.27
O3' ADP V . -36.06 12.55 -59.40
C2' ADP V . -36.06 14.77 -58.69
O2' ADP V . -35.42 15.10 -59.91
C1' ADP V . -37.56 14.66 -58.91
N9 ADP V . -38.23 15.95 -58.75
C8 ADP V . -37.67 17.12 -58.34
N7 ADP V . -38.51 18.11 -58.32
C5 ADP V . -39.72 17.55 -58.72
C6 ADP V . -41.00 18.09 -58.90
N6 ADP V . -41.30 19.37 -58.70
N1 ADP V . -41.98 17.27 -59.32
C2 ADP V . -41.68 15.98 -59.53
N3 ADP V . -40.50 15.37 -59.41
C4 ADP V . -39.56 16.21 -58.99
PB ADP W . -50.31 30.37 -26.87
O1B ADP W . -49.56 30.34 -25.60
O2B ADP W . -49.74 29.47 -27.89
O3B ADP W . -51.76 30.21 -26.73
PA ADP W . -51.10 33.04 -27.06
O1A ADP W . -50.28 34.22 -26.74
O2A ADP W . -52.16 32.65 -26.13
O3A ADP W . -50.12 31.84 -27.33
O5' ADP W . -51.67 33.19 -28.52
C5' ADP W . -52.86 33.96 -28.64
C4' ADP W . -52.92 34.53 -30.02
O4' ADP W . -54.31 34.82 -30.29
C3' ADP W . -52.28 35.91 -30.16
O3' ADP W . -52.40 36.35 -31.50
C2' ADP W . -53.28 36.71 -29.33
O2' ADP W . -53.18 38.10 -29.48
C1' ADP W . -54.59 36.12 -29.84
N9 ADP W . -55.67 36.10 -28.87
C8 ADP W . -55.56 36.26 -27.51
N7 ADP W . -56.72 36.23 -26.91
C5 ADP W . -57.65 36.06 -27.92
C6 ADP W . -59.04 35.95 -27.93
N6 ADP W . -59.78 36.03 -26.83
N1 ADP W . -59.65 35.78 -29.11
C2 ADP W . -58.90 35.73 -30.21
N3 ADP W . -57.58 35.81 -30.34
C4 ADP W . -57.00 35.98 -29.14
PB ADP X . -61.41 -19.58 1.46
O1B ADP X . -60.14 -20.25 1.80
O2B ADP X . -61.24 -18.20 1.00
O3B ADP X . -62.29 -20.35 0.58
PA ADP X . -63.15 -20.81 3.08
O1A ADP X . -63.53 -20.84 4.51
O2A ADP X . -62.52 -22.01 2.51
O3A ADP X . -62.21 -19.59 2.79
O5' ADP X . -64.41 -20.43 2.24
C5' ADP X . -65.61 -21.16 2.54
C4' ADP X . -66.48 -20.34 3.45
O4' ADP X . -67.82 -20.90 3.41
C3' ADP X . -66.16 -20.44 4.94
O3' ADP X . -67.00 -19.53 5.65
C2' ADP X . -66.70 -21.83 5.25
O2' ADP X . -67.00 -22.01 6.61
C1' ADP X . -67.93 -21.91 4.36
N9 ADP X . -68.08 -23.20 3.68
C8 ADP X . -67.14 -24.20 3.63
N7 ADP X . -67.55 -25.24 2.97
C5 ADP X . -68.82 -24.92 2.56
C6 ADP X . -69.77 -25.63 1.80
N6 ADP X . -69.60 -26.85 1.34
N1 ADP X . -70.95 -25.02 1.58
C2 ADP X . -71.14 -23.79 2.07
N3 ADP X . -70.32 -23.03 2.78
C4 ADP X . -69.16 -23.66 3.00
PB ADP Y . -63.66 14.06 0.22
O1B ADP Y . -62.65 13.70 1.22
O2B ADP Y . -63.09 14.14 -1.11
O3B ADP Y . -64.88 13.26 0.27
PA ADP Y . -65.30 15.47 1.69
O1A ADP Y . -65.47 16.81 2.29
O2A ADP Y . -65.12 14.31 2.58
O3A ADP Y . -64.13 15.46 0.64
O5' ADP Y . -66.49 15.20 0.71
C5' ADP Y . -67.81 15.53 1.17
C4' ADP Y . -68.17 16.93 0.74
O4' ADP Y . -69.61 17.02 0.76
C3' ADP Y . -67.82 18.04 1.72
O3' ADP Y . -68.34 19.27 1.25
C2' ADP Y . -68.76 17.66 2.85
O2' ADP Y . -68.94 18.67 3.81
C1' ADP Y . -70.02 17.36 2.05
N9 ADP Y . -70.78 16.26 2.59
C8 ADP Y . -70.45 15.50 3.69
N7 ADP Y . -71.33 14.58 3.94
C5 ADP Y . -72.31 14.74 2.97
C6 ADP Y . -73.50 14.06 2.72
N6 ADP Y . -73.94 13.05 3.45
N1 ADP Y . -74.25 14.48 1.67
C2 ADP Y . -73.79 15.49 0.94
N3 ADP Y . -72.68 16.21 1.08
C4 ADP Y . -71.97 15.76 2.13
PB ADP Z . -46.26 -36.86 -22.86
O1B ADP Z . -44.88 -36.56 -23.34
O2B ADP Z . -46.66 -36.02 -21.72
O3B ADP Z . -47.27 -36.86 -23.91
PA ADP Z . -46.58 -39.56 -23.20
O1A ADP Z . -45.76 -40.73 -22.80
O2A ADP Z . -46.66 -39.21 -24.63
O3A ADP Z . -46.15 -38.30 -22.36
O5' ADP Z . -48.05 -39.76 -22.65
C5' ADP Z . -48.89 -40.54 -23.49
C4' ADP Z . -49.88 -41.25 -22.61
O4' ADP Z . -50.87 -41.87 -23.43
C3' ADP Z . -49.28 -42.41 -21.83
O3' ADP Z . -50.24 -42.91 -20.90
C2' ADP Z . -49.20 -43.45 -22.93
O2' ADP Z . -49.12 -44.77 -22.47
C1' ADP Z . -50.50 -43.21 -23.69
N9 ADP Z . -50.39 -43.41 -25.12
C8 ADP Z . -49.24 -43.69 -25.82
N7 ADP Z . -49.45 -43.85 -27.09
C5 ADP Z . -50.81 -43.68 -27.26
C6 ADP Z . -51.64 -43.73 -28.39
N6 ADP Z . -51.21 -44.00 -29.60
N1 ADP Z . -52.95 -43.50 -28.21
C2 ADP Z . -53.38 -43.25 -26.97
N3 ADP Z . -52.70 -43.18 -25.83
C4 ADP Z . -51.40 -43.41 -26.05
#